data_4V7H
#
_entry.id   4V7H
#
_cell.length_a   1.000
_cell.length_b   1.000
_cell.length_c   1.000
_cell.angle_alpha   90.00
_cell.angle_beta   90.00
_cell.angle_gamma   90.00
#
_symmetry.space_group_name_H-M   'P 1'
#
loop_
_entity.id
_entity.type
_entity.pdbx_description
1 polymer '18S rRNA'
2 polymer '40S ribosomal protein S0(A)'
3 polymer '40S ribosomal protein S3'
4 polymer '40S ribosomal protein S9(A)'
5 polymer '40S ribosomal protein S2'
6 polymer '40S ribosomal protein S5'
7 polymer '40S ribosomal protein S22(A)'
8 polymer '40S ribosomal protein S16(A)'
9 polymer '40S ribosomal protein S20'
10 polymer '40S ribosomal protein S14(A)'
11 polymer '40S ribosomal protein S23(A)'
12 polymer '40S ribosomal protein S18'
13 polymer '40S ribosomal protein S29(A)'
14 polymer '40S ribosomal protein S13'
15 polymer '40S ribosomal protein S11'
16 polymer '40S ribosomal protein S15'
17 polymer 'RACK1 protein'
18 polymer 's19e protein'
19 polymer 'P/E tRNA'
20 polymer '60S ribosomal protein L32'
21 polymer '60S ribosomal protein L39'
22 polymer '60S ribosomal protein L30e'
23 polymer '60S ribosomal protein LP0'
24 polymer '60S ribosomal protein L43'
25 polymer '60S ribosomal protein L1'
26 polymer '60S ribosomal protein L2'
27 polymer '60S ribosomal protein L3'
28 polymer '60S ribosomal protein L4(B)'
29 polymer '60S ribosomal protein L5'
30 polymer '60S ribosomal protein L7(A)'
31 polymer '60S ribosomal protein L8(A)'
32 polymer '60S ribosomal protein L9(A)'
33 polymer '60S ribosomal protein L10'
34 polymer '60S ribosomal protein L11(B)'
35 polymer '60S ribosomal protein L12'
36 polymer '60S ribosomal protein L15(A)'
37 polymer '60S ribosomal protein L16(A)'
38 polymer '60S ribosomal protein L17(A)'
39 polymer '60S ribosomal protein L18(A)'
40 polymer '60S ribosomal protein L19'
41 polymer '60S ribosomal protein L21(A)'
42 polymer '60S ribosomal protein L23'
43 polymer '60S ribosomal protein L24(A)'
44 polymer '60S ribosomal protein L25'
45 polymer '60S ribosomal protein L26(A)'
46 polymer '60S ribosomal protein L28'
47 polymer '60S ribosomal protein L31(A)'
48 polymer '60S ribosomal protein L35'
49 polymer '60S ribosomal protein L37(A)'
50 polymer '60S ribosomal protein L42'
51 polymer '5S ribosomal RNA'
52 polymer '5.8S ribosomal RNA'
53 polymer '26S ribosomal RNA'
#
loop_
_entity_poly.entity_id
_entity_poly.type
_entity_poly.pdbx_seq_one_letter_code
_entity_poly.pdbx_strand_id
1 'polyribonucleotide'
;UAUCUGGUUGAUCCUGCCAGUAGUCAUAUGCUUGUCUCAAAGUUAAGCCAUGCAUGUCUAAGUAUAAGCAAUUUAUACAG
UGAAACUGCGAAUGGCUCAUUAAAUCAGUUAUGUUUAUUUGAUAGACAUGGAUAACCGUGGUAUUCUAGAGCUAAUACAU
GCUUAAAAUCUCGACCCUUUGGAAGAGAUGUAUUUAUUAGAUAAAAAAUCAAUGUCUUCGGACUCUUUGAUGAUUCAUAA
UAACUUUUCGAAUCGCAUGGCCUUGUGCUGGCGAUGGUUCAUUCAAAUUUCUGCCCUAUCAACUUGAUGGUAGGAUAGUG
GCCUACCAUGGUUUCAACGGGUACGGGGAAUAAGGGUUCGAUUCCGGAGAGGGAGCCUGAGAAACGGCUACCACAUCCAA
GGAAGGCAGCAGGCGCGCAAAUUACCCAAUCCUAAUUCAGGGAGGUAGUGACAAUAAAUAACGAUACAGGGCCCAUUCGG
GUCUUGUAAUUGGAAUGAGUACAAUGUAAAUACCUUAACGAGGAACAAUUGGAGGCAAGUCUGGUGCCAGCAGCCGCGGU
AAUUCCAGCUCCAAUAGCGUAUAUUAAAGUUGUUGCAGUUAAAAAGCUCGUAGUUGACUUUGGGCCCGGUUGGCCGGUCC
GAUUUUUUCGUGUACUGGAUUUCCAACGGGGCCUUUCCUUCUGGCUAACCUUGAGUCCUUGUGGCUCUUGGCGAACCAGG
ACUUUACUUUGAAAAAAUUAGAGUGUUCAAAGCAGGCGUAUUGCUCGAAUAUAUUAGCAUGGAAUAAUAGAAUAGGACUU
UGGUUCUAUUUUGUUGGUUUCUAGGACCAUCGUAAUGAUUAGGGACGGUCGGGGGCAUCGGUAUUCAAUUGUCGAGGUGA
AAUUCUUGGAUUUAUUGAAGACUAACUACUGCGAAAGCAUUUGCCAAGGACGUUUUCAUUAAUCAAGAACGAAAGUUAGG
GGAUCGAAGAUGAUCUGGUACCGUCGUAGUCUUAACCAUAAACUAUGCCGACUAGAUCGGGUGGUGUUUUUUUAAUGACC
ACUCGGUACCUUACGAGAAAUCAAAGUCGGUUCUGGGGGGAGUAUGGUCGCAAGGCUGAAACUUAAAGGAAUUGACGGAA
GGGCACCCUAGGAGUGGAGCCUGCGGCUAAUUUGACUCAACACGGGGAAACUCACCAGGUCCAGACACAAUAAGGAUUGA
CAGAUUGAGAGCUCUUUCUUGAUUUUGUGGGUGGUGGUGCAUGGCCGUUUCUAGUUGGUGGAGUGAUUUGUCUGCUUAAU
UGCGAUAACGAACGAGACCUUAACCUACUAAAUAGUGGUGCUAGCAUUUGCUGGUUAUCCACUUCUUAGAGGGACUAUCG
GUUUCAAGCCGAUGGAAGUUUGAGGCAAUAACAGGUCUGUAUGCCCUUAACGUUCUGGGCCGCACGCGCGCUACACUGAC
GGAGCCAGCGAGUCUAACCUUGGCCGAGAGGUCUUGGUAAUCUUGUGAAACUCCGUCGUGCUGGGGAUAGAGCAUUGUAA
UUAUUGCUCUUCAACGAGGAAUUCCUAGUAAGCGCAAGUCAUCAGCUUGCGUUGAUUACGUCCCUGCCCUUUGUACACAC
CGCCCGUCGCUAGUACCGAUUGAAUGGCUUAGUGAGGCCUCAGGAUCUGCUUAGAGAAGGGGGCAACUCCAUCUCAGAGC
GGAGAAUUUGGACAAACUUGGUCAUUUAGAGGAACUAAAAGUCGUAACAAGGUUUCCGUAGGUGAACCUGCGGAAGGAUC
A
;
AA
2 'polypeptide(L)'
;LTPEDAQLLLAANTHLGARNVQVHQEPYVFNARPDGVHVINVGKTWEKLVLAARIIAAIPNPEDVVAISSRTFGQRAVLK
FAAHTGATPIAGRFTPGSFTNYITRSFKEPRLVIVTDPRSDAQAIKEASYVNIPVIALTDLDSPSEFVDVAIPCNNRGKH
SIGLIWYLLAREVLRLRGALVDRTQPWSIMPDL
;
AB
3 'polypeptide(L)'
;SKKRKLVADGVFYAELNEFFTRELAEEGYSGVEVRVTPTKTEVIIRATRTQDVLGENGRRINELTLLVQKRFKYAPGTIV
LYAERVQDRGLSAVAQAESMKFKLLNGLAIRRAAYGVVRYVMESGAKGCEVVVSGKLRAARAKAMKFADGFLIHSGQPVN
DFIDTATRHVLMRQGVLGIKVKIMRDPA
;
AC
4 'polypeptide(L)'
;RTYSKTYSTPKRPYESSRLDAELKLAGEFGLKNKKEIYRISFQLSKIRRAARDLLTRDEKDPKRLFEGNALIRRLVRVGV
LSEDKKKLDYVLALKVEDFLERRLQTQVYKLGLAKSVHHARVLITQRHIAVGKQIVNIPSFMVRLDSEKHIDFAPTSP
;
AD
5 'polypeptide(L)'
;GLQDEVMNIKPVQKQTRAGQRTRFKAVVVVGDSNGHVGLGIKTAKEVAGAIRAGIIIAKLSVIPIRRGYWGTNLGQPHSL
ATKTTGKCGSVTVRLIPAPRGSGIVASPAVKKLLQLAGVEDVYTQSNGKTRTLENTLKAAFVAIGNTYGFLTPNLWAEQP
LP
;
AE
6 'polypeptide(L)'
;IKLFNKWSFEEVEVKDASLVDYVQVRQPIFVAHTAGRYANKRFRKAQCPIIERLTNSLMMNGRNNGKKLKAVRIIKHTLD
IINVLTDQNPIQVVVDAITNTGPREDTTRVGGGGAARRQAVDVSPLRRVNQAIALLTIGAREAAFRNIKTIAETLAEELI
NAAKGSSTSYAIKKKDELERVAKSNR
;
AG
7 'polypeptide(L)'
;LLADALNAINNAEKTGKRQVLIRPSSKVIIKFLQVMQKHGYIGEFEYIDDHRSGKIVVQLNGRLNKCGVISPRFNVKIGD
IEKWTANLLPARQFGYVILTTSAGIMDHEEARRKHVSGKILGFVY
;
AH
8 'polypeptide(L)'
;SVQTFGKKKSATAVAHVKAGKGLIKVNGSPITLVEPEILRFKVYEPLLLVGLDKFSNIDIRVRVTGGGHVSQVYAIRQAI
AKGLVAYHQKYVDEQSKNELKKAFTSYDRTLLIADSRRPEPKKFGGKGARSRFQKSYR
;
AI
9 'polypeptide(L)'
;KIRITLTSTKVKQLENVSSNIVKNAEQHNLVKKGPVRLPTKVLKISTRKTPNGEGSKTWETYEMRIHKRYIDLEAPVQIV
KRITQITIEPGVDVEV
;
AJ
10 'polypeptide(L)'
;DNSQVFGVARIYASFNDTFVHVTDLSGKETIARVTGGMKVKADRDESSPYAAMLAAQDVAAKCKEVGITAVHVKIRATGG
TRTKTPGPGGQAALRALARSGLRIGRIEDVTPVPSDSTRKKGGRR
;
AK
11 'polypeptide(L)'
;NYKKRLLGTAFKSSPFGGSSHAKGIVLEKLGIESKQPNSAIRKCVRVQLIKNGKKVTAFVPNDGCLNFVDENDEVLLAGF
GRKGKAKGDIPGVRFKVVKVSGVSLLALWKEKKEKPRS
;
AL
12 'polypeptide(L)'
;RLLNTNVDGNIKIVYALTTIKGVGRRYSNLVCKKADVDLHKRAGELTQEELERIVQIMQNPTHYKIPAWFLNRQNDITDG
KDYHTLANNVESKLRDDLERLKKIRAHRGIRHFWGLRVRGQHTKTTGRRR
;
AM
13 'polypeptide(L)' NVWFSHPRRFGKGSRQCRVCSSHTGLVRKYDLNICRQCFREKANDIGFHK AN
14 'polypeptide(L)'
;ITGNKIMRILKSNGLAPEIPEDLYYLIKKAVSVRKHLERNRKDKDAKFRLILIESRIHRLARYYRTVAVLPPNWKYESAT
ASAL
;
AO
15 'polypeptide(L)' RGKILTGTVVSTKMHRTIVIRRAYLHYIPKYNRYEKRHKNVPVHVSPAFRVQVGDIVTVGQCRPISKTVRFNVVKVSAAA AQ
16 'polypeptide(L)' RGMTSKPAGFMKKLRAAKLAAPENEKPAPVRTHMRNMIIVPEMIGSVVGIYNGKAFNQVEIRPEMLGHYLG AS
17 'polypeptide(L)'
;LVLRGTLEGHNGWVTSLATSAGQPNLLLSASRDKTLISWKLTGDDQKFGVPVRSFKGHSHIVQDCTLTADGAYALSASWD
KTLRLWDVATGETYQRFVGHKSDVMSVDIDKKASMIISGSRDKTIKVWTIKGQCLATLLGHNDWVSQVRVVPNEKADDDS
VTIISAGNDKMVKAWNLNQFQIEADFIGHNSNINTLTASPDGTLIASAGKDGEIMLWNLAAKKAMYTLSAQDEVFSLAFS
PNRYWLAAATATGIKVFSLDPQYLVDDLRPEFAGYSKAAEPHAVSLAWSADGQTLFAGYTDNVIRVWQVMTAN
;
AR
18 'polypeptide(L)'
;VSVRDVAAQDFINAYASFLQRQGKLEVPGYVDIVKTSSGNEMPPQDAEGWFYKRAASVARHIYMRKQVGVGKLNKLYGGA
KSRGVRPYKHIDASGSINRKVLQALEKIGIVEISPKGGRRISENGQRDLDRIAAQTLEEDE
;
AT
19 'polyribonucleotide'
;GCGGAUUUA(2MG)CUCAG(H2U)(H2U)GGGAGAGC(M2G)CCAGA(OMC)U(OMG)AA(YYG)A(PSU)(5MC)UGGA
G(7MG)UC(5MC)UGUG(5MU)(PSU)CG(1MA)UCCACAGAAUUCGCACCA
;
A7
20 'polypeptide(L)'
;TKKFKRHHSDRYHRVAENWRKQKGIDSVVRRRFRGNISQPKIGYGSNKKTKFLSPSGHKTFLVANVKDLETLTMHTKTYA
AEIAHNISAKNRVVILARAKALGIKVTNP
;
B0
21 'polypeptide(L)' AQKSFRIKQKMAKAKKQNRPLPQWIRLRTNNTIRYNAKRRNWRRTKMN B1
22 'polypeptide(L)'
;ESINQKLALVIKSGKYTLGYKSTVKSLRQGKSKLIIIAANTPVLRKSELEYYAMLSKTKVYYFQGGNNELGTAVGKLFRV
GVVSILEAGDSDILTTLA
;
B2
23 'polypeptide(L)'
;GIREKKAEYFAKLREYLEEYKSLFVVGVDNVSSQQMHEVRKELRGRAVVLMGKNTMVRRAIRGFLSDLPDFEKLLPFVKG
YVGFVFTNEPLTEIKNVIVSNRVAAPARAGAVAPEDIW
;
B8
24 'polypeptide(L)' TGKYGVRYGSSLRRQVKKLEIQQHARYDCSFCGKKTVKRGAAGIWTCSCCKKTVAGGAYTVSTAAAATVRST B9
25 'polypeptide(L)'
;ITSSQVREHVKELLKYSNETKKRNFLETVELQVGLKNYDPQRDKRFSGSLKLPNCPRPNMSICIFGDAFDVDRAKSCGVD
AMSVDDLKKLNKNKKLIKKLSKKYNAFIASEVLIKQVPRLLGPQLSKAGKFPTPVSHNDDLYGKVTDVRSTIKFQLKKVL
CLAVAVGNVEMEEDVLVNQILMSVNFFVSLLKKNWQNVGSLVVKSSMGPAFRL
;
BA
26 'polypeptide(L)'
;GRVIRNQRKGAGSIFTSHTRLRQGAAKLRTLDYAERHGYIRGIVKQIVHDSGRGAPLAKVVFRDPYKYRLREEIFIANEG
VHTGQFIYAGKKASLNVGNVLPLGSVPEGTIVSNVEEKPGDRGALARASGNYVIIIGHNPDENKTRVRLPSGAKKVISSD
ARGVIGVIAGGGRVDKPLLKAGRAFHKYRLKRNSWPKTRGVAMNPVDHPHGGGNHQHIGKASTISRGAVSGQKAGLIAAR
RTG
;
BB
27 'polypeptide(L)'
;KYEAPRHGHLGFLPRKRAASIRARVKAFPKDDRSKPVALTSFLGYKAGMTTIVRDLDRPGSKFHKREVVEAVTVVDTPPV
VVVGVVGYVETPRGLRSLTTVWAEHLSDEVKRRFYKNWYKSKKKAFTKYSAKYAQDGAGIERELARIKKYASVVRVLVHT
QIRKTPLAQKKAHLAEIQLNGGSISEKVDWAREHFEKTVAVDSVFEQNEMIDAIAVTKGHGFEGVTHRWGTKKLPRKTHR
GLRKVACIGAWHPAHVMWSVARAGQRGYHSRTSINHKIYRVGKGDDEANGATSFDRTKKTITPMGGFVHYGEIKNDFIMV
KGCIPGNRKRIVTLRKSLYTNTSRKALEEVSLKWIDTASKFG
;
BC
28 'polypeptide(L)'
;QVTVHSLTGEATANALPLPAVFSAPIRPDIVHTVFTSVNKNKRQAYAVSEKAGHQTSAESWGTGRAVARIPRVGGGGTGR
SGQGAFGNMCRGGRMFAPTKTWRKWNVKVNHNEKRYATASAIAATAVASLVLARGHRVEKIPEIPLVVSTDLESIQKTKE
AVAALKAVGAHSDLLKVLKSKKLRAGKGKYRNRRWTQRRGPLVVYAEDNGIVKALRNVPGVETANVASLNLLQLAPGAHL
GRFVIWTEAAFTKLDQV
;
BD
29 'polypeptide(L)'
;AYSSRFQTPFRRRREGKTDYYQRKRLVTQHKAKYNTPKYRLVVRFTNKDIICQIISSTITGDVVLAAAYSHELPRYGITH
GLTNWAAAYATGLLIARRTLQRLGLDETYKGVEEVEGEYELTEAVEDGPRPFKVFLDIGLQRTTTGARVFGALKGASDGG
LYVPHSENRFPGWDFETEEIDPELLRSYIFGGHVSQYMEELADDDEERFSELFKGYLADDIDADSLEDIYTSAHEAI
;
BE
30 'polypeptide(L)'
;AAAAAAAAAAAAAAAAAAAAAAAAAAAAAAAAAAAAAAAAAAAAAAAAAAGLVFVVRIKGINKIPPKPRKVLQLLRLTRI
NSGTFVKVTKATLELLKLIEPYVAYGYPSYSTIRQLVYKRGFGKINKQRVPLSDNAIIEANLGKYGILSIDDLIHEIITV
GPHFKQANNFLWPFKLSNPSGGWGVPRKFKHFIQGGSFGNREEFINKLVKSMN
;
BF
31 'polypeptide(L)'
;ERLTKEAAAVAEGKSKQDASPKPYAVKYGLNHVVALIENKKAKLVLIANDVDPIELVVFLPALCKKMGVPYAIVKGKARL
GTLVNQKTSAVAALTEVRAEDEAALAKLVSTID
;
BG
32 'polypeptide(L)'
;TEQQIEVPEGVTVSIKSRIVKVVGPRGTLTKNLKHIDVTFTKVNNQLIKVAVHNGGRKHVAALRTVKSLVDNMITGVTKG
YKYKMRYVYAHFPINVNIVEKDGAKFIEVRNFLGDKKIRNVPVRDGVTIEFSTNVKDEIVLSGNSVEDVSQNAADLQQIC
RVRNKDIRKFLDGIYVSHK
;
BH
33 'polypeptide(L)'
;RPARCYRYQKNKPYPKSRYNRAVPDSKIRIYDLGKKKATVDEFPLCVHLVSNELEQLSSEALEAARICANKYMTTVSGRD
AFHLRVRVHPFHVLRINKMLSCAGADRLQQGMRGAWGKPHGLAARVDIGQIIFSVRTKDSNKDVVVEGLRRARYKFPGQQ
KIILS
;
BI
34 'polypeptide(L)'
;STKAQNPMRDLKIEKLVLNISVGESGDRLTRASKVLEQLSGQTPVQSKARYTVRTFGIRRNEKIAVHVTVRGPKAEEILE
RGLKVKEYQLRDRNFSATGNFGFGIDEHIDLGIKYDPSIGIFGMDFYVVMNRPGARVTRRKRCKGTVGNSH
;
BJ
35 'polypeptide(L)'
;PNEVKYLYLRAVGGEVGASAALAPKIGPLGLSPKKVGEDIAKATKEFKGIKVTVQLKIQNRQAAASVVPSASSLVITALK
EPPRDRKKDKNVKHSGNIQLDEIIEIARQMRDKSFGRTLASVTKEILGTAQSVGCRVD
;
BK
36 'polypeptide(L)'
;GAYKYLEELQRKKQSDVLRFLQRVRVWEYRQKNVIHRAARPTRPDKARRLGYKAKQGFVIYRVRVRRGNRKRPVPKGATY
GKPTNQGVNELKYQRSLRATAEERVGRRAANLRVLNSYWVNQDSTYKYFEVILVDPQHKAIRRDARYNWICDPVHKHREA
RGLTATGKKSRGINKGHKFNNTKAGRRKTWKR
;
BL
37 'polypeptide(L)'
;VVIDGKGHLVGRLASVVAKQLLNGQKIVVVRAEELNISGEFFRNKLKYHDFLRKATAFNKTRGPFHFRAPSRIFYKALRG
MVSHKTARGKAALERLKVFEGIPPPYDKKKRVVVPQALRVLRLKPGRKYTTLGKLSTSVGWKAAAAAAAAAAAAAAAAAA
AAAAAAAAAAAAAAAAAA
;
BM
38 'polypeptide(L)'
;YGATSTNPAKSASARGSYLRVSFKNTRETAQAINGWELTKAQKYLEQVLDHQRAIPFRRFNSSIGRTAQGKEFGVTKARW
PAKSVKFVQGLLQNAAANAEAKGLDATKLYVSHIQVNQAPKQRRRTYRAHGRINKYESSPSHIELVVTEK
;
BN
39 'polypeptide(L)'
;SDNVYLKLLVKLYTFLARRTDAPFNKVVLKALFLSKINRPPVSVSRIARALKQEGAANKTVVVVGTVTDDARIFEFPKTT
VAALRFTAGARAKIVKAGGECITLDQLAVRAPKGQNTLILR
;
BO
40 'polypeptide(L)'
;ANLRTQKRLAASVVGVGKRKVWLDPNETSEIAQANSRNAIRKLVKNGTIVKKAVTVHSKSRTRAHAQSKREGRHSGYGKR
KGTREARLPSQVVWIRRLRVLRRLLAKYRDAGKIDKHLYHVLYKESKGNAFKHKRALVEHIAAAAAAAAAAAAAAAAAAA
AAAAAAAAAAAAAAAA
;
BP
41 'polypeptide(L)'
;GKSHGYRSRTRYMFQRDFRKHGAVHLSTYLKVYKVGDIVDIKANGSIQKGMPHKFYQGKTGVVYNVTKSSVGVIINKMVG
NRYLEKRLNLRVEHIKHSKAAAAAAAAAAAAAAAAA
;
BQ
42 'polypeptide(L)'
;QGTKFRISLGLPVGAIMNCADNSGARNLYIIAVKGSGSRLNRLPAASLGDMVMATVKKGKPELRKKVMPAIVVRQAKSWR
RRDGVFLYFEDNAGVIANPKGEMKGSAITGPVGKECADLWPRVASNSGVVV
;
BR
43 'polypeptide(L)' FSGAKIYPGRGTLFVRGDSKIFRFQNSKSASLFKQRKNPRRIAWT BS
44 'polypeptide(L)' YKVIEQPITSETAMKKVEDGNILVFQVSMKANKYQIKKAVKELYEVDVLKVNTLVRPNGTKKAYVRLTADYDALDIANRI BT
45 'polypeptide(L)'
;SSDRRKARKAYFTAPSSQRRVLLSAPLSKELRAQYGIKALPIRRDDEVLVVRGSKKGQEGKISSVYRLKFAVQVDKVTKE
KVNGASVPINLHPSKLVITKLHLDKDRKALIQRKGG
;
BU
46 'polypeptide(L)'
;TKTRKHRGHVSAGKGRIGKHRKHPGGGMAGGEHHHRINMDKYHPGYFGKVGMRYFHKQQAHFWKPVLNLDKLWTLIPEDK
RDQYLKSASKETAPVIDTLAAGYGKILGKGRIPNVPVIVKARFVSKLAEEKIRAAGGVVELI
;
BV
47 'polypeptide(L)' TREYTINLHKRLHGVSFKKRAPRAVKEIKKFAKLHMGTDDVRLAPELNQAIWKRGVKGVEYRLRLRISRKRNEEEDAKN BW
48 'polypeptide(L)'
;AGVKAYELRTKSKEQLASQLVDLKKELAELKVQKLSRPSLPKIKTVRKSIACVLTVINEQQAAAAAAAAAAAAAAAAAAA
AAAAAA
;
BX
49 'polypeptide(L)' GKGTPSFGKRHNKSHTLCNRCGRRSFHVQKKTCSSCGYPAAKTRSYNWGAKA BY
50 'polypeptide(L)'
;VNVPKTRKTYCKGKTCRKHTQHKVTQYKAGKASLFAQGKRRYDRKQSGFGGQTKPVFHKKAKTTKKVVLRLECVKCKTRA
QLTLKRCKHFEL
;
BZ
51 'polyribonucleotide'
;GGUUGCGGCCAUAUCUACCAGAAAGCACCGUUUCCCGUCCGAUCAACUGUGUUAAGCUGUAGAGCCGACAGUAGUGUAGG
GUGACCAUACGCGAAACUCAGGUGCUGCAAUCU
;
B3
52 'polyribonucleotide'
;AAACUUUCAACAACGGAUCUCUUGGUUCUCGCAUCGAUGAAGAACGCAGCGAAAUGCGAUACGUAAUGUAGGUUGCAGAA
UUCCGUGAAUCAUCGAUCUUUGAACGCACAUUGCGCCCCUUGGUAUUCCAGGGGGCAUGCCUGUUUGAGCGUCAUUU
;
B4
53 'polyribonucleotide'
;GUUUGACCUCAAACAGGUAGGAGUACCCGCUGAACUUAAGCAUAUCAAUAAGCGGAGGAAAAGAAACCAACCGGGAUUGC
CUUAGUAACGGCGAGUGAAGCGGCAAAAGCUCAAAUUUGAAAUCUGGUACCUUCGGUGCCCGAGUUGUAAUUUGGAGAGG
GCAACUUUGGGGCCGUUCCUUGUCUAUGUCCUUGGAACAGGACGUCAUAGGGGGUGAGAAUCCCGUGUGCGAGGAGUGCG
GUUCUUUGUAAAGUGCCUUCGAAGAGUCGAGUUGUUUGGGAAUGCAGCUCUAAGUGGGUGGAAAUUCAUCUAAAGCUAAA
UAUUGGCGAGAGACCGAUAGCGAACAAGUACAGUGAUGGAAAGAUGAAAAGAACUUUGAAAAGAGAGUGAAAAAGUACGU
GAAAUUGUUGAAAGGGAAGGGCAUUUGAUCACAUGGUGUUUUGUGCCCUCUGCUCCUUGUGGGUAGGGGAAUCUCGCAUU
UCACUGGGCCAGCAUCAGUUUUGGUGGCAGGAUAAACCCAUAGGAAUGUAGCUUGCCUCGGUAAGUAUUAUAGCCUGUGG
GAAUACUGCCAGCUGGGACUGAGUGAAAUGACGUAAGUCAAGGAUGCUGGCAUAAUGGUUAUAUGCCGCCCGUCUUGAAA
CACGGACCAAGGAGUCUAACGUCUAUGCGAGUGUUUGGGUAAACCAUACGCGUAAUGAAAGUGAGCGUAGGUUGGGGCCU
CGCAAGAGGUGCACAAUCGACCGAUCCUGAUGUCUUCGGAUGGAUUUGAGUAAGAGCAUAGCUGUUGGGACCCGAAAGAU
GGUGAACUAUGCCUGAAUAGGGUGAAGCCAGAGGAAACUCUGGUGGAGGCUCGUAGCGGUUUGACGUGCAAAUCGAUCGU
CGAAUUUGGGUAUAGGGGCGAAAGACUAAUCGAACCAUCUAGUAGCUGGUUCCUGCCGAAGUUUCCCUCAGGAUAGCACG
AAGCUCGUUUUAUGAGGUAAGCAAUGAUUAGAGGUCGGGGUCGAAAGACCUUGACCUAUUCUCAAACUUUAAAUAUGUAA
GAAGUCCUUGUUACUUAAUUGAACGUGGACAUUUGAAUGAGAGCUUUUAGUGGGCCAUUUUUGGUAAGCAGAACUGGCGA
UGCGGGAUGAACCGAACGUAGAGUUAAGGUGCCGGAAUACACGCUCAUCAACAAAAGGUGUUAGUUCAUCUAGACAGCCG
GACGGUGGCCAUGGAAGUCGGAAUCCGCUAAGGAGUGUGUAACAACUCACCGGCCGAAUGAACUAGCCCUGAAAAUGGAU
GGCGCCAAGCGUGUUACCUAUACUCUACCGUCAGGGUGCCCUGACGAGUAGGCAGGCGUGGAGGUCGUGACGAAGCCUGA
CCGUAAGGUCGGGUCGAACGGCCUCUAGUGCAGAUCUUGGUGGUAGUAGCAAAUAUUCAAAUGAGAACUUUGAAGACUGA
AGGGGGAAAGGUUCCACGUCAACAGCAGUUGGACGUGGGUUAGUCGAUCCUAAGAGAUGGGGAAGCUCCGUUUCAAAGGC
CUGAUUUUAUGCAGGCCACCAUCGAAGGGAAUCCGGUUAAGAUUCCGGAACCUGGUGGUUCUUCACGGUAACGUAACUGA
AUGUGGAGACGUCGCGAGCCCUGGGAGGAGUUAUCUUUUCUUCUUAACAGCUUAUCACCCGAAUUGGUUUAUCCGGAAUG
GGGUCUUAUGGCUGGAAGAGGCCAGCACCUUUGCUGGCUCCGGUGCGCUUGACGGCCGUGAAAAUCCACAGGAAGGAAUA
GUUUUCAUGCCAGGUCGUACUGAUAACCGCAGCAGGUCUCCAAGGUGAACAGCCUCUAGUUGAUAGAAUAAUGUGAUAAG
GGAAGUCGGCAAAAUAGAUCCGUAACUUCGGGAUAAGGAUUGGCUCUAAGUUAGAACUGGUACGGACAAGGGGAAUCUGA
CUGUCUAAUUAAAACAUAGCAUUGCGAUGGUCAAAAGUGAUGUUGACGCAAUGUGAUUUCUGCCCAGUGCUCGAAUGUCA
AAGUGAAGAAAUUCAACCAAGCGCGGGUAAACGGCGGGAGUAACUAUGACUCUCUUAAGGUAGCCAAAUGCCUCGUCAUC
UAAUUAGUGACGCGCAUGAAUGGAUUAACGAGAUUCCCACUGUCCCUAUCUACUAUCUAGCGAAACCACAGCCAAGGGAA
CGGGCUUGGCAGAAUCAGCGGGGAAAGAAGACCCUGUUGAGCUUGACUCUAGUUUGACAUUGUGAAGAGACAUAGAGGGU
GUAGAAUAAGUGGGAGCUUCGGCGCCAGUGAAAUACCACUACCUUUAUGUUUCUUUACUUAUUCAAUGAAGCGGAGCUGG
AAUUAAUUUUCCACAUCCUUGUGUAUAGGGUCCCAUUCGGGGCUGAUCCGGGUUGAAGACAUUGUCAGGUGGGGAGUUUG
GCUGGGGCGGCCAUCUGUUAAACGAUAACGCAGAUGUCCUAAGGGGGGCUCAUGGAGAACAGAAAUCUCCAGUAGAACAA
AAGGGUAAAAGCCCCCUUGAUUUUGAUUUUCGUGUGAAUACAAACCAUGAAAGUGUGGCCUAUCGAUCCUUUAGCCUCGA
AUUUGAGGCUAGAGGUGCCAGAAAAGUUACCACAGGGAUAACUGGCUUGUGGCAGUCAAGCGUUCAUAGCGACAUUGCUU
UUUGAUUCUUCGAUGUCGGCUCUUCCUAUCAUACCGAAGCAGAAUUCGGUAAGCGUUGGAUUGUUCACCCACUAAUAGGG
AACGUGAGCUGGGUUUAGACCGUCGUGAGACAGGUUAGUUUUACCCUACUGAUGAAUGUUACCGCAAUAGUAAUUGAACU
UAGUACGAGAGGAACAGUUCAUUCGGAUAAUUGGUUUUUGCGGCUGUCUGAUCAGGCAUUGCCGCGAAGCUACAUCCGCU
GGAUUAUGGCUGAACGCCUCUAAGUCAGAAUCCAUGCUAGAACGCGGUGAUUUCUUUGCUCCACACAAUAUGUACCUUUU
GUAUAAUGGCGUCCUUGUGGCGUCUACCUUUUGUAUAAUGCUAGCAACGGUGCACUUGGCGGAAAGGCCUUGGGUGCUUG
CUGGCGUGAAAUUGAACUAUUUUGCGUGGGGAAAAUCAUUUGUAUACGACUUAGAUGUACAAGGGGUAUUGUAAGCAGUA
GAGUAGCCUUGUUGUUACGAUCUGCUGAGAUUACCUUUUGUCUGAUUUGU
;
B5
#
# COMPACT_ATOMS: atom_id res chain seq x y z
N LEU B 1 -79.64 -55.31 -81.70
CA LEU B 1 -80.13 -54.02 -82.24
C LEU B 1 -79.68 -53.89 -83.67
N THR B 2 -78.50 -53.28 -83.89
CA THR B 2 -77.76 -53.39 -85.13
C THR B 2 -76.75 -54.47 -84.83
N PRO B 3 -76.22 -55.30 -85.74
CA PRO B 3 -75.61 -56.57 -85.36
C PRO B 3 -74.43 -56.49 -84.41
N GLU B 4 -74.46 -57.38 -83.39
CA GLU B 4 -73.71 -57.28 -82.16
C GLU B 4 -72.27 -57.71 -82.32
N ASP B 5 -71.96 -58.59 -83.30
CA ASP B 5 -70.65 -59.18 -83.48
C ASP B 5 -69.72 -58.23 -84.21
N ALA B 6 -68.80 -58.78 -85.05
CA ALA B 6 -67.80 -58.04 -85.78
C ALA B 6 -68.40 -57.51 -87.06
N GLN B 7 -69.38 -56.60 -86.89
CA GLN B 7 -70.19 -56.04 -87.93
C GLN B 7 -70.19 -54.56 -87.66
N LEU B 8 -70.96 -54.13 -86.64
CA LEU B 8 -71.10 -52.72 -86.28
C LEU B 8 -70.48 -52.51 -84.93
N LEU B 9 -70.96 -53.20 -83.87
CA LEU B 9 -70.61 -52.87 -82.50
C LEU B 9 -69.15 -53.09 -82.19
N LEU B 10 -68.61 -54.31 -82.44
CA LEU B 10 -67.22 -54.61 -82.15
C LEU B 10 -66.27 -53.88 -83.08
N ALA B 11 -66.72 -53.57 -84.32
CA ALA B 11 -65.96 -52.86 -85.31
C ALA B 11 -65.75 -51.41 -84.93
N ALA B 12 -66.73 -50.81 -84.21
CA ALA B 12 -66.68 -49.44 -83.73
C ALA B 12 -65.90 -49.33 -82.44
N ASN B 13 -65.59 -50.48 -81.80
CA ASN B 13 -64.81 -50.59 -80.59
C ASN B 13 -65.61 -50.15 -79.38
N THR B 14 -66.88 -50.58 -79.30
CA THR B 14 -67.76 -50.30 -78.17
C THR B 14 -67.36 -51.15 -76.98
N HIS B 15 -66.74 -52.32 -77.26
CA HIS B 15 -66.37 -53.30 -76.26
C HIS B 15 -65.06 -52.98 -75.60
N LEU B 16 -64.21 -52.11 -76.20
CA LEU B 16 -62.98 -51.66 -75.57
C LEU B 16 -63.33 -50.60 -74.55
N GLY B 17 -62.36 -50.22 -73.69
CA GLY B 17 -62.61 -49.21 -72.69
C GLY B 17 -61.30 -48.83 -72.09
N ALA B 18 -61.27 -48.71 -70.74
CA ALA B 18 -60.14 -48.20 -70.01
C ALA B 18 -59.33 -49.33 -69.39
N ARG B 19 -58.18 -48.94 -68.79
CA ARG B 19 -57.22 -49.81 -68.17
C ARG B 19 -57.66 -50.22 -66.79
N ASN B 20 -58.37 -49.32 -66.07
CA ASN B 20 -58.91 -49.59 -64.75
C ASN B 20 -60.34 -50.05 -64.95
N VAL B 21 -60.80 -50.98 -64.09
CA VAL B 21 -62.17 -51.40 -63.97
C VAL B 21 -62.58 -51.03 -62.57
N GLN B 22 -63.86 -50.61 -62.40
CA GLN B 22 -64.38 -50.16 -61.14
C GLN B 22 -65.28 -51.24 -60.58
N VAL B 23 -65.57 -51.20 -59.26
CA VAL B 23 -66.48 -52.10 -58.56
C VAL B 23 -67.93 -51.80 -58.91
N HIS B 24 -68.21 -50.60 -59.45
CA HIS B 24 -69.50 -50.21 -60.00
C HIS B 24 -69.68 -50.88 -61.34
N GLN B 25 -68.56 -51.04 -62.09
CA GLN B 25 -68.55 -51.46 -63.46
C GLN B 25 -68.53 -52.96 -63.61
N GLU B 26 -68.01 -53.69 -62.60
CA GLU B 26 -67.78 -55.12 -62.67
C GLU B 26 -68.98 -56.02 -63.02
N PRO B 27 -70.27 -55.78 -62.74
CA PRO B 27 -71.34 -56.67 -63.19
C PRO B 27 -71.60 -56.54 -64.68
N TYR B 28 -70.91 -55.61 -65.38
CA TYR B 28 -71.17 -55.27 -66.76
C TYR B 28 -70.03 -55.68 -67.65
N VAL B 29 -68.82 -55.93 -67.10
CA VAL B 29 -67.66 -56.31 -67.88
C VAL B 29 -67.72 -57.77 -68.26
N PHE B 30 -66.81 -58.20 -69.15
CA PHE B 30 -66.77 -59.54 -69.67
C PHE B 30 -65.52 -60.21 -69.15
N ASN B 31 -64.33 -59.66 -69.48
CA ASN B 31 -63.08 -60.20 -69.02
C ASN B 31 -62.03 -59.13 -69.20
N ALA B 32 -60.77 -59.46 -68.84
CA ALA B 32 -59.60 -58.70 -69.22
C ALA B 32 -58.98 -59.46 -70.37
N ARG B 33 -58.52 -58.72 -71.42
CA ARG B 33 -57.87 -59.34 -72.55
C ARG B 33 -56.38 -59.16 -72.37
N PRO B 34 -55.50 -59.97 -72.98
CA PRO B 34 -54.05 -59.81 -72.89
C PRO B 34 -53.57 -58.53 -73.51
N ASP B 35 -53.30 -57.53 -72.66
CA ASP B 35 -53.01 -56.16 -73.01
C ASP B 35 -52.89 -55.50 -71.66
N GLY B 36 -54.00 -55.53 -70.90
CA GLY B 36 -54.15 -54.87 -69.64
C GLY B 36 -55.48 -54.17 -69.66
N VAL B 37 -55.96 -53.79 -70.87
CA VAL B 37 -57.23 -53.14 -71.06
C VAL B 37 -58.34 -54.17 -70.89
N HIS B 38 -59.44 -53.78 -70.23
CA HIS B 38 -60.57 -54.64 -69.99
C HIS B 38 -61.55 -54.49 -71.12
N VAL B 39 -62.45 -55.49 -71.31
CA VAL B 39 -63.48 -55.45 -72.31
C VAL B 39 -64.81 -55.63 -71.64
N ILE B 40 -65.86 -55.04 -72.25
CA ILE B 40 -67.21 -54.98 -71.73
C ILE B 40 -68.00 -56.11 -72.34
N ASN B 41 -69.15 -56.48 -71.72
CA ASN B 41 -70.04 -57.50 -72.26
C ASN B 41 -71.03 -56.81 -73.16
N VAL B 42 -71.23 -57.37 -74.37
CA VAL B 42 -72.00 -56.79 -75.46
C VAL B 42 -73.50 -56.91 -75.17
N GLY B 43 -73.91 -57.93 -74.39
CA GLY B 43 -75.29 -58.10 -74.00
C GLY B 43 -75.74 -57.06 -73.00
N LYS B 44 -74.77 -56.46 -72.27
CA LYS B 44 -75.02 -55.42 -71.30
C LYS B 44 -75.08 -54.06 -71.96
N THR B 45 -74.46 -53.90 -73.14
CA THR B 45 -74.57 -52.67 -73.92
C THR B 45 -75.94 -52.63 -74.56
N TRP B 46 -76.39 -53.80 -75.06
CA TRP B 46 -77.65 -54.03 -75.75
C TRP B 46 -78.85 -53.67 -74.91
N GLU B 47 -78.93 -54.22 -73.67
CA GLU B 47 -80.11 -54.11 -72.83
C GLU B 47 -80.37 -52.69 -72.38
N LYS B 48 -79.31 -51.92 -72.08
CA LYS B 48 -79.46 -50.60 -71.49
C LYS B 48 -79.77 -49.55 -72.51
N LEU B 49 -79.56 -49.81 -73.82
CA LEU B 49 -79.95 -48.91 -74.89
C LEU B 49 -81.44 -48.99 -75.12
N VAL B 50 -82.03 -50.20 -74.95
CA VAL B 50 -83.45 -50.45 -75.10
C VAL B 50 -84.19 -49.87 -73.90
N LEU B 51 -83.64 -50.05 -72.68
CA LEU B 51 -84.21 -49.56 -71.45
C LEU B 51 -84.09 -48.06 -71.34
N ALA B 52 -83.00 -47.46 -71.86
CA ALA B 52 -82.78 -46.03 -71.86
C ALA B 52 -83.76 -45.31 -72.75
N ALA B 53 -84.08 -45.94 -73.92
CA ALA B 53 -85.03 -45.43 -74.89
C ALA B 53 -86.45 -45.42 -74.36
N ARG B 54 -86.73 -46.28 -73.35
CA ARG B 54 -88.02 -46.39 -72.70
C ARG B 54 -88.20 -45.27 -71.70
N ILE B 55 -87.14 -44.92 -70.94
CA ILE B 55 -87.16 -43.92 -69.90
C ILE B 55 -87.24 -42.53 -70.50
N ILE B 56 -86.41 -42.23 -71.52
CA ILE B 56 -86.35 -40.92 -72.16
C ILE B 56 -87.65 -40.56 -72.87
N ALA B 57 -88.39 -41.58 -73.37
CA ALA B 57 -89.64 -41.42 -74.07
C ALA B 57 -90.81 -41.32 -73.12
N ALA B 58 -90.60 -41.67 -71.82
CA ALA B 58 -91.61 -41.58 -70.80
C ALA B 58 -91.71 -40.16 -70.28
N ILE B 59 -90.61 -39.38 -70.37
CA ILE B 59 -90.59 -37.96 -70.09
C ILE B 59 -91.15 -37.30 -71.37
N PRO B 60 -92.20 -36.46 -71.31
CA PRO B 60 -93.10 -36.24 -72.44
C PRO B 60 -92.53 -35.37 -73.53
N ASN B 61 -92.49 -34.02 -73.33
CA ASN B 61 -92.16 -33.06 -74.35
C ASN B 61 -90.65 -32.92 -74.37
N PRO B 62 -89.88 -33.18 -75.43
CA PRO B 62 -88.43 -33.34 -75.32
C PRO B 62 -87.65 -32.07 -75.07
N GLU B 63 -88.30 -30.91 -74.88
CA GLU B 63 -87.63 -29.67 -74.53
C GLU B 63 -87.14 -29.71 -73.09
N ASP B 64 -87.76 -30.57 -72.25
CA ASP B 64 -87.40 -30.74 -70.86
C ASP B 64 -86.38 -31.83 -70.66
N VAL B 65 -85.82 -32.45 -71.74
CA VAL B 65 -84.69 -33.35 -71.59
C VAL B 65 -83.46 -32.62 -72.05
N VAL B 66 -82.48 -32.47 -71.14
CA VAL B 66 -81.25 -31.77 -71.39
C VAL B 66 -80.21 -32.80 -71.71
N ALA B 67 -79.28 -32.46 -72.63
CA ALA B 67 -78.14 -33.28 -72.93
C ALA B 67 -76.93 -32.40 -72.75
N ILE B 68 -75.74 -33.01 -72.53
CA ILE B 68 -74.53 -32.27 -72.29
C ILE B 68 -73.39 -33.10 -72.80
N SER B 69 -72.35 -32.43 -73.36
CA SER B 69 -71.13 -33.08 -73.71
C SER B 69 -70.04 -32.05 -73.68
N SER B 70 -69.10 -32.20 -72.72
CA SER B 70 -67.88 -31.41 -72.64
C SER B 70 -66.81 -32.05 -73.49
N ARG B 71 -67.00 -33.32 -73.91
CA ARG B 71 -66.07 -34.04 -74.75
C ARG B 71 -66.32 -33.68 -76.19
N THR B 72 -65.24 -33.34 -76.94
CA THR B 72 -65.29 -32.79 -78.28
C THR B 72 -65.93 -33.73 -79.29
N PHE B 73 -65.67 -35.05 -79.17
CA PHE B 73 -66.19 -36.07 -80.05
C PHE B 73 -67.67 -36.27 -79.83
N GLY B 74 -68.15 -36.08 -78.58
CA GLY B 74 -69.54 -36.30 -78.22
C GLY B 74 -70.42 -35.14 -78.55
N GLN B 75 -69.86 -33.99 -79.02
CA GLN B 75 -70.63 -32.80 -79.33
C GLN B 75 -71.56 -33.03 -80.50
N ARG B 76 -71.03 -33.48 -81.65
CA ARG B 76 -71.80 -33.70 -82.87
C ARG B 76 -72.80 -34.82 -82.69
N ALA B 77 -72.46 -35.82 -81.85
CA ALA B 77 -73.30 -36.97 -81.59
C ALA B 77 -74.51 -36.61 -80.75
N VAL B 78 -74.31 -35.75 -79.72
CA VAL B 78 -75.35 -35.25 -78.85
C VAL B 78 -76.24 -34.26 -79.59
N LEU B 79 -75.67 -33.41 -80.46
CA LEU B 79 -76.41 -32.41 -81.21
C LEU B 79 -77.31 -33.03 -82.25
N LYS B 80 -76.93 -34.20 -82.83
CA LYS B 80 -77.73 -34.86 -83.84
C LYS B 80 -78.64 -35.91 -83.23
N PHE B 81 -78.47 -36.23 -81.93
CA PHE B 81 -79.45 -36.93 -81.13
C PHE B 81 -80.57 -35.96 -80.86
N ALA B 82 -80.21 -34.75 -80.39
CA ALA B 82 -81.07 -33.64 -80.06
C ALA B 82 -81.81 -33.09 -81.25
N ALA B 83 -81.28 -33.28 -82.48
CA ALA B 83 -81.88 -32.81 -83.71
C ALA B 83 -83.13 -33.60 -84.04
N HIS B 84 -83.11 -34.94 -83.82
CA HIS B 84 -84.24 -35.78 -84.15
C HIS B 84 -85.23 -35.83 -83.00
N THR B 85 -84.75 -36.02 -81.75
CA THR B 85 -85.64 -36.20 -80.60
C THR B 85 -86.25 -34.88 -80.19
N GLY B 86 -85.45 -33.78 -80.18
CA GLY B 86 -85.90 -32.45 -79.86
C GLY B 86 -85.35 -32.00 -78.54
N ALA B 87 -84.16 -32.51 -78.14
CA ALA B 87 -83.55 -32.21 -76.86
C ALA B 87 -82.86 -30.88 -76.89
N THR B 88 -82.47 -30.38 -75.69
CA THR B 88 -81.81 -29.10 -75.52
C THR B 88 -80.35 -29.38 -75.18
N PRO B 89 -79.40 -29.38 -76.11
CA PRO B 89 -78.03 -29.80 -75.83
C PRO B 89 -77.25 -28.68 -75.18
N ILE B 90 -76.09 -29.03 -74.58
CA ILE B 90 -75.11 -28.13 -74.04
C ILE B 90 -73.83 -28.64 -74.66
N ALA B 91 -72.97 -27.72 -75.14
CA ALA B 91 -71.69 -28.08 -75.72
C ALA B 91 -70.72 -26.99 -75.32
N GLY B 92 -69.43 -27.35 -75.18
CA GLY B 92 -68.39 -26.45 -74.73
C GLY B 92 -68.16 -26.72 -73.26
N ARG B 93 -67.89 -25.64 -72.48
CA ARG B 93 -67.75 -25.74 -71.03
C ARG B 93 -69.13 -25.78 -70.41
N PHE B 94 -69.20 -26.27 -69.16
CA PHE B 94 -70.38 -26.19 -68.35
C PHE B 94 -70.12 -25.05 -67.42
N THR B 95 -70.89 -23.95 -67.57
CA THR B 95 -70.83 -22.82 -66.66
C THR B 95 -71.71 -23.20 -65.49
N PRO B 96 -71.26 -23.29 -64.23
CA PRO B 96 -72.06 -23.91 -63.19
C PRO B 96 -73.23 -23.05 -62.75
N GLY B 97 -74.17 -23.67 -62.00
CA GLY B 97 -75.35 -23.00 -61.50
C GLY B 97 -76.44 -22.99 -62.52
N SER B 98 -76.52 -24.04 -63.38
CA SER B 98 -77.49 -24.11 -64.45
C SER B 98 -78.70 -24.91 -64.03
N PHE B 99 -78.60 -25.67 -62.91
CA PHE B 99 -79.70 -26.42 -62.35
C PHE B 99 -80.17 -25.75 -61.09
N THR B 100 -79.26 -25.03 -60.39
CA THR B 100 -79.55 -24.39 -59.12
C THR B 100 -79.98 -22.95 -59.33
N ASN B 101 -79.08 -22.07 -59.83
CA ASN B 101 -79.31 -20.65 -59.89
C ASN B 101 -80.19 -20.32 -61.08
N TYR B 102 -81.34 -19.67 -60.79
CA TYR B 102 -82.38 -19.35 -61.75
C TYR B 102 -82.07 -18.10 -62.54
N ILE B 103 -81.10 -17.28 -62.05
CA ILE B 103 -80.81 -15.95 -62.54
C ILE B 103 -79.98 -16.03 -63.81
N THR B 104 -79.09 -17.03 -63.93
CA THR B 104 -78.21 -17.18 -65.08
C THR B 104 -79.00 -17.55 -66.33
N ARG B 105 -78.42 -17.26 -67.51
CA ARG B 105 -79.08 -17.41 -68.79
C ARG B 105 -79.03 -18.84 -69.25
N SER B 106 -78.12 -19.65 -68.64
CA SER B 106 -77.90 -21.05 -68.96
C SER B 106 -78.88 -21.94 -68.24
N PHE B 107 -79.74 -21.36 -67.37
CA PHE B 107 -80.68 -22.06 -66.53
C PHE B 107 -81.73 -22.80 -67.33
N LYS B 108 -82.06 -24.03 -66.86
CA LYS B 108 -83.11 -24.85 -67.42
C LYS B 108 -83.74 -25.55 -66.23
N GLU B 109 -84.97 -26.08 -66.41
CA GLU B 109 -85.59 -26.96 -65.45
C GLU B 109 -85.90 -28.26 -66.14
N PRO B 110 -84.94 -29.16 -66.36
CA PRO B 110 -85.19 -30.41 -67.07
C PRO B 110 -85.75 -31.45 -66.14
N ARG B 111 -86.10 -32.63 -66.70
CA ARG B 111 -86.65 -33.75 -65.98
C ARG B 111 -85.80 -34.98 -66.21
N LEU B 112 -84.75 -34.88 -67.07
CA LEU B 112 -83.87 -36.00 -67.34
C LEU B 112 -82.60 -35.40 -67.88
N VAL B 113 -81.44 -35.76 -67.30
CA VAL B 113 -80.13 -35.31 -67.74
C VAL B 113 -79.44 -36.50 -68.35
N ILE B 114 -79.04 -36.42 -69.65
CA ILE B 114 -78.23 -37.43 -70.29
C ILE B 114 -76.86 -36.84 -70.52
N VAL B 115 -75.81 -37.46 -69.91
CA VAL B 115 -74.45 -37.01 -70.01
C VAL B 115 -73.69 -37.91 -70.95
N THR B 116 -72.43 -37.55 -71.24
CA THR B 116 -71.50 -38.34 -72.02
C THR B 116 -70.73 -39.22 -71.07
N ASP B 117 -70.06 -38.61 -70.07
CA ASP B 117 -69.19 -39.29 -69.17
C ASP B 117 -69.45 -38.65 -67.83
N PRO B 118 -69.77 -39.35 -66.73
CA PRO B 118 -70.06 -38.71 -65.46
C PRO B 118 -68.80 -38.29 -64.76
N ARG B 119 -67.61 -38.58 -65.32
CA ARG B 119 -66.34 -38.11 -64.83
C ARG B 119 -66.05 -36.75 -65.43
N SER B 120 -66.40 -36.56 -66.72
CA SER B 120 -66.16 -35.33 -67.45
C SER B 120 -67.21 -34.30 -67.08
N ASP B 121 -68.50 -34.67 -67.22
CA ASP B 121 -69.65 -33.80 -67.04
C ASP B 121 -70.12 -33.87 -65.59
N ALA B 122 -69.17 -33.92 -64.63
CA ALA B 122 -69.41 -34.25 -63.24
C ALA B 122 -70.12 -33.17 -62.47
N GLN B 123 -69.87 -31.88 -62.79
CA GLN B 123 -70.43 -30.74 -62.10
C GLN B 123 -71.92 -30.64 -62.32
N ALA B 124 -72.37 -30.91 -63.57
CA ALA B 124 -73.77 -30.90 -63.96
C ALA B 124 -74.60 -31.92 -63.22
N ILE B 125 -73.98 -33.07 -62.87
CA ILE B 125 -74.63 -34.19 -62.21
C ILE B 125 -74.84 -33.89 -60.75
N LYS B 126 -73.86 -33.24 -60.07
CA LYS B 126 -73.96 -32.90 -58.66
C LYS B 126 -75.10 -31.94 -58.40
N GLU B 127 -75.24 -30.93 -59.29
CA GLU B 127 -76.28 -29.93 -59.21
C GLU B 127 -77.64 -30.50 -59.55
N ALA B 128 -77.70 -31.45 -60.53
CA ALA B 128 -78.92 -32.05 -61.02
C ALA B 128 -79.56 -32.95 -59.98
N SER B 129 -78.76 -33.84 -59.36
CA SER B 129 -79.24 -34.81 -58.38
C SER B 129 -79.59 -34.15 -57.06
N TYR B 130 -79.03 -32.94 -56.80
CA TYR B 130 -79.36 -32.11 -55.66
C TYR B 130 -80.78 -31.61 -55.76
N VAL B 131 -81.18 -31.09 -56.95
CA VAL B 131 -82.52 -30.57 -57.18
C VAL B 131 -83.48 -31.68 -57.57
N ASN B 132 -83.03 -32.96 -57.51
CA ASN B 132 -83.80 -34.18 -57.63
C ASN B 132 -84.30 -34.41 -59.04
N ILE B 133 -83.39 -34.27 -60.03
CA ILE B 133 -83.65 -34.55 -61.42
C ILE B 133 -82.82 -35.80 -61.71
N PRO B 134 -83.37 -36.88 -62.28
CA PRO B 134 -82.65 -38.13 -62.45
C PRO B 134 -81.62 -38.00 -63.55
N VAL B 135 -80.54 -38.80 -63.46
CA VAL B 135 -79.41 -38.71 -64.35
C VAL B 135 -79.18 -40.07 -64.94
N ILE B 136 -79.06 -40.13 -66.28
CA ILE B 136 -78.63 -41.30 -67.01
C ILE B 136 -77.29 -40.91 -67.59
N ALA B 137 -76.34 -41.88 -67.66
CA ALA B 137 -75.02 -41.61 -68.14
C ALA B 137 -74.57 -42.76 -68.97
N LEU B 138 -73.40 -42.60 -69.64
CA LEU B 138 -72.69 -43.68 -70.24
C LEU B 138 -71.54 -43.93 -69.30
N THR B 139 -71.32 -45.18 -68.86
CA THR B 139 -70.23 -45.50 -67.96
C THR B 139 -69.21 -46.29 -68.72
N ASP B 140 -67.98 -45.73 -68.81
CA ASP B 140 -66.82 -46.42 -69.32
C ASP B 140 -66.14 -46.99 -68.09
N LEU B 141 -65.02 -47.71 -68.28
CA LEU B 141 -64.56 -48.66 -67.29
C LEU B 141 -63.89 -48.03 -66.10
N ASP B 142 -63.19 -46.89 -66.29
CA ASP B 142 -62.54 -46.15 -65.22
C ASP B 142 -63.41 -45.01 -64.72
N SER B 143 -64.75 -45.20 -64.70
CA SER B 143 -65.68 -44.14 -64.35
C SER B 143 -66.63 -44.63 -63.26
N PRO B 144 -66.43 -44.31 -61.98
CA PRO B 144 -67.41 -44.55 -60.94
C PRO B 144 -68.50 -43.51 -60.99
N SER B 145 -69.69 -43.83 -60.43
CA SER B 145 -70.71 -42.85 -60.15
C SER B 145 -71.78 -43.56 -59.36
N GLU B 146 -72.31 -42.88 -58.32
CA GLU B 146 -73.45 -43.33 -57.55
C GLU B 146 -74.58 -42.34 -57.74
N PHE B 147 -74.28 -41.18 -58.35
CA PHE B 147 -75.22 -40.11 -58.60
C PHE B 147 -76.02 -40.38 -59.85
N VAL B 148 -75.57 -41.36 -60.67
CA VAL B 148 -76.25 -41.81 -61.85
C VAL B 148 -77.14 -42.95 -61.45
N ASP B 149 -78.43 -42.89 -61.87
CA ASP B 149 -79.45 -43.85 -61.53
C ASP B 149 -79.25 -45.10 -62.37
N VAL B 150 -79.60 -45.02 -63.66
CA VAL B 150 -79.42 -46.08 -64.62
C VAL B 150 -78.27 -45.66 -65.49
N ALA B 151 -77.33 -46.59 -65.77
CA ALA B 151 -76.19 -46.33 -66.61
C ALA B 151 -76.34 -47.15 -67.87
N ILE B 152 -75.62 -46.72 -68.93
CA ILE B 152 -75.49 -47.44 -70.18
C ILE B 152 -74.02 -47.80 -70.26
N PRO B 153 -73.58 -49.03 -70.00
CA PRO B 153 -72.18 -49.40 -70.12
C PRO B 153 -71.71 -49.34 -71.55
N CYS B 154 -70.76 -48.44 -71.87
CA CYS B 154 -70.22 -48.35 -73.20
C CYS B 154 -69.00 -47.47 -73.13
N ASN B 155 -68.15 -47.56 -74.17
CA ASN B 155 -66.99 -46.72 -74.39
C ASN B 155 -67.47 -45.35 -74.79
N ASN B 156 -67.34 -44.36 -73.87
CA ASN B 156 -67.81 -43.01 -74.09
C ASN B 156 -66.70 -42.12 -74.64
N ARG B 157 -65.46 -42.66 -74.67
CA ARG B 157 -64.26 -41.97 -75.07
C ARG B 157 -64.04 -42.17 -76.55
N GLY B 158 -64.46 -43.34 -77.08
CA GLY B 158 -64.23 -43.76 -78.45
C GLY B 158 -65.09 -43.00 -79.42
N LYS B 159 -64.48 -42.66 -80.58
CA LYS B 159 -65.04 -41.80 -81.60
C LYS B 159 -66.21 -42.45 -82.32
N HIS B 160 -65.99 -43.70 -82.80
CA HIS B 160 -66.95 -44.45 -83.57
C HIS B 160 -68.00 -45.05 -82.66
N SER B 161 -67.61 -45.32 -81.39
CA SER B 161 -68.39 -45.98 -80.37
C SER B 161 -69.63 -45.19 -80.01
N ILE B 162 -69.46 -43.88 -79.74
CA ILE B 162 -70.52 -42.99 -79.34
C ILE B 162 -71.38 -42.58 -80.51
N GLY B 163 -70.89 -42.80 -81.75
CA GLY B 163 -71.65 -42.60 -82.97
C GLY B 163 -72.76 -43.62 -83.07
N LEU B 164 -72.50 -44.87 -82.63
CA LEU B 164 -73.49 -45.92 -82.66
C LEU B 164 -74.50 -45.80 -81.55
N ILE B 165 -74.11 -45.40 -80.31
CA ILE B 165 -75.05 -45.40 -79.20
C ILE B 165 -76.12 -44.35 -79.34
N TRP B 166 -75.77 -43.12 -79.78
CA TRP B 166 -76.74 -42.05 -79.95
C TRP B 166 -77.48 -42.18 -81.25
N TYR B 167 -77.01 -43.06 -82.17
CA TYR B 167 -77.75 -43.46 -83.36
C TYR B 167 -78.86 -44.40 -82.91
N LEU B 168 -78.54 -45.42 -82.08
CA LEU B 168 -79.46 -46.43 -81.64
C LEU B 168 -80.48 -45.89 -80.67
N LEU B 169 -80.11 -44.92 -79.82
CA LEU B 169 -81.02 -44.24 -78.92
C LEU B 169 -82.02 -43.41 -79.68
N ALA B 170 -81.57 -42.67 -80.74
CA ALA B 170 -82.42 -41.88 -81.59
C ALA B 170 -83.38 -42.75 -82.37
N ARG B 171 -82.90 -43.92 -82.84
CA ARG B 171 -83.62 -44.87 -83.66
C ARG B 171 -84.69 -45.61 -82.88
N GLU B 172 -84.47 -45.84 -81.57
CA GLU B 172 -85.42 -46.53 -80.72
C GLU B 172 -86.52 -45.60 -80.25
N VAL B 173 -86.24 -44.29 -80.02
CA VAL B 173 -87.24 -43.36 -79.54
C VAL B 173 -88.18 -42.93 -80.63
N LEU B 174 -87.74 -42.94 -81.91
CA LEU B 174 -88.58 -42.55 -83.03
C LEU B 174 -89.58 -43.60 -83.39
N ARG B 175 -89.27 -44.90 -83.16
CA ARG B 175 -90.18 -45.99 -83.46
C ARG B 175 -91.14 -46.22 -82.32
N LEU B 176 -90.89 -45.58 -81.15
CA LEU B 176 -91.79 -45.53 -80.03
C LEU B 176 -92.81 -44.44 -80.30
N ARG B 177 -92.32 -43.27 -80.74
CA ARG B 177 -93.08 -42.07 -81.00
C ARG B 177 -94.02 -42.23 -82.19
N GLY B 178 -93.46 -42.58 -83.36
CA GLY B 178 -94.18 -42.73 -84.61
C GLY B 178 -93.62 -41.78 -85.62
N ALA B 179 -92.29 -41.53 -85.56
CA ALA B 179 -91.57 -40.70 -86.49
C ALA B 179 -90.70 -41.61 -87.33
N LEU B 180 -90.19 -41.08 -88.47
CA LEU B 180 -89.48 -41.83 -89.47
C LEU B 180 -87.99 -41.70 -89.25
N VAL B 181 -87.23 -42.79 -89.50
CA VAL B 181 -85.78 -42.76 -89.56
C VAL B 181 -85.41 -42.55 -91.01
N ASP B 182 -84.77 -41.39 -91.28
CA ASP B 182 -84.25 -41.08 -92.58
C ASP B 182 -83.04 -40.23 -92.31
N ARG B 183 -81.98 -40.44 -93.15
CA ARG B 183 -80.82 -39.58 -93.28
C ARG B 183 -79.79 -39.77 -92.18
N THR B 184 -80.23 -40.10 -90.95
CA THR B 184 -79.38 -40.43 -89.83
C THR B 184 -78.84 -41.82 -90.06
N GLN B 185 -77.50 -41.92 -90.04
CA GLN B 185 -76.76 -43.13 -90.31
C GLN B 185 -75.64 -43.11 -89.31
N PRO B 186 -74.84 -44.17 -89.13
CA PRO B 186 -73.75 -44.18 -88.16
C PRO B 186 -72.63 -43.21 -88.47
N TRP B 187 -72.51 -42.76 -89.74
CA TRP B 187 -71.43 -41.90 -90.19
C TRP B 187 -71.86 -40.46 -90.15
N SER B 188 -73.18 -40.21 -90.24
CA SER B 188 -73.77 -38.88 -90.23
C SER B 188 -73.64 -38.25 -88.86
N ILE B 189 -73.84 -39.07 -87.82
CA ILE B 189 -73.87 -38.67 -86.42
C ILE B 189 -72.47 -38.66 -85.83
N MET B 190 -71.55 -39.49 -86.38
CA MET B 190 -70.18 -39.64 -85.92
C MET B 190 -69.40 -38.36 -86.15
N PRO B 191 -68.54 -37.89 -85.24
CA PRO B 191 -67.83 -36.63 -85.39
C PRO B 191 -66.79 -36.68 -86.49
N ASP B 192 -66.39 -35.47 -86.94
CA ASP B 192 -65.38 -35.24 -87.93
C ASP B 192 -64.04 -35.18 -87.23
N LEU B 193 -62.95 -35.29 -88.03
CA LEU B 193 -61.60 -35.59 -87.59
C LEU B 193 -61.48 -37.06 -87.15
N SER C 1 -70.42 43.83 -70.36
CA SER C 1 -69.23 44.68 -70.69
C SER C 1 -68.55 45.04 -69.40
N LYS C 2 -68.26 46.36 -69.20
CA LYS C 2 -67.45 46.89 -68.13
C LYS C 2 -66.00 46.49 -68.32
N LYS C 3 -65.22 47.41 -68.95
CA LYS C 3 -63.78 47.30 -69.07
C LYS C 3 -63.18 47.89 -67.82
N ARG C 4 -63.78 49.01 -67.37
CA ARG C 4 -63.23 49.94 -66.40
C ARG C 4 -63.43 49.45 -64.99
N LYS C 5 -64.36 50.04 -64.20
CA LYS C 5 -64.53 49.66 -62.81
C LYS C 5 -65.39 48.43 -62.69
N LEU C 6 -64.74 47.28 -62.37
CA LEU C 6 -65.37 46.01 -62.07
C LEU C 6 -65.50 45.91 -60.57
N VAL C 7 -64.70 46.69 -59.81
CA VAL C 7 -64.69 46.70 -58.36
C VAL C 7 -65.73 47.68 -57.83
N ALA C 8 -66.64 48.15 -58.71
CA ALA C 8 -67.76 48.98 -58.36
C ALA C 8 -68.98 48.10 -58.21
N ASP C 9 -69.37 47.40 -59.30
CA ASP C 9 -70.52 46.53 -59.37
C ASP C 9 -70.26 45.21 -58.69
N GLY C 10 -69.00 44.72 -58.74
CA GLY C 10 -68.57 43.45 -58.19
C GLY C 10 -68.70 43.37 -56.70
N VAL C 11 -68.40 44.48 -55.99
CA VAL C 11 -68.47 44.54 -54.55
C VAL C 11 -69.89 44.78 -54.09
N PHE C 12 -70.76 45.36 -54.96
CA PHE C 12 -72.14 45.66 -54.67
C PHE C 12 -72.95 44.38 -54.61
N TYR C 13 -72.56 43.34 -55.40
CA TYR C 13 -73.19 42.04 -55.37
C TYR C 13 -72.97 41.36 -54.03
N ALA C 14 -71.76 41.51 -53.47
CA ALA C 14 -71.37 40.94 -52.19
C ALA C 14 -72.09 41.59 -51.05
N GLU C 15 -72.28 42.94 -51.11
CA GLU C 15 -73.01 43.71 -50.11
C GLU C 15 -74.46 43.30 -50.05
N LEU C 16 -75.09 43.07 -51.23
CA LEU C 16 -76.46 42.59 -51.36
C LEU C 16 -76.64 41.20 -50.79
N ASN C 17 -75.64 40.30 -50.96
CA ASN C 17 -75.71 38.94 -50.45
C ASN C 17 -75.68 38.92 -48.93
N GLU C 18 -74.85 39.80 -48.32
CA GLU C 18 -74.73 39.95 -46.87
C GLU C 18 -75.98 40.49 -46.23
N PHE C 19 -76.88 41.11 -47.03
CA PHE C 19 -78.16 41.59 -46.57
C PHE C 19 -79.10 40.41 -46.40
N PHE C 20 -79.30 39.59 -47.45
CA PHE C 20 -80.32 38.56 -47.50
C PHE C 20 -79.93 37.28 -46.80
N THR C 21 -78.66 37.11 -46.38
CA THR C 21 -78.23 35.99 -45.54
C THR C 21 -78.78 36.17 -44.14
N ARG C 22 -78.84 37.43 -43.67
CA ARG C 22 -79.26 37.80 -42.34
C ARG C 22 -80.76 37.99 -42.32
N GLU C 23 -81.30 38.74 -43.32
CA GLU C 23 -82.70 39.11 -43.37
C GLU C 23 -83.58 37.94 -43.73
N LEU C 24 -83.29 37.27 -44.88
CA LEU C 24 -84.19 36.32 -45.50
C LEU C 24 -83.95 34.91 -44.99
N ALA C 25 -83.39 34.77 -43.77
CA ALA C 25 -82.94 33.53 -43.19
C ALA C 25 -84.10 32.61 -42.83
N GLU C 26 -85.08 33.11 -42.05
CA GLU C 26 -86.20 32.33 -41.57
C GLU C 26 -87.18 32.07 -42.68
N GLU C 27 -87.31 33.02 -43.64
CA GLU C 27 -88.17 32.90 -44.79
C GLU C 27 -87.69 31.84 -45.75
N GLY C 28 -86.39 31.47 -45.67
CA GLY C 28 -85.85 30.29 -46.29
C GLY C 28 -85.01 30.70 -47.46
N TYR C 29 -83.74 31.07 -47.20
CA TYR C 29 -82.85 31.64 -48.18
C TYR C 29 -82.35 30.56 -49.11
N SER C 30 -82.16 30.92 -50.41
CA SER C 30 -81.56 30.05 -51.39
C SER C 30 -80.54 30.85 -52.14
N GLY C 31 -80.95 31.93 -52.84
CA GLY C 31 -80.02 32.76 -53.54
C GLY C 31 -80.74 33.88 -54.21
N VAL C 32 -79.97 34.87 -54.71
CA VAL C 32 -80.48 36.04 -55.38
C VAL C 32 -79.84 36.04 -56.75
N GLU C 33 -80.62 36.42 -57.79
CA GLU C 33 -80.11 36.65 -59.11
C GLU C 33 -80.11 38.14 -59.33
N VAL C 34 -78.94 38.70 -59.72
CA VAL C 34 -78.75 40.12 -59.89
C VAL C 34 -78.30 40.37 -61.32
N ARG C 35 -79.28 40.45 -62.25
CA ARG C 35 -79.02 40.89 -63.61
C ARG C 35 -79.01 42.39 -63.61
N VAL C 36 -77.98 42.97 -64.28
CA VAL C 36 -77.67 44.37 -64.21
C VAL C 36 -78.12 45.04 -65.48
N THR C 37 -79.03 46.02 -65.32
CA THR C 37 -79.39 47.01 -66.32
C THR C 37 -78.66 48.25 -65.82
N PRO C 38 -78.26 49.25 -66.61
CA PRO C 38 -77.54 50.41 -66.09
C PRO C 38 -78.34 51.18 -65.05
N THR C 39 -77.74 51.35 -63.85
CA THR C 39 -78.30 51.95 -62.65
C THR C 39 -79.58 51.31 -62.17
N LYS C 40 -79.73 49.97 -62.37
CA LYS C 40 -80.89 49.26 -61.90
C LYS C 40 -80.53 47.80 -61.85
N THR C 41 -80.35 47.24 -60.63
CA THR C 41 -80.18 45.81 -60.45
C THR C 41 -81.56 45.21 -60.23
N GLU C 42 -81.69 43.90 -60.50
CA GLU C 42 -82.96 43.20 -60.48
C GLU C 42 -83.33 42.84 -59.07
N VAL C 43 -82.42 42.10 -58.38
CA VAL C 43 -82.54 41.66 -57.00
C VAL C 43 -83.77 40.80 -56.81
N ILE C 44 -83.88 39.70 -57.60
CA ILE C 44 -84.97 38.77 -57.48
C ILE C 44 -84.55 37.75 -56.44
N ILE C 45 -85.04 37.97 -55.20
CA ILE C 45 -84.70 37.18 -54.05
C ILE C 45 -85.66 36.03 -54.01
N ARG C 46 -85.17 34.85 -53.56
CA ARG C 46 -85.90 33.62 -53.68
C ARG C 46 -86.02 33.05 -52.29
N ALA C 47 -87.26 33.05 -51.76
CA ALA C 47 -87.57 32.57 -50.43
C ALA C 47 -88.53 31.41 -50.59
N THR C 48 -88.56 30.50 -49.60
CA THR C 48 -89.48 29.37 -49.60
C THR C 48 -90.86 29.86 -49.21
N ARG C 49 -90.92 30.76 -48.21
CA ARG C 49 -92.11 31.46 -47.79
C ARG C 49 -91.97 32.89 -48.27
N THR C 50 -92.79 33.31 -49.26
CA THR C 50 -92.78 34.69 -49.74
C THR C 50 -93.88 35.50 -49.09
N GLN C 51 -94.73 34.84 -48.28
CA GLN C 51 -95.85 35.47 -47.59
C GLN C 51 -95.36 36.38 -46.50
N ASP C 52 -94.18 36.07 -45.92
CA ASP C 52 -93.57 36.79 -44.83
C ASP C 52 -92.70 37.90 -45.39
N VAL C 53 -92.07 37.65 -46.56
CA VAL C 53 -91.22 38.59 -47.29
C VAL C 53 -92.03 39.78 -47.74
N LEU C 54 -93.28 39.54 -48.20
CA LEU C 54 -94.24 40.57 -48.49
C LEU C 54 -94.72 41.16 -47.18
N GLY C 55 -95.33 40.30 -46.33
CA GLY C 55 -95.78 40.68 -45.02
C GLY C 55 -97.19 41.17 -45.10
N GLU C 56 -97.60 41.96 -44.11
CA GLU C 56 -98.93 42.49 -43.99
C GLU C 56 -99.07 43.69 -44.90
N ASN C 57 -99.78 43.50 -46.02
CA ASN C 57 -100.04 44.49 -47.05
C ASN C 57 -98.80 44.99 -47.76
N GLY C 58 -97.71 44.19 -47.75
CA GLY C 58 -96.50 44.49 -48.49
C GLY C 58 -95.60 45.44 -47.75
N ARG C 59 -95.54 45.34 -46.41
CA ARG C 59 -94.77 46.26 -45.60
C ARG C 59 -93.30 45.87 -45.56
N ARG C 60 -92.99 44.56 -45.56
CA ARG C 60 -91.63 44.07 -45.40
C ARG C 60 -90.89 44.10 -46.72
N ILE C 61 -91.59 43.98 -47.87
CA ILE C 61 -90.93 44.06 -49.17
C ILE C 61 -90.49 45.48 -49.46
N ASN C 62 -91.24 46.47 -48.93
CA ASN C 62 -90.92 47.89 -49.02
C ASN C 62 -89.76 48.23 -48.10
N GLU C 63 -89.67 47.54 -46.94
CA GLU C 63 -88.64 47.70 -45.94
C GLU C 63 -87.30 47.23 -46.47
N LEU C 64 -87.25 46.02 -47.06
CA LEU C 64 -86.06 45.38 -47.58
C LEU C 64 -85.42 46.17 -48.71
N THR C 65 -86.23 46.67 -49.67
CA THR C 65 -85.72 47.37 -50.85
C THR C 65 -85.16 48.74 -50.51
N LEU C 66 -85.63 49.35 -49.40
CA LEU C 66 -85.17 50.64 -48.93
C LEU C 66 -83.83 50.49 -48.26
N LEU C 67 -83.72 49.50 -47.35
CA LEU C 67 -82.58 49.26 -46.51
C LEU C 67 -81.39 48.70 -47.25
N VAL C 68 -81.60 47.97 -48.37
CA VAL C 68 -80.54 47.39 -49.16
C VAL C 68 -79.90 48.45 -50.05
N GLN C 69 -80.55 49.63 -50.19
CA GLN C 69 -79.99 50.75 -50.91
C GLN C 69 -79.18 51.61 -49.97
N LYS C 70 -79.68 51.86 -48.73
CA LYS C 70 -78.95 52.64 -47.76
C LYS C 70 -79.20 52.13 -46.37
N ARG C 71 -78.10 51.75 -45.66
CA ARG C 71 -78.04 51.69 -44.23
C ARG C 71 -76.60 51.87 -43.84
N PHE C 72 -75.71 50.90 -44.19
CA PHE C 72 -74.30 50.99 -43.94
C PHE C 72 -73.66 50.10 -44.97
N LYS C 73 -72.75 50.66 -45.80
CA LYS C 73 -72.06 49.98 -46.88
C LYS C 73 -73.01 49.49 -47.95
N TYR C 74 -73.67 50.43 -48.66
CA TYR C 74 -74.55 50.11 -49.76
C TYR C 74 -74.52 51.28 -50.70
N ALA C 75 -74.66 51.01 -52.02
CA ALA C 75 -74.80 51.99 -53.06
C ALA C 75 -76.28 52.16 -53.33
N PRO C 76 -76.77 53.31 -53.80
CA PRO C 76 -78.19 53.51 -54.08
C PRO C 76 -78.59 52.82 -55.37
N GLY C 77 -78.46 53.50 -56.53
CA GLY C 77 -78.76 52.95 -57.83
C GLY C 77 -80.13 53.40 -58.26
N THR C 78 -81.14 53.19 -57.38
CA THR C 78 -82.56 53.27 -57.65
C THR C 78 -82.93 51.96 -58.28
N ILE C 79 -82.83 50.88 -57.48
CA ILE C 79 -82.95 49.52 -57.91
C ILE C 79 -84.33 49.04 -57.55
N VAL C 80 -84.66 47.78 -57.93
CA VAL C 80 -85.93 47.16 -57.62
C VAL C 80 -85.62 45.89 -56.86
N LEU C 81 -86.69 45.18 -56.42
CA LEU C 81 -86.56 43.97 -55.65
C LEU C 81 -87.82 43.21 -55.91
N TYR C 82 -87.70 41.88 -56.14
CA TYR C 82 -88.83 41.01 -56.44
C TYR C 82 -88.73 39.84 -55.50
N ALA C 83 -89.88 39.35 -54.99
CA ALA C 83 -89.93 38.21 -54.10
C ALA C 83 -90.54 37.05 -54.85
N GLU C 84 -89.70 36.06 -55.22
CA GLU C 84 -90.09 34.89 -55.96
C GLU C 84 -90.04 33.70 -55.03
N ARG C 85 -90.86 32.67 -55.32
CA ARG C 85 -91.00 31.48 -54.53
C ARG C 85 -90.06 30.42 -55.03
N VAL C 86 -89.47 29.65 -54.09
CA VAL C 86 -88.71 28.46 -54.39
C VAL C 86 -89.72 27.35 -54.53
N GLN C 87 -89.69 26.64 -55.68
CA GLN C 87 -90.60 25.56 -55.96
C GLN C 87 -90.03 24.31 -55.36
N ASP C 88 -90.84 23.65 -54.50
CA ASP C 88 -90.46 22.54 -53.66
C ASP C 88 -89.49 23.01 -52.58
N ARG C 89 -88.94 22.07 -51.78
CA ARG C 89 -87.99 22.33 -50.73
C ARG C 89 -86.88 21.33 -50.90
N GLY C 90 -87.24 20.08 -51.25
CA GLY C 90 -86.36 18.93 -51.30
C GLY C 90 -85.33 19.01 -52.39
N LEU C 91 -85.72 19.49 -53.59
CA LEU C 91 -84.87 19.50 -54.76
C LEU C 91 -83.74 20.51 -54.65
N SER C 92 -83.95 21.59 -53.88
CA SER C 92 -82.99 22.64 -53.65
C SER C 92 -82.06 22.22 -52.54
N ALA C 93 -80.73 22.15 -52.83
CA ALA C 93 -79.75 21.67 -51.88
C ALA C 93 -79.42 22.72 -50.86
N VAL C 94 -79.49 24.02 -51.24
CA VAL C 94 -79.23 25.14 -50.36
C VAL C 94 -80.32 25.30 -49.32
N ALA C 95 -81.58 24.93 -49.66
CA ALA C 95 -82.71 24.98 -48.77
C ALA C 95 -82.69 23.82 -47.80
N GLN C 96 -82.30 22.62 -48.29
CA GLN C 96 -82.20 21.42 -47.49
C GLN C 96 -81.05 21.48 -46.52
N ALA C 97 -79.88 22.01 -46.95
CA ALA C 97 -78.69 22.13 -46.12
C ALA C 97 -78.91 23.05 -44.95
N GLU C 98 -79.75 24.09 -45.14
CA GLU C 98 -80.13 25.07 -44.15
C GLU C 98 -80.96 24.42 -43.05
N SER C 99 -81.95 23.58 -43.43
CA SER C 99 -82.85 22.92 -42.52
C SER C 99 -82.19 21.78 -41.76
N MET C 100 -81.19 21.09 -42.37
CA MET C 100 -80.41 20.05 -41.73
C MET C 100 -79.58 20.59 -40.60
N LYS C 101 -78.99 21.78 -40.81
CA LYS C 101 -78.13 22.45 -39.87
C LYS C 101 -78.92 23.02 -38.72
N PHE C 102 -80.18 23.46 -38.97
CA PHE C 102 -81.09 23.92 -37.93
C PHE C 102 -81.44 22.79 -36.99
N LYS C 103 -81.63 21.55 -37.52
CA LYS C 103 -81.93 20.38 -36.73
C LYS C 103 -80.76 19.95 -35.88
N LEU C 104 -79.51 20.13 -36.39
CA LEU C 104 -78.29 19.77 -35.68
C LEU C 104 -78.09 20.69 -34.50
N LEU C 105 -78.32 22.01 -34.69
CA LEU C 105 -78.24 23.06 -33.70
C LEU C 105 -79.26 22.85 -32.60
N ASN C 106 -80.52 22.53 -32.98
CA ASN C 106 -81.65 22.40 -32.09
C ASN C 106 -81.43 21.29 -31.07
N GLY C 107 -81.26 20.03 -31.52
CA GLY C 107 -80.97 18.95 -30.61
C GLY C 107 -81.36 17.65 -31.21
N LEU C 108 -81.14 17.47 -32.53
CA LEU C 108 -81.42 16.23 -33.22
C LEU C 108 -80.08 15.71 -33.67
N ALA C 109 -79.85 14.39 -33.47
CA ALA C 109 -78.59 13.75 -33.77
C ALA C 109 -78.41 13.57 -35.25
N ILE C 110 -77.17 13.21 -35.66
CA ILE C 110 -76.71 13.23 -37.02
C ILE C 110 -77.27 12.12 -37.88
N ARG C 111 -77.69 10.98 -37.29
CA ARG C 111 -78.24 9.87 -38.02
C ARG C 111 -79.71 10.11 -38.30
N ARG C 112 -80.44 10.72 -37.33
CA ARG C 112 -81.83 11.10 -37.49
C ARG C 112 -81.97 12.41 -38.26
N ALA C 113 -80.83 12.96 -38.76
CA ALA C 113 -80.80 14.08 -39.66
C ALA C 113 -80.66 13.54 -41.06
N ALA C 114 -79.54 12.83 -41.34
CA ALA C 114 -79.13 12.39 -42.66
C ALA C 114 -80.09 11.44 -43.33
N TYR C 115 -80.57 10.40 -42.61
CA TYR C 115 -81.45 9.38 -43.15
C TYR C 115 -82.84 9.91 -43.44
N GLY C 116 -83.27 10.97 -42.72
CA GLY C 116 -84.59 11.53 -42.86
C GLY C 116 -84.72 12.40 -44.08
N VAL C 117 -83.65 13.13 -44.44
CA VAL C 117 -83.68 14.11 -45.51
C VAL C 117 -83.48 13.48 -46.86
N VAL C 118 -82.68 12.39 -47.00
CA VAL C 118 -82.43 11.76 -48.28
C VAL C 118 -83.67 11.09 -48.82
N ARG C 119 -84.53 10.57 -47.91
CA ARG C 119 -85.80 9.95 -48.22
C ARG C 119 -86.77 10.94 -48.81
N TYR C 120 -86.82 12.17 -48.25
CA TYR C 120 -87.69 13.25 -48.65
C TYR C 120 -87.35 13.74 -50.06
N VAL C 121 -86.05 13.79 -50.41
CA VAL C 121 -85.57 14.27 -51.69
C VAL C 121 -85.87 13.27 -52.78
N MET C 122 -85.77 11.95 -52.47
CA MET C 122 -86.09 10.89 -53.42
C MET C 122 -87.59 10.76 -53.62
N GLU C 123 -88.39 11.30 -52.68
CA GLU C 123 -89.84 11.24 -52.74
C GLU C 123 -90.38 12.32 -53.63
N SER C 124 -89.76 13.53 -53.61
CA SER C 124 -90.14 14.64 -54.45
C SER C 124 -89.64 14.43 -55.87
N GLY C 125 -88.46 13.81 -56.05
CA GLY C 125 -88.00 13.43 -57.35
C GLY C 125 -86.52 13.20 -57.29
N ALA C 126 -85.75 14.11 -57.95
CA ALA C 126 -84.31 14.13 -57.95
C ALA C 126 -83.72 12.96 -58.71
N LYS C 127 -82.46 12.58 -58.38
CA LYS C 127 -81.76 11.48 -59.00
C LYS C 127 -80.96 10.85 -57.91
N GLY C 128 -80.16 11.68 -57.19
CA GLY C 128 -79.39 11.26 -56.06
C GLY C 128 -79.33 12.40 -55.09
N CYS C 129 -79.00 12.09 -53.82
CA CYS C 129 -78.92 13.07 -52.76
C CYS C 129 -77.83 12.59 -51.82
N GLU C 130 -76.66 13.28 -51.83
CA GLU C 130 -75.56 13.01 -50.94
C GLU C 130 -75.61 14.02 -49.83
N VAL C 131 -75.56 13.54 -48.57
CA VAL C 131 -75.54 14.38 -47.41
C VAL C 131 -74.35 13.95 -46.61
N VAL C 132 -73.19 14.63 -46.82
CA VAL C 132 -72.00 14.37 -46.05
C VAL C 132 -71.97 15.36 -44.90
N VAL C 133 -71.99 14.81 -43.67
CA VAL C 133 -71.96 15.57 -42.43
C VAL C 133 -70.59 15.36 -41.87
N SER C 134 -69.77 16.43 -41.86
CA SER C 134 -68.43 16.43 -41.33
C SER C 134 -68.46 16.97 -39.91
N GLY C 135 -67.28 17.07 -39.28
CA GLY C 135 -67.13 17.64 -37.97
C GLY C 135 -67.32 16.62 -36.91
N LYS C 136 -67.88 17.07 -35.78
CA LYS C 136 -68.10 16.27 -34.60
C LYS C 136 -69.45 15.61 -34.74
N LEU C 137 -69.46 14.29 -35.01
CA LEU C 137 -70.67 13.54 -35.24
C LEU C 137 -71.29 13.23 -33.90
N ARG C 138 -72.35 13.99 -33.53
CA ARG C 138 -73.07 14.03 -32.27
C ARG C 138 -72.21 14.35 -31.07
N ALA C 139 -71.14 15.17 -31.29
CA ALA C 139 -70.12 15.50 -30.30
C ALA C 139 -69.19 14.32 -30.12
N ALA C 140 -67.96 14.45 -30.64
CA ALA C 140 -66.98 13.40 -30.62
C ALA C 140 -65.69 14.07 -31.03
N ARG C 141 -64.93 13.44 -31.96
CA ARG C 141 -63.79 14.02 -32.62
C ARG C 141 -64.18 14.19 -34.06
N ALA C 142 -63.28 14.81 -34.87
CA ALA C 142 -63.55 15.11 -36.26
C ALA C 142 -63.45 13.89 -37.14
N LYS C 143 -64.33 13.85 -38.17
CA LYS C 143 -64.28 13.00 -39.34
C LYS C 143 -65.60 13.14 -40.04
N ALA C 144 -65.84 12.32 -41.10
CA ALA C 144 -67.01 12.43 -41.94
C ALA C 144 -67.94 11.26 -41.74
N MET C 145 -69.23 11.51 -42.03
CA MET C 145 -70.24 10.50 -42.21
C MET C 145 -70.84 10.87 -43.54
N LYS C 146 -70.75 9.97 -44.55
CA LYS C 146 -71.30 10.22 -45.86
C LYS C 146 -72.75 9.75 -45.86
N PHE C 147 -73.09 8.75 -46.70
CA PHE C 147 -74.42 8.19 -46.89
C PHE C 147 -75.16 9.00 -47.92
N ALA C 148 -75.63 8.33 -48.98
CA ALA C 148 -76.33 8.94 -50.08
C ALA C 148 -77.34 7.94 -50.58
N ASP C 149 -78.42 8.45 -51.20
CA ASP C 149 -79.38 7.66 -51.94
C ASP C 149 -79.15 7.99 -53.39
N GLY C 150 -79.43 7.03 -54.29
CA GLY C 150 -79.41 7.23 -55.73
C GLY C 150 -78.02 7.25 -56.29
N PHE C 151 -77.87 7.81 -57.51
CA PHE C 151 -76.60 7.95 -58.19
C PHE C 151 -76.09 9.33 -57.90
N LEU C 152 -75.31 9.47 -56.80
CA LEU C 152 -74.67 10.71 -56.44
C LEU C 152 -73.72 10.36 -55.33
N ILE C 153 -72.51 9.92 -55.72
CA ILE C 153 -71.42 9.63 -54.83
C ILE C 153 -70.23 10.17 -55.58
N HIS C 154 -69.57 11.19 -54.99
CA HIS C 154 -68.49 11.97 -55.58
C HIS C 154 -68.82 12.48 -56.97
N SER C 155 -69.87 13.34 -57.08
CA SER C 155 -70.39 13.88 -58.33
C SER C 155 -71.28 12.86 -59.02
N GLY C 156 -70.69 11.74 -59.51
CA GLY C 156 -71.39 10.72 -60.25
C GLY C 156 -71.28 11.07 -61.71
N GLN C 157 -70.02 11.19 -62.18
CA GLN C 157 -69.61 11.62 -63.50
C GLN C 157 -69.78 13.12 -63.70
N PRO C 158 -68.98 13.80 -64.52
CA PRO C 158 -69.12 15.24 -64.74
C PRO C 158 -70.30 15.57 -65.63
N VAL C 159 -70.16 15.33 -66.96
CA VAL C 159 -71.11 15.50 -68.06
C VAL C 159 -72.22 16.53 -67.86
N ASN C 160 -73.50 16.12 -67.76
CA ASN C 160 -74.63 17.01 -67.59
C ASN C 160 -75.57 16.28 -66.69
N ASP C 161 -75.75 16.79 -65.45
CA ASP C 161 -76.50 16.10 -64.42
C ASP C 161 -77.27 17.09 -63.59
N PHE C 162 -76.85 18.37 -63.59
CA PHE C 162 -77.51 19.48 -62.93
C PHE C 162 -77.54 19.29 -61.43
N ILE C 163 -76.39 19.53 -60.77
CA ILE C 163 -76.22 19.30 -59.35
C ILE C 163 -76.28 20.63 -58.65
N ASP C 164 -77.19 20.76 -57.66
CA ASP C 164 -77.33 21.90 -56.78
C ASP C 164 -76.39 21.64 -55.64
N THR C 165 -75.52 22.61 -55.30
CA THR C 165 -74.45 22.46 -54.34
C THR C 165 -74.72 23.42 -53.20
N ALA C 166 -74.25 23.08 -51.98
CA ALA C 166 -74.52 23.88 -50.81
C ALA C 166 -73.48 23.63 -49.75
N THR C 167 -73.21 24.67 -48.93
CA THR C 167 -72.46 24.55 -47.70
C THR C 167 -73.14 25.51 -46.74
N ARG C 168 -73.24 25.12 -45.45
CA ARG C 168 -73.91 25.90 -44.43
C ARG C 168 -73.24 25.56 -43.12
N HIS C 169 -73.32 26.47 -42.12
CA HIS C 169 -72.61 26.35 -40.85
C HIS C 169 -73.58 26.37 -39.69
N VAL C 170 -73.06 26.06 -38.47
CA VAL C 170 -73.77 26.04 -37.21
C VAL C 170 -72.79 26.59 -36.20
N LEU C 171 -73.26 27.50 -35.33
CA LEU C 171 -72.58 27.90 -34.12
C LEU C 171 -73.30 27.20 -33.00
N MET C 172 -72.56 26.47 -32.15
CA MET C 172 -73.11 25.71 -31.07
C MET C 172 -72.03 25.65 -30.00
N ARG C 173 -72.41 25.48 -28.71
CA ARG C 173 -71.46 25.21 -27.64
C ARG C 173 -71.03 23.78 -27.80
N GLN C 174 -69.77 23.63 -28.29
CA GLN C 174 -69.12 22.45 -28.77
C GLN C 174 -68.14 23.01 -29.77
N GLY C 175 -68.65 23.60 -30.88
CA GLY C 175 -67.79 24.18 -31.88
C GLY C 175 -68.59 24.52 -33.09
N VAL C 176 -67.93 25.18 -34.07
CA VAL C 176 -68.48 25.46 -35.37
C VAL C 176 -68.45 24.18 -36.18
N LEU C 177 -69.57 23.87 -36.88
CA LEU C 177 -69.73 22.62 -37.59
C LEU C 177 -70.38 22.94 -38.91
N GLY C 178 -69.93 22.29 -40.00
CA GLY C 178 -70.40 22.57 -41.34
C GLY C 178 -71.13 21.38 -41.90
N ILE C 179 -71.53 21.48 -43.18
CA ILE C 179 -72.18 20.42 -43.89
C ILE C 179 -71.93 20.73 -45.35
N LYS C 180 -71.85 19.69 -46.20
CA LYS C 180 -71.77 19.86 -47.63
C LYS C 180 -72.81 18.93 -48.19
N VAL C 181 -73.71 19.47 -49.05
CA VAL C 181 -74.86 18.74 -49.56
C VAL C 181 -74.83 18.91 -51.05
N LYS C 182 -75.06 17.79 -51.78
CA LYS C 182 -75.21 17.79 -53.22
C LYS C 182 -76.56 17.16 -53.47
N ILE C 183 -77.35 17.71 -54.43
CA ILE C 183 -78.59 17.12 -54.86
C ILE C 183 -78.61 17.22 -56.37
N MET C 184 -78.68 16.06 -57.06
CA MET C 184 -78.71 15.95 -58.49
C MET C 184 -80.17 15.91 -58.91
N ARG C 185 -80.56 16.66 -59.97
CA ARG C 185 -81.93 16.75 -60.42
C ARG C 185 -82.11 15.85 -61.63
N ASP C 186 -81.83 16.35 -62.86
CA ASP C 186 -82.01 15.62 -64.09
C ASP C 186 -80.94 16.16 -65.02
N PRO C 187 -80.49 15.42 -66.04
CA PRO C 187 -79.47 15.87 -66.97
C PRO C 187 -79.80 17.14 -67.73
N ALA C 188 -79.09 18.24 -67.40
CA ALA C 188 -79.29 19.54 -68.01
C ALA C 188 -78.05 20.41 -67.75
N ARG D 1 -98.40 -5.16 -4.04
CA ARG D 1 -99.21 -5.91 -5.03
C ARG D 1 -98.74 -5.68 -6.45
N THR D 2 -98.29 -4.44 -6.78
CA THR D 2 -97.38 -4.19 -7.89
C THR D 2 -96.29 -3.31 -7.29
N TYR D 3 -96.47 -2.00 -6.94
CA TYR D 3 -97.48 -1.02 -7.30
C TYR D 3 -96.92 0.31 -6.85
N SER D 4 -97.81 1.22 -6.40
CA SER D 4 -97.49 2.48 -5.81
C SER D 4 -98.80 2.91 -5.17
N LYS D 5 -99.29 4.14 -5.44
CA LYS D 5 -100.53 4.62 -4.86
C LYS D 5 -101.74 4.01 -5.52
N THR D 6 -102.92 4.24 -4.90
CA THR D 6 -104.20 3.61 -5.15
C THR D 6 -104.64 3.58 -6.61
N TYR D 7 -104.80 4.77 -7.23
CA TYR D 7 -105.23 4.97 -8.60
C TYR D 7 -104.26 4.37 -9.60
N SER D 8 -102.96 4.37 -9.26
CA SER D 8 -101.88 4.04 -10.15
C SER D 8 -101.66 2.53 -10.26
N THR D 9 -102.27 1.74 -9.34
CA THR D 9 -102.08 0.30 -9.24
C THR D 9 -102.30 -0.48 -10.53
N PRO D 10 -103.37 -0.36 -11.32
CA PRO D 10 -103.49 -1.11 -12.57
C PRO D 10 -102.66 -0.50 -13.67
N LYS D 11 -102.27 0.78 -13.53
CA LYS D 11 -101.93 1.64 -14.63
C LYS D 11 -100.48 1.53 -15.03
N ARG D 12 -99.55 1.44 -14.04
CA ARG D 12 -98.14 1.21 -14.33
C ARG D 12 -97.91 -0.15 -14.98
N PRO D 13 -98.58 -1.25 -14.62
CA PRO D 13 -98.63 -2.45 -15.45
C PRO D 13 -99.18 -2.24 -16.85
N TYR D 14 -100.51 -2.32 -17.06
CA TYR D 14 -101.11 -2.13 -18.37
C TYR D 14 -102.55 -1.74 -18.13
N GLU D 15 -103.48 -2.71 -18.20
CA GLU D 15 -104.90 -2.44 -18.29
C GLU D 15 -105.57 -2.43 -16.93
N SER D 16 -106.87 -2.81 -16.90
CA SER D 16 -107.79 -2.59 -15.81
C SER D 16 -107.60 -3.58 -14.67
N ALA D 51 -88.92 -8.61 -21.99
CA ALA D 51 -88.70 -9.98 -21.58
C ALA D 51 -89.44 -10.54 -20.38
N ARG D 52 -88.79 -10.53 -19.20
CA ARG D 52 -89.22 -11.23 -18.00
C ARG D 52 -90.46 -10.61 -17.41
N ASP D 53 -90.43 -9.27 -17.29
CA ASP D 53 -91.38 -8.46 -16.56
C ASP D 53 -92.73 -8.43 -17.25
N LEU D 54 -92.72 -8.47 -18.59
CA LEU D 54 -93.92 -8.43 -19.41
C LEU D 54 -94.68 -9.73 -19.33
N LEU D 55 -93.98 -10.89 -19.18
CA LEU D 55 -94.61 -12.20 -19.07
C LEU D 55 -95.37 -12.34 -17.78
N THR D 56 -94.78 -11.91 -16.64
CA THR D 56 -95.43 -11.96 -15.34
C THR D 56 -96.48 -10.87 -15.21
N ARG D 57 -96.61 -9.99 -16.23
CA ARG D 57 -97.64 -8.99 -16.34
C ARG D 57 -98.77 -9.48 -17.21
N ASP D 58 -98.51 -10.45 -18.12
CA ASP D 58 -99.43 -10.91 -19.13
C ASP D 58 -100.44 -11.86 -18.52
N GLU D 59 -100.01 -12.75 -17.60
CA GLU D 59 -100.92 -13.60 -16.86
C GLU D 59 -101.55 -12.86 -15.68
N LYS D 60 -101.32 -11.53 -15.57
CA LYS D 60 -101.69 -10.74 -14.42
C LYS D 60 -102.80 -9.78 -14.77
N ASP D 61 -102.65 -9.00 -15.87
CA ASP D 61 -103.51 -7.87 -16.18
C ASP D 61 -104.81 -8.23 -16.90
N PRO D 62 -104.96 -9.08 -17.91
CA PRO D 62 -106.29 -9.48 -18.40
C PRO D 62 -106.95 -10.45 -17.43
N LYS D 63 -106.22 -10.92 -16.40
CA LYS D 63 -106.72 -11.69 -15.30
C LYS D 63 -107.33 -10.73 -14.27
N ARG D 64 -106.79 -9.50 -14.18
CA ARG D 64 -107.29 -8.45 -13.32
C ARG D 64 -108.51 -7.78 -13.91
N LEU D 65 -108.67 -7.80 -15.26
CA LEU D 65 -109.80 -7.26 -15.98
C LEU D 65 -111.09 -7.88 -15.50
N PHE D 66 -111.08 -9.21 -15.35
CA PHE D 66 -112.18 -9.99 -14.83
C PHE D 66 -112.28 -9.83 -13.32
N GLU D 67 -111.12 -9.72 -12.62
CA GLU D 67 -111.08 -9.95 -11.20
C GLU D 67 -110.07 -9.04 -10.53
N GLY D 68 -108.91 -9.57 -10.06
CA GLY D 68 -107.80 -8.76 -9.58
C GLY D 68 -107.73 -8.66 -8.08
N ASN D 69 -107.07 -9.66 -7.46
CA ASN D 69 -106.75 -9.66 -6.04
C ASN D 69 -105.53 -10.55 -5.95
N ALA D 70 -104.44 -10.17 -6.66
CA ALA D 70 -103.25 -10.98 -6.77
C ALA D 70 -102.18 -10.39 -5.90
N LEU D 71 -101.46 -11.27 -5.16
CA LEU D 71 -100.42 -10.92 -4.22
C LEU D 71 -99.13 -11.48 -4.77
N ILE D 72 -97.98 -11.29 -4.07
CA ILE D 72 -96.71 -11.87 -4.45
C ILE D 72 -96.47 -13.13 -3.65
N ARG D 73 -96.47 -13.03 -2.29
CA ARG D 73 -96.10 -14.11 -1.38
C ARG D 73 -97.05 -15.27 -1.48
N ARG D 74 -98.35 -14.96 -1.61
CA ARG D 74 -99.41 -15.93 -1.60
C ARG D 74 -99.57 -16.58 -2.96
N LEU D 75 -98.95 -16.02 -4.01
CA LEU D 75 -98.98 -16.54 -5.36
C LEU D 75 -97.92 -17.61 -5.54
N VAL D 76 -96.84 -17.56 -4.72
CA VAL D 76 -95.81 -18.58 -4.64
C VAL D 76 -96.43 -19.89 -4.18
N ARG D 77 -97.30 -19.79 -3.14
CA ARG D 77 -98.03 -20.89 -2.52
C ARG D 77 -98.99 -21.56 -3.49
N VAL D 78 -99.66 -20.77 -4.38
CA VAL D 78 -100.56 -21.23 -5.41
C VAL D 78 -99.84 -22.15 -6.39
N GLY D 79 -98.55 -21.88 -6.65
CA GLY D 79 -97.65 -22.89 -7.16
C GLY D 79 -96.87 -22.43 -8.34
N VAL D 80 -96.50 -21.13 -8.37
CA VAL D 80 -95.61 -20.60 -9.40
C VAL D 80 -94.26 -21.24 -9.22
N LEU D 81 -93.77 -21.31 -7.96
CA LEU D 81 -92.66 -22.12 -7.56
C LEU D 81 -93.23 -23.41 -7.00
N SER D 82 -94.04 -23.29 -5.91
CA SER D 82 -94.36 -24.38 -5.00
C SER D 82 -95.45 -25.31 -5.48
N GLU D 83 -96.64 -25.28 -4.82
CA GLU D 83 -97.58 -26.38 -4.83
C GLU D 83 -98.39 -26.57 -6.10
N ASP D 84 -99.68 -26.10 -6.13
CA ASP D 84 -100.73 -26.68 -6.95
C ASP D 84 -100.52 -26.67 -8.44
N LYS D 85 -99.86 -25.64 -9.00
CA LYS D 85 -99.58 -25.57 -10.43
C LYS D 85 -98.53 -26.56 -10.85
N LYS D 86 -97.62 -26.98 -9.93
CA LYS D 86 -96.63 -28.02 -10.20
C LYS D 86 -97.23 -29.39 -9.94
N LYS D 87 -98.22 -29.48 -9.01
CA LYS D 87 -98.84 -30.72 -8.61
C LYS D 87 -99.84 -31.25 -9.61
N LEU D 88 -100.54 -30.37 -10.38
CA LEU D 88 -101.39 -30.80 -11.46
C LEU D 88 -101.00 -30.08 -12.72
N ASP D 89 -101.24 -30.72 -13.88
CA ASP D 89 -100.84 -30.22 -15.18
C ASP D 89 -101.90 -29.29 -15.72
N TYR D 90 -103.20 -29.64 -15.48
CA TYR D 90 -104.35 -29.10 -16.18
C TYR D 90 -104.48 -27.60 -16.09
N VAL D 91 -104.40 -26.97 -17.29
CA VAL D 91 -104.49 -25.57 -17.67
C VAL D 91 -104.33 -24.56 -16.54
N LEU D 92 -103.09 -24.09 -16.38
CA LEU D 92 -102.62 -23.35 -15.22
C LEU D 92 -103.14 -21.94 -15.21
N ALA D 93 -103.49 -21.39 -16.40
CA ALA D 93 -104.10 -20.09 -16.55
C ALA D 93 -105.51 -20.07 -16.00
N LEU D 94 -106.25 -21.18 -16.18
CA LEU D 94 -107.61 -21.33 -15.72
C LEU D 94 -107.64 -21.64 -14.23
N LYS D 95 -106.52 -22.14 -13.67
CA LYS D 95 -106.42 -22.44 -12.25
C LYS D 95 -106.23 -21.19 -11.44
N VAL D 96 -105.46 -20.19 -11.94
CA VAL D 96 -105.31 -18.91 -11.27
C VAL D 96 -106.59 -18.10 -11.41
N GLU D 97 -107.41 -18.40 -12.45
CA GLU D 97 -108.74 -17.84 -12.57
C GLU D 97 -109.68 -18.40 -11.51
N ASP D 98 -109.67 -19.73 -11.31
CA ASP D 98 -110.49 -20.46 -10.36
C ASP D 98 -110.32 -19.96 -8.93
N PHE D 99 -109.08 -19.81 -8.44
CA PHE D 99 -108.81 -19.49 -7.04
C PHE D 99 -109.35 -18.14 -6.61
N LEU D 100 -109.29 -17.11 -7.48
CA LEU D 100 -109.67 -15.77 -7.08
C LEU D 100 -111.18 -15.55 -7.16
N GLU D 101 -111.91 -16.35 -7.97
CA GLU D 101 -113.37 -16.27 -8.02
C GLU D 101 -113.97 -17.07 -6.90
N ARG D 102 -113.18 -18.01 -6.33
CA ARG D 102 -113.53 -18.74 -5.15
C ARG D 102 -113.34 -17.87 -3.94
N ARG D 103 -112.33 -16.95 -3.95
CA ARG D 103 -112.22 -15.95 -2.91
C ARG D 103 -113.41 -15.02 -2.95
N LEU D 104 -114.05 -14.87 -1.77
CA LEU D 104 -115.30 -14.20 -1.60
C LEU D 104 -115.14 -12.71 -1.80
N GLN D 105 -113.97 -12.19 -1.35
CA GLN D 105 -113.52 -10.82 -1.45
C GLN D 105 -113.69 -10.22 -2.82
N THR D 106 -113.19 -10.90 -3.87
CA THR D 106 -113.13 -10.34 -5.20
C THR D 106 -114.45 -10.46 -5.92
N GLN D 107 -115.24 -11.52 -5.64
CA GLN D 107 -116.43 -11.83 -6.40
C GLN D 107 -117.68 -11.16 -5.87
N VAL D 108 -117.64 -10.56 -4.65
CA VAL D 108 -118.75 -9.79 -4.09
C VAL D 108 -118.84 -8.45 -4.79
N TYR D 109 -117.73 -7.97 -5.41
CA TYR D 109 -117.69 -6.83 -6.29
C TYR D 109 -118.59 -7.05 -7.50
N LYS D 110 -118.54 -8.28 -8.08
CA LYS D 110 -119.30 -8.66 -9.26
C LYS D 110 -120.79 -8.71 -9.01
N LEU D 111 -121.18 -8.86 -7.73
CA LEU D 111 -122.57 -8.85 -7.29
C LEU D 111 -123.03 -7.40 -7.26
N GLY D 112 -122.30 -6.55 -6.51
CA GLY D 112 -122.66 -5.17 -6.29
C GLY D 112 -123.40 -5.10 -4.98
N LEU D 113 -122.84 -5.75 -3.94
CA LEU D 113 -123.38 -5.75 -2.60
C LEU D 113 -122.43 -4.88 -1.82
N ALA D 114 -121.20 -5.39 -1.54
CA ALA D 114 -120.12 -4.60 -1.03
C ALA D 114 -119.51 -3.93 -2.23
N LYS D 115 -119.34 -2.59 -2.15
CA LYS D 115 -118.99 -1.75 -3.27
C LYS D 115 -117.63 -2.10 -3.80
N SER D 116 -116.64 -2.17 -2.87
CA SER D 116 -115.24 -2.24 -3.15
C SER D 116 -114.73 -3.64 -2.87
N VAL D 117 -113.56 -3.97 -3.49
CA VAL D 117 -112.86 -5.23 -3.32
C VAL D 117 -112.23 -5.27 -1.96
N HIS D 118 -111.60 -4.15 -1.51
CA HIS D 118 -110.96 -4.08 -0.20
C HIS D 118 -111.90 -3.45 0.80
N HIS D 119 -113.21 -3.46 0.47
CA HIS D 119 -114.31 -3.27 1.40
C HIS D 119 -114.89 -4.64 1.65
N ALA D 120 -114.77 -5.55 0.66
CA ALA D 120 -115.13 -6.94 0.79
C ALA D 120 -113.99 -7.75 1.40
N ARG D 121 -112.86 -7.06 1.72
CA ARG D 121 -111.80 -7.47 2.64
C ARG D 121 -112.39 -7.58 4.01
N VAL D 122 -113.26 -6.61 4.31
CA VAL D 122 -113.65 -6.28 5.65
C VAL D 122 -114.93 -6.98 5.97
N LEU D 123 -115.84 -7.06 4.98
CA LEU D 123 -117.13 -7.71 5.10
C LEU D 123 -117.00 -9.22 5.01
N ILE D 124 -115.77 -9.78 4.86
CA ILE D 124 -115.52 -11.18 5.09
C ILE D 124 -114.99 -11.36 6.50
N THR D 125 -114.11 -10.46 7.01
CA THR D 125 -113.43 -10.66 8.29
C THR D 125 -114.38 -10.52 9.46
N GLN D 126 -115.33 -9.56 9.41
CA GLN D 126 -116.31 -9.32 10.46
C GLN D 126 -117.51 -10.24 10.30
N ARG D 127 -117.45 -11.18 9.31
CA ARG D 127 -118.36 -12.30 9.18
C ARG D 127 -119.72 -11.86 8.68
N HIS D 128 -119.75 -10.73 7.92
CA HIS D 128 -120.93 -10.06 7.44
C HIS D 128 -121.58 -10.83 6.30
N ILE D 129 -120.81 -11.19 5.25
CA ILE D 129 -121.31 -11.92 4.09
C ILE D 129 -121.45 -13.39 4.46
N ALA D 130 -122.72 -13.87 4.49
CA ALA D 130 -123.05 -15.24 4.81
C ALA D 130 -123.35 -15.99 3.53
N VAL D 131 -122.67 -17.13 3.32
CA VAL D 131 -122.79 -17.97 2.15
C VAL D 131 -123.23 -19.31 2.65
N GLY D 132 -124.45 -19.77 2.27
CA GLY D 132 -125.01 -20.97 2.84
C GLY D 132 -126.49 -20.83 3.07
N LYS D 133 -126.98 -19.97 4.00
CA LYS D 133 -126.29 -18.97 4.78
C LYS D 133 -125.53 -19.62 5.91
N GLN D 134 -124.24 -19.22 6.04
CA GLN D 134 -123.33 -19.69 7.04
C GLN D 134 -122.30 -18.61 7.07
N ILE D 135 -122.05 -18.02 8.27
CA ILE D 135 -121.07 -16.98 8.44
C ILE D 135 -119.70 -17.62 8.48
N VAL D 136 -118.65 -16.91 7.99
CA VAL D 136 -117.38 -17.51 7.70
C VAL D 136 -116.59 -17.79 8.95
N ASN D 137 -115.61 -18.71 8.84
CA ASN D 137 -114.77 -19.13 9.94
C ASN D 137 -113.49 -18.34 9.86
N ILE D 138 -112.72 -18.53 8.76
CA ILE D 138 -111.43 -17.94 8.54
C ILE D 138 -111.65 -16.82 7.54
N PRO D 139 -111.03 -15.64 7.59
CA PRO D 139 -111.17 -14.61 6.55
C PRO D 139 -110.39 -14.96 5.30
N SER D 140 -109.63 -16.07 5.31
CA SER D 140 -108.85 -16.55 4.19
C SER D 140 -109.69 -17.42 3.28
N PHE D 141 -111.01 -17.46 3.54
CA PHE D 141 -111.98 -18.43 3.06
C PHE D 141 -111.99 -18.58 1.55
N MET D 142 -111.74 -19.83 1.10
CA MET D 142 -111.68 -20.20 -0.29
C MET D 142 -112.99 -20.87 -0.60
N VAL D 143 -113.97 -20.07 -1.07
CA VAL D 143 -115.37 -20.45 -1.19
C VAL D 143 -115.61 -20.91 -2.62
N ARG D 144 -116.61 -20.32 -3.30
CA ARG D 144 -116.94 -20.60 -4.68
C ARG D 144 -117.78 -19.41 -5.11
N LEU D 145 -117.86 -19.12 -6.43
CA LEU D 145 -118.67 -18.07 -7.00
C LEU D 145 -120.12 -18.51 -6.99
N ASP D 146 -120.38 -19.70 -7.57
CA ASP D 146 -121.65 -20.33 -7.91
C ASP D 146 -122.78 -20.13 -6.94
N SER D 147 -122.58 -20.48 -5.64
CA SER D 147 -123.64 -20.47 -4.63
C SER D 147 -124.13 -19.08 -4.34
N GLU D 148 -125.24 -18.96 -3.57
CA GLU D 148 -125.89 -17.70 -3.33
C GLU D 148 -125.18 -16.93 -2.24
N LYS D 149 -125.00 -15.61 -2.46
CA LYS D 149 -124.39 -14.71 -1.52
C LYS D 149 -125.51 -13.91 -0.94
N HIS D 150 -125.37 -13.54 0.35
CA HIS D 150 -126.30 -12.65 1.00
C HIS D 150 -125.52 -12.13 2.18
N ILE D 151 -126.19 -11.34 3.03
CA ILE D 151 -125.67 -10.85 4.28
C ILE D 151 -126.29 -11.80 5.30
N ASP D 152 -125.80 -11.83 6.56
CA ASP D 152 -126.48 -12.53 7.63
C ASP D 152 -127.56 -11.61 8.15
N PHE D 153 -128.49 -12.13 9.00
CA PHE D 153 -129.78 -11.54 9.23
C PHE D 153 -129.74 -10.15 9.85
N ALA D 154 -128.95 -9.97 10.93
CA ALA D 154 -128.86 -8.71 11.65
C ALA D 154 -128.22 -7.59 10.84
N PRO D 155 -126.99 -7.62 10.31
CA PRO D 155 -126.41 -6.49 9.60
C PRO D 155 -126.85 -6.41 8.15
N THR D 156 -128.07 -6.86 7.79
CA THR D 156 -128.59 -6.75 6.43
C THR D 156 -128.92 -5.31 6.15
N SER D 157 -128.25 -4.75 5.11
CA SER D 157 -128.35 -3.40 4.61
C SER D 157 -128.15 -2.31 5.66
N PRO D 158 -126.93 -1.93 6.00
CA PRO D 158 -126.65 -0.63 6.59
C PRO D 158 -126.86 0.44 5.53
N GLY E 1 -102.72 -22.17 -41.00
CA GLY E 1 -102.44 -20.84 -41.60
C GLY E 1 -101.02 -20.46 -41.34
N LEU E 2 -100.35 -19.83 -42.33
CA LEU E 2 -98.95 -19.51 -42.25
C LEU E 2 -98.74 -18.31 -41.34
N GLN E 3 -97.98 -18.53 -40.25
CA GLN E 3 -97.64 -17.53 -39.28
C GLN E 3 -96.14 -17.36 -39.34
N ASP E 4 -95.67 -16.11 -39.52
CA ASP E 4 -94.27 -15.74 -39.46
C ASP E 4 -94.06 -15.16 -38.08
N GLU E 5 -93.12 -15.71 -37.27
CA GLU E 5 -92.81 -15.21 -35.95
C GLU E 5 -91.32 -15.02 -35.86
N VAL E 6 -90.88 -13.81 -35.48
CA VAL E 6 -89.49 -13.42 -35.45
C VAL E 6 -88.92 -13.77 -34.10
N MET E 7 -87.71 -14.37 -34.08
CA MET E 7 -87.04 -14.76 -32.87
C MET E 7 -86.19 -13.62 -32.38
N ASN E 8 -85.01 -13.39 -33.00
CA ASN E 8 -84.09 -12.37 -32.56
C ASN E 8 -83.14 -12.05 -33.70
N ILE E 9 -82.29 -11.02 -33.49
CA ILE E 9 -81.24 -10.60 -34.39
C ILE E 9 -80.01 -10.46 -33.52
N LYS E 10 -78.80 -10.42 -34.14
CA LYS E 10 -77.63 -9.83 -33.50
C LYS E 10 -77.15 -8.78 -34.48
N PRO E 11 -76.46 -7.71 -34.07
CA PRO E 11 -76.31 -6.51 -34.88
C PRO E 11 -75.13 -6.60 -35.84
N VAL E 12 -74.45 -7.77 -35.96
CA VAL E 12 -73.25 -8.10 -36.73
C VAL E 12 -72.43 -6.93 -37.22
N GLN E 13 -71.32 -6.62 -36.49
CA GLN E 13 -70.46 -5.51 -36.81
C GLN E 13 -69.41 -6.00 -37.78
N LYS E 14 -69.23 -5.27 -38.91
CA LYS E 14 -68.17 -5.54 -39.86
C LYS E 14 -67.28 -4.33 -39.78
N GLN E 15 -65.95 -4.52 -39.67
CA GLN E 15 -65.00 -3.43 -39.65
C GLN E 15 -64.66 -3.11 -41.08
N THR E 16 -64.72 -1.81 -41.45
CA THR E 16 -64.40 -1.34 -42.78
C THR E 16 -63.66 -0.03 -42.59
N ARG E 17 -63.35 0.68 -43.70
CA ARG E 17 -62.66 1.94 -43.72
C ARG E 17 -63.48 3.01 -43.04
N ALA E 18 -62.80 3.89 -42.26
CA ALA E 18 -63.35 5.02 -41.53
C ALA E 18 -64.15 4.64 -40.30
N GLY E 19 -64.82 3.47 -40.31
CA GLY E 19 -65.60 3.02 -39.18
C GLY E 19 -66.35 1.80 -39.62
N GLN E 20 -67.13 1.24 -38.67
CA GLN E 20 -67.88 0.02 -38.88
C GLN E 20 -69.15 0.26 -39.65
N ARG E 21 -69.59 -0.79 -40.38
CA ARG E 21 -70.90 -0.89 -40.99
C ARG E 21 -71.58 -2.03 -40.25
N THR E 22 -72.92 -2.13 -40.39
CA THR E 22 -73.69 -3.18 -39.75
C THR E 22 -74.33 -4.04 -40.81
N ARG E 23 -74.68 -5.28 -40.39
CA ARG E 23 -75.38 -6.25 -41.17
C ARG E 23 -76.20 -6.96 -40.11
N PHE E 24 -77.40 -7.51 -40.44
CA PHE E 24 -78.25 -8.13 -39.45
C PHE E 24 -78.49 -9.55 -39.86
N LYS E 25 -78.30 -10.50 -38.92
CA LYS E 25 -78.49 -11.92 -39.11
C LYS E 25 -79.78 -12.26 -38.40
N ALA E 26 -80.88 -12.42 -39.16
CA ALA E 26 -82.21 -12.54 -38.60
C ALA E 26 -82.66 -13.97 -38.61
N VAL E 27 -83.52 -14.31 -37.62
CA VAL E 27 -84.07 -15.63 -37.43
C VAL E 27 -85.56 -15.47 -37.44
N VAL E 28 -86.26 -16.17 -38.36
CA VAL E 28 -87.70 -16.18 -38.43
C VAL E 28 -88.08 -17.64 -38.49
N VAL E 29 -89.12 -18.04 -37.71
CA VAL E 29 -89.66 -19.37 -37.71
C VAL E 29 -91.02 -19.25 -38.36
N VAL E 30 -91.30 -20.15 -39.32
CA VAL E 30 -92.54 -20.22 -40.05
C VAL E 30 -93.25 -21.44 -39.53
N GLY E 31 -94.60 -21.47 -39.58
CA GLY E 31 -95.32 -22.68 -39.27
C GLY E 31 -96.76 -22.52 -39.64
N ASP E 32 -97.46 -23.67 -39.67
CA ASP E 32 -98.82 -23.80 -40.17
C ASP E 32 -99.76 -23.96 -39.00
N SER E 33 -99.29 -24.64 -37.92
CA SER E 33 -100.01 -24.98 -36.71
C SER E 33 -100.83 -26.24 -36.87
N ASN E 34 -101.03 -26.70 -38.13
CA ASN E 34 -101.64 -27.98 -38.41
C ASN E 34 -100.58 -29.05 -38.24
N GLY E 35 -99.48 -28.95 -39.01
CA GLY E 35 -98.39 -29.86 -38.81
C GLY E 35 -97.28 -29.57 -39.76
N HIS E 36 -96.80 -28.30 -39.80
CA HIS E 36 -95.64 -27.93 -40.57
C HIS E 36 -94.93 -26.84 -39.83
N VAL E 37 -93.59 -26.78 -39.99
CA VAL E 37 -92.74 -25.75 -39.43
C VAL E 37 -91.81 -25.34 -40.55
N GLY E 38 -90.89 -24.37 -40.33
CA GLY E 38 -89.99 -23.91 -41.36
C GLY E 38 -88.86 -23.14 -40.74
N LEU E 39 -87.61 -23.46 -41.18
CA LEU E 39 -86.38 -22.91 -40.65
C LEU E 39 -85.81 -21.98 -41.68
N GLY E 40 -85.54 -20.71 -41.31
CA GLY E 40 -84.97 -19.78 -42.25
C GLY E 40 -84.16 -18.71 -41.59
N ILE E 41 -82.88 -18.60 -42.02
CA ILE E 41 -81.97 -17.55 -41.61
C ILE E 41 -81.30 -17.06 -42.86
N LYS E 42 -81.18 -15.71 -43.03
CA LYS E 42 -80.33 -15.09 -44.02
C LYS E 42 -80.05 -13.70 -43.50
N THR E 43 -79.08 -12.99 -44.13
CA THR E 43 -78.61 -11.69 -43.74
C THR E 43 -79.13 -10.64 -44.68
N ALA E 44 -78.97 -9.34 -44.31
CA ALA E 44 -79.15 -8.22 -45.21
C ALA E 44 -78.53 -7.02 -44.53
N LYS E 45 -78.58 -5.84 -45.19
CA LYS E 45 -78.05 -4.59 -44.68
C LYS E 45 -78.84 -4.09 -43.51
N GLU E 46 -80.17 -3.93 -43.70
CA GLU E 46 -81.08 -3.43 -42.70
C GLU E 46 -81.84 -4.57 -42.08
N VAL E 47 -82.57 -4.26 -40.98
CA VAL E 47 -83.41 -5.18 -40.24
C VAL E 47 -84.61 -5.53 -41.09
N ALA E 48 -85.14 -4.53 -41.83
CA ALA E 48 -86.28 -4.66 -42.71
C ALA E 48 -86.01 -5.54 -43.91
N GLY E 49 -84.73 -5.69 -44.30
CA GLY E 49 -84.31 -6.57 -45.37
C GLY E 49 -84.10 -7.96 -44.85
N ALA E 50 -83.52 -8.08 -43.64
CA ALA E 50 -83.08 -9.33 -43.06
C ALA E 50 -84.24 -10.18 -42.62
N ILE E 51 -85.34 -9.54 -42.14
CA ILE E 51 -86.56 -10.20 -41.75
C ILE E 51 -87.22 -10.87 -42.94
N ARG E 52 -87.26 -10.19 -44.11
CA ARG E 52 -87.88 -10.68 -45.32
C ARG E 52 -87.08 -11.81 -45.94
N ALA E 53 -85.74 -11.78 -45.76
CA ALA E 53 -84.84 -12.79 -46.25
C ALA E 53 -84.97 -14.07 -45.47
N GLY E 54 -85.24 -13.98 -44.14
CA GLY E 54 -85.45 -15.11 -43.26
C GLY E 54 -86.83 -15.71 -43.44
N ILE E 55 -87.82 -14.88 -43.83
CA ILE E 55 -89.20 -15.26 -44.07
C ILE E 55 -89.28 -16.17 -45.28
N ILE E 56 -88.65 -15.79 -46.41
CA ILE E 56 -88.82 -16.48 -47.68
C ILE E 56 -88.10 -17.81 -47.71
N ILE E 57 -86.88 -17.90 -47.12
CA ILE E 57 -86.05 -19.08 -47.17
C ILE E 57 -86.57 -20.17 -46.25
N ALA E 58 -87.43 -19.78 -45.27
CA ALA E 58 -88.09 -20.70 -44.36
C ALA E 58 -89.20 -21.49 -45.04
N LYS E 59 -89.70 -20.98 -46.18
CA LYS E 59 -90.77 -21.60 -46.93
C LYS E 59 -90.23 -22.59 -47.93
N LEU E 60 -88.89 -22.70 -48.05
CA LEU E 60 -88.22 -23.72 -48.82
C LEU E 60 -88.01 -24.89 -47.89
N SER E 61 -87.40 -24.64 -46.71
CA SER E 61 -87.06 -25.67 -45.74
C SER E 61 -88.22 -25.94 -44.81
N VAL E 62 -89.32 -26.52 -45.37
CA VAL E 62 -90.53 -26.84 -44.64
C VAL E 62 -90.40 -28.27 -44.17
N ILE E 63 -90.71 -28.52 -42.89
CA ILE E 63 -90.60 -29.83 -42.28
C ILE E 63 -92.00 -30.28 -41.87
N PRO E 64 -92.52 -31.42 -42.32
CA PRO E 64 -93.74 -31.99 -41.77
C PRO E 64 -93.48 -32.59 -40.41
N ILE E 65 -94.50 -32.66 -39.54
CA ILE E 65 -94.38 -33.27 -38.23
C ILE E 65 -95.60 -34.14 -38.07
N ARG E 66 -95.48 -35.24 -37.28
CA ARG E 66 -96.57 -36.14 -37.01
C ARG E 66 -97.22 -35.73 -35.73
N ARG E 67 -98.20 -34.81 -35.85
CA ARG E 67 -99.01 -34.33 -34.76
C ARG E 67 -100.41 -34.26 -35.32
N GLY E 68 -101.41 -34.67 -34.51
CA GLY E 68 -102.80 -34.43 -34.82
C GLY E 68 -103.44 -35.62 -35.50
N TYR E 69 -104.77 -35.53 -35.67
CA TYR E 69 -105.58 -36.57 -36.26
C TYR E 69 -105.64 -36.35 -37.75
N TRP E 70 -105.68 -37.46 -38.51
CA TRP E 70 -105.97 -37.46 -39.92
C TRP E 70 -107.38 -37.98 -39.99
N GLY E 71 -107.60 -39.17 -39.39
CA GLY E 71 -108.90 -39.71 -39.09
C GLY E 71 -108.74 -40.23 -37.70
N THR E 72 -107.93 -41.31 -37.58
CA THR E 72 -107.43 -41.81 -36.31
C THR E 72 -106.16 -41.02 -36.04
N ASN E 73 -105.55 -41.16 -34.84
CA ASN E 73 -104.35 -40.44 -34.46
C ASN E 73 -103.15 -41.07 -35.11
N LEU E 74 -102.72 -40.47 -36.26
CA LEU E 74 -101.55 -40.87 -37.00
C LEU E 74 -100.38 -40.09 -36.46
N GLY E 75 -100.66 -38.88 -35.93
CA GLY E 75 -99.73 -38.10 -35.17
C GLY E 75 -100.31 -37.99 -33.79
N GLN E 76 -99.45 -37.68 -32.79
CA GLN E 76 -99.84 -37.67 -31.40
C GLN E 76 -100.69 -36.44 -31.13
N PRO E 77 -101.82 -36.50 -30.40
CA PRO E 77 -102.73 -35.38 -30.28
C PRO E 77 -102.16 -34.28 -29.41
N HIS E 78 -101.70 -33.18 -30.04
CA HIS E 78 -101.22 -31.96 -29.41
C HIS E 78 -99.92 -32.14 -28.68
N SER E 79 -99.14 -33.16 -29.05
CA SER E 79 -97.88 -33.46 -28.38
C SER E 79 -96.98 -34.06 -29.42
N LEU E 80 -95.73 -34.42 -29.04
CA LEU E 80 -94.75 -35.04 -29.91
C LEU E 80 -94.92 -36.54 -29.82
N ALA E 81 -94.23 -37.28 -30.71
CA ALA E 81 -94.37 -38.72 -30.83
C ALA E 81 -93.67 -39.43 -29.69
N THR E 82 -92.34 -39.59 -29.80
CA THR E 82 -91.53 -40.27 -28.80
C THR E 82 -90.63 -39.22 -28.19
N LYS E 83 -89.44 -39.62 -27.68
CA LYS E 83 -88.42 -38.69 -27.22
C LYS E 83 -87.29 -38.75 -28.23
N THR E 84 -86.59 -37.62 -28.44
CA THR E 84 -85.46 -37.55 -29.37
C THR E 84 -84.46 -36.62 -28.74
N THR E 85 -83.17 -37.00 -28.83
CA THR E 85 -82.04 -36.17 -28.47
C THR E 85 -81.32 -35.88 -29.77
N GLY E 86 -80.52 -34.78 -29.84
CA GLY E 86 -79.80 -34.46 -31.05
C GLY E 86 -78.78 -33.42 -30.74
N LYS E 87 -77.51 -33.68 -31.16
CA LYS E 87 -76.41 -32.77 -30.98
C LYS E 87 -76.26 -31.94 -32.23
N CYS E 88 -75.70 -30.72 -32.11
CA CYS E 88 -75.34 -29.88 -33.23
C CYS E 88 -74.32 -28.91 -32.70
N GLY E 89 -73.01 -29.25 -32.78
CA GLY E 89 -71.94 -28.49 -32.17
C GLY E 89 -71.84 -28.88 -30.74
N SER E 90 -71.44 -27.95 -29.83
CA SER E 90 -71.35 -28.23 -28.40
C SER E 90 -72.68 -27.97 -27.73
N VAL E 91 -73.79 -28.41 -28.37
CA VAL E 91 -75.15 -28.03 -28.02
C VAL E 91 -76.01 -29.25 -28.19
N THR E 92 -76.91 -29.55 -27.22
CA THR E 92 -77.83 -30.66 -27.30
C THR E 92 -79.21 -30.12 -26.99
N VAL E 93 -80.26 -30.60 -27.72
CA VAL E 93 -81.65 -30.32 -27.42
C VAL E 93 -82.30 -31.67 -27.22
N ARG E 94 -83.10 -31.81 -26.13
CA ARG E 94 -83.75 -33.03 -25.73
C ARG E 94 -85.22 -32.72 -25.56
N LEU E 95 -86.10 -33.72 -25.78
CA LEU E 95 -87.53 -33.52 -25.88
C LEU E 95 -88.22 -34.62 -25.13
N ILE E 96 -89.46 -34.34 -24.65
CA ILE E 96 -90.29 -35.34 -24.00
C ILE E 96 -91.75 -34.95 -24.22
N PRO E 97 -92.66 -35.86 -24.60
CA PRO E 97 -94.10 -35.57 -24.66
C PRO E 97 -94.69 -35.40 -23.28
N ALA E 98 -95.64 -34.44 -23.09
CA ALA E 98 -96.29 -34.23 -21.82
C ALA E 98 -97.73 -34.71 -21.91
N PRO E 99 -98.44 -34.92 -20.79
CA PRO E 99 -99.90 -35.08 -20.77
C PRO E 99 -100.57 -33.77 -21.07
N ARG E 100 -101.90 -33.78 -21.35
CA ARG E 100 -102.58 -32.59 -21.80
C ARG E 100 -102.89 -31.63 -20.68
N GLY E 101 -102.84 -30.32 -21.01
CA GLY E 101 -103.16 -29.24 -20.10
C GLY E 101 -101.91 -28.54 -19.65
N SER E 102 -100.74 -29.18 -19.83
CA SER E 102 -99.45 -28.72 -19.36
C SER E 102 -99.05 -27.41 -20.00
N GLY E 103 -99.15 -27.34 -21.34
CA GLY E 103 -98.79 -26.16 -22.10
C GLY E 103 -97.38 -26.32 -22.60
N ILE E 104 -96.92 -25.34 -23.40
CA ILE E 104 -95.64 -25.42 -24.08
C ILE E 104 -94.57 -24.84 -23.17
N VAL E 105 -93.82 -25.76 -22.51
CA VAL E 105 -92.72 -25.45 -21.64
C VAL E 105 -91.48 -25.67 -22.47
N ALA E 106 -90.69 -24.60 -22.72
CA ALA E 106 -89.52 -24.71 -23.53
C ALA E 106 -88.71 -23.46 -23.39
N SER E 107 -87.50 -23.47 -24.00
CA SER E 107 -86.60 -22.33 -24.07
C SER E 107 -87.12 -21.38 -25.13
N PRO E 108 -86.82 -20.08 -25.16
CA PRO E 108 -87.51 -19.14 -26.06
C PRO E 108 -87.19 -19.34 -27.53
N ALA E 109 -86.18 -20.18 -27.87
CA ALA E 109 -85.82 -20.51 -29.23
C ALA E 109 -86.71 -21.63 -29.72
N VAL E 110 -86.77 -22.73 -28.94
CA VAL E 110 -87.45 -23.96 -29.32
C VAL E 110 -88.95 -23.83 -29.13
N LYS E 111 -89.40 -22.89 -28.29
CA LYS E 111 -90.81 -22.62 -28.00
C LYS E 111 -91.59 -22.24 -29.24
N LYS E 112 -91.05 -21.32 -30.07
CA LYS E 112 -91.73 -20.86 -31.26
C LYS E 112 -91.57 -21.79 -32.44
N LEU E 113 -90.84 -22.90 -32.28
CA LEU E 113 -90.81 -24.00 -33.23
C LEU E 113 -92.04 -24.84 -32.95
N LEU E 114 -92.21 -25.22 -31.67
CA LEU E 114 -93.23 -26.13 -31.18
C LEU E 114 -94.63 -25.58 -31.32
N GLN E 115 -94.89 -24.34 -30.89
CA GLN E 115 -96.23 -23.78 -30.91
C GLN E 115 -96.74 -23.53 -32.32
N LEU E 116 -95.83 -23.25 -33.29
CA LEU E 116 -96.18 -23.03 -34.68
C LEU E 116 -96.23 -24.33 -35.44
N ALA E 117 -95.79 -25.45 -34.81
CA ALA E 117 -95.99 -26.79 -35.32
C ALA E 117 -97.37 -27.27 -34.91
N GLY E 118 -97.91 -26.67 -33.82
CA GLY E 118 -99.22 -26.95 -33.27
C GLY E 118 -99.08 -27.74 -32.00
N VAL E 119 -97.82 -28.03 -31.60
CA VAL E 119 -97.49 -28.86 -30.47
C VAL E 119 -97.68 -28.03 -29.23
N GLU E 120 -98.67 -28.44 -28.41
CA GLU E 120 -99.13 -27.70 -27.27
C GLU E 120 -98.38 -28.21 -26.07
N ASP E 121 -98.69 -29.44 -25.63
CA ASP E 121 -98.29 -29.94 -24.34
C ASP E 121 -97.00 -30.71 -24.43
N VAL E 122 -95.87 -30.08 -24.06
CA VAL E 122 -94.56 -30.71 -24.06
C VAL E 122 -93.73 -30.07 -22.97
N TYR E 123 -92.65 -30.79 -22.56
CA TYR E 123 -91.54 -30.22 -21.82
C TYR E 123 -90.37 -30.33 -22.76
N THR E 124 -89.44 -29.36 -22.72
CA THR E 124 -88.34 -29.27 -23.66
C THR E 124 -87.17 -28.78 -22.87
N GLN E 125 -85.98 -29.34 -23.20
CA GLN E 125 -84.78 -29.21 -22.42
C GLN E 125 -83.66 -28.92 -23.39
N SER E 126 -82.69 -28.08 -22.99
CA SER E 126 -81.44 -27.89 -23.70
C SER E 126 -80.37 -28.21 -22.69
N ASN E 127 -79.13 -28.46 -23.15
CA ASN E 127 -78.02 -28.73 -22.27
C ASN E 127 -76.80 -28.18 -22.95
N GLY E 128 -75.88 -27.60 -22.15
CA GLY E 128 -74.59 -27.13 -22.60
C GLY E 128 -74.70 -25.70 -23.05
N LYS E 129 -74.07 -25.38 -24.20
CA LYS E 129 -74.11 -24.06 -24.79
C LYS E 129 -75.40 -23.97 -25.57
N THR E 130 -75.97 -22.75 -25.77
CA THR E 130 -77.34 -22.64 -26.24
C THR E 130 -77.46 -21.79 -27.49
N ARG E 131 -76.33 -21.30 -28.04
CA ARG E 131 -76.18 -20.36 -29.15
C ARG E 131 -77.37 -20.29 -30.10
N THR E 132 -78.23 -19.26 -29.89
CA THR E 132 -79.64 -19.28 -30.24
C THR E 132 -79.92 -19.15 -31.71
N LEU E 133 -79.01 -18.49 -32.45
CA LEU E 133 -79.13 -18.23 -33.87
C LEU E 133 -78.99 -19.52 -34.63
N GLU E 134 -77.86 -20.23 -34.40
CA GLU E 134 -77.46 -21.37 -35.19
C GLU E 134 -77.86 -22.65 -34.49
N ASN E 135 -77.13 -23.01 -33.41
CA ASN E 135 -76.99 -24.36 -32.91
C ASN E 135 -78.25 -24.98 -32.34
N THR E 136 -78.92 -24.34 -31.36
CA THR E 136 -80.11 -24.92 -30.72
C THR E 136 -81.27 -25.04 -31.67
N LEU E 137 -81.38 -24.11 -32.63
CA LEU E 137 -82.48 -24.10 -33.56
C LEU E 137 -82.29 -25.18 -34.60
N LYS E 138 -81.05 -25.37 -35.11
CA LYS E 138 -80.69 -26.47 -36.00
C LYS E 138 -80.92 -27.81 -35.33
N ALA E 139 -80.49 -27.95 -34.05
CA ALA E 139 -80.61 -29.16 -33.26
C ALA E 139 -82.05 -29.54 -32.99
N ALA E 140 -82.93 -28.52 -32.80
CA ALA E 140 -84.33 -28.71 -32.54
C ALA E 140 -85.08 -29.07 -33.80
N PHE E 141 -84.65 -28.57 -34.98
CA PHE E 141 -85.27 -28.84 -36.26
C PHE E 141 -84.94 -30.24 -36.74
N VAL E 142 -83.77 -30.80 -36.37
CA VAL E 142 -83.41 -32.16 -36.74
C VAL E 142 -83.96 -33.15 -35.73
N ALA E 143 -84.52 -32.67 -34.60
CA ALA E 143 -85.09 -33.50 -33.56
C ALA E 143 -86.58 -33.61 -33.72
N ILE E 144 -87.23 -32.51 -34.17
CA ILE E 144 -88.67 -32.39 -34.31
C ILE E 144 -88.98 -32.50 -35.77
N GLY E 145 -89.83 -33.48 -36.17
CA GLY E 145 -90.25 -33.57 -37.55
C GLY E 145 -90.87 -34.91 -37.79
N ASN E 146 -90.65 -35.42 -39.03
CA ASN E 146 -91.04 -36.74 -39.44
C ASN E 146 -89.98 -37.20 -40.41
N THR E 147 -89.54 -36.27 -41.29
CA THR E 147 -88.44 -36.49 -42.21
C THR E 147 -87.13 -36.48 -41.45
N TYR E 148 -87.02 -35.62 -40.42
CA TYR E 148 -85.91 -35.61 -39.50
C TYR E 148 -86.47 -35.92 -38.15
N GLY E 149 -85.69 -36.63 -37.30
CA GLY E 149 -85.95 -36.73 -35.89
C GLY E 149 -86.93 -37.82 -35.54
N PHE E 150 -88.21 -37.45 -35.36
CA PHE E 150 -89.23 -38.36 -34.90
C PHE E 150 -89.70 -39.25 -36.01
N LEU E 151 -90.15 -40.45 -35.60
CA LEU E 151 -90.95 -41.34 -36.40
C LEU E 151 -92.14 -41.55 -35.48
N THR E 152 -93.29 -42.01 -36.02
CA THR E 152 -94.54 -42.09 -35.27
C THR E 152 -94.59 -43.42 -34.53
N PRO E 153 -95.44 -44.40 -34.83
CA PRO E 153 -94.83 -45.72 -35.04
C PRO E 153 -95.61 -46.45 -36.10
N ASN E 154 -96.59 -45.78 -36.76
CA ASN E 154 -97.41 -46.37 -37.81
C ASN E 154 -96.60 -46.53 -39.06
N LEU E 155 -95.86 -45.46 -39.45
CA LEU E 155 -95.02 -45.37 -40.63
C LEU E 155 -93.89 -46.40 -40.60
N TRP E 156 -93.52 -46.86 -39.38
CA TRP E 156 -92.52 -47.86 -39.15
C TRP E 156 -92.93 -49.22 -39.71
N ALA E 157 -94.26 -49.52 -39.66
CA ALA E 157 -94.85 -50.74 -40.14
C ALA E 157 -95.27 -50.62 -41.60
N GLU E 158 -95.63 -49.40 -42.06
CA GLU E 158 -96.08 -49.12 -43.41
C GLU E 158 -94.97 -49.30 -44.43
N GLN E 159 -93.71 -49.05 -44.02
CA GLN E 159 -92.56 -49.07 -44.90
C GLN E 159 -92.12 -50.48 -45.27
N PRO E 160 -92.00 -51.50 -44.40
CA PRO E 160 -91.85 -52.90 -44.82
C PRO E 160 -93.11 -53.44 -45.45
N LEU E 161 -93.05 -54.71 -45.92
CA LEU E 161 -94.21 -55.41 -46.42
C LEU E 161 -94.82 -56.18 -45.27
N PRO E 162 -96.12 -56.18 -45.05
CA PRO E 162 -96.77 -57.10 -44.13
C PRO E 162 -96.88 -58.47 -44.78
N ILE F 1 -25.64 15.52 -103.31
CA ILE F 1 -26.05 16.63 -104.20
C ILE F 1 -25.16 17.84 -104.02
N LYS F 2 -25.48 18.97 -104.68
CA LYS F 2 -24.67 20.18 -104.67
C LYS F 2 -24.76 20.87 -103.34
N LEU F 3 -23.59 21.02 -102.69
CA LEU F 3 -23.38 21.65 -101.41
C LEU F 3 -22.80 23.00 -101.71
N PHE F 4 -23.56 24.08 -101.32
CA PHE F 4 -23.28 25.48 -101.62
C PHE F 4 -23.00 25.73 -103.08
N ASN F 5 -23.87 25.14 -103.95
CA ASN F 5 -23.94 25.29 -105.39
C ASN F 5 -22.63 25.20 -106.14
N LYS F 6 -21.72 24.28 -105.72
CA LYS F 6 -20.46 24.08 -106.41
C LYS F 6 -20.07 22.64 -106.24
N TRP F 7 -19.61 22.27 -105.02
CA TRP F 7 -19.05 20.96 -104.76
C TRP F 7 -20.16 19.97 -104.57
N SER F 8 -19.99 18.73 -105.08
CA SER F 8 -21.01 17.71 -105.03
C SER F 8 -20.34 16.45 -104.51
N PHE F 9 -20.95 15.28 -104.78
CA PHE F 9 -20.46 13.99 -104.33
C PHE F 9 -20.07 13.17 -105.54
N GLU F 10 -20.31 13.70 -106.77
CA GLU F 10 -20.01 13.02 -108.00
C GLU F 10 -18.54 13.16 -108.34
N GLU F 11 -17.85 14.15 -107.72
CA GLU F 11 -16.42 14.34 -107.82
C GLU F 11 -15.73 13.77 -106.60
N VAL F 12 -16.46 12.96 -105.77
CA VAL F 12 -15.97 12.44 -104.52
C VAL F 12 -15.93 10.94 -104.62
N GLU F 13 -14.78 10.34 -104.25
CA GLU F 13 -14.58 8.91 -104.11
C GLU F 13 -14.92 8.53 -102.68
N VAL F 14 -15.58 7.36 -102.52
CA VAL F 14 -16.01 6.85 -101.24
C VAL F 14 -15.13 5.69 -100.87
N LYS F 15 -14.81 5.56 -99.57
CA LYS F 15 -13.86 4.59 -99.05
C LYS F 15 -14.60 3.40 -98.50
N ASP F 16 -15.33 3.57 -97.37
CA ASP F 16 -15.98 2.47 -96.68
C ASP F 16 -17.26 2.13 -97.42
N ALA F 17 -17.43 0.81 -97.71
CA ALA F 17 -18.43 0.29 -98.60
C ALA F 17 -19.81 0.27 -98.00
N SER F 18 -19.92 -0.03 -96.68
CA SER F 18 -21.20 -0.19 -96.02
C SER F 18 -21.83 1.15 -95.72
N LEU F 19 -21.02 2.24 -95.74
CA LEU F 19 -21.50 3.60 -95.56
C LEU F 19 -22.14 4.11 -96.84
N VAL F 20 -21.97 3.41 -97.98
CA VAL F 20 -22.59 3.78 -99.24
C VAL F 20 -24.06 3.40 -99.18
N ASP F 21 -24.36 2.20 -98.64
CA ASP F 21 -25.69 1.62 -98.55
C ASP F 21 -26.57 2.40 -97.62
N TYR F 22 -26.07 2.64 -96.38
CA TYR F 22 -26.83 3.28 -95.32
C TYR F 22 -26.91 4.77 -95.55
N VAL F 23 -25.77 5.51 -95.42
CA VAL F 23 -25.80 6.96 -95.41
C VAL F 23 -25.69 7.47 -96.84
N GLN F 24 -26.81 8.07 -97.33
CA GLN F 24 -26.94 8.51 -98.69
C GLN F 24 -26.78 10.01 -98.75
N VAL F 25 -26.16 10.51 -99.84
CA VAL F 25 -25.85 11.90 -100.02
C VAL F 25 -27.02 12.67 -100.60
N ARG F 26 -28.22 12.03 -100.62
CA ARG F 26 -29.48 12.67 -100.94
C ARG F 26 -29.86 13.53 -99.78
N GLN F 27 -30.20 12.91 -98.63
CA GLN F 27 -30.40 13.63 -97.41
C GLN F 27 -30.20 12.72 -96.20
N PRO F 28 -30.84 11.56 -95.97
CA PRO F 28 -30.48 10.67 -94.89
C PRO F 28 -29.31 9.78 -95.28
N ILE F 29 -28.08 9.91 -94.75
CA ILE F 29 -27.56 10.90 -93.82
C ILE F 29 -26.52 11.62 -94.66
N PHE F 30 -26.56 12.98 -94.67
CA PHE F 30 -26.00 13.80 -95.73
C PHE F 30 -24.49 13.77 -95.77
N VAL F 31 -23.93 13.13 -96.82
CA VAL F 31 -22.50 12.89 -96.97
C VAL F 31 -21.84 14.06 -97.68
N ALA F 32 -21.79 15.23 -97.02
CA ALA F 32 -21.02 16.36 -97.45
C ALA F 32 -20.39 16.85 -96.18
N HIS F 33 -19.08 17.13 -96.21
CA HIS F 33 -18.28 17.26 -95.01
C HIS F 33 -17.51 18.55 -95.09
N THR F 34 -17.64 19.44 -94.07
CA THR F 34 -16.88 20.68 -94.00
C THR F 34 -17.15 21.37 -92.67
N ALA F 35 -16.10 21.77 -91.92
CA ALA F 35 -16.21 22.70 -90.81
C ALA F 35 -14.82 23.10 -90.38
N GLY F 36 -14.66 24.35 -89.89
CA GLY F 36 -13.43 24.84 -89.32
C GLY F 36 -13.22 26.29 -89.63
N ARG F 37 -14.08 27.19 -89.08
CA ARG F 37 -13.88 28.62 -89.18
C ARG F 37 -14.50 29.26 -87.97
N TYR F 38 -13.81 30.27 -87.39
CA TYR F 38 -14.40 31.25 -86.51
C TYR F 38 -13.71 32.53 -86.94
N ALA F 39 -14.45 33.66 -86.88
CA ALA F 39 -14.01 34.99 -87.26
C ALA F 39 -13.56 35.03 -88.71
N ASN F 40 -12.52 35.85 -89.02
CA ASN F 40 -11.91 35.90 -90.32
C ASN F 40 -10.46 35.52 -90.18
N LYS F 41 -10.16 34.25 -90.54
CA LYS F 41 -8.79 33.82 -90.71
C LYS F 41 -8.84 32.68 -91.68
N ARG F 42 -8.04 32.77 -92.77
CA ARG F 42 -7.90 31.70 -93.73
C ARG F 42 -6.64 30.97 -93.35
N PHE F 43 -6.81 29.80 -92.71
CA PHE F 43 -5.73 29.02 -92.17
C PHE F 43 -5.24 28.07 -93.25
N ARG F 44 -5.52 26.77 -93.10
CA ARG F 44 -5.13 25.75 -94.03
C ARG F 44 -6.00 24.58 -93.68
N LYS F 45 -6.41 23.78 -94.69
CA LYS F 45 -7.29 22.65 -94.56
C LYS F 45 -8.72 23.10 -94.28
N ALA F 46 -9.61 22.15 -93.91
CA ALA F 46 -10.99 22.41 -93.61
C ALA F 46 -11.45 21.18 -92.85
N GLN F 47 -12.56 20.53 -93.30
CA GLN F 47 -12.91 19.17 -92.98
C GLN F 47 -13.56 18.98 -91.62
N CYS F 48 -14.75 18.32 -91.60
CA CYS F 48 -15.31 17.70 -90.42
C CYS F 48 -16.47 16.88 -90.98
N PRO F 49 -16.72 15.61 -90.64
CA PRO F 49 -17.59 14.78 -91.45
C PRO F 49 -19.06 15.07 -91.23
N ILE F 50 -19.90 14.57 -92.18
CA ILE F 50 -21.35 14.62 -92.27
C ILE F 50 -22.04 15.85 -91.71
N ILE F 51 -22.51 16.74 -92.63
CA ILE F 51 -23.08 18.05 -92.37
C ILE F 51 -24.37 18.00 -91.60
N GLU F 52 -25.13 16.89 -91.70
CA GLU F 52 -26.33 16.68 -90.92
C GLU F 52 -26.00 16.55 -89.46
N ARG F 53 -24.87 15.89 -89.15
CA ARG F 53 -24.41 15.65 -87.80
C ARG F 53 -23.42 16.73 -87.36
N LEU F 54 -23.20 17.78 -88.18
CA LEU F 54 -22.50 18.99 -87.76
C LEU F 54 -23.48 20.00 -87.23
N THR F 55 -24.79 19.71 -87.39
CA THR F 55 -25.87 20.37 -86.69
C THR F 55 -25.96 19.75 -85.31
N ASN F 56 -25.47 18.50 -85.18
CA ASN F 56 -25.66 17.70 -84.00
C ASN F 56 -24.53 17.94 -83.03
N SER F 57 -23.53 17.03 -82.94
CA SER F 57 -22.51 17.06 -81.90
C SER F 57 -21.67 18.31 -81.89
N LEU F 58 -21.30 18.81 -83.10
CA LEU F 58 -20.43 19.94 -83.33
C LEU F 58 -20.96 21.22 -82.76
N MET F 59 -22.30 21.41 -82.78
CA MET F 59 -23.00 22.57 -82.31
C MET F 59 -22.79 22.84 -80.84
N MET F 60 -23.19 21.88 -79.97
CA MET F 60 -23.29 22.07 -78.54
C MET F 60 -21.95 22.12 -77.87
N ASN F 61 -21.00 21.28 -78.33
CA ASN F 61 -19.66 21.24 -77.83
C ASN F 61 -18.92 22.48 -78.28
N GLY F 62 -18.89 22.74 -79.60
CA GLY F 62 -18.39 23.98 -80.15
C GLY F 62 -16.90 23.90 -80.38
N ARG F 63 -16.05 24.70 -79.69
CA ARG F 63 -16.35 25.60 -78.61
C ARG F 63 -16.88 26.91 -79.15
N ASN F 64 -18.13 27.26 -78.75
CA ASN F 64 -18.82 28.48 -79.11
C ASN F 64 -19.98 28.55 -78.17
N ASN F 65 -20.41 29.79 -77.81
CA ASN F 65 -21.72 30.04 -77.25
C ASN F 65 -22.56 30.45 -78.45
N GLY F 66 -23.88 30.17 -78.41
CA GLY F 66 -24.74 30.30 -79.56
C GLY F 66 -24.80 28.97 -80.26
N LYS F 67 -25.93 28.67 -80.93
CA LYS F 67 -26.21 27.33 -81.42
C LYS F 67 -25.95 27.27 -82.92
N LYS F 68 -26.99 27.22 -83.77
CA LYS F 68 -26.83 26.93 -85.19
C LYS F 68 -26.35 28.10 -85.98
N LEU F 69 -26.64 29.34 -85.51
CA LEU F 69 -26.30 30.56 -86.17
C LEU F 69 -24.80 30.73 -86.28
N LYS F 70 -24.05 30.29 -85.23
CA LYS F 70 -22.61 30.17 -85.24
C LYS F 70 -22.19 29.12 -86.26
N ALA F 71 -22.73 27.90 -86.09
CA ALA F 71 -22.37 26.67 -86.77
C ALA F 71 -22.40 26.75 -88.29
N VAL F 72 -23.36 27.49 -88.89
CA VAL F 72 -23.50 27.58 -90.33
C VAL F 72 -22.40 28.39 -90.98
N ARG F 73 -21.70 29.27 -90.22
CA ARG F 73 -20.59 30.06 -90.73
C ARG F 73 -19.33 29.24 -90.66
N ILE F 74 -19.21 28.36 -89.63
CA ILE F 74 -18.12 27.40 -89.42
C ILE F 74 -18.03 26.46 -90.60
N ILE F 75 -19.20 25.93 -91.01
CA ILE F 75 -19.43 25.02 -92.12
C ILE F 75 -19.10 25.68 -93.44
N LYS F 76 -19.69 26.88 -93.71
CA LYS F 76 -19.64 27.53 -95.01
C LYS F 76 -18.26 28.08 -95.35
N HIS F 77 -17.68 28.95 -94.49
CA HIS F 77 -16.58 29.81 -94.86
C HIS F 77 -15.25 29.10 -94.99
N THR F 78 -15.14 27.85 -94.50
CA THR F 78 -13.89 27.09 -94.53
C THR F 78 -13.73 26.32 -95.83
N LEU F 79 -14.81 26.20 -96.65
CA LEU F 79 -14.83 25.47 -97.91
C LEU F 79 -13.79 25.95 -98.90
N ASP F 80 -13.58 27.29 -98.93
CA ASP F 80 -12.70 27.95 -99.86
C ASP F 80 -11.24 27.79 -99.49
N ILE F 81 -10.95 27.52 -98.19
CA ILE F 81 -9.59 27.45 -97.66
C ILE F 81 -8.86 26.24 -98.21
N ILE F 82 -9.46 25.03 -98.08
CA ILE F 82 -8.87 23.79 -98.53
C ILE F 82 -8.85 23.69 -100.06
N ASN F 83 -9.76 24.42 -100.73
CA ASN F 83 -9.92 24.44 -102.17
C ASN F 83 -8.70 25.03 -102.87
N VAL F 84 -7.94 25.94 -102.21
CA VAL F 84 -6.80 26.59 -102.80
C VAL F 84 -5.51 26.15 -102.14
N LEU F 85 -5.59 25.28 -101.11
CA LEU F 85 -4.44 24.93 -100.29
C LEU F 85 -3.91 23.60 -100.73
N THR F 86 -4.74 22.53 -100.69
CA THR F 86 -4.37 21.21 -101.13
C THR F 86 -4.98 20.95 -102.50
N ASP F 87 -5.89 21.83 -102.94
CA ASP F 87 -6.57 21.80 -104.22
C ASP F 87 -7.46 20.57 -104.35
N GLN F 88 -8.23 20.28 -103.28
CA GLN F 88 -9.07 19.11 -103.20
C GLN F 88 -10.50 19.57 -103.05
N ASN F 89 -11.43 18.59 -103.15
CA ASN F 89 -12.83 18.75 -102.84
C ASN F 89 -12.90 18.69 -101.32
N PRO F 90 -13.59 19.58 -100.59
CA PRO F 90 -13.56 19.60 -99.13
C PRO F 90 -14.22 18.40 -98.49
N ILE F 91 -14.96 17.61 -99.29
CA ILE F 91 -15.72 16.46 -98.87
C ILE F 91 -14.82 15.25 -98.95
N GLN F 92 -14.08 15.09 -100.08
CA GLN F 92 -13.31 13.92 -100.44
C GLN F 92 -12.26 13.50 -99.42
N VAL F 93 -11.55 14.48 -98.82
CA VAL F 93 -10.43 14.24 -97.93
C VAL F 93 -10.87 13.63 -96.62
N VAL F 94 -12.10 13.98 -96.17
CA VAL F 94 -12.63 13.61 -94.88
C VAL F 94 -13.64 12.49 -95.03
N VAL F 95 -13.90 12.01 -96.27
CA VAL F 95 -14.58 10.75 -96.52
C VAL F 95 -13.58 9.61 -96.26
N ASP F 96 -12.27 9.93 -96.26
CA ASP F 96 -11.22 9.05 -95.79
C ASP F 96 -11.21 9.02 -94.27
N ALA F 97 -11.33 10.21 -93.63
CA ALA F 97 -11.20 10.36 -92.20
C ALA F 97 -12.36 9.81 -91.40
N ILE F 98 -13.59 9.78 -91.97
CA ILE F 98 -14.81 9.39 -91.25
C ILE F 98 -14.78 7.94 -90.81
N THR F 99 -14.17 7.03 -91.62
CA THR F 99 -14.10 5.62 -91.32
C THR F 99 -12.98 5.34 -90.34
N ASN F 100 -11.94 6.21 -90.30
CA ASN F 100 -10.82 6.08 -89.40
C ASN F 100 -11.22 6.50 -88.00
N THR F 101 -12.15 7.47 -87.87
CA THR F 101 -12.58 8.00 -86.60
C THR F 101 -13.80 7.27 -86.07
N GLY F 102 -14.47 6.45 -86.92
CA GLY F 102 -15.65 5.71 -86.54
C GLY F 102 -15.27 4.27 -86.24
N PRO F 103 -15.54 3.70 -85.06
CA PRO F 103 -15.17 2.32 -84.74
C PRO F 103 -16.08 1.34 -85.43
N ARG F 104 -15.65 0.06 -85.53
CA ARG F 104 -16.44 -1.02 -86.11
C ARG F 104 -17.16 -1.71 -84.98
N GLU F 105 -16.46 -1.90 -83.84
CA GLU F 105 -17.02 -2.52 -82.66
C GLU F 105 -16.67 -1.56 -81.56
N ASP F 106 -17.60 -1.34 -80.60
CA ASP F 106 -17.46 -0.35 -79.56
C ASP F 106 -17.67 -1.07 -78.25
N THR F 107 -17.64 -0.34 -77.12
CA THR F 107 -17.95 -0.91 -75.82
C THR F 107 -19.00 -0.07 -75.17
N THR F 108 -20.00 -0.75 -74.58
CA THR F 108 -20.97 -0.18 -73.68
C THR F 108 -20.33 -0.21 -72.31
N ARG F 109 -20.81 0.64 -71.38
CA ARG F 109 -20.49 0.52 -69.97
C ARG F 109 -21.81 0.26 -69.32
N VAL F 110 -21.80 -0.53 -68.23
CA VAL F 110 -22.92 -0.62 -67.33
C VAL F 110 -22.28 -0.55 -65.97
N GLY F 111 -22.88 0.27 -65.08
CA GLY F 111 -22.32 0.62 -63.79
C GLY F 111 -22.96 -0.19 -62.72
N GLY F 112 -22.24 -1.21 -62.20
CA GLY F 112 -22.67 -2.00 -61.07
C GLY F 112 -21.94 -1.51 -59.88
N GLY F 113 -22.41 -0.38 -59.31
CA GLY F 113 -21.75 0.32 -58.24
C GLY F 113 -20.54 1.02 -58.78
N GLY F 114 -19.38 0.86 -58.08
CA GLY F 114 -18.13 1.44 -58.49
C GLY F 114 -17.33 0.46 -59.32
N ALA F 115 -18.00 -0.22 -60.27
CA ALA F 115 -17.37 -1.15 -61.17
C ALA F 115 -17.77 -0.77 -62.57
N ALA F 116 -16.76 -0.57 -63.44
CA ALA F 116 -16.97 -0.25 -64.84
C ALA F 116 -16.83 -1.53 -65.61
N ARG F 117 -17.99 -2.09 -66.08
CA ARG F 117 -18.00 -3.30 -66.87
C ARG F 117 -18.11 -2.88 -68.31
N ARG F 118 -16.96 -2.90 -69.05
CA ARG F 118 -16.94 -2.58 -70.46
C ARG F 118 -17.02 -3.87 -71.22
N GLN F 119 -18.18 -4.10 -71.90
CA GLN F 119 -18.47 -5.28 -72.68
C GLN F 119 -18.66 -4.81 -74.10
N ALA F 120 -18.43 -5.69 -75.10
CA ALA F 120 -18.48 -5.33 -76.50
C ALA F 120 -19.88 -5.30 -77.04
N VAL F 121 -20.14 -4.33 -77.94
CA VAL F 121 -21.36 -4.21 -78.72
C VAL F 121 -20.89 -3.87 -80.11
N ASP F 122 -21.65 -4.30 -81.17
CA ASP F 122 -21.28 -4.04 -82.54
C ASP F 122 -21.89 -2.71 -82.95
N VAL F 123 -21.29 -2.06 -83.98
CA VAL F 123 -21.67 -0.75 -84.43
C VAL F 123 -22.36 -0.92 -85.77
N SER F 124 -21.65 -0.64 -86.90
CA SER F 124 -22.09 -0.81 -88.29
C SER F 124 -22.78 0.46 -88.82
N PRO F 125 -22.17 1.22 -89.74
CA PRO F 125 -22.73 2.46 -90.25
C PRO F 125 -23.23 3.60 -89.40
N LEU F 126 -24.50 3.62 -88.92
CA LEU F 126 -25.18 4.84 -88.51
C LEU F 126 -24.58 5.54 -87.30
N ARG F 127 -24.28 4.80 -86.21
CA ARG F 127 -23.71 5.35 -85.00
C ARG F 127 -22.30 5.83 -85.23
N ARG F 128 -21.54 5.15 -86.14
CA ARG F 128 -20.16 5.47 -86.50
C ARG F 128 -19.99 6.91 -86.95
N VAL F 129 -21.05 7.49 -87.53
CA VAL F 129 -21.09 8.86 -88.00
C VAL F 129 -21.07 9.81 -86.82
N ASN F 130 -22.09 9.75 -85.93
CA ASN F 130 -22.31 10.79 -84.95
C ASN F 130 -21.37 10.68 -83.78
N GLN F 131 -20.97 9.44 -83.40
CA GLN F 131 -20.03 9.21 -82.31
C GLN F 131 -18.63 9.61 -82.72
N ALA F 132 -18.33 9.59 -84.06
CA ALA F 132 -17.07 10.03 -84.58
C ALA F 132 -16.98 11.54 -84.53
N ILE F 133 -18.09 12.25 -84.85
CA ILE F 133 -18.15 13.71 -84.86
C ILE F 133 -18.15 14.21 -83.43
N ALA F 134 -18.68 13.41 -82.48
CA ALA F 134 -18.59 13.64 -81.06
C ALA F 134 -17.15 13.57 -80.58
N LEU F 135 -16.39 12.58 -81.09
CA LEU F 135 -14.97 12.41 -80.83
C LEU F 135 -14.14 13.56 -81.39
N LEU F 136 -14.49 14.09 -82.60
CA LEU F 136 -13.81 15.22 -83.20
C LEU F 136 -14.01 16.46 -82.35
N THR F 137 -15.27 16.78 -81.99
CA THR F 137 -15.62 18.04 -81.38
C THR F 137 -15.22 18.13 -79.92
N ILE F 138 -15.21 17.00 -79.16
CA ILE F 138 -14.83 17.00 -77.75
C ILE F 138 -13.34 17.23 -77.62
N GLY F 139 -12.54 16.73 -78.59
CA GLY F 139 -11.12 16.94 -78.63
C GLY F 139 -10.77 18.31 -79.13
N ALA F 140 -11.68 18.92 -79.94
CA ALA F 140 -11.47 20.20 -80.56
C ALA F 140 -11.79 21.33 -79.63
N ARG F 141 -12.88 21.22 -78.84
CA ARG F 141 -13.34 22.26 -77.93
C ARG F 141 -12.40 22.41 -76.75
N GLU F 142 -11.79 21.29 -76.30
CA GLU F 142 -10.85 21.28 -75.21
C GLU F 142 -9.48 21.73 -75.65
N ALA F 143 -9.11 21.52 -76.93
CA ALA F 143 -7.83 21.93 -77.47
C ALA F 143 -7.83 23.40 -77.84
N ALA F 144 -9.02 24.00 -78.02
CA ALA F 144 -9.19 25.41 -78.26
C ALA F 144 -9.08 26.19 -76.97
N PHE F 145 -9.56 25.57 -75.86
CA PHE F 145 -9.60 26.16 -74.54
C PHE F 145 -8.23 26.11 -73.89
N ARG F 146 -7.59 24.93 -73.89
CA ARG F 146 -6.46 24.63 -73.04
C ARG F 146 -5.13 25.09 -73.62
N ASN F 147 -5.11 25.54 -74.88
CA ASN F 147 -3.93 26.18 -75.44
C ASN F 147 -4.43 27.19 -76.43
N ILE F 148 -3.56 28.16 -76.82
CA ILE F 148 -3.90 29.30 -77.63
C ILE F 148 -4.14 28.85 -79.05
N LYS F 149 -5.43 28.71 -79.42
CA LYS F 149 -5.82 28.23 -80.73
C LYS F 149 -7.30 28.44 -80.80
N THR F 150 -7.81 28.93 -81.95
CA THR F 150 -9.25 29.11 -82.12
C THR F 150 -9.81 27.83 -82.66
N ILE F 151 -11.16 27.68 -82.61
CA ILE F 151 -11.86 26.50 -83.07
C ILE F 151 -11.75 26.34 -84.58
N ALA F 152 -11.42 27.45 -85.29
CA ALA F 152 -11.11 27.50 -86.70
C ALA F 152 -9.95 26.61 -87.06
N GLU F 153 -8.83 26.77 -86.34
CA GLU F 153 -7.55 26.17 -86.63
C GLU F 153 -7.48 24.78 -86.08
N THR F 154 -8.20 24.51 -84.95
CA THR F 154 -8.21 23.23 -84.27
C THR F 154 -8.88 22.17 -85.11
N LEU F 155 -10.13 22.43 -85.56
CA LEU F 155 -10.90 21.53 -86.40
C LEU F 155 -10.22 21.31 -87.73
N ALA F 156 -9.57 22.36 -88.27
CA ALA F 156 -8.92 22.31 -89.56
C ALA F 156 -7.74 21.35 -89.58
N GLU F 157 -6.80 21.50 -88.62
CA GLU F 157 -5.54 20.77 -88.60
C GLU F 157 -5.70 19.30 -88.31
N GLU F 158 -6.65 18.98 -87.40
CA GLU F 158 -6.93 17.67 -86.85
C GLU F 158 -7.15 16.58 -87.89
N LEU F 159 -7.97 16.82 -88.93
CA LEU F 159 -8.52 15.73 -89.72
C LEU F 159 -7.64 15.16 -90.80
N ILE F 160 -6.47 15.76 -91.14
CA ILE F 160 -5.52 15.10 -92.03
C ILE F 160 -4.65 14.17 -91.21
N ASN F 161 -4.45 14.48 -89.90
CA ASN F 161 -3.80 13.59 -88.96
C ASN F 161 -4.69 12.41 -88.65
N ALA F 162 -6.04 12.61 -88.69
CA ALA F 162 -7.01 11.56 -88.49
C ALA F 162 -7.16 10.69 -89.72
N ALA F 163 -7.05 11.28 -90.93
CA ALA F 163 -7.22 10.61 -92.19
C ALA F 163 -6.09 9.67 -92.48
N LYS F 164 -4.83 10.16 -92.40
CA LYS F 164 -3.66 9.37 -92.73
C LYS F 164 -3.35 8.40 -91.61
N GLY F 165 -3.34 8.91 -90.36
CA GLY F 165 -3.10 8.11 -89.19
C GLY F 165 -1.92 8.68 -88.47
N SER F 166 -2.16 9.24 -87.26
CA SER F 166 -1.13 9.84 -86.46
C SER F 166 -1.63 9.82 -85.04
N SER F 167 -0.70 9.83 -84.07
CA SER F 167 -0.98 9.83 -82.65
C SER F 167 -1.15 11.24 -82.12
N THR F 168 -1.01 12.25 -83.02
CA THR F 168 -1.27 13.66 -82.76
C THR F 168 -2.77 13.86 -82.68
N SER F 169 -3.52 13.14 -83.54
CA SER F 169 -4.95 13.19 -83.63
C SER F 169 -5.58 12.58 -82.41
N TYR F 170 -6.76 13.11 -82.02
CA TYR F 170 -7.54 12.70 -80.88
C TYR F 170 -8.51 11.63 -81.33
N ALA F 171 -9.18 11.86 -82.48
CA ALA F 171 -10.34 11.10 -82.88
C ALA F 171 -10.02 9.71 -83.37
N ILE F 172 -8.88 9.50 -84.06
CA ILE F 172 -8.45 8.17 -84.49
C ILE F 172 -7.88 7.40 -83.32
N LYS F 173 -7.36 8.12 -82.32
CA LYS F 173 -6.66 7.59 -81.17
C LYS F 173 -7.64 7.08 -80.15
N LYS F 174 -8.81 7.75 -80.01
CA LYS F 174 -9.88 7.33 -79.13
C LYS F 174 -10.74 6.29 -79.82
N LYS F 175 -10.77 6.27 -81.17
CA LYS F 175 -11.39 5.21 -81.95
C LYS F 175 -10.66 3.91 -81.70
N ASP F 176 -9.31 3.95 -81.69
CA ASP F 176 -8.45 2.82 -81.39
C ASP F 176 -8.77 2.29 -80.01
N GLU F 177 -8.78 3.17 -78.99
CA GLU F 177 -9.03 2.88 -77.59
C GLU F 177 -10.29 2.08 -77.35
N LEU F 178 -11.42 2.52 -77.95
CA LEU F 178 -12.74 1.95 -77.77
C LEU F 178 -12.90 0.66 -78.57
N GLU F 179 -12.22 0.56 -79.73
CA GLU F 179 -12.34 -0.58 -80.62
C GLU F 179 -11.56 -1.77 -80.10
N ARG F 180 -10.32 -1.56 -79.62
CA ARG F 180 -9.44 -2.62 -79.19
C ARG F 180 -9.82 -3.21 -77.85
N VAL F 181 -10.55 -2.45 -77.00
CA VAL F 181 -11.02 -2.94 -75.71
C VAL F 181 -12.26 -3.79 -75.90
N ALA F 182 -13.00 -3.59 -77.02
CA ALA F 182 -14.14 -4.39 -77.41
C ALA F 182 -13.70 -5.76 -77.85
N LYS F 183 -12.69 -5.83 -78.73
CA LYS F 183 -12.17 -7.06 -79.28
C LYS F 183 -11.37 -7.84 -78.26
N SER F 184 -10.99 -7.20 -77.14
CA SER F 184 -10.30 -7.82 -76.03
C SER F 184 -11.32 -8.44 -75.10
N ASN F 185 -12.25 -7.62 -74.56
CA ASN F 185 -13.27 -8.05 -73.64
C ASN F 185 -14.53 -8.29 -74.46
N ARG F 186 -14.58 -9.46 -75.12
CA ARG F 186 -15.60 -9.82 -76.06
C ARG F 186 -16.35 -11.08 -75.55
N LEU G 1 -65.78 -60.00 -28.52
CA LEU G 1 -66.89 -60.91 -28.94
C LEU G 1 -68.27 -60.31 -28.70
N LEU G 2 -68.48 -59.58 -27.56
CA LEU G 2 -69.71 -58.84 -27.31
C LEU G 2 -69.66 -57.49 -28.00
N ALA G 3 -68.49 -56.81 -27.94
CA ALA G 3 -68.24 -55.48 -28.45
C ALA G 3 -68.59 -55.32 -29.93
N ASP G 4 -67.95 -56.16 -30.76
CA ASP G 4 -68.07 -56.27 -32.20
C ASP G 4 -69.46 -56.61 -32.68
N ALA G 5 -70.12 -57.58 -31.99
CA ALA G 5 -71.38 -58.21 -32.32
C ALA G 5 -72.45 -57.31 -32.89
N LEU G 6 -73.02 -56.41 -32.05
CA LEU G 6 -74.15 -55.59 -32.42
C LEU G 6 -73.75 -54.41 -33.27
N ASN G 7 -72.44 -54.09 -33.38
CA ASN G 7 -71.95 -53.01 -34.20
C ASN G 7 -71.94 -53.43 -35.67
N ALA G 8 -71.65 -54.71 -35.96
CA ALA G 8 -71.59 -55.26 -37.30
C ALA G 8 -72.93 -55.24 -38.00
N ILE G 9 -73.99 -55.70 -37.29
CA ILE G 9 -75.34 -55.75 -37.80
C ILE G 9 -75.95 -54.36 -37.91
N ASN G 10 -75.51 -53.39 -37.06
CA ASN G 10 -76.00 -52.04 -37.07
C ASN G 10 -75.47 -51.29 -38.28
N ASN G 11 -74.17 -51.46 -38.60
CA ASN G 11 -73.50 -50.79 -39.70
C ASN G 11 -73.97 -51.36 -41.02
N ALA G 12 -74.50 -52.60 -41.02
CA ALA G 12 -75.11 -53.23 -42.17
C ALA G 12 -76.40 -52.56 -42.53
N GLU G 13 -77.22 -52.17 -41.53
CA GLU G 13 -78.48 -51.48 -41.72
C GLU G 13 -78.26 -50.03 -42.10
N LYS G 14 -77.14 -49.41 -41.64
CA LYS G 14 -76.81 -48.02 -41.90
C LYS G 14 -76.53 -47.80 -43.38
N THR G 15 -75.76 -48.71 -44.01
CA THR G 15 -75.41 -48.63 -45.41
C THR G 15 -76.55 -49.16 -46.26
N GLY G 16 -77.22 -50.25 -45.82
CA GLY G 16 -78.39 -50.80 -46.46
C GLY G 16 -78.06 -52.09 -47.15
N LYS G 17 -77.40 -53.01 -46.41
CA LYS G 17 -77.15 -54.38 -46.84
C LYS G 17 -78.42 -55.16 -46.58
N ARG G 18 -78.90 -55.94 -47.58
CA ARG G 18 -80.17 -56.64 -47.45
C ARG G 18 -80.05 -57.83 -46.56
N GLN G 19 -79.00 -58.66 -46.76
CA GLN G 19 -78.61 -59.65 -45.78
C GLN G 19 -77.31 -59.17 -45.22
N VAL G 20 -77.05 -59.54 -43.94
CA VAL G 20 -75.82 -59.25 -43.27
C VAL G 20 -75.15 -60.58 -43.09
N LEU G 21 -73.79 -60.59 -43.15
CA LEU G 21 -72.99 -61.77 -43.18
C LEU G 21 -72.27 -61.86 -41.86
N ILE G 22 -72.83 -62.65 -40.90
CA ILE G 22 -72.20 -62.92 -39.61
C ILE G 22 -72.07 -64.46 -39.39
N ARG G 23 -71.36 -64.99 -38.33
CA ARG G 23 -70.83 -66.38 -38.31
C ARG G 23 -70.94 -67.19 -37.01
N PRO G 24 -70.39 -66.91 -35.81
CA PRO G 24 -70.11 -67.90 -34.76
C PRO G 24 -71.17 -68.87 -34.30
N SER G 25 -70.77 -69.93 -33.56
CA SER G 25 -71.71 -70.87 -33.00
C SER G 25 -71.05 -71.64 -31.87
N SER G 26 -71.69 -71.60 -30.69
CA SER G 26 -71.44 -72.41 -29.50
C SER G 26 -72.78 -72.30 -28.80
N LYS G 27 -72.90 -72.36 -27.44
CA LYS G 27 -74.18 -72.12 -26.79
C LYS G 27 -74.34 -70.73 -25.87
N VAL G 28 -74.71 -68.23 -26.46
CA VAL G 28 -75.40 -66.92 -26.12
C VAL G 28 -75.65 -66.30 -27.50
N ILE G 29 -76.19 -67.02 -28.56
CA ILE G 29 -76.57 -66.41 -29.84
C ILE G 29 -77.79 -67.02 -30.51
N ILE G 30 -78.89 -66.20 -30.67
CA ILE G 30 -79.96 -66.28 -31.67
C ILE G 30 -81.42 -66.05 -31.21
N LYS G 31 -81.83 -66.25 -29.92
CA LYS G 31 -83.26 -66.24 -29.57
C LYS G 31 -83.80 -64.87 -29.25
N PHE G 32 -82.95 -63.87 -28.93
CA PHE G 32 -83.37 -62.49 -28.85
C PHE G 32 -83.48 -61.95 -30.25
N LEU G 33 -82.84 -62.60 -31.24
CA LEU G 33 -83.04 -62.32 -32.64
C LEU G 33 -84.37 -62.88 -33.10
N GLN G 34 -84.96 -63.86 -32.36
CA GLN G 34 -86.32 -64.29 -32.54
C GLN G 34 -87.29 -63.35 -31.83
N VAL G 35 -86.84 -62.61 -30.79
CA VAL G 35 -87.61 -61.55 -30.14
C VAL G 35 -87.62 -60.34 -31.07
N MET G 36 -86.51 -60.11 -31.81
CA MET G 36 -86.43 -59.12 -32.86
C MET G 36 -87.33 -59.49 -34.02
N GLN G 37 -87.50 -60.80 -34.32
CA GLN G 37 -88.38 -61.28 -35.36
C GLN G 37 -89.83 -61.05 -35.00
N LYS G 38 -90.22 -61.34 -33.73
CA LYS G 38 -91.55 -61.13 -33.19
C LYS G 38 -91.94 -59.66 -33.21
N HIS G 39 -90.97 -58.76 -32.91
CA HIS G 39 -91.19 -57.34 -32.83
C HIS G 39 -91.12 -56.67 -34.20
N GLY G 40 -90.51 -57.35 -35.20
CA GLY G 40 -90.50 -56.92 -36.59
C GLY G 40 -89.30 -56.08 -36.92
N TYR G 41 -88.19 -56.31 -36.20
CA TYR G 41 -86.95 -55.57 -36.32
C TYR G 41 -86.03 -56.26 -37.31
N ILE G 42 -86.06 -57.61 -37.40
CA ILE G 42 -85.40 -58.33 -38.48
C ILE G 42 -86.40 -59.28 -39.06
N GLY G 43 -85.96 -60.09 -40.05
CA GLY G 43 -86.79 -61.06 -40.74
C GLY G 43 -86.32 -62.43 -40.40
N GLU G 44 -86.16 -63.29 -41.43
CA GLU G 44 -85.88 -64.70 -41.29
C GLU G 44 -84.40 -64.95 -41.11
N PHE G 45 -84.05 -66.18 -40.73
CA PHE G 45 -82.69 -66.59 -40.47
C PHE G 45 -82.60 -68.08 -40.62
N GLU G 46 -81.37 -68.59 -40.85
CA GLU G 46 -81.11 -70.00 -41.05
C GLU G 46 -79.67 -70.23 -40.66
N TYR G 47 -79.17 -71.47 -40.87
CA TYR G 47 -77.85 -71.90 -40.48
C TYR G 47 -77.25 -72.54 -41.70
N ILE G 48 -75.92 -72.35 -41.91
CA ILE G 48 -75.17 -72.95 -42.99
C ILE G 48 -73.98 -73.61 -42.33
N ASP G 49 -73.51 -74.75 -42.90
CA ASP G 49 -72.40 -75.55 -42.43
C ASP G 49 -71.09 -74.79 -42.50
N ASP G 50 -70.10 -75.19 -41.68
CA ASP G 50 -68.77 -74.61 -41.72
C ASP G 50 -67.82 -75.78 -41.58
N HIS G 51 -66.52 -75.49 -41.32
CA HIS G 51 -65.54 -76.48 -40.96
C HIS G 51 -65.49 -76.51 -39.46
N ARG G 52 -65.47 -75.31 -38.82
CA ARG G 52 -65.45 -75.22 -37.39
C ARG G 52 -66.32 -74.08 -36.93
N SER G 53 -67.18 -74.40 -35.93
CA SER G 53 -68.18 -73.56 -35.31
C SER G 53 -69.47 -73.56 -36.09
N GLY G 54 -69.63 -72.65 -37.08
CA GLY G 54 -70.87 -72.58 -37.82
C GLY G 54 -70.92 -71.29 -38.56
N LYS G 55 -71.98 -71.10 -39.39
CA LYS G 55 -72.27 -69.86 -40.09
C LYS G 55 -73.75 -69.61 -39.89
N ILE G 56 -74.16 -68.35 -39.59
CA ILE G 56 -75.57 -67.98 -39.43
C ILE G 56 -75.96 -67.39 -40.81
N VAL G 57 -77.26 -67.09 -41.06
CA VAL G 57 -77.67 -66.17 -42.11
C VAL G 57 -78.76 -65.34 -41.48
N VAL G 58 -78.74 -63.98 -41.65
CA VAL G 58 -79.77 -63.10 -41.13
C VAL G 58 -80.23 -62.24 -42.28
N GLN G 59 -81.57 -62.11 -42.43
CA GLN G 59 -82.22 -61.25 -43.38
C GLN G 59 -82.65 -60.00 -42.63
N LEU G 60 -82.33 -58.81 -43.19
CA LEU G 60 -82.65 -57.53 -42.60
C LEU G 60 -83.75 -56.88 -43.43
N ASN G 61 -84.29 -55.74 -42.95
CA ASN G 61 -85.29 -55.00 -43.70
C ASN G 61 -85.28 -53.53 -43.36
N GLY G 62 -84.13 -53.00 -42.87
CA GLY G 62 -83.88 -51.57 -42.75
C GLY G 62 -84.57 -50.94 -41.58
N ARG G 63 -84.47 -51.58 -40.39
CA ARG G 63 -85.24 -51.21 -39.23
C ARG G 63 -84.38 -50.59 -38.17
N LEU G 64 -83.14 -51.12 -37.96
CA LEU G 64 -82.34 -50.79 -36.81
C LEU G 64 -81.76 -49.40 -36.93
N ASN G 65 -81.90 -48.59 -35.85
CA ASN G 65 -81.40 -47.24 -35.77
C ASN G 65 -80.06 -47.30 -35.10
N LYS G 66 -80.03 -47.71 -33.81
CA LYS G 66 -78.80 -48.13 -33.18
C LYS G 66 -79.14 -49.23 -32.22
N CYS G 67 -78.44 -50.37 -32.38
CA CYS G 67 -78.35 -51.41 -31.39
C CYS G 67 -76.93 -51.39 -30.91
N GLY G 68 -76.69 -51.94 -29.69
CA GLY G 68 -75.37 -51.91 -29.11
C GLY G 68 -75.46 -52.63 -27.81
N VAL G 69 -74.30 -52.97 -27.22
CA VAL G 69 -74.21 -53.77 -26.02
C VAL G 69 -74.23 -52.88 -24.79
N ILE G 70 -74.47 -53.51 -23.62
CA ILE G 70 -74.21 -52.97 -22.32
C ILE G 70 -73.06 -53.82 -21.88
N SER G 71 -71.85 -53.24 -21.81
CA SER G 71 -70.63 -54.01 -21.77
C SER G 71 -70.39 -54.62 -20.39
N PRO G 72 -70.38 -53.94 -19.25
CA PRO G 72 -70.63 -54.58 -17.96
C PRO G 72 -72.06 -55.07 -17.90
N ARG G 73 -72.27 -56.35 -17.54
CA ARG G 73 -73.60 -56.94 -17.50
C ARG G 73 -74.19 -56.72 -16.12
N PHE G 74 -74.84 -55.55 -15.94
CA PHE G 74 -75.35 -55.08 -14.65
C PHE G 74 -76.56 -55.85 -14.22
N ASN G 75 -76.91 -55.75 -12.91
CA ASN G 75 -78.10 -56.35 -12.34
C ASN G 75 -79.26 -55.43 -12.63
N VAL G 76 -80.37 -56.01 -13.16
CA VAL G 76 -81.63 -55.31 -13.33
C VAL G 76 -82.61 -55.96 -12.40
N LYS G 77 -83.64 -55.18 -12.00
CA LYS G 77 -84.57 -55.54 -10.96
C LYS G 77 -85.94 -55.53 -11.61
N ILE G 78 -87.03 -55.94 -10.90
CA ILE G 78 -88.37 -55.94 -11.49
C ILE G 78 -89.07 -54.66 -11.06
N GLY G 79 -88.36 -53.53 -11.25
CA GLY G 79 -88.85 -52.22 -10.90
C GLY G 79 -87.93 -51.32 -11.64
N ASP G 80 -86.62 -51.37 -11.28
CA ASP G 80 -85.58 -50.68 -12.00
C ASP G 80 -85.16 -51.49 -13.18
N ILE G 81 -85.95 -51.37 -14.26
CA ILE G 81 -85.55 -51.68 -15.61
C ILE G 81 -85.36 -50.31 -16.22
N GLU G 82 -86.30 -49.37 -15.92
CA GLU G 82 -86.43 -48.15 -16.68
C GLU G 82 -85.48 -47.04 -16.31
N LYS G 83 -84.61 -47.24 -15.29
CA LYS G 83 -83.50 -46.34 -15.02
C LYS G 83 -82.46 -46.51 -16.12
N TRP G 84 -82.25 -47.78 -16.56
CA TRP G 84 -81.45 -48.10 -17.72
C TRP G 84 -82.17 -47.70 -19.00
N THR G 85 -83.49 -47.99 -19.15
CA THR G 85 -84.25 -47.71 -20.37
C THR G 85 -84.30 -46.22 -20.70
N ALA G 86 -84.04 -45.33 -19.72
CA ALA G 86 -83.95 -43.91 -19.90
C ALA G 86 -82.76 -43.48 -20.73
N ASN G 87 -81.55 -44.04 -20.42
CA ASN G 87 -80.31 -43.67 -21.08
C ASN G 87 -80.03 -44.57 -22.27
N LEU G 88 -80.33 -45.89 -22.18
CA LEU G 88 -80.15 -46.89 -23.23
C LEU G 88 -80.91 -46.54 -24.47
N LEU G 89 -82.23 -46.26 -24.32
CA LEU G 89 -83.07 -45.89 -25.42
C LEU G 89 -83.29 -44.40 -25.33
N PRO G 90 -82.88 -43.55 -26.27
CA PRO G 90 -83.16 -42.12 -26.21
C PRO G 90 -84.60 -41.83 -26.50
N ALA G 91 -85.33 -42.81 -27.07
CA ALA G 91 -86.74 -42.76 -27.34
C ALA G 91 -87.42 -43.73 -26.42
N ARG G 92 -88.62 -43.38 -25.95
CA ARG G 92 -89.46 -44.27 -25.17
C ARG G 92 -90.63 -44.55 -26.08
N GLN G 93 -91.21 -45.77 -25.97
CA GLN G 93 -92.22 -46.36 -26.84
C GLN G 93 -91.52 -47.17 -27.90
N PHE G 94 -90.59 -46.56 -28.67
CA PHE G 94 -89.72 -47.29 -29.57
C PHE G 94 -88.64 -47.98 -28.77
N GLY G 95 -88.27 -49.18 -29.22
CA GLY G 95 -87.14 -49.91 -28.72
C GLY G 95 -87.46 -50.70 -27.51
N TYR G 96 -86.47 -51.48 -27.07
CA TYR G 96 -86.59 -52.34 -25.93
C TYR G 96 -85.19 -52.64 -25.46
N VAL G 97 -85.09 -53.11 -24.21
CA VAL G 97 -83.84 -53.60 -23.64
C VAL G 97 -84.01 -55.09 -23.65
N ILE G 98 -82.93 -55.82 -23.99
CA ILE G 98 -82.91 -57.26 -23.86
C ILE G 98 -82.26 -57.55 -22.55
N LEU G 99 -83.00 -58.25 -21.67
CA LEU G 99 -82.49 -58.69 -20.39
C LEU G 99 -82.17 -60.15 -20.56
N THR G 100 -81.08 -60.62 -19.90
CA THR G 100 -80.88 -62.04 -19.66
C THR G 100 -81.61 -62.26 -18.37
N THR G 101 -82.86 -62.76 -18.43
CA THR G 101 -83.66 -62.96 -17.26
C THR G 101 -83.31 -64.29 -16.67
N SER G 102 -84.04 -64.69 -15.62
CA SER G 102 -83.92 -66.00 -15.03
C SER G 102 -84.69 -66.98 -15.91
N ALA G 103 -85.80 -66.54 -16.54
CA ALA G 103 -86.56 -67.37 -17.45
C ALA G 103 -86.01 -67.30 -18.87
N GLY G 104 -84.69 -67.53 -19.05
CA GLY G 104 -84.05 -67.51 -20.35
C GLY G 104 -83.74 -66.11 -20.76
N ILE G 105 -83.45 -65.89 -22.08
CA ILE G 105 -83.16 -64.58 -22.60
C ILE G 105 -84.38 -64.17 -23.39
N MET G 106 -84.97 -63.02 -22.99
CA MET G 106 -86.26 -62.59 -23.49
C MET G 106 -86.26 -61.08 -23.48
N ASP G 107 -87.45 -60.46 -23.69
CA ASP G 107 -87.61 -59.03 -23.69
C ASP G 107 -87.72 -58.52 -22.27
N HIS G 108 -87.61 -57.18 -22.09
CA HIS G 108 -87.68 -56.54 -20.80
C HIS G 108 -89.08 -56.37 -20.31
N GLU G 109 -90.05 -56.13 -21.20
CA GLU G 109 -91.44 -55.91 -20.83
C GLU G 109 -92.11 -57.24 -20.63
N GLU G 110 -91.61 -58.28 -21.33
CA GLU G 110 -91.98 -59.67 -21.15
C GLU G 110 -91.48 -60.16 -19.81
N ALA G 111 -90.32 -59.65 -19.35
CA ALA G 111 -89.74 -59.96 -18.07
C ALA G 111 -90.55 -59.44 -16.91
N ARG G 112 -91.25 -58.31 -17.09
CA ARG G 112 -92.12 -57.73 -16.08
C ARG G 112 -93.41 -58.51 -16.00
N ARG G 113 -93.82 -59.15 -17.12
CA ARG G 113 -95.01 -59.98 -17.20
C ARG G 113 -94.80 -61.27 -16.44
N LYS G 114 -93.59 -61.87 -16.54
CA LYS G 114 -93.23 -63.07 -15.80
C LYS G 114 -92.94 -62.73 -14.36
N HIS G 115 -92.44 -61.49 -14.12
CA HIS G 115 -92.01 -60.94 -12.84
C HIS G 115 -90.67 -61.51 -12.45
N VAL G 116 -89.68 -61.40 -13.36
CA VAL G 116 -88.41 -62.07 -13.26
C VAL G 116 -87.31 -61.06 -13.53
N SER G 117 -86.23 -61.11 -12.70
CA SER G 117 -85.07 -60.23 -12.77
C SER G 117 -83.92 -60.96 -13.46
N GLY G 118 -82.73 -60.31 -13.55
CA GLY G 118 -81.58 -60.96 -14.13
C GLY G 118 -80.50 -59.94 -14.42
N LYS G 119 -79.78 -60.14 -15.56
CA LYS G 119 -78.72 -59.29 -16.05
C LYS G 119 -79.21 -58.61 -17.31
N ILE G 120 -78.29 -57.97 -18.09
CA ILE G 120 -78.61 -57.33 -19.35
C ILE G 120 -77.55 -57.66 -20.36
N LEU G 121 -77.91 -57.56 -21.67
CA LEU G 121 -77.03 -57.82 -22.78
C LEU G 121 -76.87 -56.56 -23.59
N GLY G 122 -77.98 -56.02 -24.14
CA GLY G 122 -77.88 -54.94 -25.09
C GLY G 122 -79.21 -54.28 -25.25
N PHE G 123 -79.23 -53.21 -26.07
CA PHE G 123 -80.41 -52.45 -26.41
C PHE G 123 -80.62 -52.57 -27.90
N VAL G 124 -81.87 -52.35 -28.35
CA VAL G 124 -82.22 -52.24 -29.74
C VAL G 124 -83.24 -51.13 -29.77
N TYR G 125 -83.13 -50.19 -30.74
CA TYR G 125 -84.22 -49.27 -31.03
C TYR G 125 -84.22 -48.93 -32.52
N SER H 1 -56.54 36.26 -109.61
CA SER H 1 -55.20 35.68 -109.88
C SER H 1 -55.05 34.38 -109.13
N VAL H 2 -53.85 33.75 -109.17
CA VAL H 2 -53.54 32.61 -108.35
C VAL H 2 -52.74 33.17 -107.20
N GLN H 3 -53.21 32.92 -105.96
CA GLN H 3 -52.48 33.25 -104.76
C GLN H 3 -52.54 32.05 -103.87
N THR H 4 -51.90 32.12 -102.68
CA THR H 4 -51.73 31.00 -101.79
C THR H 4 -51.15 31.54 -100.51
N PHE H 5 -50.99 30.65 -99.49
CA PHE H 5 -50.45 30.94 -98.19
C PHE H 5 -49.21 30.08 -98.00
N GLY H 6 -48.53 30.19 -96.83
CA GLY H 6 -47.43 29.32 -96.50
C GLY H 6 -46.63 29.93 -95.38
N LYS H 7 -46.74 29.37 -94.15
CA LYS H 7 -46.04 29.91 -92.98
C LYS H 7 -45.18 28.87 -92.33
N LYS H 8 -44.15 29.35 -91.59
CA LYS H 8 -43.47 28.60 -90.57
C LYS H 8 -43.04 29.62 -89.57
N LYS H 9 -42.94 29.24 -88.26
CA LYS H 9 -42.44 30.05 -87.16
C LYS H 9 -43.09 31.42 -87.07
N SER H 10 -44.42 31.44 -87.31
CA SER H 10 -45.25 32.61 -87.52
C SER H 10 -44.82 33.46 -88.71
N ALA H 11 -45.69 33.53 -89.73
CA ALA H 11 -45.43 34.33 -90.91
C ALA H 11 -46.71 34.40 -91.67
N THR H 12 -46.85 35.42 -92.55
CA THR H 12 -47.97 35.50 -93.47
C THR H 12 -47.39 35.79 -94.84
N ALA H 13 -47.11 34.73 -95.62
CA ALA H 13 -46.54 34.88 -96.95
C ALA H 13 -47.64 34.86 -97.98
N VAL H 14 -47.92 36.05 -98.55
CA VAL H 14 -49.05 36.35 -99.40
C VAL H 14 -48.52 36.36 -100.81
N ALA H 15 -48.31 35.16 -101.41
CA ALA H 15 -47.53 35.03 -102.63
C ALA H 15 -48.39 34.94 -103.87
N HIS H 16 -48.43 36.05 -104.65
CA HIS H 16 -49.13 36.12 -105.91
C HIS H 16 -48.22 35.59 -106.98
N VAL H 17 -48.78 34.79 -107.91
CA VAL H 17 -48.05 34.23 -109.02
C VAL H 17 -48.85 34.57 -110.26
N LYS H 18 -48.18 35.09 -111.30
CA LYS H 18 -48.83 35.82 -112.37
C LYS H 18 -48.00 35.64 -113.62
N ALA H 19 -48.65 35.60 -114.82
CA ALA H 19 -47.96 35.49 -116.08
C ALA H 19 -47.56 36.86 -116.58
N GLY H 20 -46.34 36.97 -117.18
CA GLY H 20 -45.87 38.18 -117.83
C GLY H 20 -45.09 39.02 -116.88
N LYS H 21 -43.81 39.30 -117.24
CA LYS H 21 -42.79 39.96 -116.43
C LYS H 21 -42.19 38.90 -115.51
N GLY H 22 -41.11 39.21 -114.77
CA GLY H 22 -40.47 38.23 -113.93
C GLY H 22 -39.65 38.90 -112.88
N LEU H 23 -40.13 40.06 -112.40
CA LEU H 23 -39.48 40.82 -111.34
C LEU H 23 -40.07 40.32 -110.05
N ILE H 24 -39.19 40.07 -109.06
CA ILE H 24 -39.57 39.51 -107.78
C ILE H 24 -39.67 40.67 -106.83
N LYS H 25 -40.92 41.07 -106.51
CA LYS H 25 -41.19 42.19 -105.65
C LYS H 25 -41.56 41.64 -104.30
N VAL H 26 -40.84 42.06 -103.24
CA VAL H 26 -41.05 41.61 -101.88
C VAL H 26 -41.54 42.83 -101.15
N ASN H 27 -42.87 42.89 -100.90
CA ASN H 27 -43.58 44.01 -100.31
C ASN H 27 -43.58 45.15 -101.30
N GLY H 28 -42.68 46.14 -101.10
CA GLY H 28 -42.54 47.26 -101.99
C GLY H 28 -41.09 47.51 -102.25
N SER H 29 -40.26 46.45 -102.33
CA SER H 29 -38.85 46.58 -102.68
C SER H 29 -38.41 45.28 -103.33
N PRO H 30 -37.49 45.23 -104.29
CA PRO H 30 -37.04 43.98 -104.89
C PRO H 30 -36.33 43.00 -103.97
N ILE H 31 -36.11 41.77 -104.48
CA ILE H 31 -35.59 40.59 -103.81
C ILE H 31 -34.23 40.78 -103.15
N THR H 32 -33.29 41.45 -103.83
CA THR H 32 -31.92 41.61 -103.37
C THR H 32 -31.80 42.63 -102.26
N LEU H 33 -32.78 43.56 -102.19
CA LEU H 33 -32.69 44.76 -101.40
C LEU H 33 -33.29 44.53 -100.04
N VAL H 34 -34.40 43.76 -99.96
CA VAL H 34 -35.07 43.41 -98.72
C VAL H 34 -34.22 42.47 -97.93
N GLU H 35 -33.62 41.45 -98.61
CA GLU H 35 -32.86 40.42 -97.94
C GLU H 35 -31.41 40.50 -98.40
N PRO H 36 -30.53 41.32 -97.82
CA PRO H 36 -29.21 41.57 -98.38
C PRO H 36 -28.17 40.59 -97.90
N GLU H 37 -28.48 39.68 -96.94
CA GLU H 37 -27.47 38.92 -96.21
C GLU H 37 -26.99 37.71 -97.00
N ILE H 38 -27.21 36.48 -96.49
CA ILE H 38 -26.57 35.28 -97.01
C ILE H 38 -27.61 34.26 -97.43
N LEU H 39 -28.76 34.19 -96.72
CA LEU H 39 -29.71 33.09 -96.88
C LEU H 39 -30.66 33.30 -98.03
N ARG H 40 -30.59 34.45 -98.74
CA ARG H 40 -31.54 34.84 -99.77
C ARG H 40 -31.42 34.11 -101.11
N PHE H 41 -30.68 32.98 -101.17
CA PHE H 41 -30.72 32.09 -102.31
C PHE H 41 -31.96 31.22 -102.22
N LYS H 42 -32.53 31.08 -100.99
CA LYS H 42 -33.67 30.24 -100.70
C LYS H 42 -34.94 30.77 -101.31
N VAL H 43 -35.10 32.11 -101.43
CA VAL H 43 -36.27 32.69 -102.05
C VAL H 43 -36.21 32.60 -103.56
N TYR H 44 -35.02 32.29 -104.13
CA TYR H 44 -34.80 32.10 -105.54
C TYR H 44 -34.75 30.61 -105.88
N GLU H 45 -34.92 29.74 -104.85
CA GLU H 45 -34.71 28.31 -104.93
C GLU H 45 -35.77 27.53 -105.70
N PRO H 46 -37.10 27.55 -105.44
CA PRO H 46 -38.07 26.70 -106.13
C PRO H 46 -38.40 27.23 -107.51
N LEU H 47 -37.75 28.34 -107.93
CA LEU H 47 -38.02 29.00 -109.18
C LEU H 47 -37.37 28.22 -110.29
N LEU H 48 -36.06 27.91 -110.15
CA LEU H 48 -35.27 27.22 -111.14
C LEU H 48 -35.39 25.71 -110.96
N LEU H 49 -36.05 25.27 -109.86
CA LEU H 49 -36.20 23.87 -109.48
C LEU H 49 -37.11 23.13 -110.42
N VAL H 50 -38.15 23.80 -110.96
CA VAL H 50 -39.20 23.20 -111.76
C VAL H 50 -38.71 22.66 -113.10
N GLY H 51 -37.59 23.19 -113.62
CA GLY H 51 -36.99 22.71 -114.84
C GLY H 51 -36.36 23.87 -115.53
N LEU H 52 -37.21 24.82 -115.97
CA LEU H 52 -36.77 26.01 -116.68
C LEU H 52 -36.49 27.10 -115.69
N ASP H 53 -35.66 28.09 -116.12
CA ASP H 53 -35.25 29.22 -115.33
C ASP H 53 -36.33 30.29 -115.31
N LYS H 54 -36.24 31.22 -114.34
CA LYS H 54 -37.22 32.27 -114.15
C LYS H 54 -36.68 33.55 -114.73
N PHE H 55 -37.42 34.66 -114.50
CA PHE H 55 -37.19 36.01 -115.00
C PHE H 55 -37.84 36.13 -116.36
N SER H 56 -37.57 35.15 -117.25
CA SER H 56 -38.20 35.01 -118.54
C SER H 56 -39.63 34.54 -118.40
N ASN H 57 -39.87 33.63 -117.41
CA ASN H 57 -41.14 32.94 -117.27
C ASN H 57 -42.12 33.72 -116.42
N ILE H 58 -42.22 33.40 -115.10
CA ILE H 58 -43.36 33.76 -114.28
C ILE H 58 -42.98 34.91 -113.36
N ASP H 59 -43.94 35.82 -113.10
CA ASP H 59 -43.83 36.99 -112.24
C ASP H 59 -44.23 36.59 -110.84
N ILE H 60 -43.50 37.11 -109.82
CA ILE H 60 -43.73 36.79 -108.43
C ILE H 60 -43.85 38.11 -107.72
N ARG H 61 -44.96 38.33 -106.98
CA ARG H 61 -45.09 39.48 -106.12
C ARG H 61 -45.62 38.96 -104.81
N VAL H 62 -44.82 39.07 -103.72
CA VAL H 62 -45.22 38.63 -102.41
C VAL H 62 -45.45 39.84 -101.55
N ARG H 63 -46.28 39.69 -100.51
CA ARG H 63 -46.29 40.56 -99.36
C ARG H 63 -45.88 39.63 -98.25
N VAL H 64 -45.18 40.13 -97.21
CA VAL H 64 -44.85 39.31 -96.09
C VAL H 64 -44.65 40.22 -94.90
N THR H 65 -45.23 39.81 -93.75
CA THR H 65 -44.92 40.37 -92.46
C THR H 65 -44.87 39.14 -91.59
N GLY H 66 -44.07 39.18 -90.50
CA GLY H 66 -43.88 38.04 -89.64
C GLY H 66 -42.78 37.16 -90.17
N GLY H 67 -41.67 37.06 -89.41
CA GLY H 67 -40.64 36.08 -89.62
C GLY H 67 -39.31 36.73 -89.81
N GLY H 68 -38.29 36.21 -89.09
CA GLY H 68 -36.90 36.63 -89.15
C GLY H 68 -36.25 36.27 -90.46
N HIS H 69 -34.94 36.56 -90.60
CA HIS H 69 -34.21 36.21 -91.81
C HIS H 69 -34.06 34.70 -91.97
N VAL H 70 -34.24 33.94 -90.87
CA VAL H 70 -34.25 32.49 -90.86
C VAL H 70 -35.62 31.98 -91.27
N SER H 71 -36.71 32.70 -90.92
CA SER H 71 -38.07 32.24 -91.11
C SER H 71 -38.64 32.66 -92.45
N GLN H 72 -38.47 33.95 -92.81
CA GLN H 72 -38.98 34.62 -93.98
C GLN H 72 -38.51 34.00 -95.28
N VAL H 73 -37.22 33.58 -95.33
CA VAL H 73 -36.63 32.94 -96.49
C VAL H 73 -37.19 31.57 -96.78
N TYR H 74 -37.95 30.98 -95.83
CA TYR H 74 -38.66 29.73 -96.00
C TYR H 74 -40.11 30.01 -96.24
N ALA H 75 -40.67 31.10 -95.67
CA ALA H 75 -42.08 31.43 -95.74
C ALA H 75 -42.46 31.83 -97.15
N ILE H 76 -41.68 32.76 -97.75
CA ILE H 76 -41.78 33.19 -99.13
C ILE H 76 -41.58 32.00 -100.05
N ARG H 77 -40.58 31.16 -99.75
CA ARG H 77 -40.21 29.99 -100.52
C ARG H 77 -41.30 28.95 -100.60
N GLN H 78 -41.97 28.69 -99.45
CA GLN H 78 -43.03 27.71 -99.28
C GLN H 78 -44.28 28.17 -99.97
N ALA H 79 -44.55 29.49 -99.96
CA ALA H 79 -45.70 30.07 -100.62
C ALA H 79 -45.54 30.07 -102.12
N ILE H 80 -44.33 30.31 -102.66
CA ILE H 80 -44.06 30.22 -104.09
C ILE H 80 -44.26 28.79 -104.59
N ALA H 81 -43.89 27.80 -103.74
CA ALA H 81 -44.02 26.39 -104.03
C ALA H 81 -45.46 25.90 -103.99
N LYS H 82 -46.25 26.34 -102.98
CA LYS H 82 -47.63 25.96 -102.79
C LYS H 82 -48.52 26.63 -103.82
N GLY H 83 -48.05 27.74 -104.42
CA GLY H 83 -48.76 28.46 -105.46
C GLY H 83 -48.35 27.99 -106.83
N LEU H 84 -47.29 27.15 -106.90
CA LEU H 84 -46.79 26.57 -108.12
C LEU H 84 -47.72 25.45 -108.53
N VAL H 85 -48.15 24.62 -107.56
CA VAL H 85 -49.03 23.49 -107.78
C VAL H 85 -50.44 23.93 -108.15
N ALA H 86 -50.82 25.16 -107.73
CA ALA H 86 -52.14 25.73 -107.94
C ALA H 86 -52.18 26.60 -109.17
N TYR H 87 -51.07 26.63 -109.97
CA TYR H 87 -50.93 27.52 -111.11
C TYR H 87 -51.57 26.88 -112.34
N HIS H 88 -51.60 27.62 -113.48
CA HIS H 88 -52.23 27.18 -114.70
C HIS H 88 -51.26 27.37 -115.85
N GLN H 89 -51.14 26.34 -116.73
CA GLN H 89 -50.31 26.36 -117.91
C GLN H 89 -51.17 25.90 -119.06
N LYS H 90 -50.91 24.70 -119.63
CA LYS H 90 -51.68 24.12 -120.71
C LYS H 90 -51.76 22.63 -120.45
N TYR H 91 -50.65 22.03 -119.98
CA TYR H 91 -50.66 20.71 -119.37
C TYR H 91 -51.23 20.96 -117.96
N VAL H 92 -50.70 22.00 -117.27
CA VAL H 92 -51.17 22.67 -116.04
C VAL H 92 -50.11 22.52 -114.97
N ASP H 93 -50.36 22.01 -113.72
CA ASP H 93 -49.34 22.17 -112.69
C ASP H 93 -49.43 21.26 -111.47
N GLU H 94 -50.36 20.27 -111.40
CA GLU H 94 -50.57 19.51 -110.16
C GLU H 94 -49.47 18.54 -109.73
N GLN H 95 -48.69 17.95 -110.67
CA GLN H 95 -47.73 16.90 -110.35
C GLN H 95 -46.41 17.50 -109.92
N SER H 96 -46.30 18.84 -109.83
CA SER H 96 -45.14 19.51 -109.27
C SER H 96 -45.16 19.41 -107.76
N LYS H 97 -46.27 18.88 -107.17
CA LYS H 97 -46.38 18.44 -105.79
C LYS H 97 -45.30 17.44 -105.47
N ASN H 98 -45.15 16.42 -106.35
CA ASN H 98 -44.23 15.32 -106.16
C ASN H 98 -42.80 15.73 -106.30
N GLU H 99 -42.49 16.76 -107.12
CA GLU H 99 -41.14 17.22 -107.35
C GLU H 99 -40.72 18.26 -106.35
N LEU H 100 -41.69 18.91 -105.65
CA LEU H 100 -41.44 19.79 -104.52
C LEU H 100 -41.34 18.96 -103.26
N LYS H 101 -41.90 17.73 -103.28
CA LYS H 101 -41.71 16.71 -102.26
C LYS H 101 -40.34 16.08 -102.46
N LYS H 102 -39.86 16.05 -103.72
CA LYS H 102 -38.56 15.54 -104.10
C LYS H 102 -37.53 16.65 -104.13
N ALA H 103 -37.84 17.82 -103.53
CA ALA H 103 -36.93 18.95 -103.44
C ALA H 103 -35.88 18.64 -102.39
N PHE H 104 -36.36 18.37 -101.15
CA PHE H 104 -35.54 17.93 -100.04
C PHE H 104 -35.86 16.47 -99.90
N THR H 105 -35.17 15.66 -100.73
CA THR H 105 -35.57 14.31 -101.06
C THR H 105 -35.06 13.29 -100.07
N SER H 106 -35.93 12.28 -99.81
CA SER H 106 -35.73 11.06 -99.05
C SER H 106 -35.63 11.20 -97.55
N TYR H 107 -35.42 12.42 -97.01
CA TYR H 107 -35.71 12.72 -95.63
C TYR H 107 -36.67 13.87 -95.77
N ASP H 108 -37.97 13.55 -95.83
CA ASP H 108 -38.96 14.45 -96.35
C ASP H 108 -39.46 15.43 -95.31
N ARG H 109 -38.69 16.53 -95.12
CA ARG H 109 -39.17 17.77 -94.55
C ARG H 109 -39.12 18.72 -95.74
N THR H 110 -40.16 18.66 -96.58
CA THR H 110 -40.05 19.09 -97.97
C THR H 110 -40.42 20.53 -98.13
N LEU H 111 -40.83 20.89 -99.37
CA LEU H 111 -41.20 22.22 -99.75
C LEU H 111 -42.63 22.20 -100.24
N LEU H 112 -43.24 21.00 -100.29
CA LEU H 112 -44.66 20.81 -100.49
C LEU H 112 -45.33 21.02 -99.15
N ILE H 113 -44.92 20.21 -98.13
CA ILE H 113 -45.39 20.32 -96.78
C ILE H 113 -44.56 21.38 -96.07
N ALA H 114 -44.98 21.75 -94.84
CA ALA H 114 -44.38 22.85 -94.12
C ALA H 114 -43.25 22.38 -93.24
N ASP H 115 -42.39 23.33 -92.81
CA ASP H 115 -41.55 23.13 -91.65
C ASP H 115 -42.45 23.44 -90.47
N SER H 116 -43.08 22.38 -89.89
CA SER H 116 -43.97 22.50 -88.76
C SER H 116 -43.11 22.57 -87.52
N ARG H 117 -42.60 23.79 -87.24
CA ARG H 117 -41.60 24.06 -86.24
C ARG H 117 -41.95 25.42 -85.73
N ARG H 118 -41.93 25.60 -84.40
CA ARG H 118 -42.17 26.85 -83.75
C ARG H 118 -41.23 26.82 -82.57
N PRO H 119 -40.01 27.39 -82.65
CA PRO H 119 -39.00 27.30 -81.61
C PRO H 119 -39.32 28.03 -80.34
N GLU H 120 -39.86 27.29 -79.35
CA GLU H 120 -40.30 27.79 -78.08
C GLU H 120 -39.24 27.27 -77.09
N PRO H 121 -39.41 27.14 -75.78
CA PRO H 121 -38.29 26.77 -74.91
C PRO H 121 -37.77 25.32 -74.94
N LYS H 122 -37.13 24.95 -73.82
CA LYS H 122 -36.23 23.88 -73.47
C LYS H 122 -37.04 23.12 -72.41
N LYS H 123 -37.01 21.76 -72.13
CA LYS H 123 -38.00 21.00 -71.28
C LYS H 123 -37.51 20.52 -69.89
N PHE H 124 -38.41 20.15 -68.92
CA PHE H 124 -38.03 19.42 -67.70
C PHE H 124 -38.27 17.89 -67.74
N GLY H 125 -37.25 17.08 -67.29
CA GLY H 125 -37.26 15.64 -67.05
C GLY H 125 -36.45 14.73 -67.97
N GLY H 126 -35.08 14.77 -68.01
CA GLY H 126 -34.20 13.88 -68.81
C GLY H 126 -33.11 14.51 -69.69
N LYS H 127 -33.30 14.62 -71.04
CA LYS H 127 -32.77 15.66 -71.96
C LYS H 127 -33.74 15.72 -73.13
N GLY H 128 -34.10 16.95 -73.65
CA GLY H 128 -35.27 17.16 -74.50
C GLY H 128 -35.23 18.40 -75.36
N ALA H 129 -35.98 18.38 -76.50
CA ALA H 129 -36.10 19.44 -77.50
C ALA H 129 -37.04 18.95 -78.61
N ARG H 130 -36.51 18.51 -79.80
CA ARG H 130 -37.21 17.66 -80.75
C ARG H 130 -36.26 16.58 -81.28
N SER H 131 -36.65 15.29 -81.16
CA SER H 131 -36.01 14.04 -81.60
C SER H 131 -35.51 13.25 -80.39
N ARG H 132 -36.23 12.17 -79.99
CA ARG H 132 -36.15 11.62 -78.63
C ARG H 132 -34.84 11.01 -78.17
N PHE H 133 -34.65 11.00 -76.82
CA PHE H 133 -33.39 10.82 -76.13
C PHE H 133 -32.99 9.37 -76.09
N GLN H 134 -31.66 9.16 -76.02
CA GLN H 134 -30.98 7.93 -75.78
C GLN H 134 -31.22 6.85 -76.80
N LYS H 135 -30.17 6.55 -77.60
CA LYS H 135 -30.15 5.52 -78.59
C LYS H 135 -28.71 5.30 -78.85
N SER H 136 -28.29 4.01 -78.90
CA SER H 136 -27.02 3.59 -79.42
C SER H 136 -27.13 3.65 -80.92
N TYR H 137 -28.18 3.03 -81.49
CA TYR H 137 -28.39 3.04 -82.91
C TYR H 137 -29.26 4.20 -83.32
N ARG H 138 -28.57 5.25 -83.81
CA ARG H 138 -29.13 6.50 -84.24
C ARG H 138 -28.58 6.79 -85.65
N LYS I 1 -71.35 54.67 -90.87
CA LYS I 1 -71.30 53.71 -89.73
C LYS I 1 -71.81 54.31 -88.45
N ILE I 2 -72.78 53.61 -87.81
CA ILE I 2 -73.33 53.93 -86.51
C ILE I 2 -72.99 52.72 -85.69
N ARG I 3 -71.99 52.85 -84.80
CA ARG I 3 -71.36 51.74 -84.13
C ARG I 3 -72.22 51.20 -83.01
N ILE I 4 -72.71 49.95 -83.20
CA ILE I 4 -73.41 49.16 -82.21
C ILE I 4 -72.40 48.08 -81.90
N THR I 5 -72.27 47.67 -80.62
CA THR I 5 -71.47 46.53 -80.25
C THR I 5 -72.24 45.79 -79.17
N LEU I 6 -72.17 44.45 -79.20
CA LEU I 6 -72.85 43.55 -78.29
C LEU I 6 -71.77 42.76 -77.62
N THR I 7 -71.98 42.36 -76.35
CA THR I 7 -71.08 41.44 -75.69
C THR I 7 -71.87 40.77 -74.59
N SER I 8 -71.67 39.45 -74.40
CA SER I 8 -72.44 38.70 -73.43
C SER I 8 -71.58 37.60 -72.87
N THR I 9 -72.18 36.69 -72.07
CA THR I 9 -71.46 35.65 -71.37
C THR I 9 -71.09 34.52 -72.31
N LYS I 10 -72.07 33.72 -72.77
CA LYS I 10 -71.80 32.56 -73.60
C LYS I 10 -72.60 32.72 -74.87
N VAL I 11 -72.72 31.62 -75.65
CA VAL I 11 -73.22 31.59 -77.01
C VAL I 11 -74.73 31.72 -77.04
N LYS I 12 -75.44 31.07 -76.10
CA LYS I 12 -76.88 30.86 -76.14
C LYS I 12 -77.70 32.12 -76.16
N GLN I 13 -77.32 33.16 -75.37
CA GLN I 13 -78.03 34.41 -75.35
C GLN I 13 -77.62 35.29 -76.51
N LEU I 14 -76.40 35.07 -77.06
CA LEU I 14 -75.76 35.91 -78.04
C LEU I 14 -76.33 35.69 -79.43
N GLU I 15 -76.65 34.43 -79.78
CA GLU I 15 -77.16 34.04 -81.08
C GLU I 15 -78.49 34.69 -81.40
N ASN I 16 -79.37 34.83 -80.38
CA ASN I 16 -80.70 35.37 -80.51
C ASN I 16 -80.66 36.84 -80.79
N VAL I 17 -79.90 37.62 -79.99
CA VAL I 17 -79.84 39.06 -80.10
C VAL I 17 -79.13 39.53 -81.35
N SER I 18 -78.11 38.77 -81.83
CA SER I 18 -77.34 39.10 -83.00
C SER I 18 -78.18 38.92 -84.25
N SER I 19 -78.90 37.78 -84.34
CA SER I 19 -79.76 37.42 -85.44
C SER I 19 -80.99 38.31 -85.48
N ASN I 20 -81.44 38.83 -84.32
CA ASN I 20 -82.62 39.67 -84.23
C ASN I 20 -82.36 41.04 -84.80
N ILE I 21 -81.10 41.55 -84.76
CA ILE I 21 -80.77 42.85 -85.32
C ILE I 21 -80.75 42.78 -86.84
N VAL I 22 -80.36 41.62 -87.41
CA VAL I 22 -80.39 41.35 -88.84
C VAL I 22 -81.83 41.22 -89.33
N LYS I 23 -82.74 40.69 -88.47
CA LYS I 23 -84.12 40.46 -88.81
C LYS I 23 -84.93 41.74 -88.69
N ASN I 24 -84.76 42.46 -87.55
CA ASN I 24 -85.63 43.52 -87.10
C ASN I 24 -85.17 44.86 -87.61
N ALA I 25 -83.90 45.23 -87.36
CA ALA I 25 -83.36 46.53 -87.71
C ALA I 25 -83.15 46.62 -89.19
N GLU I 26 -82.53 45.57 -89.78
CA GLU I 26 -82.26 45.49 -91.19
C GLU I 26 -83.46 44.96 -91.93
N GLN I 27 -83.68 45.47 -93.15
CA GLN I 27 -84.80 45.10 -93.97
C GLN I 27 -84.41 45.43 -95.39
N HIS I 28 -84.60 46.71 -95.81
CA HIS I 28 -84.27 47.17 -97.14
C HIS I 28 -83.70 48.55 -97.04
N ASN I 29 -84.27 49.39 -96.13
CA ASN I 29 -83.88 50.77 -95.94
C ASN I 29 -82.55 50.87 -95.23
N LEU I 30 -82.22 49.84 -94.42
CA LEU I 30 -80.92 49.69 -93.81
C LEU I 30 -80.17 48.73 -94.67
N VAL I 31 -78.93 49.11 -95.04
CA VAL I 31 -77.92 48.18 -95.45
C VAL I 31 -76.97 48.20 -94.28
N LYS I 32 -76.62 47.02 -93.77
CA LYS I 32 -75.57 46.86 -92.81
C LYS I 32 -74.39 46.40 -93.60
N LYS I 33 -73.16 46.61 -93.09
CA LYS I 33 -72.01 45.95 -93.63
C LYS I 33 -71.91 44.54 -93.07
N GLY I 34 -72.65 44.26 -91.95
CA GLY I 34 -73.25 42.95 -91.72
C GLY I 34 -72.87 42.32 -90.40
N PRO I 35 -73.38 41.11 -90.13
CA PRO I 35 -73.18 40.44 -88.85
C PRO I 35 -71.90 39.64 -88.78
N VAL I 36 -70.85 40.23 -88.19
CA VAL I 36 -69.53 39.67 -88.01
C VAL I 36 -69.43 38.90 -86.71
N ARG I 37 -68.30 38.18 -86.51
CA ARG I 37 -68.01 37.41 -85.33
C ARG I 37 -67.02 38.13 -84.44
N LEU I 38 -65.73 38.25 -84.87
CA LEU I 38 -64.58 38.83 -84.13
C LEU I 38 -64.00 37.83 -83.15
N PRO I 39 -62.76 38.02 -82.68
CA PRO I 39 -62.25 37.30 -81.50
C PRO I 39 -62.96 37.73 -80.25
N THR I 40 -62.90 36.88 -79.21
CA THR I 40 -63.59 37.04 -77.95
C THR I 40 -62.87 38.11 -77.17
N LYS I 41 -63.61 38.92 -76.36
CA LYS I 41 -63.00 39.87 -75.44
C LYS I 41 -62.70 39.11 -74.18
N VAL I 42 -61.65 38.26 -74.24
CA VAL I 42 -61.31 37.27 -73.25
C VAL I 42 -60.17 37.82 -72.44
N LEU I 43 -59.93 37.22 -71.25
CA LEU I 43 -58.77 37.52 -70.48
C LEU I 43 -58.43 36.23 -69.79
N LYS I 44 -57.33 35.57 -70.22
CA LYS I 44 -56.89 34.30 -69.69
C LYS I 44 -55.64 34.53 -68.89
N ILE I 45 -55.36 33.62 -67.94
CA ILE I 45 -54.13 33.65 -67.18
C ILE I 45 -54.02 32.28 -66.54
N SER I 46 -52.79 31.77 -66.38
CA SER I 46 -52.52 30.57 -65.61
C SER I 46 -51.86 31.05 -64.34
N THR I 47 -52.35 30.56 -63.18
CA THR I 47 -51.78 30.87 -61.89
C THR I 47 -51.80 29.57 -61.10
N ARG I 48 -51.68 29.66 -59.76
CA ARG I 48 -51.68 28.52 -58.88
C ARG I 48 -53.00 28.51 -58.16
N LYS I 49 -53.48 27.31 -57.74
CA LYS I 49 -54.80 27.16 -57.13
C LYS I 49 -54.76 27.56 -55.68
N THR I 50 -53.80 27.00 -54.91
CA THR I 50 -53.55 27.45 -53.55
C THR I 50 -52.86 28.80 -53.69
N PRO I 51 -53.14 29.82 -52.90
CA PRO I 51 -52.83 31.17 -53.31
C PRO I 51 -51.43 31.56 -52.94
N ASN I 52 -50.67 30.69 -52.25
CA ASN I 52 -49.35 30.85 -51.68
C ASN I 52 -49.54 30.29 -50.30
N GLY I 53 -48.54 29.50 -49.84
CA GLY I 53 -48.63 28.74 -48.61
C GLY I 53 -48.11 27.38 -48.96
N GLU I 54 -48.77 26.32 -48.46
CA GLU I 54 -48.37 24.95 -48.69
C GLU I 54 -48.76 24.51 -50.09
N GLY I 55 -47.78 23.96 -50.84
CA GLY I 55 -48.01 23.39 -52.15
C GLY I 55 -47.70 24.33 -53.28
N SER I 56 -46.48 24.20 -53.86
CA SER I 56 -46.11 24.87 -55.09
C SER I 56 -46.65 24.09 -56.27
N LYS I 57 -46.84 22.76 -56.06
CA LYS I 57 -47.35 21.81 -57.02
C LYS I 57 -48.87 21.83 -56.95
N THR I 58 -49.48 22.83 -57.62
CA THR I 58 -50.91 22.93 -57.82
C THR I 58 -51.11 24.07 -58.78
N TRP I 59 -52.14 23.97 -59.66
CA TRP I 59 -52.33 24.89 -60.75
C TRP I 59 -53.80 25.10 -60.94
N GLU I 60 -54.17 26.21 -61.62
CA GLU I 60 -55.53 26.49 -61.99
C GLU I 60 -55.46 27.49 -63.11
N THR I 61 -56.02 27.14 -64.29
CA THR I 61 -56.12 28.02 -65.43
C THR I 61 -57.46 28.73 -65.33
N TYR I 62 -57.50 29.99 -65.77
CA TYR I 62 -58.67 30.82 -65.65
C TYR I 62 -58.95 31.46 -66.98
N GLU I 63 -60.21 31.87 -67.18
CA GLU I 63 -60.58 32.71 -68.29
C GLU I 63 -61.72 33.59 -67.86
N MET I 64 -62.04 34.58 -68.72
CA MET I 64 -63.28 35.29 -68.67
C MET I 64 -63.73 35.36 -70.11
N ARG I 65 -64.44 34.33 -70.60
CA ARG I 65 -64.92 34.28 -71.97
C ARG I 65 -66.14 35.16 -72.08
N ILE I 66 -65.95 36.39 -72.63
CA ILE I 66 -67.02 37.36 -72.78
C ILE I 66 -67.11 37.59 -74.27
N HIS I 67 -68.07 36.89 -74.93
CA HIS I 67 -68.15 36.79 -76.37
C HIS I 67 -68.70 38.06 -76.97
N LYS I 68 -67.85 38.82 -77.71
CA LYS I 68 -68.27 40.03 -78.38
C LYS I 68 -68.76 39.69 -79.78
N ARG I 69 -69.72 40.49 -80.28
CA ARG I 69 -70.03 40.59 -81.69
C ARG I 69 -70.03 42.08 -81.90
N TYR I 70 -69.69 42.57 -83.11
CA TYR I 70 -69.74 43.99 -83.41
C TYR I 70 -71.10 44.23 -83.99
N ILE I 71 -71.33 43.75 -85.23
CA ILE I 71 -72.51 43.89 -86.06
C ILE I 71 -72.88 45.35 -86.29
N ASP I 72 -72.17 45.99 -87.25
CA ASP I 72 -72.23 47.41 -87.47
C ASP I 72 -73.37 47.71 -88.42
N LEU I 73 -74.08 48.83 -88.18
CA LEU I 73 -75.21 49.28 -88.95
C LEU I 73 -74.72 50.47 -89.72
N GLU I 74 -74.71 50.38 -91.07
CA GLU I 74 -74.13 51.40 -91.90
C GLU I 74 -75.09 52.55 -92.11
N ALA I 75 -76.18 52.34 -92.89
CA ALA I 75 -77.05 53.42 -93.34
C ALA I 75 -77.79 54.11 -92.20
N PRO I 76 -77.56 55.38 -91.87
CA PRO I 76 -77.99 55.98 -90.62
C PRO I 76 -79.37 56.59 -90.72
N VAL I 77 -80.26 56.06 -91.59
CA VAL I 77 -81.55 56.64 -91.87
C VAL I 77 -82.58 56.26 -90.81
N GLN I 78 -83.90 56.28 -91.16
CA GLN I 78 -85.04 56.15 -90.25
C GLN I 78 -84.99 54.92 -89.38
N ILE I 79 -84.57 53.79 -89.97
CA ILE I 79 -84.58 52.46 -89.41
C ILE I 79 -83.57 52.21 -88.31
N VAL I 80 -82.67 53.18 -87.99
CA VAL I 80 -81.67 53.02 -86.94
C VAL I 80 -82.32 53.26 -85.58
N LYS I 81 -83.55 53.81 -85.56
CA LYS I 81 -84.29 54.10 -84.36
C LYS I 81 -85.01 52.87 -83.83
N ARG I 82 -85.31 51.87 -84.69
CA ARG I 82 -86.18 50.75 -84.36
C ARG I 82 -85.49 49.66 -83.56
N ILE I 83 -84.24 49.92 -83.10
CA ILE I 83 -83.44 49.06 -82.26
C ILE I 83 -84.02 49.07 -80.85
N THR I 84 -84.79 50.12 -80.50
CA THR I 84 -85.44 50.28 -79.20
C THR I 84 -86.55 49.27 -78.96
N GLN I 85 -86.96 48.51 -80.00
CA GLN I 85 -87.94 47.45 -79.90
C GLN I 85 -87.35 46.22 -79.23
N ILE I 86 -86.07 45.88 -79.55
CA ILE I 86 -85.38 44.77 -78.93
C ILE I 86 -84.77 45.26 -77.62
N THR I 87 -85.28 44.69 -76.51
CA THR I 87 -84.79 44.93 -75.16
C THR I 87 -84.67 43.59 -74.46
N ILE I 88 -84.74 42.48 -75.23
CA ILE I 88 -84.79 41.13 -74.69
C ILE I 88 -83.39 40.61 -74.45
N GLU I 89 -83.27 39.56 -73.61
CA GLU I 89 -82.05 38.93 -73.15
C GLU I 89 -81.16 39.87 -72.35
N PRO I 90 -81.45 40.16 -71.08
CA PRO I 90 -80.49 40.80 -70.19
C PRO I 90 -79.40 39.81 -69.86
N GLY I 91 -78.16 40.30 -69.68
CA GLY I 91 -76.98 39.46 -69.70
C GLY I 91 -76.20 39.81 -70.93
N VAL I 92 -76.91 40.25 -71.99
CA VAL I 92 -76.33 40.89 -73.15
C VAL I 92 -76.23 42.35 -72.79
N ASP I 93 -74.99 42.88 -72.89
CA ASP I 93 -74.67 44.24 -72.58
C ASP I 93 -74.56 44.92 -73.93
N VAL I 94 -75.52 45.82 -74.24
CA VAL I 94 -75.55 46.55 -75.49
C VAL I 94 -74.93 47.89 -75.22
N GLU I 95 -74.13 48.38 -76.19
CA GLU I 95 -73.28 49.52 -76.00
C GLU I 95 -73.24 50.20 -77.35
N VAL I 96 -73.52 51.52 -77.37
CA VAL I 96 -73.67 52.29 -78.58
C VAL I 96 -72.92 53.61 -78.35
N ASP J 1 16.77 -35.43 -71.00
CA ASP J 1 17.61 -36.66 -71.04
C ASP J 1 16.82 -37.94 -70.88
N ASN J 2 15.83 -37.97 -69.96
CA ASN J 2 15.13 -39.17 -69.56
C ASN J 2 14.24 -39.71 -70.65
N SER J 3 13.62 -38.81 -71.45
CA SER J 3 12.72 -39.08 -72.56
C SER J 3 11.58 -40.00 -72.22
N GLN J 4 10.90 -39.67 -71.10
CA GLN J 4 9.75 -40.37 -70.60
C GLN J 4 8.55 -39.84 -71.32
N VAL J 5 7.89 -40.69 -72.15
CA VAL J 5 6.97 -40.25 -73.17
C VAL J 5 5.59 -39.94 -72.63
N PHE J 6 5.28 -40.32 -71.37
CA PHE J 6 4.08 -39.87 -70.72
C PHE J 6 4.41 -39.67 -69.27
N GLY J 7 3.48 -39.05 -68.53
CA GLY J 7 3.68 -38.82 -67.12
C GLY J 7 2.43 -38.22 -66.57
N VAL J 8 2.34 -38.17 -65.23
CA VAL J 8 1.22 -37.59 -64.54
C VAL J 8 1.62 -36.20 -64.09
N ALA J 9 0.64 -35.43 -63.59
CA ALA J 9 0.89 -34.15 -63.02
C ALA J 9 -0.23 -33.93 -62.06
N ARG J 10 0.08 -33.47 -60.83
CA ARG J 10 -0.92 -32.99 -59.91
C ARG J 10 -0.88 -31.49 -60.05
N ILE J 11 -2.04 -30.88 -60.33
CA ILE J 11 -2.19 -29.45 -60.38
C ILE J 11 -2.63 -29.09 -58.99
N TYR J 12 -1.76 -28.42 -58.22
CA TYR J 12 -2.13 -27.86 -56.95
C TYR J 12 -2.64 -26.48 -57.27
N ALA J 13 -3.69 -26.05 -56.55
CA ALA J 13 -4.36 -24.84 -56.88
C ALA J 13 -5.03 -24.38 -55.64
N SER J 14 -4.25 -23.87 -54.67
CA SER J 14 -4.80 -23.23 -53.48
C SER J 14 -5.08 -21.80 -53.87
N PHE J 15 -5.49 -20.93 -52.93
CA PHE J 15 -6.02 -19.63 -53.24
C PHE J 15 -4.99 -18.69 -53.80
N ASN J 16 -3.72 -18.76 -53.34
CA ASN J 16 -2.65 -17.92 -53.82
C ASN J 16 -1.83 -18.66 -54.86
N ASP J 17 -1.49 -19.94 -54.59
CA ASP J 17 -0.61 -20.71 -55.44
C ASP J 17 -1.36 -21.38 -56.58
N THR J 18 -0.66 -21.49 -57.73
CA THR J 18 -0.91 -22.47 -58.77
C THR J 18 0.45 -22.75 -59.35
N PHE J 19 1.20 -23.70 -58.73
CA PHE J 19 2.32 -24.29 -59.39
C PHE J 19 1.79 -25.41 -60.25
N VAL J 20 2.56 -25.79 -61.29
CA VAL J 20 2.27 -26.98 -62.04
C VAL J 20 3.61 -27.64 -62.16
N HIS J 21 3.70 -28.89 -61.66
CA HIS J 21 4.82 -29.75 -61.93
C HIS J 21 4.37 -30.68 -63.02
N VAL J 22 5.32 -31.41 -63.64
CA VAL J 22 4.95 -32.53 -64.45
C VAL J 22 6.06 -33.52 -64.21
N THR J 23 5.66 -34.67 -63.63
CA THR J 23 6.54 -35.75 -63.28
C THR J 23 6.37 -36.79 -64.36
N ASP J 24 7.15 -37.89 -64.29
CA ASP J 24 7.11 -38.95 -65.28
C ASP J 24 6.08 -40.00 -64.89
N LEU J 25 6.24 -41.24 -65.39
CA LEU J 25 5.29 -42.31 -65.19
C LEU J 25 5.60 -43.10 -63.93
N SER J 26 6.76 -42.85 -63.29
CA SER J 26 7.14 -43.51 -62.06
C SER J 26 6.81 -42.62 -60.90
N GLY J 27 7.52 -41.49 -60.72
CA GLY J 27 7.24 -40.66 -59.57
C GLY J 27 8.17 -39.48 -59.45
N LYS J 28 9.45 -39.60 -59.83
CA LYS J 28 10.41 -38.56 -59.54
C LYS J 28 10.31 -37.38 -60.49
N GLU J 29 10.42 -36.14 -59.95
CA GLU J 29 10.23 -34.93 -60.71
C GLU J 29 11.41 -34.59 -61.58
N THR J 30 11.20 -33.58 -62.45
CA THR J 30 12.19 -33.04 -63.33
C THR J 30 11.93 -31.55 -63.46
N ILE J 31 10.68 -31.09 -63.20
CA ILE J 31 10.32 -29.70 -63.42
C ILE J 31 9.11 -29.37 -62.59
N ALA J 32 9.18 -28.24 -61.82
CA ALA J 32 8.05 -27.61 -61.19
C ALA J 32 8.32 -26.13 -61.26
N ARG J 33 7.29 -25.29 -61.56
CA ARG J 33 7.42 -23.84 -61.56
C ARG J 33 6.35 -23.28 -60.65
N VAL J 34 6.77 -22.46 -59.67
CA VAL J 34 5.94 -21.86 -58.64
C VAL J 34 5.28 -20.61 -59.20
N THR J 35 4.24 -20.09 -58.51
CA THR J 35 3.57 -18.82 -58.79
C THR J 35 4.52 -17.68 -58.51
N GLY J 36 5.28 -17.74 -57.39
CA GLY J 36 6.31 -16.79 -57.05
C GLY J 36 7.50 -16.92 -57.96
N GLY J 37 7.67 -18.12 -58.56
CA GLY J 37 8.64 -18.42 -59.57
C GLY J 37 8.27 -17.82 -60.90
N MET J 38 7.05 -17.24 -61.00
CA MET J 38 6.59 -16.46 -62.13
C MET J 38 6.51 -14.99 -61.72
N LYS J 39 7.36 -14.60 -60.73
CA LYS J 39 7.74 -13.24 -60.37
C LYS J 39 6.84 -12.60 -59.35
N VAL J 40 5.54 -12.97 -59.29
CA VAL J 40 4.55 -12.26 -58.53
C VAL J 40 4.42 -12.83 -57.13
N LYS J 41 4.40 -11.93 -56.11
CA LYS J 41 3.68 -12.20 -54.89
C LYS J 41 3.13 -10.87 -54.45
N ALA J 42 1.81 -10.83 -54.30
CA ALA J 42 1.08 -9.76 -53.68
C ALA J 42 -0.22 -10.44 -53.39
N ASP J 43 -0.49 -10.69 -52.09
CA ASP J 43 -1.33 -11.76 -51.59
C ASP J 43 -2.75 -11.73 -52.12
N ARG J 44 -3.45 -10.59 -51.96
CA ARG J 44 -4.76 -10.31 -52.51
C ARG J 44 -4.84 -10.39 -54.01
N ASP J 45 -3.73 -10.04 -54.72
CA ASP J 45 -3.66 -10.01 -56.16
C ASP J 45 -3.21 -11.37 -56.67
N GLU J 46 -3.53 -12.46 -55.92
CA GLU J 46 -3.28 -13.82 -56.33
C GLU J 46 -4.55 -14.63 -56.13
N SER J 47 -5.25 -14.97 -57.24
CA SER J 47 -6.52 -15.68 -57.22
C SER J 47 -6.90 -16.31 -58.56
N SER J 48 -6.73 -15.60 -59.71
CA SER J 48 -7.50 -15.79 -60.94
C SER J 48 -6.96 -16.88 -61.86
N PRO J 49 -7.60 -17.26 -62.98
CA PRO J 49 -7.06 -18.27 -63.88
C PRO J 49 -6.19 -17.65 -64.95
N TYR J 50 -5.98 -16.31 -64.97
CA TYR J 50 -5.37 -15.66 -66.11
C TYR J 50 -3.88 -15.57 -65.96
N ALA J 51 -3.36 -15.14 -64.77
CA ALA J 51 -1.93 -15.10 -64.55
C ALA J 51 -1.41 -16.49 -64.23
N ALA J 52 -2.31 -17.37 -63.71
CA ALA J 52 -2.05 -18.75 -63.39
C ALA J 52 -1.78 -19.60 -64.60
N MET J 53 -2.17 -19.13 -65.80
CA MET J 53 -1.96 -19.80 -67.05
C MET J 53 -0.51 -19.66 -67.48
N LEU J 54 0.15 -18.54 -67.11
CA LEU J 54 1.50 -18.22 -67.49
C LEU J 54 2.49 -19.07 -66.72
N ALA J 55 2.27 -19.23 -65.39
CA ALA J 55 3.12 -20.03 -64.52
C ALA J 55 3.13 -21.48 -64.94
N ALA J 56 1.96 -22.00 -65.37
CA ALA J 56 1.77 -23.34 -65.84
C ALA J 56 2.29 -23.58 -67.24
N GLN J 57 2.62 -22.50 -67.99
CA GLN J 57 3.07 -22.58 -69.37
C GLN J 57 4.57 -22.57 -69.46
N ASP J 58 5.26 -21.94 -68.46
CA ASP J 58 6.70 -21.91 -68.33
C ASP J 58 7.25 -23.27 -67.94
N VAL J 59 6.36 -24.20 -67.52
CA VAL J 59 6.63 -25.60 -67.23
C VAL J 59 7.12 -26.30 -68.49
N ALA J 60 6.46 -26.01 -69.63
CA ALA J 60 6.71 -26.64 -70.92
C ALA J 60 8.07 -26.36 -71.50
N ALA J 61 8.75 -25.27 -71.04
CA ALA J 61 10.03 -24.83 -71.53
C ALA J 61 11.15 -25.79 -71.15
N LYS J 62 11.19 -26.22 -69.87
CA LYS J 62 12.20 -27.13 -69.35
C LYS J 62 11.72 -28.57 -69.48
N CYS J 63 10.39 -28.80 -69.61
CA CYS J 63 9.80 -30.11 -69.85
C CYS J 63 10.18 -30.63 -71.22
N LYS J 64 10.48 -29.72 -72.17
CA LYS J 64 10.98 -29.98 -73.51
C LYS J 64 12.22 -30.84 -73.50
N GLU J 65 13.14 -30.60 -72.54
CA GLU J 65 14.44 -31.22 -72.45
C GLU J 65 14.34 -32.69 -72.13
N VAL J 66 13.27 -33.10 -71.41
CA VAL J 66 12.92 -34.49 -71.19
C VAL J 66 12.19 -34.97 -72.43
N GLY J 67 10.94 -34.51 -72.62
CA GLY J 67 10.12 -34.84 -73.77
C GLY J 67 8.97 -35.68 -73.32
N ILE J 68 8.06 -35.09 -72.53
CA ILE J 68 6.83 -35.72 -72.09
C ILE J 68 5.77 -35.32 -73.08
N THR J 69 4.98 -36.30 -73.60
CA THR J 69 3.95 -36.04 -74.57
C THR J 69 2.64 -35.88 -73.83
N ALA J 70 2.08 -36.98 -73.30
CA ALA J 70 0.78 -36.98 -72.67
C ALA J 70 0.92 -36.70 -71.20
N VAL J 71 0.31 -35.58 -70.75
CA VAL J 71 0.30 -35.16 -69.37
C VAL J 71 -1.08 -35.47 -68.86
N HIS J 72 -1.16 -36.31 -67.80
CA HIS J 72 -2.41 -36.81 -67.26
C HIS J 72 -2.63 -36.09 -65.96
N VAL J 73 -3.61 -35.15 -65.92
CA VAL J 73 -3.72 -34.20 -64.83
C VAL J 73 -4.61 -34.70 -63.72
N LYS J 74 -4.33 -34.23 -62.49
CA LYS J 74 -5.05 -34.53 -61.28
C LYS J 74 -5.23 -33.20 -60.58
N ILE J 75 -6.44 -32.59 -60.60
CA ILE J 75 -6.64 -31.28 -59.98
C ILE J 75 -6.98 -31.46 -58.52
N ARG J 76 -6.23 -30.75 -57.64
CA ARG J 76 -6.48 -30.68 -56.22
C ARG J 76 -6.72 -29.21 -55.92
N ALA J 77 -7.93 -28.88 -55.41
CA ALA J 77 -8.37 -27.55 -55.02
C ALA J 77 -8.61 -26.62 -56.21
N THR J 78 -9.04 -25.37 -55.94
CA THR J 78 -9.36 -24.41 -56.99
C THR J 78 -8.98 -23.02 -56.51
N GLY J 79 -7.98 -22.39 -57.19
CA GLY J 79 -7.52 -21.05 -56.90
C GLY J 79 -6.33 -20.83 -57.80
N GLY J 80 -5.60 -19.71 -57.66
CA GLY J 80 -4.48 -19.45 -58.55
C GLY J 80 -3.91 -18.08 -58.32
N THR J 81 -3.31 -17.45 -59.36
CA THR J 81 -2.69 -16.14 -59.27
C THR J 81 -3.40 -15.19 -60.23
N ARG J 82 -3.56 -13.90 -59.81
CA ARG J 82 -4.57 -12.98 -60.31
C ARG J 82 -3.97 -11.83 -61.08
N THR J 83 -4.78 -11.35 -62.04
CA THR J 83 -4.60 -10.12 -62.76
C THR J 83 -5.97 -9.48 -62.87
N LYS J 84 -7.06 -10.26 -62.65
CA LYS J 84 -8.42 -9.78 -62.82
C LYS J 84 -9.29 -10.30 -61.69
N THR J 85 -9.84 -11.53 -61.82
CA THR J 85 -10.98 -12.00 -61.05
C THR J 85 -10.58 -12.56 -59.69
N PRO J 86 -11.11 -12.14 -58.55
CA PRO J 86 -10.98 -12.86 -57.30
C PRO J 86 -11.78 -14.15 -57.33
N GLY J 87 -11.18 -15.29 -56.92
CA GLY J 87 -11.88 -16.55 -56.79
C GLY J 87 -11.12 -17.66 -57.49
N PRO J 88 -11.65 -18.32 -58.52
CA PRO J 88 -11.14 -19.60 -58.98
C PRO J 88 -9.92 -19.42 -59.85
N GLY J 89 -9.14 -20.51 -60.10
CA GLY J 89 -7.96 -20.39 -60.92
C GLY J 89 -7.41 -21.70 -61.36
N GLY J 90 -7.96 -22.85 -60.88
CA GLY J 90 -7.41 -24.17 -61.16
C GLY J 90 -7.65 -24.63 -62.57
N GLN J 91 -8.55 -23.95 -63.29
CA GLN J 91 -8.89 -24.21 -64.68
C GLN J 91 -7.84 -23.67 -65.62
N ALA J 92 -6.86 -22.90 -65.11
CA ALA J 92 -5.85 -22.21 -65.86
C ALA J 92 -4.83 -23.13 -66.46
N ALA J 93 -4.37 -24.12 -65.65
CA ALA J 93 -3.33 -25.05 -65.97
C ALA J 93 -3.70 -25.92 -67.14
N LEU J 94 -4.98 -26.36 -67.21
CA LEU J 94 -5.50 -27.18 -68.28
C LEU J 94 -5.43 -26.47 -69.62
N ARG J 95 -5.63 -25.13 -69.63
CA ARG J 95 -5.51 -24.31 -70.81
C ARG J 95 -4.06 -24.13 -71.24
N ALA J 96 -3.12 -24.11 -70.27
CA ALA J 96 -1.71 -23.90 -70.51
C ALA J 96 -1.08 -25.10 -71.19
N LEU J 97 -1.40 -26.33 -70.70
CA LEU J 97 -0.97 -27.59 -71.26
C LEU J 97 -1.54 -27.77 -72.67
N ALA J 98 -2.82 -27.40 -72.88
CA ALA J 98 -3.51 -27.56 -74.14
C ALA J 98 -3.01 -26.63 -75.23
N ARG J 99 -2.51 -25.44 -74.85
CA ARG J 99 -2.01 -24.44 -75.79
C ARG J 99 -0.59 -24.72 -76.19
N SER J 100 0.19 -25.44 -75.35
CA SER J 100 1.57 -25.77 -75.66
C SER J 100 1.62 -27.02 -76.50
N GLY J 101 2.83 -27.59 -76.71
CA GLY J 101 3.04 -28.77 -77.52
C GLY J 101 2.82 -30.03 -76.74
N LEU J 102 2.43 -29.89 -75.45
CA LEU J 102 2.10 -30.98 -74.57
C LEU J 102 0.66 -31.33 -74.81
N ARG J 103 0.27 -32.59 -74.54
CA ARG J 103 -1.05 -33.08 -74.79
C ARG J 103 -1.70 -33.42 -73.48
N ILE J 104 -3.04 -33.55 -73.50
CA ILE J 104 -3.84 -33.97 -72.37
C ILE J 104 -4.07 -35.44 -72.55
N GLY J 105 -3.94 -36.21 -71.45
CA GLY J 105 -4.18 -37.64 -71.43
C GLY J 105 -5.56 -37.87 -70.92
N ARG J 106 -5.82 -37.48 -69.66
CA ARG J 106 -7.11 -37.60 -69.04
C ARG J 106 -7.18 -36.52 -67.99
N ILE J 107 -8.42 -36.15 -67.58
CA ILE J 107 -8.67 -35.17 -66.56
C ILE J 107 -9.30 -35.92 -65.40
N GLU J 108 -8.65 -35.85 -64.22
CA GLU J 108 -9.10 -36.50 -63.01
C GLU J 108 -9.27 -35.43 -61.98
N ASP J 109 -10.26 -35.61 -61.08
CA ASP J 109 -10.49 -34.74 -59.95
C ASP J 109 -10.03 -35.54 -58.75
N VAL J 110 -9.01 -35.04 -58.03
CA VAL J 110 -8.41 -35.74 -56.91
C VAL J 110 -8.37 -34.74 -55.79
N THR J 111 -9.46 -34.70 -54.99
CA THR J 111 -9.62 -33.78 -53.89
C THR J 111 -9.91 -34.60 -52.65
N PRO J 112 -9.54 -34.17 -51.45
CA PRO J 112 -10.05 -34.74 -50.21
C PRO J 112 -11.49 -34.28 -49.99
N VAL J 113 -12.47 -35.09 -50.44
CA VAL J 113 -13.87 -34.74 -50.39
C VAL J 113 -14.49 -35.44 -49.18
N PRO J 114 -15.07 -34.76 -48.18
CA PRO J 114 -15.78 -35.40 -47.09
C PRO J 114 -17.19 -35.74 -47.52
N SER J 115 -17.99 -36.38 -46.64
CA SER J 115 -19.39 -36.69 -46.90
C SER J 115 -20.18 -35.41 -46.82
N ASP J 116 -20.43 -34.88 -45.59
CA ASP J 116 -21.02 -33.58 -45.41
C ASP J 116 -19.90 -32.56 -45.46
N SER J 117 -20.14 -31.42 -46.13
CA SER J 117 -19.12 -30.46 -46.47
C SER J 117 -19.32 -29.21 -45.65
N THR J 118 -18.52 -29.07 -44.57
CA THR J 118 -18.53 -27.93 -43.67
C THR J 118 -17.09 -27.53 -43.45
N ARG J 119 -16.85 -26.50 -42.61
CA ARG J 119 -15.55 -26.22 -42.04
C ARG J 119 -15.54 -26.97 -40.73
N LYS J 120 -14.37 -27.45 -40.28
CA LYS J 120 -14.26 -28.31 -39.13
C LYS J 120 -14.31 -27.52 -37.83
N LYS J 121 -14.92 -28.13 -36.79
CA LYS J 121 -14.92 -27.63 -35.43
C LYS J 121 -15.30 -28.85 -34.60
N GLY J 122 -14.52 -29.14 -33.54
CA GLY J 122 -14.85 -30.16 -32.56
C GLY J 122 -13.89 -31.31 -32.56
N GLY J 123 -12.75 -31.17 -31.84
CA GLY J 123 -11.82 -32.25 -31.56
C GLY J 123 -10.40 -31.76 -31.59
N ARG J 124 -9.44 -32.65 -31.24
CA ARG J 124 -8.08 -32.26 -30.95
C ARG J 124 -7.22 -32.03 -32.18
N ARG J 125 -6.10 -31.30 -31.95
CA ARG J 125 -4.79 -31.75 -32.38
C ARG J 125 -4.06 -32.02 -31.06
N ASN K 1 -62.28 -44.86 0.99
CA ASN K 1 -63.00 -44.66 -0.31
C ASN K 1 -62.11 -43.97 -1.34
N TYR K 2 -62.59 -43.85 -2.61
CA TYR K 2 -61.83 -43.21 -3.68
C TYR K 2 -62.42 -41.87 -4.02
N LYS K 3 -61.53 -40.92 -4.37
CA LYS K 3 -61.82 -39.59 -4.85
C LYS K 3 -60.42 -39.06 -5.11
N LYS K 4 -60.20 -38.06 -6.01
CA LYS K 4 -58.93 -37.36 -6.03
C LYS K 4 -59.00 -36.33 -4.92
N ARG K 5 -57.86 -35.74 -4.51
CA ARG K 5 -57.81 -34.84 -3.37
C ARG K 5 -58.38 -33.50 -3.77
N LEU K 6 -59.66 -33.29 -3.39
CA LEU K 6 -60.41 -32.10 -3.65
C LEU K 6 -60.28 -31.23 -2.43
N LEU K 7 -60.09 -29.91 -2.64
CA LEU K 7 -60.06 -28.93 -1.60
C LEU K 7 -61.40 -28.22 -1.67
N GLY K 8 -61.98 -27.87 -0.51
CA GLY K 8 -63.24 -27.15 -0.44
C GLY K 8 -62.97 -25.69 -0.68
N THR K 9 -64.00 -24.92 -1.06
CA THR K 9 -63.85 -23.52 -1.42
C THR K 9 -63.50 -22.70 -0.20
N ALA K 10 -62.51 -21.79 -0.36
CA ALA K 10 -61.94 -21.06 0.73
C ALA K 10 -62.11 -19.60 0.47
N PHE K 11 -62.71 -18.89 1.45
CA PHE K 11 -62.82 -17.45 1.44
C PHE K 11 -61.48 -16.92 1.86
N LYS K 12 -60.95 -15.90 1.13
CA LYS K 12 -59.66 -15.32 1.42
C LYS K 12 -59.84 -14.27 2.48
N SER K 13 -59.95 -14.75 3.74
CA SER K 13 -60.24 -13.96 4.90
C SER K 13 -59.40 -14.57 5.97
N SER K 14 -58.56 -13.77 6.66
CA SER K 14 -57.76 -14.26 7.77
C SER K 14 -58.57 -14.42 9.06
N PRO K 15 -59.63 -13.67 9.39
CA PRO K 15 -60.58 -14.09 10.42
C PRO K 15 -61.38 -15.29 9.97
N PHE K 16 -61.75 -16.17 10.93
CA PHE K 16 -62.59 -17.33 10.68
C PHE K 16 -63.54 -17.40 11.86
N GLY K 17 -64.04 -18.62 12.16
CA GLY K 17 -65.05 -18.86 13.17
C GLY K 17 -66.31 -19.16 12.42
N GLY K 18 -67.45 -18.67 12.96
CA GLY K 18 -68.73 -18.76 12.30
C GLY K 18 -69.43 -17.50 12.68
N SER K 19 -68.98 -16.36 12.10
CA SER K 19 -69.43 -15.06 12.49
C SER K 19 -69.45 -14.22 11.24
N SER K 20 -70.45 -13.30 11.14
CA SER K 20 -70.58 -12.43 9.99
C SER K 20 -69.60 -11.30 10.08
N HIS K 21 -69.60 -10.59 11.23
CA HIS K 21 -68.83 -9.40 11.43
C HIS K 21 -67.77 -9.68 12.48
N ALA K 22 -67.16 -8.62 13.04
CA ALA K 22 -66.20 -8.76 14.09
C ALA K 22 -65.87 -7.38 14.60
N LYS K 23 -65.58 -7.27 15.91
CA LYS K 23 -65.14 -6.05 16.55
C LYS K 23 -63.65 -5.97 16.37
N GLY K 24 -63.08 -4.77 16.59
CA GLY K 24 -61.65 -4.63 16.50
C GLY K 24 -61.28 -3.28 17.03
N ILE K 25 -60.19 -3.24 17.82
CA ILE K 25 -59.79 -2.09 18.61
C ILE K 25 -58.94 -1.11 17.83
N VAL K 26 -58.43 -1.50 16.65
CA VAL K 26 -57.69 -0.64 15.72
C VAL K 26 -56.30 -0.29 16.25
N LEU K 27 -55.36 0.08 15.35
CA LEU K 27 -54.06 0.62 15.69
C LEU K 27 -54.03 2.05 15.22
N GLU K 28 -54.12 2.26 13.89
CA GLU K 28 -53.91 3.54 13.27
C GLU K 28 -54.94 3.75 12.21
N LYS K 29 -55.13 5.03 11.80
CA LYS K 29 -55.91 5.40 10.64
C LYS K 29 -54.92 5.83 9.59
N LEU K 30 -54.92 5.12 8.44
CA LEU K 30 -54.00 5.36 7.34
C LEU K 30 -54.76 6.02 6.23
N GLY K 31 -54.02 6.51 5.22
CA GLY K 31 -54.56 7.07 4.02
C GLY K 31 -53.58 6.68 2.96
N ILE K 32 -53.83 5.51 2.33
CA ILE K 32 -52.93 4.87 1.40
C ILE K 32 -53.39 5.22 0.00
N GLU K 33 -52.47 5.17 -0.98
CA GLU K 33 -52.75 5.39 -2.39
C GLU K 33 -53.16 4.07 -3.01
N SER K 34 -53.12 3.97 -4.36
CA SER K 34 -53.71 2.88 -5.09
C SER K 34 -52.76 2.44 -6.19
N LYS K 35 -53.25 1.49 -7.03
CA LYS K 35 -52.56 0.86 -8.13
C LYS K 35 -52.64 1.81 -9.32
N GLN K 36 -52.20 1.34 -10.51
CA GLN K 36 -52.04 2.11 -11.73
C GLN K 36 -53.25 2.90 -12.23
N PRO K 37 -54.46 2.38 -12.48
CA PRO K 37 -55.40 3.04 -13.38
C PRO K 37 -56.14 4.19 -12.75
N ASN K 38 -56.10 4.37 -11.42
CA ASN K 38 -56.88 5.38 -10.74
C ASN K 38 -56.03 6.01 -9.67
N SER K 39 -56.25 7.31 -9.40
CA SER K 39 -55.52 8.09 -8.43
C SER K 39 -56.39 8.24 -7.20
N ALA K 40 -56.23 9.36 -6.47
CA ALA K 40 -56.88 9.69 -5.22
C ALA K 40 -56.40 8.84 -4.06
N ILE K 41 -56.37 9.44 -2.85
CA ILE K 41 -55.95 8.78 -1.64
C ILE K 41 -57.21 8.21 -1.04
N ARG K 42 -57.22 6.88 -0.78
CA ARG K 42 -58.38 6.18 -0.28
C ARG K 42 -58.07 5.83 1.15
N LYS K 43 -59.09 5.96 2.05
CA LYS K 43 -58.86 5.90 3.48
C LYS K 43 -58.94 4.46 3.95
N CYS K 44 -58.12 4.06 4.93
CA CYS K 44 -58.18 2.73 5.48
C CYS K 44 -57.83 2.79 6.95
N VAL K 45 -58.02 1.64 7.66
CA VAL K 45 -57.73 1.52 9.07
C VAL K 45 -57.11 0.16 9.27
N ARG K 46 -56.24 0.04 10.29
CA ARG K 46 -55.56 -1.19 10.63
C ARG K 46 -56.33 -1.84 11.76
N VAL K 47 -57.34 -2.67 11.41
CA VAL K 47 -58.22 -3.28 12.39
C VAL K 47 -57.58 -4.54 12.91
N GLN K 48 -57.43 -4.64 14.24
CA GLN K 48 -56.98 -5.86 14.90
C GLN K 48 -58.16 -6.37 15.67
N LEU K 49 -58.54 -7.65 15.43
CA LEU K 49 -59.74 -8.24 15.98
C LEU K 49 -59.50 -8.70 17.40
N ILE K 50 -60.59 -8.97 18.16
CA ILE K 50 -60.51 -9.41 19.53
C ILE K 50 -60.56 -10.92 19.60
N LYS K 51 -61.58 -11.58 18.99
CA LYS K 51 -61.76 -13.02 19.03
C LYS K 51 -60.68 -13.73 18.25
N ASN K 52 -60.50 -13.35 16.97
CA ASN K 52 -59.58 -13.98 16.06
C ASN K 52 -58.17 -13.51 16.30
N GLY K 53 -57.98 -12.18 16.50
CA GLY K 53 -56.68 -11.61 16.79
C GLY K 53 -55.79 -11.54 15.59
N LYS K 54 -56.35 -11.15 14.42
CA LYS K 54 -55.62 -11.08 13.18
C LYS K 54 -55.52 -9.63 12.77
N LYS K 55 -54.39 -9.27 12.13
CA LYS K 55 -54.18 -7.95 11.56
C LYS K 55 -54.76 -7.96 10.17
N VAL K 56 -55.67 -7.01 9.88
CA VAL K 56 -56.27 -6.84 8.57
C VAL K 56 -56.30 -5.36 8.31
N THR K 57 -56.42 -4.99 7.01
CA THR K 57 -56.61 -3.62 6.58
C THR K 57 -58.00 -3.59 5.99
N ALA K 58 -58.77 -2.53 6.29
CA ALA K 58 -60.15 -2.41 5.85
C ALA K 58 -60.36 -1.05 5.28
N PHE K 59 -61.12 -0.99 4.16
CA PHE K 59 -61.47 0.23 3.46
C PHE K 59 -62.62 0.85 4.21
N VAL K 60 -62.55 2.17 4.50
CA VAL K 60 -63.62 2.90 5.14
C VAL K 60 -64.18 3.89 4.15
N PRO K 61 -65.26 3.59 3.42
CA PRO K 61 -65.99 4.58 2.64
C PRO K 61 -66.83 5.41 3.57
N ASN K 62 -67.03 6.71 3.25
CA ASN K 62 -67.84 7.59 4.07
C ASN K 62 -67.94 8.88 3.28
N ASP K 63 -68.97 9.70 3.61
CA ASP K 63 -69.08 11.07 3.15
C ASP K 63 -68.42 11.97 4.19
N GLY K 64 -67.19 11.58 4.60
CA GLY K 64 -66.38 12.29 5.54
C GLY K 64 -65.00 11.76 5.34
N CYS K 65 -64.07 12.63 4.86
CA CYS K 65 -62.72 12.25 4.46
C CYS K 65 -61.94 11.84 5.69
N LEU K 66 -61.88 12.73 6.69
CA LEU K 66 -61.36 12.39 7.99
C LEU K 66 -62.55 12.20 8.90
N ASN K 67 -63.32 11.12 8.65
CA ASN K 67 -64.41 10.67 9.49
C ASN K 67 -63.80 10.00 10.70
N PHE K 68 -64.54 9.96 11.82
CA PHE K 68 -64.06 9.43 13.07
C PHE K 68 -64.01 7.93 13.02
N VAL K 69 -62.78 7.41 12.81
CA VAL K 69 -62.39 6.05 13.14
C VAL K 69 -60.95 6.31 13.50
N ASP K 70 -60.65 6.45 14.81
CA ASP K 70 -59.38 6.95 15.27
C ASP K 70 -58.36 5.82 15.43
N GLU K 71 -57.50 5.92 16.46
CA GLU K 71 -56.46 4.98 16.78
C GLU K 71 -57.06 3.85 17.59
N ASN K 72 -57.87 4.18 18.61
CA ASN K 72 -58.45 3.21 19.53
C ASN K 72 -59.95 3.25 19.36
N ASP K 73 -60.44 2.97 18.14
CA ASP K 73 -61.84 2.95 17.81
C ASP K 73 -62.29 1.50 17.82
N GLU K 74 -63.46 1.23 18.43
CA GLU K 74 -64.08 -0.08 18.43
C GLU K 74 -65.00 -0.15 17.24
N VAL K 75 -64.42 -0.50 16.08
CA VAL K 75 -65.09 -0.45 14.79
C VAL K 75 -65.55 -1.85 14.44
N LEU K 76 -66.70 -1.95 13.72
CA LEU K 76 -67.23 -3.20 13.25
C LEU K 76 -66.75 -3.39 11.82
N LEU K 77 -66.40 -4.64 11.46
CA LEU K 77 -65.75 -4.99 10.22
C LEU K 77 -66.57 -6.06 9.57
N ALA K 78 -66.96 -5.87 8.28
CA ALA K 78 -67.79 -6.78 7.53
C ALA K 78 -67.00 -7.34 6.37
N GLY K 79 -67.70 -7.77 5.29
CA GLY K 79 -67.13 -8.41 4.13
C GLY K 79 -66.86 -7.42 3.06
N PHE K 80 -67.38 -7.67 1.82
CA PHE K 80 -67.09 -6.95 0.60
C PHE K 80 -65.64 -7.15 0.21
N GLY K 81 -65.37 -8.19 -0.60
CA GLY K 81 -64.03 -8.62 -0.93
C GLY K 81 -63.83 -10.01 -0.40
N ARG K 82 -64.60 -10.37 0.64
CA ARG K 82 -64.85 -11.74 1.04
C ARG K 82 -65.92 -12.24 0.10
N LYS K 83 -66.99 -11.41 -0.07
CA LYS K 83 -68.03 -11.58 -1.06
C LYS K 83 -67.51 -10.99 -2.35
N GLY K 84 -67.36 -11.83 -3.39
CA GLY K 84 -66.79 -11.43 -4.66
C GLY K 84 -65.29 -11.50 -4.61
N LYS K 85 -64.61 -10.77 -5.51
CA LYS K 85 -63.18 -10.68 -5.57
C LYS K 85 -62.73 -9.48 -4.76
N ALA K 86 -61.40 -9.37 -4.53
CA ALA K 86 -60.80 -8.27 -3.81
C ALA K 86 -60.67 -7.09 -4.74
N LYS K 87 -60.60 -5.86 -4.17
CA LYS K 87 -60.81 -4.65 -4.93
C LYS K 87 -59.62 -4.29 -5.78
N GLY K 88 -59.89 -3.77 -6.99
CA GLY K 88 -58.89 -3.56 -8.04
C GLY K 88 -58.01 -2.38 -7.78
N ASP K 89 -58.59 -1.21 -7.41
CA ASP K 89 -57.86 0.04 -7.24
C ASP K 89 -56.84 -0.08 -6.14
N ILE K 90 -57.30 -0.25 -4.90
CA ILE K 90 -56.43 -0.40 -3.75
C ILE K 90 -56.51 -1.87 -3.37
N PRO K 91 -55.52 -2.72 -3.65
CA PRO K 91 -55.55 -4.13 -3.29
C PRO K 91 -55.16 -4.28 -1.84
N GLY K 92 -55.33 -5.50 -1.28
CA GLY K 92 -55.01 -5.76 0.12
C GLY K 92 -56.27 -5.68 0.93
N VAL K 93 -57.09 -4.62 0.72
CA VAL K 93 -58.37 -4.48 1.39
C VAL K 93 -59.37 -5.40 0.72
N ARG K 94 -60.11 -6.13 1.56
CA ARG K 94 -61.13 -7.04 1.13
C ARG K 94 -62.07 -7.15 2.31
N PHE K 95 -62.16 -6.03 3.05
CA PHE K 95 -62.98 -5.87 4.22
C PHE K 95 -63.44 -4.43 4.13
N LYS K 96 -64.72 -4.15 4.44
CA LYS K 96 -65.29 -2.83 4.39
C LYS K 96 -65.79 -2.53 5.78
N VAL K 97 -65.73 -1.24 6.18
CA VAL K 97 -66.07 -0.77 7.50
C VAL K 97 -67.54 -0.43 7.53
N VAL K 98 -68.21 -0.81 8.64
CA VAL K 98 -69.63 -0.61 8.86
C VAL K 98 -69.78 0.65 9.68
N LYS K 99 -70.94 1.35 9.55
CA LYS K 99 -71.22 2.59 10.23
C LYS K 99 -71.90 2.29 11.54
N VAL K 100 -71.68 3.17 12.56
CA VAL K 100 -72.33 3.25 13.86
C VAL K 100 -72.79 1.95 14.48
N SER K 101 -71.85 1.01 14.74
CA SER K 101 -72.22 -0.32 15.15
C SER K 101 -71.22 -0.90 16.11
N GLY K 102 -71.58 -2.06 16.71
CA GLY K 102 -70.80 -2.76 17.70
C GLY K 102 -71.46 -2.57 19.03
N VAL K 103 -70.67 -2.71 20.12
CA VAL K 103 -71.14 -2.53 21.48
C VAL K 103 -71.13 -1.05 21.80
N SER K 104 -70.01 -0.37 21.48
CA SER K 104 -69.73 0.99 21.90
C SER K 104 -70.28 2.02 20.95
N LEU K 105 -70.28 1.73 19.63
CA LEU K 105 -70.76 2.61 18.57
C LEU K 105 -69.96 3.89 18.51
N LEU K 106 -68.65 3.78 18.21
CA LEU K 106 -67.75 4.92 18.22
C LEU K 106 -67.64 5.50 16.83
N ALA K 107 -67.44 4.64 15.80
CA ALA K 107 -67.27 5.05 14.43
C ALA K 107 -68.54 5.66 13.87
N LEU K 108 -68.44 6.85 13.24
CA LEU K 108 -69.58 7.63 12.85
C LEU K 108 -70.07 7.26 11.47
N TRP K 109 -71.26 7.79 11.11
CA TRP K 109 -71.97 7.49 9.88
C TRP K 109 -71.59 8.47 8.79
N LYS K 110 -72.35 8.46 7.68
CA LYS K 110 -72.13 9.34 6.56
C LYS K 110 -72.77 10.67 6.85
N GLU K 111 -71.96 11.76 6.82
CA GLU K 111 -72.37 13.08 7.24
C GLU K 111 -72.42 14.01 6.05
N LYS K 112 -73.04 15.19 6.24
CA LYS K 112 -73.15 16.30 5.29
C LYS K 112 -74.01 16.02 4.09
N LYS K 113 -74.86 14.97 4.13
CA LYS K 113 -75.69 14.59 3.03
C LYS K 113 -77.06 14.29 3.60
N GLU K 114 -78.12 14.41 2.77
CA GLU K 114 -79.48 14.23 3.23
C GLU K 114 -80.32 13.53 2.17
N LYS K 115 -79.69 12.56 1.45
CA LYS K 115 -80.40 11.54 0.70
C LYS K 115 -80.78 10.43 1.68
N PRO K 116 -81.49 9.33 1.32
CA PRO K 116 -81.73 8.23 2.24
C PRO K 116 -80.45 7.56 2.70
N ARG K 117 -80.52 6.81 3.83
CA ARG K 117 -79.41 6.58 4.71
C ARG K 117 -78.27 5.77 4.14
N SER K 118 -78.32 4.43 4.28
CA SER K 118 -77.26 3.50 3.93
C SER K 118 -76.07 3.59 4.92
N ARG L 1 8.30 63.37 -68.56
CA ARG L 1 7.57 63.80 -67.34
C ARG L 1 6.24 64.36 -67.73
N LEU L 2 5.16 63.70 -67.27
CA LEU L 2 3.80 64.09 -67.52
C LEU L 2 3.21 64.45 -66.18
N LEU L 3 3.23 63.49 -65.23
CA LEU L 3 2.41 63.50 -64.04
C LEU L 3 3.05 64.25 -62.91
N ASN L 4 2.26 64.40 -61.82
CA ASN L 4 2.71 64.79 -60.51
C ASN L 4 3.18 63.52 -59.85
N THR L 5 4.41 63.56 -59.28
CA THR L 5 5.18 62.48 -58.66
C THR L 5 5.63 61.37 -59.61
N ASN L 6 4.71 60.74 -60.38
CA ASN L 6 5.01 59.59 -61.20
C ASN L 6 5.58 59.99 -62.54
N VAL L 7 6.13 59.00 -63.28
CA VAL L 7 6.60 59.17 -64.62
C VAL L 7 6.52 57.81 -65.27
N ASP L 8 5.99 57.78 -66.51
CA ASP L 8 5.75 56.59 -67.30
C ASP L 8 6.88 56.43 -68.30
N GLY L 9 6.97 55.24 -68.95
CA GLY L 9 8.01 54.99 -69.93
C GLY L 9 8.07 53.53 -70.23
N ASN L 10 8.68 53.19 -71.40
CA ASN L 10 9.14 51.88 -71.80
C ASN L 10 8.07 50.91 -72.28
N ILE L 11 7.02 50.65 -71.47
CA ILE L 11 5.96 49.71 -71.76
C ILE L 11 4.96 50.42 -72.66
N LYS L 12 3.98 49.67 -73.26
CA LYS L 12 2.86 50.19 -74.03
C LYS L 12 2.17 51.29 -73.26
N ILE L 13 1.65 52.33 -73.94
CA ILE L 13 1.17 53.54 -73.29
C ILE L 13 -0.02 53.27 -72.39
N VAL L 14 -0.88 52.29 -72.75
CA VAL L 14 -2.04 51.92 -71.94
C VAL L 14 -1.64 51.23 -70.65
N TYR L 15 -0.62 50.34 -70.69
CA TYR L 15 -0.11 49.62 -69.53
C TYR L 15 0.73 50.52 -68.63
N ALA L 16 1.50 51.45 -69.24
CA ALA L 16 2.49 52.27 -68.56
C ALA L 16 1.85 53.34 -67.72
N LEU L 17 0.63 53.78 -68.08
CA LEU L 17 -0.09 54.81 -67.38
C LEU L 17 -0.93 54.25 -66.25
N THR L 18 -1.11 52.90 -66.17
CA THR L 18 -1.96 52.23 -65.18
C THR L 18 -1.46 52.41 -63.76
N THR L 19 -0.14 52.62 -63.58
CA THR L 19 0.52 52.74 -62.29
C THR L 19 0.29 54.11 -61.64
N ILE L 20 -0.50 54.98 -62.30
CA ILE L 20 -0.86 56.29 -61.80
C ILE L 20 -2.20 56.12 -61.12
N LYS L 21 -2.40 56.71 -59.92
CA LYS L 21 -3.72 56.79 -59.34
C LYS L 21 -4.36 58.04 -59.93
N GLY L 22 -5.25 57.85 -60.92
CA GLY L 22 -5.82 58.91 -61.70
C GLY L 22 -5.85 58.53 -63.14
N VAL L 23 -5.09 57.48 -63.55
CA VAL L 23 -5.12 56.97 -64.91
C VAL L 23 -5.00 55.47 -64.79
N GLY L 24 -6.00 54.70 -65.26
CA GLY L 24 -6.07 53.25 -65.09
C GLY L 24 -5.98 52.55 -66.41
N ARG L 25 -6.70 51.40 -66.56
CA ARG L 25 -6.62 50.56 -67.74
C ARG L 25 -7.53 51.07 -68.82
N ARG L 26 -8.87 51.10 -68.56
CA ARG L 26 -9.87 51.60 -69.47
C ARG L 26 -10.07 53.08 -69.25
N TYR L 27 -9.00 53.79 -68.80
CA TYR L 27 -9.01 55.20 -68.51
C TYR L 27 -7.76 55.83 -69.06
N SER L 28 -6.76 55.01 -69.47
CA SER L 28 -5.55 55.49 -70.11
C SER L 28 -5.83 55.80 -71.55
N ASN L 29 -6.57 54.90 -72.24
CA ASN L 29 -6.96 55.00 -73.63
C ASN L 29 -7.80 56.22 -73.92
N LEU L 30 -8.61 56.69 -72.94
CA LEU L 30 -9.41 57.91 -72.96
C LEU L 30 -8.55 59.10 -73.32
N VAL L 31 -7.43 59.28 -72.60
CA VAL L 31 -6.55 60.41 -72.72
C VAL L 31 -5.63 60.26 -73.92
N CYS L 32 -5.24 58.99 -74.26
CA CYS L 32 -4.30 58.67 -75.32
C CYS L 32 -4.72 59.16 -76.68
N LYS L 33 -5.96 58.85 -77.13
CA LYS L 33 -6.40 59.20 -78.47
C LYS L 33 -6.90 60.64 -78.49
N LYS L 34 -7.08 61.28 -77.31
CA LYS L 34 -7.43 62.69 -77.23
C LYS L 34 -6.21 63.54 -77.51
N ALA L 35 -5.02 63.00 -77.16
CA ALA L 35 -3.74 63.53 -77.56
C ALA L 35 -3.50 63.23 -79.02
N ASP L 36 -3.90 62.01 -79.44
CA ASP L 36 -3.84 61.44 -80.76
C ASP L 36 -2.54 60.68 -80.89
N VAL L 37 -2.45 59.57 -80.11
CA VAL L 37 -1.45 58.54 -80.24
C VAL L 37 -2.23 57.25 -80.12
N ASP L 38 -1.64 56.12 -80.55
CA ASP L 38 -2.26 54.81 -80.53
C ASP L 38 -1.93 54.08 -79.25
N LEU L 39 -2.48 52.85 -79.08
CA LEU L 39 -2.38 52.06 -77.88
C LEU L 39 -1.19 51.14 -77.90
N HIS L 40 -0.69 50.79 -79.11
CA HIS L 40 0.42 49.87 -79.30
C HIS L 40 1.72 50.57 -79.02
N LYS L 41 1.77 51.89 -79.37
CA LYS L 41 2.84 52.82 -79.14
C LYS L 41 3.26 52.83 -77.69
N ARG L 42 4.57 52.66 -77.42
CA ARG L 42 5.09 52.65 -76.08
C ARG L 42 5.50 54.04 -75.70
N ALA L 43 5.54 54.29 -74.37
CA ALA L 43 5.72 55.60 -73.78
C ALA L 43 7.17 56.06 -73.85
N GLY L 44 8.11 55.13 -74.15
CA GLY L 44 9.51 55.45 -74.33
C GLY L 44 9.84 55.71 -75.78
N GLU L 45 8.82 55.67 -76.67
CA GLU L 45 8.98 55.86 -78.09
C GLU L 45 8.46 57.23 -78.48
N LEU L 46 7.90 57.99 -77.51
CA LEU L 46 7.20 59.22 -77.76
C LEU L 46 8.14 60.33 -78.17
N THR L 47 7.73 61.08 -79.22
CA THR L 47 8.36 62.27 -79.75
C THR L 47 7.90 63.40 -78.87
N GLN L 48 8.59 64.57 -78.89
CA GLN L 48 8.28 65.73 -78.09
C GLN L 48 6.88 66.26 -78.35
N GLU L 49 6.44 66.25 -79.62
CA GLU L 49 5.11 66.67 -80.03
C GLU L 49 4.04 65.83 -79.39
N GLU L 50 4.23 64.49 -79.38
CA GLU L 50 3.31 63.52 -78.82
C GLU L 50 3.23 63.63 -77.31
N LEU L 51 4.38 63.95 -76.67
CA LEU L 51 4.56 64.10 -75.24
C LEU L 51 3.83 65.33 -74.73
N GLU L 52 3.82 66.42 -75.53
CA GLU L 52 3.16 67.66 -75.20
C GLU L 52 1.65 67.52 -75.26
N ARG L 53 1.10 66.82 -76.28
CA ARG L 53 -0.33 66.68 -76.45
C ARG L 53 -0.98 65.84 -75.37
N ILE L 54 -0.27 64.82 -74.83
CA ILE L 54 -0.81 63.93 -73.82
C ILE L 54 -0.92 64.60 -72.47
N VAL L 55 0.09 65.41 -72.06
CA VAL L 55 0.14 66.04 -70.75
C VAL L 55 -0.85 67.19 -70.64
N GLN L 56 -1.19 67.85 -71.77
CA GLN L 56 -2.13 68.94 -71.84
C GLN L 56 -3.53 68.53 -71.45
N ILE L 57 -3.99 67.35 -71.93
CA ILE L 57 -5.32 66.84 -71.66
C ILE L 57 -5.36 66.27 -70.25
N MET L 58 -4.29 65.57 -69.84
CA MET L 58 -4.25 64.77 -68.64
C MET L 58 -4.27 65.57 -67.35
N GLN L 59 -3.64 66.77 -67.34
CA GLN L 59 -3.60 67.61 -66.15
C GLN L 59 -4.81 68.51 -66.08
N ASN L 60 -5.37 68.92 -67.25
CA ASN L 60 -6.53 69.78 -67.35
C ASN L 60 -7.74 68.84 -67.54
N PRO L 61 -8.98 69.13 -67.97
CA PRO L 61 -10.07 68.17 -67.77
C PRO L 61 -10.05 67.05 -68.78
N THR L 62 -10.63 65.90 -68.39
CA THR L 62 -10.86 64.75 -69.22
C THR L 62 -12.34 64.75 -69.53
N HIS L 63 -12.77 63.90 -70.49
CA HIS L 63 -14.14 63.89 -70.94
C HIS L 63 -14.39 62.53 -71.53
N TYR L 64 -15.66 62.23 -71.85
CA TYR L 64 -16.02 61.23 -72.84
C TYR L 64 -17.05 61.93 -73.69
N LYS L 65 -18.34 61.53 -73.56
CA LYS L 65 -19.43 62.00 -74.37
C LYS L 65 -20.17 63.05 -73.56
N ILE L 66 -19.69 64.32 -73.58
CA ILE L 66 -20.18 65.34 -72.68
C ILE L 66 -20.72 66.54 -73.47
N PRO L 67 -21.98 66.63 -73.89
CA PRO L 67 -22.48 67.81 -74.60
C PRO L 67 -22.91 68.91 -73.68
N ALA L 68 -23.18 68.62 -72.38
CA ALA L 68 -23.60 69.60 -71.40
C ALA L 68 -22.57 69.54 -70.32
N TRP L 69 -21.98 70.69 -69.95
CA TRP L 69 -20.81 70.69 -69.11
C TRP L 69 -20.64 72.06 -68.51
N PHE L 70 -20.92 72.20 -67.19
CA PHE L 70 -20.57 73.37 -66.44
C PHE L 70 -19.37 73.01 -65.61
N LEU L 71 -18.81 74.01 -64.88
CA LEU L 71 -17.71 73.84 -63.99
C LEU L 71 -18.07 74.53 -62.70
N ASN L 72 -18.97 73.91 -61.90
CA ASN L 72 -19.29 74.34 -60.56
C ASN L 72 -18.32 73.64 -59.64
N ARG L 73 -18.16 74.12 -58.39
CA ARG L 73 -17.21 73.57 -57.45
C ARG L 73 -17.95 73.29 -56.16
N GLN L 74 -17.19 72.84 -55.12
CA GLN L 74 -17.67 72.21 -53.90
C GLN L 74 -18.58 73.05 -53.05
N ASN L 75 -18.28 74.37 -52.96
CA ASN L 75 -18.94 75.37 -52.13
C ASN L 75 -18.28 75.44 -50.77
N ASP L 76 -17.79 74.29 -50.25
CA ASP L 76 -16.92 74.22 -49.09
C ASP L 76 -15.54 74.64 -49.58
N ILE L 77 -14.81 75.42 -48.76
CA ILE L 77 -13.68 76.20 -49.20
C ILE L 77 -12.38 75.56 -48.74
N THR L 78 -12.23 74.24 -48.99
CA THR L 78 -10.99 73.52 -48.76
C THR L 78 -10.13 73.63 -50.00
N ASP L 79 -10.32 72.75 -51.01
CA ASP L 79 -9.68 72.88 -52.30
C ASP L 79 -10.75 72.88 -53.37
N GLY L 80 -10.34 72.70 -54.63
CA GLY L 80 -11.24 72.70 -55.74
C GLY L 80 -10.43 72.35 -56.94
N LYS L 81 -10.36 71.03 -57.24
CA LYS L 81 -9.67 70.51 -58.39
C LYS L 81 -10.63 70.53 -59.54
N ASP L 82 -11.42 69.44 -59.68
CA ASP L 82 -12.67 69.40 -60.43
C ASP L 82 -12.48 69.69 -61.90
N TYR L 83 -11.34 69.24 -62.44
CA TYR L 83 -11.01 69.23 -63.85
C TYR L 83 -10.68 67.79 -64.11
N HIS L 84 -9.39 67.43 -63.96
CA HIS L 84 -8.98 66.06 -63.76
C HIS L 84 -8.07 66.10 -62.57
N THR L 85 -7.94 64.96 -61.85
CA THR L 85 -7.35 64.91 -60.54
C THR L 85 -6.37 63.74 -60.53
N LEU L 86 -5.05 64.05 -60.55
CA LEU L 86 -3.99 63.06 -60.62
C LEU L 86 -3.48 62.76 -59.22
N ALA L 87 -2.45 61.89 -59.14
CA ALA L 87 -1.85 61.23 -57.98
C ALA L 87 -1.90 61.97 -56.65
N ASN L 88 -1.17 63.10 -56.53
CA ASN L 88 -0.98 63.78 -55.26
C ASN L 88 -2.18 64.62 -54.85
N ASN L 89 -3.17 64.73 -55.75
CA ASN L 89 -4.35 65.56 -55.58
C ASN L 89 -5.51 64.69 -55.16
N VAL L 90 -5.53 63.42 -55.62
CA VAL L 90 -6.61 62.49 -55.35
C VAL L 90 -6.39 61.82 -54.02
N GLU L 91 -5.13 61.78 -53.51
CA GLU L 91 -4.82 61.24 -52.21
C GLU L 91 -5.07 62.26 -51.11
N SER L 92 -5.12 63.57 -51.46
CA SER L 92 -5.36 64.62 -50.48
C SER L 92 -6.84 64.83 -50.27
N LYS L 93 -7.60 65.22 -51.33
CA LYS L 93 -9.00 65.61 -51.25
C LYS L 93 -9.87 64.51 -50.67
N LEU L 94 -9.79 63.28 -51.24
CA LEU L 94 -10.59 62.14 -50.85
C LEU L 94 -10.31 61.68 -49.43
N ARG L 95 -9.12 62.02 -48.88
CA ARG L 95 -8.74 61.66 -47.54
C ARG L 95 -9.44 62.57 -46.55
N ASP L 96 -9.27 63.91 -46.67
CA ASP L 96 -9.71 64.84 -45.65
C ASP L 96 -11.18 65.17 -45.76
N ASP L 97 -11.84 64.94 -46.93
CA ASP L 97 -13.29 65.00 -47.07
C ASP L 97 -13.96 64.06 -46.11
N LEU L 98 -13.47 62.80 -46.04
CA LEU L 98 -13.95 61.78 -45.14
C LEU L 98 -13.80 62.17 -43.69
N GLU L 99 -12.79 62.99 -43.33
CA GLU L 99 -12.55 63.40 -41.96
C GLU L 99 -13.41 64.56 -41.52
N ARG L 100 -13.83 65.47 -42.45
CA ARG L 100 -14.60 66.65 -42.08
C ARG L 100 -15.99 66.29 -41.61
N LEU L 101 -16.73 65.45 -42.36
CA LEU L 101 -18.06 65.00 -41.97
C LEU L 101 -18.02 63.86 -40.97
N LYS L 102 -16.82 63.32 -40.64
CA LYS L 102 -16.64 62.33 -39.59
C LYS L 102 -16.50 63.01 -38.25
N LYS L 103 -16.03 64.28 -38.24
CA LYS L 103 -15.86 65.08 -37.05
C LYS L 103 -17.20 65.41 -36.42
N ILE L 104 -18.22 65.65 -37.28
CA ILE L 104 -19.59 65.86 -36.87
C ILE L 104 -20.32 64.53 -36.98
N ARG L 105 -21.60 64.47 -36.52
CA ARG L 105 -22.47 63.36 -36.87
C ARG L 105 -23.20 63.74 -38.12
N ALA L 106 -22.55 63.45 -39.25
CA ALA L 106 -23.20 63.11 -40.48
C ALA L 106 -23.36 61.62 -40.36
N HIS L 107 -24.39 61.04 -41.00
CA HIS L 107 -24.62 59.61 -40.90
C HIS L 107 -23.66 58.91 -41.82
N ARG L 108 -23.27 59.53 -42.96
CA ARG L 108 -22.19 59.02 -43.79
C ARG L 108 -20.87 58.97 -43.02
N GLY L 109 -20.67 59.94 -42.08
CA GLY L 109 -19.52 60.02 -41.21
C GLY L 109 -19.47 58.92 -40.19
N ILE L 110 -20.65 58.39 -39.76
CA ILE L 110 -20.75 57.33 -38.77
C ILE L 110 -20.58 55.99 -39.46
N ARG L 111 -20.96 55.87 -40.76
CA ARG L 111 -20.75 54.67 -41.56
C ARG L 111 -19.28 54.54 -41.90
N HIS L 112 -18.54 55.68 -41.91
CA HIS L 112 -17.10 55.71 -42.05
C HIS L 112 -16.41 55.27 -40.77
N PHE L 113 -17.06 55.43 -39.60
CA PHE L 113 -16.57 54.95 -38.31
C PHE L 113 -16.80 53.47 -38.18
N TRP L 114 -17.95 52.95 -38.68
CA TRP L 114 -18.30 51.55 -38.67
C TRP L 114 -17.36 50.76 -39.56
N GLY L 115 -17.60 50.84 -40.88
CA GLY L 115 -16.96 49.97 -41.85
C GLY L 115 -17.95 49.72 -42.94
N LEU L 116 -19.26 49.85 -42.60
CA LEU L 116 -20.37 49.55 -43.48
C LEU L 116 -20.48 50.58 -44.60
N ARG L 117 -21.37 50.30 -45.58
CA ARG L 117 -21.47 51.03 -46.84
C ARG L 117 -21.95 52.44 -46.62
N VAL L 118 -21.45 53.38 -47.46
CA VAL L 118 -21.67 54.80 -47.35
C VAL L 118 -22.85 55.17 -48.21
N ARG L 119 -23.00 54.50 -49.38
CA ARG L 119 -24.14 54.68 -50.25
C ARG L 119 -25.31 53.92 -49.68
N GLY L 120 -25.06 52.67 -49.24
CA GLY L 120 -26.05 51.85 -48.56
C GLY L 120 -26.50 50.71 -49.42
N GLN L 121 -25.65 50.27 -50.40
CA GLN L 121 -26.02 49.22 -51.33
C GLN L 121 -26.22 47.91 -50.62
N HIS L 122 -27.35 47.22 -50.95
CA HIS L 122 -27.95 46.04 -50.35
C HIS L 122 -27.07 45.29 -49.39
N THR L 123 -27.20 45.64 -48.09
CA THR L 123 -26.11 45.60 -47.14
C THR L 123 -25.85 44.24 -46.53
N LYS L 124 -26.73 43.24 -46.72
CA LYS L 124 -26.65 41.95 -46.06
C LYS L 124 -25.38 41.19 -46.40
N THR L 125 -25.14 40.88 -47.70
CA THR L 125 -24.08 39.98 -48.11
C THR L 125 -22.78 40.71 -48.42
N THR L 126 -22.85 41.96 -48.95
CA THR L 126 -21.67 42.77 -49.23
C THR L 126 -21.08 43.28 -47.94
N GLY L 127 -19.74 43.41 -47.90
CA GLY L 127 -19.04 43.88 -46.73
C GLY L 127 -17.75 43.15 -46.56
N ARG L 128 -17.39 42.27 -47.52
CA ARG L 128 -16.15 41.54 -47.48
C ARG L 128 -15.04 42.39 -48.07
N ARG L 129 -15.40 43.39 -48.90
CA ARG L 129 -14.45 44.37 -49.40
C ARG L 129 -14.36 45.55 -48.46
N ARG L 130 -15.51 46.24 -48.20
CA ARG L 130 -15.53 47.45 -47.40
C ARG L 130 -15.95 47.10 -45.95
N ASN M 1 -53.71 52.80 -37.00
CA ASN M 1 -53.26 52.19 -38.29
C ASN M 1 -53.60 53.05 -39.50
N VAL M 2 -53.50 52.45 -40.72
CA VAL M 2 -53.66 53.06 -42.03
C VAL M 2 -55.04 53.62 -42.29
N TRP M 3 -56.10 52.97 -41.76
CA TRP M 3 -57.49 53.25 -42.11
C TRP M 3 -57.96 54.64 -41.70
N PHE M 4 -57.19 55.37 -40.87
CA PHE M 4 -57.43 56.77 -40.59
C PHE M 4 -56.97 57.59 -41.78
N SER M 5 -57.87 58.46 -42.29
CA SER M 5 -57.74 59.10 -43.59
C SER M 5 -56.77 60.26 -43.61
N HIS M 6 -56.21 60.65 -42.45
CA HIS M 6 -55.20 61.68 -42.37
C HIS M 6 -53.93 61.07 -41.80
N PRO M 7 -53.00 60.56 -42.61
CA PRO M 7 -51.65 60.25 -42.16
C PRO M 7 -50.87 61.55 -42.03
N ARG M 8 -49.62 61.47 -41.49
CA ARG M 8 -48.81 62.64 -41.24
C ARG M 8 -48.28 63.22 -42.53
N ARG M 9 -47.60 62.37 -43.32
CA ARG M 9 -46.92 62.75 -44.55
C ARG M 9 -47.80 62.19 -45.65
N PHE M 10 -47.41 62.29 -46.95
CA PHE M 10 -48.27 61.75 -48.02
C PHE M 10 -48.09 60.25 -48.07
N GLY M 11 -46.80 59.84 -48.06
CA GLY M 11 -46.34 58.48 -48.16
C GLY M 11 -45.34 58.37 -47.03
N LYS M 12 -45.65 57.91 -45.70
CA LYS M 12 -47.46 56.73 -43.78
C LYS M 12 -48.76 55.78 -44.03
N GLY M 13 -49.96 56.34 -44.34
CA GLY M 13 -51.14 55.57 -44.67
C GLY M 13 -51.00 54.96 -46.04
N SER M 14 -50.67 53.65 -46.07
CA SER M 14 -50.39 52.89 -47.26
C SER M 14 -51.66 52.19 -47.73
N ARG M 15 -51.60 50.88 -47.97
CA ARG M 15 -52.71 50.06 -48.38
C ARG M 15 -52.88 49.02 -47.29
N GLN M 16 -54.14 48.57 -47.05
CA GLN M 16 -54.42 47.47 -46.16
C GLN M 16 -55.55 46.69 -46.78
N CYS M 17 -55.80 45.49 -46.22
CA CYS M 17 -56.90 44.62 -46.59
C CYS M 17 -58.16 45.11 -45.88
N ARG M 18 -59.34 44.68 -46.37
CA ARG M 18 -60.61 44.90 -45.71
C ARG M 18 -60.87 43.76 -44.75
N VAL M 19 -60.68 42.50 -45.21
CA VAL M 19 -61.07 41.28 -44.54
C VAL M 19 -60.20 41.09 -43.32
N CYS M 20 -58.88 40.85 -43.55
CA CYS M 20 -57.86 40.85 -42.52
C CYS M 20 -57.37 42.28 -42.39
N SER M 21 -56.38 42.48 -41.49
CA SER M 21 -55.61 43.70 -41.36
C SER M 21 -54.46 43.68 -42.34
N SER M 22 -54.01 42.47 -42.78
CA SER M 22 -52.79 42.20 -43.53
C SER M 22 -52.46 43.12 -44.66
N HIS M 23 -51.14 43.20 -44.93
CA HIS M 23 -50.52 44.28 -45.64
C HIS M 23 -49.71 43.81 -46.81
N THR M 24 -49.15 42.58 -46.71
CA THR M 24 -47.98 42.16 -47.46
C THR M 24 -48.28 41.85 -48.91
N GLY M 25 -48.32 42.92 -49.75
CA GLY M 25 -48.56 42.82 -51.16
C GLY M 25 -49.98 42.48 -51.49
N LEU M 26 -50.80 43.51 -51.68
CA LEU M 26 -52.23 43.38 -51.82
C LEU M 26 -52.57 43.32 -53.28
N VAL M 27 -53.56 44.11 -53.73
CA VAL M 27 -53.89 44.18 -55.13
C VAL M 27 -54.43 45.56 -55.37
N ARG M 28 -54.10 46.16 -56.55
CA ARG M 28 -54.56 47.48 -56.91
C ARG M 28 -55.98 47.42 -57.41
N LYS M 29 -56.28 46.38 -58.22
CA LYS M 29 -57.56 46.13 -58.84
C LYS M 29 -58.64 45.80 -57.83
N TYR M 30 -58.30 45.06 -56.76
CA TYR M 30 -59.23 44.74 -55.69
C TYR M 30 -58.49 45.06 -54.43
N ASP M 31 -59.01 46.05 -53.66
CA ASP M 31 -58.40 46.57 -52.46
C ASP M 31 -58.62 45.63 -51.29
N LEU M 32 -59.43 44.57 -51.49
CA LEU M 32 -59.62 43.49 -50.55
C LEU M 32 -58.55 42.45 -50.83
N ASN M 33 -58.62 41.31 -50.11
CA ASN M 33 -57.72 40.17 -50.19
C ASN M 33 -56.57 40.39 -49.27
N ILE M 34 -56.21 39.35 -48.47
CA ILE M 34 -55.24 39.38 -47.37
C ILE M 34 -53.91 39.87 -47.88
N CYS M 35 -53.46 39.22 -48.95
CA CYS M 35 -52.24 39.52 -49.64
C CYS M 35 -52.52 38.90 -50.98
N ARG M 36 -51.96 37.71 -51.24
CA ARG M 36 -52.40 36.86 -52.33
C ARG M 36 -53.63 36.09 -51.94
N GLN M 37 -53.82 35.83 -50.62
CA GLN M 37 -54.61 34.71 -50.17
C GLN M 37 -56.09 34.69 -50.55
N CYS M 38 -56.91 35.74 -50.31
CA CYS M 38 -58.31 35.69 -50.73
C CYS M 38 -58.51 35.98 -52.21
N PHE M 39 -57.44 36.05 -53.04
CA PHE M 39 -57.57 36.30 -54.45
C PHE M 39 -58.14 35.08 -55.13
N ARG M 40 -57.58 33.89 -54.81
CA ARG M 40 -58.01 32.62 -55.36
C ARG M 40 -59.26 32.13 -54.65
N GLU M 41 -59.48 32.49 -53.37
CA GLU M 41 -60.68 32.11 -52.64
C GLU M 41 -61.91 32.78 -53.22
N LYS M 42 -61.83 34.10 -53.47
CA LYS M 42 -62.94 34.89 -53.96
C LYS M 42 -63.06 34.82 -55.47
N ALA M 43 -62.19 34.00 -56.12
CA ALA M 43 -62.35 33.58 -57.49
C ALA M 43 -63.28 32.39 -57.51
N ASN M 44 -63.11 31.48 -56.52
CA ASN M 44 -63.89 30.27 -56.36
C ASN M 44 -65.30 30.59 -55.90
N ASP M 45 -65.52 31.79 -55.30
CA ASP M 45 -66.83 32.31 -54.95
C ASP M 45 -67.64 32.55 -56.20
N ILE M 46 -67.26 33.60 -56.99
CA ILE M 46 -67.98 33.95 -58.18
C ILE M 46 -67.07 34.74 -59.09
N GLY M 47 -66.96 34.29 -60.36
CA GLY M 47 -66.32 35.04 -61.42
C GLY M 47 -64.82 34.93 -61.38
N PHE M 48 -64.15 35.89 -62.03
CA PHE M 48 -62.70 35.96 -62.03
C PHE M 48 -62.38 37.41 -62.38
N HIS M 49 -61.09 37.79 -62.24
CA HIS M 49 -60.54 39.02 -62.73
C HIS M 49 -59.06 38.75 -62.80
N LYS M 50 -58.34 39.33 -63.80
CA LYS M 50 -56.97 39.02 -64.18
C LYS M 50 -56.01 38.66 -63.03
N ILE N 1 -29.38 -75.70 -33.41
CA ILE N 1 -29.46 -77.19 -33.38
C ILE N 1 -30.47 -77.57 -32.34
N THR N 2 -31.63 -78.12 -32.79
CA THR N 2 -32.80 -78.26 -31.95
C THR N 2 -33.13 -79.73 -31.80
N GLY N 3 -33.02 -80.54 -32.88
CA GLY N 3 -33.52 -81.91 -32.96
C GLY N 3 -33.01 -82.90 -31.94
N ASN N 4 -31.80 -82.70 -31.37
CA ASN N 4 -31.21 -83.59 -30.40
C ASN N 4 -31.81 -83.41 -29.01
N LYS N 5 -32.45 -82.24 -28.79
CA LYS N 5 -33.07 -81.83 -27.55
C LYS N 5 -34.44 -82.44 -27.44
N ILE N 6 -35.18 -82.52 -28.57
CA ILE N 6 -36.56 -82.94 -28.70
C ILE N 6 -36.82 -84.33 -28.15
N MET N 7 -35.92 -85.30 -28.42
CA MET N 7 -36.15 -86.69 -28.14
C MET N 7 -35.84 -87.08 -26.69
N ARG N 8 -35.82 -86.10 -25.76
CA ARG N 8 -35.36 -86.30 -24.40
C ARG N 8 -36.50 -86.21 -23.42
N ILE N 9 -37.27 -85.09 -23.44
CA ILE N 9 -38.21 -84.74 -22.38
C ILE N 9 -39.58 -85.32 -22.68
N LEU N 10 -39.97 -85.34 -23.97
CA LEU N 10 -41.29 -85.66 -24.47
C LEU N 10 -41.77 -87.06 -24.18
N LYS N 11 -43.10 -87.27 -24.34
CA LYS N 11 -43.73 -88.57 -24.32
C LYS N 11 -43.40 -89.28 -25.62
N SER N 12 -43.74 -88.62 -26.76
CA SER N 12 -43.56 -89.14 -28.09
C SER N 12 -42.39 -88.38 -28.70
N ASN N 13 -42.58 -87.80 -29.91
CA ASN N 13 -41.55 -87.05 -30.59
C ASN N 13 -42.23 -86.02 -31.45
N GLY N 14 -41.61 -84.82 -31.58
CA GLY N 14 -42.10 -83.75 -32.43
C GLY N 14 -42.96 -82.78 -31.66
N LEU N 15 -43.42 -83.17 -30.46
CA LEU N 15 -44.32 -82.38 -29.65
C LEU N 15 -43.52 -81.47 -28.74
N ALA N 16 -43.05 -80.32 -29.25
CA ALA N 16 -42.68 -79.21 -28.41
C ALA N 16 -43.89 -78.38 -28.04
N PRO N 17 -45.06 -78.45 -28.71
CA PRO N 17 -46.32 -78.07 -28.09
C PRO N 17 -46.70 -78.90 -26.87
N GLU N 18 -45.94 -79.96 -26.51
CA GLU N 18 -45.88 -80.48 -25.16
C GLU N 18 -44.84 -79.61 -24.48
N ILE N 19 -45.32 -78.69 -23.63
CA ILE N 19 -44.63 -77.48 -23.22
C ILE N 19 -43.41 -77.58 -22.31
N PRO N 20 -42.99 -78.65 -21.60
CA PRO N 20 -41.74 -78.67 -20.87
C PRO N 20 -40.50 -78.60 -21.74
N GLU N 21 -40.67 -78.59 -23.08
CA GLU N 21 -39.60 -78.52 -24.04
C GLU N 21 -39.13 -77.10 -24.22
N ASP N 22 -40.05 -76.10 -24.14
CA ASP N 22 -39.71 -74.69 -24.20
C ASP N 22 -39.01 -74.28 -22.93
N LEU N 23 -39.43 -74.85 -21.77
CA LEU N 23 -38.84 -74.58 -20.48
C LEU N 23 -37.39 -75.01 -20.46
N TYR N 24 -37.09 -76.20 -21.06
CA TYR N 24 -35.75 -76.74 -21.15
C TYR N 24 -34.92 -76.03 -22.20
N TYR N 25 -35.55 -75.46 -23.25
CA TYR N 25 -34.90 -74.74 -24.33
C TYR N 25 -34.28 -73.47 -23.79
N LEU N 26 -35.13 -72.57 -23.24
CA LEU N 26 -34.77 -71.24 -22.84
C LEU N 26 -33.78 -71.21 -21.70
N ILE N 27 -33.92 -72.13 -20.70
CA ILE N 27 -32.97 -72.28 -19.59
C ILE N 27 -31.58 -72.62 -20.10
N LYS N 28 -31.49 -73.61 -21.02
CA LYS N 28 -30.24 -74.21 -21.43
C LYS N 28 -29.46 -73.32 -22.37
N LYS N 29 -30.15 -72.46 -23.13
CA LYS N 29 -29.53 -71.58 -24.11
C LYS N 29 -29.34 -70.19 -23.56
N ALA N 30 -30.05 -69.81 -22.46
CA ALA N 30 -29.88 -68.53 -21.80
C ALA N 30 -28.53 -68.44 -21.11
N VAL N 31 -28.04 -69.58 -20.57
CA VAL N 31 -26.72 -69.67 -19.98
C VAL N 31 -25.65 -69.72 -21.06
N SER N 32 -26.02 -70.10 -22.30
CA SER N 32 -25.08 -70.20 -23.41
C SER N 32 -24.82 -68.86 -24.05
N VAL N 33 -25.86 -67.97 -24.12
CA VAL N 33 -25.71 -66.61 -24.61
C VAL N 33 -25.08 -65.74 -23.53
N ARG N 34 -25.11 -66.20 -22.26
CA ARG N 34 -24.40 -65.52 -21.18
C ARG N 34 -22.92 -65.82 -21.18
N LYS N 35 -22.41 -66.71 -22.06
CA LYS N 35 -20.98 -66.87 -22.32
C LYS N 35 -20.49 -65.68 -23.11
N HIS N 36 -21.39 -65.14 -23.95
CA HIS N 36 -21.21 -64.01 -24.82
C HIS N 36 -21.45 -62.72 -24.05
N LEU N 37 -21.93 -62.81 -22.78
CA LEU N 37 -22.02 -61.69 -21.86
C LEU N 37 -20.95 -61.81 -20.78
N GLU N 38 -20.18 -62.92 -20.77
CA GLU N 38 -18.95 -63.06 -20.00
C GLU N 38 -17.79 -62.67 -20.90
N ARG N 39 -18.11 -62.12 -22.07
CA ARG N 39 -17.19 -61.75 -23.12
C ARG N 39 -16.85 -60.29 -22.95
N ASN N 40 -17.88 -59.42 -22.85
CA ASN N 40 -17.72 -58.01 -22.51
C ASN N 40 -19.00 -57.62 -21.78
N ARG N 41 -19.05 -56.42 -21.17
CA ARG N 41 -20.21 -55.92 -20.47
C ARG N 41 -20.74 -54.63 -21.04
N LYS N 42 -20.10 -54.04 -22.08
CA LYS N 42 -20.58 -52.87 -22.83
C LYS N 42 -21.97 -53.15 -23.34
N ASP N 43 -22.05 -54.10 -24.30
CA ASP N 43 -23.19 -54.85 -24.77
C ASP N 43 -24.56 -54.22 -24.64
N LYS N 44 -25.08 -53.62 -25.74
CA LYS N 44 -26.39 -53.03 -25.71
C LYS N 44 -27.47 -54.07 -25.95
N ASP N 45 -27.80 -54.43 -27.22
CA ASP N 45 -29.01 -55.19 -27.49
C ASP N 45 -29.01 -56.60 -26.93
N ALA N 46 -27.88 -57.32 -26.82
CA ALA N 46 -27.95 -58.69 -26.34
C ALA N 46 -28.28 -58.80 -24.86
N LYS N 47 -28.12 -57.71 -24.08
CA LYS N 47 -28.59 -57.65 -22.70
C LYS N 47 -30.09 -57.40 -22.68
N PHE N 48 -30.62 -56.53 -23.59
CA PHE N 48 -32.05 -56.31 -23.78
C PHE N 48 -32.76 -57.57 -24.22
N ARG N 49 -32.20 -58.24 -25.25
CA ARG N 49 -32.65 -59.47 -25.89
C ARG N 49 -32.72 -60.62 -24.90
N LEU N 50 -31.80 -60.66 -23.91
CA LEU N 50 -31.74 -61.66 -22.87
C LEU N 50 -32.91 -61.54 -21.92
N ILE N 51 -33.37 -60.30 -21.62
CA ILE N 51 -34.48 -60.03 -20.71
C ILE N 51 -35.74 -60.67 -21.26
N LEU N 52 -36.01 -60.52 -22.58
CA LEU N 52 -37.15 -61.09 -23.25
C LEU N 52 -37.21 -62.60 -23.09
N ILE N 53 -36.13 -63.32 -23.47
CA ILE N 53 -36.12 -64.77 -23.50
C ILE N 53 -36.00 -65.41 -22.12
N GLU N 54 -35.43 -64.70 -21.12
CA GLU N 54 -35.23 -65.22 -19.79
C GLU N 54 -36.45 -64.96 -18.94
N SER N 55 -37.24 -63.91 -19.27
CA SER N 55 -38.49 -63.62 -18.60
C SER N 55 -39.60 -64.48 -19.14
N ARG N 56 -39.48 -64.98 -20.40
CA ARG N 56 -40.40 -65.94 -20.99
C ARG N 56 -40.41 -67.25 -20.21
N ILE N 57 -39.35 -67.55 -19.44
CA ILE N 57 -39.23 -68.69 -18.57
C ILE N 57 -40.22 -68.57 -17.42
N HIS N 58 -40.52 -67.32 -17.00
CA HIS N 58 -41.45 -67.03 -15.94
C HIS N 58 -42.89 -67.08 -16.43
N ARG N 59 -43.14 -66.82 -17.73
CA ARG N 59 -44.45 -67.00 -18.34
C ARG N 59 -44.70 -68.47 -18.62
N LEU N 60 -43.61 -69.25 -18.81
CA LEU N 60 -43.65 -70.69 -18.94
C LEU N 60 -43.80 -71.33 -17.56
N ALA N 61 -43.48 -70.58 -16.49
CA ALA N 61 -43.70 -70.99 -15.12
C ALA N 61 -45.09 -70.61 -14.65
N ARG N 62 -45.75 -69.67 -15.37
CA ARG N 62 -47.14 -69.29 -15.18
C ARG N 62 -48.03 -70.31 -15.83
N TYR N 63 -47.48 -71.00 -16.86
CA TYR N 63 -48.12 -71.85 -17.84
C TYR N 63 -48.94 -72.98 -17.24
N TYR N 64 -48.28 -74.13 -16.93
CA TYR N 64 -48.95 -75.34 -16.51
C TYR N 64 -49.40 -75.24 -15.06
N ARG N 65 -48.83 -74.24 -14.34
CA ARG N 65 -49.11 -73.86 -12.98
C ARG N 65 -50.57 -73.58 -12.72
N THR N 66 -51.19 -72.72 -13.57
CA THR N 66 -52.53 -72.22 -13.34
C THR N 66 -53.59 -73.24 -13.70
N VAL N 67 -53.41 -73.95 -14.84
CA VAL N 67 -54.39 -74.90 -15.35
C VAL N 67 -54.53 -76.12 -14.46
N ALA N 68 -53.55 -77.05 -14.43
CA ALA N 68 -53.69 -78.28 -13.68
C ALA N 68 -52.37 -78.70 -13.11
N VAL N 69 -52.30 -78.83 -11.78
CA VAL N 69 -51.11 -79.28 -11.09
C VAL N 69 -51.56 -80.17 -9.94
N LEU N 70 -52.16 -81.34 -10.28
CA LEU N 70 -52.62 -82.30 -9.29
C LEU N 70 -51.40 -83.07 -8.80
N PRO N 71 -50.68 -83.95 -9.50
CA PRO N 71 -49.25 -84.08 -9.35
C PRO N 71 -48.58 -82.91 -10.06
N PRO N 72 -47.83 -81.99 -9.47
CA PRO N 72 -47.40 -80.79 -10.19
C PRO N 72 -46.38 -81.07 -11.27
N ASN N 73 -46.78 -80.89 -12.56
CA ASN N 73 -45.93 -81.06 -13.72
C ASN N 73 -44.93 -79.91 -13.75
N TRP N 74 -45.37 -78.71 -13.30
CA TRP N 74 -44.56 -77.52 -13.13
C TRP N 74 -43.33 -77.75 -12.28
N LYS N 75 -43.42 -78.60 -11.23
CA LYS N 75 -42.32 -78.87 -10.33
C LYS N 75 -41.41 -79.96 -10.85
N TYR N 76 -41.81 -80.68 -11.92
CA TYR N 76 -40.97 -81.60 -12.67
C TYR N 76 -40.12 -80.79 -13.61
N GLU N 77 -40.72 -79.77 -14.28
CA GLU N 77 -40.07 -78.89 -15.22
C GLU N 77 -38.92 -78.14 -14.59
N SER N 78 -39.18 -77.49 -13.43
CA SER N 78 -38.22 -76.68 -12.72
C SER N 78 -37.17 -77.50 -12.00
N ALA N 79 -37.40 -78.82 -11.82
CA ALA N 79 -36.43 -79.71 -11.22
C ALA N 79 -35.42 -80.15 -12.26
N THR N 80 -35.90 -80.55 -13.46
CA THR N 80 -35.11 -81.08 -14.55
C THR N 80 -34.23 -80.02 -15.15
N ALA N 81 -34.80 -78.83 -15.43
CA ALA N 81 -34.09 -77.74 -16.05
C ALA N 81 -33.24 -77.00 -15.05
N SER N 82 -33.77 -76.84 -13.81
CA SER N 82 -33.22 -76.07 -12.71
C SER N 82 -33.62 -74.63 -12.88
N ALA N 83 -34.81 -74.28 -12.34
CA ALA N 83 -35.39 -72.96 -12.41
C ALA N 83 -35.85 -72.61 -11.01
N LEU N 84 -37.16 -72.34 -10.83
CA LEU N 84 -37.75 -71.96 -9.56
C LEU N 84 -38.91 -72.93 -9.24
N ARG O 1 -78.58 -65.02 11.93
CA ARG O 1 -77.35 -65.63 11.34
C ARG O 1 -77.67 -66.80 10.48
N GLY O 2 -78.09 -67.94 11.09
CA GLY O 2 -78.68 -69.07 10.39
C GLY O 2 -77.69 -69.90 9.62
N LYS O 3 -77.60 -69.61 8.29
CA LYS O 3 -76.97 -70.41 7.26
C LYS O 3 -75.50 -70.66 7.50
N ILE O 4 -75.02 -71.84 7.03
CA ILE O 4 -73.68 -72.33 7.26
C ILE O 4 -72.72 -71.61 6.36
N LEU O 5 -71.76 -70.88 6.97
CA LEU O 5 -70.77 -70.12 6.26
C LEU O 5 -69.51 -70.95 6.11
N THR O 6 -68.48 -70.35 5.47
CA THR O 6 -67.17 -70.93 5.32
C THR O 6 -66.39 -70.70 6.60
N GLY O 7 -65.19 -71.30 6.71
CA GLY O 7 -64.35 -71.12 7.87
C GLY O 7 -63.25 -72.11 7.79
N THR O 8 -62.02 -71.64 7.44
CA THR O 8 -60.84 -72.47 7.41
C THR O 8 -60.06 -72.17 8.65
N VAL O 9 -59.39 -73.20 9.23
CA VAL O 9 -58.71 -73.09 10.51
C VAL O 9 -57.38 -72.42 10.32
N VAL O 10 -57.03 -71.49 11.23
CA VAL O 10 -55.76 -70.79 11.25
C VAL O 10 -54.94 -71.32 12.42
N SER O 11 -55.37 -71.10 13.68
CA SER O 11 -54.59 -71.50 14.85
C SER O 11 -55.04 -72.85 15.35
N THR O 12 -54.06 -73.75 15.58
CA THR O 12 -54.26 -75.03 16.23
C THR O 12 -53.11 -75.25 17.19
N LYS O 13 -53.42 -75.41 18.50
CA LYS O 13 -52.48 -75.94 19.45
C LYS O 13 -53.30 -76.70 20.45
N MET O 14 -54.26 -75.96 21.05
CA MET O 14 -54.84 -76.25 22.33
C MET O 14 -55.91 -77.29 22.24
N HIS O 15 -56.52 -77.63 23.40
CA HIS O 15 -57.58 -78.59 23.50
C HIS O 15 -58.87 -77.86 23.27
N ARG O 16 -59.83 -78.54 22.60
CA ARG O 16 -61.19 -78.08 22.39
C ARG O 16 -61.31 -76.96 21.35
N THR O 17 -60.90 -75.72 21.69
CA THR O 17 -61.17 -74.52 20.90
C THR O 17 -60.05 -74.25 19.91
N ILE O 18 -60.40 -73.65 18.75
CA ILE O 18 -59.50 -73.21 17.70
C ILE O 18 -59.91 -71.81 17.30
N VAL O 19 -59.20 -71.21 16.33
CA VAL O 19 -59.56 -69.95 15.69
C VAL O 19 -59.72 -70.27 14.22
N ILE O 20 -60.73 -69.66 13.54
CA ILE O 20 -60.93 -69.77 12.10
C ILE O 20 -60.88 -68.37 11.52
N ARG O 21 -60.60 -68.28 10.21
CA ARG O 21 -60.76 -67.08 9.41
C ARG O 21 -61.96 -67.33 8.54
N ARG O 22 -62.90 -66.34 8.45
CA ARG O 22 -63.99 -66.35 7.52
C ARG O 22 -63.68 -65.39 6.41
N ALA O 23 -64.38 -65.56 5.26
CA ALA O 23 -64.27 -64.67 4.12
C ALA O 23 -65.68 -64.46 3.65
N TYR O 24 -65.93 -63.29 3.02
CA TYR O 24 -67.22 -62.89 2.52
C TYR O 24 -66.98 -62.32 1.15
N LEU O 25 -68.05 -61.88 0.46
CA LEU O 25 -67.92 -61.24 -0.83
C LEU O 25 -68.90 -60.08 -0.83
N HIS O 26 -68.44 -58.91 -0.36
CA HIS O 26 -69.27 -57.73 -0.17
C HIS O 26 -68.92 -56.74 -1.26
N TYR O 27 -69.86 -55.82 -1.60
CA TYR O 27 -69.61 -54.73 -2.52
C TYR O 27 -69.23 -53.53 -1.70
N ILE O 28 -68.21 -52.76 -2.15
CA ILE O 28 -67.87 -51.48 -1.54
C ILE O 28 -68.77 -50.46 -2.25
N PRO O 29 -69.56 -49.59 -1.60
CA PRO O 29 -70.72 -49.00 -2.27
C PRO O 29 -70.47 -48.07 -3.44
N LYS O 30 -69.35 -47.31 -3.47
CA LYS O 30 -69.10 -46.36 -4.55
C LYS O 30 -68.31 -47.02 -5.65
N TYR O 31 -67.49 -48.05 -5.33
CA TYR O 31 -66.66 -48.75 -6.29
C TYR O 31 -67.50 -49.64 -7.16
N ASN O 32 -68.27 -50.56 -6.52
CA ASN O 32 -68.99 -51.65 -7.14
C ASN O 32 -68.02 -52.71 -7.64
N ARG O 33 -66.84 -52.82 -6.99
CA ARG O 33 -65.96 -53.96 -7.09
C ARG O 33 -66.15 -54.70 -5.79
N TYR O 34 -65.89 -56.02 -5.80
CA TYR O 34 -66.03 -56.85 -4.63
C TYR O 34 -64.81 -56.74 -3.77
N GLU O 35 -64.97 -57.07 -2.47
CA GLU O 35 -63.90 -57.11 -1.51
C GLU O 35 -63.98 -58.42 -0.77
N LYS O 36 -63.15 -58.56 0.26
CA LYS O 36 -63.01 -59.75 1.06
C LYS O 36 -62.58 -59.24 2.40
N ARG O 37 -62.97 -59.94 3.50
CA ARG O 37 -62.67 -59.48 4.84
C ARG O 37 -61.89 -60.55 5.57
N HIS O 38 -61.35 -60.19 6.75
CA HIS O 38 -60.78 -61.11 7.72
C HIS O 38 -61.59 -60.92 8.96
N LYS O 39 -61.77 -62.00 9.76
CA LYS O 39 -62.33 -61.89 11.08
C LYS O 39 -61.77 -63.04 11.85
N ASN O 40 -61.27 -62.75 13.08
CA ASN O 40 -60.88 -63.74 14.07
C ASN O 40 -62.18 -64.18 14.72
N VAL O 41 -62.57 -65.46 14.49
CA VAL O 41 -63.74 -66.05 15.11
C VAL O 41 -63.21 -67.23 15.88
N PRO O 42 -63.17 -67.27 17.21
CA PRO O 42 -62.85 -68.48 17.94
C PRO O 42 -64.06 -69.41 17.91
N VAL O 43 -63.83 -70.73 17.86
CA VAL O 43 -64.88 -71.68 17.62
C VAL O 43 -64.49 -72.99 18.24
N HIS O 44 -65.45 -73.64 18.94
CA HIS O 44 -65.23 -74.84 19.71
C HIS O 44 -65.40 -76.03 18.81
N VAL O 45 -64.54 -77.07 18.99
CA VAL O 45 -64.60 -78.29 18.22
C VAL O 45 -65.31 -79.30 19.10
N SER O 46 -64.54 -80.19 19.77
CA SER O 46 -65.10 -81.24 20.61
C SER O 46 -64.02 -81.54 21.62
N PRO O 47 -64.29 -82.29 22.69
CA PRO O 47 -63.26 -82.81 23.58
C PRO O 47 -62.39 -83.87 22.92
N ALA O 48 -62.76 -84.34 21.71
CA ALA O 48 -62.01 -85.28 20.93
C ALA O 48 -60.91 -84.58 20.18
N PHE O 49 -61.25 -83.41 19.56
CA PHE O 49 -60.37 -82.57 18.77
C PHE O 49 -59.97 -83.26 17.48
N ARG O 50 -60.66 -82.92 16.36
CA ARG O 50 -60.52 -83.63 15.11
C ARG O 50 -60.01 -82.74 14.02
N VAL O 51 -59.91 -81.42 14.26
CA VAL O 51 -59.50 -80.47 13.25
C VAL O 51 -57.99 -80.42 13.15
N GLN O 52 -57.50 -80.00 11.97
CA GLN O 52 -56.13 -79.63 11.73
C GLN O 52 -56.18 -78.21 11.28
N VAL O 53 -55.03 -77.66 10.80
CA VAL O 53 -54.97 -76.35 10.21
C VAL O 53 -55.28 -76.51 8.74
N GLY O 54 -56.24 -75.71 8.23
CA GLY O 54 -56.63 -75.74 6.84
C GLY O 54 -58.06 -76.19 6.65
N ASP O 55 -58.59 -77.01 7.59
CA ASP O 55 -59.86 -77.70 7.47
C ASP O 55 -61.03 -76.75 7.27
N ILE O 56 -61.86 -76.97 6.23
CA ILE O 56 -63.10 -76.24 6.08
C ILE O 56 -64.14 -76.97 6.90
N VAL O 57 -64.76 -76.24 7.84
CA VAL O 57 -65.63 -76.79 8.85
C VAL O 57 -66.95 -76.06 8.78
N THR O 58 -68.05 -76.75 9.19
CA THR O 58 -69.39 -76.20 9.14
C THR O 58 -69.69 -75.48 10.44
N VAL O 59 -69.86 -74.15 10.36
CA VAL O 59 -70.08 -73.31 11.51
C VAL O 59 -71.56 -73.16 11.77
N GLY O 60 -71.93 -72.88 13.03
CA GLY O 60 -73.30 -72.66 13.43
C GLY O 60 -73.29 -72.28 14.87
N GLN O 61 -74.40 -71.70 15.36
CA GLN O 61 -74.55 -71.29 16.75
C GLN O 61 -74.75 -72.50 17.63
N CYS O 62 -74.42 -72.35 18.92
CA CYS O 62 -74.53 -73.39 19.91
C CYS O 62 -74.43 -72.66 21.23
N ARG O 63 -73.96 -73.34 22.31
CA ARG O 63 -73.83 -72.77 23.62
C ARG O 63 -72.63 -71.85 23.68
N PRO O 64 -72.67 -70.69 24.36
CA PRO O 64 -71.49 -70.01 24.86
C PRO O 64 -70.86 -70.78 25.99
N ILE O 65 -69.84 -71.61 25.67
CA ILE O 65 -69.01 -72.30 26.64
C ILE O 65 -67.85 -71.41 27.00
N SER O 66 -67.59 -70.37 26.17
CA SER O 66 -66.87 -69.19 26.57
C SER O 66 -67.72 -68.09 25.99
N LYS O 67 -67.57 -66.83 26.48
CA LYS O 67 -68.44 -65.73 26.12
C LYS O 67 -68.37 -65.38 24.65
N THR O 68 -67.15 -65.45 24.07
CA THR O 68 -66.88 -65.15 22.68
C THR O 68 -67.13 -66.39 21.84
N VAL O 69 -66.94 -67.60 22.43
CA VAL O 69 -67.08 -68.86 21.73
C VAL O 69 -68.51 -69.33 21.82
N ARG O 70 -69.42 -68.71 21.01
CA ARG O 70 -70.79 -69.11 20.87
C ARG O 70 -70.91 -70.14 19.76
N PHE O 71 -69.93 -70.22 18.85
CA PHE O 71 -69.97 -71.13 17.72
C PHE O 71 -69.46 -72.49 18.10
N ASN O 72 -69.97 -73.52 17.40
CA ASN O 72 -69.46 -74.87 17.45
C ASN O 72 -69.26 -75.27 16.01
N VAL O 73 -68.38 -76.28 15.75
CA VAL O 73 -68.23 -76.90 14.46
C VAL O 73 -68.50 -78.37 14.64
N VAL O 74 -69.43 -78.90 13.82
CA VAL O 74 -69.92 -80.25 13.93
C VAL O 74 -69.24 -81.14 12.90
N LYS O 75 -69.40 -80.84 11.60
CA LYS O 75 -68.91 -81.67 10.52
C LYS O 75 -67.61 -81.10 10.02
N VAL O 76 -66.54 -81.93 10.09
CA VAL O 76 -65.29 -81.65 9.42
C VAL O 76 -65.45 -82.19 8.02
N SER O 77 -64.97 -81.43 7.01
CA SER O 77 -65.15 -81.77 5.62
C SER O 77 -63.79 -82.15 5.09
N ALA O 78 -62.90 -81.15 4.92
CA ALA O 78 -61.55 -81.36 4.45
C ALA O 78 -60.66 -81.72 5.61
N ALA O 79 -59.44 -82.20 5.28
CA ALA O 79 -58.39 -82.48 6.24
C ALA O 79 -57.18 -81.81 5.66
N ALA O 80 -56.88 -80.59 6.16
CA ALA O 80 -55.87 -79.68 5.67
C ALA O 80 -56.28 -79.00 4.34
N ARG P 1 -30.91 67.59 -56.55
CA ARG P 1 -31.40 67.86 -55.17
C ARG P 1 -32.23 69.11 -55.15
N GLY P 2 -33.14 69.23 -54.15
CA GLY P 2 -34.08 70.32 -54.04
C GLY P 2 -33.39 71.58 -53.61
N MET P 3 -33.13 72.45 -54.61
CA MET P 3 -32.42 73.69 -54.46
C MET P 3 -33.27 74.71 -55.16
N THR P 4 -33.46 74.51 -56.48
CA THR P 4 -34.33 75.30 -57.33
C THR P 4 -35.74 74.94 -56.98
N SER P 5 -36.60 75.98 -56.82
CA SER P 5 -38.01 75.89 -56.52
C SER P 5 -38.33 75.07 -55.28
N LYS P 6 -38.30 75.73 -54.10
CA LYS P 6 -38.67 75.15 -52.82
C LYS P 6 -37.63 74.16 -52.33
N PRO P 7 -36.53 74.53 -51.66
CA PRO P 7 -35.65 73.57 -51.02
C PRO P 7 -36.34 72.99 -49.81
N ALA P 8 -36.06 71.71 -49.47
CA ALA P 8 -36.83 70.98 -48.49
C ALA P 8 -36.29 71.23 -47.10
N GLY P 9 -36.69 72.38 -46.50
CA GLY P 9 -36.33 72.76 -45.16
C GLY P 9 -37.55 72.64 -44.32
N PHE P 10 -37.52 71.72 -43.32
CA PHE P 10 -38.69 71.39 -42.54
C PHE P 10 -38.94 72.47 -41.50
N MET P 11 -40.20 72.98 -41.48
CA MET P 11 -40.58 74.23 -40.87
C MET P 11 -40.54 74.22 -39.37
N LYS P 12 -40.56 73.02 -38.74
CA LYS P 12 -40.51 72.87 -37.30
C LYS P 12 -39.16 73.30 -36.75
N LYS P 13 -38.04 73.07 -37.49
CA LYS P 13 -36.69 73.35 -36.99
C LYS P 13 -36.33 74.81 -37.17
N LEU P 14 -37.06 75.55 -38.03
CA LEU P 14 -36.90 76.99 -38.17
C LEU P 14 -37.44 77.68 -36.95
N ARG P 15 -38.49 77.08 -36.31
CA ARG P 15 -39.04 77.55 -35.07
C ARG P 15 -38.12 77.27 -33.90
N ALA P 16 -37.34 76.18 -33.98
CA ALA P 16 -36.37 75.80 -32.97
C ALA P 16 -35.18 76.73 -32.94
N ALA P 17 -34.73 77.15 -34.14
CA ALA P 17 -33.53 77.95 -34.32
C ALA P 17 -33.75 79.39 -33.91
N LYS P 18 -34.95 79.95 -34.16
CA LYS P 18 -35.29 81.31 -33.81
C LYS P 18 -35.48 81.49 -32.32
N LEU P 19 -35.70 80.38 -31.58
CA LEU P 19 -35.85 80.38 -30.15
C LEU P 19 -34.50 80.29 -29.51
N ALA P 20 -33.77 79.19 -29.79
CA ALA P 20 -32.58 78.78 -29.06
C ALA P 20 -31.33 79.58 -29.37
N ALA P 21 -31.25 80.21 -30.55
CA ALA P 21 -30.07 80.96 -30.93
C ALA P 21 -29.99 82.34 -30.28
N PRO P 22 -31.00 83.24 -30.23
CA PRO P 22 -30.80 84.58 -29.69
C PRO P 22 -30.69 84.66 -28.18
N GLU P 23 -30.91 83.55 -27.44
CA GLU P 23 -30.81 83.53 -26.00
C GLU P 23 -29.36 83.27 -25.60
N ASN P 24 -28.93 82.01 -25.66
CA ASN P 24 -27.63 81.55 -25.26
C ASN P 24 -27.50 80.24 -25.98
N GLU P 25 -26.28 79.90 -26.45
CA GLU P 25 -26.03 78.64 -27.12
C GLU P 25 -26.09 77.53 -26.10
N LYS P 26 -26.92 76.51 -26.37
CA LYS P 26 -27.26 75.49 -25.42
C LYS P 26 -26.21 74.39 -25.49
N PRO P 27 -25.38 74.14 -24.47
CA PRO P 27 -24.18 73.31 -24.61
C PRO P 27 -24.53 71.85 -24.51
N ALA P 28 -25.80 71.51 -24.22
CA ALA P 28 -26.28 70.15 -24.18
C ALA P 28 -26.76 69.81 -25.58
N PRO P 29 -26.54 68.61 -26.11
CA PRO P 29 -26.99 68.25 -27.45
C PRO P 29 -28.49 68.08 -27.47
N VAL P 30 -29.20 68.93 -28.25
CA VAL P 30 -30.62 68.84 -28.46
C VAL P 30 -30.82 67.76 -29.48
N ARG P 31 -31.69 66.76 -29.17
CA ARG P 31 -31.93 65.63 -30.05
C ARG P 31 -32.83 66.12 -31.15
N THR P 32 -32.51 65.77 -32.41
CA THR P 32 -33.23 66.22 -33.58
C THR P 32 -33.00 65.14 -34.61
N HIS P 33 -33.85 64.07 -34.60
CA HIS P 33 -33.72 62.91 -35.46
C HIS P 33 -34.21 63.16 -36.87
N MET P 34 -34.70 64.40 -37.16
CA MET P 34 -35.09 64.85 -38.48
C MET P 34 -33.88 64.92 -39.39
N ARG P 35 -33.91 64.09 -40.47
CA ARG P 35 -32.86 64.05 -41.46
C ARG P 35 -33.19 64.97 -42.61
N ASN P 36 -34.51 65.06 -42.95
CA ASN P 36 -34.98 65.76 -44.13
C ASN P 36 -35.22 67.21 -43.80
N MET P 37 -34.12 67.99 -43.79
CA MET P 37 -34.16 69.43 -43.69
C MET P 37 -32.96 69.91 -44.44
N ILE P 38 -33.01 71.15 -44.97
CA ILE P 38 -31.88 71.84 -45.51
C ILE P 38 -31.33 72.62 -44.33
N ILE P 39 -29.98 72.70 -44.18
CA ILE P 39 -29.39 73.40 -43.05
C ILE P 39 -29.19 74.84 -43.43
N VAL P 40 -29.54 75.74 -42.49
CA VAL P 40 -29.69 77.16 -42.73
C VAL P 40 -28.75 77.91 -41.80
N PRO P 41 -28.43 79.20 -42.00
CA PRO P 41 -27.40 79.88 -41.23
C PRO P 41 -27.75 80.19 -39.79
N GLU P 42 -29.01 80.02 -39.35
CA GLU P 42 -29.41 80.26 -37.98
C GLU P 42 -29.23 79.02 -37.13
N MET P 43 -28.73 77.91 -37.72
CA MET P 43 -28.44 76.68 -37.03
C MET P 43 -26.98 76.61 -36.62
N ILE P 44 -26.13 77.57 -37.05
CA ILE P 44 -24.69 77.58 -36.81
C ILE P 44 -24.42 77.76 -35.33
N GLY P 45 -23.49 76.94 -34.78
CA GLY P 45 -23.14 76.95 -33.37
C GLY P 45 -23.82 75.79 -32.70
N SER P 46 -25.15 75.92 -32.51
CA SER P 46 -25.97 75.04 -31.70
C SER P 46 -25.95 73.59 -32.14
N VAL P 47 -25.78 72.68 -31.17
CA VAL P 47 -25.54 71.28 -31.39
C VAL P 47 -26.85 70.57 -31.69
N VAL P 48 -27.02 70.18 -32.97
CA VAL P 48 -28.16 69.44 -33.47
C VAL P 48 -27.84 67.96 -33.29
N GLY P 49 -28.88 67.11 -33.08
CA GLY P 49 -28.67 65.77 -32.54
C GLY P 49 -29.33 64.71 -33.34
N ILE P 50 -28.84 64.46 -34.57
CA ILE P 50 -29.40 63.46 -35.45
C ILE P 50 -29.02 62.07 -34.99
N TYR P 51 -30.00 61.13 -35.02
CA TYR P 51 -29.79 59.78 -34.59
C TYR P 51 -29.24 59.01 -35.76
N ASN P 52 -28.67 57.82 -35.50
CA ASN P 52 -28.04 57.02 -36.50
C ASN P 52 -28.68 55.67 -36.42
N GLY P 53 -28.59 55.01 -35.25
CA GLY P 53 -29.24 53.74 -35.07
C GLY P 53 -28.96 53.30 -33.67
N LYS P 54 -27.73 52.81 -33.43
CA LYS P 54 -27.32 52.35 -32.12
C LYS P 54 -26.68 53.46 -31.31
N ALA P 55 -26.19 54.55 -31.97
CA ALA P 55 -25.44 55.56 -31.25
C ALA P 55 -25.63 56.93 -31.85
N PHE P 56 -24.98 57.93 -31.23
CA PHE P 56 -24.91 59.31 -31.65
C PHE P 56 -23.44 59.67 -31.68
N ASN P 57 -23.05 60.77 -32.38
CA ASN P 57 -21.65 61.08 -32.60
C ASN P 57 -21.43 62.60 -32.82
N GLN P 58 -21.87 63.45 -31.86
CA GLN P 58 -21.71 64.91 -31.72
C GLN P 58 -21.47 65.82 -32.93
N VAL P 59 -22.38 66.82 -33.16
CA VAL P 59 -22.24 67.84 -34.19
C VAL P 59 -21.50 69.04 -33.63
N GLU P 60 -20.60 69.62 -34.45
CA GLU P 60 -20.14 70.98 -34.34
C GLU P 60 -20.46 71.55 -35.71
N ILE P 61 -21.51 72.41 -35.82
CA ILE P 61 -21.98 72.90 -37.09
C ILE P 61 -21.30 74.21 -37.37
N ARG P 62 -20.65 74.28 -38.56
CA ARG P 62 -19.69 75.27 -38.93
C ARG P 62 -20.33 76.16 -40.00
N PRO P 63 -19.85 77.38 -40.26
CA PRO P 63 -20.47 78.28 -41.22
C PRO P 63 -20.12 77.92 -42.65
N GLU P 64 -19.40 76.80 -42.87
CA GLU P 64 -18.86 76.39 -44.14
C GLU P 64 -19.75 75.34 -44.77
N MET P 65 -20.64 74.72 -43.95
CA MET P 65 -21.38 73.53 -44.30
C MET P 65 -22.70 73.81 -45.00
N LEU P 66 -23.19 75.07 -45.00
CA LEU P 66 -24.56 75.37 -45.35
C LEU P 66 -24.79 75.26 -46.83
N GLY P 67 -25.77 74.41 -47.22
CA GLY P 67 -26.04 74.12 -48.61
C GLY P 67 -26.61 72.74 -48.70
N HIS P 68 -26.11 71.82 -47.84
CA HIS P 68 -26.48 70.41 -47.87
C HIS P 68 -27.69 70.18 -47.00
N TYR P 69 -28.07 68.88 -46.85
CA TYR P 69 -29.08 68.42 -45.92
C TYR P 69 -28.33 68.01 -44.67
N LEU P 70 -29.02 67.35 -43.71
CA LEU P 70 -28.36 66.60 -42.66
C LEU P 70 -28.21 65.21 -43.23
N GLY P 71 -26.99 64.90 -43.71
CA GLY P 71 -26.69 63.69 -44.43
C GLY P 71 -25.24 63.33 -44.15
N LEU Q 1 -62.61 -10.50 -122.99
CA LEU Q 1 -62.14 -9.13 -122.68
C LEU Q 1 -60.86 -9.18 -121.91
N VAL Q 2 -59.97 -8.18 -122.15
CA VAL Q 2 -58.68 -8.20 -121.54
C VAL Q 2 -58.40 -6.82 -121.00
N LEU Q 3 -57.32 -6.68 -120.21
CA LEU Q 3 -56.94 -5.45 -119.58
C LEU Q 3 -56.21 -4.60 -120.59
N ARG Q 4 -56.94 -3.62 -121.15
CA ARG Q 4 -56.54 -2.66 -122.14
C ARG Q 4 -55.46 -1.78 -121.58
N GLY Q 5 -55.58 -1.38 -120.31
CA GLY Q 5 -54.57 -0.53 -119.76
C GLY Q 5 -55.03 -0.01 -118.43
N THR Q 6 -54.18 0.83 -117.79
CA THR Q 6 -54.48 1.37 -116.49
C THR Q 6 -54.26 2.85 -116.52
N LEU Q 7 -55.12 3.61 -115.80
CA LEU Q 7 -54.97 5.04 -115.70
C LEU Q 7 -54.71 5.31 -114.25
N GLU Q 8 -53.58 5.98 -113.92
CA GLU Q 8 -53.32 6.21 -112.52
C GLU Q 8 -53.28 7.67 -112.25
N GLY Q 9 -53.36 8.06 -110.97
CA GLY Q 9 -53.36 9.44 -110.58
C GLY Q 9 -54.14 9.62 -109.31
N HIS Q 10 -55.30 8.96 -109.14
CA HIS Q 10 -56.02 9.14 -107.90
C HIS Q 10 -55.19 8.58 -106.80
N ASN Q 11 -55.21 9.26 -105.65
CA ASN Q 11 -54.53 8.90 -104.44
C ASN Q 11 -55.26 7.80 -103.73
N GLY Q 12 -56.58 7.72 -103.93
CA GLY Q 12 -57.38 6.77 -103.20
C GLY Q 12 -58.47 6.24 -104.07
N TRP Q 13 -59.37 5.45 -103.45
CA TRP Q 13 -60.51 4.75 -103.98
C TRP Q 13 -61.17 5.55 -105.08
N VAL Q 14 -61.36 4.92 -106.27
CA VAL Q 14 -62.04 5.58 -107.36
C VAL Q 14 -63.47 5.20 -107.27
N THR Q 15 -64.32 6.15 -106.84
CA THR Q 15 -65.71 5.99 -106.56
C THR Q 15 -66.64 5.98 -107.75
N SER Q 16 -66.34 6.70 -108.86
CA SER Q 16 -67.28 6.72 -109.95
C SER Q 16 -66.59 7.10 -111.24
N LEU Q 17 -67.20 6.74 -112.40
CA LEU Q 17 -66.63 7.05 -113.68
C LEU Q 17 -67.70 7.46 -114.64
N ALA Q 18 -67.47 8.55 -115.40
CA ALA Q 18 -68.45 9.03 -116.36
C ALA Q 18 -67.82 9.07 -117.72
N THR Q 19 -68.59 8.67 -118.76
CA THR Q 19 -68.07 8.68 -120.10
C THR Q 19 -68.94 9.56 -120.97
N SER Q 20 -68.30 10.27 -121.91
CA SER Q 20 -69.01 11.21 -122.75
C SER Q 20 -69.95 10.48 -123.66
N ALA Q 21 -71.14 11.08 -123.87
CA ALA Q 21 -72.18 10.53 -124.70
C ALA Q 21 -71.70 10.48 -126.12
N GLY Q 22 -71.00 11.55 -126.54
CA GLY Q 22 -70.46 11.78 -127.83
C GLY Q 22 -69.41 10.75 -128.11
N GLN Q 23 -68.99 10.03 -127.06
CA GLN Q 23 -67.85 9.18 -127.19
C GLN Q 23 -66.61 10.00 -127.49
N PRO Q 24 -66.31 11.17 -126.92
CA PRO Q 24 -65.04 11.78 -127.23
C PRO Q 24 -63.96 11.10 -126.46
N ASN Q 25 -62.69 11.44 -126.74
CA ASN Q 25 -61.60 10.76 -126.09
C ASN Q 25 -61.28 11.39 -124.77
N LEU Q 26 -62.20 11.30 -123.79
CA LEU Q 26 -61.93 11.77 -122.47
C LEU Q 26 -62.96 11.19 -121.56
N LEU Q 27 -62.59 10.94 -120.28
CA LEU Q 27 -63.49 10.43 -119.29
C LEU Q 27 -63.27 11.21 -118.03
N LEU Q 28 -64.17 11.00 -117.05
CA LEU Q 28 -64.17 11.73 -115.81
C LEU Q 28 -64.24 10.73 -114.69
N SER Q 29 -63.46 10.95 -113.62
CA SER Q 29 -63.41 10.01 -112.53
C SER Q 29 -63.62 10.74 -111.23
N ALA Q 30 -64.21 10.04 -110.21
CA ALA Q 30 -64.46 10.59 -108.91
C ALA Q 30 -63.73 9.71 -107.94
N SER Q 31 -63.17 10.31 -106.87
CA SER Q 31 -62.39 9.51 -105.95
C SER Q 31 -62.58 10.02 -104.55
N ARG Q 32 -62.18 9.16 -103.59
CA ARG Q 32 -62.19 9.41 -102.18
C ARG Q 32 -61.12 10.41 -101.85
N ASP Q 33 -60.18 10.62 -102.78
CA ASP Q 33 -59.10 11.56 -102.63
C ASP Q 33 -59.69 12.95 -102.58
N LYS Q 34 -61.01 13.05 -102.85
CA LYS Q 34 -61.80 14.26 -102.82
C LYS Q 34 -61.63 15.09 -104.05
N THR Q 35 -61.23 14.45 -105.17
CA THR Q 35 -61.06 15.18 -106.40
C THR Q 35 -61.73 14.41 -107.49
N LEU Q 36 -61.91 15.07 -108.65
CA LEU Q 36 -62.47 14.50 -109.83
C LEU Q 36 -61.37 14.72 -110.84
N ILE Q 37 -61.18 13.80 -111.82
CA ILE Q 37 -60.11 14.01 -112.76
C ILE Q 37 -60.63 13.93 -114.16
N SER Q 38 -60.21 14.87 -115.02
CA SER Q 38 -60.57 14.79 -116.40
C SER Q 38 -59.43 14.09 -117.06
N TRP Q 39 -59.72 12.98 -117.78
CA TRP Q 39 -58.66 12.18 -118.32
C TRP Q 39 -58.63 12.38 -119.81
N LYS Q 40 -57.42 12.45 -120.38
CA LYS Q 40 -57.30 12.57 -121.80
C LYS Q 40 -56.88 11.21 -122.28
N LEU Q 41 -57.68 10.59 -123.17
CA LEU Q 41 -57.38 9.24 -123.62
C LEU Q 41 -56.25 9.29 -124.60
N THR Q 42 -55.02 9.05 -124.10
CA THR Q 42 -53.82 9.04 -124.90
C THR Q 42 -53.79 7.81 -125.76
N GLY Q 43 -53.87 6.63 -125.10
CA GLY Q 43 -53.86 5.36 -125.74
C GLY Q 43 -52.45 5.03 -126.15
N ASP Q 44 -51.55 6.02 -126.04
CA ASP Q 44 -50.19 5.82 -126.45
C ASP Q 44 -49.66 4.69 -125.65
N ASP Q 45 -48.50 4.15 -126.06
CA ASP Q 45 -47.95 3.01 -125.41
C ASP Q 45 -47.77 3.34 -123.96
N GLN Q 46 -47.48 4.61 -123.65
CA GLN Q 46 -47.22 4.96 -122.27
C GLN Q 46 -48.41 4.68 -121.40
N LYS Q 47 -49.61 5.17 -121.77
CA LYS Q 47 -50.73 4.95 -120.90
C LYS Q 47 -51.99 5.08 -121.70
N PHE Q 48 -53.09 4.52 -121.15
CA PHE Q 48 -54.38 4.58 -121.75
C PHE Q 48 -54.82 6.02 -121.76
N GLY Q 49 -54.49 6.77 -120.68
CA GLY Q 49 -54.90 8.15 -120.61
C GLY Q 49 -54.11 8.84 -119.53
N VAL Q 50 -54.13 10.19 -119.52
CA VAL Q 50 -53.39 10.92 -118.53
C VAL Q 50 -54.24 12.01 -117.95
N PRO Q 51 -54.11 12.23 -116.67
CA PRO Q 51 -54.85 13.24 -115.98
C PRO Q 51 -54.62 14.58 -116.59
N VAL Q 52 -55.59 15.10 -117.39
CA VAL Q 52 -55.42 16.39 -117.97
C VAL Q 52 -55.62 17.45 -116.93
N ARG Q 53 -56.61 17.28 -116.03
CA ARG Q 53 -56.78 18.30 -115.04
C ARG Q 53 -57.43 17.68 -113.82
N SER Q 54 -56.95 18.08 -112.62
CA SER Q 54 -57.53 17.57 -111.42
C SER Q 54 -58.32 18.69 -110.82
N PHE Q 55 -59.58 18.41 -110.44
CA PHE Q 55 -60.46 19.43 -109.93
C PHE Q 55 -60.71 19.15 -108.48
N LYS Q 56 -60.40 20.12 -107.60
CA LYS Q 56 -60.66 19.89 -106.19
C LYS Q 56 -61.67 20.90 -105.75
N GLY Q 57 -62.11 20.81 -104.47
CA GLY Q 57 -63.11 21.73 -104.00
C GLY Q 57 -64.01 21.10 -102.97
N HIS Q 58 -64.34 19.79 -103.09
CA HIS Q 58 -65.17 19.20 -102.06
C HIS Q 58 -64.31 18.99 -100.84
N SER Q 59 -64.94 19.12 -99.66
CA SER Q 59 -64.29 18.95 -98.39
C SER Q 59 -64.17 17.50 -98.03
N HIS Q 60 -64.91 16.60 -98.71
CA HIS Q 60 -64.85 15.22 -98.31
C HIS Q 60 -64.80 14.39 -99.58
N ILE Q 61 -64.90 13.06 -99.45
CA ILE Q 61 -64.78 12.16 -100.57
C ILE Q 61 -65.85 12.42 -101.59
N VAL Q 62 -65.46 12.42 -102.89
CA VAL Q 62 -66.50 12.59 -103.86
C VAL Q 62 -66.95 11.20 -104.19
N GLN Q 63 -68.26 10.93 -104.01
CA GLN Q 63 -68.89 9.65 -104.27
C GLN Q 63 -69.29 9.42 -105.71
N ASP Q 64 -69.70 10.46 -106.45
CA ASP Q 64 -70.24 10.18 -107.75
C ASP Q 64 -70.00 11.33 -108.68
N CYS Q 65 -69.84 11.07 -109.99
CA CYS Q 65 -69.71 12.17 -110.90
C CYS Q 65 -70.37 11.83 -112.20
N THR Q 66 -70.86 12.87 -112.93
CA THR Q 66 -71.54 12.65 -114.18
C THR Q 66 -71.18 13.77 -115.12
N LEU Q 67 -71.34 13.55 -116.44
CA LEU Q 67 -71.02 14.55 -117.42
C LEU Q 67 -72.26 15.10 -118.03
N THR Q 68 -72.15 16.33 -118.58
CA THR Q 68 -73.26 16.96 -119.24
C THR Q 68 -73.27 16.47 -120.65
N ALA Q 69 -74.32 16.82 -121.41
CA ALA Q 69 -74.46 16.38 -122.76
C ALA Q 69 -73.30 16.92 -123.54
N ASP Q 70 -72.91 18.16 -123.22
CA ASP Q 70 -71.87 18.85 -123.89
C ASP Q 70 -70.62 18.06 -123.71
N GLY Q 71 -70.46 17.45 -122.52
CA GLY Q 71 -69.26 16.73 -122.20
C GLY Q 71 -68.35 17.79 -121.67
N ALA Q 72 -68.88 19.02 -121.66
CA ALA Q 72 -68.25 20.22 -121.18
C ALA Q 72 -68.17 20.27 -119.68
N TYR Q 73 -69.22 19.79 -118.97
CA TYR Q 73 -69.29 20.00 -117.56
C TYR Q 73 -69.47 18.72 -116.83
N ALA Q 74 -69.05 18.72 -115.54
CA ALA Q 74 -69.18 17.56 -114.70
C ALA Q 74 -70.01 17.97 -113.52
N LEU Q 75 -70.84 17.04 -113.01
CA LEU Q 75 -71.65 17.27 -111.85
C LEU Q 75 -71.24 16.24 -110.84
N SER Q 76 -70.87 16.67 -109.62
CA SER Q 76 -70.43 15.68 -108.67
C SER Q 76 -71.19 15.76 -107.38
N ALA Q 77 -71.12 14.66 -106.58
CA ALA Q 77 -71.77 14.60 -105.30
C ALA Q 77 -70.79 14.04 -104.31
N SER Q 78 -70.70 14.62 -103.10
CA SER Q 78 -69.75 14.10 -102.16
C SER Q 78 -70.32 14.07 -100.76
N TRP Q 79 -69.55 13.45 -99.85
CA TRP Q 79 -69.85 13.22 -98.48
C TRP Q 79 -69.95 14.53 -97.74
N ASP Q 80 -69.49 15.62 -98.36
CA ASP Q 80 -69.55 16.93 -97.76
C ASP Q 80 -70.98 17.40 -97.74
N LYS Q 81 -71.88 16.62 -98.36
CA LYS Q 81 -73.31 16.83 -98.48
C LYS Q 81 -73.66 17.86 -99.51
N THR Q 82 -72.72 18.18 -100.43
CA THR Q 82 -73.06 19.14 -101.45
C THR Q 82 -72.78 18.57 -102.81
N LEU Q 83 -73.31 19.21 -103.86
CA LEU Q 83 -73.08 18.84 -105.23
C LEU Q 83 -72.37 19.98 -105.86
N ARG Q 84 -71.55 19.71 -106.91
CA ARG Q 84 -70.87 20.81 -107.55
C ARG Q 84 -70.92 20.63 -109.03
N LEU Q 85 -71.07 21.77 -109.74
CA LEU Q 85 -71.06 21.83 -111.17
C LEU Q 85 -69.66 22.22 -111.51
N TRP Q 86 -69.07 21.63 -112.56
CA TRP Q 86 -67.70 21.94 -112.82
C TRP Q 86 -67.55 22.33 -114.25
N ASP Q 87 -66.75 23.38 -114.52
CA ASP Q 87 -66.45 23.77 -115.86
C ASP Q 87 -65.14 23.10 -116.15
N VAL Q 88 -65.17 21.98 -116.89
CA VAL Q 88 -64.01 21.18 -117.11
C VAL Q 88 -62.93 21.95 -117.80
N ALA Q 89 -63.29 22.79 -118.79
CA ALA Q 89 -62.30 23.54 -119.52
C ALA Q 89 -61.60 24.52 -118.61
N THR Q 90 -62.37 25.30 -117.83
CA THR Q 90 -61.81 26.30 -116.95
C THR Q 90 -61.11 25.64 -115.82
N GLY Q 91 -61.61 24.47 -115.38
CA GLY Q 91 -60.99 23.79 -114.28
C GLY Q 91 -61.51 24.30 -112.97
N GLU Q 92 -62.70 24.94 -112.97
CA GLU Q 92 -63.23 25.51 -111.74
C GLU Q 92 -64.61 25.00 -111.47
N THR Q 93 -64.99 25.00 -110.16
CA THR Q 93 -66.31 24.61 -109.76
C THR Q 93 -67.20 25.81 -109.99
N TYR Q 94 -68.27 25.60 -110.79
CA TYR Q 94 -69.26 26.60 -111.12
C TYR Q 94 -70.24 26.85 -110.01
N GLN Q 95 -70.73 25.79 -109.31
CA GLN Q 95 -71.70 26.07 -108.30
C GLN Q 95 -71.80 24.97 -107.29
N ARG Q 96 -72.24 25.36 -106.07
CA ARG Q 96 -72.42 24.42 -105.01
C ARG Q 96 -73.89 24.26 -104.82
N PHE Q 97 -74.34 23.02 -104.54
CA PHE Q 97 -75.74 22.77 -104.33
C PHE Q 97 -75.85 22.47 -102.87
N VAL Q 98 -76.30 23.46 -102.07
CA VAL Q 98 -76.38 23.27 -100.65
C VAL Q 98 -77.82 22.98 -100.34
N GLY Q 99 -78.09 22.06 -99.39
CA GLY Q 99 -79.45 21.71 -99.11
C GLY Q 99 -79.52 20.41 -98.40
N HIS Q 100 -78.84 19.35 -98.88
CA HIS Q 100 -78.89 18.10 -98.18
C HIS Q 100 -78.28 18.28 -96.82
N LYS Q 101 -78.84 17.54 -95.84
CA LYS Q 101 -78.41 17.47 -94.48
C LYS Q 101 -77.17 16.64 -94.36
N SER Q 102 -77.04 15.57 -95.17
CA SER Q 102 -75.94 14.67 -94.97
C SER Q 102 -75.30 14.30 -96.29
N ASP Q 103 -74.40 13.30 -96.24
CA ASP Q 103 -73.56 12.90 -97.35
C ASP Q 103 -74.41 12.68 -98.56
N VAL Q 104 -73.88 13.10 -99.73
CA VAL Q 104 -74.58 12.91 -100.99
C VAL Q 104 -73.95 11.72 -101.66
N MET Q 105 -74.75 10.66 -101.85
CA MET Q 105 -74.38 9.42 -102.50
C MET Q 105 -74.47 9.37 -104.01
N SER Q 106 -75.34 10.17 -104.66
CA SER Q 106 -75.46 10.00 -106.10
C SER Q 106 -76.02 11.26 -106.73
N VAL Q 107 -75.73 11.47 -108.04
CA VAL Q 107 -76.22 12.64 -108.73
C VAL Q 107 -76.51 12.26 -110.15
N ASP Q 108 -77.46 12.98 -110.79
CA ASP Q 108 -77.75 12.70 -112.17
C ASP Q 108 -78.31 13.91 -112.85
N ILE Q 109 -78.14 13.95 -114.19
CA ILE Q 109 -78.59 15.06 -114.98
C ILE Q 109 -79.75 14.60 -115.82
N ASP Q 110 -80.73 15.51 -115.97
CA ASP Q 110 -81.92 15.37 -116.77
C ASP Q 110 -81.42 15.17 -118.16
N LYS Q 111 -82.22 14.51 -119.02
CA LYS Q 111 -81.76 14.27 -120.37
C LYS Q 111 -81.47 15.59 -121.01
N LYS Q 112 -82.35 16.59 -120.78
CA LYS Q 112 -82.25 17.93 -121.25
C LYS Q 112 -81.13 18.64 -120.53
N ALA Q 113 -80.72 18.11 -119.35
CA ALA Q 113 -79.69 18.71 -118.54
C ALA Q 113 -80.21 19.94 -117.90
N SER Q 114 -81.55 20.14 -117.95
CA SER Q 114 -82.18 21.25 -117.31
C SER Q 114 -82.27 21.02 -115.83
N MET Q 115 -82.50 19.76 -115.40
CA MET Q 115 -82.70 19.56 -113.99
C MET Q 115 -81.72 18.57 -113.45
N ILE Q 116 -81.41 18.70 -112.15
CA ILE Q 116 -80.45 17.83 -111.52
C ILE Q 116 -81.08 17.19 -110.33
N ILE Q 117 -80.81 15.88 -110.12
CA ILE Q 117 -81.34 15.23 -108.97
C ILE Q 117 -80.23 14.54 -108.23
N SER Q 118 -80.40 14.40 -106.90
CA SER Q 118 -79.36 13.80 -106.09
C SER Q 118 -79.97 13.00 -104.98
N GLY Q 119 -79.18 12.03 -104.43
CA GLY Q 119 -79.65 11.18 -103.37
C GLY Q 119 -78.73 11.38 -102.20
N SER Q 120 -79.28 11.25 -100.97
CA SER Q 120 -78.47 11.51 -99.81
C SER Q 120 -78.74 10.52 -98.72
N ARG Q 121 -77.83 10.48 -97.73
CA ARG Q 121 -77.93 9.67 -96.56
C ARG Q 121 -79.05 10.23 -95.73
N ASP Q 122 -79.39 11.51 -96.00
CA ASP Q 122 -80.43 12.23 -95.32
C ASP Q 122 -81.75 11.62 -95.65
N LYS Q 123 -81.74 10.59 -96.52
CA LYS Q 123 -82.91 9.82 -96.89
C LYS Q 123 -83.79 10.58 -97.83
N THR Q 124 -83.27 11.60 -98.53
CA THR Q 124 -84.15 12.30 -99.43
C THR Q 124 -83.54 12.36 -100.80
N ILE Q 125 -84.39 12.69 -101.79
CA ILE Q 125 -84.04 12.82 -103.18
C ILE Q 125 -84.31 14.27 -103.48
N LYS Q 126 -83.36 15.00 -104.11
CA LYS Q 126 -83.65 16.39 -104.32
C LYS Q 126 -83.57 16.72 -105.78
N VAL Q 127 -84.43 17.67 -106.23
CA VAL Q 127 -84.42 18.13 -107.58
C VAL Q 127 -83.92 19.54 -107.56
N TRP Q 128 -83.03 19.89 -108.51
CA TRP Q 128 -82.41 21.18 -108.46
C TRP Q 128 -82.40 21.73 -109.85
N THR Q 129 -82.28 23.06 -109.96
CA THR Q 129 -82.11 23.72 -111.21
C THR Q 129 -80.62 23.88 -111.36
N ILE Q 130 -80.19 24.61 -112.40
CA ILE Q 130 -78.81 24.91 -112.68
C ILE Q 130 -78.27 25.86 -111.64
N LYS Q 131 -79.14 26.75 -111.13
CA LYS Q 131 -78.88 27.83 -110.22
C LYS Q 131 -78.44 27.33 -108.87
N GLY Q 132 -78.72 26.07 -108.51
CA GLY Q 132 -78.31 25.57 -107.22
C GLY Q 132 -79.45 25.65 -106.25
N GLN Q 133 -80.68 25.90 -106.75
CA GLN Q 133 -81.81 26.00 -105.87
C GLN Q 133 -82.51 24.67 -105.86
N CYS Q 134 -83.03 24.25 -104.69
CA CYS Q 134 -83.71 22.98 -104.62
C CYS Q 134 -85.15 23.22 -104.97
N LEU Q 135 -85.58 22.69 -106.14
CA LEU Q 135 -86.92 22.83 -106.60
C LEU Q 135 -87.85 21.99 -105.76
N ALA Q 136 -87.43 20.76 -105.40
CA ALA Q 136 -88.35 19.93 -104.66
C ALA Q 136 -87.58 18.86 -103.95
N THR Q 137 -88.15 18.35 -102.84
CA THR Q 137 -87.52 17.28 -102.12
C THR Q 137 -88.52 16.21 -101.88
N LEU Q 138 -88.12 14.94 -102.10
CA LEU Q 138 -89.01 13.84 -101.97
C LEU Q 138 -88.74 13.11 -100.70
N LEU Q 139 -89.74 12.37 -100.21
CA LEU Q 139 -89.66 11.56 -99.01
C LEU Q 139 -89.62 10.15 -99.56
N GLY Q 140 -90.72 9.34 -99.61
CA GLY Q 140 -90.49 8.07 -100.23
C GLY Q 140 -89.70 7.09 -99.40
N HIS Q 141 -88.35 7.16 -99.43
CA HIS Q 141 -87.50 6.19 -98.78
C HIS Q 141 -87.48 6.34 -97.30
N ASN Q 142 -87.39 5.18 -96.62
CA ASN Q 142 -87.24 5.04 -95.21
C ASN Q 142 -85.82 5.24 -94.80
N ASP Q 143 -84.85 4.87 -95.65
CA ASP Q 143 -83.47 4.89 -95.24
C ASP Q 143 -82.65 5.67 -96.24
N TRP Q 144 -81.32 5.42 -96.28
CA TRP Q 144 -80.40 6.15 -97.11
C TRP Q 144 -80.68 5.88 -98.55
N VAL Q 145 -80.60 6.94 -99.39
CA VAL Q 145 -80.79 6.76 -100.80
C VAL Q 145 -79.41 6.71 -101.37
N SER Q 146 -79.03 5.52 -101.87
CA SER Q 146 -77.72 5.28 -102.42
C SER Q 146 -77.60 5.66 -103.88
N GLN Q 147 -78.71 5.69 -104.66
CA GLN Q 147 -78.48 5.93 -106.05
C GLN Q 147 -79.72 6.45 -106.72
N VAL Q 148 -79.55 7.30 -107.76
CA VAL Q 148 -80.67 7.81 -108.53
C VAL Q 148 -80.22 7.95 -109.95
N ARG Q 149 -81.04 7.45 -110.90
CA ARG Q 149 -80.71 7.56 -112.29
C ARG Q 149 -81.94 7.84 -113.09
N VAL Q 150 -81.78 8.59 -114.20
CA VAL Q 150 -82.88 8.92 -115.06
C VAL Q 150 -83.05 7.87 -116.10
N VAL Q 151 -84.31 7.59 -116.49
CA VAL Q 151 -84.53 6.60 -117.50
C VAL Q 151 -84.43 7.28 -118.83
N PRO Q 152 -83.88 6.68 -119.83
CA PRO Q 152 -83.78 7.41 -121.06
C PRO Q 152 -85.11 7.70 -121.69
N ASN Q 153 -86.20 7.01 -121.28
CA ASN Q 153 -87.48 7.19 -121.90
C ASN Q 153 -88.00 8.57 -121.66
N GLU Q 154 -88.16 9.33 -122.76
CA GLU Q 154 -88.69 10.66 -122.75
C GLU Q 154 -90.18 10.59 -122.52
N LYS Q 155 -90.82 9.53 -123.04
CA LYS Q 155 -92.26 9.46 -123.01
C LYS Q 155 -92.76 9.50 -121.61
N ALA Q 156 -92.28 8.60 -120.74
CA ALA Q 156 -92.74 8.69 -119.39
C ALA Q 156 -91.70 9.49 -118.74
N ASP Q 157 -91.79 10.79 -119.02
CA ASP Q 157 -90.85 11.67 -118.47
C ASP Q 157 -91.16 11.64 -117.10
N ASP Q 158 -90.23 11.11 -116.45
CA ASP Q 158 -90.79 11.54 -115.32
C ASP Q 158 -89.97 12.79 -115.21
N ASP Q 159 -90.64 13.92 -115.50
CA ASP Q 159 -90.08 15.24 -115.71
C ASP Q 159 -89.02 15.08 -116.75
N SER Q 160 -87.75 15.00 -116.31
CA SER Q 160 -86.70 14.74 -117.24
C SER Q 160 -87.11 13.46 -117.87
N VAL Q 161 -87.09 12.44 -117.01
CA VAL Q 161 -87.51 11.11 -117.29
C VAL Q 161 -87.57 10.47 -115.94
N THR Q 162 -88.32 9.35 -115.84
CA THR Q 162 -88.55 8.62 -114.65
C THR Q 162 -87.26 8.48 -114.01
N ILE Q 163 -87.25 8.52 -112.69
CA ILE Q 163 -86.00 8.31 -112.08
C ILE Q 163 -86.20 7.16 -111.17
N ILE Q 164 -85.17 6.32 -111.01
CA ILE Q 164 -85.27 5.17 -110.17
C ILE Q 164 -84.31 5.41 -109.06
N SER Q 165 -84.59 4.88 -107.85
CA SER Q 165 -83.68 5.16 -106.78
C SER Q 165 -83.45 3.94 -105.93
N ALA Q 166 -82.17 3.73 -105.54
CA ALA Q 166 -81.76 2.65 -104.70
C ALA Q 166 -81.79 3.15 -103.29
N GLY Q 167 -81.92 2.24 -102.30
CA GLY Q 167 -81.93 2.70 -100.93
C GLY Q 167 -81.58 1.58 -99.99
N ASN Q 168 -81.13 1.96 -98.78
CA ASN Q 168 -80.77 1.08 -97.69
C ASN Q 168 -82.01 0.43 -97.18
N ASP Q 169 -83.17 1.03 -97.50
CA ASP Q 169 -84.46 0.54 -97.11
C ASP Q 169 -84.73 -0.73 -97.84
N LYS Q 170 -83.79 -1.15 -98.71
CA LYS Q 170 -83.78 -2.37 -99.46
C LYS Q 170 -84.84 -2.35 -100.52
N MET Q 171 -85.33 -1.14 -100.83
CA MET Q 171 -86.36 -1.00 -101.82
C MET Q 171 -85.79 -0.22 -102.97
N VAL Q 172 -86.53 -0.20 -104.10
CA VAL Q 172 -86.16 0.57 -105.25
C VAL Q 172 -87.42 1.33 -105.60
N LYS Q 173 -87.32 2.59 -106.05
CA LYS Q 173 -88.53 3.30 -106.34
C LYS Q 173 -88.43 3.96 -107.69
N ALA Q 174 -89.57 4.02 -108.43
CA ALA Q 174 -89.61 4.64 -109.72
C ALA Q 174 -90.42 5.88 -109.57
N TRP Q 175 -90.05 6.97 -110.26
CA TRP Q 175 -90.78 8.17 -109.98
C TRP Q 175 -91.10 8.88 -111.25
N ASN Q 176 -92.25 9.58 -111.23
CA ASN Q 176 -92.69 10.41 -112.30
C ASN Q 176 -92.12 11.75 -111.92
N LEU Q 177 -91.17 12.30 -112.68
CA LEU Q 177 -90.60 13.54 -112.41
C LEU Q 177 -91.48 14.67 -112.81
N ASN Q 178 -92.51 14.42 -113.64
CA ASN Q 178 -93.36 15.54 -113.96
C ASN Q 178 -93.97 16.01 -112.68
N GLN Q 179 -94.77 15.12 -112.05
CA GLN Q 179 -95.49 15.29 -110.80
C GLN Q 179 -94.59 15.12 -109.61
N PHE Q 180 -93.51 14.35 -109.77
CA PHE Q 180 -92.65 13.93 -108.70
C PHE Q 180 -93.41 12.95 -107.84
N GLN Q 181 -94.47 12.33 -108.38
CA GLN Q 181 -95.24 11.38 -107.63
C GLN Q 181 -94.59 10.02 -107.73
N ILE Q 182 -94.81 9.17 -106.71
CA ILE Q 182 -94.16 7.88 -106.71
C ILE Q 182 -94.93 6.91 -107.53
N GLU Q 183 -94.27 6.38 -108.59
CA GLU Q 183 -94.88 5.41 -109.46
C GLU Q 183 -95.07 4.11 -108.73
N ALA Q 184 -93.95 3.53 -108.23
CA ALA Q 184 -94.08 2.24 -107.62
C ALA Q 184 -92.84 1.96 -106.81
N ASP Q 185 -92.98 1.00 -105.87
CA ASP Q 185 -91.88 0.57 -105.05
C ASP Q 185 -91.56 -0.83 -105.44
N PHE Q 186 -90.25 -1.12 -105.67
CA PHE Q 186 -89.82 -2.43 -106.09
C PHE Q 186 -89.16 -3.09 -104.92
N ILE Q 187 -89.72 -4.21 -104.45
CA ILE Q 187 -89.21 -4.93 -103.32
C ILE Q 187 -88.67 -6.20 -103.88
N GLY Q 188 -87.81 -6.91 -103.12
CA GLY Q 188 -87.24 -8.10 -103.69
C GLY Q 188 -85.84 -8.28 -103.21
N HIS Q 189 -85.26 -7.28 -102.52
CA HIS Q 189 -83.94 -7.48 -102.00
C HIS Q 189 -84.02 -7.59 -100.51
N ASN Q 190 -83.22 -8.52 -99.96
CA ASN Q 190 -83.14 -8.75 -98.54
C ASN Q 190 -82.31 -7.70 -97.87
N SER Q 191 -81.34 -7.10 -98.59
CA SER Q 191 -80.45 -6.16 -97.97
C SER Q 191 -80.50 -4.85 -98.70
N ASN Q 192 -79.54 -3.96 -98.37
CA ASN Q 192 -79.44 -2.63 -98.90
C ASN Q 192 -79.21 -2.73 -100.38
N ILE Q 193 -79.78 -1.77 -101.13
CA ILE Q 193 -79.56 -1.73 -102.55
C ILE Q 193 -78.74 -0.49 -102.79
N ASN Q 194 -77.44 -0.72 -103.10
CA ASN Q 194 -76.45 0.29 -103.32
C ASN Q 194 -76.48 0.89 -104.70
N THR Q 195 -76.96 0.16 -105.71
CA THR Q 195 -76.85 0.70 -107.04
C THR Q 195 -78.00 0.29 -107.92
N LEU Q 196 -78.31 1.14 -108.93
CA LEU Q 196 -79.36 0.84 -109.86
C LEU Q 196 -78.91 1.30 -111.22
N THR Q 197 -79.18 0.49 -112.26
CA THR Q 197 -78.81 0.84 -113.61
C THR Q 197 -80.02 0.72 -114.47
N ALA Q 198 -80.10 1.55 -115.53
CA ALA Q 198 -81.24 1.51 -116.41
C ALA Q 198 -80.76 1.22 -117.81
N SER Q 199 -81.46 0.31 -118.52
CA SER Q 199 -81.09 -0.06 -119.86
C SER Q 199 -81.17 1.18 -120.69
N PRO Q 200 -80.44 1.22 -121.78
CA PRO Q 200 -80.45 2.38 -122.63
C PRO Q 200 -81.80 2.59 -123.24
N ASP Q 201 -82.59 1.51 -123.33
CA ASP Q 201 -83.93 1.51 -123.82
C ASP Q 201 -84.82 2.18 -122.83
N GLY Q 202 -84.61 1.90 -121.53
CA GLY Q 202 -85.47 2.42 -120.50
C GLY Q 202 -86.48 1.37 -120.13
N THR Q 203 -86.39 0.18 -120.76
CA THR Q 203 -87.24 -0.96 -120.46
C THR Q 203 -86.84 -1.74 -119.23
N LEU Q 204 -85.52 -1.99 -119.01
CA LEU Q 204 -85.11 -2.82 -117.91
C LEU Q 204 -84.44 -1.98 -116.86
N ILE Q 205 -84.30 -2.54 -115.64
CA ILE Q 205 -83.59 -1.88 -114.58
C ILE Q 205 -82.93 -2.94 -113.75
N ALA Q 206 -81.62 -2.78 -113.45
CA ALA Q 206 -80.94 -3.74 -112.64
C ALA Q 206 -80.67 -3.10 -111.32
N SER Q 207 -80.84 -3.87 -110.22
CA SER Q 207 -80.61 -3.35 -108.90
C SER Q 207 -79.71 -4.32 -108.19
N ALA Q 208 -78.91 -3.82 -107.22
CA ALA Q 208 -78.02 -4.71 -106.51
C ALA Q 208 -77.49 -4.03 -105.29
N GLY Q 209 -76.95 -4.83 -104.33
CA GLY Q 209 -76.45 -4.25 -103.12
C GLY Q 209 -75.87 -5.33 -102.27
N LYS Q 210 -76.24 -5.34 -100.97
CA LYS Q 210 -75.68 -6.21 -99.99
C LYS Q 210 -75.98 -7.67 -100.24
N ASP Q 211 -77.19 -8.02 -100.70
CA ASP Q 211 -77.59 -9.39 -100.84
C ASP Q 211 -76.83 -10.15 -101.89
N GLY Q 212 -76.16 -9.48 -102.85
CA GLY Q 212 -75.33 -10.20 -103.78
C GLY Q 212 -76.12 -10.64 -104.98
N GLU Q 213 -77.44 -10.38 -105.01
CA GLU Q 213 -78.27 -10.79 -106.10
C GLU Q 213 -78.56 -9.60 -106.97
N ILE Q 214 -78.61 -9.80 -108.30
CA ILE Q 214 -78.92 -8.70 -109.16
C ILE Q 214 -80.32 -8.92 -109.65
N MET Q 215 -81.25 -8.00 -109.31
CA MET Q 215 -82.59 -8.23 -109.76
C MET Q 215 -82.88 -7.35 -110.92
N LEU Q 216 -83.40 -7.95 -112.01
CA LEU Q 216 -83.69 -7.19 -113.19
C LEU Q 216 -85.18 -6.98 -113.24
N TRP Q 217 -85.60 -5.71 -113.43
CA TRP Q 217 -87.00 -5.40 -113.35
C TRP Q 217 -87.48 -4.85 -114.66
N ASN Q 218 -88.80 -5.00 -114.95
CA ASN Q 218 -89.31 -4.40 -116.14
C ASN Q 218 -89.87 -3.07 -115.75
N LEU Q 219 -89.22 -2.00 -116.19
CA LEU Q 219 -89.57 -0.68 -115.74
C LEU Q 219 -91.01 -0.40 -116.07
N ALA Q 220 -91.45 -0.71 -117.30
CA ALA Q 220 -92.79 -0.31 -117.63
C ALA Q 220 -93.80 -0.97 -116.73
N ALA Q 221 -93.75 -2.31 -116.63
CA ALA Q 221 -94.69 -3.10 -115.87
C ALA Q 221 -94.51 -2.85 -114.40
N LYS Q 222 -93.24 -2.63 -114.00
CA LYS Q 222 -92.76 -2.52 -112.65
C LYS Q 222 -92.90 -3.80 -111.87
N LYS Q 223 -92.38 -4.91 -112.46
CA LYS Q 223 -92.39 -6.21 -111.82
C LYS Q 223 -91.06 -6.87 -112.06
N ALA Q 224 -90.66 -7.84 -111.19
CA ALA Q 224 -89.37 -8.48 -111.30
C ALA Q 224 -89.34 -9.46 -112.44
N MET Q 225 -88.34 -9.33 -113.34
CA MET Q 225 -88.14 -10.29 -114.41
C MET Q 225 -87.45 -11.54 -113.95
N TYR Q 226 -86.28 -11.41 -113.28
CA TYR Q 226 -85.53 -12.57 -112.88
C TYR Q 226 -84.36 -12.17 -112.03
N THR Q 227 -83.60 -13.18 -111.54
CA THR Q 227 -82.47 -12.93 -110.68
C THR Q 227 -81.20 -13.26 -111.41
N LEU Q 228 -80.05 -12.90 -110.80
CA LEU Q 228 -78.74 -13.19 -111.31
C LEU Q 228 -77.84 -13.29 -110.11
N SER Q 229 -77.46 -14.52 -109.69
CA SER Q 229 -76.67 -14.66 -108.49
C SER Q 229 -75.21 -14.36 -108.74
N ALA Q 230 -74.70 -13.32 -108.07
CA ALA Q 230 -73.33 -12.90 -107.98
C ALA Q 230 -72.55 -13.60 -106.90
N GLN Q 231 -73.23 -13.87 -105.77
CA GLN Q 231 -72.64 -14.42 -104.58
C GLN Q 231 -71.66 -13.42 -104.02
N ASP Q 232 -71.71 -12.17 -104.50
CA ASP Q 232 -70.80 -11.18 -103.98
C ASP Q 232 -71.54 -9.87 -103.90
N GLU Q 233 -71.11 -8.98 -102.98
CA GLU Q 233 -71.74 -7.70 -102.81
C GLU Q 233 -71.55 -6.91 -104.06
N VAL Q 234 -72.64 -6.30 -104.59
CA VAL Q 234 -72.54 -5.51 -105.79
C VAL Q 234 -72.42 -4.05 -105.45
N PHE Q 235 -71.35 -3.40 -105.97
CA PHE Q 235 -71.12 -1.98 -105.86
C PHE Q 235 -71.67 -1.12 -106.97
N SER Q 236 -71.71 -1.63 -108.23
CA SER Q 236 -72.16 -0.79 -109.30
C SER Q 236 -72.68 -1.65 -110.43
N LEU Q 237 -73.49 -1.05 -111.34
CA LEU Q 237 -74.07 -1.78 -112.42
C LEU Q 237 -74.08 -0.91 -113.64
N ALA Q 238 -74.22 -1.54 -114.83
CA ALA Q 238 -74.33 -0.79 -116.05
C ALA Q 238 -74.58 -1.76 -117.16
N PHE Q 239 -75.40 -1.35 -118.15
CA PHE Q 239 -75.69 -2.19 -119.29
C PHE Q 239 -74.71 -1.83 -120.37
N SER Q 240 -74.48 -2.75 -121.33
CA SER Q 240 -73.61 -2.45 -122.42
C SER Q 240 -74.37 -1.56 -123.37
N PRO Q 241 -73.67 -0.67 -124.04
CA PRO Q 241 -74.33 0.20 -124.97
C PRO Q 241 -74.91 -0.55 -126.13
N ASN Q 242 -74.32 -1.71 -126.45
CA ASN Q 242 -74.75 -2.45 -127.59
C ASN Q 242 -75.19 -3.82 -127.17
N ARG Q 243 -74.25 -4.69 -126.79
CA ARG Q 243 -74.51 -6.06 -126.46
C ARG Q 243 -75.52 -6.14 -125.34
N TYR Q 244 -76.10 -7.36 -125.21
CA TYR Q 244 -77.14 -7.83 -124.33
C TYR Q 244 -76.67 -7.77 -122.90
N TRP Q 245 -75.39 -7.45 -122.70
CA TRP Q 245 -74.69 -7.53 -121.44
C TRP Q 245 -75.13 -6.61 -120.33
N LEU Q 246 -75.01 -7.16 -119.10
CA LEU Q 246 -75.23 -6.46 -117.85
C LEU Q 246 -73.99 -6.71 -117.04
N ALA Q 247 -73.36 -5.63 -116.53
CA ALA Q 247 -72.13 -5.80 -115.81
C ALA Q 247 -72.32 -5.40 -114.37
N ALA Q 248 -71.64 -6.12 -113.45
CA ALA Q 248 -71.77 -5.77 -112.05
C ALA Q 248 -70.42 -5.66 -111.40
N ALA Q 249 -70.19 -4.54 -110.69
CA ALA Q 249 -68.95 -4.38 -109.98
C ALA Q 249 -69.16 -5.05 -108.66
N THR Q 250 -68.49 -6.20 -108.43
CA THR Q 250 -68.70 -6.90 -107.20
C THR Q 250 -67.37 -7.20 -106.62
N ALA Q 251 -67.34 -7.59 -105.33
CA ALA Q 251 -66.20 -7.85 -104.48
C ALA Q 251 -65.35 -8.93 -105.07
N THR Q 252 -66.00 -9.89 -105.74
CA THR Q 252 -65.44 -11.04 -106.39
C THR Q 252 -64.93 -10.78 -107.78
N GLY Q 253 -65.20 -9.60 -108.37
CA GLY Q 253 -64.75 -9.42 -109.72
C GLY Q 253 -65.86 -8.74 -110.45
N ILE Q 254 -65.67 -8.43 -111.75
CA ILE Q 254 -66.71 -7.77 -112.49
C ILE Q 254 -67.48 -8.84 -113.22
N LYS Q 255 -68.66 -9.22 -112.70
CA LYS Q 255 -69.48 -10.22 -113.31
C LYS Q 255 -70.20 -9.65 -114.49
N VAL Q 256 -70.21 -10.39 -115.63
CA VAL Q 256 -70.92 -9.91 -116.77
C VAL Q 256 -71.81 -11.01 -117.28
N PHE Q 257 -73.13 -10.79 -117.26
CA PHE Q 257 -74.08 -11.79 -117.69
C PHE Q 257 -74.60 -11.39 -119.04
N SER Q 258 -75.06 -12.39 -119.82
CA SER Q 258 -75.67 -12.11 -121.08
C SER Q 258 -77.13 -12.15 -120.78
N LEU Q 259 -77.82 -11.03 -121.00
CA LEU Q 259 -79.21 -10.94 -120.61
C LEU Q 259 -80.02 -11.97 -121.33
N ASP Q 260 -79.66 -12.33 -122.58
CA ASP Q 260 -80.44 -13.34 -123.21
C ASP Q 260 -80.17 -14.72 -122.62
N PRO Q 261 -78.94 -15.15 -122.49
CA PRO Q 261 -78.66 -16.47 -121.95
C PRO Q 261 -78.78 -16.58 -120.46
N GLN Q 262 -78.77 -15.45 -119.74
CA GLN Q 262 -78.79 -15.46 -118.31
C GLN Q 262 -77.54 -16.14 -117.83
N TYR Q 263 -76.44 -16.08 -118.60
CA TYR Q 263 -75.26 -16.79 -118.17
C TYR Q 263 -74.11 -15.81 -118.16
N LEU Q 264 -73.10 -16.07 -117.30
CA LEU Q 264 -71.98 -15.18 -117.17
C LEU Q 264 -71.06 -15.35 -118.34
N VAL Q 265 -70.78 -14.24 -119.04
CA VAL Q 265 -69.81 -14.23 -120.11
C VAL Q 265 -68.42 -14.03 -119.59
N ASP Q 266 -68.23 -13.19 -118.54
CA ASP Q 266 -66.90 -12.89 -118.11
C ASP Q 266 -66.91 -12.52 -116.66
N ASP Q 267 -65.81 -12.86 -115.92
CA ASP Q 267 -65.65 -12.49 -114.54
C ASP Q 267 -64.24 -12.00 -114.41
N LEU Q 268 -64.05 -10.67 -114.37
CA LEU Q 268 -62.73 -10.09 -114.37
C LEU Q 268 -62.24 -9.96 -112.96
N ARG Q 269 -61.07 -10.57 -112.67
CA ARG Q 269 -60.42 -10.56 -111.39
C ARG Q 269 -59.13 -9.81 -111.59
N PRO Q 270 -58.57 -9.28 -110.53
CA PRO Q 270 -57.39 -8.46 -110.56
C PRO Q 270 -56.18 -9.31 -110.66
N GLU Q 271 -55.05 -8.70 -111.05
CA GLU Q 271 -53.80 -9.37 -110.97
C GLU Q 271 -52.93 -8.43 -110.22
N PHE Q 272 -52.69 -8.72 -108.94
CA PHE Q 272 -51.80 -7.84 -108.26
C PHE Q 272 -51.69 -8.33 -106.87
N ALA Q 273 -51.04 -7.52 -106.05
CA ALA Q 273 -50.73 -7.94 -104.72
C ALA Q 273 -51.88 -8.13 -103.74
N GLY Q 274 -52.79 -7.14 -103.56
CA GLY Q 274 -53.70 -7.18 -102.43
C GLY Q 274 -55.05 -7.74 -102.76
N TYR Q 275 -56.10 -7.19 -102.07
CA TYR Q 275 -57.51 -7.56 -102.12
C TYR Q 275 -57.82 -7.97 -103.50
N SER Q 276 -58.63 -9.04 -103.66
CA SER Q 276 -58.99 -9.52 -104.97
C SER Q 276 -60.45 -9.27 -105.16
N LYS Q 277 -60.83 -8.86 -106.38
CA LYS Q 277 -62.18 -8.53 -106.68
C LYS Q 277 -62.37 -8.64 -108.17
N ALA Q 278 -62.67 -7.51 -108.83
CA ALA Q 278 -62.79 -7.32 -110.25
C ALA Q 278 -61.37 -7.28 -110.67
N ALA Q 279 -60.93 -6.77 -111.84
CA ALA Q 279 -59.50 -6.86 -111.85
C ALA Q 279 -58.88 -5.70 -111.09
N GLU Q 280 -59.41 -5.49 -109.87
CA GLU Q 280 -59.28 -4.54 -108.82
C GLU Q 280 -59.06 -5.34 -107.59
N PRO Q 281 -58.58 -4.68 -106.58
CA PRO Q 281 -58.66 -5.16 -105.25
C PRO Q 281 -60.14 -5.26 -105.08
N HIS Q 282 -60.86 -4.31 -105.69
CA HIS Q 282 -62.27 -4.25 -105.58
C HIS Q 282 -62.83 -3.23 -106.56
N ALA Q 283 -63.66 -3.61 -107.58
CA ALA Q 283 -64.21 -2.62 -108.49
C ALA Q 283 -65.39 -1.91 -107.88
N VAL Q 284 -65.30 -0.58 -107.69
CA VAL Q 284 -66.39 0.20 -107.16
C VAL Q 284 -67.25 0.83 -108.22
N SER Q 285 -66.70 1.06 -109.43
CA SER Q 285 -67.45 1.73 -110.47
C SER Q 285 -67.03 1.24 -111.81
N LEU Q 286 -67.93 1.41 -112.81
CA LEU Q 286 -67.61 1.00 -114.14
C LEU Q 286 -68.58 1.66 -115.09
N ALA Q 287 -68.10 2.06 -116.28
CA ALA Q 287 -68.97 2.66 -117.25
C ALA Q 287 -68.39 2.39 -118.62
N TRP Q 288 -69.27 2.12 -119.59
CA TRP Q 288 -68.85 1.79 -120.93
C TRP Q 288 -68.69 3.03 -121.73
N SER Q 289 -67.82 2.98 -122.75
CA SER Q 289 -67.66 4.10 -123.63
C SER Q 289 -68.88 4.11 -124.49
N ALA Q 290 -69.14 5.24 -125.17
CA ALA Q 290 -70.36 5.38 -125.92
C ALA Q 290 -70.44 4.30 -126.96
N ASP Q 291 -69.32 3.98 -127.62
CA ASP Q 291 -69.30 3.00 -128.67
C ASP Q 291 -69.53 1.60 -128.16
N GLY Q 292 -69.26 1.32 -126.86
CA GLY Q 292 -69.49 0.01 -126.33
C GLY Q 292 -68.22 -0.77 -126.40
N GLN Q 293 -67.17 -0.14 -126.96
CA GLN Q 293 -65.89 -0.73 -127.13
C GLN Q 293 -65.11 -0.87 -125.84
N THR Q 294 -65.21 0.11 -124.91
CA THR Q 294 -64.33 -0.01 -123.78
C THR Q 294 -65.07 0.10 -122.48
N LEU Q 295 -64.62 -0.67 -121.46
CA LEU Q 295 -65.21 -0.65 -120.16
C LEU Q 295 -64.21 -0.04 -119.21
N PHE Q 296 -64.56 1.12 -118.62
CA PHE Q 296 -63.70 1.79 -117.69
C PHE Q 296 -64.17 1.39 -116.33
N ALA Q 297 -63.24 1.15 -115.39
CA ALA Q 297 -63.70 0.79 -114.08
C ALA Q 297 -62.74 1.31 -113.05
N GLY Q 298 -63.29 1.79 -111.91
CA GLY Q 298 -62.52 2.31 -110.83
C GLY Q 298 -62.38 1.23 -109.80
N TYR Q 299 -61.25 1.29 -109.08
CA TYR Q 299 -60.73 0.28 -108.20
C TYR Q 299 -60.54 0.90 -106.84
N THR Q 300 -60.53 0.05 -105.78
CA THR Q 300 -60.31 0.51 -104.43
C THR Q 300 -58.90 0.99 -104.29
N ASP Q 301 -57.98 0.46 -105.12
CA ASP Q 301 -56.60 0.85 -104.97
C ASP Q 301 -56.29 2.08 -105.76
N ASN Q 302 -57.32 2.88 -106.13
CA ASN Q 302 -57.27 4.15 -106.85
C ASN Q 302 -56.86 3.99 -108.28
N VAL Q 303 -56.73 2.76 -108.80
CA VAL Q 303 -56.31 2.63 -110.16
C VAL Q 303 -57.53 2.44 -111.02
N ILE Q 304 -57.48 2.96 -112.26
CA ILE Q 304 -58.59 2.84 -113.17
C ILE Q 304 -58.19 1.80 -114.17
N ARG Q 305 -58.93 0.68 -114.29
CA ARG Q 305 -58.46 -0.22 -115.31
C ARG Q 305 -59.43 -0.32 -116.43
N VAL Q 306 -58.88 -0.32 -117.66
CA VAL Q 306 -59.66 -0.35 -118.85
C VAL Q 306 -59.74 -1.74 -119.41
N TRP Q 307 -60.95 -2.09 -119.88
CA TRP Q 307 -61.23 -3.40 -120.38
C TRP Q 307 -61.66 -3.26 -121.81
N GLN Q 308 -61.38 -4.28 -122.64
CA GLN Q 308 -61.73 -4.16 -124.02
C GLN Q 308 -61.21 -5.36 -124.73
N VAL Q 309 -61.65 -5.54 -125.99
CA VAL Q 309 -61.15 -6.59 -126.82
C VAL Q 309 -60.82 -5.94 -128.13
N MET Q 310 -59.90 -6.55 -128.90
CA MET Q 310 -59.57 -5.99 -130.18
C MET Q 310 -60.65 -6.40 -131.12
N THR Q 311 -61.08 -5.47 -132.00
CA THR Q 311 -62.12 -5.77 -132.93
C THR Q 311 -61.48 -6.23 -134.19
N ALA Q 312 -62.13 -7.18 -134.88
CA ALA Q 312 -61.59 -7.69 -136.10
C ALA Q 312 -61.83 -6.67 -137.17
N ASN Q 313 -60.98 -6.71 -138.21
CA ASN Q 313 -61.12 -5.80 -139.31
C ASN Q 313 -61.05 -4.38 -138.78
N VAL R 1 -32.46 55.53 -110.24
CA VAL R 1 -32.84 54.50 -109.23
C VAL R 1 -33.49 55.15 -108.03
N SER R 2 -33.67 54.40 -106.91
CA SER R 2 -34.10 54.98 -105.65
C SER R 2 -33.04 54.65 -104.61
N VAL R 3 -33.31 54.96 -103.32
CA VAL R 3 -32.37 54.77 -102.24
C VAL R 3 -32.30 53.33 -101.81
N ARG R 4 -33.28 52.50 -102.26
CA ARG R 4 -33.40 51.10 -101.94
C ARG R 4 -32.39 50.29 -102.69
N ASP R 5 -32.12 50.65 -103.98
CA ASP R 5 -31.26 49.93 -104.89
C ASP R 5 -29.83 49.91 -104.43
N VAL R 6 -29.34 51.05 -103.90
CA VAL R 6 -28.04 51.18 -103.30
C VAL R 6 -28.10 50.63 -101.88
N ALA R 7 -26.95 50.13 -101.36
CA ALA R 7 -26.85 49.52 -100.04
C ALA R 7 -27.02 50.55 -98.94
N ALA R 8 -27.12 50.07 -97.68
CA ALA R 8 -27.42 50.91 -96.54
C ALA R 8 -26.24 51.75 -96.13
N GLN R 9 -25.15 51.09 -95.65
CA GLN R 9 -23.94 51.72 -95.14
C GLN R 9 -23.27 52.61 -96.16
N ASP R 10 -23.00 52.10 -97.38
CA ASP R 10 -22.15 52.80 -98.31
C ASP R 10 -22.84 53.96 -98.99
N PHE R 11 -24.20 53.97 -99.00
CA PHE R 11 -24.97 55.12 -99.44
C PHE R 11 -24.76 56.29 -98.49
N ILE R 12 -24.76 56.01 -97.16
CA ILE R 12 -24.60 56.99 -96.12
C ILE R 12 -23.22 57.64 -96.23
N ASN R 13 -22.20 56.87 -96.66
CA ASN R 13 -20.85 57.34 -96.87
C ASN R 13 -20.74 58.19 -98.13
N ALA R 14 -21.36 57.75 -99.24
CA ALA R 14 -21.30 58.40 -100.54
C ALA R 14 -22.01 59.74 -100.56
N TYR R 15 -23.22 59.78 -99.94
CA TYR R 15 -24.05 60.97 -99.78
C TYR R 15 -23.37 61.96 -98.86
N ALA R 16 -22.63 61.48 -97.84
CA ALA R 16 -21.91 62.32 -96.91
C ALA R 16 -20.80 63.13 -97.54
N SER R 17 -20.23 62.67 -98.67
CA SER R 17 -19.21 63.38 -99.43
C SER R 17 -19.76 64.65 -100.04
N PHE R 18 -20.98 64.57 -100.62
CA PHE R 18 -21.65 65.69 -101.25
C PHE R 18 -22.25 66.62 -100.20
N LEU R 19 -22.58 66.08 -99.01
CA LEU R 19 -23.15 66.80 -97.89
C LEU R 19 -22.19 67.86 -97.39
N GLN R 20 -20.88 67.51 -97.31
CA GLN R 20 -19.79 68.40 -96.90
C GLN R 20 -19.58 69.56 -97.85
N ARG R 21 -19.96 69.41 -99.14
CA ARG R 21 -19.83 70.42 -100.17
C ARG R 21 -20.80 71.55 -99.88
N GLN R 22 -22.04 71.22 -99.45
CA GLN R 22 -23.07 72.19 -99.17
C GLN R 22 -22.82 72.88 -97.86
N GLY R 23 -22.67 74.23 -97.91
CA GLY R 23 -22.34 75.03 -96.75
C GLY R 23 -23.56 75.62 -96.12
N LYS R 24 -24.54 74.75 -95.79
CA LYS R 24 -25.64 75.07 -94.90
C LYS R 24 -25.45 74.16 -93.71
N LEU R 25 -24.80 73.00 -93.93
CA LEU R 25 -24.59 72.00 -92.92
C LEU R 25 -23.21 72.22 -92.35
N GLU R 26 -23.14 72.63 -91.07
CA GLU R 26 -21.92 72.83 -90.34
C GLU R 26 -21.90 71.83 -89.22
N VAL R 27 -20.73 71.67 -88.57
CA VAL R 27 -20.58 70.84 -87.40
C VAL R 27 -20.70 71.76 -86.19
N PRO R 28 -21.70 71.62 -85.29
CA PRO R 28 -21.74 72.41 -84.07
C PRO R 28 -20.79 71.87 -83.03
N GLY R 29 -20.05 70.77 -83.34
CA GLY R 29 -18.88 70.35 -82.59
C GLY R 29 -19.21 69.57 -81.36
N TYR R 30 -19.80 68.36 -81.51
CA TYR R 30 -20.20 67.53 -80.39
C TYR R 30 -19.43 66.23 -80.43
N VAL R 31 -19.28 65.61 -81.63
CA VAL R 31 -18.79 64.24 -81.76
C VAL R 31 -17.27 64.21 -81.81
N ASP R 32 -16.61 65.37 -82.02
CA ASP R 32 -15.18 65.50 -81.83
C ASP R 32 -14.84 65.49 -80.35
N ILE R 33 -15.85 65.69 -79.48
CA ILE R 33 -15.75 65.53 -78.04
C ILE R 33 -16.48 64.24 -77.70
N VAL R 34 -16.03 63.11 -78.29
CA VAL R 34 -16.39 61.78 -77.84
C VAL R 34 -15.42 60.77 -78.39
N LYS R 35 -15.20 60.74 -79.73
CA LYS R 35 -14.47 59.65 -80.37
C LYS R 35 -12.99 59.71 -80.08
N THR R 36 -12.43 60.93 -79.90
CA THR R 36 -11.03 61.11 -79.59
C THR R 36 -10.83 60.87 -78.12
N SER R 37 -11.78 61.29 -77.26
CA SER R 37 -11.72 61.02 -75.83
C SER R 37 -12.26 59.63 -75.54
N SER R 38 -11.57 58.56 -76.01
CA SER R 38 -12.09 57.22 -75.88
C SER R 38 -10.95 56.25 -76.01
N GLY R 39 -10.22 56.31 -77.14
CA GLY R 39 -9.25 55.30 -77.49
C GLY R 39 -9.54 54.87 -78.89
N ASN R 40 -10.81 55.08 -79.31
CA ASN R 40 -11.39 54.62 -80.53
C ASN R 40 -10.81 55.33 -81.74
N GLU R 41 -10.20 54.53 -82.65
CA GLU R 41 -9.78 54.95 -83.97
C GLU R 41 -10.81 54.41 -84.90
N MET R 42 -11.42 55.30 -85.71
CA MET R 42 -12.43 54.93 -86.67
C MET R 42 -11.94 55.47 -88.01
N PRO R 43 -11.66 54.66 -89.04
CA PRO R 43 -11.08 55.11 -90.31
C PRO R 43 -12.14 55.78 -91.17
N PRO R 44 -11.90 56.41 -92.33
CA PRO R 44 -12.73 57.51 -92.83
C PRO R 44 -14.19 57.27 -93.16
N GLN R 45 -14.68 56.02 -93.28
CA GLN R 45 -16.07 55.70 -93.53
C GLN R 45 -16.78 55.69 -92.21
N ASP R 46 -16.20 54.94 -91.26
CA ASP R 46 -16.62 54.71 -89.90
C ASP R 46 -16.48 55.97 -89.06
N ALA R 47 -15.53 56.85 -89.47
CA ALA R 47 -15.01 57.99 -88.76
C ALA R 47 -16.01 58.92 -88.15
N GLU R 48 -17.01 59.32 -88.96
CA GLU R 48 -17.97 60.40 -88.73
C GLU R 48 -17.49 61.56 -87.90
N GLY R 49 -17.06 62.65 -88.58
CA GLY R 49 -16.77 63.91 -87.95
C GLY R 49 -17.58 65.01 -88.58
N TRP R 50 -18.95 64.98 -88.59
CA TRP R 50 -19.84 63.99 -88.01
C TRP R 50 -21.22 64.25 -88.54
N PHE R 51 -21.54 65.54 -88.71
CA PHE R 51 -22.83 66.04 -89.11
C PHE R 51 -23.14 65.66 -90.55
N TYR R 52 -22.11 65.27 -91.33
CA TYR R 52 -22.25 64.81 -92.69
C TYR R 52 -22.80 63.40 -92.79
N LYS R 53 -22.32 62.48 -91.94
CA LYS R 53 -22.64 61.07 -91.97
C LYS R 53 -23.96 60.87 -91.30
N ARG R 54 -24.21 61.64 -90.22
CA ARG R 54 -25.43 61.58 -89.44
C ARG R 54 -26.60 62.20 -90.18
N ALA R 55 -26.36 63.26 -90.99
CA ALA R 55 -27.38 63.88 -91.82
C ALA R 55 -27.80 62.98 -92.95
N ALA R 56 -26.84 62.19 -93.50
CA ALA R 56 -27.08 61.24 -94.56
C ALA R 56 -27.92 60.08 -94.10
N SER R 57 -27.72 59.62 -92.83
CA SER R 57 -28.51 58.58 -92.20
C SER R 57 -29.93 59.04 -91.96
N VAL R 58 -30.09 60.22 -91.32
CA VAL R 58 -31.37 60.78 -90.93
C VAL R 58 -32.24 61.06 -92.14
N ALA R 59 -31.66 61.62 -93.22
CA ALA R 59 -32.34 61.94 -94.45
C ALA R 59 -32.76 60.71 -95.23
N ARG R 60 -31.98 59.60 -95.14
CA ARG R 60 -32.31 58.31 -95.73
C ARG R 60 -33.54 57.72 -95.08
N HIS R 61 -33.73 57.95 -93.76
CA HIS R 61 -34.85 57.44 -92.99
C HIS R 61 -36.16 58.15 -93.30
N ILE R 62 -36.12 59.32 -93.98
CA ILE R 62 -37.30 60.05 -94.39
C ILE R 62 -37.70 59.60 -95.79
N TYR R 63 -36.85 58.79 -96.45
CA TYR R 63 -37.22 58.12 -97.68
C TYR R 63 -37.90 56.83 -97.30
N MET R 64 -37.32 56.12 -96.31
CA MET R 64 -37.70 54.79 -95.88
C MET R 64 -38.95 54.76 -95.02
N ARG R 65 -39.30 55.87 -94.32
CA ARG R 65 -40.49 55.89 -93.49
C ARG R 65 -41.33 57.10 -93.82
N LYS R 66 -40.70 58.30 -93.90
CA LYS R 66 -41.28 59.49 -94.47
C LYS R 66 -42.18 60.30 -93.56
N GLN R 67 -42.96 59.64 -92.66
CA GLN R 67 -43.88 60.31 -91.78
C GLN R 67 -43.19 61.12 -90.69
N VAL R 68 -43.99 61.91 -89.94
CA VAL R 68 -43.60 63.07 -89.18
C VAL R 68 -42.65 62.85 -88.03
N GLY R 69 -42.18 63.96 -87.41
CA GLY R 69 -41.43 63.95 -86.17
C GLY R 69 -39.96 64.14 -86.39
N VAL R 70 -39.37 65.14 -85.68
CA VAL R 70 -37.95 65.30 -85.45
C VAL R 70 -37.57 64.30 -84.39
N GLY R 71 -38.45 64.10 -83.38
CA GLY R 71 -38.31 63.08 -82.36
C GLY R 71 -38.34 61.69 -82.93
N LYS R 72 -39.15 61.46 -83.98
CA LYS R 72 -39.24 60.19 -84.67
C LYS R 72 -38.23 60.12 -85.80
N LEU R 73 -37.13 60.89 -85.69
CA LEU R 73 -35.97 60.79 -86.53
C LEU R 73 -34.75 60.97 -85.64
N ASN R 74 -34.96 61.04 -84.30
CA ASN R 74 -33.95 61.30 -83.30
C ASN R 74 -33.39 59.99 -82.79
N LYS R 75 -34.27 59.20 -82.14
CA LYS R 75 -34.00 57.97 -81.42
C LYS R 75 -34.15 56.42 -82.08
N LEU R 76 -35.68 55.24 -83.66
CA LEU R 76 -36.76 55.32 -84.77
C LEU R 76 -38.08 56.03 -84.46
N TYR R 77 -38.97 55.51 -83.58
CA TYR R 77 -40.09 56.33 -83.09
C TYR R 77 -40.19 56.34 -81.59
N GLY R 78 -40.41 55.18 -80.94
CA GLY R 78 -40.56 55.08 -79.50
C GLY R 78 -39.29 54.64 -78.83
N GLY R 79 -38.80 53.43 -79.21
CA GLY R 79 -37.90 52.59 -78.46
C GLY R 79 -36.51 53.09 -78.32
N ALA R 80 -36.27 53.84 -77.23
CA ALA R 80 -34.95 54.27 -76.85
C ALA R 80 -34.68 53.72 -75.48
N LYS R 81 -35.13 52.47 -75.23
CA LYS R 81 -34.80 51.70 -74.06
C LYS R 81 -33.34 51.30 -74.16
N SER R 82 -32.84 51.14 -75.41
CA SER R 82 -31.43 51.14 -75.70
C SER R 82 -30.94 52.58 -75.74
N ARG R 83 -29.97 52.91 -74.86
CA ARG R 83 -29.15 54.10 -74.83
C ARG R 83 -29.69 55.28 -74.06
N GLY R 84 -31.02 55.54 -74.06
CA GLY R 84 -31.57 56.61 -73.25
C GLY R 84 -32.78 57.23 -73.88
N VAL R 85 -33.92 57.21 -73.15
CA VAL R 85 -35.20 57.73 -73.58
C VAL R 85 -35.32 59.15 -73.06
N ARG R 86 -36.16 60.00 -73.72
CA ARG R 86 -36.15 61.43 -73.43
C ARG R 86 -37.44 62.16 -73.80
N PRO R 87 -38.68 61.66 -73.78
CA PRO R 87 -39.73 62.19 -74.64
C PRO R 87 -40.21 63.58 -74.26
N TYR R 88 -40.77 63.73 -73.03
CA TYR R 88 -41.39 64.95 -72.56
C TYR R 88 -40.36 65.81 -71.89
N LYS R 89 -39.51 65.17 -71.04
CA LYS R 89 -38.51 65.84 -70.25
C LYS R 89 -37.39 66.36 -71.13
N HIS R 90 -36.59 67.32 -70.58
CA HIS R 90 -35.71 68.16 -71.36
C HIS R 90 -34.66 67.37 -72.09
N ILE R 91 -34.48 67.68 -73.39
CA ILE R 91 -33.74 66.86 -74.32
C ILE R 91 -32.26 66.92 -74.10
N ASP R 92 -31.59 65.78 -74.33
CA ASP R 92 -30.22 65.52 -73.94
C ASP R 92 -29.29 65.64 -75.13
N ALA R 93 -28.23 64.80 -75.13
CA ALA R 93 -27.21 64.63 -76.12
C ALA R 93 -27.78 64.32 -77.49
N SER R 94 -28.71 63.33 -77.55
CA SER R 94 -29.34 62.87 -78.75
C SER R 94 -30.29 63.91 -79.31
N GLY R 95 -30.89 64.71 -78.40
CA GLY R 95 -31.84 65.76 -78.70
C GLY R 95 -31.24 66.87 -79.49
N SER R 96 -30.16 67.49 -78.95
CA SER R 96 -29.54 68.67 -79.52
C SER R 96 -28.79 68.38 -80.80
N ILE R 97 -28.53 67.08 -81.12
CA ILE R 97 -28.01 66.64 -82.40
C ILE R 97 -29.09 66.78 -83.45
N ASN R 98 -30.26 66.14 -83.23
CA ASN R 98 -31.21 65.89 -84.30
C ASN R 98 -32.10 67.07 -84.59
N ARG R 99 -32.31 67.97 -83.59
CA ARG R 99 -33.05 69.20 -83.79
C ARG R 99 -32.26 70.14 -84.67
N LYS R 100 -30.91 70.11 -84.55
CA LYS R 100 -30.02 70.92 -85.34
C LYS R 100 -29.95 70.39 -86.77
N VAL R 101 -29.88 69.04 -86.96
CA VAL R 101 -29.66 68.47 -88.28
C VAL R 101 -30.80 68.72 -89.23
N LEU R 102 -32.06 68.62 -88.77
CA LEU R 102 -33.23 68.82 -89.61
C LEU R 102 -33.55 70.28 -89.78
N GLN R 103 -33.02 71.16 -88.90
CA GLN R 103 -33.10 72.60 -89.03
C GLN R 103 -32.19 73.05 -90.15
N ALA R 104 -30.96 72.49 -90.22
CA ALA R 104 -29.95 72.83 -91.19
C ALA R 104 -30.29 72.32 -92.57
N LEU R 105 -30.91 71.11 -92.65
CA LEU R 105 -31.38 70.52 -93.89
C LEU R 105 -32.56 71.28 -94.46
N GLU R 106 -33.36 71.95 -93.60
CA GLU R 106 -34.49 72.77 -94.00
C GLU R 106 -34.05 74.03 -94.70
N LYS R 107 -32.85 74.57 -94.33
CA LYS R 107 -32.31 75.78 -94.92
C LYS R 107 -31.73 75.55 -96.30
N ILE R 108 -31.68 74.27 -96.75
CA ILE R 108 -31.33 73.89 -98.09
C ILE R 108 -32.62 73.86 -98.89
N GLY R 109 -33.58 73.06 -98.39
CA GLY R 109 -34.80 72.71 -99.08
C GLY R 109 -34.82 71.21 -99.23
N ILE R 110 -34.15 70.48 -98.30
CA ILE R 110 -34.11 69.03 -98.31
C ILE R 110 -35.34 68.53 -97.58
N VAL R 111 -35.56 68.99 -96.33
CA VAL R 111 -36.75 68.62 -95.58
C VAL R 111 -37.64 69.83 -95.49
N GLU R 112 -38.97 69.60 -95.48
CA GLU R 112 -39.97 70.61 -95.21
C GLU R 112 -40.76 70.09 -94.02
N ILE R 113 -41.63 70.95 -93.44
CA ILE R 113 -42.49 70.56 -92.36
C ILE R 113 -43.88 70.39 -92.93
N SER R 114 -44.47 69.19 -92.71
CA SER R 114 -45.81 68.84 -93.14
C SER R 114 -46.74 69.09 -91.97
N PRO R 115 -48.03 69.36 -92.14
CA PRO R 115 -48.82 70.05 -91.13
C PRO R 115 -49.30 69.16 -90.01
N LYS R 116 -49.01 67.83 -89.99
CA LYS R 116 -49.49 66.94 -88.93
C LYS R 116 -48.38 66.60 -87.96
N GLY R 117 -47.47 67.56 -87.67
CA GLY R 117 -46.56 67.44 -86.56
C GLY R 117 -45.17 67.90 -86.93
N GLY R 118 -44.55 67.25 -87.93
CA GLY R 118 -43.15 67.41 -88.16
C GLY R 118 -42.83 67.09 -89.59
N ARG R 119 -41.68 66.42 -89.83
CA ARG R 119 -40.99 66.49 -91.10
C ARG R 119 -41.52 65.55 -92.15
N ARG R 120 -41.35 65.96 -93.43
CA ARG R 120 -41.38 65.07 -94.56
C ARG R 120 -40.06 65.34 -95.27
N ILE R 121 -39.91 64.87 -96.52
CA ILE R 121 -38.75 65.16 -97.34
C ILE R 121 -39.31 65.59 -98.67
N SER R 122 -38.74 66.68 -99.24
CA SER R 122 -39.31 67.39 -100.37
C SER R 122 -38.46 67.21 -101.61
N GLU R 123 -38.55 68.18 -102.54
CA GLU R 123 -38.05 68.11 -103.91
C GLU R 123 -36.55 68.02 -104.01
N ASN R 124 -35.79 69.01 -103.50
CA ASN R 124 -34.34 69.04 -103.58
C ASN R 124 -33.72 68.01 -102.67
N GLY R 125 -34.52 67.46 -101.72
CA GLY R 125 -34.08 66.45 -100.79
C GLY R 125 -33.82 65.15 -101.46
N GLN R 126 -34.84 64.61 -102.15
CA GLN R 126 -34.79 63.31 -102.76
C GLN R 126 -34.01 63.34 -104.06
N ARG R 127 -33.75 64.56 -104.62
CA ARG R 127 -32.76 64.75 -105.67
C ARG R 127 -31.38 64.41 -105.16
N ASP R 128 -31.03 64.97 -103.98
CA ASP R 128 -29.71 64.85 -103.41
C ASP R 128 -29.46 63.48 -102.85
N LEU R 129 -30.53 62.68 -102.62
CA LEU R 129 -30.41 61.29 -102.23
C LEU R 129 -30.14 60.44 -103.46
N ASP R 130 -31.18 60.25 -104.31
CA ASP R 130 -31.27 59.12 -105.20
C ASP R 130 -30.47 59.28 -106.48
N ARG R 131 -29.97 60.50 -106.76
CA ARG R 131 -29.06 60.76 -107.86
C ARG R 131 -27.68 60.24 -107.51
N ILE R 132 -27.29 60.31 -106.21
CA ILE R 132 -26.04 59.81 -105.69
C ILE R 132 -26.14 58.29 -105.56
N ALA R 133 -27.36 57.77 -105.32
CA ALA R 133 -27.63 56.35 -105.26
C ALA R 133 -27.40 55.67 -106.59
N ALA R 134 -27.63 56.41 -107.71
CA ALA R 134 -27.41 55.93 -109.06
C ALA R 134 -25.95 55.76 -109.36
N GLN R 135 -25.12 56.74 -108.95
CA GLN R 135 -23.69 56.77 -109.19
C GLN R 135 -22.97 55.65 -108.46
N THR R 136 -23.42 55.33 -107.22
CA THR R 136 -22.87 54.26 -106.41
C THR R 136 -23.24 52.91 -106.99
N LEU R 137 -24.45 52.78 -107.57
CA LEU R 137 -24.98 51.55 -108.15
C LEU R 137 -24.21 51.18 -109.40
N GLU R 138 -23.76 52.20 -110.18
CA GLU R 138 -22.95 52.02 -111.37
C GLU R 138 -21.54 51.55 -111.02
N GLU R 139 -21.04 51.87 -109.80
CA GLU R 139 -19.75 51.43 -109.31
C GLU R 139 -19.85 50.04 -108.70
N ASP R 140 -21.07 49.60 -108.31
CA ASP R 140 -21.32 48.29 -107.73
C ASP R 140 -21.39 47.22 -108.81
N GLU R 141 -21.97 47.53 -109.99
CA GLU R 141 -22.24 46.55 -111.03
C GLU R 141 -20.95 46.20 -111.82
N THR T 1 53.69 11.41 78.13
CA THR T 1 53.83 12.14 76.84
C THR T 1 53.41 11.22 75.72
N LYS T 2 52.75 11.77 74.67
CA LYS T 2 52.13 11.03 73.60
C LYS T 2 53.13 10.22 72.80
N LYS T 3 52.98 8.87 72.83
CA LYS T 3 53.83 7.95 72.14
C LYS T 3 53.33 7.72 70.73
N PHE T 4 54.24 7.29 69.84
CA PHE T 4 54.05 7.16 68.41
C PHE T 4 53.89 5.70 68.08
N LYS T 5 53.28 5.43 66.90
CA LYS T 5 53.08 4.11 66.36
C LYS T 5 53.13 4.28 64.86
N ARG T 6 53.03 3.17 64.09
CA ARG T 6 52.54 3.23 62.72
C ARG T 6 51.06 2.96 62.84
N HIS T 7 50.27 3.62 61.98
CA HIS T 7 48.84 3.55 61.98
C HIS T 7 48.31 2.21 61.51
N HIS T 8 47.07 1.89 61.93
CA HIS T 8 46.34 0.66 61.68
C HIS T 8 46.88 -0.55 62.42
N SER T 9 47.85 -0.34 63.33
CA SER T 9 48.47 -1.39 64.13
C SER T 9 47.49 -1.91 65.16
N ASP T 10 46.62 -1.01 65.65
CA ASP T 10 45.59 -1.31 66.63
C ASP T 10 44.43 -2.06 66.01
N ARG T 11 44.29 -2.02 64.67
CA ARG T 11 43.26 -2.73 63.95
C ARG T 11 43.67 -4.17 63.76
N TYR T 12 44.76 -4.45 62.99
CA TYR T 12 45.22 -5.80 62.74
C TYR T 12 46.72 -5.89 62.83
N HIS T 13 47.21 -7.15 62.84
CA HIS T 13 48.55 -7.56 63.20
C HIS T 13 49.53 -7.41 62.06
N ARG T 14 49.04 -7.14 60.83
CA ARG T 14 49.85 -7.07 59.62
C ARG T 14 50.46 -5.70 59.44
N VAL T 15 50.99 -5.09 60.52
CA VAL T 15 51.52 -3.75 60.50
C VAL T 15 52.82 -3.79 61.24
N ALA T 16 53.91 -3.30 60.59
CA ALA T 16 55.17 -3.05 61.24
C ALA T 16 55.06 -1.70 61.90
N GLU T 17 55.26 -1.64 63.24
CA GLU T 17 54.90 -0.47 64.04
C GLU T 17 55.97 0.60 64.01
N ASN T 18 57.14 0.31 63.40
CA ASN T 18 58.16 1.32 63.13
C ASN T 18 57.66 2.26 62.06
N TRP T 19 58.12 3.52 62.09
CA TRP T 19 57.53 4.60 61.32
C TRP T 19 57.84 4.47 59.85
N ARG T 20 56.77 4.49 59.03
CA ARG T 20 56.86 4.54 57.59
C ARG T 20 56.25 5.87 57.20
N LYS T 21 56.63 6.39 56.01
CA LYS T 21 56.08 7.60 55.43
C LYS T 21 54.63 7.36 55.09
N GLN T 22 53.77 8.38 55.25
CA GLN T 22 52.41 8.35 54.76
C GLN T 22 52.51 8.73 53.31
N LYS T 23 52.30 7.73 52.43
CA LYS T 23 52.86 7.71 51.10
C LYS T 23 52.08 8.57 50.13
N GLY T 24 50.87 8.10 49.74
CA GLY T 24 50.09 8.69 48.67
C GLY T 24 49.26 9.84 49.16
N ILE T 25 47.92 9.69 49.10
CA ILE T 25 46.98 10.78 49.33
C ILE T 25 46.74 10.93 50.84
N ASP T 26 45.47 11.01 51.32
CA ASP T 26 45.19 11.59 52.62
C ASP T 26 45.52 10.65 53.76
N SER T 27 45.93 11.27 54.88
CA SER T 27 46.18 10.63 56.14
C SER T 27 46.09 11.79 57.10
N VAL T 28 45.69 11.53 58.37
CA VAL T 28 45.40 12.57 59.34
C VAL T 28 46.66 13.32 59.75
N VAL T 29 47.82 12.63 59.76
CA VAL T 29 49.09 13.21 60.12
C VAL T 29 49.82 13.77 58.91
N ARG T 30 49.34 13.53 57.67
CA ARG T 30 49.92 14.12 56.46
C ARG T 30 49.63 15.59 56.45
N ARG T 31 48.32 15.94 56.51
CA ARG T 31 47.86 17.31 56.50
C ARG T 31 47.98 17.98 57.85
N ARG T 32 48.71 17.31 58.79
CA ARG T 32 49.18 17.84 60.05
C ARG T 32 48.09 17.85 61.09
N PHE T 33 48.29 17.05 62.16
CA PHE T 33 47.37 17.00 63.26
C PHE T 33 48.22 16.62 64.44
N ARG T 34 47.86 17.15 65.63
CA ARG T 34 48.49 16.80 66.88
C ARG T 34 47.41 16.28 67.79
N GLY T 35 47.06 14.99 67.62
CA GLY T 35 46.04 14.37 68.43
C GLY T 35 46.27 12.90 68.34
N ASN T 36 45.94 12.31 67.18
CA ASN T 36 46.23 10.93 66.86
C ASN T 36 47.62 10.88 66.27
N ILE T 37 48.62 11.02 67.19
CA ILE T 37 50.04 11.19 66.96
C ILE T 37 50.36 12.37 66.08
N SER T 38 51.61 12.46 65.59
CA SER T 38 52.04 13.49 64.67
C SER T 38 52.83 12.76 63.61
N GLN T 39 53.33 13.50 62.60
CA GLN T 39 54.28 12.96 61.64
C GLN T 39 55.65 13.40 62.13
N PRO T 40 56.64 12.52 62.33
CA PRO T 40 57.96 12.90 62.82
C PRO T 40 58.72 13.79 61.87
N LYS T 41 59.01 15.04 62.27
CA LYS T 41 59.85 15.95 61.52
C LYS T 41 61.10 16.18 62.32
N ILE T 42 62.03 16.99 61.75
CA ILE T 42 63.29 17.37 62.35
C ILE T 42 63.12 18.51 63.33
N GLY T 43 61.86 18.97 63.54
CA GLY T 43 61.49 19.91 64.57
C GLY T 43 61.44 19.21 65.90
N TYR T 44 60.94 17.96 65.89
CA TYR T 44 61.00 17.06 67.03
C TYR T 44 62.36 16.42 67.09
N GLY T 45 62.72 15.85 68.26
CA GLY T 45 63.95 15.13 68.45
C GLY T 45 64.92 15.95 69.26
N SER T 46 66.08 15.34 69.60
CA SER T 46 67.09 15.97 70.42
C SER T 46 68.01 16.80 69.56
N ASN T 47 68.64 17.82 70.18
CA ASN T 47 69.18 18.97 69.49
C ASN T 47 70.64 18.82 69.15
N LYS T 48 71.17 19.76 68.34
CA LYS T 48 72.56 19.85 67.93
C LYS T 48 73.31 20.60 69.02
N LYS T 49 73.68 19.85 70.08
CA LYS T 49 74.31 20.41 71.24
C LYS T 49 74.79 19.21 71.99
N THR T 50 73.86 18.24 72.18
CA THR T 50 73.95 17.13 73.08
C THR T 50 74.27 15.85 72.32
N LYS T 51 74.21 14.68 73.04
CA LYS T 51 74.29 13.30 72.58
C LYS T 51 75.11 12.51 73.57
N PHE T 52 74.56 11.35 74.01
CA PHE T 52 75.20 10.21 74.65
C PHE T 52 75.19 10.31 76.16
N LEU T 53 74.35 9.46 76.80
CA LEU T 53 74.06 9.49 78.21
C LEU T 53 74.76 8.39 78.98
N SER T 54 74.63 8.53 80.32
CA SER T 54 74.73 7.53 81.35
C SER T 54 74.24 8.32 82.56
N PRO T 55 74.29 8.00 83.87
CA PRO T 55 73.84 8.91 84.91
C PRO T 55 74.91 9.95 85.20
N SER T 56 75.93 10.06 84.33
CA SER T 56 76.98 11.03 84.42
C SER T 56 77.42 11.42 83.03
N GLY T 57 76.57 11.19 82.00
CA GLY T 57 76.79 11.63 80.63
C GLY T 57 78.00 11.02 79.97
N HIS T 58 78.47 9.86 80.47
CA HIS T 58 79.74 9.29 80.11
C HIS T 58 79.59 8.32 78.97
N LYS T 59 80.43 8.54 77.93
CA LYS T 59 80.44 7.81 76.68
C LYS T 59 81.25 6.55 76.90
N THR T 60 80.94 5.47 76.16
CA THR T 60 81.64 4.20 76.31
C THR T 60 82.87 4.14 75.42
N PHE T 61 83.68 3.08 75.62
CA PHE T 61 84.66 2.64 74.67
C PHE T 61 84.67 1.15 74.82
N LEU T 62 84.42 0.42 73.72
CA LEU T 62 84.38 -1.03 73.69
C LEU T 62 85.80 -1.52 73.55
N VAL T 63 86.31 -2.21 74.59
CA VAL T 63 87.65 -2.77 74.60
C VAL T 63 87.46 -4.27 74.58
N ALA T 64 87.24 -4.81 73.35
CA ALA T 64 86.85 -6.18 73.10
C ALA T 64 87.93 -7.17 73.44
N ASN T 65 88.79 -7.50 72.47
CA ASN T 65 89.92 -8.39 72.64
C ASN T 65 91.13 -7.56 73.02
N VAL T 66 92.32 -8.19 73.06
CA VAL T 66 93.54 -7.62 73.61
C VAL T 66 94.31 -6.85 72.54
N LYS T 67 93.57 -6.23 71.59
CA LYS T 67 94.09 -5.47 70.48
C LYS T 67 94.67 -4.15 70.96
N ASP T 68 93.80 -3.19 71.35
CA ASP T 68 94.22 -1.95 71.97
C ASP T 68 93.49 -1.86 73.29
N LEU T 69 94.19 -2.22 74.39
CA LEU T 69 93.67 -2.19 75.73
C LEU T 69 93.99 -0.84 76.33
N GLU T 70 95.27 -0.40 76.18
CA GLU T 70 95.79 0.83 76.74
C GLU T 70 95.37 2.02 75.88
N THR T 71 94.11 2.46 76.08
CA THR T 71 93.48 3.50 75.32
C THR T 71 92.31 4.00 76.15
N LEU T 72 91.73 3.11 76.98
CA LEU T 72 90.61 3.37 77.87
C LEU T 72 91.02 4.32 78.96
N THR T 73 90.15 5.33 79.26
CA THR T 73 90.44 6.42 80.17
C THR T 73 89.69 6.21 81.46
N MET T 74 89.64 7.26 82.31
CA MET T 74 88.95 7.27 83.56
C MET T 74 88.42 8.67 83.75
N HIS T 75 87.84 9.25 82.68
CA HIS T 75 87.36 10.62 82.70
C HIS T 75 86.01 10.63 82.05
N THR T 76 85.98 10.44 80.72
CA THR T 76 84.76 10.38 79.93
C THR T 76 84.31 8.94 79.86
N LYS T 77 85.21 7.99 80.23
CA LYS T 77 84.92 6.58 80.30
C LYS T 77 85.13 6.19 81.73
N THR T 78 84.25 6.67 82.64
CA THR T 78 84.30 6.33 84.05
C THR T 78 83.15 5.39 84.31
N TYR T 79 81.95 5.68 83.78
CA TYR T 79 80.77 4.88 84.02
C TYR T 79 80.73 3.76 83.00
N ALA T 80 80.39 4.09 81.73
CA ALA T 80 80.33 3.13 80.65
C ALA T 80 81.72 2.90 80.11
N ALA T 81 82.12 1.61 80.03
CA ALA T 81 83.47 1.24 79.64
C ALA T 81 83.50 -0.26 79.48
N GLU T 82 82.78 -0.76 78.46
CA GLU T 82 82.44 -2.17 78.32
C GLU T 82 83.51 -2.93 77.56
N ILE T 83 83.25 -4.24 77.30
CA ILE T 83 84.23 -5.16 76.77
C ILE T 83 83.77 -5.56 75.38
N ALA T 84 83.20 -6.77 75.22
CA ALA T 84 82.58 -7.32 74.04
C ALA T 84 82.22 -8.72 74.41
N HIS T 85 80.98 -9.15 74.08
CA HIS T 85 80.42 -10.38 74.57
C HIS T 85 80.79 -11.54 73.70
N ASN T 86 80.84 -11.29 72.37
CA ASN T 86 81.20 -12.25 71.32
C ASN T 86 82.63 -12.72 71.47
N ILE T 87 83.49 -11.86 72.07
CA ILE T 87 84.86 -12.17 72.39
C ILE T 87 84.81 -12.89 73.72
N SER T 88 85.48 -14.07 73.76
CA SER T 88 85.42 -15.09 74.80
C SER T 88 85.49 -14.62 76.24
N ALA T 89 84.97 -15.47 77.16
CA ALA T 89 84.98 -15.25 78.60
C ALA T 89 86.38 -15.20 79.16
N LYS T 90 87.32 -15.92 78.51
CA LYS T 90 88.75 -15.95 78.78
C LYS T 90 89.34 -14.58 78.63
N ASN T 91 89.06 -13.91 77.49
CA ASN T 91 89.51 -12.57 77.21
C ASN T 91 88.79 -11.57 78.07
N ARG T 92 87.46 -11.72 78.29
CA ARG T 92 86.65 -10.82 79.10
C ARG T 92 87.23 -10.60 80.48
N VAL T 93 87.56 -11.69 81.21
CA VAL T 93 88.14 -11.65 82.54
C VAL T 93 89.52 -11.00 82.54
N VAL T 94 90.32 -11.18 81.47
CA VAL T 94 91.64 -10.58 81.31
C VAL T 94 91.53 -9.09 81.11
N ILE T 95 90.58 -8.61 80.28
CA ILE T 95 90.39 -7.19 80.01
C ILE T 95 89.83 -6.52 81.24
N LEU T 96 88.83 -7.09 81.93
CA LEU T 96 88.21 -6.57 83.14
C LEU T 96 89.18 -6.40 84.27
N ALA T 97 90.18 -7.31 84.39
CA ALA T 97 91.20 -7.27 85.41
C ALA T 97 92.23 -6.17 85.18
N ARG T 98 92.09 -5.42 84.07
CA ARG T 98 92.93 -4.32 83.70
C ARG T 98 92.08 -3.07 83.66
N ALA T 99 90.88 -3.15 83.02
CA ALA T 99 89.96 -2.08 82.76
C ALA T 99 89.35 -1.52 84.02
N LYS T 100 88.69 -2.37 84.85
CA LYS T 100 88.13 -1.96 86.12
C LYS T 100 89.23 -1.66 87.11
N ALA T 101 90.43 -2.26 86.90
CA ALA T 101 91.62 -1.98 87.66
C ALA T 101 92.38 -0.78 87.11
N LEU T 102 91.66 0.18 86.50
CA LEU T 102 92.13 1.53 86.25
C LEU T 102 91.71 2.31 87.47
N GLY T 103 90.39 2.50 87.61
CA GLY T 103 89.79 3.20 88.72
C GLY T 103 88.50 3.72 88.18
N ILE T 104 87.63 2.80 87.69
CA ILE T 104 86.41 3.14 87.01
C ILE T 104 85.37 2.14 87.44
N LYS T 105 84.09 2.43 87.10
CA LYS T 105 82.99 1.50 87.21
C LYS T 105 82.89 0.84 85.84
N VAL T 106 82.41 -0.42 85.82
CA VAL T 106 81.99 -1.10 84.62
C VAL T 106 80.78 -1.83 85.14
N THR T 107 79.73 -2.00 84.28
CA THR T 107 78.46 -2.64 84.62
C THR T 107 78.65 -4.05 85.16
N ASN T 108 79.26 -4.92 84.34
CA ASN T 108 79.54 -6.31 84.66
C ASN T 108 80.70 -6.41 85.64
N PRO T 109 80.78 -7.43 86.51
CA PRO T 109 81.51 -7.35 87.76
C PRO T 109 83.02 -7.43 87.58
N ALA U 1 34.46 -64.74 32.96
CA ALA U 1 35.29 -64.48 31.75
C ALA U 1 36.15 -65.66 31.41
N GLN U 2 36.79 -65.61 30.21
CA GLN U 2 37.77 -66.60 29.81
C GLN U 2 39.09 -65.90 29.73
N LYS U 3 40.11 -66.42 30.44
CA LYS U 3 41.42 -65.80 30.51
C LYS U 3 42.31 -66.41 29.47
N SER U 4 43.20 -65.57 28.90
CA SER U 4 44.19 -65.98 27.93
C SER U 4 45.44 -66.41 28.66
N PHE U 5 46.62 -66.36 28.00
CA PHE U 5 47.85 -66.88 28.53
C PHE U 5 48.59 -65.82 29.33
N ARG U 6 48.96 -64.70 28.70
CA ARG U 6 49.87 -63.73 29.29
C ARG U 6 49.18 -62.72 30.21
N ILE U 7 47.90 -62.98 30.57
CA ILE U 7 47.19 -62.22 31.58
C ILE U 7 47.50 -62.77 32.95
N LYS U 8 47.71 -64.11 33.05
CA LYS U 8 47.70 -64.86 34.28
C LYS U 8 48.85 -64.54 35.21
N GLN U 9 50.07 -64.34 34.68
CA GLN U 9 51.25 -64.13 35.51
C GLN U 9 51.45 -62.65 35.79
N LYS U 10 50.72 -61.75 35.09
CA LYS U 10 50.64 -60.35 35.45
C LYS U 10 49.79 -60.20 36.68
N MET U 11 48.73 -61.04 36.79
CA MET U 11 47.83 -61.08 37.91
C MET U 11 48.48 -61.73 39.10
N ALA U 12 49.33 -62.76 38.85
CA ALA U 12 50.08 -63.47 39.86
C ALA U 12 51.14 -62.59 40.49
N LYS U 13 51.77 -61.72 39.66
CA LYS U 13 52.74 -60.73 40.07
C LYS U 13 52.09 -59.70 40.98
N ALA U 14 50.87 -59.25 40.64
CA ALA U 14 50.13 -58.26 41.40
C ALA U 14 49.71 -58.77 42.76
N LYS U 15 49.25 -60.04 42.86
CA LYS U 15 48.82 -60.65 44.11
C LYS U 15 50.02 -61.06 44.97
N LYS U 16 51.22 -61.24 44.37
CA LYS U 16 52.44 -61.49 45.12
C LYS U 16 52.92 -60.21 45.77
N GLN U 17 52.72 -59.06 45.08
CA GLN U 17 53.09 -57.74 45.56
C GLN U 17 52.05 -57.19 46.52
N ASN U 18 50.95 -57.94 46.81
CA ASN U 18 49.89 -57.56 47.70
C ASN U 18 50.29 -57.78 49.15
N ARG U 19 51.53 -58.28 49.38
CA ARG U 19 52.12 -58.53 50.66
C ARG U 19 52.57 -57.22 51.30
N PRO U 20 52.96 -57.15 52.58
CA PRO U 20 53.21 -55.89 53.28
C PRO U 20 54.42 -55.16 52.77
N LEU U 21 54.63 -53.93 53.31
CA LEU U 21 55.78 -53.08 53.07
C LEU U 21 57.00 -53.79 53.67
N PRO U 22 58.17 -53.85 53.03
CA PRO U 22 59.27 -54.66 53.54
C PRO U 22 59.77 -54.22 54.89
N GLN U 23 60.15 -55.19 55.75
CA GLN U 23 60.47 -54.94 57.14
C GLN U 23 61.94 -54.63 57.31
N TRP U 24 62.71 -54.69 56.19
CA TRP U 24 64.12 -54.37 56.16
C TRP U 24 64.32 -52.87 56.13
N ILE U 25 63.30 -52.10 55.65
CA ILE U 25 63.33 -50.67 55.45
C ILE U 25 63.70 -49.95 56.73
N ARG U 26 62.93 -50.16 57.82
CA ARG U 26 63.12 -49.44 59.06
C ARG U 26 64.03 -50.22 60.00
N LEU U 27 65.05 -50.89 59.42
CA LEU U 27 66.21 -51.39 60.12
C LEU U 27 67.36 -50.50 59.73
N ARG U 28 67.26 -49.85 58.54
CA ARG U 28 68.22 -48.90 58.05
C ARG U 28 67.97 -47.58 58.72
N THR U 29 66.68 -47.17 58.78
CA THR U 29 66.26 -45.90 59.35
C THR U 29 66.19 -46.01 60.85
N ASN U 30 65.49 -47.06 61.35
CA ASN U 30 65.14 -47.30 62.74
C ASN U 30 64.05 -46.34 63.17
N ASN U 31 62.80 -46.84 63.22
CA ASN U 31 61.61 -46.16 63.70
C ASN U 31 61.00 -45.22 62.68
N THR U 32 61.77 -44.22 62.19
CA THR U 32 61.33 -43.11 61.36
C THR U 32 60.62 -43.57 60.11
N ILE U 33 59.54 -42.84 59.73
CA ILE U 33 58.57 -43.30 58.76
C ILE U 33 59.11 -43.32 57.36
N ARG U 34 58.91 -44.46 56.67
CA ARG U 34 59.09 -44.58 55.25
C ARG U 34 57.83 -45.28 54.82
N TYR U 35 57.02 -44.58 53.99
CA TYR U 35 55.77 -45.05 53.47
C TYR U 35 55.97 -45.16 51.99
N ASN U 36 55.11 -45.98 51.36
CA ASN U 36 55.44 -46.64 50.12
C ASN U 36 54.29 -46.32 49.16
N ALA U 37 54.26 -46.92 47.93
CA ALA U 37 53.18 -46.62 46.99
C ALA U 37 53.00 -47.65 45.89
N LYS U 38 52.38 -48.82 46.18
CA LYS U 38 51.87 -49.74 45.18
C LYS U 38 50.88 -50.74 45.78
N ARG U 39 51.32 -51.99 46.11
CA ARG U 39 50.51 -53.20 46.36
C ARG U 39 49.39 -53.36 45.34
N ARG U 40 48.14 -53.50 45.86
CA ARG U 40 46.89 -53.63 45.15
C ARG U 40 45.92 -53.85 46.28
N ASN U 41 44.68 -53.31 46.16
CA ASN U 41 43.57 -53.74 46.99
C ASN U 41 42.53 -54.25 46.02
N TRP U 42 41.68 -55.19 46.47
CA TRP U 42 40.74 -55.92 45.64
C TRP U 42 39.57 -55.05 45.20
N ARG U 43 39.05 -54.19 46.12
CA ARG U 43 37.93 -53.29 45.89
C ARG U 43 38.34 -52.16 44.98
N ARG U 44 39.61 -51.74 45.10
CA ARG U 44 40.12 -50.55 44.46
C ARG U 44 40.76 -50.88 43.13
N THR U 45 42.11 -50.87 43.06
CA THR U 45 42.84 -50.97 41.82
C THR U 45 42.79 -52.36 41.24
N LYS U 46 42.84 -52.47 39.89
CA LYS U 46 43.05 -53.71 39.19
C LYS U 46 44.50 -53.75 38.82
N MET U 47 44.93 -54.77 38.03
CA MET U 47 46.31 -54.87 37.59
C MET U 47 46.46 -54.24 36.22
N ASN U 48 47.71 -54.05 35.79
CA ASN U 48 48.06 -53.75 34.43
C ASN U 48 48.66 -55.06 33.89
N GLU V 1 -20.87 -82.46 -35.94
CA GLU V 1 -21.06 -82.77 -34.50
C GLU V 1 -19.77 -82.67 -33.74
N SER V 2 -19.84 -82.09 -32.53
CA SER V 2 -18.76 -82.10 -31.56
C SER V 2 -18.99 -83.29 -30.69
N ILE V 3 -17.92 -83.81 -30.05
CA ILE V 3 -17.95 -85.10 -29.37
C ILE V 3 -18.67 -85.02 -28.04
N ASN V 4 -18.72 -83.82 -27.41
CA ASN V 4 -19.41 -83.60 -26.14
C ASN V 4 -20.91 -83.73 -26.27
N GLN V 5 -21.47 -83.44 -27.46
CA GLN V 5 -22.87 -83.62 -27.78
C GLN V 5 -23.20 -85.10 -27.87
N LYS V 6 -22.24 -85.89 -28.38
CA LYS V 6 -22.41 -87.29 -28.69
C LYS V 6 -22.09 -88.16 -27.51
N LEU V 7 -21.43 -87.61 -26.45
CA LEU V 7 -21.04 -88.35 -25.27
C LEU V 7 -22.23 -88.75 -24.44
N ALA V 8 -23.29 -87.93 -24.42
CA ALA V 8 -24.53 -88.20 -23.71
C ALA V 8 -25.27 -89.39 -24.28
N LEU V 9 -24.98 -89.74 -25.55
CA LEU V 9 -25.59 -90.84 -26.28
C LEU V 9 -24.81 -92.13 -26.07
N VAL V 10 -23.51 -92.03 -25.67
CA VAL V 10 -22.65 -93.17 -25.39
C VAL V 10 -23.07 -93.83 -24.09
N ILE V 11 -23.62 -93.04 -23.13
CA ILE V 11 -24.05 -93.49 -21.82
C ILE V 11 -25.11 -94.59 -21.90
N LYS V 12 -26.02 -94.50 -22.89
CA LYS V 12 -27.21 -95.33 -22.96
C LYS V 12 -26.89 -96.66 -23.62
N SER V 13 -26.86 -96.71 -24.97
CA SER V 13 -26.72 -97.96 -25.70
C SER V 13 -25.28 -98.40 -25.78
N GLY V 14 -24.32 -97.45 -25.77
CA GLY V 14 -22.90 -97.76 -25.86
C GLY V 14 -22.32 -97.98 -24.50
N LYS V 15 -20.97 -97.90 -24.39
CA LYS V 15 -20.29 -97.96 -23.12
C LYS V 15 -19.12 -97.02 -23.21
N TYR V 16 -18.83 -96.34 -22.08
CA TYR V 16 -17.63 -95.56 -21.90
C TYR V 16 -17.01 -96.02 -20.59
N THR V 17 -15.82 -95.51 -20.27
CA THR V 17 -15.22 -95.65 -18.96
C THR V 17 -14.32 -94.44 -18.85
N LEU V 18 -14.08 -93.98 -17.61
CA LEU V 18 -13.25 -92.83 -17.33
C LEU V 18 -12.05 -93.34 -16.60
N GLY V 19 -10.88 -92.70 -16.82
CA GLY V 19 -9.73 -92.92 -15.98
C GLY V 19 -8.48 -93.11 -16.75
N TYR V 20 -7.32 -92.89 -16.08
CA TYR V 20 -5.99 -93.15 -16.61
C TYR V 20 -5.82 -94.65 -16.69
N LYS V 21 -5.97 -95.39 -15.56
CA LYS V 21 -5.80 -96.85 -15.54
C LYS V 21 -6.82 -97.54 -16.43
N SER V 22 -8.03 -96.94 -16.54
CA SER V 22 -9.11 -97.45 -17.35
C SER V 22 -8.83 -97.32 -18.83
N THR V 23 -8.10 -96.25 -19.24
CA THR V 23 -7.75 -96.00 -20.62
C THR V 23 -6.48 -96.75 -20.97
N VAL V 24 -5.55 -96.96 -20.01
CA VAL V 24 -4.33 -97.73 -20.16
C VAL V 24 -4.66 -99.15 -20.56
N LYS V 25 -5.61 -99.81 -19.84
CA LYS V 25 -6.20 -101.09 -20.19
C LYS V 25 -6.67 -101.12 -21.63
N SER V 26 -7.48 -100.10 -21.99
CA SER V 26 -8.25 -100.06 -23.20
C SER V 26 -7.43 -99.77 -24.44
N LEU V 27 -6.21 -99.22 -24.29
CA LEU V 27 -5.34 -98.94 -25.40
C LEU V 27 -4.39 -100.09 -25.60
N ARG V 28 -3.92 -100.74 -24.50
CA ARG V 28 -3.03 -101.89 -24.53
C ARG V 28 -3.71 -103.06 -25.19
N GLN V 29 -4.90 -103.48 -24.70
CA GLN V 29 -5.63 -104.61 -25.24
C GLN V 29 -6.43 -104.21 -26.46
N GLY V 30 -6.86 -102.92 -26.56
CA GLY V 30 -7.48 -102.37 -27.74
C GLY V 30 -8.99 -102.51 -27.72
N LYS V 31 -9.63 -102.37 -26.54
CA LYS V 31 -11.08 -102.40 -26.44
C LYS V 31 -11.69 -101.05 -26.73
N SER V 32 -10.91 -99.95 -26.62
CA SER V 32 -11.34 -98.62 -27.03
C SER V 32 -11.10 -98.45 -28.49
N LYS V 33 -12.04 -97.77 -29.17
CA LYS V 33 -11.98 -97.50 -30.59
C LYS V 33 -11.61 -96.05 -30.78
N LEU V 34 -12.12 -95.17 -29.88
CA LEU V 34 -11.88 -93.75 -29.93
C LEU V 34 -11.77 -93.28 -28.50
N ILE V 35 -10.66 -92.62 -28.14
CA ILE V 35 -10.51 -91.97 -26.86
C ILE V 35 -10.68 -90.49 -27.08
N ILE V 36 -10.85 -89.72 -25.97
CA ILE V 36 -10.93 -88.29 -25.98
C ILE V 36 -9.88 -87.87 -24.99
N ILE V 37 -9.08 -86.82 -25.31
CA ILE V 37 -8.09 -86.29 -24.41
C ILE V 37 -8.38 -84.81 -24.33
N ALA V 38 -8.48 -84.27 -23.08
CA ALA V 38 -8.83 -82.90 -22.80
C ALA V 38 -7.61 -82.01 -22.82
N ALA V 39 -7.73 -80.81 -22.19
CA ALA V 39 -6.70 -79.80 -22.20
C ALA V 39 -5.80 -79.97 -21.01
N ASN V 40 -6.34 -79.76 -19.78
CA ASN V 40 -5.59 -79.70 -18.56
C ASN V 40 -5.54 -81.04 -17.86
N THR V 41 -5.12 -82.09 -18.61
CA THR V 41 -4.94 -83.45 -18.11
C THR V 41 -3.50 -83.53 -17.66
N PRO V 42 -3.09 -84.20 -16.55
CA PRO V 42 -1.76 -84.05 -15.96
C PRO V 42 -0.58 -84.41 -16.84
N VAL V 43 0.64 -83.96 -16.46
CA VAL V 43 1.79 -83.80 -17.32
C VAL V 43 2.21 -85.08 -18.01
N LEU V 44 2.67 -86.09 -17.23
CA LEU V 44 3.20 -87.34 -17.73
C LEU V 44 2.09 -88.20 -18.26
N ARG V 45 0.99 -88.31 -17.50
CA ARG V 45 -0.03 -89.31 -17.65
C ARG V 45 -0.95 -89.05 -18.83
N LYS V 46 -1.03 -87.79 -19.30
CA LYS V 46 -1.72 -87.40 -20.51
C LYS V 46 -0.99 -87.91 -21.74
N SER V 47 0.35 -87.74 -21.75
CA SER V 47 1.23 -88.04 -22.86
C SER V 47 1.29 -89.52 -23.15
N GLU V 48 1.11 -90.36 -22.10
CA GLU V 48 1.09 -91.80 -22.23
C GLU V 48 -0.16 -92.30 -22.91
N LEU V 49 -1.30 -91.61 -22.74
CA LEU V 49 -2.53 -91.99 -23.42
C LEU V 49 -2.53 -91.57 -24.87
N GLU V 50 -1.68 -90.59 -25.24
CA GLU V 50 -1.42 -90.26 -26.63
C GLU V 50 -0.51 -91.31 -27.23
N TYR V 51 0.56 -91.71 -26.50
CA TYR V 51 1.55 -92.70 -26.89
C TYR V 51 0.92 -94.04 -27.20
N TYR V 52 0.21 -94.65 -26.22
CA TYR V 52 -0.38 -95.97 -26.35
C TYR V 52 -1.46 -96.01 -27.41
N ALA V 53 -2.13 -94.87 -27.69
CA ALA V 53 -3.13 -94.77 -28.72
C ALA V 53 -2.51 -94.79 -30.09
N MET V 54 -1.36 -94.11 -30.29
CA MET V 54 -0.64 -94.12 -31.56
C MET V 54 0.04 -95.44 -31.80
N LEU V 55 0.43 -96.15 -30.70
CA LEU V 55 1.12 -97.42 -30.72
C LEU V 55 0.21 -98.52 -31.22
N SER V 56 -0.98 -98.69 -30.59
CA SER V 56 -1.96 -99.69 -30.96
C SER V 56 -2.75 -99.29 -32.18
N LYS V 57 -2.72 -97.97 -32.50
CA LYS V 57 -3.31 -97.34 -33.67
C LYS V 57 -4.79 -97.16 -33.51
N THR V 58 -5.22 -96.98 -32.23
CA THR V 58 -6.52 -96.56 -31.77
C THR V 58 -6.60 -95.06 -31.99
N LYS V 59 -7.81 -94.52 -32.22
CA LYS V 59 -7.97 -93.15 -32.67
C LYS V 59 -8.11 -92.24 -31.48
N VAL V 60 -7.68 -90.97 -31.64
CA VAL V 60 -7.71 -89.97 -30.59
C VAL V 60 -8.53 -88.83 -31.11
N TYR V 61 -9.48 -88.34 -30.29
CA TYR V 61 -10.20 -87.11 -30.51
C TYR V 61 -9.52 -86.11 -29.60
N TYR V 62 -8.92 -85.04 -30.18
CA TYR V 62 -8.35 -83.98 -29.41
C TYR V 62 -9.45 -82.97 -29.18
N PHE V 63 -9.70 -82.66 -27.89
CA PHE V 63 -10.89 -81.97 -27.46
C PHE V 63 -10.70 -80.47 -27.60
N GLN V 64 -11.81 -79.71 -27.50
CA GLN V 64 -11.82 -78.28 -27.67
C GLN V 64 -11.61 -77.61 -26.35
N GLY V 65 -12.47 -77.94 -25.35
CA GLY V 65 -12.44 -77.32 -24.04
C GLY V 65 -11.54 -78.07 -23.10
N GLY V 66 -11.75 -77.85 -21.79
CA GLY V 66 -10.93 -78.39 -20.75
C GLY V 66 -11.55 -79.61 -20.16
N ASN V 67 -11.09 -79.97 -18.94
CA ASN V 67 -11.46 -81.16 -18.23
C ASN V 67 -12.85 -81.04 -17.66
N ASN V 68 -13.27 -79.81 -17.28
CA ASN V 68 -14.58 -79.50 -16.76
C ASN V 68 -15.63 -79.70 -17.84
N GLU V 69 -15.37 -79.22 -19.08
CA GLU V 69 -16.27 -79.35 -20.21
C GLU V 69 -16.45 -80.80 -20.61
N LEU V 70 -15.37 -81.62 -20.47
CA LEU V 70 -15.38 -83.02 -20.81
C LEU V 70 -16.12 -83.83 -19.76
N GLY V 71 -16.01 -83.43 -18.47
CA GLY V 71 -16.59 -84.12 -17.33
C GLY V 71 -18.07 -83.95 -17.24
N THR V 72 -18.59 -82.77 -17.61
CA THR V 72 -20.01 -82.45 -17.64
C THR V 72 -20.69 -83.19 -18.77
N ALA V 73 -19.93 -83.51 -19.84
CA ALA V 73 -20.42 -84.22 -21.00
C ALA V 73 -20.67 -85.69 -20.73
N VAL V 74 -19.92 -86.28 -19.77
CA VAL V 74 -20.19 -87.62 -19.25
C VAL V 74 -21.10 -87.46 -18.04
N GLY V 75 -20.54 -87.38 -16.81
CA GLY V 75 -21.35 -87.03 -15.66
C GLY V 75 -20.67 -87.35 -14.36
N LYS V 76 -19.60 -86.59 -14.02
CA LYS V 76 -19.08 -86.52 -12.67
C LYS V 76 -18.59 -85.10 -12.48
N LEU V 77 -18.21 -84.76 -11.22
CA LEU V 77 -17.84 -83.44 -10.78
C LEU V 77 -16.39 -83.17 -11.12
N PHE V 78 -15.51 -84.20 -11.00
CA PHE V 78 -14.07 -84.05 -11.07
C PHE V 78 -13.56 -83.63 -12.43
N ARG V 79 -12.23 -83.40 -12.49
CA ARG V 79 -11.57 -82.93 -13.67
C ARG V 79 -11.21 -84.11 -14.55
N VAL V 80 -12.22 -84.56 -15.35
CA VAL V 80 -12.12 -85.70 -16.23
C VAL V 80 -11.16 -85.42 -17.35
N GLY V 81 -10.03 -86.15 -17.34
CA GLY V 81 -8.96 -85.96 -18.29
C GLY V 81 -9.27 -86.65 -19.58
N VAL V 82 -9.79 -87.89 -19.51
CA VAL V 82 -10.05 -88.70 -20.67
C VAL V 82 -11.38 -89.39 -20.56
N VAL V 83 -12.01 -89.66 -21.73
CA VAL V 83 -13.17 -90.51 -21.83
C VAL V 83 -12.79 -91.56 -22.83
N SER V 84 -12.85 -92.85 -22.44
CA SER V 84 -12.50 -93.97 -23.28
C SER V 84 -13.79 -94.56 -23.78
N ILE V 85 -14.12 -94.35 -25.09
CA ILE V 85 -15.35 -94.84 -25.68
C ILE V 85 -15.06 -96.21 -26.24
N LEU V 86 -15.72 -97.24 -25.66
CA LEU V 86 -15.55 -98.61 -26.07
C LEU V 86 -16.49 -98.89 -27.21
N GLU V 87 -17.80 -98.69 -26.96
CA GLU V 87 -18.87 -98.91 -27.92
C GLU V 87 -19.56 -97.60 -28.11
N ALA V 88 -20.03 -97.33 -29.36
CA ALA V 88 -20.68 -96.11 -29.73
C ALA V 88 -22.13 -96.14 -29.27
N GLY V 89 -22.95 -97.03 -29.87
CA GLY V 89 -24.33 -97.21 -29.49
C GLY V 89 -25.19 -96.28 -30.27
N ASP V 90 -25.78 -95.27 -29.58
CA ASP V 90 -26.69 -94.32 -30.16
C ASP V 90 -25.94 -93.14 -30.75
N SER V 91 -24.61 -93.05 -30.47
CA SER V 91 -23.82 -91.88 -30.80
C SER V 91 -23.46 -91.83 -32.27
N ASP V 92 -23.60 -90.62 -32.87
CA ASP V 92 -23.38 -90.35 -34.27
C ASP V 92 -21.94 -89.95 -34.50
N ILE V 93 -21.01 -90.40 -33.63
CA ILE V 93 -19.61 -90.03 -33.66
C ILE V 93 -18.87 -90.84 -34.71
N LEU V 94 -19.49 -91.95 -35.18
CA LEU V 94 -18.97 -92.79 -36.22
C LEU V 94 -19.15 -92.13 -37.57
N THR V 95 -20.33 -91.51 -37.79
CA THR V 95 -20.73 -90.96 -39.08
C THR V 95 -20.41 -89.47 -39.15
N THR V 96 -19.36 -89.02 -38.42
CA THR V 96 -18.84 -87.66 -38.55
C THR V 96 -17.94 -87.58 -39.77
N LEU V 97 -17.15 -88.66 -40.00
CA LEU V 97 -16.28 -88.81 -41.15
C LEU V 97 -16.99 -89.58 -42.26
N ALA V 98 -18.21 -90.07 -41.97
CA ALA V 98 -19.06 -90.81 -42.88
C ALA V 98 -18.47 -92.21 -43.21
N GLY W 1 -18.42 71.12 66.37
CA GLY W 1 -19.48 72.16 66.25
C GLY W 1 -18.91 73.55 66.25
N ILE W 2 -18.75 74.14 65.04
CA ILE W 2 -18.05 75.39 64.76
C ILE W 2 -18.56 76.60 65.52
N ARG W 3 -17.63 77.42 66.07
CA ARG W 3 -17.90 78.60 66.88
C ARG W 3 -18.18 79.82 66.07
N GLU W 4 -17.97 79.79 64.74
CA GLU W 4 -18.30 80.90 63.84
C GLU W 4 -19.80 80.94 63.64
N LYS W 5 -20.46 79.75 63.66
CA LYS W 5 -21.90 79.59 63.68
C LYS W 5 -22.42 80.15 64.99
N LYS W 6 -21.90 79.63 66.12
CA LYS W 6 -22.39 79.85 67.45
C LYS W 6 -22.17 81.26 67.97
N ALA W 7 -21.12 81.96 67.48
CA ALA W 7 -20.79 83.32 67.87
C ALA W 7 -21.75 84.32 67.28
N GLU W 8 -22.06 84.19 65.98
CA GLU W 8 -23.02 85.03 65.30
C GLU W 8 -24.43 84.64 65.68
N TYR W 9 -24.63 83.44 66.27
CA TYR W 9 -25.89 82.95 66.75
C TYR W 9 -26.35 83.79 67.92
N PHE W 10 -25.58 83.79 69.04
CA PHE W 10 -25.94 84.50 70.26
C PHE W 10 -25.90 86.00 70.09
N ALA W 11 -25.11 86.49 69.11
CA ALA W 11 -24.99 87.88 68.76
C ALA W 11 -26.22 88.40 68.05
N LYS W 12 -26.90 87.54 67.25
CA LYS W 12 -28.05 87.91 66.47
C LYS W 12 -29.27 88.08 67.34
N LEU W 13 -29.37 87.24 68.40
CA LEU W 13 -30.45 87.25 69.34
C LEU W 13 -30.38 88.47 70.21
N ARG W 14 -29.15 88.97 70.46
CA ARG W 14 -28.89 90.20 71.18
C ARG W 14 -29.44 91.39 70.41
N GLU W 15 -29.15 91.46 69.09
CA GLU W 15 -29.58 92.54 68.22
C GLU W 15 -31.09 92.61 68.08
N TYR W 16 -31.77 91.44 68.02
CA TYR W 16 -33.21 91.31 67.95
C TYR W 16 -33.87 91.75 69.25
N LEU W 17 -33.22 91.46 70.41
CA LEU W 17 -33.77 91.68 71.72
C LEU W 17 -33.53 93.10 72.18
N GLU W 18 -32.46 93.77 71.67
CA GLU W 18 -32.19 95.18 71.86
C GLU W 18 -33.21 96.00 71.11
N GLU W 19 -33.62 95.52 69.92
CA GLU W 19 -34.60 96.16 69.08
C GLU W 19 -35.96 96.12 69.74
N TYR W 20 -36.30 94.99 70.41
CA TYR W 20 -37.57 94.85 71.10
C TYR W 20 -37.45 95.15 72.57
N LYS W 21 -38.54 94.86 73.31
CA LYS W 21 -38.79 95.34 74.65
C LYS W 21 -39.12 94.14 75.49
N SER W 22 -40.26 93.47 75.19
CA SER W 22 -40.82 92.44 76.05
C SER W 22 -40.31 91.08 75.71
N LEU W 23 -40.43 90.15 76.68
CA LEU W 23 -40.08 88.77 76.53
C LEU W 23 -41.19 88.01 77.22
N PHE W 24 -41.29 86.70 76.92
CA PHE W 24 -42.26 85.80 77.48
C PHE W 24 -41.71 84.46 77.08
N VAL W 25 -41.52 83.53 78.03
CA VAL W 25 -40.96 82.23 77.71
C VAL W 25 -42.12 81.30 77.43
N VAL W 26 -42.00 80.49 76.36
CA VAL W 26 -43.04 79.61 75.90
C VAL W 26 -42.82 78.30 76.62
N GLY W 27 -43.90 77.55 76.89
CA GLY W 27 -43.83 76.26 77.54
C GLY W 27 -44.25 75.26 76.51
N VAL W 28 -43.25 74.57 75.92
CA VAL W 28 -43.47 73.46 75.03
C VAL W 28 -43.35 72.24 75.91
N ASP W 29 -44.52 71.81 76.45
CA ASP W 29 -44.63 70.76 77.43
C ASP W 29 -45.44 69.65 76.79
N ASN W 30 -44.87 69.00 75.75
CA ASN W 30 -45.48 67.94 74.96
C ASN W 30 -46.59 68.45 74.07
N VAL W 31 -46.43 68.28 72.74
CA VAL W 31 -47.32 68.83 71.75
C VAL W 31 -47.95 67.68 71.00
N SER W 32 -48.37 67.91 69.74
CA SER W 32 -48.87 66.89 68.84
C SER W 32 -49.08 67.62 67.54
N SER W 33 -48.24 67.29 66.52
CA SER W 33 -48.22 67.74 65.14
C SER W 33 -48.77 69.13 64.89
N GLN W 34 -50.05 69.20 64.44
CA GLN W 34 -50.77 70.38 64.01
C GLN W 34 -50.85 71.51 65.01
N GLN W 35 -50.64 71.23 66.30
CA GLN W 35 -50.76 72.21 67.37
C GLN W 35 -49.52 73.07 67.47
N MET W 36 -48.41 72.70 66.78
CA MET W 36 -47.23 73.54 66.69
C MET W 36 -47.50 74.72 65.79
N HIS W 37 -47.97 74.48 64.53
CA HIS W 37 -48.17 75.53 63.57
C HIS W 37 -49.41 76.35 63.82
N GLU W 38 -50.36 75.84 64.63
CA GLU W 38 -51.54 76.58 65.06
C GLU W 38 -51.19 77.68 66.05
N VAL W 39 -50.01 77.60 66.72
CA VAL W 39 -49.47 78.71 67.49
C VAL W 39 -49.00 79.76 66.52
N ARG W 40 -48.09 79.36 65.60
CA ARG W 40 -47.36 80.17 64.67
C ARG W 40 -48.22 81.06 63.79
N LYS W 41 -49.35 80.54 63.26
CA LYS W 41 -50.19 81.27 62.35
C LYS W 41 -50.98 82.39 63.01
N GLU W 42 -51.20 82.33 64.35
CA GLU W 42 -51.90 83.38 65.05
C GLU W 42 -51.02 84.59 65.26
N LEU W 43 -49.68 84.42 65.20
CA LEU W 43 -48.72 85.49 65.28
C LEU W 43 -48.50 86.01 63.88
N ARG W 44 -47.36 85.64 63.24
CA ARG W 44 -47.02 85.94 61.87
C ARG W 44 -46.77 87.40 61.60
N GLY W 45 -45.48 87.77 61.43
CA GLY W 45 -45.13 89.13 61.07
C GLY W 45 -43.69 89.28 61.41
N ARG W 46 -43.41 89.62 62.69
CA ARG W 46 -42.10 89.55 63.26
C ARG W 46 -42.33 89.23 64.70
N ALA W 47 -42.32 87.93 65.02
CA ALA W 47 -42.30 87.42 66.36
C ALA W 47 -41.07 86.56 66.45
N VAL W 48 -40.92 85.78 67.56
CA VAL W 48 -39.81 84.87 67.73
C VAL W 48 -40.42 83.59 68.21
N VAL W 49 -40.79 82.67 67.29
CA VAL W 49 -41.39 81.39 67.66
C VAL W 49 -40.89 80.37 66.67
N LEU W 50 -39.57 80.08 66.75
CA LEU W 50 -38.90 78.99 66.09
C LEU W 50 -38.49 78.07 67.22
N MET W 51 -37.32 77.39 67.13
CA MET W 51 -36.64 76.89 68.31
C MET W 51 -35.19 77.25 68.10
N GLY W 52 -34.27 76.65 68.88
CA GLY W 52 -32.86 76.91 68.72
C GLY W 52 -32.19 76.61 70.02
N LYS W 53 -30.96 76.02 69.95
CA LYS W 53 -30.32 75.35 71.07
C LYS W 53 -30.07 76.25 72.24
N ASN W 54 -30.41 75.73 73.44
CA ASN W 54 -30.63 76.53 74.63
C ASN W 54 -29.36 77.13 75.14
N THR W 55 -28.22 76.42 74.96
CA THR W 55 -26.92 76.81 75.45
C THR W 55 -26.41 78.07 74.77
N MET W 56 -26.84 78.29 73.51
CA MET W 56 -26.45 79.43 72.70
C MET W 56 -27.22 80.66 73.14
N VAL W 57 -28.55 80.52 73.37
CA VAL W 57 -29.43 81.60 73.77
C VAL W 57 -29.29 81.90 75.26
N ARG W 58 -28.76 80.94 76.06
CA ARG W 58 -28.35 81.11 77.45
C ARG W 58 -27.24 82.13 77.53
N ARG W 59 -26.34 82.12 76.52
CA ARG W 59 -25.24 83.06 76.42
C ARG W 59 -25.71 84.42 75.95
N ALA W 60 -26.77 84.46 75.11
CA ALA W 60 -27.31 85.67 74.50
C ALA W 60 -27.96 86.57 75.51
N ILE W 61 -28.78 85.99 76.41
CA ILE W 61 -29.54 86.71 77.41
C ILE W 61 -28.67 87.14 78.55
N ARG W 62 -27.51 86.46 78.75
CA ARG W 62 -26.54 86.75 79.77
C ARG W 62 -25.66 87.89 79.29
N GLY W 63 -25.12 87.76 78.06
CA GLY W 63 -24.28 88.75 77.43
C GLY W 63 -25.12 89.66 76.60
N PHE W 64 -26.11 90.31 77.24
CA PHE W 64 -27.03 91.24 76.63
C PHE W 64 -26.44 92.62 76.80
N LEU W 65 -26.79 93.31 77.92
CA LEU W 65 -26.29 94.60 78.33
C LEU W 65 -26.57 95.69 77.31
N SER W 66 -27.85 96.15 77.26
CA SER W 66 -28.28 97.21 76.39
C SER W 66 -27.99 98.54 77.07
N ASP W 67 -28.50 98.70 78.32
CA ASP W 67 -28.19 99.82 79.17
C ASP W 67 -27.06 99.34 80.06
N LEU W 68 -27.34 99.07 81.35
CA LEU W 68 -26.42 98.44 82.27
C LEU W 68 -26.87 97.00 82.52
N PRO W 69 -28.10 96.63 82.93
CA PRO W 69 -28.40 95.24 83.25
C PRO W 69 -28.54 94.38 82.02
N ASP W 70 -28.54 93.04 82.20
CA ASP W 70 -28.80 92.07 81.18
C ASP W 70 -30.27 91.69 81.26
N PHE W 71 -30.63 90.42 80.99
CA PHE W 71 -31.95 89.91 81.26
C PHE W 71 -31.85 89.17 82.57
N GLU W 72 -32.13 89.91 83.66
CA GLU W 72 -31.96 89.46 85.02
C GLU W 72 -33.11 88.55 85.41
N LYS W 73 -32.81 87.52 86.25
CA LYS W 73 -33.75 86.55 86.79
C LYS W 73 -34.43 85.72 85.71
N LEU W 74 -33.81 85.56 84.52
CA LEU W 74 -34.45 84.88 83.42
C LEU W 74 -34.22 83.39 83.48
N LEU W 75 -33.05 82.95 84.02
CA LEU W 75 -32.67 81.55 84.11
C LEU W 75 -33.65 80.64 84.85
N PRO W 76 -34.34 81.00 85.95
CA PRO W 76 -35.35 80.13 86.56
C PRO W 76 -36.59 79.92 85.73
N PHE W 77 -36.78 80.64 84.60
CA PHE W 77 -37.87 80.43 83.68
C PHE W 77 -37.44 79.41 82.66
N VAL W 78 -36.21 79.57 82.10
CA VAL W 78 -35.71 78.77 81.00
C VAL W 78 -34.80 77.66 81.48
N LYS W 79 -35.39 76.46 81.70
CA LYS W 79 -34.67 75.20 81.74
C LYS W 79 -35.70 74.20 81.30
N GLY W 80 -35.24 73.14 80.58
CA GLY W 80 -36.10 72.15 79.98
C GLY W 80 -36.57 72.67 78.65
N TYR W 81 -37.49 71.95 77.98
CA TYR W 81 -38.02 72.32 76.68
C TYR W 81 -38.85 73.56 76.82
N VAL W 82 -38.34 74.69 76.28
CA VAL W 82 -38.82 76.01 76.63
C VAL W 82 -38.60 76.86 75.40
N GLY W 83 -39.12 78.11 75.39
CA GLY W 83 -38.97 78.96 74.24
C GLY W 83 -38.99 80.39 74.62
N PHE W 84 -39.15 81.29 73.62
CA PHE W 84 -39.14 82.72 73.82
C PHE W 84 -40.19 83.27 72.89
N VAL W 85 -40.50 84.58 72.99
CA VAL W 85 -41.25 85.29 71.98
C VAL W 85 -41.06 86.78 72.19
N PHE W 86 -40.60 87.49 71.14
CA PHE W 86 -40.30 88.90 71.19
C PHE W 86 -40.45 89.48 69.79
N THR W 87 -39.58 90.44 69.38
CA THR W 87 -39.56 91.20 68.13
C THR W 87 -40.85 91.93 67.75
N ASN W 88 -40.82 92.67 66.61
CA ASN W 88 -41.70 93.80 66.36
C ASN W 88 -42.91 93.43 65.52
N GLU W 89 -43.94 92.91 66.19
CA GLU W 89 -45.32 92.92 65.76
C GLU W 89 -46.00 93.29 67.07
N PRO W 90 -47.20 93.87 67.21
CA PRO W 90 -47.54 94.61 68.43
C PRO W 90 -47.67 93.73 69.65
N LEU W 91 -47.42 94.34 70.85
CA LEU W 91 -46.95 93.67 72.04
C LEU W 91 -47.92 92.69 72.62
N THR W 92 -49.16 93.14 72.93
CA THR W 92 -50.15 92.32 73.59
C THR W 92 -50.73 91.30 72.62
N GLU W 93 -50.71 91.62 71.30
CA GLU W 93 -51.23 90.78 70.23
C GLU W 93 -50.43 89.51 70.13
N ILE W 94 -49.07 89.61 70.18
CA ILE W 94 -48.13 88.50 70.24
C ILE W 94 -48.36 87.69 71.49
N LYS W 95 -48.55 88.37 72.64
CA LYS W 95 -48.46 87.75 73.95
C LYS W 95 -49.62 86.82 74.25
N ASN W 96 -50.86 87.20 73.89
CA ASN W 96 -52.04 86.43 74.22
C ASN W 96 -52.32 85.29 73.26
N VAL W 97 -51.75 85.28 72.04
CA VAL W 97 -52.03 84.25 71.06
C VAL W 97 -51.19 83.00 71.28
N ILE W 98 -50.14 83.08 72.13
CA ILE W 98 -49.37 81.91 72.55
C ILE W 98 -50.28 81.04 73.39
N VAL W 99 -50.95 81.66 74.39
CA VAL W 99 -51.85 81.01 75.30
C VAL W 99 -53.27 81.05 74.79
N SER W 100 -53.45 81.00 73.44
CA SER W 100 -54.72 80.82 72.78
C SER W 100 -54.77 79.35 72.43
N ASN W 101 -53.77 78.89 71.64
CA ASN W 101 -53.57 77.50 71.30
C ASN W 101 -53.14 76.73 72.54
N ARG W 102 -52.07 77.20 73.23
CA ARG W 102 -51.51 76.53 74.37
C ARG W 102 -52.30 76.86 75.62
N VAL W 103 -53.46 76.16 75.74
CA VAL W 103 -54.30 76.11 76.91
C VAL W 103 -54.39 74.65 77.31
N ALA W 104 -54.01 73.73 76.39
CA ALA W 104 -54.01 72.30 76.60
C ALA W 104 -52.77 71.94 77.38
N ALA W 105 -51.58 72.21 76.78
CA ALA W 105 -50.30 72.19 77.45
C ALA W 105 -49.90 73.65 77.55
N PRO W 106 -50.06 74.38 78.65
CA PRO W 106 -49.96 75.83 78.65
C PRO W 106 -48.55 76.33 78.53
N ALA W 107 -48.39 77.64 78.23
CA ALA W 107 -47.10 78.28 78.19
C ALA W 107 -46.80 78.88 79.55
N ARG W 108 -45.56 79.39 79.73
CA ARG W 108 -45.07 79.84 81.02
C ARG W 108 -45.32 81.33 81.17
N ALA W 109 -44.27 82.13 81.54
CA ALA W 109 -44.40 83.56 81.73
C ALA W 109 -43.05 84.15 81.46
N GLY W 110 -42.87 85.48 81.70
CA GLY W 110 -41.58 86.10 81.49
C GLY W 110 -41.72 87.57 81.69
N ALA W 111 -40.57 88.28 81.70
CA ALA W 111 -40.51 89.70 82.01
C ALA W 111 -40.88 90.54 80.81
N VAL W 112 -41.95 91.34 80.95
CA VAL W 112 -42.51 92.15 79.89
C VAL W 112 -42.01 93.56 80.09
N ALA W 113 -41.05 93.99 79.22
CA ALA W 113 -40.44 95.30 79.21
C ALA W 113 -39.75 95.59 80.53
N PRO W 114 -38.61 94.98 80.86
CA PRO W 114 -38.57 94.00 81.94
C PRO W 114 -39.11 94.39 83.30
N GLU W 115 -40.44 94.21 83.46
CA GLU W 115 -41.13 94.13 84.72
C GLU W 115 -41.41 92.65 84.85
N ASP W 116 -41.01 92.03 85.98
CA ASP W 116 -41.09 90.59 86.14
C ASP W 116 -42.51 90.14 86.35
N ILE W 117 -42.98 89.20 85.50
CA ILE W 117 -44.31 88.63 85.57
C ILE W 117 -44.11 87.15 85.69
N TRP W 118 -44.75 86.54 86.71
CA TRP W 118 -44.84 85.11 86.85
C TRP W 118 -46.26 84.86 87.38
N THR X 1 -6.86 -54.14 2.60
CA THR X 1 -8.22 -53.79 3.15
C THR X 1 -8.32 -54.22 4.58
N GLY X 2 -7.95 -55.50 4.88
CA GLY X 2 -7.68 -55.94 6.23
C GLY X 2 -6.42 -55.25 6.66
N LYS X 3 -5.27 -55.62 6.05
CA LYS X 3 -4.08 -54.80 6.11
C LYS X 3 -4.28 -53.61 5.19
N TYR X 4 -4.52 -52.44 5.82
CA TYR X 4 -4.84 -51.14 5.28
C TYR X 4 -5.55 -50.47 6.42
N GLY X 5 -6.62 -51.10 6.95
CA GLY X 5 -7.34 -50.65 8.13
C GLY X 5 -8.02 -49.32 7.93
N VAL X 6 -7.79 -48.40 8.88
CA VAL X 6 -8.32 -47.04 8.89
C VAL X 6 -7.55 -46.15 7.95
N ARG X 7 -6.31 -46.52 7.52
CA ARG X 7 -5.58 -45.75 6.52
C ARG X 7 -6.34 -45.67 5.22
N TYR X 8 -6.24 -44.49 4.56
CA TYR X 8 -6.98 -44.04 3.41
C TYR X 8 -8.39 -43.60 3.76
N GLY X 9 -9.13 -43.08 2.76
CA GLY X 9 -10.52 -42.74 2.88
C GLY X 9 -11.30 -43.51 1.85
N SER X 10 -12.57 -43.10 1.62
CA SER X 10 -13.62 -43.83 0.95
C SER X 10 -13.26 -44.49 -0.37
N SER X 11 -12.58 -43.75 -1.29
CA SER X 11 -12.29 -44.23 -2.62
C SER X 11 -11.33 -45.40 -2.66
N LEU X 12 -10.41 -45.49 -1.68
CA LEU X 12 -9.30 -46.40 -1.74
C LEU X 12 -9.53 -47.58 -0.81
N ARG X 13 -9.71 -47.36 0.53
CA ARG X 13 -9.75 -48.43 1.52
C ARG X 13 -10.83 -49.46 1.27
N ARG X 14 -12.04 -49.02 0.86
CA ARG X 14 -13.17 -49.90 0.60
C ARG X 14 -12.96 -50.71 -0.66
N GLN X 15 -12.38 -50.08 -1.70
CA GLN X 15 -12.40 -50.56 -3.08
C GLN X 15 -11.31 -51.55 -3.40
N VAL X 16 -10.23 -51.64 -2.59
CA VAL X 16 -9.10 -52.49 -2.91
C VAL X 16 -9.39 -53.95 -2.63
N LYS X 17 -10.38 -54.30 -1.78
CA LYS X 17 -10.77 -55.70 -1.57
C LYS X 17 -11.42 -56.26 -2.82
N LYS X 18 -11.99 -55.36 -3.66
CA LYS X 18 -12.64 -55.67 -4.89
C LYS X 18 -11.61 -55.86 -6.01
N LEU X 19 -10.32 -55.60 -5.72
CA LEU X 19 -9.17 -55.92 -6.55
C LEU X 19 -8.56 -57.21 -6.05
N GLU X 20 -8.50 -57.39 -4.71
CA GLU X 20 -7.92 -58.54 -4.05
C GLU X 20 -8.68 -59.82 -4.34
N ILE X 21 -10.04 -59.76 -4.38
CA ILE X 21 -10.92 -60.90 -4.59
C ILE X 21 -10.65 -61.68 -5.86
N GLN X 22 -10.33 -61.00 -6.98
CA GLN X 22 -10.08 -61.61 -8.26
C GLN X 22 -8.65 -62.08 -8.40
N GLN X 23 -7.85 -61.86 -7.34
CA GLN X 23 -6.47 -62.26 -7.22
C GLN X 23 -6.38 -63.44 -6.27
N HIS X 24 -7.44 -63.67 -5.45
CA HIS X 24 -7.53 -64.72 -4.45
C HIS X 24 -7.62 -66.10 -5.06
N ALA X 25 -8.86 -66.66 -5.15
CA ALA X 25 -9.15 -68.06 -4.97
C ALA X 25 -8.42 -69.08 -5.83
N ARG X 26 -8.40 -70.33 -5.31
CA ARG X 26 -7.67 -71.46 -5.83
C ARG X 26 -8.36 -72.00 -7.07
N TYR X 27 -7.67 -71.90 -8.24
CA TYR X 27 -8.25 -72.23 -9.53
C TYR X 27 -7.57 -73.46 -10.10
N ASP X 28 -7.99 -73.87 -11.33
CA ASP X 28 -7.37 -74.92 -12.09
C ASP X 28 -6.08 -74.43 -12.68
N CYS X 29 -5.15 -75.38 -12.94
CA CYS X 29 -3.90 -75.10 -13.62
C CYS X 29 -4.13 -75.27 -15.10
N SER X 30 -3.13 -74.88 -15.92
CA SER X 30 -3.17 -74.98 -17.35
C SER X 30 -2.94 -76.39 -17.83
N PHE X 31 -2.43 -77.28 -16.95
CA PHE X 31 -2.11 -78.64 -17.33
C PHE X 31 -2.52 -79.65 -16.29
N CYS X 32 -3.16 -79.22 -15.16
CA CYS X 32 -3.70 -80.17 -14.20
C CYS X 32 -4.84 -79.46 -13.50
N GLY X 33 -5.28 -79.95 -12.31
CA GLY X 33 -6.32 -79.26 -11.58
C GLY X 33 -6.71 -79.98 -10.33
N LYS X 34 -5.90 -79.84 -9.26
CA LYS X 34 -6.39 -79.85 -7.89
C LYS X 34 -6.40 -78.38 -7.49
N LYS X 35 -6.87 -78.08 -6.26
CA LYS X 35 -7.02 -76.74 -5.72
C LYS X 35 -5.66 -76.19 -5.30
N THR X 36 -5.04 -75.32 -6.13
CA THR X 36 -3.70 -74.82 -5.84
C THR X 36 -3.51 -73.41 -6.36
N VAL X 37 -3.97 -73.11 -7.60
CA VAL X 37 -3.44 -71.99 -8.36
C VAL X 37 -4.04 -70.67 -7.95
N LYS X 38 -3.29 -69.88 -7.14
CA LYS X 38 -3.58 -68.51 -6.83
C LYS X 38 -2.36 -67.67 -7.20
N ARG X 39 -2.25 -66.44 -6.65
CA ARG X 39 -1.04 -65.64 -6.65
C ARG X 39 -0.08 -66.31 -5.71
N GLY X 40 0.92 -67.02 -6.29
CA GLY X 40 1.82 -67.86 -5.52
C GLY X 40 2.95 -67.03 -5.03
N ALA X 41 3.76 -66.54 -5.99
CA ALA X 41 4.71 -65.50 -5.80
C ALA X 41 4.13 -64.27 -6.47
N ALA X 42 4.78 -63.09 -6.36
CA ALA X 42 4.21 -61.82 -6.79
C ALA X 42 4.20 -61.69 -8.30
N GLY X 43 3.03 -61.96 -8.92
CA GLY X 43 2.86 -61.95 -10.36
C GLY X 43 3.08 -63.32 -10.94
N ILE X 44 3.69 -64.24 -10.16
CA ILE X 44 3.99 -65.59 -10.59
C ILE X 44 2.91 -66.47 -10.02
N TRP X 45 1.95 -66.90 -10.87
CA TRP X 45 0.86 -67.75 -10.42
C TRP X 45 1.33 -69.18 -10.51
N THR X 46 1.51 -69.82 -9.33
CA THR X 46 2.25 -71.05 -9.16
C THR X 46 1.33 -72.25 -9.29
N CYS X 47 1.85 -73.46 -9.05
CA CYS X 47 1.08 -74.67 -8.98
C CYS X 47 1.80 -75.57 -8.01
N SER X 48 1.16 -75.89 -6.87
CA SER X 48 1.74 -76.74 -5.85
C SER X 48 1.54 -78.20 -6.18
N CYS X 49 0.58 -78.51 -7.09
CA CYS X 49 0.17 -79.86 -7.44
C CYS X 49 1.21 -80.50 -8.32
N CYS X 50 1.08 -80.40 -9.66
CA CYS X 50 1.97 -81.09 -10.57
C CYS X 50 3.12 -80.21 -11.01
N LYS X 51 3.25 -78.99 -10.43
CA LYS X 51 4.31 -78.02 -10.68
C LYS X 51 4.47 -77.68 -12.16
N LYS X 52 3.77 -76.62 -12.64
CA LYS X 52 3.73 -76.35 -14.06
C LYS X 52 3.66 -74.86 -14.35
N THR X 53 4.56 -74.42 -15.26
CA THR X 53 4.84 -73.04 -15.65
C THR X 53 3.78 -72.44 -16.55
N VAL X 54 3.38 -71.17 -16.30
CA VAL X 54 2.46 -70.43 -17.16
C VAL X 54 3.29 -69.38 -17.90
N ALA X 55 2.73 -68.74 -18.95
CA ALA X 55 3.45 -67.74 -19.70
C ALA X 55 2.46 -66.73 -20.23
N GLY X 56 2.55 -65.48 -19.73
CA GLY X 56 1.62 -64.42 -20.04
C GLY X 56 2.38 -63.13 -20.12
N GLY X 57 2.83 -62.60 -18.97
CA GLY X 57 3.67 -61.41 -18.95
C GLY X 57 3.80 -60.85 -17.57
N ALA X 58 2.70 -60.32 -16.99
CA ALA X 58 2.75 -59.59 -15.72
C ALA X 58 1.85 -60.20 -14.67
N TYR X 59 0.52 -60.20 -14.94
CA TYR X 59 -0.50 -60.45 -13.94
C TYR X 59 -0.74 -61.94 -13.72
N THR X 60 -1.70 -62.54 -14.47
CA THR X 60 -2.38 -63.75 -14.06
C THR X 60 -1.96 -64.92 -14.91
N VAL X 61 -2.47 -64.99 -16.17
CA VAL X 61 -2.21 -66.08 -17.07
C VAL X 61 -1.87 -65.56 -18.45
N SER X 62 -2.39 -64.36 -18.82
CA SER X 62 -2.15 -63.76 -20.11
C SER X 62 -2.29 -62.28 -19.93
N THR X 63 -1.32 -61.50 -20.46
CA THR X 63 -1.40 -60.05 -20.49
C THR X 63 -1.28 -59.63 -21.95
N ALA X 64 -0.68 -58.44 -22.20
CA ALA X 64 -0.53 -57.85 -23.51
C ALA X 64 0.55 -58.54 -24.31
N ALA X 65 1.59 -59.07 -23.64
CA ALA X 65 2.74 -59.68 -24.25
C ALA X 65 2.38 -60.96 -24.98
N ALA X 66 1.73 -61.91 -24.28
CA ALA X 66 1.29 -63.17 -24.85
C ALA X 66 0.15 -63.02 -25.82
N ALA X 67 -0.60 -61.91 -25.73
CA ALA X 67 -1.68 -61.59 -26.64
C ALA X 67 -1.17 -61.17 -28.00
N THR X 68 0.12 -60.77 -28.09
CA THR X 68 0.79 -60.40 -29.32
C THR X 68 1.50 -61.61 -29.87
N VAL X 69 2.57 -62.07 -29.19
CA VAL X 69 3.53 -63.01 -29.76
C VAL X 69 3.04 -64.43 -29.76
N ARG X 70 2.26 -64.86 -28.74
CA ARG X 70 1.70 -66.20 -28.69
C ARG X 70 0.28 -66.15 -29.21
N SER X 71 0.09 -65.58 -30.42
CA SER X 71 -1.22 -65.36 -30.98
C SER X 71 -1.07 -65.28 -32.48
N THR X 72 -0.18 -64.37 -32.94
CA THR X 72 0.08 -64.13 -34.35
C THR X 72 0.90 -65.29 -34.91
N ILE Y 1 53.18 3.24 -55.75
CA ILE Y 1 54.20 4.31 -55.91
C ILE Y 1 55.56 3.77 -55.52
N THR Y 2 56.58 3.98 -56.38
CA THR Y 2 57.94 3.58 -56.11
C THR Y 2 58.83 4.73 -56.47
N SER Y 3 60.10 4.66 -56.00
CA SER Y 3 61.15 5.59 -56.36
C SER Y 3 62.03 4.95 -57.42
N SER Y 4 61.58 3.82 -57.99
CA SER Y 4 62.33 3.00 -58.92
C SER Y 4 62.24 3.59 -60.30
N GLN Y 5 61.02 3.65 -60.87
CA GLN Y 5 60.80 4.07 -62.24
C GLN Y 5 60.46 5.54 -62.29
N VAL Y 6 60.96 6.34 -61.32
CA VAL Y 6 60.64 7.75 -61.18
C VAL Y 6 61.30 8.57 -62.28
N ARG Y 7 62.47 8.11 -62.78
CA ARG Y 7 63.11 8.72 -63.92
C ARG Y 7 62.59 8.09 -65.18
N GLU Y 8 62.36 6.76 -65.15
CA GLU Y 8 62.13 5.95 -66.32
C GLU Y 8 60.78 6.20 -66.95
N HIS Y 9 59.71 6.43 -66.14
CA HIS Y 9 58.38 6.69 -66.64
C HIS Y 9 58.24 8.10 -67.19
N VAL Y 10 59.19 9.01 -66.85
CA VAL Y 10 59.30 10.32 -67.46
C VAL Y 10 60.03 10.14 -68.78
N LYS Y 11 61.18 9.43 -68.74
CA LYS Y 11 62.18 9.37 -69.77
C LYS Y 11 61.69 8.74 -71.04
N GLU Y 12 61.21 7.48 -71.01
CA GLU Y 12 60.78 6.76 -72.19
C GLU Y 12 59.52 7.33 -72.77
N LEU Y 13 58.58 7.77 -71.90
CA LEU Y 13 57.31 8.38 -72.27
C LEU Y 13 57.54 9.63 -73.09
N LEU Y 14 58.35 10.57 -72.56
CA LEU Y 14 58.61 11.87 -73.17
C LEU Y 14 59.56 11.76 -74.34
N LYS Y 15 60.29 10.63 -74.47
CA LYS Y 15 61.26 10.38 -75.52
C LYS Y 15 60.59 10.12 -76.85
N TYR Y 16 59.67 9.14 -76.92
CA TYR Y 16 59.11 8.70 -78.19
C TYR Y 16 57.91 9.54 -78.55
N SER Y 17 57.40 9.32 -79.78
CA SER Y 17 56.16 9.87 -80.28
C SER Y 17 55.31 8.69 -80.66
N ASN Y 18 55.40 7.60 -79.86
CA ASN Y 18 54.71 6.36 -80.06
C ASN Y 18 53.75 6.21 -78.92
N GLU Y 19 54.25 6.37 -77.67
CA GLU Y 19 53.43 6.35 -76.47
C GLU Y 19 52.67 7.65 -76.40
N THR Y 20 53.37 8.77 -76.09
CA THR Y 20 52.78 10.08 -76.09
C THR Y 20 52.60 10.54 -77.53
N LYS Y 21 51.48 11.25 -77.80
CA LYS Y 21 51.09 11.64 -79.13
C LYS Y 21 51.37 13.10 -79.27
N LYS Y 22 52.59 13.44 -79.75
CA LYS Y 22 53.09 14.80 -79.72
C LYS Y 22 52.42 15.68 -80.74
N ARG Y 23 51.92 16.84 -80.27
CA ARG Y 23 51.13 17.77 -81.03
C ARG Y 23 52.01 18.89 -81.52
N ASN Y 24 51.45 20.11 -81.60
CA ASN Y 24 52.08 21.31 -82.10
C ASN Y 24 52.84 22.02 -81.00
N PHE Y 25 52.28 22.05 -79.77
CA PHE Y 25 52.79 22.83 -78.67
C PHE Y 25 53.82 22.03 -77.89
N LEU Y 26 54.41 22.67 -76.84
CA LEU Y 26 55.34 22.03 -75.95
C LEU Y 26 54.56 21.45 -74.79
N GLU Y 27 54.38 20.11 -74.80
CA GLU Y 27 53.55 19.36 -73.89
C GLU Y 27 54.00 19.51 -72.45
N THR Y 28 53.08 20.01 -71.61
CA THR Y 28 53.31 20.46 -70.26
C THR Y 28 53.00 19.33 -69.33
N VAL Y 29 54.07 18.80 -68.67
CA VAL Y 29 54.06 17.59 -67.89
C VAL Y 29 53.59 17.93 -66.49
N GLU Y 30 52.66 17.12 -65.94
CA GLU Y 30 52.18 17.25 -64.57
C GLU Y 30 52.39 15.95 -63.84
N LEU Y 31 52.07 15.95 -62.52
CA LEU Y 31 51.98 14.76 -61.74
C LEU Y 31 50.76 14.95 -60.88
N GLN Y 32 49.78 14.04 -61.02
CA GLN Y 32 48.62 13.97 -60.16
C GLN Y 32 48.87 12.82 -59.23
N VAL Y 33 48.03 12.65 -58.19
CA VAL Y 33 48.33 11.76 -57.09
C VAL Y 33 47.66 10.43 -57.35
N GLY Y 34 46.75 9.99 -56.46
CA GLY Y 34 46.23 8.65 -56.43
C GLY Y 34 46.22 8.33 -54.97
N LEU Y 35 45.24 8.90 -54.24
CA LEU Y 35 45.18 8.81 -52.80
C LEU Y 35 44.00 7.97 -52.42
N LYS Y 36 44.19 6.63 -52.48
CA LYS Y 36 43.24 5.64 -52.04
C LYS Y 36 43.34 5.55 -50.53
N ASN Y 37 42.25 5.09 -49.85
CA ASN Y 37 42.14 4.95 -48.40
C ASN Y 37 41.96 6.29 -47.70
N TYR Y 38 41.94 7.41 -48.47
CA TYR Y 38 41.71 8.73 -47.94
C TYR Y 38 40.22 8.96 -47.98
N ASP Y 39 39.66 9.48 -46.86
CA ASP Y 39 38.27 9.82 -46.73
C ASP Y 39 38.20 11.32 -46.95
N PRO Y 40 37.38 11.88 -47.85
CA PRO Y 40 37.15 13.32 -47.94
C PRO Y 40 36.37 13.82 -46.72
N GLN Y 41 37.07 14.12 -45.61
CA GLN Y 41 36.46 14.27 -44.31
C GLN Y 41 36.96 15.55 -43.70
N ARG Y 42 37.62 15.47 -42.51
CA ARG Y 42 38.24 16.60 -41.86
C ARG Y 42 39.72 16.47 -42.07
N ASP Y 43 40.26 15.28 -41.69
CA ASP Y 43 41.65 15.04 -41.43
C ASP Y 43 42.44 14.88 -42.71
N LYS Y 44 42.07 13.91 -43.57
CA LYS Y 44 42.80 13.51 -44.76
C LYS Y 44 42.80 14.57 -45.85
N ARG Y 45 41.95 15.63 -45.74
CA ARG Y 45 41.86 16.68 -46.73
C ARG Y 45 43.05 17.62 -46.65
N PHE Y 46 43.90 17.59 -47.70
CA PHE Y 46 45.06 18.47 -47.82
C PHE Y 46 44.63 19.67 -48.64
N SER Y 47 45.15 20.87 -48.28
CA SER Y 47 45.03 22.03 -49.13
C SER Y 47 46.15 22.96 -48.76
N GLY Y 48 46.45 23.94 -49.64
CA GLY Y 48 47.50 24.88 -49.37
C GLY Y 48 47.80 25.63 -50.63
N SER Y 49 49.00 26.25 -50.68
CA SER Y 49 49.48 26.92 -51.86
C SER Y 49 50.98 26.90 -51.69
N LEU Y 50 51.59 25.73 -51.98
CA LEU Y 50 53.01 25.50 -51.82
C LEU Y 50 53.64 25.70 -53.17
N LYS Y 51 54.92 25.33 -53.31
CA LYS Y 51 55.61 25.43 -54.58
C LYS Y 51 56.79 24.51 -54.57
N LEU Y 52 57.13 24.00 -55.77
CA LEU Y 52 58.14 23.00 -55.99
C LEU Y 52 59.39 23.74 -56.42
N PRO Y 53 60.62 23.25 -56.19
CA PRO Y 53 61.81 24.09 -56.19
C PRO Y 53 62.30 24.46 -57.57
N ASN Y 54 61.94 23.71 -58.63
CA ASN Y 54 62.37 24.00 -59.99
C ASN Y 54 61.26 24.70 -60.75
N CYS Y 55 60.12 24.93 -60.06
CA CYS Y 55 58.92 25.60 -60.54
C CYS Y 55 58.04 24.64 -61.32
N PRO Y 56 56.74 24.49 -61.03
CA PRO Y 56 55.84 23.62 -61.78
C PRO Y 56 55.68 23.95 -63.23
N ARG Y 57 55.88 25.24 -63.65
CA ARG Y 57 56.03 25.68 -65.03
C ARG Y 57 54.88 26.49 -65.63
N PRO Y 58 53.56 26.27 -65.51
CA PRO Y 58 52.59 26.87 -66.42
C PRO Y 58 52.55 28.38 -66.51
N ASN Y 59 52.17 28.89 -67.72
CA ASN Y 59 52.07 30.30 -68.01
C ASN Y 59 50.93 30.44 -68.98
N MET Y 60 51.23 30.18 -70.29
CA MET Y 60 50.34 30.30 -71.43
C MET Y 60 49.76 31.68 -71.55
N SER Y 61 48.41 31.81 -71.52
CA SER Y 61 47.73 33.07 -71.58
C SER Y 61 47.62 33.61 -70.18
N ILE Y 62 48.36 34.71 -69.90
CA ILE Y 62 48.45 35.31 -68.59
C ILE Y 62 47.53 36.51 -68.59
N CYS Y 63 46.80 36.75 -67.48
CA CYS Y 63 46.04 37.96 -67.27
C CYS Y 63 46.62 38.65 -66.07
N ILE Y 64 46.64 40.01 -66.11
CA ILE Y 64 47.08 40.84 -65.01
C ILE Y 64 45.83 41.57 -64.56
N PHE Y 65 45.77 41.98 -63.28
CA PHE Y 65 44.65 42.72 -62.75
C PHE Y 65 45.26 43.70 -61.78
N GLY Y 66 45.11 45.02 -62.06
CA GLY Y 66 45.66 46.02 -61.18
C GLY Y 66 45.28 47.38 -61.69
N ASP Y 67 45.63 48.42 -60.90
CA ASP Y 67 45.43 49.80 -61.26
C ASP Y 67 46.78 50.47 -61.15
N ALA Y 68 46.88 51.71 -61.69
CA ALA Y 68 48.03 52.59 -61.59
C ALA Y 68 49.27 52.01 -62.24
N PHE Y 69 50.36 51.87 -61.45
CA PHE Y 69 51.68 51.51 -61.94
C PHE Y 69 51.80 50.02 -62.19
N ASP Y 70 50.78 49.24 -61.79
CA ASP Y 70 50.69 47.82 -62.05
C ASP Y 70 50.38 47.61 -63.51
N VAL Y 71 49.51 48.48 -64.09
CA VAL Y 71 49.09 48.46 -65.48
C VAL Y 71 50.25 48.85 -66.37
N ASP Y 72 51.06 49.85 -65.94
CA ASP Y 72 52.25 50.29 -66.64
C ASP Y 72 53.29 49.22 -66.70
N ARG Y 73 53.51 48.48 -65.58
CA ARG Y 73 54.46 47.40 -65.51
C ARG Y 73 54.02 46.20 -66.32
N ALA Y 74 52.69 45.92 -66.34
CA ALA Y 74 52.08 44.80 -67.01
C ALA Y 74 52.33 44.82 -68.50
N LYS Y 75 52.01 45.96 -69.15
CA LYS Y 75 52.09 46.09 -70.59
C LYS Y 75 53.49 46.42 -71.04
N SER Y 76 54.40 46.70 -70.07
CA SER Y 76 55.83 46.83 -70.30
C SER Y 76 56.45 45.45 -70.39
N CYS Y 77 55.82 44.43 -69.75
CA CYS Y 77 56.20 43.03 -69.92
C CYS Y 77 55.70 42.56 -71.27
N GLY Y 78 54.41 42.86 -71.56
CA GLY Y 78 53.78 42.57 -72.83
C GLY Y 78 52.46 41.89 -72.60
N VAL Y 79 52.01 41.81 -71.34
CA VAL Y 79 50.79 41.14 -70.95
C VAL Y 79 49.78 42.22 -70.69
N ASP Y 80 48.51 42.04 -71.15
CA ASP Y 80 47.49 43.06 -70.98
C ASP Y 80 46.88 42.92 -69.60
N ALA Y 81 46.27 44.01 -69.09
CA ALA Y 81 45.80 44.10 -67.73
C ALA Y 81 44.39 44.60 -67.71
N MET Y 82 43.59 44.06 -66.77
CA MET Y 82 42.26 44.54 -66.46
C MET Y 82 42.40 45.55 -65.36
N SER Y 83 41.46 46.53 -65.32
CA SER Y 83 41.32 47.45 -64.22
C SER Y 83 40.05 47.03 -63.50
N VAL Y 84 39.53 47.90 -62.60
CA VAL Y 84 38.36 47.63 -61.77
C VAL Y 84 37.11 47.47 -62.60
N ASP Y 85 36.93 48.31 -63.64
CA ASP Y 85 35.76 48.29 -64.48
C ASP Y 85 35.74 47.08 -65.39
N ASP Y 86 36.94 46.63 -65.82
CA ASP Y 86 37.12 45.53 -66.74
C ASP Y 86 36.90 44.20 -66.06
N LEU Y 87 37.08 44.15 -64.72
CA LEU Y 87 36.83 43.00 -63.88
C LEU Y 87 35.35 42.69 -63.86
N LYS Y 88 34.50 43.74 -63.76
CA LYS Y 88 33.05 43.66 -63.79
C LYS Y 88 32.53 43.18 -65.13
N LYS Y 89 33.31 43.44 -66.20
CA LYS Y 89 32.88 43.38 -67.57
C LYS Y 89 32.82 41.95 -68.08
N LEU Y 90 33.64 41.05 -67.48
CA LEU Y 90 33.60 39.62 -67.75
C LEU Y 90 32.46 39.01 -66.95
N ASN Y 91 32.28 39.48 -65.70
CA ASN Y 91 31.33 38.96 -64.73
C ASN Y 91 29.89 39.22 -65.12
N LYS Y 92 29.62 40.27 -65.92
CA LYS Y 92 28.26 40.67 -66.26
C LYS Y 92 27.64 39.83 -67.36
N ASN Y 93 28.35 38.79 -67.84
CA ASN Y 93 27.82 37.91 -68.85
C ASN Y 93 28.18 36.49 -68.48
N LYS Y 94 27.74 35.55 -69.33
CA LYS Y 94 27.84 34.13 -69.16
C LYS Y 94 29.21 33.65 -69.55
N LYS Y 95 29.58 33.90 -70.83
CA LYS Y 95 30.66 33.22 -71.50
C LYS Y 95 32.03 33.61 -71.01
N LEU Y 96 32.34 34.92 -70.91
CA LEU Y 96 33.69 35.40 -70.71
C LEU Y 96 34.31 35.03 -69.39
N ILE Y 97 33.47 34.85 -68.33
CA ILE Y 97 33.95 34.52 -67.00
C ILE Y 97 34.14 33.02 -66.84
N LYS Y 98 33.37 32.19 -67.59
CA LYS Y 98 33.58 30.76 -67.65
C LYS Y 98 34.74 30.43 -68.56
N LYS Y 99 35.01 31.29 -69.58
CA LYS Y 99 36.13 31.16 -70.49
C LYS Y 99 37.41 31.62 -69.82
N LEU Y 100 37.29 32.29 -68.67
CA LEU Y 100 38.41 32.67 -67.84
C LEU Y 100 38.95 31.47 -67.09
N SER Y 101 38.12 30.39 -66.97
CA SER Y 101 38.47 29.12 -66.40
C SER Y 101 39.18 28.24 -67.41
N LYS Y 102 38.96 28.48 -68.73
CA LYS Y 102 39.52 27.69 -69.81
C LYS Y 102 41.03 27.87 -69.94
N LYS Y 103 41.43 28.80 -70.84
CA LYS Y 103 42.70 28.83 -71.52
C LYS Y 103 43.60 29.84 -70.86
N TYR Y 104 43.02 30.70 -69.99
CA TYR Y 104 43.74 31.65 -69.18
C TYR Y 104 44.11 30.92 -67.92
N ASN Y 105 45.43 30.67 -67.74
CA ASN Y 105 45.93 29.73 -66.78
C ASN Y 105 46.61 30.46 -65.65
N ALA Y 106 47.67 31.25 -65.96
CA ALA Y 106 48.39 32.01 -64.95
C ALA Y 106 47.72 33.35 -64.75
N PHE Y 107 47.72 33.84 -63.49
CA PHE Y 107 47.07 35.08 -63.13
C PHE Y 107 47.94 35.82 -62.15
N ILE Y 108 47.91 37.17 -62.26
CA ILE Y 108 48.52 38.09 -61.33
C ILE Y 108 47.38 38.99 -60.93
N ALA Y 109 47.30 39.33 -59.62
CA ALA Y 109 46.43 40.37 -59.13
C ALA Y 109 47.25 41.18 -58.18
N SER Y 110 47.15 42.52 -58.28
CA SER Y 110 47.92 43.47 -57.51
C SER Y 110 47.28 43.64 -56.15
N GLU Y 111 48.02 44.26 -55.21
CA GLU Y 111 47.79 44.35 -53.77
C GLU Y 111 46.36 44.53 -53.32
N VAL Y 112 45.74 45.67 -53.70
CA VAL Y 112 44.42 46.07 -53.25
C VAL Y 112 43.36 45.30 -54.00
N LEU Y 113 43.73 44.71 -55.17
CA LEU Y 113 42.83 44.09 -56.09
C LEU Y 113 42.65 42.61 -55.83
N ILE Y 114 43.55 41.93 -55.06
CA ILE Y 114 43.46 40.49 -54.79
C ILE Y 114 42.20 40.16 -54.03
N LYS Y 115 41.88 41.02 -53.03
CA LYS Y 115 40.75 40.86 -52.14
C LYS Y 115 39.42 41.19 -52.82
N GLN Y 116 39.47 41.71 -54.07
CA GLN Y 116 38.29 41.97 -54.89
C GLN Y 116 37.90 40.72 -55.64
N VAL Y 117 38.90 39.93 -56.11
CA VAL Y 117 38.75 38.73 -56.92
C VAL Y 117 37.71 37.74 -56.42
N PRO Y 118 37.76 37.11 -55.23
CA PRO Y 118 36.94 35.93 -54.90
C PRO Y 118 35.50 36.28 -54.58
N ARG Y 119 35.02 37.50 -54.90
CA ARG Y 119 33.64 37.91 -54.71
C ARG Y 119 32.92 37.76 -56.03
N LEU Y 120 33.60 38.14 -57.14
CA LEU Y 120 33.04 38.10 -58.47
C LEU Y 120 33.52 36.83 -59.13
N LEU Y 121 34.85 36.72 -59.35
CA LEU Y 121 35.50 35.61 -60.00
C LEU Y 121 35.78 34.58 -58.93
N GLY Y 122 34.98 33.50 -58.90
CA GLY Y 122 35.08 32.55 -57.81
C GLY Y 122 34.22 31.36 -58.05
N PRO Y 123 32.89 31.45 -58.19
CA PRO Y 123 32.03 30.27 -58.34
C PRO Y 123 32.18 29.60 -59.69
N GLN Y 124 32.82 30.28 -60.66
CA GLN Y 124 33.05 29.80 -62.00
C GLN Y 124 34.34 29.04 -62.03
N LEU Y 125 35.26 29.41 -61.13
CA LEU Y 125 36.56 28.81 -60.95
C LEU Y 125 36.43 27.78 -59.85
N SER Y 126 35.57 26.76 -60.09
CA SER Y 126 35.30 25.68 -59.17
C SER Y 126 36.21 24.54 -59.57
N LYS Y 127 35.84 23.83 -60.67
CA LYS Y 127 36.71 22.94 -61.38
C LYS Y 127 37.49 23.79 -62.35
N ALA Y 128 38.71 23.33 -62.70
CA ALA Y 128 39.78 24.11 -63.30
C ALA Y 128 40.49 24.89 -62.21
N GLY Y 129 39.78 25.86 -61.60
CA GLY Y 129 40.12 26.40 -60.29
C GLY Y 129 41.31 27.30 -60.25
N LYS Y 130 41.49 28.17 -61.27
CA LYS Y 130 42.60 29.09 -61.34
C LYS Y 130 42.39 30.24 -60.37
N PHE Y 131 43.48 30.84 -59.87
CA PHE Y 131 43.40 31.93 -58.92
C PHE Y 131 44.72 32.67 -59.00
N PRO Y 132 44.82 34.00 -58.79
CA PRO Y 132 46.09 34.73 -58.85
C PRO Y 132 46.97 34.47 -57.66
N THR Y 133 48.26 34.83 -57.79
CA THR Y 133 49.27 34.65 -56.76
C THR Y 133 49.33 35.92 -55.92
N PRO Y 134 49.95 35.92 -54.74
CA PRO Y 134 50.18 37.13 -53.96
C PRO Y 134 51.19 38.05 -54.62
N VAL Y 135 50.73 39.12 -55.29
CA VAL Y 135 51.58 40.12 -55.92
C VAL Y 135 51.13 41.43 -55.33
N SER Y 136 52.09 42.29 -54.89
CA SER Y 136 51.77 43.58 -54.33
C SER Y 136 51.80 44.61 -55.44
N HIS Y 137 51.89 45.91 -55.07
CA HIS Y 137 51.93 47.00 -56.02
C HIS Y 137 53.37 47.39 -56.26
N ASN Y 138 54.26 47.11 -55.28
CA ASN Y 138 55.66 47.45 -55.35
C ASN Y 138 56.47 46.38 -56.05
N ASP Y 139 55.89 45.18 -56.25
CA ASP Y 139 56.56 44.06 -56.89
C ASP Y 139 56.71 44.31 -58.37
N ASP Y 140 57.79 43.73 -58.96
CA ASP Y 140 58.08 43.83 -60.37
C ASP Y 140 57.42 42.64 -61.03
N LEU Y 141 56.62 42.91 -62.08
CA LEU Y 141 55.74 41.94 -62.71
C LEU Y 141 56.49 41.07 -63.69
N TYR Y 142 57.69 41.50 -64.16
CA TYR Y 142 58.52 40.72 -65.05
C TYR Y 142 59.23 39.65 -64.25
N GLY Y 143 59.59 39.97 -62.99
CA GLY Y 143 60.18 39.04 -62.05
C GLY Y 143 59.14 38.16 -61.39
N LYS Y 144 57.84 38.42 -61.67
CA LYS Y 144 56.74 37.68 -61.10
C LYS Y 144 56.19 36.69 -62.09
N VAL Y 145 56.82 36.59 -63.30
CA VAL Y 145 56.47 35.61 -64.31
C VAL Y 145 56.94 34.25 -63.85
N THR Y 146 58.11 34.18 -63.17
CA THR Y 146 58.63 32.95 -62.61
C THR Y 146 57.91 32.59 -61.32
N ASP Y 147 57.20 33.56 -60.69
CA ASP Y 147 56.45 33.30 -59.48
C ASP Y 147 55.11 32.67 -59.79
N VAL Y 148 54.50 32.98 -60.96
CA VAL Y 148 53.27 32.34 -61.40
C VAL Y 148 53.55 30.99 -62.02
N ARG Y 149 54.83 30.70 -62.38
CA ARG Y 149 55.27 29.36 -62.69
C ARG Y 149 55.36 28.56 -61.41
N SER Y 150 55.89 29.19 -60.35
CA SER Y 150 56.28 28.54 -59.12
C SER Y 150 55.07 28.21 -58.26
N THR Y 151 54.26 29.24 -57.92
CA THR Y 151 53.15 29.10 -56.99
C THR Y 151 51.97 28.48 -57.71
N ILE Y 152 51.65 27.22 -57.35
CA ILE Y 152 50.60 26.42 -57.95
C ILE Y 152 49.57 26.20 -56.87
N LYS Y 153 48.35 25.75 -57.23
CA LYS Y 153 47.30 25.48 -56.27
C LYS Y 153 47.51 24.12 -55.67
N PHE Y 154 46.98 23.91 -54.45
CA PHE Y 154 46.87 22.60 -53.87
C PHE Y 154 45.50 22.58 -53.28
N GLN Y 155 44.60 21.72 -53.83
CA GLN Y 155 43.29 21.56 -53.27
C GLN Y 155 42.85 20.16 -53.56
N LEU Y 156 42.37 19.46 -52.50
CA LEU Y 156 41.80 18.14 -52.56
C LEU Y 156 40.34 18.30 -52.80
N LYS Y 157 39.70 19.24 -52.06
CA LYS Y 157 38.31 19.66 -52.14
C LYS Y 157 37.30 18.52 -52.13
N LYS Y 158 36.73 18.18 -53.31
CA LYS Y 158 35.73 17.16 -53.49
C LYS Y 158 36.37 15.80 -53.50
N VAL Y 159 37.40 15.63 -54.37
CA VAL Y 159 37.95 14.36 -54.77
C VAL Y 159 39.01 13.93 -53.79
N LEU Y 160 40.08 13.25 -54.28
CA LEU Y 160 41.16 12.73 -53.47
C LEU Y 160 42.44 13.32 -54.02
N CYS Y 161 42.52 13.49 -55.35
CA CYS Y 161 43.68 14.02 -56.06
C CYS Y 161 44.00 15.46 -55.75
N LEU Y 162 45.28 15.82 -55.97
CA LEU Y 162 45.76 17.18 -55.92
C LEU Y 162 46.72 17.32 -57.07
N ALA Y 163 46.23 17.81 -58.23
CA ALA Y 163 47.02 17.93 -59.42
C ALA Y 163 47.88 19.18 -59.37
N VAL Y 164 49.21 18.99 -59.60
CA VAL Y 164 50.15 20.07 -59.69
C VAL Y 164 51.07 19.72 -60.83
N ALA Y 165 51.61 20.75 -61.52
CA ALA Y 165 52.50 20.52 -62.63
C ALA Y 165 53.91 20.28 -62.13
N VAL Y 166 54.77 19.68 -62.97
CA VAL Y 166 56.14 19.37 -62.62
C VAL Y 166 57.08 20.08 -63.56
N GLY Y 167 56.74 20.19 -64.86
CA GLY Y 167 57.61 20.90 -65.78
C GLY Y 167 57.06 20.77 -67.16
N ASN Y 168 57.96 20.53 -68.14
CA ASN Y 168 57.58 20.26 -69.50
C ASN Y 168 58.81 19.75 -70.23
N VAL Y 169 58.84 19.90 -71.57
CA VAL Y 169 59.91 19.50 -72.45
C VAL Y 169 61.07 20.49 -72.39
N GLU Y 170 60.88 21.60 -71.65
CA GLU Y 170 61.88 22.63 -71.40
C GLU Y 170 62.86 22.12 -70.37
N MET Y 171 62.39 21.23 -69.47
CA MET Y 171 63.21 20.53 -68.50
C MET Y 171 63.69 19.23 -69.09
N GLU Y 172 64.72 18.62 -68.45
CA GLU Y 172 65.23 17.31 -68.77
C GLU Y 172 64.63 16.36 -67.76
N GLU Y 173 64.91 15.03 -67.90
CA GLU Y 173 64.32 13.99 -67.07
C GLU Y 173 64.79 14.08 -65.65
N ASP Y 174 66.07 14.52 -65.47
CA ASP Y 174 66.77 14.66 -64.22
C ASP Y 174 66.07 15.63 -63.29
N VAL Y 175 65.65 16.78 -63.85
CA VAL Y 175 65.01 17.88 -63.16
C VAL Y 175 63.62 17.47 -62.72
N LEU Y 176 62.92 16.69 -63.57
CA LEU Y 176 61.55 16.24 -63.35
C LEU Y 176 61.43 15.22 -62.25
N VAL Y 177 62.51 14.46 -61.92
CA VAL Y 177 62.54 13.56 -60.78
C VAL Y 177 62.43 14.34 -59.49
N ASN Y 178 63.16 15.48 -59.42
CA ASN Y 178 63.19 16.37 -58.27
C ASN Y 178 62.05 17.36 -58.31
N GLN Y 179 60.88 16.91 -58.84
CA GLN Y 179 59.65 17.64 -58.88
C GLN Y 179 58.56 16.66 -58.51
N ILE Y 180 58.64 15.42 -59.07
CA ILE Y 180 57.70 14.33 -58.83
C ILE Y 180 57.74 13.89 -57.39
N LEU Y 181 58.95 13.66 -56.83
CA LEU Y 181 59.14 13.21 -55.47
C LEU Y 181 58.72 14.27 -54.47
N MET Y 182 58.82 15.57 -54.86
CA MET Y 182 58.48 16.71 -54.03
C MET Y 182 57.00 16.81 -53.80
N SER Y 183 56.19 16.47 -54.83
CA SER Y 183 54.74 16.51 -54.77
C SER Y 183 54.20 15.51 -53.77
N VAL Y 184 54.64 14.23 -53.89
CA VAL Y 184 54.17 13.11 -53.09
C VAL Y 184 54.52 13.32 -51.63
N ASN Y 185 55.73 13.86 -51.34
CA ASN Y 185 56.26 14.14 -50.03
C ASN Y 185 55.34 15.00 -49.17
N PHE Y 186 54.65 15.99 -49.78
CA PHE Y 186 53.77 16.90 -49.09
C PHE Y 186 52.56 16.21 -48.49
N PHE Y 187 52.04 15.17 -49.17
CA PHE Y 187 50.79 14.53 -48.83
C PHE Y 187 51.01 13.38 -47.89
N VAL Y 188 52.09 12.60 -48.13
CA VAL Y 188 52.23 11.24 -47.66
C VAL Y 188 52.50 11.12 -46.18
N SER Y 189 53.57 11.77 -45.65
CA SER Y 189 54.08 11.47 -44.32
C SER Y 189 53.31 12.13 -43.21
N LEU Y 190 52.33 13.00 -43.55
CA LEU Y 190 51.52 13.68 -42.57
C LEU Y 190 50.39 12.80 -42.07
N LEU Y 191 50.07 11.72 -42.82
CA LEU Y 191 48.94 10.86 -42.55
C LEU Y 191 49.48 9.45 -42.60
N LYS Y 192 49.51 8.76 -41.43
CA LYS Y 192 50.24 7.51 -41.25
C LYS Y 192 49.64 6.36 -42.03
N LYS Y 193 50.46 5.29 -42.23
CA LYS Y 193 50.29 4.19 -43.17
C LYS Y 193 50.97 4.53 -44.48
N ASN Y 194 50.99 5.84 -44.85
CA ASN Y 194 51.81 6.42 -45.89
C ASN Y 194 51.63 5.81 -47.27
N TRP Y 195 52.60 4.96 -47.70
CA TRP Y 195 52.79 4.61 -49.09
C TRP Y 195 51.91 3.46 -49.53
N GLN Y 196 51.16 2.83 -48.60
CA GLN Y 196 50.16 1.85 -48.97
C GLN Y 196 48.85 2.55 -49.31
N ASN Y 197 48.69 3.82 -48.86
CA ASN Y 197 47.55 4.66 -49.18
C ASN Y 197 47.80 5.30 -50.53
N VAL Y 198 49.05 5.76 -50.78
CA VAL Y 198 49.42 6.37 -52.04
C VAL Y 198 49.57 5.25 -53.06
N GLY Y 199 48.66 5.22 -54.05
CA GLY Y 199 48.51 4.11 -54.96
C GLY Y 199 49.42 4.24 -56.14
N SER Y 200 48.89 3.91 -57.34
CA SER Y 200 49.69 3.76 -58.53
C SER Y 200 49.64 5.03 -59.32
N LEU Y 201 50.78 5.77 -59.34
CA LEU Y 201 50.89 7.08 -59.95
C LEU Y 201 51.51 6.92 -61.30
N VAL Y 202 51.09 7.75 -62.28
CA VAL Y 202 51.78 7.89 -63.54
C VAL Y 202 51.94 9.38 -63.74
N VAL Y 203 53.08 9.76 -64.36
CA VAL Y 203 53.39 11.11 -64.75
C VAL Y 203 52.74 11.36 -66.10
N LYS Y 204 51.66 12.18 -66.13
CA LYS Y 204 51.01 12.58 -67.36
C LYS Y 204 51.87 13.63 -67.99
N SER Y 205 52.06 13.54 -69.33
CA SER Y 205 52.68 14.61 -70.09
C SER Y 205 51.57 15.60 -70.37
N SER Y 206 51.08 15.66 -71.63
CA SER Y 206 49.76 16.16 -71.91
C SER Y 206 49.04 14.97 -72.45
N MET Y 207 49.57 14.42 -73.57
CA MET Y 207 48.96 13.38 -74.35
C MET Y 207 49.61 12.05 -74.05
N GLY Y 208 49.92 11.75 -72.76
CA GLY Y 208 50.85 10.71 -72.38
C GLY Y 208 50.16 9.57 -71.65
N PRO Y 209 50.02 8.36 -72.21
CA PRO Y 209 49.31 7.25 -71.59
C PRO Y 209 49.95 6.68 -70.35
N ALA Y 210 49.30 5.63 -69.78
CA ALA Y 210 49.66 4.95 -68.55
C ALA Y 210 51.05 4.39 -68.56
N PHE Y 211 51.76 4.60 -67.44
CA PHE Y 211 53.12 4.20 -67.23
C PHE Y 211 53.25 4.27 -65.73
N ARG Y 212 52.40 3.48 -65.03
CA ARG Y 212 52.24 3.54 -63.59
C ARG Y 212 53.42 2.89 -62.88
N LEU Y 213 53.69 3.33 -61.64
CA LEU Y 213 54.79 2.85 -60.84
C LEU Y 213 54.40 2.75 -59.36
N GLY Z 1 27.39 -21.17 6.55
CA GLY Z 1 26.45 -22.30 6.80
C GLY Z 1 27.16 -23.62 6.96
N ARG Z 2 26.42 -24.67 7.43
CA ARG Z 2 26.98 -26.00 7.62
C ARG Z 2 26.93 -26.79 6.33
N VAL Z 3 27.12 -28.12 6.44
CA VAL Z 3 27.16 -29.05 5.34
C VAL Z 3 25.74 -29.42 4.97
N ILE Z 4 25.38 -29.19 3.68
CA ILE Z 4 24.07 -29.49 3.14
C ILE Z 4 23.90 -30.99 2.97
N ARG Z 5 22.63 -31.47 3.04
CA ARG Z 5 22.31 -32.88 3.08
C ARG Z 5 22.55 -33.57 1.74
N ASN Z 6 22.47 -32.81 0.62
CA ASN Z 6 22.69 -33.34 -0.72
C ASN Z 6 24.16 -33.59 -1.00
N GLN Z 7 25.08 -32.94 -0.26
CA GLN Z 7 26.52 -33.13 -0.36
C GLN Z 7 26.92 -34.44 0.26
N ARG Z 8 26.18 -34.87 1.30
CA ARG Z 8 26.39 -36.13 1.98
C ARG Z 8 25.69 -37.22 1.19
N LYS Z 9 26.29 -37.60 0.04
CA LYS Z 9 25.72 -38.56 -0.88
C LYS Z 9 26.80 -39.48 -1.37
N GLY Z 10 28.02 -38.95 -1.59
CA GLY Z 10 29.12 -39.70 -2.16
C GLY Z 10 29.66 -40.74 -1.23
N ALA Z 11 29.88 -40.36 0.04
CA ALA Z 11 30.30 -41.25 1.10
C ALA Z 11 29.22 -41.20 2.16
N GLY Z 12 29.45 -41.88 3.31
CA GLY Z 12 28.58 -41.77 4.46
C GLY Z 12 28.36 -43.10 5.10
N SER Z 13 27.75 -43.06 6.32
CA SER Z 13 27.30 -44.21 7.07
C SER Z 13 25.98 -44.67 6.52
N ILE Z 14 25.06 -43.72 6.20
CA ILE Z 14 23.78 -43.97 5.55
C ILE Z 14 24.00 -44.53 4.15
N PHE Z 15 25.20 -44.27 3.57
CA PHE Z 15 25.64 -44.87 2.33
C PHE Z 15 26.55 -46.05 2.61
N THR Z 16 26.07 -47.04 3.40
CA THR Z 16 26.61 -48.39 3.40
C THR Z 16 25.41 -49.29 3.50
N SER Z 17 25.54 -50.57 3.10
CA SER Z 17 24.52 -51.58 3.28
C SER Z 17 25.04 -52.88 2.76
N HIS Z 18 24.26 -53.96 3.00
CA HIS Z 18 24.51 -55.32 2.57
C HIS Z 18 24.66 -55.45 1.08
N THR Z 19 25.79 -56.06 0.63
CA THR Z 19 26.21 -56.04 -0.75
C THR Z 19 26.27 -57.44 -1.30
N ARG Z 20 26.82 -58.40 -0.51
CA ARG Z 20 27.17 -59.74 -0.89
C ARG Z 20 26.08 -60.70 -0.48
N LEU Z 21 25.17 -60.26 0.43
CA LEU Z 21 23.91 -60.90 0.81
C LEU Z 21 23.02 -61.02 -0.40
N ARG Z 22 23.09 -60.02 -1.29
CA ARG Z 22 22.36 -59.96 -2.52
C ARG Z 22 22.89 -61.01 -3.47
N GLN Z 23 22.02 -62.03 -3.74
CA GLN Z 23 22.34 -63.27 -4.43
C GLN Z 23 22.72 -63.09 -5.87
N GLY Z 24 22.39 -61.92 -6.45
CA GLY Z 24 22.48 -61.68 -7.86
C GLY Z 24 21.19 -61.04 -8.22
N ALA Z 25 21.21 -59.71 -8.43
CA ALA Z 25 20.08 -58.99 -8.97
C ALA Z 25 20.18 -59.06 -10.47
N ALA Z 26 19.13 -58.63 -11.20
CA ALA Z 26 18.82 -59.18 -12.50
C ALA Z 26 19.60 -58.62 -13.67
N LYS Z 27 20.81 -59.17 -13.89
CA LYS Z 27 21.56 -59.04 -15.12
C LYS Z 27 21.19 -60.24 -15.98
N LEU Z 28 22.03 -60.58 -16.98
CA LEU Z 28 21.86 -61.74 -17.82
C LEU Z 28 23.24 -62.31 -18.04
N ARG Z 29 23.38 -63.65 -18.01
CA ARG Z 29 24.65 -64.33 -18.16
C ARG Z 29 24.82 -64.73 -19.62
N THR Z 30 25.83 -65.61 -19.91
CA THR Z 30 26.07 -66.22 -21.20
C THR Z 30 24.97 -67.21 -21.47
N LEU Z 31 24.45 -67.19 -22.71
CA LEU Z 31 23.16 -67.76 -23.00
C LEU Z 31 23.07 -68.29 -24.40
N ASP Z 32 24.22 -68.41 -25.12
CA ASP Z 32 24.36 -68.99 -26.44
C ASP Z 32 24.07 -67.95 -27.52
N TYR Z 33 25.06 -67.77 -28.42
CA TYR Z 33 24.97 -66.95 -29.61
C TYR Z 33 24.19 -67.68 -30.67
N ALA Z 34 24.34 -69.02 -30.71
CA ALA Z 34 24.00 -69.82 -31.86
C ALA Z 34 22.51 -70.00 -32.04
N GLU Z 35 21.92 -70.99 -31.32
CA GLU Z 35 20.63 -71.58 -31.60
C GLU Z 35 20.70 -72.38 -32.88
N ARG Z 36 21.78 -73.20 -32.99
CA ARG Z 36 21.89 -74.30 -33.93
C ARG Z 36 21.27 -75.50 -33.24
N HIS Z 37 19.98 -75.36 -32.86
CA HIS Z 37 19.22 -76.21 -31.94
C HIS Z 37 19.46 -75.81 -30.50
N GLY Z 38 20.52 -75.03 -30.22
CA GLY Z 38 20.78 -74.41 -28.94
C GLY Z 38 21.82 -75.19 -28.21
N TYR Z 39 22.66 -74.49 -27.42
CA TYR Z 39 23.62 -75.10 -26.53
C TYR Z 39 23.23 -74.68 -25.13
N ILE Z 40 23.54 -73.42 -24.74
CA ILE Z 40 23.35 -72.88 -23.42
C ILE Z 40 21.93 -72.37 -23.30
N ARG Z 41 20.97 -73.30 -23.04
CA ARG Z 41 19.58 -72.97 -22.88
C ARG Z 41 18.95 -74.12 -22.15
N GLY Z 42 17.99 -73.84 -21.22
CA GLY Z 42 17.44 -74.87 -20.38
C GLY Z 42 16.16 -74.40 -19.77
N ILE Z 43 15.79 -74.94 -18.58
CA ILE Z 43 14.54 -74.63 -17.91
C ILE Z 43 14.79 -73.68 -16.78
N VAL Z 44 13.70 -73.22 -16.12
CA VAL Z 44 13.74 -72.37 -14.95
C VAL Z 44 13.65 -73.29 -13.75
N LYS Z 45 14.44 -73.00 -12.70
CA LYS Z 45 14.47 -73.70 -11.45
C LYS Z 45 13.57 -72.96 -10.48
N GLN Z 46 14.18 -72.23 -9.52
CA GLN Z 46 13.54 -71.68 -8.33
C GLN Z 46 12.98 -70.31 -8.63
N ILE Z 47 12.27 -69.69 -7.63
CA ILE Z 47 11.77 -68.34 -7.69
C ILE Z 47 12.25 -67.75 -6.40
N VAL Z 48 13.18 -66.77 -6.47
CA VAL Z 48 13.81 -66.21 -5.29
C VAL Z 48 13.91 -64.72 -5.50
N HIS Z 49 13.77 -63.94 -4.41
CA HIS Z 49 13.83 -62.50 -4.37
C HIS Z 49 15.23 -62.09 -4.01
N ASP Z 50 15.81 -61.19 -4.81
CA ASP Z 50 17.06 -60.54 -4.49
C ASP Z 50 16.70 -59.20 -3.90
N SER Z 51 17.54 -58.70 -2.97
CA SER Z 51 17.35 -57.40 -2.37
C SER Z 51 17.94 -56.38 -3.33
N GLY Z 52 17.30 -55.19 -3.42
CA GLY Z 52 17.70 -54.14 -4.34
C GLY Z 52 16.57 -53.85 -5.29
N ARG Z 53 15.98 -54.91 -5.88
CA ARG Z 53 14.92 -54.81 -6.85
C ARG Z 53 13.58 -54.57 -6.20
N GLY Z 54 13.20 -55.43 -5.23
CA GLY Z 54 11.89 -55.37 -4.61
C GLY Z 54 10.89 -56.06 -5.49
N ALA Z 55 11.22 -57.29 -5.93
CA ALA Z 55 10.39 -58.05 -6.82
C ALA Z 55 10.94 -59.46 -6.86
N PRO Z 56 10.19 -60.50 -7.20
CA PRO Z 56 10.72 -61.85 -7.32
C PRO Z 56 11.54 -61.99 -8.58
N LEU Z 57 12.50 -62.95 -8.59
CA LEU Z 57 13.37 -63.23 -9.70
C LEU Z 57 13.26 -64.72 -9.96
N ALA Z 58 14.39 -65.43 -10.20
CA ALA Z 58 14.40 -66.85 -10.44
C ALA Z 58 15.83 -67.32 -10.58
N LYS Z 59 16.04 -68.65 -10.60
CA LYS Z 59 17.29 -69.30 -10.95
C LYS Z 59 17.00 -70.06 -12.24
N VAL Z 60 18.05 -70.39 -13.04
CA VAL Z 60 17.91 -71.10 -14.29
C VAL Z 60 19.07 -72.06 -14.40
N VAL Z 61 18.86 -73.18 -15.12
CA VAL Z 61 19.86 -74.16 -15.47
C VAL Z 61 20.00 -74.09 -16.98
N PHE Z 62 21.20 -74.40 -17.52
CA PHE Z 62 21.44 -74.39 -18.95
C PHE Z 62 22.02 -75.73 -19.34
N ARG Z 63 23.36 -75.80 -19.57
CA ARG Z 63 24.10 -77.01 -19.86
C ARG Z 63 25.11 -77.23 -18.77
N ASP Z 64 25.19 -76.27 -17.83
CA ASP Z 64 26.28 -76.08 -16.89
C ASP Z 64 25.75 -76.34 -15.50
N PRO Z 65 26.59 -76.57 -14.48
CA PRO Z 65 26.17 -76.98 -13.14
C PRO Z 65 25.43 -75.90 -12.38
N TYR Z 66 24.09 -75.80 -12.46
CA TYR Z 66 23.37 -74.73 -11.83
C TYR Z 66 22.08 -75.25 -11.25
N LYS Z 67 22.12 -75.54 -9.93
CA LYS Z 67 20.95 -75.70 -9.12
C LYS Z 67 21.26 -74.86 -7.89
N TYR Z 68 22.21 -75.34 -7.05
CA TYR Z 68 22.69 -74.65 -5.87
C TYR Z 68 24.05 -74.08 -6.21
N ARG Z 69 25.13 -74.74 -5.72
CA ARG Z 69 26.51 -74.31 -5.57
C ARG Z 69 27.09 -73.19 -6.42
N LEU Z 70 26.95 -73.21 -7.77
CA LEU Z 70 27.51 -72.15 -8.60
C LEU Z 70 26.57 -70.95 -8.58
N ARG Z 71 27.09 -69.81 -8.05
CA ARG Z 71 26.33 -68.63 -7.73
C ARG Z 71 26.50 -67.59 -8.81
N GLU Z 72 25.54 -67.49 -9.76
CA GLU Z 72 25.57 -66.48 -10.79
C GLU Z 72 24.22 -66.41 -11.45
N GLU Z 73 23.78 -67.46 -12.18
CA GLU Z 73 22.67 -67.38 -13.12
C GLU Z 73 21.34 -67.16 -12.42
N ILE Z 74 20.85 -65.91 -12.55
CA ILE Z 74 19.56 -65.46 -12.09
C ILE Z 74 18.80 -65.07 -13.33
N PHE Z 75 17.52 -65.48 -13.41
CA PHE Z 75 16.74 -65.33 -14.62
C PHE Z 75 15.62 -64.37 -14.38
N ILE Z 76 15.36 -63.52 -15.40
CA ILE Z 76 14.39 -62.45 -15.37
C ILE Z 76 12.98 -62.97 -15.25
N ALA Z 77 12.26 -62.50 -14.21
CA ALA Z 77 10.95 -63.01 -13.86
C ALA Z 77 9.90 -62.41 -14.74
N ASN Z 78 9.20 -63.27 -15.51
CA ASN Z 78 8.01 -62.92 -16.25
C ASN Z 78 6.96 -63.79 -15.63
N GLU Z 79 5.67 -63.43 -15.78
CA GLU Z 79 4.57 -64.26 -15.34
C GLU Z 79 4.50 -65.46 -16.26
N GLY Z 80 4.61 -66.72 -15.76
CA GLY Z 80 4.87 -67.12 -14.39
C GLY Z 80 5.90 -68.18 -14.49
N VAL Z 81 7.19 -67.78 -14.37
CA VAL Z 81 8.35 -68.64 -14.49
C VAL Z 81 8.43 -69.55 -13.30
N HIS Z 82 8.79 -70.84 -13.57
CA HIS Z 82 8.60 -71.92 -12.64
C HIS Z 82 9.14 -73.13 -13.39
N THR Z 83 9.12 -74.33 -12.75
CA THR Z 83 9.70 -75.54 -13.30
C THR Z 83 8.86 -76.13 -14.42
N GLY Z 84 9.52 -76.48 -15.54
CA GLY Z 84 8.96 -77.32 -16.58
C GLY Z 84 8.59 -76.61 -17.85
N GLN Z 85 9.25 -75.48 -18.19
CA GLN Z 85 9.18 -74.91 -19.52
C GLN Z 85 10.54 -74.36 -19.84
N PHE Z 86 10.93 -74.43 -21.14
CA PHE Z 86 12.24 -74.06 -21.62
C PHE Z 86 12.28 -72.62 -22.06
N ILE Z 87 13.49 -72.05 -22.01
CA ILE Z 87 13.88 -70.76 -22.51
C ILE Z 87 14.66 -71.07 -23.76
N TYR Z 88 14.70 -70.13 -24.74
CA TYR Z 88 15.54 -70.27 -25.92
C TYR Z 88 16.17 -68.91 -26.12
N ALA Z 89 17.32 -68.88 -26.82
CA ALA Z 89 18.05 -67.66 -27.06
C ALA Z 89 18.61 -67.75 -28.46
N GLY Z 90 19.79 -67.14 -28.70
CA GLY Z 90 20.45 -67.10 -29.98
C GLY Z 90 20.09 -65.83 -30.70
N LYS Z 91 20.75 -65.59 -31.85
CA LYS Z 91 20.58 -64.38 -32.65
C LYS Z 91 19.22 -64.38 -33.33
N LYS Z 92 18.98 -65.31 -34.29
CA LYS Z 92 17.76 -65.37 -35.07
C LYS Z 92 16.76 -66.27 -34.37
N ALA Z 93 16.44 -65.94 -33.10
CA ALA Z 93 15.73 -66.78 -32.18
C ALA Z 93 14.24 -66.82 -32.41
N SER Z 94 13.54 -67.71 -31.67
CA SER Z 94 12.10 -67.86 -31.75
C SER Z 94 11.45 -66.85 -30.83
N LEU Z 95 10.60 -65.97 -31.40
CA LEU Z 95 10.07 -64.81 -30.71
C LEU Z 95 8.90 -65.22 -29.84
N ASN Z 96 9.13 -65.31 -28.51
CA ASN Z 96 8.12 -65.70 -27.55
C ASN Z 96 8.33 -64.85 -26.32
N VAL Z 97 7.27 -64.72 -25.48
CA VAL Z 97 7.34 -64.02 -24.22
C VAL Z 97 7.97 -64.94 -23.21
N GLY Z 98 9.11 -64.50 -22.62
CA GLY Z 98 9.89 -65.28 -21.68
C GLY Z 98 11.17 -65.76 -22.30
N ASN Z 99 11.44 -65.40 -23.58
CA ASN Z 99 12.69 -65.77 -24.24
C ASN Z 99 13.52 -64.53 -24.33
N VAL Z 100 14.83 -64.64 -23.99
CA VAL Z 100 15.81 -63.57 -24.09
C VAL Z 100 16.44 -63.71 -25.45
N LEU Z 101 16.51 -62.61 -26.22
CA LEU Z 101 16.90 -62.66 -27.62
C LEU Z 101 17.13 -61.24 -28.09
N PRO Z 102 17.64 -60.97 -29.28
CA PRO Z 102 17.98 -59.61 -29.71
C PRO Z 102 16.85 -58.64 -29.88
N LEU Z 103 17.19 -57.35 -30.10
CA LEU Z 103 16.29 -56.32 -30.55
C LEU Z 103 16.17 -56.37 -32.05
N GLY Z 104 17.24 -56.79 -32.76
CA GLY Z 104 17.26 -56.86 -34.22
C GLY Z 104 16.32 -57.91 -34.76
N SER Z 105 16.16 -59.03 -34.02
CA SER Z 105 15.35 -60.16 -34.43
C SER Z 105 13.86 -59.89 -34.25
N VAL Z 106 13.47 -59.00 -33.31
CA VAL Z 106 12.07 -58.67 -33.09
C VAL Z 106 11.64 -57.55 -34.04
N PRO Z 107 10.42 -57.55 -34.59
CA PRO Z 107 9.92 -56.45 -35.40
C PRO Z 107 9.61 -55.21 -34.60
N GLU Z 108 9.10 -54.16 -35.28
CA GLU Z 108 8.70 -52.90 -34.70
C GLU Z 108 7.55 -53.07 -33.73
N GLY Z 109 7.63 -52.42 -32.56
CA GLY Z 109 6.51 -52.29 -31.66
C GLY Z 109 6.36 -53.46 -30.73
N THR Z 110 7.48 -54.12 -30.39
CA THR Z 110 7.50 -55.19 -29.42
C THR Z 110 7.90 -54.60 -28.10
N ILE Z 111 7.24 -55.06 -27.01
CA ILE Z 111 7.56 -54.64 -25.66
C ILE Z 111 8.62 -55.59 -25.15
N VAL Z 112 9.62 -55.06 -24.43
CA VAL Z 112 10.78 -55.79 -24.01
C VAL Z 112 11.13 -55.29 -22.63
N SER Z 113 11.68 -56.19 -21.78
CA SER Z 113 12.14 -55.91 -20.44
C SER Z 113 13.52 -56.52 -20.36
N ASN Z 114 14.30 -56.15 -19.31
CA ASN Z 114 15.70 -56.47 -19.08
C ASN Z 114 16.54 -56.38 -20.34
N VAL Z 115 16.68 -55.14 -20.86
CA VAL Z 115 17.23 -54.87 -22.17
C VAL Z 115 18.48 -54.08 -21.94
N GLU Z 116 19.53 -54.27 -22.78
CA GLU Z 116 20.72 -53.46 -22.74
C GLU Z 116 20.47 -52.21 -23.57
N GLU Z 117 21.42 -51.25 -23.60
CA GLU Z 117 21.26 -50.08 -24.44
C GLU Z 117 22.57 -49.44 -24.79
N LYS Z 118 23.60 -49.50 -23.91
CA LYS Z 118 24.95 -49.08 -24.28
C LYS Z 118 25.58 -50.25 -25.02
N PRO Z 119 26.81 -50.19 -25.54
CA PRO Z 119 27.50 -51.36 -26.05
C PRO Z 119 27.80 -52.37 -24.98
N GLY Z 120 26.84 -53.28 -24.69
CA GLY Z 120 26.97 -54.33 -23.72
C GLY Z 120 26.90 -53.84 -22.29
N ASP Z 121 25.97 -54.38 -21.48
CA ASP Z 121 25.90 -54.05 -20.07
C ASP Z 121 25.34 -55.23 -19.29
N ARG Z 122 25.06 -56.36 -19.98
CA ARG Z 122 24.38 -57.54 -19.50
C ARG Z 122 22.88 -57.32 -19.38
N GLY Z 123 22.44 -56.32 -18.59
CA GLY Z 123 21.04 -56.02 -18.44
C GLY Z 123 20.89 -54.70 -17.74
N ALA Z 124 20.12 -53.77 -18.35
CA ALA Z 124 19.99 -52.40 -17.89
C ALA Z 124 18.53 -52.09 -17.60
N LEU Z 125 17.73 -51.95 -18.67
CA LEU Z 125 16.41 -51.39 -18.65
C LEU Z 125 15.37 -52.37 -18.16
N ALA Z 126 14.64 -52.00 -17.09
CA ALA Z 126 13.41 -52.67 -16.68
C ALA Z 126 13.63 -54.05 -16.13
N ARG Z 127 14.23 -54.13 -14.93
CA ARG Z 127 14.68 -55.35 -14.28
C ARG Z 127 13.76 -55.76 -13.16
N ALA Z 128 13.12 -54.79 -12.46
CA ALA Z 128 12.32 -55.02 -11.27
C ALA Z 128 10.89 -55.46 -11.59
N SER Z 129 9.88 -54.57 -11.38
CA SER Z 129 8.49 -54.96 -11.47
C SER Z 129 7.66 -53.86 -12.07
N GLY Z 130 6.82 -54.21 -13.09
CA GLY Z 130 5.93 -53.29 -13.78
C GLY Z 130 6.53 -52.82 -15.08
N ASN Z 131 7.84 -52.52 -15.05
CA ASN Z 131 8.61 -51.80 -16.05
C ASN Z 131 8.72 -52.51 -17.38
N TYR Z 132 8.83 -51.72 -18.48
CA TYR Z 132 9.20 -52.22 -19.80
C TYR Z 132 9.46 -51.04 -20.70
N VAL Z 133 10.34 -51.23 -21.71
CA VAL Z 133 10.65 -50.22 -22.71
C VAL Z 133 10.03 -50.66 -24.02
N ILE Z 134 10.16 -49.83 -25.08
CA ILE Z 134 9.48 -50.06 -26.34
C ILE Z 134 10.46 -49.78 -27.46
N ILE Z 135 10.85 -50.86 -28.20
CA ILE Z 135 11.74 -50.76 -29.34
C ILE Z 135 10.90 -50.42 -30.56
N ILE Z 136 11.14 -49.21 -31.11
CA ILE Z 136 10.47 -48.70 -32.28
C ILE Z 136 11.50 -47.87 -33.02
N GLY Z 137 12.53 -48.54 -33.56
CA GLY Z 137 13.55 -47.86 -34.32
C GLY Z 137 14.22 -48.86 -35.21
N HIS Z 138 13.41 -49.45 -36.12
CA HIS Z 138 13.87 -50.32 -37.17
C HIS Z 138 13.13 -49.84 -38.39
N ASN Z 139 13.44 -50.42 -39.58
CA ASN Z 139 12.71 -50.25 -40.81
C ASN Z 139 13.08 -48.93 -41.50
N PRO Z 140 12.46 -47.73 -41.43
CA PRO Z 140 13.03 -46.54 -42.05
C PRO Z 140 14.17 -45.98 -41.21
N ASP Z 141 14.42 -46.56 -40.01
CA ASP Z 141 15.62 -46.32 -39.23
C ASP Z 141 16.47 -47.51 -39.59
N GLU Z 142 17.53 -47.25 -40.39
CA GLU Z 142 18.08 -48.24 -41.29
C GLU Z 142 19.28 -48.93 -40.68
N ASN Z 143 20.38 -48.18 -40.42
CA ASN Z 143 21.59 -48.72 -39.82
C ASN Z 143 21.44 -48.69 -38.31
N LYS Z 144 21.77 -47.55 -37.67
CA LYS Z 144 21.74 -47.38 -36.23
C LYS Z 144 20.31 -47.41 -35.74
N THR Z 145 20.06 -48.24 -34.70
CA THR Z 145 18.75 -48.53 -34.16
C THR Z 145 18.41 -47.51 -33.11
N ARG Z 146 17.23 -47.65 -32.46
CA ARG Z 146 16.80 -46.66 -31.49
C ARG Z 146 15.69 -47.25 -30.66
N VAL Z 147 15.93 -47.43 -29.35
CA VAL Z 147 14.86 -47.69 -28.41
C VAL Z 147 14.33 -46.32 -28.03
N ARG Z 148 13.00 -46.13 -28.14
CA ARG Z 148 12.34 -44.92 -27.71
C ARG Z 148 11.96 -45.22 -26.29
N LEU Z 149 12.69 -44.60 -25.34
CA LEU Z 149 12.61 -44.94 -23.94
C LEU Z 149 11.41 -44.22 -23.34
N PRO Z 150 10.78 -44.70 -22.25
CA PRO Z 150 9.34 -44.57 -22.09
C PRO Z 150 8.77 -43.17 -21.91
N SER Z 151 9.58 -42.15 -21.56
CA SER Z 151 9.13 -40.77 -21.40
C SER Z 151 8.81 -40.15 -22.75
N GLY Z 152 9.86 -39.87 -23.56
CA GLY Z 152 9.70 -39.18 -24.81
C GLY Z 152 11.02 -39.06 -25.51
N ALA Z 153 12.13 -39.17 -24.75
CA ALA Z 153 13.45 -38.79 -25.20
C ALA Z 153 14.13 -39.83 -26.09
N LYS Z 154 15.47 -39.71 -26.19
CA LYS Z 154 16.30 -40.33 -27.20
C LYS Z 154 16.99 -41.57 -26.67
N LYS Z 155 17.87 -42.14 -27.53
CA LYS Z 155 19.04 -42.92 -27.24
C LYS Z 155 19.40 -43.58 -28.53
N VAL Z 156 20.62 -43.29 -29.06
CA VAL Z 156 21.14 -43.94 -30.24
C VAL Z 156 21.82 -45.20 -29.79
N ILE Z 157 21.59 -46.29 -30.54
CA ILE Z 157 22.06 -47.62 -30.24
C ILE Z 157 22.62 -48.05 -31.57
N SER Z 158 23.72 -48.84 -31.58
CA SER Z 158 24.33 -49.36 -32.79
C SER Z 158 23.60 -50.62 -33.16
N SER Z 159 24.16 -51.77 -32.78
CA SER Z 159 23.50 -53.06 -32.89
C SER Z 159 22.93 -53.29 -31.50
N ASP Z 160 23.81 -53.54 -30.51
CA ASP Z 160 23.54 -53.23 -29.11
C ASP Z 160 23.06 -54.41 -28.29
N ALA Z 161 21.73 -54.63 -28.26
CA ALA Z 161 21.11 -55.22 -27.09
C ALA Z 161 20.34 -56.49 -27.31
N ARG Z 162 20.35 -57.36 -26.28
CA ARG Z 162 19.41 -58.45 -26.10
C ARG Z 162 18.44 -58.06 -25.03
N GLY Z 163 17.35 -58.85 -24.85
CA GLY Z 163 16.41 -58.62 -23.80
C GLY Z 163 15.26 -59.56 -23.93
N VAL Z 164 14.51 -59.77 -22.83
CA VAL Z 164 13.36 -60.66 -22.79
C VAL Z 164 12.18 -59.95 -23.41
N ILE Z 165 11.39 -60.65 -24.27
CA ILE Z 165 10.18 -60.07 -24.83
C ILE Z 165 9.11 -60.13 -23.75
N GLY Z 166 8.49 -58.98 -23.43
CA GLY Z 166 7.28 -58.99 -22.65
C GLY Z 166 7.18 -57.76 -21.83
N VAL Z 167 6.19 -57.80 -20.91
CA VAL Z 167 6.10 -56.95 -19.76
C VAL Z 167 6.56 -57.89 -18.66
N ILE Z 168 7.22 -57.34 -17.63
CA ILE Z 168 7.86 -58.09 -16.58
C ILE Z 168 6.83 -58.48 -15.53
N ALA Z 169 7.20 -59.37 -14.58
CA ALA Z 169 6.33 -59.87 -13.54
C ALA Z 169 6.08 -58.81 -12.49
N GLY Z 170 5.08 -59.06 -11.62
CA GLY Z 170 4.70 -58.14 -10.57
C GLY Z 170 3.70 -57.17 -11.09
N GLY Z 171 3.66 -55.97 -10.47
CA GLY Z 171 2.68 -54.93 -10.74
C GLY Z 171 1.87 -54.81 -9.50
N GLY Z 172 2.39 -54.06 -8.52
CA GLY Z 172 1.74 -53.90 -7.24
C GLY Z 172 2.50 -52.88 -6.45
N ARG Z 173 2.82 -51.74 -7.10
CA ARG Z 173 3.45 -50.60 -6.47
C ARG Z 173 2.67 -49.39 -6.94
N VAL Z 174 2.42 -49.28 -8.26
CA VAL Z 174 1.52 -48.29 -8.82
C VAL Z 174 0.14 -48.91 -8.89
N ASP Z 175 0.06 -50.20 -9.29
CA ASP Z 175 -1.18 -50.93 -9.42
C ASP Z 175 -1.88 -51.13 -8.08
N LYS Z 176 -1.08 -51.26 -7.00
CA LYS Z 176 -1.56 -51.38 -5.66
C LYS Z 176 -0.70 -50.45 -4.84
N PRO Z 177 -1.22 -49.41 -4.18
CA PRO Z 177 -0.43 -48.54 -3.31
C PRO Z 177 -0.22 -49.19 -1.96
N LEU Z 178 0.61 -48.57 -1.05
CA LEU Z 178 1.08 -49.15 0.18
C LEU Z 178 0.05 -48.95 1.29
N LEU Z 179 0.46 -48.47 2.50
CA LEU Z 179 -0.45 -48.26 3.59
C LEU Z 179 0.16 -47.31 4.58
N LYS Z 180 1.46 -47.48 4.90
CA LYS Z 180 2.13 -46.65 5.88
C LYS Z 180 3.58 -46.56 5.50
N ALA Z 181 4.37 -45.80 6.31
CA ALA Z 181 5.65 -45.26 5.96
C ALA Z 181 6.80 -46.08 6.49
N GLY Z 182 6.62 -46.83 7.60
CA GLY Z 182 7.65 -47.74 8.09
C GLY Z 182 7.75 -48.95 7.20
N ARG Z 183 6.64 -49.26 6.49
CA ARG Z 183 6.60 -50.30 5.49
C ARG Z 183 7.11 -49.78 4.16
N ALA Z 184 7.25 -48.44 4.01
CA ALA Z 184 7.86 -47.80 2.87
C ALA Z 184 9.36 -47.68 3.07
N PHE Z 185 9.81 -47.66 4.35
CA PHE Z 185 11.20 -47.56 4.77
C PHE Z 185 11.97 -48.83 4.45
N HIS Z 186 11.26 -49.92 4.09
CA HIS Z 186 11.88 -51.15 3.61
C HIS Z 186 12.51 -50.98 2.25
N LYS Z 187 12.24 -49.85 1.55
CA LYS Z 187 12.90 -49.45 0.33
C LYS Z 187 14.26 -48.87 0.66
N TYR Z 188 14.33 -47.97 1.67
CA TYR Z 188 15.53 -47.25 2.02
C TYR Z 188 16.30 -48.00 3.07
N ARG Z 189 16.71 -49.23 2.72
CA ARG Z 189 17.69 -50.00 3.45
C ARG Z 189 18.26 -51.01 2.47
N LEU Z 190 17.46 -51.40 1.46
CA LEU Z 190 17.93 -52.11 0.29
C LEU Z 190 18.47 -51.16 -0.75
N LYS Z 191 18.26 -49.84 -0.53
CA LYS Z 191 18.87 -48.75 -1.26
C LYS Z 191 19.42 -47.84 -0.21
N ARG Z 192 20.55 -47.18 -0.54
CA ARG Z 192 21.27 -46.37 0.40
C ARG Z 192 20.99 -44.94 0.02
N ASN Z 193 20.25 -44.20 0.87
CA ASN Z 193 19.92 -42.81 0.68
C ASN Z 193 19.22 -42.43 1.96
N SER Z 194 19.21 -41.12 2.30
CA SER Z 194 18.54 -40.58 3.46
C SER Z 194 17.03 -40.64 3.25
N TRP Z 195 16.27 -40.75 4.36
CA TRP Z 195 14.84 -40.86 4.31
C TRP Z 195 14.34 -40.38 5.66
N PRO Z 196 13.19 -39.73 5.79
CA PRO Z 196 12.35 -39.19 4.74
C PRO Z 196 12.89 -37.88 4.19
N LYS Z 197 12.42 -36.73 4.72
CA LYS Z 197 12.63 -35.43 4.15
C LYS Z 197 12.02 -34.51 5.17
N THR Z 198 12.53 -33.27 5.30
CA THR Z 198 11.89 -32.18 6.01
C THR Z 198 11.86 -31.07 4.99
N ARG Z 199 11.03 -30.02 5.18
CA ARG Z 199 10.87 -28.95 4.21
C ARG Z 199 12.11 -28.10 4.16
N GLY Z 200 12.36 -27.49 2.99
CA GLY Z 200 13.51 -26.66 2.72
C GLY Z 200 13.34 -25.31 3.36
N VAL Z 201 12.07 -24.84 3.41
CA VAL Z 201 11.68 -23.59 4.02
C VAL Z 201 11.68 -23.68 5.53
N ALA Z 202 11.45 -24.90 6.09
CA ALA Z 202 11.42 -25.15 7.51
C ALA Z 202 12.82 -25.26 8.07
N MET Z 203 13.76 -25.83 7.29
CA MET Z 203 15.17 -25.87 7.66
C MET Z 203 15.75 -24.48 7.60
N ASN Z 204 16.77 -24.23 8.44
CA ASN Z 204 17.44 -22.94 8.55
C ASN Z 204 18.19 -22.62 7.28
N PRO Z 205 18.51 -21.37 6.93
CA PRO Z 205 19.29 -21.03 5.75
C PRO Z 205 20.73 -21.47 5.91
N VAL Z 206 21.09 -21.86 7.15
CA VAL Z 206 22.35 -22.43 7.58
C VAL Z 206 22.51 -23.80 6.98
N ASP Z 207 21.55 -24.71 7.26
CA ASP Z 207 21.62 -26.10 6.93
C ASP Z 207 21.18 -26.37 5.51
N HIS Z 208 20.26 -25.55 4.96
CA HIS Z 208 19.86 -25.67 3.58
C HIS Z 208 19.45 -24.30 3.08
N PRO Z 209 20.00 -23.74 2.00
CA PRO Z 209 19.68 -22.38 1.54
C PRO Z 209 18.28 -22.11 1.02
N HIS Z 210 17.27 -22.98 1.27
CA HIS Z 210 15.89 -22.72 0.92
C HIS Z 210 15.17 -22.11 2.09
N GLY Z 211 15.83 -21.94 3.26
CA GLY Z 211 15.24 -21.30 4.42
C GLY Z 211 15.49 -19.83 4.37
N GLY Z 212 14.85 -19.09 5.31
CA GLY Z 212 15.04 -17.67 5.46
C GLY Z 212 13.73 -17.04 5.82
N GLY Z 213 13.77 -16.08 6.77
CA GLY Z 213 12.64 -15.28 7.15
C GLY Z 213 12.09 -15.75 8.47
N ASN Z 214 11.55 -14.81 9.27
CA ASN Z 214 10.84 -15.10 10.50
C ASN Z 214 9.51 -15.70 10.13
N HIS Z 215 8.85 -15.10 9.11
CA HIS Z 215 7.72 -15.68 8.43
C HIS Z 215 8.35 -16.51 7.34
N GLN Z 216 8.32 -17.85 7.47
CA GLN Z 216 9.18 -18.72 6.68
C GLN Z 216 8.81 -18.76 5.21
N HIS Z 217 9.83 -18.64 4.34
CA HIS Z 217 9.64 -18.72 2.91
C HIS Z 217 10.97 -19.11 2.30
N ILE Z 218 11.10 -18.95 0.96
CA ILE Z 218 12.28 -19.34 0.23
C ILE Z 218 13.21 -18.14 0.14
N GLY Z 219 14.46 -18.29 0.65
CA GLY Z 219 15.42 -17.21 0.78
C GLY Z 219 16.07 -16.84 -0.53
N LYS Z 220 16.83 -17.78 -1.14
CA LYS Z 220 17.54 -17.53 -2.39
C LYS Z 220 16.56 -17.63 -3.55
N ALA Z 221 16.46 -18.81 -4.20
CA ALA Z 221 15.53 -19.00 -5.28
C ALA Z 221 15.27 -20.48 -5.38
N SER Z 222 14.07 -20.85 -5.89
CA SER Z 222 13.65 -22.22 -6.03
C SER Z 222 14.22 -22.79 -7.31
N THR Z 223 14.16 -22.02 -8.43
CA THR Z 223 14.78 -22.43 -9.68
C THR Z 223 16.24 -22.02 -9.66
N ILE Z 224 17.14 -23.03 -9.75
CA ILE Z 224 18.57 -22.83 -9.82
C ILE Z 224 18.99 -23.57 -11.07
N SER Z 225 20.01 -23.05 -11.81
CA SER Z 225 20.44 -23.59 -13.08
C SER Z 225 21.29 -24.85 -12.89
N ARG Z 226 21.71 -25.46 -14.01
CA ARG Z 226 22.40 -26.73 -14.08
C ARG Z 226 23.86 -26.60 -13.68
N GLY Z 227 24.54 -25.53 -14.15
CA GLY Z 227 25.93 -25.27 -13.84
C GLY Z 227 25.99 -24.44 -12.59
N ALA Z 228 26.19 -25.11 -11.44
CA ALA Z 228 26.17 -24.49 -10.14
C ALA Z 228 26.87 -25.43 -9.19
N VAL Z 229 27.11 -24.97 -7.92
CA VAL Z 229 27.91 -25.67 -6.93
C VAL Z 229 27.04 -26.66 -6.18
N SER Z 230 27.34 -26.97 -4.90
CA SER Z 230 26.72 -28.03 -4.13
C SER Z 230 25.55 -27.46 -3.35
N GLY Z 231 25.81 -26.51 -2.42
CA GLY Z 231 24.78 -25.88 -1.61
C GLY Z 231 23.97 -24.90 -2.41
N GLN Z 232 24.59 -24.33 -3.46
CA GLN Z 232 24.00 -23.41 -4.39
C GLN Z 232 22.90 -24.07 -5.19
N LYS Z 233 23.15 -25.30 -5.68
CA LYS Z 233 22.25 -26.01 -6.55
C LYS Z 233 21.29 -26.87 -5.77
N ALA Z 234 20.04 -26.39 -5.62
CA ALA Z 234 19.00 -27.11 -4.93
C ALA Z 234 17.70 -26.72 -5.58
N GLY Z 235 16.57 -27.29 -5.09
CA GLY Z 235 15.24 -26.96 -5.58
C GLY Z 235 14.93 -27.66 -6.86
N LEU Z 236 14.18 -26.96 -7.76
CA LEU Z 236 13.88 -27.44 -9.09
C LEU Z 236 15.07 -27.07 -9.95
N ILE Z 237 15.78 -28.10 -10.49
CA ILE Z 237 17.01 -27.89 -11.21
C ILE Z 237 16.66 -27.58 -12.65
N ALA Z 238 16.72 -26.27 -13.00
CA ALA Z 238 16.38 -25.69 -14.29
C ALA Z 238 14.93 -25.92 -14.64
N ALA Z 239 14.03 -25.05 -14.12
CA ALA Z 239 12.61 -25.12 -14.36
C ALA Z 239 12.30 -24.58 -15.73
N ARG Z 240 12.27 -25.49 -16.73
CA ARG Z 240 12.17 -25.20 -18.14
C ARG Z 240 10.80 -24.65 -18.48
N ARG Z 241 9.75 -25.37 -18.04
CA ARG Z 241 8.42 -24.84 -18.03
C ARG Z 241 8.00 -24.91 -16.60
N THR Z 242 7.35 -23.83 -16.12
CA THR Z 242 6.66 -23.80 -14.86
C THR Z 242 5.20 -24.03 -15.18
N GLY Z 243 4.61 -25.09 -14.59
CA GLY Z 243 3.22 -25.47 -14.80
C GLY Z 243 3.00 -26.37 -16.02
N LYS AA 1 4.63 0.01 57.79
CA LYS AA 1 4.31 -0.29 59.23
C LYS AA 1 2.82 -0.41 59.50
N TYR AA 2 2.11 -1.39 58.88
CA TYR AA 2 0.65 -1.45 58.94
C TYR AA 2 0.15 -2.15 60.20
N GLU AA 3 -1.18 -2.37 60.27
CA GLU AA 3 -1.85 -3.06 61.36
C GLU AA 3 -2.92 -3.89 60.71
N ALA AA 4 -3.17 -5.10 61.27
CA ALA AA 4 -4.27 -5.94 60.90
C ALA AA 4 -5.05 -6.13 62.18
N PRO AA 5 -6.35 -6.41 62.17
CA PRO AA 5 -7.21 -6.18 63.33
C PRO AA 5 -6.90 -7.14 64.46
N ARG AA 6 -7.42 -6.82 65.66
CA ARG AA 6 -6.97 -7.41 66.91
C ARG AA 6 -7.59 -8.77 67.12
N HIS AA 7 -6.92 -9.82 66.59
CA HIS AA 7 -7.34 -11.20 66.73
C HIS AA 7 -6.69 -11.74 67.97
N GLY AA 8 -7.45 -11.79 69.09
CA GLY AA 8 -6.97 -12.28 70.36
C GLY AA 8 -6.65 -11.12 71.27
N HIS AA 9 -6.58 -11.40 72.58
CA HIS AA 9 -6.36 -10.41 73.61
C HIS AA 9 -4.87 -10.16 73.76
N LEU AA 10 -4.48 -8.87 73.67
CA LEU AA 10 -3.09 -8.44 73.70
C LEU AA 10 -2.54 -8.52 75.10
N GLY AA 11 -3.21 -7.84 76.06
CA GLY AA 11 -2.72 -7.67 77.42
C GLY AA 11 -2.96 -8.83 78.34
N PHE AA 12 -2.34 -9.98 78.00
CA PHE AA 12 -2.10 -11.05 78.93
C PHE AA 12 -0.60 -11.26 78.92
N LEU AA 13 0.15 -10.19 78.61
CA LEU AA 13 1.59 -10.20 78.51
C LEU AA 13 2.21 -9.91 79.88
N PRO AA 14 3.32 -10.55 80.27
CA PRO AA 14 3.84 -11.79 79.73
C PRO AA 14 2.88 -12.91 80.06
N ARG AA 15 2.86 -14.02 79.29
CA ARG AA 15 1.89 -15.08 79.48
C ARG AA 15 2.42 -16.08 80.50
N LYS AA 16 2.62 -15.60 81.75
CA LYS AA 16 3.33 -16.31 82.80
C LYS AA 16 2.50 -17.40 83.44
N ARG AA 17 3.15 -18.56 83.74
CA ARG AA 17 2.56 -19.71 84.39
C ARG AA 17 2.18 -19.36 85.80
N ALA AA 18 0.98 -19.79 86.24
CA ALA AA 18 0.54 -19.63 87.60
C ALA AA 18 0.96 -20.85 88.35
N ALA AA 19 2.21 -20.80 88.88
CA ALA AA 19 2.90 -21.88 89.56
C ALA AA 19 2.06 -22.43 90.69
N SER AA 20 1.70 -21.57 91.67
CA SER AA 20 0.80 -21.92 92.75
C SER AA 20 -0.58 -22.27 92.25
N ILE AA 21 -1.12 -23.40 92.76
CA ILE AA 21 -2.35 -24.03 92.30
C ILE AA 21 -3.59 -23.18 92.58
N ARG AA 22 -3.54 -22.33 93.64
CA ARG AA 22 -4.61 -21.41 93.95
C ARG AA 22 -4.30 -20.07 93.33
N ALA AA 23 -5.37 -19.37 92.88
CA ALA AA 23 -5.24 -18.08 92.23
C ALA AA 23 -5.08 -16.97 93.22
N ARG AA 24 -4.30 -15.95 92.81
CA ARG AA 24 -3.98 -14.78 93.60
C ARG AA 24 -4.57 -13.61 92.86
N VAL AA 25 -4.74 -12.46 93.54
CA VAL AA 25 -5.27 -11.27 92.92
C VAL AA 25 -4.89 -10.11 93.80
N LYS AA 26 -3.86 -9.34 93.35
CA LYS AA 26 -3.29 -8.21 94.05
C LYS AA 26 -4.31 -7.12 94.29
N ALA AA 27 -5.08 -6.74 93.25
CA ALA AA 27 -6.14 -5.77 93.38
C ALA AA 27 -7.38 -6.51 93.85
N PHE AA 28 -7.58 -6.60 95.19
CA PHE AA 28 -8.69 -7.31 95.77
C PHE AA 28 -9.96 -6.49 95.56
N PRO AA 29 -11.15 -7.09 95.62
CA PRO AA 29 -12.40 -6.35 95.59
C PRO AA 29 -12.56 -5.58 96.89
N LYS AA 30 -12.67 -4.24 96.81
CA LYS AA 30 -12.69 -3.35 97.95
C LYS AA 30 -13.97 -3.52 98.76
N ASP AA 31 -14.02 -2.87 99.96
CA ASP AA 31 -14.97 -3.10 101.04
C ASP AA 31 -16.43 -3.17 100.66
N ASP AA 32 -17.18 -4.03 101.41
CA ASP AA 32 -18.61 -3.95 101.52
C ASP AA 32 -18.88 -2.92 102.59
N ARG AA 33 -19.10 -1.66 102.17
CA ARG AA 33 -19.39 -0.55 103.05
C ARG AA 33 -20.88 -0.54 103.34
N SER AA 34 -21.33 -1.61 104.02
CA SER AA 34 -22.72 -1.91 104.27
C SER AA 34 -22.73 -3.01 105.30
N LYS AA 35 -22.06 -4.14 104.98
CA LYS AA 35 -21.97 -5.31 105.83
C LYS AA 35 -20.86 -5.07 106.85
N PRO AA 36 -21.05 -5.20 108.19
CA PRO AA 36 -20.05 -4.72 109.15
C PRO AA 36 -18.79 -5.55 109.20
N VAL AA 37 -18.82 -6.82 108.75
CA VAL AA 37 -17.66 -7.65 108.69
C VAL AA 37 -17.91 -8.62 107.58
N ALA AA 38 -16.86 -8.90 106.79
CA ALA AA 38 -16.90 -9.80 105.68
C ALA AA 38 -15.48 -10.25 105.47
N LEU AA 39 -15.26 -11.05 104.42
CA LEU AA 39 -13.95 -11.32 103.86
C LEU AA 39 -14.05 -10.80 102.46
N THR AA 40 -12.91 -10.78 101.74
CA THR AA 40 -12.83 -10.24 100.41
C THR AA 40 -13.13 -11.33 99.39
N SER AA 41 -12.59 -12.54 99.62
CA SER AA 41 -12.67 -13.66 98.71
C SER AA 41 -13.14 -14.82 99.56
N PHE AA 42 -12.87 -16.06 99.10
CA PHE AA 42 -13.06 -17.23 99.93
C PHE AA 42 -12.23 -18.34 99.34
N LEU AA 43 -12.87 -19.48 98.99
CA LEU AA 43 -12.20 -20.70 98.66
C LEU AA 43 -13.24 -21.54 97.96
N GLY AA 44 -12.82 -22.39 97.00
CA GLY AA 44 -13.71 -23.32 96.37
C GLY AA 44 -12.90 -24.44 95.78
N TYR AA 45 -13.58 -25.45 95.20
CA TYR AA 45 -12.96 -26.50 94.41
C TYR AA 45 -13.87 -26.62 93.21
N LYS AA 46 -13.30 -26.74 91.98
CA LYS AA 46 -14.09 -26.90 90.78
C LYS AA 46 -14.48 -28.35 90.67
N ALA AA 47 -15.80 -28.59 90.48
CA ALA AA 47 -16.39 -29.91 90.56
C ALA AA 47 -17.09 -30.22 89.26
N GLY AA 48 -18.30 -29.65 89.05
CA GLY AA 48 -19.05 -29.92 87.85
C GLY AA 48 -20.26 -29.04 87.82
N MET AA 49 -21.09 -29.19 86.76
CA MET AA 49 -22.23 -28.34 86.53
C MET AA 49 -23.51 -29.13 86.46
N THR AA 50 -24.65 -28.40 86.47
CA THR AA 50 -25.97 -28.93 86.29
C THR AA 50 -26.71 -27.97 85.38
N THR AA 51 -27.87 -28.38 84.82
CA THR AA 51 -28.76 -27.47 84.12
C THR AA 51 -29.82 -27.05 85.08
N ILE AA 52 -29.78 -25.78 85.54
CA ILE AA 52 -30.79 -25.24 86.42
C ILE AA 52 -31.93 -24.76 85.56
N VAL AA 53 -33.07 -25.49 85.64
CA VAL AA 53 -34.29 -25.11 84.98
C VAL AA 53 -35.02 -24.21 85.96
N ARG AA 54 -34.98 -22.88 85.71
CA ARG AA 54 -35.61 -21.92 86.58
C ARG AA 54 -36.32 -20.90 85.74
N ASP AA 55 -36.45 -19.65 86.26
CA ASP AA 55 -37.12 -18.57 85.61
C ASP AA 55 -36.23 -17.34 85.70
N LEU AA 56 -36.45 -16.36 84.79
CA LEU AA 56 -35.56 -15.23 84.57
C LEU AA 56 -35.49 -14.29 85.74
N ASP AA 57 -34.34 -13.58 85.86
CA ASP AA 57 -34.12 -12.52 86.81
C ASP AA 57 -34.70 -11.24 86.28
N ARG AA 58 -34.47 -10.93 84.98
CA ARG AA 58 -34.96 -9.73 84.33
C ARG AA 58 -36.47 -9.80 84.16
N PRO AA 59 -37.28 -8.98 84.85
CA PRO AA 59 -38.69 -9.30 85.07
C PRO AA 59 -39.59 -8.80 83.96
N GLY AA 60 -39.09 -7.97 83.02
CA GLY AA 60 -39.91 -7.29 82.04
C GLY AA 60 -39.79 -7.91 80.69
N SER AA 61 -39.15 -9.09 80.61
CA SER AA 61 -38.84 -9.79 79.38
C SER AA 61 -40.07 -10.15 78.58
N LYS AA 62 -39.90 -10.31 77.25
CA LYS AA 62 -40.91 -10.70 76.30
C LYS AA 62 -41.42 -12.09 76.66
N PHE AA 63 -40.49 -13.02 76.99
CA PHE AA 63 -40.83 -14.32 77.51
C PHE AA 63 -40.46 -14.33 78.98
N HIS AA 64 -41.08 -13.43 79.79
CA HIS AA 64 -40.78 -13.34 81.21
C HIS AA 64 -41.34 -14.52 81.97
N LYS AA 65 -40.52 -15.00 82.95
CA LYS AA 65 -40.83 -16.09 83.85
C LYS AA 65 -41.27 -17.36 83.15
N ARG AA 66 -40.54 -17.72 82.06
CA ARG AA 66 -40.73 -18.93 81.30
C ARG AA 66 -39.76 -19.95 81.92
N GLU AA 67 -39.58 -21.12 81.29
CA GLU AA 67 -38.59 -22.09 81.69
C GLU AA 67 -37.31 -21.64 81.03
N VAL AA 68 -36.19 -21.68 81.78
CA VAL AA 68 -34.93 -21.11 81.36
C VAL AA 68 -33.89 -22.13 81.72
N VAL AA 69 -33.08 -22.58 80.74
CA VAL AA 69 -31.97 -23.48 80.94
C VAL AA 69 -30.73 -22.65 81.15
N GLU AA 70 -29.89 -23.03 82.14
CA GLU AA 70 -28.82 -22.18 82.60
C GLU AA 70 -27.68 -23.03 83.10
N ALA AA 71 -26.43 -22.51 82.98
CA ALA AA 71 -25.23 -23.11 83.51
C ALA AA 71 -25.09 -22.79 84.97
N VAL AA 72 -24.35 -23.62 85.74
CA VAL AA 72 -24.07 -23.33 87.12
C VAL AA 72 -22.88 -24.16 87.53
N THR AA 73 -21.80 -23.55 88.07
CA THR AA 73 -20.73 -24.29 88.70
C THR AA 73 -21.08 -24.43 90.16
N VAL AA 74 -21.16 -25.69 90.63
CA VAL AA 74 -21.52 -26.03 91.98
C VAL AA 74 -20.24 -26.37 92.67
N VAL AA 75 -19.55 -25.33 93.20
CA VAL AA 75 -18.23 -25.47 93.77
C VAL AA 75 -18.35 -25.66 95.25
N ASP AA 76 -17.51 -26.58 95.81
CA ASP AA 76 -17.54 -26.94 97.20
C ASP AA 76 -16.73 -25.93 97.98
N THR AA 77 -17.31 -25.39 99.06
CA THR AA 77 -16.72 -24.35 99.85
C THR AA 77 -16.65 -24.83 101.30
N PRO AA 78 -15.63 -25.60 101.72
CA PRO AA 78 -15.39 -25.84 103.13
C PRO AA 78 -14.80 -24.58 103.76
N PRO AA 79 -15.05 -24.22 105.01
CA PRO AA 79 -14.61 -22.94 105.54
C PRO AA 79 -13.13 -23.01 105.90
N VAL AA 80 -12.42 -21.87 105.80
CA VAL AA 80 -10.99 -21.83 106.00
C VAL AA 80 -10.67 -21.59 107.46
N VAL AA 81 -9.48 -22.05 107.89
CA VAL AA 81 -9.03 -22.01 109.26
C VAL AA 81 -7.98 -20.94 109.34
N VAL AA 82 -7.99 -20.15 110.43
CA VAL AA 82 -7.09 -19.03 110.66
C VAL AA 82 -5.87 -19.54 111.39
N VAL AA 83 -4.66 -19.05 110.99
CA VAL AA 83 -3.46 -19.21 111.80
C VAL AA 83 -3.32 -17.99 112.67
N GLY AA 84 -3.48 -16.76 112.11
CA GLY AA 84 -3.41 -15.55 112.89
C GLY AA 84 -3.95 -14.42 112.09
N VAL AA 85 -4.63 -13.47 112.78
CA VAL AA 85 -5.16 -12.25 112.19
C VAL AA 85 -4.08 -11.19 112.29
N VAL AA 86 -3.40 -10.92 111.16
CA VAL AA 86 -2.27 -10.04 111.08
C VAL AA 86 -2.76 -8.62 111.03
N GLY AA 87 -2.24 -7.77 111.93
CA GLY AA 87 -2.72 -6.43 112.12
C GLY AA 87 -1.87 -5.46 111.37
N TYR AA 88 -2.02 -5.43 110.02
CA TYR AA 88 -1.34 -4.49 109.15
C TYR AA 88 -1.85 -3.10 109.42
N VAL AA 89 -0.88 -2.24 109.79
CA VAL AA 89 -1.08 -0.84 110.06
C VAL AA 89 -0.14 -0.15 109.11
N GLU AA 90 0.19 1.13 109.38
CA GLU AA 90 1.17 1.85 108.60
C GLU AA 90 2.29 2.19 109.54
N THR AA 91 3.45 2.54 108.94
CA THR AA 91 4.54 3.22 109.57
C THR AA 91 4.83 4.37 108.61
N PRO AA 92 5.73 5.30 108.88
CA PRO AA 92 6.08 6.33 107.90
C PRO AA 92 6.88 5.83 106.71
N ARG AA 93 7.23 4.51 106.63
CA ARG AA 93 7.79 3.90 105.45
C ARG AA 93 6.66 3.39 104.60
N GLY AA 94 5.82 2.47 105.12
CA GLY AA 94 4.77 1.93 104.31
C GLY AA 94 3.93 1.00 105.12
N LEU AA 95 3.53 -0.13 104.50
CA LEU AA 95 2.48 -1.02 104.93
C LEU AA 95 3.03 -2.08 105.86
N ARG AA 96 3.28 -1.69 107.14
CA ARG AA 96 4.05 -2.50 108.06
C ARG AA 96 3.26 -2.67 109.33
N SER AA 97 3.27 -3.90 109.93
CA SER AA 97 2.37 -4.27 111.01
C SER AA 97 2.93 -3.89 112.37
N LEU AA 98 2.70 -4.74 113.40
CA LEU AA 98 3.12 -4.49 114.75
C LEU AA 98 3.05 -5.81 115.50
N THR AA 99 1.89 -6.53 115.48
CA THR AA 99 1.79 -7.92 115.91
C THR AA 99 0.67 -8.59 115.13
N THR AA 100 0.62 -9.95 115.16
CA THR AA 100 -0.51 -10.76 114.73
C THR AA 100 -1.18 -11.28 115.99
N VAL AA 101 -2.40 -11.83 115.87
CA VAL AA 101 -3.08 -12.47 116.98
C VAL AA 101 -3.39 -13.88 116.54
N TRP AA 102 -2.64 -14.88 117.09
CA TRP AA 102 -2.75 -16.26 116.68
C TRP AA 102 -4.02 -16.93 117.14
N ALA AA 103 -4.35 -18.06 116.48
CA ALA AA 103 -5.32 -19.02 116.89
C ALA AA 103 -4.60 -20.06 117.71
N GLU AA 104 -5.31 -20.70 118.67
CA GLU AA 104 -4.69 -21.66 119.56
C GLU AA 104 -4.58 -23.00 118.87
N HIS AA 105 -5.71 -23.56 118.42
CA HIS AA 105 -5.76 -24.85 117.76
C HIS AA 105 -5.97 -24.61 116.29
N LEU AA 106 -5.08 -25.16 115.44
CA LEU AA 106 -5.22 -25.15 114.00
C LEU AA 106 -5.92 -26.42 113.59
N SER AA 107 -5.76 -26.83 112.32
CA SER AA 107 -6.37 -28.04 111.79
C SER AA 107 -5.38 -29.19 111.91
N ASP AA 108 -5.53 -30.23 111.05
CA ASP AA 108 -4.73 -31.45 111.12
C ASP AA 108 -3.73 -31.45 109.99
N GLU AA 109 -4.14 -30.89 108.82
CA GLU AA 109 -3.37 -30.83 107.60
C GLU AA 109 -2.33 -29.70 107.62
N VAL AA 110 -1.94 -29.25 108.83
CA VAL AA 110 -0.87 -28.31 109.06
C VAL AA 110 0.43 -29.04 109.26
N LYS AA 111 0.40 -30.40 109.31
CA LYS AA 111 1.53 -31.30 109.47
C LYS AA 111 2.62 -31.04 108.46
N ARG AA 112 2.28 -31.26 107.17
CA ARG AA 112 3.22 -31.47 106.11
C ARG AA 112 3.56 -30.17 105.41
N ARG AA 113 2.73 -29.11 105.58
CA ARG AA 113 2.76 -27.96 104.71
C ARG AA 113 3.74 -26.89 105.09
N PHE AA 114 3.74 -26.45 106.38
CA PHE AA 114 4.47 -25.28 106.81
C PHE AA 114 5.95 -25.56 106.86
N TYR AA 115 6.59 -25.26 105.71
CA TYR AA 115 7.92 -25.60 105.28
C TYR AA 115 7.90 -25.13 103.85
N LYS AA 116 9.05 -25.22 103.15
CA LYS AA 116 9.09 -25.33 101.73
C LYS AA 116 10.10 -26.44 101.51
N ASN AA 117 9.60 -27.70 101.58
CA ASN AA 117 10.40 -28.89 101.47
C ASN AA 117 10.15 -29.39 100.07
N TRP AA 118 10.85 -28.77 99.08
CA TRP AA 118 10.72 -29.11 97.69
C TRP AA 118 12.10 -28.90 97.12
N TYR AA 119 12.39 -29.58 95.99
CA TYR AA 119 13.72 -29.68 95.44
C TYR AA 119 13.92 -28.55 94.44
N LYS AA 120 15.15 -27.98 94.42
CA LYS AA 120 15.53 -26.73 93.79
C LYS AA 120 14.60 -25.59 94.17
N SER AA 121 14.59 -25.25 95.48
CA SER AA 121 13.85 -24.12 95.98
C SER AA 121 14.37 -23.87 97.37
N LYS AA 122 14.12 -22.64 97.90
CA LYS AA 122 14.55 -22.22 99.22
C LYS AA 122 13.63 -22.82 100.26
N LYS AA 123 14.04 -22.80 101.55
CA LYS AA 123 13.22 -23.31 102.64
C LYS AA 123 12.43 -22.16 103.22
N LYS AA 124 12.77 -21.75 104.46
CA LYS AA 124 11.96 -20.84 105.23
C LYS AA 124 12.72 -20.54 106.50
N ALA AA 125 13.53 -21.54 106.95
CA ALA AA 125 14.06 -21.73 108.27
C ALA AA 125 13.07 -22.58 109.02
N PHE AA 126 13.30 -22.87 110.32
CA PHE AA 126 12.41 -23.76 111.06
C PHE AA 126 11.22 -23.05 111.68
N THR AA 127 10.48 -22.29 110.85
CA THR AA 127 9.13 -21.85 111.13
C THR AA 127 8.24 -22.95 110.63
N LYS AA 128 7.91 -23.89 111.56
CA LYS AA 128 7.14 -25.07 111.26
C LYS AA 128 5.69 -24.77 111.55
N TYR AA 129 4.89 -25.76 112.00
CA TYR AA 129 3.53 -25.51 112.43
C TYR AA 129 3.54 -25.05 113.88
N SER AA 130 2.39 -24.55 114.37
CA SER AA 130 2.36 -23.69 115.54
C SER AA 130 2.60 -24.40 116.85
N ALA AA 131 3.29 -23.68 117.76
CA ALA AA 131 3.49 -24.06 119.13
C ALA AA 131 2.37 -23.42 119.93
N LYS AA 132 2.62 -22.25 120.55
CA LYS AA 132 1.61 -21.51 121.25
C LYS AA 132 2.15 -20.10 121.32
N TYR AA 133 1.91 -19.31 120.26
CA TYR AA 133 2.56 -18.03 120.06
C TYR AA 133 1.69 -16.90 120.57
N ALA AA 134 1.87 -15.67 120.00
CA ALA AA 134 1.33 -14.44 120.53
C ALA AA 134 -0.13 -14.28 120.21
N GLN AA 135 -0.99 -14.34 121.26
CA GLN AA 135 -2.41 -14.16 121.08
C GLN AA 135 -3.00 -13.55 122.32
N ASP AA 136 -2.40 -13.83 123.50
CA ASP AA 136 -2.91 -13.42 124.79
C ASP AA 136 -2.72 -11.93 124.99
N GLY AA 137 -1.48 -11.44 124.79
CA GLY AA 137 -1.15 -10.04 124.90
C GLY AA 137 -1.42 -9.32 123.61
N ALA AA 138 -1.43 -10.06 122.48
CA ALA AA 138 -1.57 -9.49 121.16
C ALA AA 138 -2.98 -9.07 120.85
N GLY AA 139 -3.99 -9.69 121.50
CA GLY AA 139 -5.39 -9.47 121.20
C GLY AA 139 -5.90 -8.12 121.63
N ILE AA 140 -5.29 -7.51 122.67
CA ILE AA 140 -5.72 -6.24 123.22
C ILE AA 140 -5.09 -5.09 122.47
N GLU AA 141 -3.84 -5.24 121.98
CA GLU AA 141 -3.10 -4.17 121.35
C GLU AA 141 -3.51 -3.92 119.91
N ARG AA 142 -4.40 -4.76 119.34
CA ARG AA 142 -4.99 -4.48 118.03
C ARG AA 142 -6.07 -3.43 118.15
N GLU AA 143 -6.49 -3.07 119.38
CA GLU AA 143 -7.37 -1.95 119.64
C GLU AA 143 -6.53 -0.69 119.55
N LEU AA 144 -5.31 -0.72 120.14
CA LEU AA 144 -4.36 0.37 120.13
C LEU AA 144 -3.77 0.60 118.75
N ALA AA 145 -3.93 -0.37 117.82
CA ALA AA 145 -3.45 -0.31 116.45
C ALA AA 145 -4.15 0.75 115.63
N ARG AA 146 -5.46 1.02 115.91
CA ARG AA 146 -6.21 2.05 115.20
C ARG AA 146 -6.00 3.40 115.85
N ILE AA 147 -5.47 3.43 117.09
CA ILE AA 147 -5.22 4.65 117.85
C ILE AA 147 -3.97 5.31 117.34
N LYS AA 148 -3.08 4.56 116.64
CA LYS AA 148 -1.89 5.05 115.98
C LYS AA 148 -2.16 6.17 115.00
N LYS AA 149 -3.32 6.11 114.29
CA LYS AA 149 -3.71 6.94 113.15
C LYS AA 149 -3.07 6.42 111.88
N TYR AA 150 -1.78 6.02 111.98
CA TYR AA 150 -1.08 5.21 111.01
C TYR AA 150 -1.65 3.82 111.10
N ALA AA 151 -2.65 3.51 110.24
CA ALA AA 151 -3.39 2.27 110.32
C ALA AA 151 -3.94 1.99 108.96
N SER AA 152 -3.96 0.69 108.57
CA SER AA 152 -4.31 0.26 107.24
C SER AA 152 -5.31 -0.87 107.38
N VAL AA 153 -5.42 -1.70 106.32
CA VAL AA 153 -6.37 -2.78 106.21
C VAL AA 153 -5.80 -4.00 106.89
N VAL AA 154 -6.53 -4.53 107.90
CA VAL AA 154 -6.15 -5.67 108.69
C VAL AA 154 -6.64 -6.91 107.97
N ARG AA 155 -5.79 -7.95 107.94
CA ARG AA 155 -5.94 -9.11 107.08
C ARG AA 155 -5.80 -10.33 107.95
N VAL AA 156 -5.83 -11.55 107.37
CA VAL AA 156 -5.79 -12.76 108.14
C VAL AA 156 -5.23 -13.87 107.29
N LEU AA 157 -4.13 -14.51 107.76
CA LEU AA 157 -3.47 -15.61 107.09
C LEU AA 157 -4.28 -16.86 107.39
N VAL AA 158 -4.71 -17.58 106.33
CA VAL AA 158 -5.57 -18.73 106.44
C VAL AA 158 -4.94 -19.92 105.75
N HIS AA 159 -5.54 -21.11 105.99
CA HIS AA 159 -5.17 -22.34 105.34
C HIS AA 159 -6.47 -23.11 105.19
N THR AA 160 -6.48 -24.13 104.31
CA THR AA 160 -7.67 -24.90 104.03
C THR AA 160 -7.82 -26.02 105.04
N GLN AA 161 -9.02 -26.66 105.02
CA GLN AA 161 -9.19 -28.00 105.50
C GLN AA 161 -9.62 -28.73 104.26
N ILE AA 162 -8.94 -29.86 103.95
CA ILE AA 162 -9.06 -30.51 102.66
C ILE AA 162 -10.08 -31.60 102.79
N ARG AA 163 -9.69 -32.81 103.29
CA ARG AA 163 -10.53 -33.99 103.18
C ARG AA 163 -11.80 -33.90 103.99
N LYS AA 164 -12.89 -33.75 103.22
CA LYS AA 164 -14.18 -33.22 103.55
C LYS AA 164 -14.74 -32.99 102.16
N THR AA 165 -13.93 -32.33 101.30
CA THR AA 165 -14.05 -32.47 99.85
C THR AA 165 -13.42 -33.81 99.52
N PRO AA 166 -13.71 -34.51 98.43
CA PRO AA 166 -13.30 -35.91 98.31
C PRO AA 166 -11.82 -36.11 98.06
N LEU AA 167 -11.04 -35.03 97.87
CA LEU AA 167 -9.60 -35.06 97.71
C LEU AA 167 -8.98 -35.39 99.06
N ALA AA 168 -8.05 -36.38 99.07
CA ALA AA 168 -7.69 -37.10 100.27
C ALA AA 168 -6.45 -36.58 100.96
N GLN AA 169 -5.70 -35.65 100.33
CA GLN AA 169 -4.44 -35.14 100.85
C GLN AA 169 -4.61 -34.31 102.10
N LYS AA 170 -3.53 -34.26 102.93
CA LYS AA 170 -3.55 -33.61 104.23
C LYS AA 170 -2.34 -32.73 104.34
N LYS AA 171 -2.10 -31.91 103.30
CA LYS AA 171 -1.10 -30.88 103.28
C LYS AA 171 -1.86 -29.72 102.73
N ALA AA 172 -2.03 -28.66 103.55
CA ALA AA 172 -3.03 -27.63 103.31
C ALA AA 172 -2.59 -26.63 102.25
N HIS AA 173 -3.57 -25.90 101.66
CA HIS AA 173 -3.29 -24.90 100.66
C HIS AA 173 -3.39 -23.55 101.34
N LEU AA 174 -2.32 -22.73 101.21
CA LEU AA 174 -2.18 -21.49 101.97
C LEU AA 174 -2.63 -20.33 101.13
N ALA AA 175 -3.00 -19.23 101.83
CA ALA AA 175 -3.15 -17.91 101.27
C ALA AA 175 -3.45 -16.99 102.42
N GLU AA 176 -3.18 -15.68 102.25
CA GLU AA 176 -3.73 -14.65 103.10
C GLU AA 176 -4.99 -14.16 102.42
N ILE AA 177 -5.94 -13.65 103.22
CA ILE AA 177 -7.20 -13.16 102.73
C ILE AA 177 -7.48 -11.92 103.54
N GLN AA 178 -7.96 -10.86 102.86
CA GLN AA 178 -8.22 -9.57 103.44
C GLN AA 178 -9.56 -9.59 104.14
N LEU AA 179 -9.66 -8.89 105.30
CA LEU AA 179 -10.90 -8.72 106.02
C LEU AA 179 -11.51 -7.43 105.55
N ASN AA 180 -12.82 -7.47 105.21
CA ASN AA 180 -13.56 -6.30 104.82
C ASN AA 180 -14.58 -6.05 105.89
N GLY AA 181 -15.29 -4.91 105.81
CA GLY AA 181 -16.26 -4.55 106.81
C GLY AA 181 -16.67 -3.13 106.60
N GLY AA 182 -17.15 -2.48 107.68
CA GLY AA 182 -17.66 -1.14 107.64
C GLY AA 182 -16.56 -0.12 107.55
N SER AA 183 -15.70 -0.08 108.59
CA SER AA 183 -14.54 0.78 108.61
C SER AA 183 -13.34 -0.06 109.00
N ILE AA 184 -12.19 0.61 109.21
CA ILE AA 184 -10.93 0.00 109.63
C ILE AA 184 -11.08 -0.56 111.04
N SER AA 185 -11.83 0.14 111.91
CA SER AA 185 -12.08 -0.29 113.27
C SER AA 185 -12.91 -1.55 113.31
N GLU AA 186 -13.95 -1.64 112.46
CA GLU AA 186 -14.90 -2.74 112.47
C GLU AA 186 -14.31 -4.02 111.94
N LYS AA 187 -13.41 -3.95 110.92
CA LYS AA 187 -12.75 -5.12 110.37
C LYS AA 187 -11.64 -5.64 111.28
N VAL AA 188 -11.37 -4.94 112.41
CA VAL AA 188 -10.49 -5.40 113.47
C VAL AA 188 -11.33 -6.01 114.56
N ASP AA 189 -12.35 -5.26 115.06
CA ASP AA 189 -13.15 -5.61 116.22
C ASP AA 189 -13.88 -6.92 116.05
N TRP AA 190 -14.62 -7.08 114.94
CA TRP AA 190 -15.43 -8.25 114.71
C TRP AA 190 -14.60 -9.41 114.23
N ALA AA 191 -13.37 -9.13 113.73
CA ALA AA 191 -12.41 -10.12 113.30
C ALA AA 191 -11.69 -10.77 114.46
N ARG AA 192 -11.87 -10.25 115.70
CA ARG AA 192 -11.37 -10.88 116.90
C ARG AA 192 -12.14 -12.14 117.20
N GLU AA 193 -13.43 -12.19 116.82
CA GLU AA 193 -14.27 -13.35 116.98
C GLU AA 193 -14.08 -14.32 115.82
N HIS AA 194 -13.33 -13.92 114.76
CA HIS AA 194 -13.07 -14.76 113.61
C HIS AA 194 -11.87 -15.66 113.83
N PHE AA 195 -10.82 -15.20 114.58
CA PHE AA 195 -9.57 -15.93 114.66
C PHE AA 195 -9.64 -17.17 115.55
N GLU AA 196 -10.76 -17.37 116.29
CA GLU AA 196 -11.04 -18.48 117.19
C GLU AA 196 -10.61 -19.82 116.64
N LYS AA 197 -11.14 -20.18 115.44
CA LYS AA 197 -10.52 -21.20 114.62
C LYS AA 197 -10.96 -20.93 113.21
N THR AA 198 -12.20 -21.32 112.87
CA THR AA 198 -12.70 -21.29 111.51
C THR AA 198 -13.62 -20.11 111.35
N VAL AA 199 -13.74 -19.60 110.11
CA VAL AA 199 -14.54 -18.45 109.76
C VAL AA 199 -15.86 -18.93 109.20
N ALA AA 200 -16.70 -17.99 108.72
CA ALA AA 200 -17.96 -18.30 108.08
C ALA AA 200 -17.80 -18.11 106.59
N VAL AA 201 -18.62 -18.83 105.80
CA VAL AA 201 -18.69 -18.73 104.36
C VAL AA 201 -19.58 -17.56 104.02
N ASP AA 202 -20.67 -17.41 104.82
CA ASP AA 202 -21.78 -16.53 104.55
C ASP AA 202 -21.49 -15.08 104.93
N SER AA 203 -20.27 -14.78 105.44
CA SER AA 203 -19.87 -13.44 105.81
C SER AA 203 -19.49 -12.65 104.58
N VAL AA 204 -18.72 -13.27 103.67
CA VAL AA 204 -18.33 -12.69 102.40
C VAL AA 204 -19.48 -12.78 101.43
N PHE AA 205 -20.00 -14.00 101.16
CA PHE AA 205 -21.02 -14.20 100.16
C PHE AA 205 -22.38 -14.16 100.79
N GLU AA 206 -23.12 -13.07 100.48
CA GLU AA 206 -24.54 -12.95 100.70
C GLU AA 206 -25.16 -13.51 99.44
N GLN AA 207 -26.34 -14.16 99.55
CA GLN AA 207 -26.94 -14.81 98.41
C GLN AA 207 -27.53 -13.77 97.50
N ASN AA 208 -27.18 -13.86 96.19
CA ASN AA 208 -27.66 -13.00 95.13
C ASN AA 208 -27.01 -11.64 95.15
N GLU AA 209 -25.66 -11.62 95.27
CA GLU AA 209 -24.82 -10.52 94.86
C GLU AA 209 -24.34 -10.91 93.47
N MET AA 210 -23.06 -10.63 93.15
CA MET AA 210 -22.35 -11.24 92.05
C MET AA 210 -21.03 -11.66 92.63
N ILE AA 211 -20.32 -12.55 91.91
CA ILE AA 211 -19.11 -13.18 92.35
C ILE AA 211 -18.26 -13.24 91.12
N ASP AA 212 -17.05 -12.64 91.19
CA ASP AA 212 -16.14 -12.60 90.06
C ASP AA 212 -15.35 -13.87 90.08
N ALA AA 213 -15.27 -14.54 88.91
CA ALA AA 213 -14.80 -15.90 88.83
C ALA AA 213 -13.37 -15.93 88.38
N ILE AA 214 -12.45 -15.65 89.32
CA ILE AA 214 -11.02 -15.80 89.11
C ILE AA 214 -10.65 -17.19 89.56
N ALA AA 215 -9.75 -17.86 88.81
CA ALA AA 215 -9.10 -19.05 89.27
C ALA AA 215 -7.93 -19.26 88.35
N VAL AA 216 -7.30 -20.46 88.43
CA VAL AA 216 -6.16 -20.81 87.62
C VAL AA 216 -6.68 -21.66 86.49
N THR AA 217 -6.40 -21.25 85.23
CA THR AA 217 -6.90 -21.88 84.02
C THR AA 217 -5.96 -23.02 83.67
N LYS AA 218 -6.27 -23.80 82.61
CA LYS AA 218 -5.45 -24.90 82.14
C LYS AA 218 -4.39 -24.33 81.23
N GLY AA 219 -3.21 -25.01 81.17
CA GLY AA 219 -2.15 -24.69 80.24
C GLY AA 219 -2.34 -25.59 79.08
N HIS AA 220 -2.68 -25.00 77.92
CA HIS AA 220 -3.22 -25.72 76.78
C HIS AA 220 -2.12 -26.45 76.07
N GLY AA 221 -1.08 -25.71 75.66
CA GLY AA 221 0.08 -26.26 75.00
C GLY AA 221 1.06 -25.14 75.00
N PHE AA 222 2.04 -25.21 74.06
CA PHE AA 222 2.95 -24.12 73.79
C PHE AA 222 2.39 -23.36 72.59
N GLU AA 223 1.03 -23.30 72.52
CA GLU AA 223 0.16 -22.86 71.45
C GLU AA 223 0.72 -21.83 70.48
N GLY AA 224 0.62 -22.16 69.18
CA GLY AA 224 1.11 -21.33 68.11
C GLY AA 224 0.17 -20.21 67.83
N VAL AA 225 0.45 -19.46 66.75
CA VAL AA 225 -0.19 -18.22 66.42
C VAL AA 225 -1.67 -18.38 66.07
N THR AA 226 -2.06 -19.55 65.52
CA THR AA 226 -3.44 -19.85 65.14
C THR AA 226 -4.38 -19.84 66.32
N HIS AA 227 -4.04 -20.58 67.40
CA HIS AA 227 -4.91 -20.72 68.56
C HIS AA 227 -4.65 -19.62 69.57
N ARG AA 228 -3.38 -19.17 69.73
CA ARG AA 228 -2.99 -18.28 70.80
C ARG AA 228 -3.47 -16.87 70.57
N TRP AA 229 -3.36 -16.40 69.31
CA TRP AA 229 -3.86 -15.12 68.89
C TRP AA 229 -5.16 -15.39 68.20
N GLY AA 230 -5.16 -15.54 66.87
CA GLY AA 230 -6.36 -15.92 66.17
C GLY AA 230 -6.18 -15.76 64.70
N THR AA 231 -5.04 -16.24 64.14
CA THR AA 231 -4.80 -16.18 62.71
C THR AA 231 -5.45 -17.39 62.06
N LYS AA 232 -5.58 -17.35 60.72
CA LYS AA 232 -6.35 -18.29 59.94
C LYS AA 232 -5.41 -19.38 59.46
N LYS AA 233 -5.73 -20.00 58.30
CA LYS AA 233 -4.75 -20.67 57.48
C LYS AA 233 -4.79 -19.90 56.20
N LEU AA 234 -3.83 -20.17 55.29
CA LEU AA 234 -3.88 -19.65 53.94
C LEU AA 234 -4.58 -20.71 53.12
N PRO AA 235 -5.43 -20.41 52.13
CA PRO AA 235 -6.29 -21.41 51.50
C PRO AA 235 -5.53 -22.25 50.51
N ARG AA 236 -4.26 -21.89 50.22
CA ARG AA 236 -3.35 -22.63 49.37
C ARG AA 236 -2.76 -23.77 50.16
N LYS AA 237 -2.44 -23.52 51.45
CA LYS AA 237 -2.06 -24.48 52.48
C LYS AA 237 -0.96 -25.46 52.07
N THR AA 238 0.06 -24.97 51.35
CA THR AA 238 1.18 -25.75 50.87
C THR AA 238 2.44 -25.09 51.42
N HIS AA 239 3.60 -25.73 51.16
CA HIS AA 239 4.93 -25.25 51.48
C HIS AA 239 5.17 -25.15 52.97
N ARG AA 240 5.59 -23.97 53.46
CA ARG AA 240 6.04 -23.78 54.83
C ARG AA 240 4.92 -23.18 55.64
N GLY AA 241 4.15 -22.25 55.03
CA GLY AA 241 3.23 -21.35 55.70
C GLY AA 241 1.83 -21.85 55.75
N LEU AA 242 1.55 -22.84 56.64
CA LEU AA 242 0.23 -23.38 56.83
C LEU AA 242 -0.36 -22.75 58.06
N ARG AA 243 0.18 -23.08 59.26
CA ARG AA 243 -0.28 -22.55 60.53
C ARG AA 243 0.69 -21.51 61.03
N LYS AA 244 1.45 -20.88 60.11
CA LYS AA 244 2.35 -19.80 60.41
C LYS AA 244 1.57 -18.50 60.35
N VAL AA 245 2.28 -17.35 60.35
CA VAL AA 245 1.68 -16.05 60.23
C VAL AA 245 2.66 -15.25 59.41
N ALA AA 246 2.31 -13.99 59.06
CA ALA AA 246 3.20 -13.06 58.40
C ALA AA 246 3.84 -12.20 59.47
N CYS AA 247 3.53 -10.89 59.47
CA CYS AA 247 4.38 -9.88 60.08
C CYS AA 247 4.45 -9.93 61.59
N ILE AA 248 5.69 -9.73 62.08
CA ILE AA 248 6.08 -9.70 63.46
C ILE AA 248 6.62 -8.30 63.71
N GLY AA 249 7.48 -7.78 62.80
CA GLY AA 249 8.12 -6.48 62.99
C GLY AA 249 7.53 -5.44 62.09
N ALA AA 250 8.41 -4.73 61.35
CA ALA AA 250 8.08 -3.71 60.37
C ALA AA 250 9.42 -3.21 59.90
N TRP AA 251 9.51 -2.65 58.67
CA TRP AA 251 10.76 -2.17 58.10
C TRP AA 251 11.22 -0.93 58.82
N HIS AA 252 10.47 0.19 58.67
CA HIS AA 252 10.71 1.39 59.43
C HIS AA 252 9.70 1.45 60.56
N PRO AA 253 10.09 1.60 61.82
CA PRO AA 253 11.38 1.24 62.38
C PRO AA 253 11.46 -0.27 62.53
N ALA AA 254 12.69 -0.80 62.72
CA ALA AA 254 12.93 -2.21 62.89
C ALA AA 254 12.47 -2.66 64.26
N HIS AA 255 12.64 -1.77 65.26
CA HIS AA 255 12.27 -2.01 66.63
C HIS AA 255 10.80 -1.69 66.84
N VAL AA 256 10.00 -2.75 67.13
CA VAL AA 256 8.58 -2.64 67.39
C VAL AA 256 8.37 -2.77 68.89
N MET AA 257 7.19 -3.27 69.33
CA MET AA 257 6.87 -3.37 70.75
C MET AA 257 6.23 -4.72 70.98
N TRP AA 258 5.46 -4.87 72.09
CA TRP AA 258 5.00 -6.16 72.58
C TRP AA 258 3.56 -6.40 72.15
N SER AA 259 3.33 -6.49 70.83
CA SER AA 259 2.04 -6.76 70.24
C SER AA 259 2.12 -8.01 69.39
N VAL AA 260 3.35 -8.50 69.15
CA VAL AA 260 3.67 -9.33 68.01
C VAL AA 260 3.13 -10.75 68.12
N ALA AA 261 2.78 -11.34 66.94
CA ALA AA 261 1.95 -12.51 66.84
C ALA AA 261 2.76 -13.80 66.85
N ARG AA 262 3.34 -14.17 68.01
CA ARG AA 262 4.25 -15.28 68.15
C ARG AA 262 3.60 -16.40 68.96
N ALA AA 263 4.32 -17.54 69.10
CA ALA AA 263 3.87 -18.72 69.80
C ALA AA 263 4.29 -18.69 71.25
N GLY AA 264 3.59 -19.46 72.12
CA GLY AA 264 3.95 -19.58 73.52
C GLY AA 264 2.76 -19.98 74.34
N GLN AA 265 2.85 -19.77 75.67
CA GLN AA 265 1.89 -20.24 76.65
C GLN AA 265 0.53 -19.58 76.53
N ARG AA 266 -0.55 -20.40 76.60
CA ARG AA 266 -1.93 -19.98 76.48
C ARG AA 266 -2.64 -20.38 77.74
N GLY AA 267 -3.44 -19.45 78.31
CA GLY AA 267 -4.24 -19.71 79.49
C GLY AA 267 -3.38 -19.51 80.70
N TYR AA 268 -3.42 -20.51 81.61
CA TYR AA 268 -2.63 -20.71 82.82
C TYR AA 268 -2.05 -19.50 83.54
N HIS AA 269 -2.86 -18.46 83.84
CA HIS AA 269 -2.47 -17.44 84.81
C HIS AA 269 -3.51 -17.54 85.90
N SER AA 270 -3.57 -16.51 86.76
CA SER AA 270 -4.68 -16.28 87.66
C SER AA 270 -5.59 -15.31 86.95
N ARG AA 271 -6.26 -15.77 85.86
CA ARG AA 271 -7.02 -14.90 84.98
C ARG AA 271 -8.42 -14.70 85.54
N THR AA 272 -8.90 -13.44 85.47
CA THR AA 272 -10.11 -12.98 86.10
C THR AA 272 -11.23 -12.95 85.09
N SER AA 273 -12.36 -13.62 85.40
CA SER AA 273 -13.58 -13.51 84.64
C SER AA 273 -14.55 -12.70 85.45
N ILE AA 274 -15.50 -12.01 84.77
CA ILE AA 274 -16.26 -10.91 85.30
C ILE AA 274 -17.63 -11.42 85.75
N ASN AA 275 -18.20 -10.75 86.79
CA ASN AA 275 -19.50 -10.87 87.42
C ASN AA 275 -20.41 -12.02 87.05
N HIS AA 276 -20.00 -13.26 87.38
CA HIS AA 276 -20.86 -14.41 87.25
C HIS AA 276 -21.85 -14.39 88.39
N LYS AA 277 -23.16 -14.34 88.08
CA LYS AA 277 -24.16 -13.98 89.04
C LYS AA 277 -24.53 -15.18 89.90
N ILE AA 278 -24.39 -15.05 91.24
CA ILE AA 278 -24.63 -16.13 92.18
C ILE AA 278 -26.10 -16.49 92.20
N TYR AA 279 -26.37 -17.81 91.98
CA TYR AA 279 -27.67 -18.42 91.92
C TYR AA 279 -28.18 -18.64 93.32
N ARG AA 280 -27.52 -19.54 94.08
CA ARG AA 280 -28.06 -20.04 95.32
C ARG AA 280 -26.90 -20.48 96.17
N VAL AA 281 -27.13 -20.73 97.47
CA VAL AA 281 -26.20 -21.40 98.34
C VAL AA 281 -26.99 -22.54 98.95
N GLY AA 282 -26.40 -23.76 99.00
CA GLY AA 282 -27.08 -24.95 99.46
C GLY AA 282 -26.10 -25.68 100.31
N LYS AA 283 -26.51 -26.08 101.53
CA LYS AA 283 -25.61 -26.61 102.53
C LYS AA 283 -26.00 -28.02 102.86
N GLY AA 284 -25.43 -28.99 102.13
CA GLY AA 284 -25.66 -30.40 102.36
C GLY AA 284 -25.83 -31.04 101.02
N ASP AA 285 -27.11 -31.28 100.65
CA ASP AA 285 -27.49 -31.94 99.43
C ASP AA 285 -28.83 -31.35 99.05
N ASP AA 286 -28.97 -30.88 97.79
CA ASP AA 286 -30.19 -30.28 97.29
C ASP AA 286 -30.36 -30.71 95.86
N GLU AA 287 -29.64 -30.05 94.92
CA GLU AA 287 -29.76 -30.30 93.49
C GLU AA 287 -29.01 -31.56 93.11
N ALA AA 288 -29.44 -32.18 91.98
CA ALA AA 288 -28.85 -33.37 91.42
C ALA AA 288 -28.72 -33.14 89.95
N ASN AA 289 -28.18 -34.12 89.20
CA ASN AA 289 -28.07 -34.07 87.78
C ASN AA 289 -27.87 -35.49 87.32
N GLY AA 290 -27.41 -35.67 86.07
CA GLY AA 290 -27.22 -36.97 85.46
C GLY AA 290 -28.36 -37.14 84.52
N ALA AA 291 -28.13 -36.87 83.22
CA ALA AA 291 -29.12 -37.10 82.22
C ALA AA 291 -28.41 -37.75 81.08
N THR AA 292 -29.08 -38.77 80.49
CA THR AA 292 -28.52 -39.65 79.49
C THR AA 292 -28.75 -39.03 78.13
N SER AA 293 -27.88 -38.06 77.78
CA SER AA 293 -27.89 -37.41 76.50
C SER AA 293 -26.51 -36.86 76.33
N PHE AA 294 -26.17 -36.47 75.09
CA PHE AA 294 -24.98 -35.70 74.82
C PHE AA 294 -25.38 -34.26 75.01
N ASP AA 295 -24.56 -33.52 75.78
CA ASP AA 295 -24.75 -32.12 76.01
C ASP AA 295 -23.34 -31.59 76.01
N ARG AA 296 -22.69 -31.65 77.19
CA ARG AA 296 -21.26 -31.56 77.36
C ARG AA 296 -21.00 -32.64 78.39
N THR AA 297 -19.72 -33.06 78.60
CA THR AA 297 -19.44 -34.36 79.18
C THR AA 297 -18.48 -34.31 80.35
N LYS AA 298 -18.62 -35.32 81.26
CA LYS AA 298 -17.63 -35.78 82.23
C LYS AA 298 -17.55 -35.03 83.56
N LYS AA 299 -18.65 -34.42 84.05
CA LYS AA 299 -18.67 -33.79 85.36
C LYS AA 299 -20.10 -33.89 85.83
N THR AA 300 -20.45 -34.92 86.63
CA THR AA 300 -21.85 -35.25 86.90
C THR AA 300 -22.12 -35.19 88.37
N ILE AA 301 -23.10 -34.37 88.80
CA ILE AA 301 -23.44 -34.18 90.19
C ILE AA 301 -24.53 -35.16 90.57
N THR AA 302 -24.26 -35.99 91.61
CA THR AA 302 -25.06 -37.09 92.14
C THR AA 302 -26.02 -37.79 91.16
N PRO AA 303 -25.51 -38.48 90.13
CA PRO AA 303 -26.31 -39.36 89.29
C PRO AA 303 -26.41 -40.71 89.95
N MET AA 304 -26.72 -41.76 89.16
CA MET AA 304 -26.37 -43.12 89.49
C MET AA 304 -24.91 -43.26 89.11
N GLY AA 305 -24.02 -43.31 90.13
CA GLY AA 305 -22.58 -43.23 89.98
C GLY AA 305 -22.14 -42.04 90.78
N GLY AA 306 -21.20 -41.23 90.23
CA GLY AA 306 -20.70 -40.05 90.89
C GLY AA 306 -20.19 -39.11 89.84
N PHE AA 307 -19.18 -38.29 90.22
CA PHE AA 307 -18.44 -37.45 89.30
C PHE AA 307 -17.29 -38.30 88.85
N VAL AA 308 -16.76 -38.09 87.62
CA VAL AA 308 -15.52 -38.71 87.22
C VAL AA 308 -14.41 -37.75 87.62
N HIS AA 309 -13.29 -38.31 88.15
CA HIS AA 309 -12.08 -37.61 88.54
C HIS AA 309 -12.32 -36.50 89.55
N TYR AA 310 -13.10 -36.77 90.61
CA TYR AA 310 -13.31 -35.79 91.65
C TYR AA 310 -13.73 -36.54 92.88
N GLY AA 311 -14.93 -37.15 92.85
CA GLY AA 311 -15.53 -37.83 93.98
C GLY AA 311 -16.89 -37.25 94.19
N GLU AA 312 -17.77 -37.97 94.93
CA GLU AA 312 -19.17 -37.60 95.06
C GLU AA 312 -19.35 -36.61 96.20
N ILE AA 313 -20.15 -35.54 95.95
CA ILE AA 313 -20.26 -34.37 96.80
C ILE AA 313 -21.18 -34.61 97.97
N LYS AA 314 -20.64 -34.45 99.20
CA LYS AA 314 -21.39 -34.58 100.43
C LYS AA 314 -20.82 -33.56 101.39
N ASN AA 315 -21.00 -32.25 101.09
CA ASN AA 315 -20.31 -31.19 101.80
C ASN AA 315 -21.23 -30.00 101.97
N ASP AA 316 -20.87 -28.85 101.36
CA ASP AA 316 -21.46 -27.55 101.58
C ASP AA 316 -20.95 -26.80 100.39
N PHE AA 317 -21.87 -26.32 99.52
CA PHE AA 317 -21.53 -25.79 98.23
C PHE AA 317 -22.12 -24.42 98.06
N ILE AA 318 -21.61 -23.68 97.06
CA ILE AA 318 -22.09 -22.39 96.67
C ILE AA 318 -22.24 -22.47 95.18
N MET AA 319 -23.37 -21.97 94.64
CA MET AA 319 -23.75 -22.18 93.27
C MET AA 319 -23.64 -20.85 92.55
N VAL AA 320 -22.72 -20.79 91.57
CA VAL AA 320 -22.43 -19.60 90.80
C VAL AA 320 -23.02 -19.85 89.45
N LYS AA 321 -23.97 -18.99 88.96
CA LYS AA 321 -24.49 -19.13 87.61
C LYS AA 321 -23.45 -18.60 86.69
N GLY AA 322 -22.87 -19.50 85.86
CA GLY AA 322 -21.69 -19.22 85.11
C GLY AA 322 -20.73 -20.29 85.49
N CYS AA 323 -19.46 -19.90 85.68
CA CYS AA 323 -18.35 -20.81 85.63
C CYS AA 323 -17.21 -20.27 86.46
N ILE AA 324 -16.01 -20.90 86.41
CA ILE AA 324 -14.83 -20.47 87.15
C ILE AA 324 -13.65 -21.28 86.65
N PRO AA 325 -12.42 -20.75 86.40
CA PRO AA 325 -11.36 -21.50 85.72
C PRO AA 325 -10.84 -22.74 86.40
N GLY AA 326 -10.14 -23.59 85.61
CA GLY AA 326 -9.59 -24.86 86.02
C GLY AA 326 -10.28 -25.92 85.24
N ASN AA 327 -10.12 -27.20 85.66
CA ASN AA 327 -10.90 -28.28 85.11
C ASN AA 327 -11.27 -29.12 86.32
N ARG AA 328 -11.19 -30.47 86.22
CA ARG AA 328 -11.48 -31.35 87.34
C ARG AA 328 -10.29 -31.35 88.30
N LYS AA 329 -10.55 -31.65 89.60
CA LYS AA 329 -9.59 -31.67 90.69
C LYS AA 329 -9.09 -30.31 91.15
N ARG AA 330 -8.88 -29.32 90.23
CA ARG AA 330 -8.30 -28.00 90.48
C ARG AA 330 -9.02 -27.23 91.57
N ILE AA 331 -8.22 -26.68 92.52
CA ILE AA 331 -8.71 -25.85 93.61
C ILE AA 331 -8.74 -24.42 93.15
N VAL AA 332 -9.88 -23.71 93.42
CA VAL AA 332 -10.14 -22.39 92.91
C VAL AA 332 -10.23 -21.42 94.08
N THR AA 333 -10.21 -20.09 93.78
CA THR AA 333 -10.32 -19.05 94.79
C THR AA 333 -11.38 -18.11 94.29
N LEU AA 334 -12.60 -18.15 94.89
CA LEU AA 334 -13.70 -17.30 94.48
C LEU AA 334 -13.51 -15.94 95.10
N ARG AA 335 -13.27 -14.88 94.29
CA ARG AA 335 -13.23 -13.53 94.80
C ARG AA 335 -14.63 -12.96 94.69
N LYS AA 336 -14.98 -11.97 95.54
CA LYS AA 336 -16.30 -11.37 95.52
C LYS AA 336 -16.26 -10.21 94.52
N SER AA 337 -17.41 -9.57 94.21
CA SER AA 337 -17.44 -8.47 93.28
C SER AA 337 -17.60 -7.16 94.01
N LEU AA 338 -16.69 -6.20 93.74
CA LEU AA 338 -16.73 -4.87 94.29
C LEU AA 338 -17.82 -4.04 93.64
N TYR AA 339 -17.85 -4.00 92.29
CA TYR AA 339 -18.92 -3.38 91.55
C TYR AA 339 -19.96 -4.44 91.27
N THR AA 340 -21.02 -4.47 92.12
CA THR AA 340 -22.17 -5.31 91.90
C THR AA 340 -23.14 -4.53 91.05
N ASN AA 341 -23.36 -5.02 89.81
CA ASN AA 341 -24.07 -4.34 88.74
C ASN AA 341 -25.54 -4.22 89.06
N THR AA 342 -26.24 -5.38 89.02
CA THR AA 342 -27.67 -5.44 89.19
C THR AA 342 -28.03 -5.39 90.66
N SER AA 343 -29.32 -5.10 90.96
CA SER AA 343 -29.82 -5.01 92.31
C SER AA 343 -29.85 -6.39 92.92
N ARG AA 344 -29.60 -6.48 94.24
CA ARG AA 344 -29.45 -7.75 94.93
C ARG AA 344 -30.80 -8.40 95.11
N LYS AA 345 -30.93 -9.65 94.60
CA LYS AA 345 -32.19 -10.34 94.43
C LYS AA 345 -32.37 -11.31 95.58
N ALA AA 346 -31.99 -10.87 96.81
CA ALA AA 346 -31.89 -11.71 97.98
C ALA AA 346 -33.21 -11.84 98.69
N LEU AA 347 -33.15 -12.16 100.01
CA LEU AA 347 -34.25 -12.36 100.93
C LEU AA 347 -34.82 -13.75 100.78
N GLU AA 348 -35.52 -14.02 99.67
CA GLU AA 348 -36.10 -15.31 99.37
C GLU AA 348 -35.11 -16.08 98.51
N GLU AA 349 -35.35 -17.39 98.34
CA GLU AA 349 -34.49 -18.25 97.54
C GLU AA 349 -34.92 -18.18 96.10
N VAL AA 350 -34.00 -18.58 95.19
CA VAL AA 350 -34.22 -18.57 93.76
C VAL AA 350 -34.76 -19.93 93.41
N SER AA 351 -35.61 -20.00 92.34
CA SER AA 351 -36.38 -21.17 91.99
C SER AA 351 -35.54 -22.32 91.51
N LEU AA 352 -35.86 -23.54 91.99
CA LEU AA 352 -35.44 -24.79 91.40
C LEU AA 352 -36.75 -25.46 91.09
N LYS AA 353 -36.95 -25.85 89.81
CA LYS AA 353 -38.21 -26.41 89.36
C LYS AA 353 -38.11 -27.91 89.41
N TRP AA 354 -37.39 -28.52 88.45
CA TRP AA 354 -37.11 -29.94 88.49
C TRP AA 354 -35.83 -30.11 87.73
N ILE AA 355 -35.13 -31.25 87.96
CA ILE AA 355 -33.85 -31.52 87.37
C ILE AA 355 -33.79 -33.02 87.24
N ASP AA 356 -32.97 -33.56 86.31
CA ASP AA 356 -32.97 -34.96 85.97
C ASP AA 356 -32.05 -35.72 86.91
N THR AA 357 -32.14 -37.06 86.89
CA THR AA 357 -31.25 -37.94 87.62
C THR AA 357 -31.44 -39.31 87.01
N ALA AA 358 -30.31 -39.89 86.52
CA ALA AA 358 -30.25 -41.14 85.82
C ALA AA 358 -28.78 -41.41 85.70
N SER AA 359 -28.34 -42.09 84.61
CA SER AA 359 -26.96 -42.16 84.21
C SER AA 359 -26.68 -40.93 83.38
N LYS AA 360 -25.38 -40.66 83.10
CA LYS AA 360 -24.97 -39.59 82.21
C LYS AA 360 -24.64 -40.18 80.87
N PHE AA 361 -24.20 -41.46 80.89
CA PHE AA 361 -23.63 -42.17 79.77
C PHE AA 361 -24.72 -42.68 78.85
N GLY AA 362 -24.67 -43.98 78.49
CA GLY AA 362 -25.55 -44.61 77.52
C GLY AA 362 -27.04 -44.52 77.87
N GLN BA 1 117.78 6.39 44.21
CA GLN BA 1 118.86 5.37 44.18
C GLN BA 1 118.62 4.40 45.29
N VAL BA 2 118.38 3.11 44.95
CA VAL BA 2 118.06 2.09 45.92
C VAL BA 2 119.28 1.20 46.00
N THR BA 3 119.62 0.75 47.22
CA THR BA 3 120.80 -0.03 47.51
C THR BA 3 120.44 -1.48 47.30
N VAL BA 4 121.34 -2.27 46.65
CA VAL BA 4 121.15 -3.70 46.52
C VAL BA 4 121.91 -4.36 47.64
N HIS BA 5 121.29 -5.37 48.27
CA HIS BA 5 121.80 -6.00 49.46
C HIS BA 5 122.19 -7.41 49.11
N SER BA 6 122.37 -8.27 50.14
CA SER BA 6 122.66 -9.68 49.97
C SER BA 6 121.79 -10.39 50.99
N LEU BA 7 121.76 -11.74 50.95
CA LEU BA 7 120.92 -12.56 51.82
C LEU BA 7 121.34 -12.48 53.27
N THR BA 8 122.64 -12.22 53.52
CA THR BA 8 123.23 -12.19 54.83
C THR BA 8 122.88 -10.92 55.59
N GLY BA 9 122.24 -9.95 54.89
CA GLY BA 9 121.85 -8.68 55.46
C GLY BA 9 122.98 -7.72 55.28
N GLU BA 10 123.49 -7.62 54.04
CA GLU BA 10 124.61 -6.78 53.70
C GLU BA 10 124.10 -5.40 53.40
N ALA BA 11 124.97 -4.37 53.55
CA ALA BA 11 124.62 -2.99 53.33
C ALA BA 11 124.74 -2.69 51.85
N THR BA 12 125.79 -1.94 51.44
CA THR BA 12 125.99 -1.56 50.06
C THR BA 12 126.89 -2.57 49.40
N ALA BA 13 126.29 -3.42 48.54
CA ALA BA 13 127.02 -4.24 47.60
C ALA BA 13 127.25 -3.38 46.39
N ASN BA 14 126.15 -3.10 45.64
CA ASN BA 14 126.11 -2.09 44.62
C ASN BA 14 124.92 -1.22 44.97
N ALA BA 15 124.54 -0.30 44.06
CA ALA BA 15 123.34 0.49 44.22
C ALA BA 15 122.94 0.93 42.84
N LEU BA 16 121.64 0.74 42.51
CA LEU BA 16 121.10 0.99 41.20
C LEU BA 16 120.40 2.33 41.21
N PRO BA 17 120.05 2.93 40.06
CA PRO BA 17 119.28 4.17 40.00
C PRO BA 17 117.86 4.00 40.49
N LEU BA 18 117.07 5.10 40.47
CA LEU BA 18 115.65 5.04 40.72
C LEU BA 18 115.02 5.26 39.36
N PRO BA 19 114.26 4.33 38.78
CA PRO BA 19 113.68 4.52 37.45
C PRO BA 19 112.48 5.43 37.49
N ALA BA 20 111.85 5.66 36.31
CA ALA BA 20 110.80 6.62 36.11
C ALA BA 20 109.45 6.15 36.61
N VAL BA 21 109.35 4.86 37.00
CA VAL BA 21 108.19 4.23 37.61
C VAL BA 21 107.80 4.94 38.88
N PHE BA 22 108.81 5.26 39.70
CA PHE BA 22 108.67 5.86 41.01
C PHE BA 22 108.62 7.37 40.93
N SER BA 23 108.76 7.94 39.70
CA SER BA 23 108.68 9.36 39.46
C SER BA 23 107.25 9.77 39.19
N ALA BA 24 106.36 8.79 38.90
CA ALA BA 24 104.95 9.02 38.68
C ALA BA 24 104.26 9.33 40.01
N PRO BA 25 103.17 10.08 40.05
CA PRO BA 25 102.43 10.34 41.28
C PRO BA 25 101.61 9.11 41.64
N ILE BA 26 101.02 9.12 42.85
CA ILE BA 26 100.21 8.02 43.34
C ILE BA 26 98.78 8.43 43.12
N ARG BA 27 98.14 7.78 42.13
CA ARG BA 27 96.73 7.88 41.87
C ARG BA 27 96.16 6.50 42.19
N PRO BA 28 95.44 6.26 43.28
CA PRO BA 28 94.80 4.98 43.53
C PRO BA 28 93.55 4.83 42.70
N ASP BA 29 93.09 5.92 42.05
CA ASP BA 29 91.90 6.00 41.25
C ASP BA 29 92.05 5.21 39.96
N ILE BA 30 93.23 5.27 39.31
CA ILE BA 30 93.55 4.49 38.11
C ILE BA 30 93.64 3.02 38.43
N VAL BA 31 94.10 2.68 39.66
CA VAL BA 31 94.22 1.33 40.13
C VAL BA 31 92.85 0.74 40.37
N HIS BA 32 91.89 1.56 40.87
CA HIS BA 32 90.52 1.19 41.14
C HIS BA 32 89.72 0.93 39.87
N THR BA 33 90.07 1.60 38.74
CA THR BA 33 89.41 1.42 37.45
C THR BA 33 89.53 -0.02 36.99
N VAL BA 34 90.78 -0.52 36.97
CA VAL BA 34 91.13 -1.87 36.56
C VAL BA 34 90.92 -2.86 37.70
N PHE BA 35 90.62 -2.39 38.93
CA PHE BA 35 90.32 -3.26 40.06
C PHE BA 35 88.91 -3.79 39.93
N THR BA 36 87.95 -2.90 39.52
CA THR BA 36 86.56 -3.24 39.30
C THR BA 36 86.44 -4.27 38.20
N SER BA 37 87.26 -4.08 37.13
CA SER BA 37 87.37 -5.00 36.01
C SER BA 37 87.79 -6.38 36.46
N VAL BA 38 88.93 -6.54 37.19
CA VAL BA 38 89.43 -7.86 37.55
C VAL BA 38 88.61 -8.57 38.62
N ASN BA 39 87.60 -7.89 39.22
CA ASN BA 39 86.66 -8.51 40.14
C ASN BA 39 85.59 -9.22 39.35
N LYS BA 40 84.97 -8.52 38.37
CA LYS BA 40 83.91 -9.08 37.56
C LYS BA 40 84.45 -10.09 36.56
N ASN BA 41 85.67 -9.87 36.03
CA ASN BA 41 86.25 -10.67 34.96
C ASN BA 41 86.78 -11.99 35.48
N LYS BA 42 87.09 -12.11 36.79
CA LYS BA 42 87.69 -13.32 37.32
C LYS BA 42 86.66 -14.39 37.62
N ARG BA 43 85.37 -14.01 37.74
CA ARG BA 43 84.30 -14.97 37.87
C ARG BA 43 83.84 -15.36 36.48
N GLN BA 44 83.30 -16.58 36.35
CA GLN BA 44 82.56 -17.01 35.20
C GLN BA 44 81.11 -16.88 35.58
N ALA BA 45 80.18 -17.12 34.64
CA ALA BA 45 78.78 -16.88 34.86
C ALA BA 45 78.12 -18.04 35.56
N TYR BA 46 76.78 -17.98 35.71
CA TYR BA 46 75.98 -19.08 36.18
C TYR BA 46 74.60 -18.84 35.66
N ALA BA 47 73.70 -19.84 35.75
CA ALA BA 47 72.37 -19.69 35.24
C ALA BA 47 71.45 -20.63 35.95
N VAL BA 48 70.15 -20.28 35.93
CA VAL BA 48 69.05 -21.21 36.00
C VAL BA 48 68.53 -21.17 34.58
N SER BA 49 68.09 -22.32 34.02
CA SER BA 49 67.85 -22.44 32.60
C SER BA 49 66.55 -21.80 32.16
N GLU BA 50 66.25 -21.93 30.86
CA GLU BA 50 65.14 -21.28 30.19
C GLU BA 50 63.87 -22.04 30.48
N LYS BA 51 63.86 -23.36 30.19
CA LYS BA 51 62.71 -24.22 30.41
C LYS BA 51 62.70 -24.80 31.81
N ALA BA 52 63.37 -24.15 32.79
CA ALA BA 52 63.27 -24.49 34.20
C ALA BA 52 62.03 -23.82 34.73
N GLY BA 53 61.14 -24.61 35.38
CA GLY BA 53 59.84 -24.15 35.84
C GLY BA 53 58.76 -24.75 34.99
N HIS BA 54 59.09 -25.10 33.73
CA HIS BA 54 58.17 -25.65 32.75
C HIS BA 54 58.07 -27.16 32.88
N GLN BA 55 58.34 -27.68 34.09
CA GLN BA 55 58.41 -29.08 34.43
C GLN BA 55 57.11 -29.53 35.04
N THR BA 56 56.03 -28.74 34.83
CA THR BA 56 54.72 -29.00 35.35
C THR BA 56 53.78 -28.34 34.37
N SER BA 57 52.47 -28.63 34.48
CA SER BA 57 51.44 -27.89 33.79
C SER BA 57 50.40 -27.61 34.83
N ALA BA 58 49.95 -26.35 34.91
CA ALA BA 58 48.89 -25.94 35.79
C ALA BA 58 48.11 -24.93 35.02
N GLU BA 59 46.76 -25.00 35.05
CA GLU BA 59 45.92 -24.24 34.13
C GLU BA 59 45.10 -23.27 34.92
N SER BA 60 44.41 -22.35 34.20
CA SER BA 60 43.40 -21.47 34.77
C SER BA 60 42.11 -22.25 34.83
N TRP BA 61 41.24 -21.92 35.80
CA TRP BA 61 39.99 -22.62 35.99
C TRP BA 61 38.98 -21.64 36.54
N GLY BA 62 39.34 -20.93 37.63
CA GLY BA 62 38.48 -19.95 38.25
C GLY BA 62 37.52 -20.61 39.20
N THR BA 63 36.38 -19.92 39.45
CA THR BA 63 35.36 -20.29 40.41
C THR BA 63 34.57 -21.48 39.86
N GLY BA 64 33.87 -22.20 40.75
CA GLY BA 64 33.18 -23.44 40.44
C GLY BA 64 33.93 -24.58 41.05
N ARG BA 65 35.23 -24.35 41.38
CA ARG BA 65 36.03 -25.31 42.10
C ARG BA 65 37.01 -24.50 42.91
N ALA BA 66 37.73 -25.16 43.84
CA ALA BA 66 38.61 -24.50 44.79
C ALA BA 66 40.00 -24.37 44.23
N VAL BA 67 40.19 -23.37 43.35
CA VAL BA 67 41.46 -22.98 42.78
C VAL BA 67 41.15 -21.65 42.14
N ALA BA 68 42.17 -20.78 41.92
CA ALA BA 68 41.98 -19.47 41.37
C ALA BA 68 42.08 -19.51 39.86
N ARG BA 69 42.24 -18.32 39.25
CA ARG BA 69 42.54 -18.11 37.85
C ARG BA 69 44.03 -18.32 37.64
N ILE BA 70 44.83 -18.13 38.72
CA ILE BA 70 46.26 -18.29 38.73
C ILE BA 70 46.61 -19.75 38.49
N PRO BA 71 47.58 -20.12 37.65
CA PRO BA 71 47.94 -21.51 37.39
C PRO BA 71 48.62 -22.14 38.58
N ARG BA 72 47.84 -22.86 39.41
CA ARG BA 72 48.28 -23.46 40.65
C ARG BA 72 48.24 -24.96 40.48
N VAL BA 73 47.04 -25.52 40.20
CA VAL BA 73 46.83 -26.93 39.97
C VAL BA 73 46.22 -27.05 38.60
N GLY BA 74 46.56 -28.12 37.84
CA GLY BA 74 45.93 -28.38 36.57
C GLY BA 74 46.25 -29.79 36.20
N GLY BA 75 47.18 -29.98 35.23
CA GLY BA 75 47.64 -31.27 34.78
C GLY BA 75 48.79 -31.72 35.63
N GLY BA 76 48.51 -32.00 36.92
CA GLY BA 76 49.49 -32.28 37.93
C GLY BA 76 49.54 -31.08 38.82
N GLY BA 77 50.68 -30.86 39.51
CA GLY BA 77 50.93 -29.67 40.29
C GLY BA 77 50.59 -29.90 41.73
N THR BA 78 51.62 -30.21 42.55
CA THR BA 78 51.53 -30.28 43.99
C THR BA 78 51.95 -28.93 44.52
N GLY BA 79 53.27 -28.72 44.67
CA GLY BA 79 53.85 -27.41 44.93
C GLY BA 79 54.70 -27.08 43.74
N ARG BA 80 54.17 -27.36 42.54
CA ARG BA 80 54.82 -27.13 41.28
C ARG BA 80 53.78 -26.40 40.46
N SER BA 81 53.90 -25.06 40.40
CA SER BA 81 52.91 -24.17 39.84
C SER BA 81 53.40 -23.65 38.51
N GLY BA 82 52.50 -22.94 37.79
CA GLY BA 82 52.79 -22.33 36.50
C GLY BA 82 52.33 -23.23 35.39
N GLN BA 83 51.97 -22.62 34.23
CA GLN BA 83 51.63 -23.34 33.02
C GLN BA 83 52.93 -23.80 32.41
N GLY BA 84 53.83 -22.84 32.17
CA GLY BA 84 55.23 -23.09 31.91
C GLY BA 84 55.93 -22.67 33.15
N ALA BA 85 56.97 -21.81 33.01
CA ALA BA 85 57.56 -21.13 34.14
C ALA BA 85 56.78 -19.86 34.33
N PHE BA 86 55.81 -19.87 35.27
CA PHE BA 86 54.94 -18.75 35.48
C PHE BA 86 54.64 -18.73 36.95
N GLY BA 87 54.41 -17.52 37.52
CA GLY BA 87 54.11 -17.36 38.92
C GLY BA 87 55.37 -17.30 39.73
N ASN BA 88 55.96 -16.09 39.90
CA ASN BA 88 57.08 -15.90 40.80
C ASN BA 88 56.57 -15.68 42.21
N MET BA 89 55.37 -15.07 42.34
CA MET BA 89 54.68 -14.93 43.60
C MET BA 89 54.18 -16.28 44.08
N CYS BA 90 53.91 -17.20 43.12
CA CYS BA 90 53.60 -18.57 43.40
C CYS BA 90 54.88 -19.32 43.69
N ARG BA 91 54.88 -20.17 44.74
CA ARG BA 91 56.08 -20.88 45.14
C ARG BA 91 56.23 -22.12 44.30
N GLY BA 92 57.39 -22.23 43.60
CA GLY BA 92 57.72 -23.35 42.76
C GLY BA 92 57.24 -23.14 41.35
N GLY BA 93 57.25 -21.88 40.86
CA GLY BA 93 56.83 -21.52 39.53
C GLY BA 93 57.99 -20.98 38.76
N ARG BA 94 58.22 -19.65 38.84
CA ARG BA 94 59.37 -19.02 38.24
C ARG BA 94 60.02 -18.12 39.28
N MET BA 95 60.98 -17.28 38.84
CA MET BA 95 61.62 -16.27 39.65
C MET BA 95 61.29 -14.96 38.99
N PHE BA 96 61.51 -13.83 39.70
CA PHE BA 96 61.38 -12.48 39.19
C PHE BA 96 62.45 -12.28 38.13
N ALA BA 97 63.72 -12.26 38.57
CA ALA BA 97 64.86 -12.12 37.70
C ALA BA 97 65.60 -13.45 37.71
N PRO BA 98 65.27 -14.43 36.87
CA PRO BA 98 65.99 -15.69 36.84
C PRO BA 98 67.35 -15.48 36.21
N THR BA 99 68.43 -15.80 36.94
CA THR BA 99 69.79 -15.50 36.55
C THR BA 99 70.19 -16.28 35.31
N LYS BA 100 70.99 -15.64 34.43
CA LYS BA 100 71.31 -16.18 33.13
C LYS BA 100 72.78 -16.04 32.90
N THR BA 101 73.32 -16.95 32.06
CA THR BA 101 74.73 -17.05 31.73
C THR BA 101 75.05 -16.10 30.59
N TRP BA 102 73.99 -15.63 29.88
CA TRP BA 102 74.09 -14.79 28.70
C TRP BA 102 74.45 -13.37 29.07
N ARG BA 103 74.03 -12.92 30.27
CA ARG BA 103 74.22 -11.56 30.73
C ARG BA 103 75.63 -11.34 31.20
N LYS BA 104 76.09 -10.06 31.20
CA LYS BA 104 77.50 -9.74 31.21
C LYS BA 104 78.13 -9.84 32.56
N TRP BA 105 79.47 -10.06 32.57
CA TRP BA 105 80.27 -10.00 33.74
C TRP BA 105 81.57 -9.40 33.28
N ASN BA 106 82.19 -10.00 32.24
CA ASN BA 106 83.48 -9.59 31.72
C ASN BA 106 83.37 -8.24 31.02
N VAL BA 107 84.19 -7.26 31.46
CA VAL BA 107 84.18 -5.90 30.96
C VAL BA 107 85.56 -5.55 30.43
N LYS BA 108 85.66 -4.40 29.73
CA LYS BA 108 86.82 -3.92 29.02
C LYS BA 108 87.64 -3.05 29.98
N VAL BA 109 88.90 -2.73 29.63
CA VAL BA 109 89.71 -1.74 30.30
C VAL BA 109 90.79 -1.36 29.31
N ASN BA 110 91.40 -0.16 29.52
CA ASN BA 110 92.53 0.34 28.76
C ASN BA 110 93.78 -0.42 29.11
N HIS BA 111 94.69 -0.61 28.14
CA HIS BA 111 96.01 -1.16 28.34
C HIS BA 111 96.95 -0.09 28.85
N ASN BA 112 96.69 1.19 28.50
CA ASN BA 112 97.50 2.31 28.94
C ASN BA 112 97.20 2.70 30.37
N GLU BA 113 96.10 2.16 30.97
CA GLU BA 113 95.87 2.27 32.39
C GLU BA 113 96.52 1.12 33.12
N LYS BA 114 96.78 -0.04 32.46
CA LYS BA 114 97.38 -1.20 33.10
C LYS BA 114 98.81 -0.91 33.51
N ARG BA 115 99.65 -0.38 32.58
CA ARG BA 115 101.03 -0.04 32.87
C ARG BA 115 101.18 1.20 33.73
N TYR BA 116 100.10 2.00 33.89
CA TYR BA 116 100.08 3.14 34.77
C TYR BA 116 99.72 2.68 36.18
N ALA BA 117 98.79 1.72 36.31
CA ALA BA 117 98.25 1.25 37.56
C ALA BA 117 99.27 0.45 38.35
N THR BA 118 100.07 -0.39 37.64
CA THR BA 118 101.15 -1.16 38.24
C THR BA 118 102.28 -0.22 38.68
N ALA BA 119 102.49 0.90 37.94
CA ALA BA 119 103.50 1.89 38.26
C ALA BA 119 103.09 2.71 39.46
N SER BA 120 101.79 2.98 39.62
CA SER BA 120 101.20 3.76 40.68
C SER BA 120 101.20 3.00 41.98
N ALA BA 121 100.88 1.69 41.91
CA ALA BA 121 100.79 0.80 43.06
C ALA BA 121 102.16 0.51 43.63
N ILE BA 122 103.21 0.43 42.77
CA ILE BA 122 104.57 0.20 43.20
C ILE BA 122 105.21 1.52 43.62
N ALA BA 123 104.67 2.67 43.18
CA ALA BA 123 105.07 3.99 43.64
C ALA BA 123 104.57 4.22 45.05
N ALA BA 124 103.44 3.57 45.41
CA ALA BA 124 102.91 3.56 46.75
C ALA BA 124 103.71 2.68 47.67
N THR BA 125 104.51 1.74 47.12
CA THR BA 125 105.42 0.90 47.87
C THR BA 125 106.66 1.69 48.24
N ALA BA 126 107.07 2.63 47.36
CA ALA BA 126 108.25 3.46 47.55
C ALA BA 126 108.10 4.49 48.64
N VAL BA 127 106.85 4.81 49.03
CA VAL BA 127 106.57 5.54 50.25
C VAL BA 127 106.25 4.50 51.29
N ALA BA 128 106.91 4.59 52.47
CA ALA BA 128 106.91 3.54 53.46
C ALA BA 128 105.61 3.45 54.23
N SER BA 129 104.89 4.58 54.38
CA SER BA 129 103.71 4.71 55.21
C SER BA 129 102.53 3.91 54.70
N LEU BA 130 102.37 3.82 53.36
CA LEU BA 130 101.28 3.11 52.70
C LEU BA 130 101.43 1.62 52.89
N VAL BA 131 102.68 1.12 52.88
CA VAL BA 131 103.00 -0.29 53.03
C VAL BA 131 102.63 -0.77 54.41
N LEU BA 132 103.19 -0.13 55.46
CA LEU BA 132 103.07 -0.55 56.84
C LEU BA 132 101.71 -0.31 57.43
N ALA BA 133 100.82 0.42 56.72
CA ALA BA 133 99.48 0.73 57.15
C ALA BA 133 98.55 -0.42 56.88
N ARG BA 134 98.32 -0.74 55.58
CA ARG BA 134 97.23 -1.58 55.09
C ARG BA 134 97.17 -2.95 55.71
N GLY BA 135 98.30 -3.67 55.78
CA GLY BA 135 98.23 -5.04 56.23
C GLY BA 135 99.60 -5.61 56.15
N HIS BA 136 100.36 -5.17 55.13
CA HIS BA 136 101.74 -5.51 54.93
C HIS BA 136 102.56 -4.76 55.94
N ARG BA 137 103.76 -5.25 56.27
CA ARG BA 137 104.54 -4.68 57.35
C ARG BA 137 105.99 -4.70 56.92
N VAL BA 138 106.88 -4.07 57.70
CA VAL BA 138 108.31 -4.11 57.44
C VAL BA 138 109.00 -3.62 58.69
N GLU BA 139 110.21 -4.15 59.00
CA GLU BA 139 111.04 -3.66 60.07
C GLU BA 139 111.83 -2.48 59.55
N LYS BA 140 112.48 -2.67 58.38
CA LYS BA 140 113.31 -1.67 57.75
C LYS BA 140 112.45 -0.67 57.03
N ILE BA 141 112.31 0.53 57.63
CA ILE BA 141 111.51 1.63 57.12
C ILE BA 141 112.15 2.31 55.92
N PRO BA 142 113.40 2.79 55.86
CA PRO BA 142 113.94 3.43 54.66
C PRO BA 142 114.37 2.40 53.64
N GLU BA 143 114.73 2.87 52.42
CA GLU BA 143 115.27 2.08 51.32
C GLU BA 143 114.26 1.07 50.81
N ILE BA 144 113.01 1.55 50.60
CA ILE BA 144 111.91 0.75 50.12
C ILE BA 144 111.61 1.17 48.69
N PRO BA 145 111.18 0.29 47.77
CA PRO BA 145 111.04 -1.16 47.95
C PRO BA 145 112.41 -1.79 48.06
N LEU BA 146 112.47 -3.03 48.58
CA LEU BA 146 113.70 -3.68 48.96
C LEU BA 146 114.33 -4.28 47.74
N VAL BA 147 115.66 -4.14 47.58
CA VAL BA 147 116.36 -4.72 46.46
C VAL BA 147 117.47 -5.53 47.08
N VAL BA 148 117.54 -6.84 46.75
CA VAL BA 148 118.60 -7.74 47.15
C VAL BA 148 119.37 -8.02 45.86
N SER BA 149 120.35 -8.94 45.85
CA SER BA 149 121.14 -9.22 44.67
C SER BA 149 120.48 -10.36 43.93
N THR BA 150 121.18 -11.00 42.97
CA THR BA 150 120.71 -12.17 42.25
C THR BA 150 121.17 -13.43 42.98
N ASP BA 151 121.41 -13.31 44.30
CA ASP BA 151 121.67 -14.40 45.21
C ASP BA 151 120.37 -14.94 45.77
N LEU BA 152 119.23 -14.30 45.40
CA LEU BA 152 117.88 -14.74 45.68
C LEU BA 152 117.56 -15.99 44.89
N GLU BA 153 118.16 -16.11 43.68
CA GLU BA 153 118.10 -17.26 42.81
C GLU BA 153 118.86 -18.44 43.39
N SER BA 154 119.89 -18.15 44.23
CA SER BA 154 120.73 -19.16 44.84
C SER BA 154 120.12 -19.75 46.10
N ILE BA 155 118.81 -19.47 46.37
CA ILE BA 155 118.07 -20.04 47.46
C ILE BA 155 117.40 -21.28 46.91
N GLN BA 156 117.57 -22.43 47.60
CA GLN BA 156 116.97 -23.69 47.22
C GLN BA 156 115.70 -23.88 48.00
N LYS BA 157 115.83 -23.94 49.35
CA LYS BA 157 114.79 -24.41 50.23
C LYS BA 157 114.18 -23.24 50.96
N THR BA 158 112.93 -23.40 51.45
CA THR BA 158 112.19 -22.42 52.23
C THR BA 158 112.84 -22.17 53.57
N LYS BA 159 113.59 -23.15 54.12
CA LYS BA 159 114.33 -23.06 55.36
C LYS BA 159 115.41 -21.99 55.25
N GLU BA 160 116.06 -21.90 54.08
CA GLU BA 160 117.06 -20.90 53.76
C GLU BA 160 116.42 -19.57 53.43
N ALA BA 161 115.20 -19.59 52.85
CA ALA BA 161 114.48 -18.44 52.39
C ALA BA 161 113.98 -17.57 53.52
N VAL BA 162 113.38 -18.20 54.56
CA VAL BA 162 112.89 -17.55 55.77
C VAL BA 162 114.06 -16.92 56.52
N ALA BA 163 115.23 -17.62 56.53
CA ALA BA 163 116.45 -17.15 57.16
C ALA BA 163 117.05 -15.94 56.47
N ALA BA 164 116.86 -15.82 55.13
CA ALA BA 164 117.34 -14.73 54.32
C ALA BA 164 116.53 -13.48 54.56
N LEU BA 165 115.19 -13.62 54.65
CA LEU BA 165 114.26 -12.53 54.92
C LEU BA 165 114.40 -12.05 56.36
N LYS BA 166 114.86 -12.94 57.27
CA LYS BA 166 115.15 -12.63 58.66
C LYS BA 166 116.28 -11.63 58.79
N ALA BA 167 117.34 -11.82 57.98
CA ALA BA 167 118.57 -11.09 58.08
C ALA BA 167 118.47 -9.71 57.46
N VAL BA 168 117.82 -9.60 56.29
CA VAL BA 168 117.72 -8.36 55.54
C VAL BA 168 116.72 -7.41 56.17
N GLY BA 169 115.59 -7.94 56.72
CA GLY BA 169 114.61 -7.17 57.44
C GLY BA 169 113.36 -7.06 56.63
N ALA BA 170 112.70 -8.21 56.39
CA ALA BA 170 111.42 -8.30 55.73
C ALA BA 170 110.71 -9.49 56.34
N HIS BA 171 110.75 -9.58 57.69
CA HIS BA 171 110.36 -10.74 58.43
C HIS BA 171 109.14 -10.47 59.27
N SER BA 172 108.77 -9.20 59.50
CA SER BA 172 107.54 -8.85 60.19
C SER BA 172 106.37 -8.84 59.23
N ASP BA 173 106.67 -8.96 57.91
CA ASP BA 173 105.69 -9.13 56.87
C ASP BA 173 105.44 -10.61 56.68
N LEU BA 174 106.47 -11.43 57.00
CA LEU BA 174 106.46 -12.87 56.91
C LEU BA 174 105.68 -13.43 58.07
N LEU BA 175 106.25 -13.34 59.30
CA LEU BA 175 105.55 -13.74 60.51
C LEU BA 175 104.64 -12.61 60.91
N LYS BA 176 103.33 -12.93 60.95
CA LYS BA 176 102.25 -12.00 61.04
C LYS BA 176 101.03 -12.87 61.15
N VAL BA 177 101.03 -13.99 60.39
CA VAL BA 177 100.06 -15.07 60.50
C VAL BA 177 100.40 -15.83 61.77
N LEU BA 178 99.40 -16.02 62.65
CA LEU BA 178 99.54 -16.76 63.89
C LEU BA 178 98.62 -17.95 63.77
N LYS BA 179 97.30 -17.72 63.91
CA LYS BA 179 96.28 -18.71 63.62
C LYS BA 179 96.03 -18.70 62.13
N SER BA 180 95.32 -19.73 61.63
CA SER BA 180 95.03 -19.93 60.23
C SER BA 180 93.73 -19.21 59.89
N LYS BA 181 92.94 -19.77 58.97
CA LYS BA 181 91.60 -19.34 58.69
C LYS BA 181 90.85 -20.64 58.53
N LYS BA 182 89.63 -20.70 59.12
CA LYS BA 182 88.70 -21.79 58.90
C LYS BA 182 87.92 -21.45 57.64
N LEU BA 183 86.60 -21.23 57.74
CA LEU BA 183 85.76 -20.99 56.59
C LEU BA 183 85.19 -19.60 56.70
N ARG BA 184 84.17 -19.28 55.86
CA ARG BA 184 83.29 -18.15 56.04
C ARG BA 184 82.05 -18.56 55.30
N ALA BA 185 81.02 -17.68 55.16
CA ALA BA 185 79.72 -18.12 54.69
C ALA BA 185 79.63 -18.32 53.18
N GLY BA 186 78.57 -19.04 52.74
CA GLY BA 186 78.18 -19.23 51.36
C GLY BA 186 79.09 -20.18 50.63
N LYS BA 187 79.71 -19.69 49.55
CA LYS BA 187 80.67 -20.42 48.75
C LYS BA 187 82.04 -20.35 49.38
N GLY BA 188 82.12 -19.70 50.57
CA GLY BA 188 83.25 -19.68 51.45
C GLY BA 188 83.30 -20.93 52.28
N LYS BA 189 82.13 -21.53 52.61
CA LYS BA 189 82.05 -22.72 53.43
C LYS BA 189 82.05 -23.95 52.56
N TYR BA 190 81.69 -23.81 51.27
CA TYR BA 190 81.61 -24.95 50.37
C TYR BA 190 82.98 -25.32 49.83
N ARG BA 191 83.47 -24.62 48.77
CA ARG BA 191 84.64 -25.07 48.03
C ARG BA 191 85.92 -24.48 48.56
N ASN BA 192 86.95 -24.36 47.67
CA ASN BA 192 88.32 -24.09 48.03
C ASN BA 192 88.51 -22.63 48.32
N ARG BA 193 88.28 -22.29 49.60
CA ARG BA 193 88.20 -20.95 50.09
C ARG BA 193 88.46 -21.03 51.58
N ARG BA 194 88.95 -22.22 52.04
CA ARG BA 194 89.20 -22.57 53.40
C ARG BA 194 90.52 -21.98 53.83
N TRP BA 195 91.66 -22.68 53.55
CA TRP BA 195 92.98 -22.19 53.90
C TRP BA 195 93.41 -21.26 52.80
N THR BA 196 93.89 -20.06 53.18
CA THR BA 196 94.34 -19.05 52.25
C THR BA 196 95.72 -18.65 52.67
N GLN BA 197 96.60 -18.40 51.67
CA GLN BA 197 97.96 -17.99 51.91
C GLN BA 197 98.02 -16.49 51.83
N ARG BA 198 98.64 -15.85 52.85
CA ARG BA 198 98.73 -14.41 52.99
C ARG BA 198 99.48 -13.78 51.85
N ARG BA 199 98.97 -12.65 51.32
CA ARG BA 199 99.70 -11.83 50.38
C ARG BA 199 100.62 -10.95 51.19
N GLY BA 200 101.81 -11.47 51.55
CA GLY BA 200 102.74 -10.82 52.47
C GLY BA 200 103.76 -10.05 51.68
N PRO BA 201 105.07 -10.33 51.74
CA PRO BA 201 106.01 -9.73 50.82
C PRO BA 201 105.92 -10.41 49.47
N LEU BA 202 106.14 -9.65 48.39
CA LEU BA 202 106.16 -10.14 47.03
C LEU BA 202 107.60 -10.37 46.68
N VAL BA 203 107.91 -11.44 45.93
CA VAL BA 203 109.22 -11.73 45.42
C VAL BA 203 109.12 -11.55 43.93
N VAL BA 204 110.14 -10.90 43.32
CA VAL BA 204 110.16 -10.55 41.93
C VAL BA 204 111.43 -11.10 41.34
N TYR BA 205 111.30 -11.84 40.21
CA TYR BA 205 112.37 -12.45 39.46
C TYR BA 205 112.81 -11.49 38.36
N ALA BA 206 113.81 -11.88 37.54
CA ALA BA 206 114.56 -10.98 36.69
C ALA BA 206 114.66 -11.49 35.29
N GLU BA 207 115.19 -12.74 35.13
CA GLU BA 207 115.67 -13.25 33.86
C GLU BA 207 114.55 -13.84 33.03
N ASP BA 208 113.30 -13.77 33.54
CA ASP BA 208 112.06 -14.06 32.85
C ASP BA 208 111.75 -15.52 32.78
N ASN BA 209 110.44 -15.82 32.58
CA ASN BA 209 109.88 -17.15 32.44
C ASN BA 209 109.88 -17.91 33.76
N GLY BA 210 110.93 -18.73 34.00
CA GLY BA 210 110.98 -19.62 35.14
C GLY BA 210 111.38 -18.88 36.39
N ILE BA 211 110.38 -18.56 37.24
CA ILE BA 211 110.54 -17.86 38.49
C ILE BA 211 110.93 -18.85 39.59
N VAL BA 212 111.17 -18.34 40.81
CA VAL BA 212 111.65 -19.14 41.92
C VAL BA 212 110.50 -19.86 42.59
N LYS BA 213 110.63 -21.20 42.73
CA LYS BA 213 109.66 -22.06 43.39
C LYS BA 213 109.97 -22.11 44.88
N ALA BA 214 111.22 -21.75 45.26
CA ALA BA 214 111.70 -21.68 46.62
C ALA BA 214 110.95 -20.66 47.44
N LEU BA 215 110.59 -19.52 46.81
CA LEU BA 215 109.89 -18.43 47.44
C LEU BA 215 108.45 -18.42 46.95
N ARG BA 216 107.87 -19.62 46.70
CA ARG BA 216 106.43 -19.82 46.67
C ARG BA 216 106.07 -20.33 48.05
N ASN BA 217 107.02 -21.07 48.67
CA ASN BA 217 106.77 -21.98 49.76
C ASN BA 217 107.12 -21.35 51.10
N VAL BA 218 107.36 -20.02 51.14
CA VAL BA 218 107.57 -19.31 52.39
C VAL BA 218 106.20 -18.98 52.95
N PRO BA 219 105.90 -19.11 54.26
CA PRO BA 219 104.59 -18.84 54.80
C PRO BA 219 104.12 -17.42 54.59
N GLY BA 220 103.15 -17.23 53.66
CA GLY BA 220 102.57 -15.95 53.36
C GLY BA 220 103.45 -15.16 52.45
N VAL BA 221 103.70 -15.66 51.22
CA VAL BA 221 104.58 -15.03 50.27
C VAL BA 221 103.89 -15.07 48.92
N GLU BA 222 104.48 -14.41 47.90
CA GLU BA 222 104.14 -14.63 46.51
C GLU BA 222 105.44 -14.66 45.76
N THR BA 223 105.40 -15.27 44.56
CA THR BA 223 106.49 -15.25 43.62
C THR BA 223 105.91 -14.64 42.37
N ALA BA 224 106.77 -13.96 41.58
CA ALA BA 224 106.35 -13.29 40.37
C ALA BA 224 107.59 -12.99 39.60
N ASN BA 225 107.43 -12.38 38.42
CA ASN BA 225 108.49 -11.98 37.53
C ASN BA 225 108.53 -10.46 37.59
N VAL BA 226 109.40 -9.83 36.77
CA VAL BA 226 109.51 -8.39 36.64
C VAL BA 226 108.50 -7.93 35.60
N ALA BA 227 108.34 -8.71 34.52
CA ALA BA 227 107.41 -8.42 33.45
C ALA BA 227 106.02 -8.79 33.91
N SER BA 228 105.80 -10.09 34.20
CA SER BA 228 104.61 -10.60 34.86
C SER BA 228 104.62 -10.14 36.30
N LEU BA 229 103.87 -9.05 36.57
CA LEU BA 229 103.85 -8.44 37.87
C LEU BA 229 102.58 -7.64 37.84
N ASN BA 230 101.43 -8.35 37.98
CA ASN BA 230 100.14 -7.81 37.67
C ASN BA 230 99.57 -6.94 38.77
N LEU BA 231 98.27 -6.58 38.61
CA LEU BA 231 97.53 -5.63 39.39
C LEU BA 231 97.33 -6.13 40.81
N LEU BA 232 96.84 -7.38 40.96
CA LEU BA 232 96.51 -7.99 42.23
C LEU BA 232 97.74 -8.31 43.03
N GLN BA 233 98.92 -8.45 42.36
CA GLN BA 233 100.18 -8.73 43.02
C GLN BA 233 100.73 -7.51 43.74
N LEU BA 234 100.27 -6.28 43.42
CA LEU BA 234 100.74 -5.07 44.05
C LEU BA 234 99.68 -4.46 44.91
N ALA BA 235 98.42 -4.40 44.42
CA ALA BA 235 97.31 -3.86 45.17
C ALA BA 235 96.27 -4.95 45.29
N PRO BA 236 96.39 -5.91 46.21
CA PRO BA 236 95.30 -6.82 46.51
C PRO BA 236 94.29 -6.11 47.38
N GLY BA 237 92.98 -6.33 47.12
CA GLY BA 237 91.88 -5.77 47.91
C GLY BA 237 91.85 -4.27 47.94
N ALA BA 238 91.74 -3.63 46.76
CA ALA BA 238 91.59 -2.20 46.61
C ALA BA 238 92.86 -1.42 46.91
N HIS BA 239 93.07 -1.08 48.21
CA HIS BA 239 94.09 -0.15 48.67
C HIS BA 239 95.50 -0.61 48.39
N LEU BA 240 96.41 0.37 48.21
CA LEU BA 240 97.73 0.16 47.66
C LEU BA 240 98.77 -0.13 48.74
N GLY BA 241 100.00 -0.45 48.29
CA GLY BA 241 101.16 -0.50 49.13
C GLY BA 241 101.39 -1.88 49.66
N ARG BA 242 101.96 -2.76 48.81
CA ARG BA 242 102.39 -4.09 49.21
C ARG BA 242 103.89 -4.10 49.07
N PHE BA 243 104.60 -4.77 50.00
CA PHE BA 243 106.04 -4.78 50.04
C PHE BA 243 106.58 -5.66 48.93
N VAL BA 244 107.61 -5.19 48.20
CA VAL BA 244 108.17 -5.88 47.07
C VAL BA 244 109.65 -6.05 47.33
N ILE BA 245 110.16 -7.28 47.10
CA ILE BA 245 111.55 -7.64 47.19
C ILE BA 245 111.99 -7.93 45.77
N TRP BA 246 112.85 -7.04 45.22
CA TRP BA 246 113.39 -7.14 43.88
C TRP BA 246 114.76 -7.75 43.97
N THR BA 247 115.31 -8.23 42.83
CA THR BA 247 116.70 -8.60 42.71
C THR BA 247 117.41 -7.49 42.00
N GLU BA 248 118.74 -7.62 41.77
CA GLU BA 248 119.54 -6.59 41.13
C GLU BA 248 119.20 -6.50 39.66
N ALA BA 249 119.08 -7.68 39.00
CA ALA BA 249 118.77 -7.77 37.58
C ALA BA 249 117.32 -7.46 37.30
N ALA BA 250 116.42 -7.62 38.31
CA ALA BA 250 115.01 -7.34 38.17
C ALA BA 250 114.73 -5.86 38.24
N PHE BA 251 115.48 -5.12 39.07
CA PHE BA 251 115.25 -3.72 39.32
C PHE BA 251 115.81 -2.86 38.20
N THR BA 252 116.69 -3.42 37.34
CA THR BA 252 117.22 -2.75 36.17
C THR BA 252 116.40 -3.12 34.94
N LYS BA 253 115.62 -4.24 35.01
CA LYS BA 253 114.60 -4.58 34.02
C LYS BA 253 113.39 -3.70 34.22
N LEU BA 254 113.22 -3.15 35.44
CA LEU BA 254 112.13 -2.29 35.85
C LEU BA 254 112.39 -0.86 35.38
N ASP BA 255 113.61 -0.59 34.84
CA ASP BA 255 113.98 0.69 34.28
C ASP BA 255 113.55 0.75 32.84
N GLN BA 256 112.22 0.92 32.64
CA GLN BA 256 111.54 0.94 31.36
C GLN BA 256 110.64 2.15 31.41
N VAL BA 257 109.46 1.98 32.04
CA VAL BA 257 108.47 3.03 32.22
C VAL BA 257 108.85 3.91 33.43
N ALA CA 1 23.07 68.63 12.76
CA ALA CA 1 23.31 69.01 11.33
C ALA CA 1 22.37 68.26 10.44
N TYR CA 2 22.77 67.03 10.00
CA TYR CA 2 21.90 66.12 9.29
C TYR CA 2 21.51 65.08 10.33
N SER CA 3 21.19 63.83 9.92
CA SER CA 3 20.87 62.76 10.84
C SER CA 3 22.14 62.21 11.45
N SER CA 4 22.03 61.69 12.70
CA SER CA 4 23.13 61.17 13.50
C SER CA 4 24.10 62.30 13.83
N ARG CA 5 25.37 61.96 14.14
CA ARG CA 5 26.45 62.90 14.28
C ARG CA 5 27.00 63.06 12.88
N PHE CA 6 27.25 64.31 12.45
CA PHE CA 6 27.46 64.58 11.04
C PHE CA 6 28.40 65.75 10.90
N GLN CA 7 29.12 65.78 9.77
CA GLN CA 7 30.11 66.76 9.43
C GLN CA 7 29.51 67.70 8.41
N THR CA 8 29.64 69.03 8.63
CA THR CA 8 29.25 70.05 7.67
C THR CA 8 30.41 70.25 6.71
N PRO CA 9 30.21 70.59 5.44
CA PRO CA 9 31.26 70.50 4.43
C PRO CA 9 32.27 71.61 4.57
N PHE CA 10 33.43 71.47 3.91
CA PHE CA 10 34.52 72.42 3.98
C PHE CA 10 34.15 73.70 3.29
N ARG CA 11 34.65 74.86 3.81
CA ARG CA 11 34.16 76.16 3.39
C ARG CA 11 34.58 76.47 1.99
N ARG CA 12 35.86 76.18 1.64
CA ARG CA 12 36.43 76.48 0.35
C ARG CA 12 35.85 75.61 -0.76
N ARG CA 13 35.23 74.46 -0.40
CA ARG CA 13 34.58 73.55 -1.32
C ARG CA 13 33.23 74.11 -1.69
N ARG CA 14 32.48 74.60 -0.66
CA ARG CA 14 31.17 75.19 -0.78
C ARG CA 14 31.22 76.49 -1.56
N GLU CA 15 32.35 77.23 -1.41
CA GLU CA 15 32.68 78.49 -2.04
C GLU CA 15 32.80 78.36 -3.54
N GLY CA 16 33.09 77.12 -4.03
CA GLY CA 16 32.93 76.75 -5.42
C GLY CA 16 34.14 77.05 -6.23
N LYS CA 17 35.34 76.69 -5.72
CA LYS CA 17 36.56 76.98 -6.43
C LYS CA 17 37.61 75.96 -6.07
N THR CA 18 37.70 75.54 -4.79
CA THR CA 18 38.70 74.58 -4.36
C THR CA 18 38.20 73.17 -4.53
N ASP CA 19 39.01 72.32 -5.22
CA ASP CA 19 38.74 70.93 -5.44
C ASP CA 19 39.66 70.12 -4.55
N TYR CA 20 39.33 68.82 -4.33
CA TYR CA 20 39.99 67.96 -3.38
C TYR CA 20 40.43 66.67 -4.02
N TYR CA 21 39.81 66.23 -5.15
CA TYR CA 21 40.21 65.04 -5.87
C TYR CA 21 41.50 65.32 -6.61
N GLN CA 22 41.57 66.51 -7.24
CA GLN CA 22 42.74 67.06 -7.91
C GLN CA 22 43.87 67.29 -6.92
N ARG CA 23 43.55 67.42 -5.62
CA ARG CA 23 44.50 67.68 -4.57
C ARG CA 23 45.12 66.40 -4.01
N LYS CA 24 44.56 65.21 -4.35
CA LYS CA 24 45.07 63.92 -3.94
C LYS CA 24 46.27 63.55 -4.79
N ARG CA 25 46.04 62.97 -6.00
CA ARG CA 25 47.09 62.39 -6.82
C ARG CA 25 47.74 63.45 -7.70
N LEU CA 26 48.62 64.28 -7.10
CA LEU CA 26 49.15 65.42 -7.80
C LEU CA 26 50.30 66.03 -7.02
N VAL CA 27 50.12 66.14 -5.69
CA VAL CA 27 51.00 66.86 -4.80
C VAL CA 27 52.14 65.99 -4.32
N THR CA 28 51.97 64.65 -4.40
CA THR CA 28 52.81 63.62 -3.80
C THR CA 28 54.29 63.71 -4.14
N GLN CA 29 54.63 64.19 -5.35
CA GLN CA 29 55.97 64.24 -5.88
C GLN CA 29 56.84 65.27 -5.20
N HIS CA 30 56.31 66.51 -5.01
CA HIS CA 30 56.98 67.61 -4.36
C HIS CA 30 58.25 68.08 -5.06
N LYS CA 31 58.26 68.08 -6.41
CA LYS CA 31 59.28 68.75 -7.19
C LYS CA 31 58.69 70.10 -7.57
N ALA CA 32 59.26 70.80 -8.59
CA ALA CA 32 59.05 72.22 -8.81
C ALA CA 32 57.75 72.52 -9.53
N LYS CA 33 56.64 72.62 -8.78
CA LYS CA 33 55.34 72.85 -9.34
C LYS CA 33 54.45 73.44 -8.26
N TYR CA 34 54.21 74.77 -8.31
CA TYR CA 34 53.26 75.45 -7.46
C TYR CA 34 52.97 76.78 -8.12
N ASN CA 35 51.79 77.35 -7.83
CA ASN CA 35 51.37 78.65 -8.23
C ASN CA 35 50.30 79.01 -7.24
N THR CA 36 50.09 80.32 -6.98
CA THR CA 36 49.08 80.80 -6.06
C THR CA 36 47.69 80.63 -6.67
N PRO CA 37 47.31 81.04 -7.89
CA PRO CA 37 46.08 80.61 -8.53
C PRO CA 37 46.01 79.11 -8.71
N LYS CA 38 45.05 78.45 -8.01
CA LYS CA 38 44.92 77.02 -7.87
C LYS CA 38 46.17 76.41 -7.23
N TYR CA 39 46.71 75.29 -7.76
CA TYR CA 39 47.90 74.69 -7.21
C TYR CA 39 48.54 73.85 -8.28
N ARG CA 40 49.86 73.59 -8.13
CA ARG CA 40 50.75 73.07 -9.16
C ARG CA 40 51.07 74.21 -10.12
N LEU CA 41 51.71 73.97 -11.29
CA LEU CA 41 52.24 75.07 -12.09
C LEU CA 41 51.18 75.54 -13.07
N VAL CA 42 50.21 76.37 -12.58
CA VAL CA 42 48.99 76.63 -13.29
C VAL CA 42 49.15 77.74 -14.29
N VAL CA 43 48.59 77.52 -15.51
CA VAL CA 43 48.38 78.54 -16.49
C VAL CA 43 46.89 78.67 -16.56
N ARG CA 44 46.37 79.83 -16.11
CA ARG CA 44 44.96 80.10 -16.03
C ARG CA 44 44.56 80.93 -17.22
N PHE CA 45 43.23 81.00 -17.47
CA PHE CA 45 42.63 82.05 -18.26
C PHE CA 45 42.23 83.10 -17.27
N THR CA 46 42.43 84.38 -17.61
CA THR CA 46 42.14 85.49 -16.73
C THR CA 46 41.74 86.60 -17.67
N ASN CA 47 41.34 87.77 -17.12
CA ASN CA 47 41.13 88.98 -17.88
C ASN CA 47 42.46 89.63 -18.17
N LYS CA 48 43.49 89.32 -17.36
CA LYS CA 48 44.78 89.96 -17.44
C LYS CA 48 45.88 89.00 -17.03
N ASP CA 49 46.47 89.15 -15.83
CA ASP CA 49 47.71 88.50 -15.48
C ASP CA 49 47.53 87.05 -15.09
N ILE CA 50 48.67 86.32 -15.04
CA ILE CA 50 48.78 85.15 -14.21
C ILE CA 50 50.05 85.36 -13.43
N ILE CA 51 50.09 84.82 -12.20
CA ILE CA 51 51.28 84.66 -11.40
C ILE CA 51 51.74 83.27 -11.79
N CYS CA 52 53.05 82.95 -11.65
CA CYS CA 52 53.51 81.60 -11.88
C CYS CA 52 54.74 81.45 -11.03
N GLN CA 53 54.81 80.39 -10.19
CA GLN CA 53 55.80 80.26 -9.14
C GLN CA 53 56.41 78.88 -9.19
N ILE CA 54 57.08 78.45 -8.08
CA ILE CA 54 57.46 77.08 -7.82
C ILE CA 54 57.25 76.90 -6.33
N ILE CA 55 57.61 75.71 -5.78
CA ILE CA 55 57.37 75.33 -4.39
C ILE CA 55 58.32 76.02 -3.44
N SER CA 56 57.96 76.03 -2.13
CA SER CA 56 58.83 76.44 -1.06
C SER CA 56 58.25 75.82 0.17
N SER CA 57 59.10 75.31 1.09
CA SER CA 57 58.65 74.57 2.27
C SER CA 57 58.28 75.51 3.39
N THR CA 58 56.96 75.54 3.72
CA THR CA 58 56.41 76.32 4.81
C THR CA 58 55.32 75.43 5.37
N ILE CA 59 54.89 75.69 6.63
CA ILE CA 59 53.99 74.85 7.40
C ILE CA 59 52.58 74.84 6.81
N THR CA 60 52.04 76.03 6.45
CA THR CA 60 50.66 76.18 6.01
C THR CA 60 50.46 75.63 4.60
N GLY CA 61 51.50 75.69 3.75
CA GLY CA 61 51.40 75.24 2.39
C GLY CA 61 52.62 75.74 1.70
N ASP CA 62 52.57 75.84 0.35
CA ASP CA 62 53.68 76.30 -0.43
C ASP CA 62 53.69 77.82 -0.46
N VAL CA 63 54.93 78.38 -0.54
CA VAL CA 63 55.19 79.80 -0.53
C VAL CA 63 56.00 80.03 -1.79
N VAL CA 64 56.24 81.31 -2.19
CA VAL CA 64 57.03 81.66 -3.34
C VAL CA 64 58.51 81.41 -3.07
N LEU CA 65 59.20 80.77 -4.03
CA LEU CA 65 60.65 80.64 -4.01
C LEU CA 65 61.13 81.43 -5.19
N ALA CA 66 61.07 80.84 -6.41
CA ALA CA 66 61.26 81.55 -7.66
C ALA CA 66 59.90 81.79 -8.25
N ALA CA 67 59.80 82.77 -9.16
CA ALA CA 67 58.55 83.10 -9.79
C ALA CA 67 58.80 84.15 -10.84
N ALA CA 68 57.79 84.39 -11.70
CA ALA CA 68 57.74 85.51 -12.60
C ALA CA 68 56.35 86.09 -12.48
N TYR CA 69 55.92 86.86 -13.50
CA TYR CA 69 54.66 87.56 -13.49
C TYR CA 69 54.41 87.88 -14.94
N SER CA 70 53.14 88.10 -15.35
CA SER CA 70 52.79 88.36 -16.74
C SER CA 70 53.05 89.80 -17.11
N HIS CA 71 52.94 90.75 -16.15
CA HIS CA 71 53.22 92.17 -16.40
C HIS CA 71 54.71 92.45 -16.31
N GLU CA 72 55.54 91.39 -16.29
CA GLU CA 72 56.98 91.45 -16.44
C GLU CA 72 57.27 91.15 -17.91
N LEU CA 73 56.31 91.46 -18.82
CA LEU CA 73 56.46 91.36 -20.26
C LEU CA 73 56.64 92.74 -20.89
N PRO CA 74 56.01 93.85 -20.46
CA PRO CA 74 56.40 95.21 -20.86
C PRO CA 74 57.79 95.62 -20.41
N ARG CA 75 58.45 94.75 -19.63
CA ARG CA 75 59.86 94.71 -19.28
C ARG CA 75 60.75 94.75 -20.50
N TYR CA 76 60.34 94.00 -21.56
CA TYR CA 76 61.09 93.83 -22.78
C TYR CA 76 60.64 94.86 -23.77
N GLY CA 77 59.41 94.74 -24.32
CA GLY CA 77 58.93 95.76 -25.22
C GLY CA 77 57.61 95.39 -25.80
N ILE CA 78 56.57 95.22 -24.95
CA ILE CA 78 55.20 95.11 -25.37
C ILE CA 78 54.52 96.28 -24.70
N THR CA 79 53.74 97.09 -25.45
CA THR CA 79 53.01 98.20 -24.89
C THR CA 79 51.69 98.24 -25.62
N HIS CA 80 50.66 97.56 -25.05
CA HIS CA 80 49.33 97.57 -25.59
C HIS CA 80 48.41 97.41 -24.41
N GLY CA 81 47.43 96.48 -24.48
CA GLY CA 81 46.46 96.21 -23.45
C GLY CA 81 46.95 95.09 -22.58
N LEU CA 82 46.11 94.06 -22.34
CA LEU CA 82 46.41 93.01 -21.38
C LEU CA 82 45.95 91.63 -21.86
N THR CA 83 45.73 91.39 -23.18
CA THR CA 83 44.91 90.23 -23.57
C THR CA 83 45.22 89.59 -24.94
N ASN CA 84 46.08 88.53 -25.05
CA ASN CA 84 46.07 87.71 -26.27
C ASN CA 84 46.72 86.33 -26.12
N TRP CA 85 46.95 85.67 -27.28
CA TRP CA 85 47.60 84.39 -27.52
C TRP CA 85 49.07 84.40 -27.15
N ALA CA 86 49.82 85.40 -27.68
CA ALA CA 86 51.26 85.48 -27.66
C ALA CA 86 51.83 85.60 -26.27
N ALA CA 87 51.04 86.19 -25.35
CA ALA CA 87 51.39 86.39 -23.97
C ALA CA 87 51.46 85.12 -23.18
N ALA CA 88 50.64 84.10 -23.52
CA ALA CA 88 50.60 82.82 -22.85
C ALA CA 88 51.89 82.06 -23.07
N TYR CA 89 52.36 82.03 -24.33
CA TYR CA 89 53.62 81.43 -24.73
C TYR CA 89 54.78 82.14 -24.06
N ALA CA 90 54.72 83.50 -24.05
CA ALA CA 90 55.76 84.37 -23.56
C ALA CA 90 55.95 84.29 -22.06
N THR CA 91 54.85 84.18 -21.27
CA THR CA 91 54.91 84.15 -19.81
C THR CA 91 55.36 82.79 -19.33
N GLY CA 92 55.12 81.73 -20.13
CA GLY CA 92 55.58 80.38 -19.86
C GLY CA 92 57.07 80.28 -20.02
N LEU CA 93 57.62 80.94 -21.07
CA LEU CA 93 59.03 81.04 -21.34
C LEU CA 93 59.72 81.90 -20.30
N LEU CA 94 59.02 82.93 -19.80
CA LEU CA 94 59.53 83.90 -18.87
C LEU CA 94 59.80 83.29 -17.51
N ILE CA 95 58.85 82.51 -16.94
CA ILE CA 95 58.98 81.88 -15.64
C ILE CA 95 60.03 80.79 -15.66
N ALA CA 96 60.14 80.07 -16.80
CA ALA CA 96 61.07 78.99 -17.01
C ALA CA 96 62.51 79.46 -16.96
N ARG CA 97 62.76 80.66 -17.53
CA ARG CA 97 64.04 81.31 -17.53
C ARG CA 97 64.31 82.03 -16.22
N ARG CA 98 63.24 82.41 -15.49
CA ARG CA 98 63.33 83.17 -14.27
C ARG CA 98 63.28 82.24 -13.08
N THR CA 99 64.37 81.46 -12.89
CA THR CA 99 64.56 80.62 -11.73
C THR CA 99 65.38 81.37 -10.70
N LEU CA 100 65.27 82.72 -10.71
CA LEU CA 100 65.76 83.61 -9.70
C LEU CA 100 64.56 83.92 -8.84
N GLN CA 101 63.85 85.03 -9.11
CA GLN CA 101 62.62 85.40 -8.46
C GLN CA 101 62.13 86.58 -9.28
N ARG CA 102 60.93 87.11 -8.97
CA ARG CA 102 60.25 88.14 -9.73
C ARG CA 102 61.05 89.41 -9.83
N LEU CA 103 61.67 89.86 -8.71
CA LEU CA 103 62.63 90.93 -8.74
C LEU CA 103 63.96 90.31 -9.04
N GLY CA 104 64.36 90.28 -10.33
CA GLY CA 104 65.59 89.65 -10.72
C GLY CA 104 65.78 89.71 -12.20
N LEU CA 105 66.93 89.16 -12.65
CA LEU CA 105 67.28 89.02 -14.04
C LEU CA 105 66.96 87.60 -14.43
N ASP CA 106 67.00 87.30 -15.74
CA ASP CA 106 66.59 86.05 -16.34
C ASP CA 106 67.74 85.07 -16.28
N GLU CA 107 68.06 84.63 -15.05
CA GLU CA 107 69.21 83.83 -14.72
C GLU CA 107 68.75 82.83 -13.69
N THR CA 108 69.58 81.79 -13.42
CA THR CA 108 69.36 80.87 -12.33
C THR CA 108 70.09 81.41 -11.13
N TYR CA 109 69.65 81.02 -9.92
CA TYR CA 109 70.19 81.55 -8.70
C TYR CA 109 69.89 80.60 -7.58
N LYS CA 110 68.64 80.08 -7.55
CA LYS CA 110 68.12 79.26 -6.48
C LYS CA 110 68.79 77.91 -6.46
N GLY CA 111 68.61 77.14 -7.56
CA GLY CA 111 69.19 75.82 -7.64
C GLY CA 111 68.65 75.18 -8.87
N VAL CA 112 67.31 75.24 -9.03
CA VAL CA 112 66.60 74.56 -10.09
C VAL CA 112 66.82 75.22 -11.43
N GLU CA 113 66.78 74.40 -12.49
CA GLU CA 113 66.62 74.85 -13.85
C GLU CA 113 65.39 74.12 -14.32
N GLU CA 114 65.45 72.76 -14.43
CA GLU CA 114 64.30 71.95 -14.75
C GLU CA 114 63.53 71.56 -13.51
N VAL CA 115 64.15 70.77 -12.59
CA VAL CA 115 63.53 70.36 -11.34
C VAL CA 115 64.59 70.50 -10.28
N GLU CA 116 64.24 70.07 -9.05
CA GLU CA 116 65.14 69.92 -7.93
C GLU CA 116 65.90 68.63 -8.15
N GLY CA 117 67.18 68.76 -8.55
CA GLY CA 117 68.07 67.65 -8.82
C GLY CA 117 68.02 67.28 -10.27
N GLU CA 118 68.68 66.13 -10.60
CA GLU CA 118 68.57 65.45 -11.87
C GLU CA 118 68.20 64.04 -11.47
N TYR CA 119 67.80 63.20 -12.45
CA TYR CA 119 67.50 61.81 -12.16
C TYR CA 119 67.72 61.00 -13.43
N GLU CA 120 67.19 59.76 -13.43
CA GLU CA 120 67.39 58.74 -14.44
C GLU CA 120 66.61 59.05 -15.68
N LEU CA 121 66.97 58.37 -16.80
CA LEU CA 121 66.24 58.50 -18.03
C LEU CA 121 66.52 57.22 -18.78
N THR CA 122 65.50 56.34 -18.89
CA THR CA 122 65.57 55.05 -19.54
C THR CA 122 65.16 55.24 -21.00
N GLU CA 123 64.58 54.20 -21.65
CA GLU CA 123 63.91 54.35 -22.93
C GLU CA 123 62.43 54.36 -22.63
N ALA CA 124 61.61 54.74 -23.65
CA ALA CA 124 60.23 55.11 -23.43
C ALA CA 124 59.35 53.91 -23.23
N VAL CA 125 58.69 53.87 -22.05
CA VAL CA 125 57.62 52.95 -21.73
C VAL CA 125 56.52 53.83 -21.21
N GLU CA 126 55.28 53.29 -21.16
CA GLU CA 126 54.09 54.04 -20.87
C GLU CA 126 53.48 53.44 -19.64
N ASP CA 127 52.37 54.07 -19.13
CA ASP CA 127 51.62 53.70 -17.94
C ASP CA 127 52.36 54.06 -16.68
N GLY CA 128 53.41 53.27 -16.32
CA GLY CA 128 54.22 53.50 -15.15
C GLY CA 128 55.64 53.82 -15.53
N PRO CA 129 56.01 55.06 -15.88
CA PRO CA 129 57.38 55.52 -15.89
C PRO CA 129 57.79 55.89 -14.48
N ARG CA 130 58.90 56.66 -14.31
CA ARG CA 130 59.25 57.29 -13.05
C ARG CA 130 59.07 58.80 -13.25
N PRO CA 131 57.89 59.38 -13.01
CA PRO CA 131 57.54 60.73 -13.47
C PRO CA 131 57.93 61.77 -12.46
N PHE CA 132 59.25 62.01 -12.24
CA PHE CA 132 59.69 62.90 -11.18
C PHE CA 132 59.86 64.30 -11.73
N LYS CA 133 58.78 64.88 -12.32
CA LYS CA 133 58.89 66.11 -13.07
C LYS CA 133 57.74 67.06 -12.80
N VAL CA 134 57.68 68.14 -13.61
CA VAL CA 134 56.83 69.28 -13.43
C VAL CA 134 55.51 69.01 -14.11
N PHE CA 135 54.39 69.34 -13.41
CA PHE CA 135 53.07 69.34 -13.98
C PHE CA 135 52.75 70.77 -14.32
N LEU CA 136 52.41 71.03 -15.61
CA LEU CA 136 51.85 72.29 -16.06
C LEU CA 136 50.35 72.10 -15.97
N ASP CA 137 49.74 72.72 -14.94
CA ASP CA 137 48.36 72.51 -14.56
C ASP CA 137 47.44 73.36 -15.39
N ILE CA 138 46.22 72.81 -15.63
CA ILE CA 138 45.16 73.40 -16.39
C ILE CA 138 44.30 74.24 -15.47
N GLY CA 139 43.93 73.68 -14.29
CA GLY CA 139 43.22 74.39 -13.26
C GLY CA 139 41.78 74.00 -13.22
N LEU CA 140 40.98 74.48 -14.20
CA LEU CA 140 39.54 74.41 -14.15
C LEU CA 140 38.96 73.78 -15.39
N GLN CA 141 39.02 74.49 -16.54
CA GLN CA 141 38.17 74.23 -17.69
C GLN CA 141 38.62 73.08 -18.56
N ARG CA 142 37.87 72.85 -19.66
CA ARG CA 142 38.05 71.77 -20.60
C ARG CA 142 39.39 71.82 -21.30
N THR CA 143 40.01 70.63 -21.51
CA THR CA 143 41.29 70.45 -22.15
C THR CA 143 41.06 70.37 -23.64
N THR CA 144 40.76 71.54 -24.26
CA THR CA 144 40.46 71.67 -25.67
C THR CA 144 41.78 71.80 -26.40
N THR CA 145 41.83 71.29 -27.65
CA THR CA 145 43.01 71.33 -28.48
C THR CA 145 43.26 72.73 -28.98
N GLY CA 146 44.50 73.24 -28.81
CA GLY CA 146 44.88 74.54 -29.31
C GLY CA 146 44.93 75.59 -28.23
N ALA CA 147 44.54 75.25 -26.98
CA ALA CA 147 44.32 76.22 -25.92
C ALA CA 147 45.59 76.85 -25.39
N ARG CA 148 45.42 77.96 -24.62
CA ARG CA 148 46.48 78.79 -24.07
C ARG CA 148 47.34 78.08 -23.06
N VAL CA 149 46.79 77.06 -22.38
CA VAL CA 149 47.46 76.25 -21.37
C VAL CA 149 48.62 75.51 -21.99
N PHE CA 150 48.37 74.91 -23.17
CA PHE CA 150 49.30 74.06 -23.89
C PHE CA 150 50.26 74.92 -24.70
N GLY CA 151 49.86 76.16 -25.04
CA GLY CA 151 50.73 77.12 -25.70
C GLY CA 151 51.79 77.64 -24.76
N ALA CA 152 51.44 77.76 -23.46
CA ALA CA 152 52.34 78.18 -22.41
C ALA CA 152 53.28 77.08 -22.01
N LEU CA 153 52.85 75.81 -22.17
CA LEU CA 153 53.60 74.61 -21.87
C LEU CA 153 54.78 74.49 -22.81
N LYS CA 154 54.57 74.82 -24.12
CA LYS CA 154 55.60 74.86 -25.14
C LYS CA 154 56.71 75.83 -24.80
N GLY CA 155 56.38 77.02 -24.28
CA GLY CA 155 57.34 78.03 -23.89
C GLY CA 155 58.12 77.62 -22.67
N ALA CA 156 57.46 76.93 -21.72
CA ALA CA 156 58.01 76.55 -20.44
C ALA CA 156 59.04 75.46 -20.56
N SER CA 157 58.74 74.40 -21.35
CA SER CA 157 59.46 73.15 -21.45
C SER CA 157 60.95 73.31 -21.67
N ASP CA 158 61.41 73.52 -22.93
CA ASP CA 158 62.83 73.64 -23.24
C ASP CA 158 63.35 75.04 -22.97
N GLY CA 159 62.50 75.92 -22.40
CA GLY CA 159 62.86 77.24 -21.94
C GLY CA 159 63.63 77.18 -20.65
N GLY CA 160 63.37 76.15 -19.82
CA GLY CA 160 64.09 75.97 -18.58
C GLY CA 160 63.38 74.95 -17.75
N LEU CA 161 62.22 75.34 -17.18
CA LEU CA 161 61.46 74.56 -16.22
C LEU CA 161 60.70 73.47 -16.96
N TYR CA 162 61.27 72.25 -16.97
CA TYR CA 162 60.93 71.24 -17.95
C TYR CA 162 59.74 70.42 -17.51
N VAL CA 163 58.63 70.58 -18.25
CA VAL CA 163 57.46 69.75 -18.21
C VAL CA 163 57.52 68.98 -19.52
N PRO CA 164 57.44 67.64 -19.58
CA PRO CA 164 57.49 66.91 -20.83
C PRO CA 164 56.15 66.99 -21.53
N HIS CA 165 56.06 66.56 -22.80
CA HIS CA 165 54.84 66.67 -23.56
C HIS CA 165 55.01 66.03 -24.90
N SER CA 166 53.86 65.65 -25.52
CA SER CA 166 53.79 65.18 -26.89
C SER CA 166 53.35 66.36 -27.75
N GLU CA 167 52.74 66.10 -28.93
CA GLU CA 167 52.25 67.15 -29.80
C GLU CA 167 50.92 66.72 -30.34
N ASN CA 168 49.94 66.47 -29.42
CA ASN CA 168 48.61 66.00 -29.79
C ASN CA 168 47.60 67.04 -29.36
N ARG CA 169 47.56 67.38 -28.04
CA ARG CA 169 46.60 68.29 -27.45
C ARG CA 169 46.97 69.76 -27.67
N PHE CA 170 47.99 70.03 -28.53
CA PHE CA 170 48.72 71.27 -28.55
C PHE CA 170 48.34 72.17 -29.72
N PRO CA 171 48.53 73.51 -29.61
CA PRO CA 171 48.64 74.41 -30.74
C PRO CA 171 50.01 74.32 -31.36
N GLY CA 172 50.30 75.13 -32.41
CA GLY CA 172 51.55 75.10 -33.13
C GLY CA 172 52.32 76.35 -32.89
N TRP CA 173 52.18 77.31 -33.82
CA TRP CA 173 52.89 78.56 -33.85
C TRP CA 173 52.29 79.29 -35.03
N ASP CA 174 52.26 78.58 -36.18
CA ASP CA 174 51.69 79.05 -37.42
C ASP CA 174 50.19 78.92 -37.38
N PHE CA 175 49.68 77.73 -36.99
CA PHE CA 175 48.27 77.44 -36.90
C PHE CA 175 47.89 77.38 -35.44
N GLU CA 176 47.09 78.38 -35.01
CA GLU CA 176 46.34 78.41 -33.78
C GLU CA 176 44.91 78.45 -34.27
N THR CA 177 43.92 78.27 -33.37
CA THR CA 177 42.53 78.34 -33.77
C THR CA 177 41.70 78.62 -32.51
N GLU CA 178 40.77 79.62 -32.41
CA GLU CA 178 40.48 80.85 -33.14
C GLU CA 178 39.09 80.82 -33.76
N GLU CA 179 38.20 81.73 -33.30
CA GLU CA 179 36.82 81.89 -33.74
C GLU CA 179 36.60 83.39 -33.85
N ILE CA 180 35.51 83.84 -34.52
CA ILE CA 180 35.37 85.23 -34.97
C ILE CA 180 33.91 85.64 -34.92
N ASP CA 181 33.62 86.88 -34.43
CA ASP CA 181 32.35 87.58 -34.61
C ASP CA 181 32.68 88.91 -35.30
N PRO CA 182 31.87 89.55 -36.15
CA PRO CA 182 32.36 90.63 -37.03
C PRO CA 182 32.66 92.02 -36.44
N GLU CA 183 33.91 92.53 -36.58
CA GLU CA 183 34.19 93.96 -36.71
C GLU CA 183 35.31 94.14 -37.73
N LEU CA 184 36.60 94.38 -37.34
CA LEU CA 184 37.74 94.52 -38.26
C LEU CA 184 39.07 94.82 -37.55
N LEU CA 185 39.93 93.80 -37.25
CA LEU CA 185 41.38 93.91 -37.03
C LEU CA 185 41.99 92.59 -36.59
N ARG CA 186 43.34 92.50 -36.39
CA ARG CA 186 44.02 91.25 -36.04
C ARG CA 186 45.19 91.47 -35.10
N SER CA 187 45.47 90.44 -34.26
CA SER CA 187 46.72 90.19 -33.58
C SER CA 187 46.86 88.69 -33.59
N TYR CA 188 48.03 88.14 -33.18
CA TYR CA 188 48.26 86.71 -33.24
C TYR CA 188 49.48 86.41 -32.40
N ILE CA 189 50.06 85.20 -32.57
CA ILE CA 189 51.39 84.82 -32.13
C ILE CA 189 52.38 85.57 -32.98
N PHE CA 190 52.50 85.16 -34.27
CA PHE CA 190 53.51 85.61 -35.19
C PHE CA 190 52.83 86.30 -36.35
N GLY CA 191 51.85 85.60 -36.98
CA GLY CA 191 51.12 86.14 -38.10
C GLY CA 191 50.05 85.14 -38.43
N GLY CA 192 50.45 84.03 -39.09
CA GLY CA 192 49.67 82.81 -39.16
C GLY CA 192 48.47 82.87 -40.06
N HIS CA 193 47.30 82.49 -39.50
CA HIS CA 193 46.10 82.17 -40.25
C HIS CA 193 45.09 83.27 -40.18
N VAL CA 194 45.16 84.16 -39.17
CA VAL CA 194 44.22 85.26 -39.02
C VAL CA 194 44.42 86.30 -40.11
N SER CA 195 45.66 86.42 -40.62
CA SER CA 195 46.02 87.30 -41.71
C SER CA 195 45.65 86.72 -43.06
N GLN CA 196 45.25 85.43 -43.10
CA GLN CA 196 44.74 84.78 -44.30
C GLN CA 196 43.23 84.94 -44.36
N TYR CA 197 42.58 85.14 -43.19
CA TYR CA 197 41.15 85.39 -43.08
C TYR CA 197 40.83 86.82 -43.47
N MET CA 198 41.89 87.67 -43.58
CA MET CA 198 41.85 89.08 -43.87
C MET CA 198 41.52 89.40 -45.32
N GLU CA 199 41.20 88.38 -46.16
CA GLU CA 199 40.66 88.62 -47.48
C GLU CA 199 39.18 88.94 -47.41
N GLU CA 200 38.45 88.35 -46.42
CA GLU CA 200 37.04 88.59 -46.20
C GLU CA 200 36.87 89.63 -45.10
N LEU CA 201 37.65 89.52 -43.99
CA LEU CA 201 37.74 90.45 -42.87
C LEU CA 201 36.58 90.30 -41.89
N ALA CA 202 36.80 90.78 -40.64
CA ALA CA 202 35.86 91.06 -39.58
C ALA CA 202 36.02 90.09 -38.44
N ASP CA 203 36.32 90.58 -37.18
CA ASP CA 203 36.98 89.74 -36.19
C ASP CA 203 36.67 89.98 -34.69
N ASP CA 204 36.10 91.15 -34.22
CA ASP CA 204 36.44 91.67 -32.89
C ASP CA 204 35.31 91.97 -31.85
N ASP CA 205 35.51 91.55 -30.54
CA ASP CA 205 34.96 92.08 -29.28
C ASP CA 205 35.76 91.73 -27.97
N GLU CA 206 36.71 92.61 -27.45
CA GLU CA 206 37.50 92.28 -26.24
C GLU CA 206 39.02 92.62 -26.11
N GLU CA 207 39.54 93.82 -26.55
CA GLU CA 207 40.91 94.33 -26.33
C GLU CA 207 42.08 93.56 -26.96
N ARG CA 208 43.39 93.85 -26.59
CA ARG CA 208 44.54 93.14 -27.15
C ARG CA 208 45.79 92.98 -26.30
N PHE CA 209 46.61 91.99 -26.73
CA PHE CA 209 48.02 91.78 -26.53
C PHE CA 209 48.58 91.35 -25.20
N SER CA 210 48.98 92.29 -24.31
CA SER CA 210 50.15 92.12 -23.46
C SER CA 210 50.16 90.93 -22.53
N GLU CA 211 49.03 90.66 -21.84
CA GLU CA 211 48.91 89.59 -20.88
C GLU CA 211 47.89 88.61 -21.44
N LEU CA 212 47.28 87.75 -20.61
CA LEU CA 212 46.74 86.49 -21.09
C LEU CA 212 45.26 86.57 -21.43
N PHE CA 213 44.88 86.12 -22.67
CA PHE CA 213 43.54 85.81 -23.13
C PHE CA 213 42.69 87.02 -23.47
N LYS CA 214 42.19 87.09 -24.75
CA LYS CA 214 41.01 87.82 -25.22
C LYS CA 214 41.10 88.33 -26.66
N GLY CA 215 42.20 88.96 -27.18
CA GLY CA 215 42.29 89.10 -28.63
C GLY CA 215 43.17 90.17 -29.27
N TYR CA 216 42.53 90.99 -30.16
CA TYR CA 216 43.12 91.67 -31.30
C TYR CA 216 43.09 93.19 -31.25
N LEU CA 217 41.99 93.82 -30.77
CA LEU CA 217 41.76 95.28 -30.70
C LEU CA 217 41.50 95.90 -32.06
N ALA CA 218 40.35 96.60 -32.20
CA ALA CA 218 39.78 97.02 -33.47
C ALA CA 218 40.39 98.27 -34.08
N ASP CA 219 40.83 99.26 -33.26
CA ASP CA 219 41.34 100.53 -33.76
C ASP CA 219 42.70 100.36 -34.40
N ASP CA 220 42.96 101.15 -35.48
CA ASP CA 220 44.10 101.05 -36.36
C ASP CA 220 45.36 101.56 -35.67
N ILE CA 221 46.06 100.64 -34.96
CA ILE CA 221 47.36 100.86 -34.39
C ILE CA 221 48.34 99.98 -35.12
N ASP CA 222 47.94 98.72 -35.43
CA ASP CA 222 48.65 97.88 -36.35
C ASP CA 222 47.57 96.98 -36.89
N ALA CA 223 47.32 97.07 -38.22
CA ALA CA 223 46.15 96.50 -38.86
C ALA CA 223 46.34 95.07 -39.26
N ASP CA 224 47.60 94.63 -39.41
CA ASP CA 224 47.97 93.29 -39.82
C ASP CA 224 48.66 92.69 -38.61
N SER CA 225 48.68 91.34 -38.51
CA SER CA 225 49.34 90.64 -37.44
C SER CA 225 50.79 90.44 -37.82
N LEU CA 226 51.68 91.35 -37.36
CA LEU CA 226 53.06 91.39 -37.76
C LEU CA 226 53.92 90.77 -36.70
N GLU CA 227 55.15 90.38 -37.11
CA GLU CA 227 56.11 89.68 -36.27
C GLU CA 227 56.82 90.62 -35.33
N ASP CA 228 56.94 91.93 -35.71
CA ASP CA 228 57.72 92.94 -35.02
C ASP CA 228 57.30 93.18 -33.58
N ILE CA 229 56.01 92.99 -33.24
CA ILE CA 229 55.49 93.19 -31.91
C ILE CA 229 56.01 92.09 -31.00
N TYR CA 230 55.81 90.81 -31.40
CA TYR CA 230 56.12 89.65 -30.60
C TYR CA 230 57.61 89.43 -30.46
N THR CA 231 58.41 89.68 -31.52
CA THR CA 231 59.84 89.46 -31.52
C THR CA 231 60.60 90.45 -30.66
N SER CA 232 59.95 91.59 -30.30
CA SER CA 232 60.52 92.56 -29.39
C SER CA 232 60.57 92.03 -27.96
N ALA CA 233 59.71 91.05 -27.64
CA ALA CA 233 59.71 90.36 -26.37
C ALA CA 233 60.52 89.10 -26.46
N HIS CA 234 60.29 88.28 -27.51
CA HIS CA 234 60.75 86.91 -27.63
C HIS CA 234 62.24 86.79 -27.83
N GLU CA 235 62.85 87.69 -28.63
CA GLU CA 235 64.28 87.70 -28.90
C GLU CA 235 65.03 88.41 -27.79
N ALA CA 236 64.33 89.22 -26.98
CA ALA CA 236 64.93 90.10 -25.99
C ALA CA 236 65.17 89.41 -24.66
N ILE CA 237 64.38 88.36 -24.35
CA ILE CA 237 64.42 87.69 -23.06
C ILE CA 237 65.65 86.75 -22.99
N ALA DA 1 95.13 40.99 63.64
CA ALA DA 1 96.22 41.02 62.62
C ALA DA 1 96.19 42.32 61.85
N ALA DA 2 95.28 42.41 60.84
CA ALA DA 2 94.94 43.65 60.16
C ALA DA 2 94.09 44.49 61.09
N ALA DA 3 93.34 43.80 61.99
CA ALA DA 3 92.54 44.37 63.04
C ALA DA 3 93.34 45.01 64.16
N ALA DA 4 94.69 45.04 64.06
CA ALA DA 4 95.54 45.78 64.96
C ALA DA 4 95.50 47.25 64.60
N ALA DA 5 95.22 47.56 63.32
CA ALA DA 5 95.01 48.90 62.83
C ALA DA 5 93.58 49.31 63.07
N ALA DA 6 92.64 48.34 63.06
CA ALA DA 6 91.22 48.57 63.30
C ALA DA 6 90.93 48.83 64.76
N ALA DA 7 91.75 48.26 65.68
CA ALA DA 7 91.65 48.48 67.10
C ALA DA 7 92.18 49.85 67.45
N ALA DA 8 93.13 50.38 66.65
CA ALA DA 8 93.64 51.72 66.77
C ALA DA 8 92.65 52.71 66.20
N ALA DA 9 91.79 52.26 65.26
CA ALA DA 9 90.73 53.04 64.66
C ALA DA 9 89.51 53.05 65.54
N ALA DA 10 89.34 52.02 66.41
CA ALA DA 10 88.27 51.91 67.38
C ALA DA 10 88.55 52.84 68.54
N ALA DA 11 89.84 52.99 68.91
CA ALA DA 11 90.31 53.94 69.89
C ALA DA 11 90.22 55.36 69.37
N ALA DA 12 90.21 55.53 68.03
CA ALA DA 12 90.03 56.80 67.36
C ALA DA 12 88.56 57.12 67.21
N ALA DA 13 87.69 56.07 67.22
CA ALA DA 13 86.26 56.18 67.13
C ALA DA 13 85.69 56.57 68.47
N ALA DA 14 86.30 56.08 69.57
CA ALA DA 14 85.99 56.45 70.93
C ALA DA 14 86.44 57.87 71.21
N ALA DA 15 87.51 58.32 70.52
CA ALA DA 15 88.00 59.67 70.60
C ALA DA 15 87.15 60.62 69.79
N ALA DA 16 86.45 60.09 68.76
CA ALA DA 16 85.52 60.82 67.93
C ALA DA 16 84.18 60.94 68.63
N ALA DA 17 83.85 59.94 69.47
CA ALA DA 17 82.68 59.92 70.31
C ALA DA 17 82.84 60.89 71.46
N ALA DA 18 84.09 61.04 71.97
CA ALA DA 18 84.43 61.99 72.99
C ALA DA 18 84.40 63.42 72.47
N ALA DA 19 84.46 63.60 71.12
CA ALA DA 19 84.30 64.88 70.47
C ALA DA 19 82.82 65.15 70.23
N ALA DA 20 82.03 64.07 70.01
CA ALA DA 20 80.60 64.11 69.83
C ALA DA 20 79.94 63.93 71.17
N ALA DA 21 79.17 62.81 71.39
CA ALA DA 21 78.48 62.43 72.61
C ALA DA 21 77.37 63.39 72.97
N ALA DA 22 77.74 64.54 73.57
CA ALA DA 22 76.85 65.64 73.88
C ALA DA 22 76.45 66.42 72.64
N ALA DA 23 76.91 65.97 71.45
CA ALA DA 23 76.48 66.45 70.15
C ALA DA 23 75.14 65.83 69.82
N ALA DA 24 74.96 64.54 70.19
CA ALA DA 24 73.72 63.80 70.03
C ALA DA 24 72.68 64.33 70.98
N ALA DA 25 73.08 64.62 72.24
CA ALA DA 25 72.22 65.18 73.26
C ALA DA 25 71.82 66.61 72.96
N ALA DA 26 72.67 67.37 72.22
CA ALA DA 26 72.39 68.73 71.83
C ALA DA 26 71.39 68.78 70.70
N ALA DA 27 71.38 67.74 69.84
CA ALA DA 27 70.45 67.60 68.74
C ALA DA 27 69.14 67.08 69.23
N ALA DA 28 69.15 66.24 70.29
CA ALA DA 28 67.98 65.73 70.95
C ALA DA 28 67.23 66.85 71.64
N ALA DA 29 67.98 67.84 72.18
CA ALA DA 29 67.45 69.02 72.79
C ALA DA 29 66.92 70.00 71.76
N ALA DA 30 67.38 69.88 70.49
CA ALA DA 30 66.94 70.72 69.39
C ALA DA 30 65.68 70.14 68.77
N ALA DA 31 65.54 68.79 68.81
CA ALA DA 31 64.39 68.06 68.31
C ALA DA 31 63.26 68.16 69.31
N ALA DA 32 63.59 68.20 70.63
CA ALA DA 32 62.66 68.42 71.70
C ALA DA 32 62.18 69.86 71.70
N ALA DA 33 63.05 70.79 71.22
CA ALA DA 33 62.71 72.18 71.05
C ALA DA 33 61.93 72.39 69.77
N ALA DA 34 61.81 71.37 68.90
CA ALA DA 34 60.99 71.40 67.71
C ALA DA 34 59.60 70.95 68.07
N ALA DA 35 59.49 69.98 69.01
CA ALA DA 35 58.25 69.48 69.56
C ALA DA 35 57.60 70.54 70.43
N ALA DA 36 58.41 71.24 71.25
CA ALA DA 36 57.96 72.33 72.10
C ALA DA 36 57.63 73.57 71.29
N ALA DA 37 58.25 73.72 70.09
CA ALA DA 37 57.94 74.80 69.18
C ALA DA 37 56.68 74.52 68.40
N ALA DA 38 56.23 73.24 68.36
CA ALA DA 38 55.00 72.84 67.71
C ALA DA 38 53.84 73.07 68.64
N ALA DA 39 54.07 72.87 69.97
CA ALA DA 39 53.11 73.15 71.02
C ALA DA 39 52.87 74.63 71.16
N ALA DA 40 53.97 75.43 71.13
CA ALA DA 40 53.92 76.87 71.19
C ALA DA 40 53.38 77.49 69.93
N ALA DA 41 53.42 76.75 68.80
CA ALA DA 41 52.86 77.18 67.52
C ALA DA 41 51.38 76.89 67.48
N ALA DA 42 50.91 75.89 68.27
CA ALA DA 42 49.52 75.51 68.36
C ALA DA 42 48.77 76.52 69.19
N ALA DA 43 49.39 76.99 70.30
CA ALA DA 43 48.86 78.04 71.15
C ALA DA 43 48.81 79.37 70.43
N ALA DA 44 49.87 79.68 69.64
CA ALA DA 44 50.00 80.91 68.90
C ALA DA 44 49.03 81.00 67.75
N ALA DA 45 48.77 79.86 67.07
CA ALA DA 45 47.82 79.78 65.99
C ALA DA 45 46.80 78.74 66.38
N ALA DA 46 45.87 79.13 67.29
CA ALA DA 46 44.85 78.27 67.84
C ALA DA 46 43.86 77.84 66.79
N ALA DA 47 43.50 78.75 65.86
CA ALA DA 47 42.67 78.43 64.72
C ALA DA 47 43.56 77.96 63.60
N ALA DA 48 43.97 76.67 63.65
CA ALA DA 48 44.81 76.05 62.65
C ALA DA 48 44.37 74.60 62.56
N ALA DA 49 45.32 73.66 62.30
CA ALA DA 49 45.01 72.26 62.17
C ALA DA 49 46.30 71.48 62.31
N ALA DA 50 46.17 70.12 62.33
CA ALA DA 50 47.23 69.14 62.46
C ALA DA 50 47.61 68.65 61.06
N GLY DA 51 48.50 67.66 60.83
CA GLY DA 51 49.30 66.90 61.78
C GLY DA 51 50.48 66.31 61.06
N LEU DA 52 50.39 65.02 60.65
CA LEU DA 52 51.45 64.37 59.89
C LEU DA 52 51.26 62.86 60.05
N VAL DA 53 51.41 62.05 58.96
CA VAL DA 53 50.87 60.71 58.84
C VAL DA 53 51.88 59.61 59.20
N PHE DA 54 51.37 58.36 59.32
CA PHE DA 54 52.10 57.12 59.46
C PHE DA 54 51.22 56.08 58.75
N VAL DA 55 51.36 54.76 59.05
CA VAL DA 55 50.58 53.68 58.47
C VAL DA 55 50.80 52.46 59.36
N VAL DA 56 49.86 51.47 59.35
CA VAL DA 56 49.93 50.26 60.15
C VAL DA 56 49.62 49.10 59.20
N ARG DA 57 49.16 47.93 59.71
CA ARG DA 57 48.58 46.85 58.92
C ARG DA 57 47.56 46.20 59.80
N ILE DA 58 46.35 45.90 59.28
CA ILE DA 58 45.23 45.40 60.06
C ILE DA 58 44.89 44.02 59.53
N LYS DA 59 44.51 43.86 58.24
CA LYS DA 59 44.01 42.60 57.73
C LYS DA 59 45.17 41.67 57.38
N GLY DA 60 44.91 40.34 57.30
CA GLY DA 60 45.91 39.29 57.24
C GLY DA 60 46.54 39.13 55.89
N ILE DA 61 47.28 38.00 55.70
CA ILE DA 61 48.09 37.75 54.53
C ILE DA 61 47.26 37.18 53.40
N ASN DA 62 46.26 36.34 53.72
CA ASN DA 62 45.41 35.65 52.78
C ASN DA 62 44.35 36.59 52.26
N LYS DA 63 43.63 36.13 51.21
CA LYS DA 63 42.42 36.70 50.69
C LYS DA 63 42.63 38.09 50.15
N ILE DA 64 43.41 38.17 49.04
CA ILE DA 64 43.81 39.38 48.39
C ILE DA 64 43.72 39.17 46.90
N PRO DA 65 42.78 39.79 46.17
CA PRO DA 65 42.73 39.74 44.70
C PRO DA 65 43.93 40.41 44.06
N PRO DA 66 44.21 40.37 42.74
CA PRO DA 66 45.44 40.86 42.17
C PRO DA 66 45.46 42.37 42.15
N LYS DA 67 44.31 43.02 42.43
CA LYS DA 67 44.19 44.45 42.52
C LYS DA 67 44.80 44.93 43.84
N PRO DA 68 44.49 44.41 45.05
CA PRO DA 68 45.30 44.68 46.23
C PRO DA 68 46.70 44.10 46.22
N ARG DA 69 46.97 43.04 45.43
CA ARG DA 69 48.21 42.29 45.51
C ARG DA 69 49.37 43.06 44.92
N LYS DA 70 49.11 43.87 43.86
CA LYS DA 70 50.08 44.76 43.22
C LYS DA 70 50.58 45.82 44.18
N VAL DA 71 49.66 46.55 44.85
CA VAL DA 71 50.00 47.68 45.71
C VAL DA 71 50.60 47.26 47.05
N LEU DA 72 50.47 45.97 47.43
CA LEU DA 72 51.09 45.42 48.62
C LEU DA 72 52.54 45.05 48.37
N GLN DA 73 52.96 44.92 47.08
CA GLN DA 73 54.24 44.40 46.66
C GLN DA 73 55.43 45.14 47.24
N LEU DA 74 55.61 46.44 46.90
CA LEU DA 74 56.77 47.22 47.32
C LEU DA 74 56.62 47.80 48.72
N LEU DA 75 55.68 47.26 49.53
CA LEU DA 75 55.68 47.53 50.96
C LEU DA 75 56.72 46.64 51.60
N ARG DA 76 56.81 45.37 51.10
CA ARG DA 76 57.67 44.31 51.56
C ARG DA 76 57.32 43.98 52.97
N LEU DA 77 56.18 43.28 53.13
CA LEU DA 77 55.48 43.17 54.37
C LEU DA 77 54.84 41.80 54.31
N THR DA 78 55.21 40.90 55.24
CA THR DA 78 54.76 39.52 55.24
C THR DA 78 53.48 39.44 56.05
N ARG DA 79 53.56 39.01 57.33
CA ARG DA 79 52.41 38.72 58.16
C ARG DA 79 51.88 39.94 58.90
N ILE DA 80 50.85 39.71 59.75
CA ILE DA 80 49.94 40.72 60.25
C ILE DA 80 50.59 41.58 61.33
N ASN DA 81 50.06 42.83 61.51
CA ASN DA 81 50.52 43.87 62.41
C ASN DA 81 51.74 44.62 61.93
N SER DA 82 52.72 43.94 61.31
CA SER DA 82 53.95 44.52 60.80
C SER DA 82 53.68 45.64 59.81
N GLY DA 83 54.45 46.75 59.86
CA GLY DA 83 54.09 47.94 59.14
C GLY DA 83 55.30 48.75 58.78
N THR DA 84 55.32 49.25 57.52
CA THR DA 84 56.42 50.00 56.95
C THR DA 84 56.16 51.49 57.12
N PHE DA 85 57.09 52.34 56.65
CA PHE DA 85 56.96 53.78 56.69
C PHE DA 85 56.81 54.22 55.26
N VAL DA 86 55.56 54.60 54.85
CA VAL DA 86 55.24 54.96 53.49
C VAL DA 86 55.55 56.42 53.22
N LYS DA 87 55.41 56.82 51.93
CA LYS DA 87 55.68 58.14 51.43
C LYS DA 87 54.47 59.02 51.59
N VAL DA 88 54.64 60.35 51.38
CA VAL DA 88 53.55 61.30 51.45
C VAL DA 88 53.87 62.44 50.51
N THR DA 89 53.04 62.60 49.45
CA THR DA 89 53.09 63.70 48.52
C THR DA 89 51.70 63.71 47.92
N LYS DA 90 51.52 63.53 46.59
CA LYS DA 90 50.27 63.09 46.00
C LYS DA 90 50.20 61.61 46.28
N ALA DA 91 51.31 60.90 45.93
CA ALA DA 91 51.52 59.50 46.20
C ALA DA 91 51.41 59.19 47.68
N THR DA 92 50.30 58.51 48.03
CA THR DA 92 49.80 58.18 49.34
C THR DA 92 48.30 58.04 49.16
N LEU DA 93 47.71 58.78 48.18
CA LEU DA 93 46.30 58.85 47.91
C LEU DA 93 45.84 57.54 47.30
N GLU DA 94 46.41 57.18 46.14
CA GLU DA 94 46.13 55.97 45.39
C GLU DA 94 46.47 54.71 46.15
N LEU DA 95 47.47 54.79 47.06
CA LEU DA 95 47.88 53.70 47.91
C LEU DA 95 46.82 53.45 48.97
N LEU DA 96 46.41 54.51 49.70
CA LEU DA 96 45.38 54.43 50.71
C LEU DA 96 44.07 54.88 50.08
N LYS DA 97 43.69 54.17 49.00
CA LYS DA 97 42.44 54.28 48.29
C LYS DA 97 42.11 52.84 48.07
N LEU DA 98 43.05 52.12 47.41
CA LEU DA 98 42.98 50.72 47.11
C LEU DA 98 43.12 49.95 48.41
N ILE DA 99 44.32 49.89 49.01
CA ILE DA 99 44.55 49.21 50.27
C ILE DA 99 44.33 50.15 51.45
N GLU DA 100 43.13 50.77 51.52
CA GLU DA 100 42.60 51.43 52.69
C GLU DA 100 42.02 50.38 53.64
N PRO DA 101 41.09 49.46 53.28
CA PRO DA 101 40.58 48.44 54.20
C PRO DA 101 41.57 47.32 54.47
N TYR DA 102 42.82 47.40 53.99
CA TYR DA 102 43.85 46.45 54.35
C TYR DA 102 44.79 47.12 55.32
N VAL DA 103 45.44 48.24 54.94
CA VAL DA 103 46.36 48.95 55.80
C VAL DA 103 45.75 50.27 56.22
N ALA DA 104 45.63 50.48 57.55
CA ALA DA 104 45.05 51.69 58.11
C ALA DA 104 46.15 52.67 58.42
N TYR DA 105 45.80 53.89 58.91
CA TYR DA 105 46.79 54.90 59.21
C TYR DA 105 46.28 55.82 60.29
N GLY DA 106 46.95 56.98 60.47
CA GLY DA 106 46.61 57.93 61.48
C GLY DA 106 47.72 58.92 61.63
N TYR DA 107 47.55 59.89 62.55
CA TYR DA 107 48.53 60.93 62.83
C TYR DA 107 49.13 60.70 64.21
N PRO DA 108 50.26 60.02 64.41
CA PRO DA 108 50.83 59.82 65.74
C PRO DA 108 51.56 61.06 66.22
N SER DA 109 52.00 61.06 67.50
CA SER DA 109 52.75 62.15 68.10
C SER DA 109 54.24 61.87 67.94
N TYR DA 110 55.06 62.40 68.87
CA TYR DA 110 56.50 62.19 68.91
C TYR DA 110 56.81 61.01 69.81
N SER DA 111 56.05 60.82 70.91
CA SER DA 111 56.27 59.79 71.90
C SER DA 111 55.72 58.47 71.43
N THR DA 112 54.70 58.52 70.55
CA THR DA 112 54.02 57.37 69.99
C THR DA 112 54.97 56.49 69.22
N ILE DA 113 55.84 57.10 68.37
CA ILE DA 113 56.85 56.38 67.63
C ILE DA 113 58.18 56.71 68.29
N ARG DA 114 58.33 56.32 69.58
CA ARG DA 114 59.55 56.52 70.34
C ARG DA 114 59.86 55.24 71.03
N GLN DA 115 58.86 54.67 71.75
CA GLN DA 115 58.95 53.37 72.38
C GLN DA 115 59.07 52.27 71.35
N LEU DA 116 58.48 52.51 70.15
CA LEU DA 116 58.49 51.61 69.00
C LEU DA 116 59.89 51.22 68.60
N VAL DA 117 60.79 52.23 68.42
CA VAL DA 117 62.18 51.95 68.09
C VAL DA 117 62.96 51.94 69.39
N TYR DA 118 62.76 50.86 70.18
CA TYR DA 118 63.49 50.62 71.41
C TYR DA 118 63.53 49.12 71.52
N LYS DA 119 62.40 48.49 71.92
CA LYS DA 119 62.27 47.05 72.07
C LYS DA 119 62.21 46.41 70.71
N ARG DA 120 61.36 46.95 69.79
CA ARG DA 120 61.34 46.54 68.41
C ARG DA 120 62.34 47.40 67.63
N GLY DA 121 63.65 47.21 67.94
CA GLY DA 121 64.73 47.98 67.37
C GLY DA 121 65.57 47.04 66.56
N PHE DA 122 65.29 46.95 65.25
CA PHE DA 122 65.88 45.95 64.38
C PHE DA 122 67.09 46.50 63.66
N GLY DA 123 67.73 45.62 62.84
CA GLY DA 123 68.69 45.98 61.82
C GLY DA 123 68.10 45.42 60.56
N LYS DA 124 68.93 45.13 59.54
CA LYS DA 124 68.56 44.22 58.49
C LYS DA 124 69.47 43.06 58.73
N ILE DA 125 70.79 43.25 58.50
CA ILE DA 125 71.79 42.24 58.71
C ILE DA 125 72.35 42.42 60.10
N ASN DA 126 72.64 41.27 60.78
CA ASN DA 126 73.25 41.13 62.07
C ASN DA 126 72.28 41.33 63.20
N LYS DA 127 72.37 40.43 64.23
CA LYS DA 127 71.58 40.51 65.44
C LYS DA 127 72.16 41.62 66.29
N GLN DA 128 71.31 42.33 67.05
CA GLN DA 128 71.70 43.58 67.67
C GLN DA 128 72.42 43.32 68.96
N ARG DA 129 73.61 43.96 69.09
CA ARG DA 129 74.49 43.84 70.24
C ARG DA 129 74.00 44.83 71.28
N VAL DA 130 74.21 46.15 71.04
CA VAL DA 130 73.73 47.19 71.93
C VAL DA 130 72.28 47.46 71.59
N PRO DA 131 71.30 47.51 72.50
CA PRO DA 131 69.91 47.82 72.20
C PRO DA 131 69.78 49.28 71.80
N LEU DA 132 68.64 49.68 71.19
CA LEU DA 132 68.56 50.89 70.41
C LEU DA 132 68.34 52.13 71.23
N SER DA 133 69.47 52.72 71.70
CA SER DA 133 69.55 54.01 72.35
C SER DA 133 69.93 55.04 71.31
N ASP DA 134 70.52 56.19 71.73
CA ASP DA 134 70.99 57.21 70.82
C ASP DA 134 72.37 56.85 70.30
N ASN DA 135 73.22 56.30 71.20
CA ASN DA 135 74.59 55.94 70.90
C ASN DA 135 74.63 54.69 70.05
N ALA DA 136 73.65 53.78 70.20
CA ALA DA 136 73.59 52.53 69.47
C ALA DA 136 73.33 52.71 67.99
N ILE DA 137 72.79 53.88 67.58
CA ILE DA 137 72.59 54.21 66.19
C ILE DA 137 73.88 54.73 65.62
N ILE DA 138 74.35 55.93 66.05
CA ILE DA 138 75.47 56.59 65.40
C ILE DA 138 76.81 56.06 65.86
N GLU DA 139 77.07 56.02 67.19
CA GLU DA 139 78.38 55.79 67.78
C GLU DA 139 78.48 54.33 68.19
N ALA DA 140 78.69 54.08 69.51
CA ALA DA 140 78.89 52.77 70.10
C ALA DA 140 80.19 52.16 69.62
N ASN DA 141 80.18 50.83 69.31
CA ASN DA 141 81.36 50.09 68.92
C ASN DA 141 81.68 50.38 67.47
N LEU DA 142 80.75 50.01 66.56
CA LEU DA 142 80.89 50.25 65.13
C LEU DA 142 80.09 51.49 64.78
N GLY DA 143 78.78 51.33 64.48
CA GLY DA 143 77.91 52.41 64.11
C GLY DA 143 77.09 51.99 62.93
N LYS DA 144 75.91 52.62 62.77
CA LYS DA 144 74.99 52.41 61.68
C LYS DA 144 75.19 53.53 60.69
N TYR DA 145 74.12 54.34 60.44
CA TYR DA 145 74.13 55.43 59.49
C TYR DA 145 74.69 56.66 60.18
N GLY DA 146 73.83 57.46 60.83
CA GLY DA 146 74.27 58.66 61.50
C GLY DA 146 73.10 59.46 61.92
N ILE DA 147 72.05 58.80 62.45
CA ILE DA 147 70.94 59.46 63.11
C ILE DA 147 71.31 59.42 64.56
N LEU DA 148 70.98 60.50 65.29
CA LEU DA 148 71.44 60.72 66.64
C LEU DA 148 70.48 60.04 67.59
N SER DA 149 69.54 60.78 68.21
CA SER DA 149 68.63 60.19 69.18
C SER DA 149 67.42 59.60 68.49
N ILE DA 150 66.51 59.01 69.31
CA ILE DA 150 65.25 58.45 68.88
C ILE DA 150 64.29 59.59 68.61
N ASP DA 151 64.51 60.76 69.26
CA ASP DA 151 63.74 61.97 69.05
C ASP DA 151 64.16 62.64 67.76
N ASP DA 152 65.45 62.50 67.34
CA ASP DA 152 65.90 62.93 66.03
C ASP DA 152 65.39 61.99 64.96
N LEU DA 153 65.16 60.70 65.30
CA LEU DA 153 64.69 59.67 64.40
C LEU DA 153 63.20 59.82 64.12
N ILE DA 154 62.41 60.35 65.08
CA ILE DA 154 60.99 60.60 64.90
C ILE DA 154 60.82 61.90 64.14
N HIS DA 155 61.58 62.97 64.50
CA HIS DA 155 61.53 64.27 63.85
C HIS DA 155 62.25 64.26 62.50
N GLU DA 156 62.75 63.08 62.07
CA GLU DA 156 63.22 62.83 60.73
C GLU DA 156 62.01 62.50 59.88
N ILE DA 157 61.32 61.38 60.23
CA ILE DA 157 60.42 60.68 59.35
C ILE DA 157 59.06 61.34 59.26
N ILE DA 158 58.50 61.85 60.38
CA ILE DA 158 57.14 62.37 60.42
C ILE DA 158 57.05 63.73 59.78
N THR DA 159 58.16 64.50 59.76
CA THR DA 159 58.19 65.88 59.32
C THR DA 159 58.11 65.98 57.81
N VAL DA 160 59.08 65.36 57.10
CA VAL DA 160 59.10 65.32 55.65
C VAL DA 160 59.53 63.93 55.23
N GLY DA 161 60.49 63.32 55.97
CA GLY DA 161 61.05 62.03 55.64
C GLY DA 161 62.15 62.17 54.61
N PRO DA 162 63.36 62.66 54.95
CA PRO DA 162 64.45 62.77 53.99
C PRO DA 162 65.14 61.44 53.78
N HIS DA 163 64.81 60.40 54.57
CA HIS DA 163 65.40 59.10 54.45
C HIS DA 163 64.34 58.09 54.74
N PHE DA 164 64.52 56.86 54.20
CA PHE DA 164 63.74 55.69 54.53
C PHE DA 164 64.60 54.89 55.48
N LYS DA 165 64.00 53.86 56.13
CA LYS DA 165 64.59 53.18 57.26
C LYS DA 165 65.67 52.20 56.88
N GLN DA 166 65.72 51.72 55.61
CA GLN DA 166 66.79 50.88 55.13
C GLN DA 166 68.08 51.67 54.99
N ALA DA 167 67.98 52.99 54.72
CA ALA DA 167 69.10 53.89 54.59
C ALA DA 167 69.62 54.30 55.94
N ASN DA 168 68.78 54.17 56.99
CA ASN DA 168 69.16 54.43 58.37
C ASN DA 168 69.74 53.17 58.99
N ASN DA 169 69.66 52.04 58.26
CA ASN DA 169 70.14 50.71 58.61
C ASN DA 169 69.29 50.07 59.68
N PHE DA 170 67.99 49.96 59.37
CA PHE DA 170 67.01 49.20 60.10
C PHE DA 170 66.38 48.33 59.04
N LEU DA 171 65.28 47.63 59.39
CA LEU DA 171 64.55 46.76 58.49
C LEU DA 171 63.62 47.61 57.65
N TRP DA 172 63.02 47.05 56.57
CA TRP DA 172 62.10 47.78 55.71
C TRP DA 172 60.76 47.97 56.43
N PRO DA 173 59.94 46.97 56.80
CA PRO DA 173 58.90 47.16 57.79
C PRO DA 173 59.50 47.13 59.19
N PHE DA 174 58.66 47.31 60.22
CA PHE DA 174 59.01 47.04 61.59
C PHE DA 174 57.91 46.13 62.05
N LYS DA 175 58.25 45.05 62.77
CA LYS DA 175 57.27 44.20 63.41
C LYS DA 175 56.83 44.93 64.67
N LEU DA 176 55.51 44.93 64.98
CA LEU DA 176 54.93 45.82 65.96
C LEU DA 176 54.41 44.95 67.09
N SER DA 177 53.11 45.09 67.44
CA SER DA 177 52.39 44.14 68.27
C SER DA 177 50.96 44.23 67.85
N ASN DA 178 50.05 43.55 68.59
CA ASN DA 178 48.61 43.76 68.54
C ASN DA 178 48.30 44.88 69.53
N PRO DA 179 47.24 45.65 69.37
CA PRO DA 179 46.95 46.76 70.26
C PRO DA 179 46.43 46.25 71.58
N SER DA 180 47.06 46.65 72.70
CA SER DA 180 46.56 46.37 74.03
C SER DA 180 45.47 47.38 74.31
N GLY DA 181 44.29 46.87 74.72
CA GLY DA 181 43.06 47.61 74.73
C GLY DA 181 42.17 47.11 73.62
N GLY DA 182 42.75 46.33 72.69
CA GLY DA 182 42.03 45.55 71.71
C GLY DA 182 41.74 46.29 70.44
N TRP DA 183 41.09 45.56 69.50
CA TRP DA 183 40.44 46.12 68.34
C TRP DA 183 38.97 46.02 68.66
N GLY DA 184 38.34 44.85 68.39
CA GLY DA 184 36.96 44.60 68.69
C GLY DA 184 36.10 45.13 67.58
N VAL DA 185 35.02 45.86 67.96
CA VAL DA 185 34.10 46.53 67.05
C VAL DA 185 34.79 47.48 66.09
N PRO DA 186 35.74 48.35 66.42
CA PRO DA 186 36.56 49.01 65.41
C PRO DA 186 37.63 48.09 64.85
N ARG DA 187 37.26 47.18 63.92
CA ARG DA 187 38.20 46.34 63.22
C ARG DA 187 37.78 46.28 61.77
N LYS DA 188 37.06 45.21 61.36
CA LYS DA 188 36.68 44.93 59.99
C LYS DA 188 35.52 45.80 59.54
N PHE DA 189 34.56 46.05 60.45
CA PHE DA 189 33.20 46.50 60.19
C PHE DA 189 33.04 47.76 59.37
N LYS DA 190 33.84 48.82 59.58
CA LYS DA 190 33.73 50.01 58.76
C LYS DA 190 35.01 50.79 58.96
N HIS DA 191 35.17 51.97 58.28
CA HIS DA 191 36.30 52.85 58.45
C HIS DA 191 35.97 53.90 59.49
N PHE DA 192 36.54 55.12 59.35
CA PHE DA 192 36.76 56.03 60.45
C PHE DA 192 35.51 56.69 61.00
N ILE DA 193 34.59 57.17 60.13
CA ILE DA 193 33.52 58.06 60.55
C ILE DA 193 32.49 57.38 61.43
N GLN DA 194 32.33 56.04 61.30
CA GLN DA 194 31.47 55.25 62.14
C GLN DA 194 32.21 55.01 63.44
N GLY DA 195 33.29 54.22 63.38
CA GLY DA 195 34.08 53.88 64.53
C GLY DA 195 34.81 52.65 64.12
N GLY DA 196 35.90 52.82 63.37
CA GLY DA 196 36.57 51.73 62.70
C GLY DA 196 38.05 51.87 62.86
N SER DA 197 38.77 50.84 62.38
CA SER DA 197 40.21 50.77 62.46
C SER DA 197 40.82 51.53 61.31
N PHE DA 198 40.16 51.49 60.14
CA PHE DA 198 40.67 52.07 58.91
C PHE DA 198 40.44 53.56 58.89
N GLY DA 199 41.07 54.25 57.90
CA GLY DA 199 41.00 55.69 57.77
C GLY DA 199 42.06 56.34 58.62
N ASN DA 200 41.89 57.66 58.87
CA ASN DA 200 42.85 58.46 59.59
C ASN DA 200 42.44 58.55 61.04
N ARG DA 201 43.04 57.69 61.89
CA ARG DA 201 42.87 57.75 63.33
C ARG DA 201 43.83 58.78 63.88
N GLU DA 202 43.36 60.01 64.15
CA GLU DA 202 44.22 61.13 64.51
C GLU DA 202 44.66 61.03 65.95
N GLU DA 203 43.71 61.14 66.89
CA GLU DA 203 43.96 61.13 68.31
C GLU DA 203 44.09 59.72 68.84
N PHE DA 204 43.36 58.75 68.24
CA PHE DA 204 43.21 57.40 68.75
C PHE DA 204 44.45 56.55 68.58
N ILE DA 205 45.35 56.92 67.64
CA ILE DA 205 46.52 56.12 67.30
C ILE DA 205 47.66 56.31 68.30
N ASN DA 206 47.47 57.16 69.33
CA ASN DA 206 48.49 57.46 70.33
C ASN DA 206 48.72 56.30 71.25
N LYS DA 207 47.77 55.97 72.17
CA LYS DA 207 47.93 54.87 73.11
C LYS DA 207 47.89 53.52 72.42
N LEU DA 208 47.27 53.46 71.22
CA LEU DA 208 47.21 52.29 70.36
C LEU DA 208 48.60 51.79 70.01
N VAL DA 209 49.50 52.70 69.60
CA VAL DA 209 50.84 52.38 69.16
C VAL DA 209 51.81 52.53 70.34
N LYS DA 210 51.35 53.08 71.49
CA LYS DA 210 52.05 52.98 72.76
C LYS DA 210 51.50 51.76 73.49
N SER DA 211 51.46 50.64 72.75
CA SER DA 211 51.12 49.31 73.19
C SER DA 211 51.80 48.45 72.17
N MET DA 212 51.63 48.82 70.87
CA MET DA 212 52.32 48.21 69.74
C MET DA 212 53.68 48.84 69.58
N ASN DA 213 54.63 48.47 70.47
CA ASN DA 213 55.92 49.08 70.55
C ASN DA 213 57.01 48.08 70.92
N GLU EA 1 63.35 -54.84 -39.90
CA GLU EA 1 63.83 -53.52 -39.37
C GLU EA 1 63.67 -52.39 -40.37
N ARG EA 2 63.83 -51.14 -39.88
CA ARG EA 2 63.86 -49.93 -40.66
C ARG EA 2 65.27 -49.65 -41.14
N LEU EA 3 66.26 -50.44 -40.63
CA LEU EA 3 67.66 -50.46 -40.96
C LEU EA 3 67.93 -50.74 -42.41
N THR EA 4 67.33 -51.84 -42.94
CA THR EA 4 67.67 -52.38 -44.25
C THR EA 4 67.16 -51.47 -45.34
N LYS EA 5 68.10 -50.89 -46.11
CA LYS EA 5 67.82 -49.92 -47.15
C LYS EA 5 67.67 -50.69 -48.44
N GLU EA 6 68.80 -50.99 -49.13
CA GLU EA 6 68.85 -51.99 -50.17
C GLU EA 6 69.25 -53.29 -49.51
N ALA EA 7 68.86 -54.43 -50.10
CA ALA EA 7 69.04 -55.73 -49.51
C ALA EA 7 69.69 -56.65 -50.50
N ALA EA 8 70.19 -57.80 -50.00
CA ALA EA 8 70.73 -58.89 -50.80
C ALA EA 8 69.74 -60.03 -50.71
N ALA EA 9 70.08 -61.21 -51.29
CA ALA EA 9 69.27 -62.39 -51.20
C ALA EA 9 69.82 -63.27 -50.10
N VAL EA 10 68.99 -64.23 -49.63
CA VAL EA 10 69.28 -65.07 -48.48
C VAL EA 10 70.34 -66.11 -48.78
N ALA EA 11 70.36 -66.64 -50.02
CA ALA EA 11 71.26 -67.70 -50.42
C ALA EA 11 72.69 -67.21 -50.54
N GLU EA 12 72.88 -65.95 -50.97
CA GLU EA 12 74.19 -65.34 -51.08
C GLU EA 12 74.58 -64.70 -49.79
N GLY EA 13 73.63 -64.49 -48.84
CA GLY EA 13 73.86 -63.86 -47.56
C GLY EA 13 74.73 -64.70 -46.66
N LYS EA 14 74.60 -66.04 -46.78
CA LYS EA 14 75.40 -67.01 -46.07
C LYS EA 14 76.84 -66.99 -46.54
N SER EA 15 77.04 -66.86 -47.87
CA SER EA 15 78.33 -66.87 -48.53
C SER EA 15 79.17 -65.66 -48.16
N LYS EA 16 78.52 -64.58 -47.66
CA LYS EA 16 79.19 -63.39 -47.21
C LYS EA 16 79.73 -63.57 -45.81
N GLN EA 17 79.06 -64.39 -44.95
CA GLN EA 17 79.49 -64.67 -43.59
C GLN EA 17 80.82 -65.38 -43.57
N ASP EA 18 80.98 -66.42 -44.43
CA ASP EA 18 82.20 -67.21 -44.51
C ASP EA 18 83.26 -66.56 -45.39
N ALA EA 19 83.25 -65.20 -45.47
CA ALA EA 19 84.27 -64.42 -46.13
C ALA EA 19 85.33 -64.04 -45.14
N SER EA 20 85.91 -65.07 -44.48
CA SER EA 20 87.06 -64.94 -43.61
C SER EA 20 88.10 -65.95 -44.04
N PRO EA 21 87.93 -67.28 -44.08
CA PRO EA 21 89.01 -68.19 -44.43
C PRO EA 21 89.27 -68.23 -45.93
N LYS EA 22 88.47 -67.53 -46.76
CA LYS EA 22 88.66 -67.46 -48.20
C LYS EA 22 89.39 -66.19 -48.64
N PRO EA 23 89.21 -64.96 -48.12
CA PRO EA 23 90.24 -63.93 -48.14
C PRO EA 23 91.27 -64.23 -47.07
N TYR EA 24 92.12 -63.23 -46.71
CA TYR EA 24 93.18 -63.39 -45.74
C TYR EA 24 92.72 -62.82 -44.40
N ALA EA 25 92.87 -61.50 -44.17
CA ALA EA 25 92.63 -60.89 -42.88
C ALA EA 25 91.24 -60.32 -42.82
N VAL EA 26 90.66 -60.33 -41.59
CA VAL EA 26 89.33 -59.86 -41.28
C VAL EA 26 89.44 -59.20 -39.93
N LYS EA 27 88.81 -58.01 -39.78
CA LYS EA 27 88.56 -57.40 -38.49
C LYS EA 27 87.10 -57.64 -38.21
N TYR EA 28 86.70 -57.53 -36.94
CA TYR EA 28 85.40 -57.90 -36.47
C TYR EA 28 85.00 -56.87 -35.45
N GLY EA 29 83.68 -56.59 -35.38
CA GLY EA 29 83.13 -55.53 -34.56
C GLY EA 29 82.67 -54.42 -35.45
N LEU EA 30 81.64 -53.66 -35.03
CA LEU EA 30 81.03 -52.64 -35.86
C LEU EA 30 81.76 -51.31 -35.75
N ASN EA 31 82.61 -51.14 -34.71
CA ASN EA 31 83.55 -50.04 -34.58
C ASN EA 31 84.63 -50.18 -35.62
N HIS EA 32 85.14 -51.41 -35.77
CA HIS EA 32 86.24 -51.70 -36.65
C HIS EA 32 85.81 -51.71 -38.11
N VAL EA 33 84.48 -51.78 -38.35
CA VAL EA 33 83.86 -51.61 -39.64
C VAL EA 33 83.88 -50.16 -40.04
N VAL EA 34 83.40 -49.23 -39.18
CA VAL EA 34 83.33 -47.81 -39.49
C VAL EA 34 84.71 -47.22 -39.52
N ALA EA 35 85.64 -47.82 -38.73
CA ALA EA 35 87.05 -47.55 -38.71
C ALA EA 35 87.69 -47.78 -40.06
N LEU EA 36 87.37 -48.95 -40.64
CA LEU EA 36 87.81 -49.53 -41.90
C LEU EA 36 88.06 -48.63 -43.11
N ILE EA 37 87.32 -47.50 -43.20
CA ILE EA 37 86.78 -47.01 -44.46
C ILE EA 37 87.71 -46.15 -45.29
N GLU EA 38 88.33 -45.07 -44.75
CA GLU EA 38 88.96 -44.01 -45.53
C GLU EA 38 89.97 -44.49 -46.54
N ASN EA 39 91.10 -45.08 -46.07
CA ASN EA 39 92.20 -45.51 -46.91
C ASN EA 39 91.88 -46.78 -47.67
N LYS EA 40 90.65 -47.32 -47.48
CA LYS EA 40 90.10 -48.44 -48.19
C LYS EA 40 90.76 -49.71 -47.76
N LYS EA 41 90.89 -49.83 -46.42
CA LYS EA 41 91.42 -50.96 -45.72
C LYS EA 41 90.31 -51.98 -45.62
N ALA EA 42 89.06 -51.53 -45.42
CA ALA EA 42 87.87 -52.32 -45.62
C ALA EA 42 87.54 -52.37 -47.09
N LYS EA 43 87.13 -53.56 -47.58
CA LYS EA 43 86.85 -53.82 -48.98
C LYS EA 43 85.41 -54.22 -49.03
N LEU EA 44 85.10 -55.41 -48.47
CA LEU EA 44 83.75 -55.86 -48.21
C LEU EA 44 83.49 -55.49 -46.79
N VAL EA 45 82.34 -54.86 -46.50
CA VAL EA 45 81.86 -54.65 -45.16
C VAL EA 45 80.71 -55.61 -45.04
N LEU EA 46 80.69 -56.36 -43.92
CA LEU EA 46 79.73 -57.38 -43.61
C LEU EA 46 78.79 -56.76 -42.61
N ILE EA 47 77.64 -56.22 -43.10
CA ILE EA 47 76.65 -55.56 -42.27
C ILE EA 47 75.69 -56.62 -41.80
N ALA EA 48 75.63 -56.87 -40.46
CA ALA EA 48 74.60 -57.69 -39.89
C ALA EA 48 73.41 -56.81 -39.63
N ASN EA 49 72.22 -57.42 -39.55
CA ASN EA 49 70.98 -56.71 -39.36
C ASN EA 49 70.70 -56.70 -37.90
N ASP EA 50 70.72 -57.92 -37.32
CA ASP EA 50 70.49 -58.29 -35.95
C ASP EA 50 71.60 -57.86 -35.04
N VAL EA 51 71.53 -56.59 -34.56
CA VAL EA 51 72.46 -56.03 -33.63
C VAL EA 51 71.60 -55.12 -32.79
N ASP EA 52 71.68 -55.28 -31.45
CA ASP EA 52 70.88 -54.53 -30.51
C ASP EA 52 71.80 -53.57 -29.79
N PRO EA 53 71.44 -52.31 -29.56
CA PRO EA 53 70.30 -51.61 -30.13
C PRO EA 53 70.54 -51.32 -31.58
N ILE EA 54 69.49 -50.87 -32.30
CA ILE EA 54 69.52 -50.66 -33.74
C ILE EA 54 70.26 -49.40 -34.12
N GLU EA 55 70.62 -48.57 -33.10
CA GLU EA 55 71.36 -47.33 -33.23
C GLU EA 55 72.78 -47.58 -33.66
N LEU EA 56 73.33 -48.78 -33.35
CA LEU EA 56 74.68 -49.16 -33.69
C LEU EA 56 74.80 -49.44 -35.17
N VAL EA 57 73.84 -50.20 -35.73
CA VAL EA 57 73.92 -50.66 -37.10
C VAL EA 57 73.48 -49.62 -38.11
N VAL EA 58 72.77 -48.53 -37.72
CA VAL EA 58 72.36 -47.49 -38.66
C VAL EA 58 73.52 -46.61 -39.10
N PHE EA 59 74.71 -46.76 -38.46
CA PHE EA 59 75.97 -46.21 -38.92
C PHE EA 59 76.31 -46.81 -40.27
N LEU EA 60 76.22 -48.15 -40.39
CA LEU EA 60 76.83 -48.92 -41.45
C LEU EA 60 76.24 -48.66 -42.84
N PRO EA 61 74.94 -48.54 -43.13
CA PRO EA 61 74.47 -48.20 -44.48
C PRO EA 61 74.72 -46.77 -44.88
N ALA EA 62 75.18 -45.89 -43.97
CA ALA EA 62 75.25 -44.46 -44.17
C ALA EA 62 76.69 -44.01 -44.28
N LEU EA 63 77.47 -44.17 -43.19
CA LEU EA 63 78.86 -43.78 -43.01
C LEU EA 63 79.73 -44.45 -44.04
N CYS EA 64 79.58 -45.78 -44.17
CA CYS EA 64 80.37 -46.61 -45.05
C CYS EA 64 80.01 -46.40 -46.51
N LYS EA 65 78.96 -45.59 -46.80
CA LYS EA 65 78.51 -45.28 -48.13
C LYS EA 65 78.93 -43.88 -48.52
N LYS EA 66 79.19 -42.98 -47.53
CA LYS EA 66 79.62 -41.60 -47.75
C LYS EA 66 81.02 -41.62 -48.29
N MET EA 67 81.98 -42.10 -47.46
CA MET EA 67 83.38 -42.18 -47.81
C MET EA 67 83.59 -43.34 -48.76
N GLY EA 68 82.83 -44.44 -48.58
CA GLY EA 68 82.45 -45.30 -49.68
C GLY EA 68 83.27 -46.53 -49.84
N VAL EA 69 82.76 -47.66 -49.29
CA VAL EA 69 83.14 -49.00 -49.65
C VAL EA 69 81.88 -49.60 -50.24
N PRO EA 70 81.94 -50.55 -51.18
CA PRO EA 70 80.78 -51.33 -51.57
C PRO EA 70 80.50 -52.39 -50.52
N TYR EA 71 79.50 -52.17 -49.64
CA TYR EA 71 79.17 -53.09 -48.58
C TYR EA 71 78.25 -54.18 -49.09
N ALA EA 72 78.00 -55.19 -48.24
CA ALA EA 72 76.97 -56.15 -48.51
C ALA EA 72 76.49 -56.68 -47.19
N ILE EA 73 75.18 -57.03 -47.14
CA ILE EA 73 74.49 -57.40 -45.93
C ILE EA 73 74.59 -58.90 -45.77
N VAL EA 74 75.15 -59.37 -44.61
CA VAL EA 74 75.17 -60.77 -44.22
C VAL EA 74 73.83 -61.10 -43.65
N LYS EA 75 73.53 -62.40 -43.47
CA LYS EA 75 72.19 -62.80 -43.10
C LYS EA 75 71.96 -62.58 -41.61
N GLY EA 76 72.91 -62.97 -40.73
CA GLY EA 76 72.79 -62.64 -39.32
C GLY EA 76 74.11 -62.76 -38.60
N LYS EA 77 74.11 -62.41 -37.30
CA LYS EA 77 75.29 -62.30 -36.45
C LYS EA 77 75.70 -63.63 -35.86
N ALA EA 78 74.74 -64.56 -35.65
CA ALA EA 78 74.92 -65.79 -34.92
C ALA EA 78 75.90 -66.74 -35.56
N ARG EA 79 76.05 -66.67 -36.91
CA ARG EA 79 77.06 -67.41 -37.63
C ARG EA 79 77.89 -66.44 -38.43
N LEU EA 80 78.15 -65.24 -37.87
CA LEU EA 80 79.07 -64.28 -38.43
C LEU EA 80 80.39 -64.49 -37.76
N GLY EA 81 80.46 -64.25 -36.43
CA GLY EA 81 81.69 -64.34 -35.64
C GLY EA 81 82.23 -65.74 -35.54
N THR EA 82 81.32 -66.74 -35.57
CA THR EA 82 81.63 -68.16 -35.52
C THR EA 82 82.37 -68.58 -36.78
N LEU EA 83 82.03 -67.96 -37.93
CA LEU EA 83 82.61 -68.27 -39.23
C LEU EA 83 83.86 -67.47 -39.47
N VAL EA 84 84.11 -66.40 -38.65
CA VAL EA 84 85.36 -65.68 -38.64
C VAL EA 84 86.37 -66.50 -37.87
N ASN EA 85 85.94 -67.02 -36.69
CA ASN EA 85 86.68 -67.82 -35.73
C ASN EA 85 87.36 -66.86 -34.79
N GLN EA 86 86.61 -66.47 -33.74
CA GLN EA 86 87.02 -65.51 -32.74
C GLN EA 86 86.73 -66.18 -31.42
N LYS EA 87 86.31 -65.37 -30.41
CA LYS EA 87 85.53 -65.82 -29.29
C LYS EA 87 84.09 -65.74 -29.73
N THR EA 88 83.49 -64.53 -29.59
CA THR EA 88 82.06 -64.34 -29.45
C THR EA 88 81.32 -64.20 -30.76
N SER EA 89 80.02 -63.87 -30.65
CA SER EA 89 79.09 -63.65 -31.73
C SER EA 89 79.26 -62.23 -32.20
N ALA EA 90 79.98 -62.03 -33.33
CA ALA EA 90 80.37 -60.72 -33.80
C ALA EA 90 79.21 -60.01 -34.45
N VAL EA 91 79.04 -58.72 -34.07
CA VAL EA 91 77.96 -57.87 -34.53
C VAL EA 91 78.19 -57.38 -35.93
N ALA EA 92 79.46 -57.25 -36.38
CA ALA EA 92 79.75 -56.94 -37.76
C ALA EA 92 81.14 -57.42 -38.05
N ALA EA 93 81.61 -57.23 -39.30
CA ALA EA 93 82.96 -57.58 -39.66
C ALA EA 93 83.28 -56.89 -40.96
N LEU EA 94 84.55 -56.94 -41.39
CA LEU EA 94 84.97 -56.43 -42.67
C LEU EA 94 86.09 -57.28 -43.17
N THR EA 95 86.19 -57.41 -44.51
CA THR EA 95 87.26 -58.12 -45.17
C THR EA 95 88.32 -57.11 -45.48
N GLU EA 96 89.52 -57.30 -44.90
CA GLU EA 96 90.63 -56.42 -45.10
C GLU EA 96 91.49 -56.95 -46.23
N VAL EA 97 92.51 -57.78 -45.91
CA VAL EA 97 93.47 -58.26 -46.86
C VAL EA 97 92.85 -59.41 -47.62
N ARG EA 98 93.07 -59.48 -48.95
CA ARG EA 98 92.54 -60.50 -49.81
C ARG EA 98 93.59 -61.57 -49.97
N ALA EA 99 93.16 -62.85 -50.09
CA ALA EA 99 94.02 -63.96 -50.39
C ALA EA 99 93.88 -64.22 -51.88
N GLU EA 100 93.16 -65.30 -52.26
CA GLU EA 100 92.94 -65.63 -53.65
C GLU EA 100 91.67 -64.97 -54.14
N ASP EA 101 90.64 -64.88 -53.25
CA ASP EA 101 89.35 -64.31 -53.59
C ASP EA 101 89.43 -62.81 -53.71
N GLU EA 102 89.46 -62.35 -54.98
CA GLU EA 102 89.30 -60.97 -55.38
C GLU EA 102 88.20 -60.97 -56.39
N ALA EA 103 88.26 -61.91 -57.36
CA ALA EA 103 87.29 -62.06 -58.42
C ALA EA 103 85.99 -62.63 -57.91
N ALA EA 104 86.07 -63.54 -56.91
CA ALA EA 104 84.92 -64.13 -56.26
C ALA EA 104 84.31 -63.14 -55.30
N LEU EA 105 85.18 -62.40 -54.55
CA LEU EA 105 84.83 -61.40 -53.57
C LEU EA 105 84.15 -60.20 -54.21
N ALA EA 106 84.37 -59.98 -55.52
CA ALA EA 106 83.76 -58.93 -56.31
C ALA EA 106 82.27 -59.14 -56.48
N LYS EA 107 81.79 -60.40 -56.39
CA LYS EA 107 80.39 -60.75 -56.48
C LYS EA 107 79.84 -61.09 -55.12
N LEU EA 108 80.57 -60.71 -54.04
CA LEU EA 108 80.02 -60.65 -52.70
C LEU EA 108 79.64 -59.21 -52.47
N VAL EA 109 80.52 -58.25 -52.89
CA VAL EA 109 80.27 -56.83 -52.75
C VAL EA 109 79.21 -56.37 -53.72
N SER EA 110 79.45 -56.49 -55.04
CA SER EA 110 78.61 -55.89 -56.05
C SER EA 110 77.60 -56.89 -56.56
N THR EA 111 76.52 -57.03 -55.77
CA THR EA 111 75.32 -57.76 -56.08
C THR EA 111 74.22 -56.88 -55.58
N ILE EA 112 74.36 -56.44 -54.32
CA ILE EA 112 73.55 -55.47 -53.62
C ILE EA 112 74.01 -54.09 -54.03
N ASP EA 113 75.32 -53.78 -53.85
CA ASP EA 113 75.91 -52.50 -54.21
C ASP EA 113 76.84 -52.76 -55.42
N THR FA 1 -5.35 56.84 89.88
CA THR FA 1 -5.95 57.88 90.78
C THR FA 1 -6.48 57.24 92.06
N GLU FA 2 -7.31 57.95 92.87
CA GLU FA 2 -7.97 57.40 94.02
C GLU FA 2 -9.38 57.91 94.07
N GLN FA 3 -10.30 57.09 94.62
CA GLN FA 3 -11.72 57.42 94.74
C GLN FA 3 -12.15 57.17 96.16
N GLN FA 4 -13.38 57.63 96.51
CA GLN FA 4 -13.92 57.55 97.86
C GLN FA 4 -15.28 56.92 97.80
N ILE FA 5 -15.59 56.05 98.80
CA ILE FA 5 -16.88 55.42 98.93
C ILE FA 5 -17.20 55.52 100.40
N GLU FA 6 -18.41 56.01 100.77
CA GLU FA 6 -18.81 56.20 102.15
C GLU FA 6 -19.50 54.96 102.67
N VAL FA 7 -20.06 55.02 103.90
CA VAL FA 7 -20.83 53.93 104.45
C VAL FA 7 -21.90 54.57 105.32
N PRO FA 8 -23.18 54.22 105.24
CA PRO FA 8 -24.24 54.84 106.04
C PRO FA 8 -24.28 54.21 107.42
N GLU FA 9 -25.21 54.68 108.27
CA GLU FA 9 -25.40 54.36 109.67
C GLU FA 9 -25.43 52.87 109.98
N GLY FA 10 -26.40 52.12 109.39
CA GLY FA 10 -26.65 50.75 109.77
C GLY FA 10 -25.97 49.76 108.86
N VAL FA 11 -24.80 50.14 108.29
CA VAL FA 11 -24.01 49.30 107.44
C VAL FA 11 -22.61 49.42 107.97
N THR FA 12 -21.84 48.32 107.95
CA THR FA 12 -20.44 48.32 108.35
C THR FA 12 -19.69 47.72 107.20
N VAL FA 13 -18.76 48.50 106.60
CA VAL FA 13 -17.82 48.01 105.61
C VAL FA 13 -16.55 47.68 106.35
N SER FA 14 -15.85 46.61 105.92
CA SER FA 14 -14.61 46.22 106.53
C SER FA 14 -13.81 45.42 105.54
N ILE FA 15 -12.82 46.08 104.89
CA ILE FA 15 -11.89 45.44 103.99
C ILE FA 15 -10.62 45.19 104.77
N LYS FA 16 -10.00 44.02 104.52
CA LYS FA 16 -9.05 43.40 105.40
C LYS FA 16 -8.24 42.49 104.49
N SER FA 17 -7.19 43.07 103.86
CA SER FA 17 -6.44 42.49 102.75
C SER FA 17 -7.33 42.64 101.53
N ARG FA 18 -7.43 41.62 100.66
CA ARG FA 18 -8.32 41.69 99.53
C ARG FA 18 -9.72 41.26 99.92
N ILE FA 19 -9.86 40.58 101.08
CA ILE FA 19 -11.12 40.06 101.55
C ILE FA 19 -11.99 41.21 102.02
N VAL FA 20 -13.18 41.39 101.42
CA VAL FA 20 -14.09 42.48 101.75
C VAL FA 20 -15.29 41.88 102.44
N LYS FA 21 -15.94 42.67 103.33
CA LYS FA 21 -17.21 42.35 103.91
C LYS FA 21 -18.00 43.63 103.89
N VAL FA 22 -19.30 43.53 103.53
CA VAL FA 22 -20.27 44.59 103.70
C VAL FA 22 -21.38 43.94 104.50
N VAL FA 23 -21.89 44.65 105.53
CA VAL FA 23 -22.81 44.10 106.51
C VAL FA 23 -24.13 44.79 106.34
N GLY FA 24 -25.24 44.01 106.33
CA GLY FA 24 -26.56 44.60 106.27
C GLY FA 24 -27.56 43.61 106.82
N PRO FA 25 -28.83 43.96 106.84
CA PRO FA 25 -29.87 43.20 107.54
C PRO FA 25 -30.33 41.99 106.76
N ARG FA 26 -29.91 41.81 105.49
CA ARG FA 26 -30.28 40.66 104.70
C ARG FA 26 -29.24 39.59 104.90
N GLY FA 27 -27.94 39.98 104.83
CA GLY FA 27 -26.86 39.07 105.08
C GLY FA 27 -25.60 39.86 105.06
N THR FA 28 -24.44 39.16 105.15
CA THR FA 28 -23.15 39.78 105.07
C THR FA 28 -22.42 39.05 103.98
N LEU FA 29 -21.89 39.78 102.97
CA LEU FA 29 -21.42 39.18 101.74
C LEU FA 29 -19.91 39.32 101.64
N THR FA 30 -19.23 38.23 101.22
CA THR FA 30 -17.80 38.18 100.99
C THR FA 30 -17.57 38.07 99.50
N LYS FA 31 -16.67 38.91 98.95
CA LYS FA 31 -15.96 38.57 97.74
C LYS FA 31 -14.52 38.92 98.02
N ASN FA 32 -13.68 38.94 96.97
CA ASN FA 32 -12.31 39.40 97.03
C ASN FA 32 -12.26 40.64 96.19
N LEU FA 33 -11.23 41.51 96.36
CA LEU FA 33 -11.05 42.72 95.58
C LEU FA 33 -9.60 43.16 95.73
N LYS FA 34 -8.69 42.74 94.81
CA LYS FA 34 -7.37 43.34 94.68
C LYS FA 34 -6.69 42.86 93.42
N HIS FA 35 -6.33 43.85 92.55
CA HIS FA 35 -5.57 43.70 91.32
C HIS FA 35 -4.13 44.06 91.61
N ILE FA 36 -3.34 44.37 90.56
CA ILE FA 36 -1.92 44.67 90.58
C ILE FA 36 -1.73 46.04 91.20
N ASP FA 37 -0.80 46.12 92.19
CA ASP FA 37 -0.44 47.27 93.02
C ASP FA 37 -1.55 47.72 93.95
N VAL FA 38 -2.70 48.17 93.37
CA VAL FA 38 -3.84 48.82 93.98
C VAL FA 38 -4.20 48.32 95.36
N THR FA 39 -4.18 49.25 96.34
CA THR FA 39 -4.44 48.95 97.73
C THR FA 39 -5.76 49.59 98.06
N PHE FA 40 -6.76 48.73 98.35
CA PHE FA 40 -8.09 49.15 98.73
C PHE FA 40 -8.20 49.00 100.24
N THR FA 41 -7.11 48.59 100.93
CA THR FA 41 -7.07 48.48 102.38
C THR FA 41 -6.61 49.82 102.92
N LYS FA 42 -7.50 50.83 102.84
CA LYS FA 42 -7.24 52.15 103.37
C LYS FA 42 -8.57 52.64 103.86
N VAL FA 43 -8.89 52.31 105.14
CA VAL FA 43 -10.14 52.65 105.78
C VAL FA 43 -9.90 53.92 106.54
N ASN FA 44 -10.51 55.03 106.06
CA ASN FA 44 -10.39 56.35 106.64
C ASN FA 44 -11.72 56.65 107.30
N ASN FA 45 -12.00 55.91 108.41
CA ASN FA 45 -13.20 56.00 109.22
C ASN FA 45 -14.41 55.49 108.45
N GLN FA 46 -15.21 56.39 107.84
CA GLN FA 46 -16.36 56.04 107.04
C GLN FA 46 -15.88 55.70 105.64
N LEU FA 47 -14.99 56.56 105.08
CA LEU FA 47 -14.57 56.46 103.70
C LEU FA 47 -13.59 55.33 103.54
N ILE FA 48 -13.98 54.29 102.77
CA ILE FA 48 -13.05 53.29 102.28
C ILE FA 48 -12.57 53.84 100.96
N LYS FA 49 -11.23 53.86 100.75
CA LYS FA 49 -10.64 54.52 99.62
C LYS FA 49 -9.77 53.54 98.91
N VAL FA 50 -9.99 53.42 97.58
CA VAL FA 50 -9.13 52.70 96.67
C VAL FA 50 -8.07 53.70 96.27
N ALA FA 51 -6.81 53.26 96.07
CA ALA FA 51 -5.78 54.16 95.65
C ALA FA 51 -4.72 53.36 94.94
N VAL FA 52 -4.25 53.89 93.79
CA VAL FA 52 -3.15 53.32 93.05
C VAL FA 52 -2.39 54.49 92.47
N HIS FA 53 -1.13 54.24 92.05
CA HIS FA 53 -0.21 55.25 91.56
C HIS FA 53 -0.21 55.23 90.06
N ASN FA 54 -0.24 54.01 89.48
CA ASN FA 54 -0.08 53.71 88.08
C ASN FA 54 -1.39 53.92 87.35
N GLY FA 55 -1.36 53.86 86.00
CA GLY FA 55 -2.49 54.00 85.12
C GLY FA 55 -2.26 53.05 83.99
N GLY FA 56 -2.98 53.24 82.87
CA GLY FA 56 -2.92 52.36 81.72
C GLY FA 56 -4.30 51.81 81.54
N ARG FA 57 -4.57 51.18 80.37
CA ARG FA 57 -5.88 50.76 79.93
C ARG FA 57 -6.46 49.68 80.84
N LYS FA 58 -5.90 48.45 80.82
CA LYS FA 58 -6.35 47.34 81.67
C LYS FA 58 -6.16 47.61 83.16
N HIS FA 59 -5.29 48.58 83.52
CA HIS FA 59 -4.96 48.89 84.90
C HIS FA 59 -6.00 49.76 85.57
N VAL FA 60 -6.59 50.72 84.80
CA VAL FA 60 -7.61 51.65 85.27
C VAL FA 60 -8.92 50.92 85.50
N ALA FA 61 -9.12 49.76 84.82
CA ALA FA 61 -10.25 48.89 85.00
C ALA FA 61 -10.47 48.50 86.44
N ALA FA 62 -9.42 48.00 87.11
CA ALA FA 62 -9.52 47.55 88.48
C ALA FA 62 -9.37 48.65 89.51
N LEU FA 63 -9.44 49.93 89.07
CA LEU FA 63 -9.47 51.09 89.93
C LEU FA 63 -10.92 51.42 90.18
N ARG FA 64 -11.75 51.43 89.11
CA ARG FA 64 -13.15 51.75 89.18
C ARG FA 64 -13.95 50.63 89.78
N THR FA 65 -13.76 49.38 89.33
CA THR FA 65 -14.64 48.28 89.67
C THR FA 65 -14.64 47.93 91.13
N VAL FA 66 -13.48 48.06 91.82
CA VAL FA 66 -13.38 47.80 93.23
C VAL FA 66 -14.11 48.88 94.04
N LYS FA 67 -14.25 50.10 93.48
CA LYS FA 67 -15.06 51.20 93.99
C LYS FA 67 -16.53 50.90 93.78
N SER FA 68 -16.90 50.30 92.62
CA SER FA 68 -18.27 50.09 92.23
C SER FA 68 -18.91 49.01 93.04
N LEU FA 69 -18.22 47.86 93.23
CA LEU FA 69 -18.78 46.70 93.88
C LEU FA 69 -19.01 46.89 95.36
N VAL FA 70 -18.40 47.88 96.05
CA VAL FA 70 -18.71 48.15 97.44
C VAL FA 70 -20.00 48.94 97.56
N ASP FA 71 -20.34 49.78 96.55
CA ASP FA 71 -21.60 50.48 96.46
C ASP FA 71 -22.70 49.54 96.07
N ASN FA 72 -22.37 48.49 95.26
CA ASN FA 72 -23.32 47.52 94.81
C ASN FA 72 -23.56 46.47 95.89
N MET FA 73 -22.55 46.18 96.74
CA MET FA 73 -22.72 45.28 97.86
C MET FA 73 -23.58 45.90 98.96
N ILE FA 74 -23.54 47.25 99.16
CA ILE FA 74 -24.39 47.90 100.16
C ILE FA 74 -25.82 47.91 99.70
N THR FA 75 -26.09 48.11 98.38
CA THR FA 75 -27.43 48.04 97.83
C THR FA 75 -27.98 46.63 97.91
N GLY FA 76 -27.11 45.61 97.76
CA GLY FA 76 -27.46 44.21 97.85
C GLY FA 76 -27.87 43.77 99.23
N VAL FA 77 -27.03 44.07 100.26
CA VAL FA 77 -27.26 43.61 101.63
C VAL FA 77 -28.33 44.39 102.34
N THR FA 78 -28.66 45.61 101.86
CA THR FA 78 -29.63 46.48 102.50
C THR FA 78 -30.97 46.32 101.81
N LYS FA 79 -31.04 46.68 100.51
CA LYS FA 79 -32.28 46.71 99.76
C LYS FA 79 -32.56 45.34 99.19
N GLY FA 80 -31.68 44.88 98.27
CA GLY FA 80 -31.81 43.62 97.57
C GLY FA 80 -32.22 43.93 96.16
N TYR FA 81 -31.46 43.38 95.18
CA TYR FA 81 -31.74 43.56 93.77
C TYR FA 81 -32.83 42.60 93.34
N LYS FA 82 -33.35 42.80 92.11
CA LYS FA 82 -34.32 41.92 91.53
C LYS FA 82 -34.01 41.76 90.07
N TYR FA 83 -33.43 40.59 89.72
CA TYR FA 83 -33.07 40.19 88.38
C TYR FA 83 -34.19 39.35 87.87
N LYS FA 84 -34.51 39.49 86.57
CA LYS FA 84 -35.82 39.19 86.04
C LYS FA 84 -35.73 38.20 84.91
N MET FA 85 -36.43 37.05 85.03
CA MET FA 85 -36.57 36.10 83.94
C MET FA 85 -38.02 35.67 83.90
N ARG FA 86 -38.38 34.84 82.90
CA ARG FA 86 -39.71 34.29 82.76
C ARG FA 86 -39.57 32.88 82.26
N TYR FA 87 -40.44 31.97 82.76
CA TYR FA 87 -40.64 30.67 82.16
C TYR FA 87 -41.58 30.87 81.00
N VAL FA 88 -41.18 30.38 79.81
CA VAL FA 88 -41.98 30.41 78.61
C VAL FA 88 -42.17 28.96 78.27
N TYR FA 89 -43.31 28.62 77.64
CA TYR FA 89 -43.54 27.29 77.14
C TYR FA 89 -44.36 27.44 75.89
N ALA FA 90 -44.31 26.41 75.02
CA ALA FA 90 -45.10 26.32 73.81
C ALA FA 90 -46.43 25.70 74.19
N HIS FA 91 -46.54 24.36 74.08
CA HIS FA 91 -47.76 23.63 74.38
C HIS FA 91 -47.73 23.14 75.81
N PHE FA 92 -46.68 22.37 76.16
CA PHE FA 92 -46.69 21.51 77.32
C PHE FA 92 -46.49 22.28 78.62
N PRO FA 93 -47.17 21.94 79.71
CA PRO FA 93 -47.18 22.75 80.92
C PRO FA 93 -45.91 22.58 81.73
N ILE FA 94 -44.95 23.53 81.59
CA ILE FA 94 -43.71 23.56 82.32
C ILE FA 94 -43.96 23.72 83.80
N ASN FA 95 -43.35 22.82 84.63
CA ASN FA 95 -43.67 22.71 86.03
C ASN FA 95 -42.40 22.92 86.82
N VAL FA 96 -42.52 23.71 87.91
CA VAL FA 96 -41.39 24.24 88.64
C VAL FA 96 -41.70 24.05 90.11
N ASN FA 97 -40.68 23.60 90.89
CA ASN FA 97 -40.71 23.68 92.33
C ASN FA 97 -39.51 24.51 92.72
N ILE FA 98 -39.63 25.23 93.86
CA ILE FA 98 -38.71 26.28 94.26
C ILE FA 98 -37.92 25.79 95.45
N VAL FA 99 -37.01 26.64 95.99
CA VAL FA 99 -36.14 26.33 97.11
C VAL FA 99 -36.89 26.52 98.41
N GLU FA 100 -37.86 25.63 98.68
CA GLU FA 100 -38.63 25.63 99.89
C GLU FA 100 -39.25 24.26 99.93
N LYS FA 101 -39.16 23.57 101.10
CA LYS FA 101 -39.74 22.26 101.37
C LYS FA 101 -38.94 21.17 100.72
N ASP FA 102 -39.14 21.01 99.40
CA ASP FA 102 -38.68 19.94 98.56
C ASP FA 102 -37.29 20.28 98.08
N GLY FA 103 -37.11 21.52 97.54
CA GLY FA 103 -35.84 22.01 97.06
C GLY FA 103 -34.96 22.40 98.22
N ALA FA 104 -33.92 21.57 98.46
CA ALA FA 104 -32.96 21.76 99.52
C ALA FA 104 -31.67 22.21 98.87
N LYS FA 105 -31.62 23.51 98.51
CA LYS FA 105 -30.61 24.12 97.68
C LYS FA 105 -30.62 23.57 96.27
N PHE FA 106 -31.81 23.45 95.68
CA PHE FA 106 -31.93 23.18 94.26
C PHE FA 106 -33.26 23.69 93.82
N ILE FA 107 -33.35 24.00 92.51
CA ILE FA 107 -34.57 24.33 91.81
C ILE FA 107 -34.70 23.23 90.78
N GLU FA 108 -35.88 23.10 90.17
CA GLU FA 108 -36.12 22.06 89.21
C GLU FA 108 -36.99 22.59 88.12
N VAL FA 109 -36.75 22.08 86.89
CA VAL FA 109 -37.58 22.30 85.76
C VAL FA 109 -37.86 20.92 85.24
N ARG FA 110 -39.16 20.56 85.17
CA ARG FA 110 -39.59 19.30 84.61
C ARG FA 110 -40.66 19.65 83.62
N ASN FA 111 -40.82 18.80 82.58
CA ASN FA 111 -41.67 19.01 81.44
C ASN FA 111 -41.21 20.23 80.67
N PHE FA 112 -39.90 20.24 80.33
CA PHE FA 112 -39.27 21.19 79.46
C PHE FA 112 -39.31 20.53 78.12
N LEU FA 113 -39.91 21.19 77.11
CA LEU FA 113 -40.19 20.62 75.80
C LEU FA 113 -41.21 19.51 75.94
N GLY FA 114 -40.77 18.24 76.07
CA GLY FA 114 -41.66 17.12 76.26
C GLY FA 114 -41.12 16.16 77.29
N ASP FA 115 -40.26 16.61 78.24
CA ASP FA 115 -39.59 15.77 79.22
C ASP FA 115 -40.53 14.90 80.03
N LYS FA 116 -40.20 13.60 80.09
CA LYS FA 116 -40.64 12.71 81.15
C LYS FA 116 -39.52 12.72 82.18
N LYS FA 117 -38.30 13.13 81.74
CA LYS FA 117 -37.06 13.28 82.49
C LYS FA 117 -37.14 14.51 83.38
N ILE FA 118 -35.97 15.09 83.74
CA ILE FA 118 -35.88 16.26 84.56
C ILE FA 118 -34.49 16.82 84.34
N ARG FA 119 -34.38 18.16 84.26
CA ARG FA 119 -33.12 18.86 84.15
C ARG FA 119 -33.01 19.67 85.44
N ASN FA 120 -31.98 19.35 86.27
CA ASN FA 120 -31.83 19.87 87.62
C ASN FA 120 -30.54 20.63 87.75
N VAL FA 121 -30.56 21.71 88.56
CA VAL FA 121 -29.40 22.52 88.84
C VAL FA 121 -29.46 22.88 90.32
N PRO FA 122 -28.37 23.01 91.08
CA PRO FA 122 -28.40 23.56 92.44
C PRO FA 122 -28.64 25.05 92.43
N VAL FA 123 -28.68 25.69 93.64
CA VAL FA 123 -28.66 27.13 93.74
C VAL FA 123 -27.47 27.52 94.58
N ARG FA 124 -27.14 28.83 94.57
CA ARG FA 124 -25.91 29.41 95.05
C ARG FA 124 -25.94 29.64 96.57
N ASP FA 125 -25.97 30.91 97.04
CA ASP FA 125 -25.79 31.27 98.44
C ASP FA 125 -27.16 31.41 99.09
N GLY FA 126 -27.41 32.55 99.78
CA GLY FA 126 -28.60 32.81 100.54
C GLY FA 126 -29.50 33.69 99.72
N VAL FA 127 -30.02 33.09 98.63
CA VAL FA 127 -30.91 33.74 97.70
C VAL FA 127 -32.29 33.27 98.05
N THR FA 128 -33.20 34.24 98.29
CA THR FA 128 -34.60 34.00 98.55
C THR FA 128 -35.32 34.20 97.25
N ILE FA 129 -35.46 33.11 96.45
CA ILE FA 129 -36.05 33.20 95.12
C ILE FA 129 -37.54 33.33 95.27
N GLU FA 130 -38.11 34.43 94.73
CA GLU FA 130 -39.51 34.75 94.83
C GLU FA 130 -40.17 34.36 93.53
N PHE FA 131 -40.56 33.07 93.40
CA PHE FA 131 -41.31 32.59 92.27
C PHE FA 131 -42.77 32.76 92.60
N SER FA 132 -43.51 33.44 91.70
CA SER FA 132 -44.95 33.59 91.73
C SER FA 132 -45.48 34.49 92.83
N THR FA 133 -46.78 34.84 92.71
CA THR FA 133 -47.55 35.52 93.74
C THR FA 133 -48.62 34.51 94.07
N ASN FA 134 -49.49 34.22 93.07
CA ASN FA 134 -50.39 33.09 93.09
C ASN FA 134 -49.77 32.13 92.12
N VAL FA 135 -49.84 32.49 90.81
CA VAL FA 135 -49.09 31.85 89.76
C VAL FA 135 -48.66 33.02 88.90
N LYS FA 136 -47.43 32.96 88.35
CA LYS FA 136 -46.92 33.95 87.44
C LYS FA 136 -46.10 33.22 86.42
N ASP FA 137 -45.73 33.95 85.34
CA ASP FA 137 -44.79 33.52 84.33
C ASP FA 137 -43.41 33.80 84.87
N GLU FA 138 -43.25 35.01 85.45
CA GLU FA 138 -42.02 35.56 85.96
C GLU FA 138 -41.52 34.82 87.17
N ILE FA 139 -40.20 34.53 87.16
CA ILE FA 139 -39.46 34.18 88.34
C ILE FA 139 -38.54 35.34 88.55
N VAL FA 140 -38.33 35.75 89.82
CA VAL FA 140 -37.57 36.94 90.11
C VAL FA 140 -36.73 36.64 91.31
N LEU FA 141 -35.40 36.85 91.17
CA LEU FA 141 -34.41 36.50 92.15
C LEU FA 141 -34.30 37.64 93.13
N SER FA 142 -33.85 37.38 94.38
CA SER FA 142 -33.52 38.42 95.32
C SER FA 142 -32.69 37.78 96.39
N GLY FA 143 -31.66 38.45 96.92
CA GLY FA 143 -30.85 37.84 97.95
C GLY FA 143 -30.00 38.89 98.58
N ASN FA 144 -28.96 38.47 99.33
CA ASN FA 144 -28.12 39.36 100.11
C ASN FA 144 -26.98 39.90 99.28
N SER FA 145 -26.61 39.18 98.20
CA SER FA 145 -25.49 39.51 97.36
C SER FA 145 -25.97 40.37 96.21
N VAL FA 146 -25.14 40.44 95.16
CA VAL FA 146 -25.45 41.03 93.88
C VAL FA 146 -25.23 39.89 92.91
N GLU FA 147 -24.00 39.33 92.97
CA GLU FA 147 -23.48 38.28 92.12
C GLU FA 147 -24.24 37.00 92.28
N ASP FA 148 -24.32 36.47 93.53
CA ASP FA 148 -24.94 35.18 93.86
C ASP FA 148 -26.42 35.17 93.59
N VAL FA 149 -27.05 36.37 93.56
CA VAL FA 149 -28.48 36.55 93.37
C VAL FA 149 -28.84 36.23 91.96
N SER FA 150 -28.15 36.88 90.99
CA SER FA 150 -28.41 36.69 89.58
C SER FA 150 -27.68 35.47 89.06
N GLN FA 151 -26.85 34.82 89.91
CA GLN FA 151 -26.23 33.55 89.56
C GLN FA 151 -27.28 32.47 89.49
N ASN FA 152 -28.44 32.68 90.15
CA ASN FA 152 -29.57 31.78 90.09
C ASN FA 152 -30.43 32.07 88.88
N ALA FA 153 -30.04 33.06 88.05
CA ALA FA 153 -30.57 33.27 86.73
C ALA FA 153 -29.76 32.42 85.78
N ALA FA 154 -28.42 32.42 85.94
CA ALA FA 154 -27.48 31.62 85.17
C ALA FA 154 -27.72 30.14 85.34
N ASP FA 155 -27.79 29.64 86.60
CA ASP FA 155 -28.12 28.28 87.00
C ASP FA 155 -29.30 27.74 86.22
N LEU FA 156 -30.39 28.52 86.20
CA LEU FA 156 -31.69 28.15 85.72
C LEU FA 156 -31.79 28.24 84.21
N GLN FA 157 -31.03 29.16 83.58
CA GLN FA 157 -31.09 29.37 82.15
C GLN FA 157 -30.30 28.33 81.39
N GLN FA 158 -29.06 28.03 81.84
CA GLN FA 158 -28.14 27.17 81.11
C GLN FA 158 -28.55 25.72 81.15
N ILE FA 159 -29.09 25.25 82.29
CA ILE FA 159 -29.45 23.86 82.51
C ILE FA 159 -30.57 23.40 81.60
N CYS FA 160 -31.45 24.35 81.19
CA CYS FA 160 -32.48 24.09 80.23
C CYS FA 160 -32.48 25.24 79.25
N ARG FA 161 -31.37 25.31 78.46
CA ARG FA 161 -31.27 26.11 77.26
C ARG FA 161 -31.89 25.23 76.19
N VAL FA 162 -32.47 25.84 75.13
CA VAL FA 162 -33.14 25.10 74.08
C VAL FA 162 -32.07 24.69 73.10
N ARG FA 163 -31.57 23.44 73.26
CA ARG FA 163 -30.38 22.96 72.58
C ARG FA 163 -30.81 21.85 71.66
N ASN FA 164 -31.29 20.72 72.22
CA ASN FA 164 -31.59 19.49 71.50
C ASN FA 164 -32.76 19.62 70.57
N LYS FA 165 -33.63 20.64 70.76
CA LYS FA 165 -34.58 21.08 69.78
C LYS FA 165 -34.38 22.57 69.69
N ASP FA 166 -34.83 23.17 68.56
CA ASP FA 166 -34.50 24.53 68.19
C ASP FA 166 -35.23 25.55 69.05
N ILE FA 167 -34.52 26.67 69.35
CA ILE FA 167 -34.98 27.82 70.09
C ILE FA 167 -35.93 28.65 69.24
N ARG FA 168 -35.72 28.64 67.90
CA ARG FA 168 -36.44 29.44 66.92
C ARG FA 168 -37.91 29.08 66.88
N LYS FA 169 -38.21 27.76 66.78
CA LYS FA 169 -39.57 27.27 66.66
C LYS FA 169 -40.15 26.92 68.01
N PHE FA 170 -39.45 26.06 68.80
CA PHE FA 170 -39.97 25.55 70.06
C PHE FA 170 -39.69 26.57 71.15
N LEU FA 171 -40.77 27.05 71.81
CA LEU FA 171 -40.71 28.17 72.71
C LEU FA 171 -40.75 27.74 74.15
N ASP FA 172 -40.27 26.51 74.47
CA ASP FA 172 -39.95 26.13 75.83
C ASP FA 172 -38.54 26.58 76.06
N GLY FA 173 -38.38 27.57 76.94
CA GLY FA 173 -37.10 28.17 77.20
C GLY FA 173 -37.34 29.17 78.26
N ILE FA 174 -36.46 29.21 79.28
CA ILE FA 174 -36.49 30.22 80.30
C ILE FA 174 -35.43 31.23 79.93
N TYR FA 175 -35.89 32.30 79.25
CA TYR FA 175 -35.03 33.35 78.73
C TYR FA 175 -34.99 34.45 79.76
N VAL FA 176 -33.99 35.35 79.63
CA VAL FA 176 -33.87 36.54 80.44
C VAL FA 176 -34.86 37.57 79.94
N SER FA 177 -35.46 38.34 80.87
CA SER FA 177 -36.42 39.36 80.54
C SER FA 177 -35.65 40.63 80.31
N HIS FA 178 -34.89 41.05 81.35
CA HIS FA 178 -33.99 42.18 81.28
C HIS FA 178 -33.09 41.97 82.47
N LYS FA 179 -31.96 42.72 82.52
CA LYS FA 179 -31.07 42.72 83.66
C LYS FA 179 -31.82 43.31 84.88
N ARG GA 1 2.81 26.75 35.69
CA ARG GA 1 3.10 28.19 35.75
C ARG GA 1 1.87 28.97 36.15
N PRO GA 2 1.66 29.29 37.43
CA PRO GA 2 0.86 30.43 37.85
C PRO GA 2 1.64 31.70 37.57
N ALA GA 3 1.13 32.89 37.99
CA ALA GA 3 1.83 34.13 37.78
C ALA GA 3 2.81 34.41 38.90
N ARG GA 4 2.86 33.52 39.93
CA ARG GA 4 3.93 33.39 40.91
C ARG GA 4 5.18 33.00 40.17
N CYS GA 5 5.02 32.07 39.20
CA CYS GA 5 6.06 31.64 38.30
C CYS GA 5 5.93 32.36 36.97
N TYR GA 6 5.59 33.67 37.00
CA TYR GA 6 5.81 34.57 35.89
C TYR GA 6 6.15 35.87 36.56
N ARG GA 7 7.09 35.84 37.53
CA ARG GA 7 7.46 36.96 38.34
C ARG GA 7 8.64 37.66 37.73
N TYR GA 8 9.88 37.17 37.98
CA TYR GA 8 11.09 37.90 37.68
C TYR GA 8 11.51 37.67 36.24
N GLN GA 9 12.83 37.72 35.97
CA GLN GA 9 13.34 37.65 34.63
C GLN GA 9 14.82 37.32 34.62
N LYS GA 10 15.15 36.02 34.40
CA LYS GA 10 16.42 35.64 33.79
C LYS GA 10 16.15 35.40 32.32
N ASN GA 11 14.90 35.67 31.90
CA ASN GA 11 14.51 35.80 30.52
C ASN GA 11 14.96 37.17 30.10
N LYS GA 12 15.96 37.24 29.21
CA LYS GA 12 16.60 38.48 28.83
C LYS GA 12 15.93 38.96 27.56
N PRO GA 13 16.14 40.19 27.07
CA PRO GA 13 15.27 40.76 26.04
C PRO GA 13 15.36 40.09 24.70
N TYR GA 14 14.28 40.23 23.89
CA TYR GA 14 14.18 39.59 22.59
C TYR GA 14 12.90 40.13 21.96
N PRO GA 15 12.87 41.20 21.14
CA PRO GA 15 11.57 41.84 20.91
C PRO GA 15 11.39 42.46 19.53
N LYS GA 16 12.32 42.32 18.55
CA LYS GA 16 12.28 43.12 17.34
C LYS GA 16 11.39 42.51 16.28
N SER GA 17 10.95 43.35 15.30
CA SER GA 17 10.11 42.95 14.20
C SER GA 17 10.89 42.35 13.07
N ARG GA 18 12.18 42.75 12.92
CA ARG GA 18 13.06 42.22 11.90
C ARG GA 18 13.37 40.77 12.19
N TYR GA 19 13.96 40.52 13.39
CA TYR GA 19 14.53 39.26 13.75
C TYR GA 19 13.56 38.49 14.61
N ASN GA 20 12.52 37.88 13.97
CA ASN GA 20 11.57 37.09 14.70
C ASN GA 20 10.84 36.23 13.68
N ARG GA 21 10.76 34.91 13.94
CA ARG GA 21 10.08 33.94 13.10
C ARG GA 21 8.63 33.77 13.54
N ALA GA 22 7.97 34.91 13.91
CA ALA GA 22 6.55 35.09 14.16
C ALA GA 22 6.12 34.81 15.59
N VAL GA 23 5.44 35.81 16.20
CA VAL GA 23 4.95 35.76 17.57
C VAL GA 23 3.57 35.12 17.62
N PRO GA 24 3.10 34.60 18.77
CA PRO GA 24 1.73 34.16 18.96
C PRO GA 24 0.79 35.33 19.17
N ASP GA 25 -0.53 35.06 19.35
CA ASP GA 25 -1.54 36.07 19.60
C ASP GA 25 -1.55 36.45 21.06
N SER GA 26 -1.99 37.69 21.37
CA SER GA 26 -2.10 38.20 22.72
C SER GA 26 -3.55 38.18 23.17
N LYS GA 27 -3.78 38.50 24.46
CA LYS GA 27 -5.10 38.68 25.02
C LYS GA 27 -5.58 40.10 24.85
N ILE GA 28 -4.64 41.07 24.79
CA ILE GA 28 -4.87 42.49 25.04
C ILE GA 28 -5.93 43.09 24.12
N ARG GA 29 -6.97 43.66 24.77
CA ARG GA 29 -8.21 44.08 24.16
C ARG GA 29 -8.18 45.56 23.86
N ILE GA 30 -7.86 46.40 24.86
CA ILE GA 30 -7.88 47.84 24.69
C ILE GA 30 -6.88 48.41 25.66
N TYR GA 31 -6.32 49.60 25.35
CA TYR GA 31 -5.39 50.29 26.20
C TYR GA 31 -6.18 51.24 27.06
N ASP GA 32 -6.40 52.49 26.59
CA ASP GA 32 -7.04 53.52 27.37
C ASP GA 32 -8.54 53.28 27.42
N LEU GA 33 -9.14 53.57 28.59
CA LEU GA 33 -10.46 53.08 28.90
C LEU GA 33 -11.10 54.05 29.85
N GLY GA 34 -12.42 54.28 29.68
CA GLY GA 34 -13.18 55.25 30.44
C GLY GA 34 -13.27 56.45 29.58
N LYS GA 35 -12.27 57.35 29.73
CA LYS GA 35 -12.03 58.41 28.78
C LYS GA 35 -10.96 57.89 27.86
N LYS GA 36 -11.11 58.24 26.57
CA LYS GA 36 -10.09 58.11 25.56
C LYS GA 36 -9.43 59.46 25.53
N LYS GA 37 -10.29 60.51 25.42
CA LYS GA 37 -10.00 61.93 25.33
C LYS GA 37 -9.08 62.45 26.41
N ALA GA 38 -9.55 62.45 27.68
CA ALA GA 38 -8.89 63.19 28.72
C ALA GA 38 -7.81 62.38 29.36
N THR GA 39 -6.55 62.81 29.15
CA THR GA 39 -5.40 62.29 29.87
C THR GA 39 -5.28 63.14 31.11
N VAL GA 40 -4.74 64.38 31.00
CA VAL GA 40 -4.57 65.27 32.14
C VAL GA 40 -5.54 66.43 32.02
N ASP GA 41 -6.44 66.40 31.01
CA ASP GA 41 -7.42 67.44 30.70
C ASP GA 41 -8.42 67.58 31.84
N GLU GA 42 -9.30 66.58 32.03
CA GLU GA 42 -10.29 66.58 33.08
C GLU GA 42 -9.71 66.13 34.40
N PHE GA 43 -8.48 65.57 34.37
CA PHE GA 43 -7.95 64.78 35.46
C PHE GA 43 -6.61 65.32 35.92
N PRO GA 44 -6.54 66.26 36.85
CA PRO GA 44 -5.27 66.74 37.40
C PRO GA 44 -4.76 65.80 38.48
N LEU GA 45 -5.51 64.72 38.80
CA LEU GA 45 -5.20 63.78 39.85
C LEU GA 45 -4.87 62.50 39.14
N CYS GA 46 -3.92 61.72 39.69
CA CYS GA 46 -3.59 60.41 39.18
C CYS GA 46 -3.16 59.59 40.37
N VAL GA 47 -3.18 58.25 40.21
CA VAL GA 47 -2.48 57.35 41.08
C VAL GA 47 -1.70 56.51 40.11
N HIS GA 48 -0.39 56.29 40.39
CA HIS GA 48 0.44 55.37 39.66
C HIS GA 48 0.65 54.20 40.59
N LEU GA 49 0.62 52.98 40.03
CA LEU GA 49 0.83 51.75 40.74
C LEU GA 49 2.27 51.39 40.47
N VAL GA 50 3.21 52.13 41.11
CA VAL GA 50 4.63 52.13 40.79
C VAL GA 50 5.26 50.90 41.34
N SER GA 51 6.07 50.20 40.51
CA SER GA 51 6.71 48.98 40.91
C SER GA 51 7.83 49.25 41.87
N ASN GA 52 7.98 48.33 42.84
CA ASN GA 52 9.11 48.25 43.75
C ASN GA 52 10.17 47.45 43.04
N GLU GA 53 9.69 46.55 42.14
CA GLU GA 53 10.41 45.44 41.61
C GLU GA 53 10.55 45.51 40.11
N LEU GA 54 11.41 44.64 39.56
CA LEU GA 54 11.70 44.54 38.15
C LEU GA 54 11.14 43.22 37.67
N GLU GA 55 9.81 43.20 37.43
CA GLU GA 55 9.10 42.01 37.06
C GLU GA 55 8.65 42.06 35.63
N GLN GA 56 8.26 40.87 35.12
CA GLN GA 56 7.51 40.73 33.90
C GLN GA 56 6.06 40.58 34.27
N LEU GA 57 5.22 41.58 33.89
CA LEU GA 57 3.80 41.45 34.03
C LEU GA 57 3.32 40.73 32.79
N SER GA 58 3.03 39.41 32.93
CA SER GA 58 2.67 38.54 31.83
C SER GA 58 1.34 38.97 31.24
N SER GA 59 1.13 38.67 29.93
CA SER GA 59 -0.02 39.14 29.17
C SER GA 59 -1.33 38.51 29.63
N GLU GA 60 -1.21 37.44 30.44
CA GLU GA 60 -2.27 36.71 31.08
C GLU GA 60 -2.97 37.59 32.11
N ALA GA 61 -2.18 38.14 33.06
CA ALA GA 61 -2.64 38.98 34.15
C ALA GA 61 -2.86 40.41 33.71
N LEU GA 62 -2.23 40.83 32.59
CA LEU GA 62 -2.28 42.16 32.04
C LEU GA 62 -3.68 42.49 31.58
N GLU GA 63 -4.31 41.54 30.85
CA GLU GA 63 -5.69 41.64 30.42
C GLU GA 63 -6.62 41.49 31.59
N ALA GA 64 -6.28 40.62 32.58
CA ALA GA 64 -7.09 40.28 33.73
C ALA GA 64 -7.45 41.48 34.59
N ALA GA 65 -6.45 42.27 35.05
CA ALA GA 65 -6.64 43.45 35.87
C ALA GA 65 -7.47 44.50 35.17
N ARG GA 66 -7.20 44.67 33.87
CA ARG GA 66 -7.78 45.65 33.01
C ARG GA 66 -9.23 45.33 32.72
N ILE GA 67 -9.59 44.03 32.59
CA ILE GA 67 -10.93 43.58 32.24
C ILE GA 67 -11.83 43.48 33.46
N CYS GA 68 -11.25 43.25 34.67
CA CYS GA 68 -11.98 43.33 35.93
C CYS GA 68 -12.42 44.75 36.17
N ALA GA 69 -11.49 45.71 35.97
CA ALA GA 69 -11.73 47.12 36.10
C ALA GA 69 -12.58 47.69 34.96
N ASN GA 70 -12.70 46.96 33.83
CA ASN GA 70 -13.55 47.33 32.72
C ASN GA 70 -14.98 47.05 33.06
N LYS GA 71 -15.23 45.85 33.64
CA LYS GA 71 -16.55 45.36 33.93
C LYS GA 71 -17.12 46.11 35.10
N TYR GA 72 -16.27 46.41 36.10
CA TYR GA 72 -16.54 47.22 37.28
C TYR GA 72 -17.02 48.60 36.90
N MET GA 73 -16.25 49.31 36.05
CA MET GA 73 -16.54 50.67 35.68
C MET GA 73 -17.53 50.71 34.54
N THR GA 74 -18.77 50.24 34.82
CA THR GA 74 -19.91 50.34 33.94
C THR GA 74 -21.07 50.80 34.79
N THR GA 75 -21.05 50.47 36.11
CA THR GA 75 -22.06 50.80 37.10
C THR GA 75 -22.13 52.30 37.30
N VAL GA 76 -20.95 52.92 37.54
CA VAL GA 76 -20.79 54.36 37.68
C VAL GA 76 -21.08 55.04 36.36
N SER GA 77 -20.51 54.51 35.26
CA SER GA 77 -20.82 54.83 33.89
C SER GA 77 -19.81 54.03 33.12
N GLY GA 78 -20.14 53.64 31.86
CA GLY GA 78 -19.24 52.91 30.99
C GLY GA 78 -18.25 53.82 30.31
N ARG GA 79 -18.27 55.13 30.69
CA ARG GA 79 -17.27 56.09 30.34
C ARG GA 79 -17.35 57.12 31.45
N ASP GA 80 -16.96 56.69 32.67
CA ASP GA 80 -16.99 57.52 33.85
C ASP GA 80 -15.72 58.35 33.90
N ALA GA 81 -15.45 59.01 35.05
CA ALA GA 81 -14.43 60.02 35.17
C ALA GA 81 -13.11 59.43 35.57
N PHE GA 82 -12.62 58.43 34.80
CA PHE GA 82 -11.34 57.80 34.99
C PHE GA 82 -10.70 57.67 33.63
N HIS GA 83 -9.44 57.19 33.60
CA HIS GA 83 -8.68 56.99 32.40
C HIS GA 83 -7.67 55.93 32.77
N LEU GA 84 -8.10 54.65 32.66
CA LEU GA 84 -7.28 53.49 32.98
C LEU GA 84 -6.53 53.12 31.75
N ARG GA 85 -5.18 53.16 31.83
CA ARG GA 85 -4.32 52.93 30.71
C ARG GA 85 -3.78 51.53 30.70
N VAL GA 86 -3.23 51.15 29.53
CA VAL GA 86 -2.19 50.15 29.40
C VAL GA 86 -1.07 50.98 28.81
N ARG GA 87 0.17 50.77 29.29
CA ARG GA 87 1.34 51.45 28.78
C ARG GA 87 2.19 50.42 28.09
N VAL GA 88 3.36 50.08 28.69
CA VAL GA 88 4.40 49.19 28.19
C VAL GA 88 3.83 47.86 27.73
N HIS GA 89 4.20 47.46 26.50
CA HIS GA 89 3.57 46.39 25.77
C HIS GA 89 4.31 45.11 26.06
N PRO GA 90 3.74 43.97 25.72
CA PRO GA 90 4.51 42.78 25.37
C PRO GA 90 5.23 42.96 24.05
N PHE GA 91 6.40 43.63 24.07
CA PHE GA 91 7.28 43.78 22.92
C PHE GA 91 8.06 42.50 22.85
N HIS GA 92 8.65 42.13 24.01
CA HIS GA 92 9.32 40.89 24.26
C HIS GA 92 8.36 39.73 24.18
N VAL GA 93 8.75 38.68 23.43
CA VAL GA 93 7.99 37.45 23.31
C VAL GA 93 8.52 36.53 24.37
N LEU GA 94 7.62 36.05 25.27
CA LEU GA 94 8.01 35.27 26.41
C LEU GA 94 8.32 33.87 25.97
N ARG GA 95 9.59 33.49 26.21
CA ARG GA 95 10.15 32.21 25.85
C ARG GA 95 9.90 31.30 27.01
N ILE GA 96 9.33 30.09 26.76
CA ILE GA 96 9.02 29.16 27.81
C ILE GA 96 9.42 27.83 27.25
N ASN GA 97 10.12 27.00 28.05
CA ASN GA 97 10.54 25.68 27.66
C ASN GA 97 9.43 24.67 27.89
N LYS GA 98 9.70 23.42 27.46
CA LYS GA 98 8.84 22.25 27.39
C LYS GA 98 7.76 22.31 26.31
N MET GA 99 7.46 21.22 25.54
CA MET GA 99 7.84 19.82 25.65
C MET GA 99 9.34 19.59 25.59
N LEU GA 100 9.81 18.86 26.61
CA LEU GA 100 11.18 18.60 26.96
C LEU GA 100 11.10 17.16 27.40
N SER GA 101 12.28 16.52 27.60
CA SER GA 101 12.47 15.17 28.11
C SER GA 101 13.78 14.73 27.52
N CYS GA 102 14.67 14.12 28.33
CA CYS GA 102 15.97 13.64 27.89
C CYS GA 102 15.76 12.30 27.19
N ALA GA 103 16.17 11.18 27.83
CA ALA GA 103 16.06 9.85 27.28
C ALA GA 103 14.63 9.36 27.32
N GLY GA 104 14.38 8.21 26.64
CA GLY GA 104 13.11 7.49 26.67
C GLY GA 104 11.95 8.28 26.16
N ALA GA 105 12.06 8.86 24.93
CA ALA GA 105 11.06 9.76 24.42
C ALA GA 105 10.89 9.56 22.94
N ASP GA 106 9.96 10.34 22.34
CA ASP GA 106 9.53 10.25 20.94
C ASP GA 106 10.70 10.31 19.96
N ARG GA 107 11.52 11.37 20.10
CA ARG GA 107 12.60 11.71 19.21
C ARG GA 107 13.76 12.14 20.06
N LEU GA 108 13.52 12.26 21.38
CA LEU GA 108 14.31 12.98 22.36
C LEU GA 108 14.12 14.46 22.16
N GLN GA 109 13.89 15.21 23.26
CA GLN GA 109 13.43 16.58 23.19
C GLN GA 109 14.33 17.49 23.98
N GLN GA 110 15.29 16.90 24.72
CA GLN GA 110 16.36 17.55 25.43
C GLN GA 110 15.85 18.58 26.42
N GLY GA 111 16.66 19.62 26.75
CA GLY GA 111 16.27 20.67 27.66
C GLY GA 111 17.43 21.60 27.82
N MET GA 112 18.56 21.04 28.32
CA MET GA 112 19.88 21.60 28.48
C MET GA 112 20.44 22.05 27.15
N ARG GA 113 20.79 21.09 26.28
CA ARG GA 113 20.93 21.31 24.86
C ARG GA 113 19.51 21.47 24.36
N GLY GA 114 19.26 22.34 23.36
CA GLY GA 114 17.89 22.73 23.06
C GLY GA 114 17.44 23.77 24.05
N ALA GA 115 18.37 24.66 24.46
CA ALA GA 115 18.22 25.66 25.49
C ALA GA 115 17.20 26.72 25.13
N TRP GA 116 16.98 26.92 23.81
CA TRP GA 116 16.00 27.79 23.22
C TRP GA 116 14.62 27.59 23.80
N GLY GA 117 14.11 28.63 24.52
CA GLY GA 117 12.79 28.64 25.06
C GLY GA 117 11.82 28.87 23.93
N LYS GA 118 11.19 27.76 23.51
CA LYS GA 118 10.45 27.64 22.27
C LYS GA 118 9.17 28.47 22.36
N PRO GA 119 8.95 29.57 21.59
CA PRO GA 119 8.08 30.67 22.00
C PRO GA 119 6.63 30.31 22.24
N HIS GA 120 6.19 30.42 23.51
CA HIS GA 120 4.89 30.00 23.94
C HIS GA 120 4.03 31.20 24.24
N GLY GA 121 4.46 32.05 25.18
CA GLY GA 121 3.64 33.13 25.72
C GLY GA 121 4.08 34.47 25.21
N LEU GA 122 3.58 35.53 25.88
CA LEU GA 122 3.95 36.91 25.65
C LEU GA 122 3.95 37.54 27.01
N ALA GA 123 4.89 38.47 27.28
CA ALA GA 123 4.94 39.17 28.55
C ALA GA 123 5.47 40.54 28.32
N ALA GA 124 5.00 41.51 29.13
CA ALA GA 124 5.51 42.86 29.17
C ALA GA 124 6.48 42.91 30.30
N ARG GA 125 7.38 43.92 30.30
CA ARG GA 125 8.28 44.17 31.41
C ARG GA 125 7.74 45.41 32.06
N VAL GA 126 7.63 45.41 33.40
CA VAL GA 126 7.12 46.54 34.16
C VAL GA 126 8.12 46.73 35.26
N ASP GA 127 9.20 47.46 34.94
CA ASP GA 127 10.37 47.57 35.78
C ASP GA 127 10.17 48.69 36.76
N ILE GA 128 11.26 49.11 37.45
CA ILE GA 128 11.18 50.15 38.47
C ILE GA 128 10.88 51.48 37.84
N GLY GA 129 9.95 52.25 38.48
CA GLY GA 129 9.48 53.52 37.96
C GLY GA 129 8.29 53.33 37.05
N GLN GA 130 8.30 52.29 36.20
CA GLN GA 130 7.32 52.05 35.17
C GLN GA 130 6.02 51.58 35.76
N ILE GA 131 4.91 51.83 35.01
CA ILE GA 131 3.60 51.34 35.36
C ILE GA 131 2.93 50.93 34.08
N ILE GA 132 1.91 50.06 34.19
CA ILE GA 132 0.97 49.79 33.12
C ILE GA 132 -0.28 50.52 33.48
N PHE GA 133 -0.79 50.29 34.72
CA PHE GA 133 -2.08 50.78 35.15
C PHE GA 133 -1.96 52.17 35.74
N SER GA 134 -1.84 53.18 34.85
CA SER GA 134 -1.87 54.58 35.17
C SER GA 134 -3.31 54.98 35.15
N VAL GA 135 -3.81 55.59 36.24
CA VAL GA 135 -5.21 55.92 36.39
C VAL GA 135 -5.35 57.40 36.66
N ARG GA 136 -5.50 58.19 35.58
CA ARG GA 136 -5.78 59.62 35.66
C ARG GA 136 -7.25 59.79 35.93
N THR GA 137 -7.60 60.32 37.12
CA THR GA 137 -8.96 60.31 37.63
C THR GA 137 -9.21 61.71 38.16
N LYS GA 138 -10.47 62.01 38.57
CA LYS GA 138 -10.94 63.36 38.78
C LYS GA 138 -10.60 63.87 40.16
N ASP GA 139 -10.55 65.23 40.24
CA ASP GA 139 -10.26 66.06 41.38
C ASP GA 139 -11.28 65.84 42.49
N SER GA 140 -12.43 66.53 42.43
CA SER GA 140 -13.43 66.49 43.48
C SER GA 140 -14.40 65.36 43.25
N ASN GA 141 -14.94 64.83 44.38
CA ASN GA 141 -16.05 63.90 44.45
C ASN GA 141 -15.68 62.51 44.01
N LYS GA 142 -15.94 62.18 42.72
CA LYS GA 142 -15.83 60.82 42.22
C LYS GA 142 -14.42 60.50 41.81
N ASP GA 143 -13.65 59.97 42.78
CA ASP GA 143 -12.41 59.26 42.55
C ASP GA 143 -12.77 57.84 42.87
N VAL GA 144 -12.48 56.90 41.94
CA VAL GA 144 -12.99 55.55 41.98
C VAL GA 144 -11.83 54.58 41.86
N VAL GA 145 -10.64 55.07 41.44
CA VAL GA 145 -9.53 54.21 41.06
C VAL GA 145 -8.62 53.88 42.19
N VAL GA 146 -8.84 54.44 43.40
CA VAL GA 146 -8.09 54.11 44.60
C VAL GA 146 -8.49 52.72 45.02
N GLU GA 147 -9.82 52.48 45.00
CA GLU GA 147 -10.47 51.20 45.15
C GLU GA 147 -10.04 50.26 44.03
N GLY GA 148 -10.07 50.75 42.77
CA GLY GA 148 -9.73 49.95 41.61
C GLY GA 148 -8.25 49.78 41.39
N LEU GA 149 -7.40 49.99 42.43
CA LEU GA 149 -5.99 49.72 42.40
C LEU GA 149 -5.66 48.59 43.34
N ARG GA 150 -6.60 48.17 44.22
CA ARG GA 150 -6.58 46.87 44.87
C ARG GA 150 -6.82 45.84 43.79
N ARG GA 151 -7.82 46.13 42.92
CA ARG GA 151 -8.24 45.29 41.81
C ARG GA 151 -7.26 45.31 40.65
N ALA GA 152 -6.22 46.17 40.72
CA ALA GA 152 -5.17 46.24 39.72
C ALA GA 152 -3.97 45.46 40.17
N ARG GA 153 -3.57 45.61 41.46
CA ARG GA 153 -2.36 45.00 42.00
C ARG GA 153 -2.55 43.55 42.36
N TYR GA 154 -3.83 43.09 42.44
CA TYR GA 154 -4.19 41.71 42.70
C TYR GA 154 -3.86 40.90 41.47
N LYS GA 155 -4.26 41.40 40.27
CA LYS GA 155 -4.01 40.75 39.01
C LYS GA 155 -2.71 41.31 38.44
N PHE GA 156 -1.61 41.08 39.20
CA PHE GA 156 -0.30 41.62 38.96
C PHE GA 156 0.52 40.86 39.99
N PRO GA 157 1.68 40.26 39.73
CA PRO GA 157 2.56 39.77 40.78
C PRO GA 157 3.17 40.92 41.55
N GLY GA 158 3.86 40.67 42.69
CA GLY GA 158 4.70 41.67 43.32
C GLY GA 158 3.97 42.59 44.26
N GLN GA 159 4.73 43.49 44.90
CA GLN GA 159 4.24 44.43 45.88
C GLN GA 159 4.44 45.84 45.39
N GLN GA 160 3.48 46.37 44.60
CA GLN GA 160 3.59 47.70 44.05
C GLN GA 160 3.21 48.75 45.07
N LYS GA 161 4.03 49.83 45.10
CA LYS GA 161 3.90 50.97 45.98
C LYS GA 161 3.02 52.00 45.30
N ILE GA 162 1.91 52.40 45.95
CA ILE GA 162 0.97 53.34 45.36
C ILE GA 162 1.43 54.76 45.61
N ILE GA 163 1.64 55.51 44.51
CA ILE GA 163 2.19 56.86 44.53
C ILE GA 163 1.15 57.74 43.89
N LEU GA 164 0.88 58.93 44.49
CA LEU GA 164 -0.04 59.91 43.97
C LEU GA 164 0.70 60.79 42.99
N SER GA 165 0.22 60.84 41.72
CA SER GA 165 0.88 61.53 40.64
C SER GA 165 -0.08 62.56 39.99
N SER HA 1 13.59 95.18 -6.55
CA SER HA 1 12.39 95.00 -7.41
C SER HA 1 11.63 93.77 -7.02
N THR HA 2 11.90 92.64 -7.73
CA THR HA 2 11.41 91.32 -7.39
C THR HA 2 12.49 90.41 -7.93
N LYS HA 3 13.75 90.92 -7.88
CA LYS HA 3 14.91 90.57 -8.68
C LYS HA 3 14.55 90.28 -10.12
N ALA HA 4 14.37 91.38 -10.88
CA ALA HA 4 13.95 91.38 -12.26
C ALA HA 4 14.11 92.81 -12.69
N GLN HA 5 15.15 93.10 -13.50
CA GLN HA 5 15.55 94.43 -13.85
C GLN HA 5 16.25 94.33 -15.17
N ASN HA 6 17.38 93.61 -15.19
CA ASN HA 6 18.30 93.50 -16.30
C ASN HA 6 17.79 92.49 -17.31
N PRO HA 7 18.42 92.28 -18.48
CA PRO HA 7 17.91 91.36 -19.48
C PRO HA 7 18.02 89.90 -19.09
N MET HA 8 18.95 89.55 -18.15
CA MET HA 8 19.13 88.21 -17.65
C MET HA 8 17.95 87.81 -16.82
N ARG HA 9 17.63 88.63 -15.79
CA ARG HA 9 16.60 88.33 -14.83
C ARG HA 9 15.24 88.82 -15.31
N ASP HA 10 15.17 89.30 -16.58
CA ASP HA 10 13.97 89.31 -17.39
C ASP HA 10 13.85 87.86 -17.84
N LEU HA 11 14.56 87.47 -18.93
CA LEU HA 11 14.82 86.09 -19.23
C LEU HA 11 15.64 86.03 -20.50
N LYS HA 12 16.93 85.62 -20.38
CA LYS HA 12 17.62 84.93 -21.45
C LYS HA 12 17.33 83.48 -21.18
N ILE HA 13 16.92 82.74 -22.23
CA ILE HA 13 16.40 81.40 -22.08
C ILE HA 13 17.50 80.40 -21.95
N GLU HA 14 17.18 79.24 -21.33
CA GLU HA 14 17.98 78.05 -21.45
C GLU HA 14 17.44 77.32 -22.66
N LYS HA 15 16.59 76.30 -22.45
CA LYS HA 15 16.16 75.38 -23.48
C LYS HA 15 14.70 75.53 -23.76
N LEU HA 16 14.32 75.32 -25.04
CA LEU HA 16 12.94 75.27 -25.49
C LEU HA 16 12.86 73.99 -26.27
N VAL HA 17 12.46 72.90 -25.58
CA VAL HA 17 12.57 71.54 -26.04
C VAL HA 17 11.37 71.19 -26.89
N LEU HA 18 11.55 70.35 -27.92
CA LEU HA 18 10.47 69.80 -28.72
C LEU HA 18 10.47 68.34 -28.43
N ASN HA 19 9.28 67.73 -28.36
CA ASN HA 19 9.12 66.33 -28.05
C ASN HA 19 8.04 65.83 -28.98
N ILE HA 20 7.98 64.50 -29.21
CA ILE HA 20 6.80 63.86 -29.77
C ILE HA 20 6.66 62.62 -28.94
N SER HA 21 5.44 62.37 -28.41
CA SER HA 21 5.16 61.17 -27.67
C SER HA 21 5.10 59.97 -28.58
N VAL HA 22 5.81 58.88 -28.18
CA VAL HA 22 5.94 57.71 -29.02
C VAL HA 22 5.33 56.57 -28.25
N GLY HA 23 3.98 56.43 -28.34
CA GLY HA 23 3.24 55.35 -27.76
C GLY HA 23 2.96 54.32 -28.82
N GLU HA 24 4.00 53.93 -29.57
CA GLU HA 24 3.87 53.01 -30.68
C GLU HA 24 5.21 52.37 -30.88
N SER HA 25 6.18 53.14 -31.41
CA SER HA 25 7.58 52.79 -31.60
C SER HA 25 7.74 51.63 -32.58
N GLY HA 26 8.89 50.91 -32.52
CA GLY HA 26 9.18 49.78 -33.36
C GLY HA 26 9.63 50.25 -34.71
N ASP HA 27 8.76 50.10 -35.74
CA ASP HA 27 9.01 50.61 -37.07
C ASP HA 27 8.77 52.11 -37.08
N ARG HA 28 7.85 52.57 -36.21
CA ARG HA 28 7.14 53.82 -36.34
C ARG HA 28 7.74 54.90 -35.47
N LEU HA 29 8.95 54.65 -34.91
CA LEU HA 29 9.75 55.64 -34.22
C LEU HA 29 10.33 56.59 -35.25
N THR HA 30 10.49 56.13 -36.51
CA THR HA 30 10.98 56.90 -37.64
C THR HA 30 10.00 57.95 -38.09
N ARG HA 31 8.72 57.89 -37.63
CA ARG HA 31 7.75 58.94 -37.86
C ARG HA 31 8.10 60.10 -36.97
N ALA HA 32 8.22 59.86 -35.65
CA ALA HA 32 8.42 60.88 -34.64
C ALA HA 32 9.72 61.64 -34.81
N SER HA 33 10.84 60.92 -35.02
CA SER HA 33 12.15 61.53 -35.15
C SER HA 33 12.26 62.39 -36.39
N LYS HA 34 11.67 61.95 -37.52
CA LYS HA 34 11.80 62.63 -38.79
C LYS HA 34 10.89 63.84 -38.89
N VAL HA 35 9.87 63.93 -38.01
CA VAL HA 35 8.96 65.05 -37.92
C VAL HA 35 9.63 66.18 -37.19
N LEU HA 36 10.37 65.89 -36.10
CA LEU HA 36 11.16 66.85 -35.36
C LEU HA 36 12.19 67.48 -36.26
N GLU HA 37 12.97 66.63 -36.97
CA GLU HA 37 13.99 67.00 -37.93
C GLU HA 37 13.48 67.88 -39.05
N GLN HA 38 12.23 67.69 -39.50
CA GLN HA 38 11.66 68.41 -40.62
C GLN HA 38 11.25 69.81 -40.24
N LEU HA 39 10.87 70.05 -38.96
CA LEU HA 39 10.49 71.37 -38.49
C LEU HA 39 11.71 72.18 -38.12
N SER HA 40 12.64 71.61 -37.31
CA SER HA 40 13.83 72.30 -36.86
C SER HA 40 14.89 72.31 -37.93
N GLY HA 41 15.48 71.14 -38.23
CA GLY HA 41 16.60 70.98 -39.13
C GLY HA 41 17.78 70.67 -38.27
N GLN HA 42 17.61 69.66 -37.40
CA GLN HA 42 18.49 69.40 -36.30
C GLN HA 42 18.45 67.91 -36.09
N THR HA 43 19.46 67.35 -35.41
CA THR HA 43 19.58 65.93 -35.11
C THR HA 43 18.75 65.63 -33.87
N PRO HA 44 17.76 64.73 -33.87
CA PRO HA 44 16.99 64.42 -32.67
C PRO HA 44 17.75 63.49 -31.76
N VAL HA 45 17.40 63.48 -30.46
CA VAL HA 45 17.95 62.59 -29.46
C VAL HA 45 16.95 61.47 -29.31
N GLN HA 46 17.39 60.21 -29.53
CA GLN HA 46 16.58 59.06 -29.21
C GLN HA 46 16.90 58.77 -27.76
N SER HA 47 15.85 58.86 -26.92
CA SER HA 47 15.97 59.39 -25.58
C SER HA 47 16.53 58.43 -24.56
N LYS HA 48 16.75 58.95 -23.33
CA LYS HA 48 17.01 58.16 -22.15
C LYS HA 48 15.67 57.69 -21.62
N ALA HA 49 15.62 57.20 -20.37
CA ALA HA 49 14.38 56.84 -19.74
C ALA HA 49 14.64 56.83 -18.27
N ARG HA 50 13.68 57.34 -17.47
CA ARG HA 50 13.80 57.41 -16.03
C ARG HA 50 13.54 56.06 -15.40
N TYR HA 51 13.91 55.94 -14.11
CA TYR HA 51 14.24 54.69 -13.47
C TYR HA 51 13.01 54.01 -12.88
N THR HA 52 11.80 54.57 -13.11
CA THR HA 52 10.57 54.19 -12.44
C THR HA 52 10.09 52.78 -12.75
N VAL HA 53 8.97 52.41 -12.07
CA VAL HA 53 8.37 51.09 -12.04
C VAL HA 53 8.04 50.59 -13.43
N ARG HA 54 8.24 49.26 -13.64
CA ARG HA 54 8.34 48.66 -14.95
C ARG HA 54 6.97 48.41 -15.55
N THR HA 55 6.41 49.44 -16.24
CA THR HA 55 5.12 49.40 -16.88
C THR HA 55 5.31 48.75 -18.24
N PHE HA 56 4.28 47.99 -18.70
CA PHE HA 56 4.24 47.24 -19.94
C PHE HA 56 5.03 45.96 -19.83
N GLY HA 57 6.37 46.09 -19.84
CA GLY HA 57 7.27 44.96 -19.85
C GLY HA 57 8.65 45.52 -19.79
N ILE HA 58 8.89 46.62 -20.53
CA ILE HA 58 10.12 47.36 -20.47
C ILE HA 58 9.73 48.82 -20.40
N ARG HA 59 10.49 49.62 -19.64
CA ARG HA 59 10.31 51.05 -19.53
C ARG HA 59 11.70 51.62 -19.63
N ARG HA 60 12.51 51.48 -18.55
CA ARG HA 60 13.87 51.96 -18.51
C ARG HA 60 14.77 51.03 -19.28
N ASN HA 61 16.02 51.50 -19.55
CA ASN HA 61 17.08 50.83 -20.31
C ASN HA 61 16.93 51.06 -21.80
N GLU HA 62 15.74 50.78 -22.38
CA GLU HA 62 15.51 50.90 -23.81
C GLU HA 62 15.33 52.37 -24.16
N LYS HA 63 15.93 52.80 -25.30
CA LYS HA 63 15.84 54.15 -25.81
C LYS HA 63 14.53 54.25 -26.57
N ILE HA 64 13.45 54.66 -25.87
CA ILE HA 64 12.08 54.41 -26.29
C ILE HA 64 11.54 55.46 -27.24
N ALA HA 65 11.49 56.75 -26.82
CA ALA HA 65 10.88 57.81 -27.59
C ALA HA 65 11.94 58.66 -28.23
N VAL HA 66 11.63 59.96 -28.46
CA VAL HA 66 12.53 60.86 -29.14
C VAL HA 66 12.11 62.28 -28.77
N HIS HA 67 13.11 63.14 -28.47
CA HIS HA 67 12.92 64.56 -28.26
C HIS HA 67 14.02 65.26 -28.99
N VAL HA 68 14.16 66.59 -28.80
CA VAL HA 68 15.30 67.34 -29.26
C VAL HA 68 15.32 68.60 -28.43
N THR HA 69 16.44 68.79 -27.68
CA THR HA 69 16.65 69.93 -26.81
C THR HA 69 17.44 70.92 -27.62
N VAL HA 70 17.21 72.24 -27.42
CA VAL HA 70 17.94 73.25 -28.15
C VAL HA 70 17.98 74.46 -27.26
N ARG HA 71 19.17 75.11 -27.15
CA ARG HA 71 19.39 76.27 -26.33
C ARG HA 71 19.74 77.43 -27.22
N GLY HA 72 19.92 78.64 -26.63
CA GLY HA 72 20.48 79.79 -27.30
C GLY HA 72 19.47 80.53 -28.15
N PRO HA 73 19.92 81.40 -29.06
CA PRO HA 73 19.07 82.10 -30.02
C PRO HA 73 18.56 81.17 -31.09
N LYS HA 74 19.12 79.95 -31.14
CA LYS HA 74 18.79 78.87 -32.04
C LYS HA 74 17.43 78.31 -31.65
N ALA HA 75 17.11 78.38 -30.34
CA ALA HA 75 15.85 77.97 -29.76
C ALA HA 75 14.74 78.97 -30.02
N GLU HA 76 15.06 80.28 -30.12
CA GLU HA 76 14.08 81.33 -30.37
C GLU HA 76 13.53 81.27 -31.78
N GLU HA 77 14.27 80.68 -32.76
CA GLU HA 77 13.80 80.57 -34.13
C GLU HA 77 12.73 79.49 -34.23
N ILE HA 78 12.99 78.27 -33.67
CA ILE HA 78 12.05 77.17 -33.67
C ILE HA 78 10.83 77.48 -32.80
N LEU HA 79 10.98 78.37 -31.79
CA LEU HA 79 9.87 78.91 -31.01
C LEU HA 79 8.91 79.67 -31.88
N GLU HA 80 9.43 80.56 -32.78
CA GLU HA 80 8.61 81.39 -33.63
C GLU HA 80 7.79 80.57 -34.60
N ARG HA 81 8.34 79.44 -35.08
CA ARG HA 81 7.68 78.54 -36.02
C ARG HA 81 6.48 77.86 -35.41
N GLY HA 82 6.48 77.62 -34.07
CA GLY HA 82 5.38 77.03 -33.35
C GLY HA 82 4.39 78.06 -32.85
N LEU HA 83 4.84 79.31 -32.65
CA LEU HA 83 4.07 80.37 -32.03
C LEU HA 83 3.23 81.09 -33.06
N LYS HA 84 3.86 81.52 -34.16
CA LYS HA 84 3.37 82.50 -35.09
C LYS HA 84 2.30 81.97 -36.02
N VAL HA 85 2.17 80.63 -36.14
CA VAL HA 85 1.22 80.00 -37.03
C VAL HA 85 0.53 78.87 -36.32
N LYS HA 86 1.28 78.00 -35.60
CA LYS HA 86 0.79 76.73 -35.12
C LYS HA 86 -0.03 76.86 -33.85
N GLU HA 87 0.14 77.99 -33.13
CA GLU HA 87 -0.63 78.34 -31.95
C GLU HA 87 -2.02 78.74 -32.33
N TYR HA 88 -2.19 79.29 -33.55
CA TYR HA 88 -3.45 79.82 -34.03
C TYR HA 88 -4.15 78.80 -34.88
N GLN HA 89 -4.03 77.51 -34.50
CA GLN HA 89 -4.81 76.40 -35.02
C GLN HA 89 -5.87 76.13 -33.96
N LEU HA 90 -5.67 75.10 -33.13
CA LEU HA 90 -6.51 74.79 -32.00
C LEU HA 90 -5.62 74.78 -30.79
N ARG HA 91 -5.55 75.92 -30.07
CA ARG HA 91 -4.77 76.03 -28.86
C ARG HA 91 -5.17 77.30 -28.16
N ASP HA 92 -5.40 77.22 -26.83
CA ASP HA 92 -5.46 78.36 -25.96
C ASP HA 92 -4.29 78.19 -25.02
N ARG HA 93 -4.06 79.18 -24.14
CA ARG HA 93 -2.88 79.19 -23.29
C ARG HA 93 -2.98 78.15 -22.20
N ASN HA 94 -1.88 77.38 -22.03
CA ASN HA 94 -1.73 76.39 -21.01
C ASN HA 94 -0.55 76.85 -20.19
N PHE HA 95 -0.67 76.73 -18.85
CA PHE HA 95 0.38 77.11 -17.94
C PHE HA 95 0.06 76.36 -16.69
N SER HA 96 1.10 75.76 -16.06
CA SER HA 96 0.98 75.14 -14.76
C SER HA 96 1.09 76.19 -13.68
N ALA HA 97 1.44 75.81 -12.42
CA ALA HA 97 1.60 76.72 -11.31
C ALA HA 97 3.00 77.29 -11.32
N THR HA 98 3.98 76.44 -11.72
CA THR HA 98 5.35 76.80 -11.96
C THR HA 98 5.43 77.54 -13.28
N GLY HA 99 4.65 77.08 -14.30
CA GLY HA 99 4.29 77.85 -15.45
C GLY HA 99 4.82 77.28 -16.71
N ASN HA 100 4.59 75.97 -16.94
CA ASN HA 100 5.04 75.25 -18.11
C ASN HA 100 4.04 75.43 -19.21
N PHE HA 101 4.50 76.01 -20.35
CA PHE HA 101 3.68 76.19 -21.52
C PHE HA 101 4.02 75.04 -22.44
N GLY HA 102 3.05 74.12 -22.62
CA GLY HA 102 3.17 73.04 -23.57
C GLY HA 102 2.40 73.40 -24.80
N PHE HA 103 2.59 72.60 -25.85
CA PHE HA 103 1.85 72.69 -27.07
C PHE HA 103 1.49 71.28 -27.38
N GLY HA 104 0.37 71.11 -28.13
CA GLY HA 104 -0.09 69.80 -28.48
C GLY HA 104 -1.11 70.03 -29.55
N ILE HA 105 -0.65 69.95 -30.82
CA ILE HA 105 -1.43 70.36 -31.96
C ILE HA 105 -1.56 69.15 -32.86
N ASP HA 106 -2.79 68.60 -33.00
CA ASP HA 106 -3.09 67.44 -33.83
C ASP HA 106 -2.97 67.80 -35.31
N GLU HA 107 -3.12 69.10 -35.65
CA GLU HA 107 -2.76 69.61 -36.96
C GLU HA 107 -1.26 69.60 -37.08
N HIS HA 108 -0.70 68.47 -37.59
CA HIS HA 108 0.69 68.36 -37.98
C HIS HA 108 0.81 68.82 -39.41
N ILE HA 109 -0.36 68.97 -40.08
CA ILE HA 109 -0.56 69.21 -41.48
C ILE HA 109 -0.31 70.66 -41.87
N ASP HA 110 -0.43 71.63 -40.92
CA ASP HA 110 -0.35 73.04 -41.24
C ASP HA 110 1.09 73.47 -41.48
N LEU HA 111 1.96 73.33 -40.44
CA LEU HA 111 3.31 73.81 -40.43
C LEU HA 111 4.18 72.58 -40.39
N GLY HA 112 5.11 72.47 -41.35
CA GLY HA 112 6.08 71.40 -41.43
C GLY HA 112 5.55 70.30 -42.29
N ILE HA 113 4.87 69.32 -41.66
CA ILE HA 113 4.51 68.04 -42.24
C ILE HA 113 3.21 68.21 -42.97
N LYS HA 114 2.82 67.21 -43.79
CA LYS HA 114 1.52 67.12 -44.41
C LYS HA 114 0.97 65.78 -43.99
N TYR HA 115 -0.08 65.28 -44.67
CA TYR HA 115 -0.65 63.98 -44.35
C TYR HA 115 0.05 62.91 -45.16
N ASP HA 116 0.80 63.32 -46.20
CA ASP HA 116 1.55 62.44 -47.07
C ASP HA 116 2.73 61.79 -46.34
N PRO HA 117 3.62 62.44 -45.57
CA PRO HA 117 4.74 61.76 -44.93
C PRO HA 117 4.33 60.99 -43.69
N SER HA 118 3.08 61.14 -43.20
CA SER HA 118 2.68 60.55 -41.93
C SER HA 118 2.12 59.17 -42.13
N ILE HA 119 1.89 58.45 -41.01
CA ILE HA 119 1.35 57.12 -40.97
C ILE HA 119 -0.14 57.27 -40.75
N GLY HA 120 -0.52 58.04 -39.71
CA GLY HA 120 -1.89 58.35 -39.41
C GLY HA 120 -1.88 59.66 -38.71
N ILE HA 121 -2.88 59.90 -37.83
CA ILE HA 121 -2.99 61.10 -37.04
C ILE HA 121 -2.05 61.03 -35.87
N PHE HA 122 -1.65 62.22 -35.36
CA PHE HA 122 -0.73 62.42 -34.27
C PHE HA 122 -0.56 63.91 -34.21
N GLY HA 123 -0.01 64.41 -33.09
CA GLY HA 123 0.39 65.79 -32.98
C GLY HA 123 1.84 65.80 -32.63
N MET HA 124 2.31 66.93 -32.06
CA MET HA 124 3.66 67.03 -31.61
C MET HA 124 3.70 68.08 -30.55
N ASP HA 125 4.63 67.90 -29.60
CA ASP HA 125 4.75 68.71 -28.42
C ASP HA 125 5.80 69.76 -28.67
N PHE HA 126 5.69 70.89 -27.94
CA PHE HA 126 6.74 71.88 -27.88
C PHE HA 126 6.66 72.36 -26.46
N TYR HA 127 7.62 71.97 -25.60
CA TYR HA 127 7.73 72.43 -24.23
C TYR HA 127 8.56 73.69 -24.27
N VAL HA 128 7.85 74.82 -24.46
CA VAL HA 128 8.41 76.13 -24.67
C VAL HA 128 8.27 76.90 -23.39
N VAL HA 129 9.04 76.45 -22.39
CA VAL HA 129 8.95 76.84 -21.01
C VAL HA 129 9.89 77.99 -20.73
N MET HA 130 9.96 78.43 -19.46
CA MET HA 130 10.70 79.61 -19.09
C MET HA 130 11.33 79.37 -17.75
N ASN HA 131 12.64 79.67 -17.65
CA ASN HA 131 13.43 79.47 -16.46
C ASN HA 131 13.33 80.68 -15.55
N ARG HA 132 12.18 80.87 -14.89
CA ARG HA 132 12.07 81.88 -13.87
C ARG HA 132 10.85 81.55 -13.04
N PRO HA 133 10.87 81.47 -11.69
CA PRO HA 133 9.85 80.73 -10.94
C PRO HA 133 8.46 81.34 -10.98
N GLY HA 134 7.41 80.48 -11.10
CA GLY HA 134 6.04 80.87 -10.91
C GLY HA 134 5.39 81.31 -12.20
N ALA HA 135 4.11 80.91 -12.40
CA ALA HA 135 3.36 81.12 -13.62
C ALA HA 135 2.93 82.55 -13.84
N ARG HA 136 3.20 83.42 -12.84
CA ARG HA 136 3.00 84.85 -12.95
C ARG HA 136 4.16 85.46 -13.72
N VAL HA 137 5.34 84.80 -13.63
CA VAL HA 137 6.61 85.29 -14.08
C VAL HA 137 6.95 84.69 -15.43
N THR HA 138 6.54 83.43 -15.71
CA THR HA 138 6.77 82.77 -17.00
C THR HA 138 5.91 83.39 -18.08
N ARG HA 139 4.68 83.80 -17.70
CA ARG HA 139 3.67 84.37 -18.56
C ARG HA 139 4.03 85.76 -19.01
N ARG HA 140 5.01 86.39 -18.34
CA ARG HA 140 5.57 87.69 -18.64
C ARG HA 140 6.37 87.67 -19.93
N LYS HA 141 7.21 86.62 -20.13
CA LYS HA 141 8.03 86.41 -21.31
C LYS HA 141 7.16 86.16 -22.53
N ARG HA 142 6.06 85.40 -22.37
CA ARG HA 142 5.19 85.08 -23.48
C ARG HA 142 4.26 86.23 -23.82
N CYS HA 143 3.90 87.11 -22.86
CA CYS HA 143 3.02 88.22 -23.15
C CYS HA 143 3.72 89.43 -23.73
N LYS HA 144 5.07 89.54 -23.55
CA LYS HA 144 5.86 90.59 -24.17
C LYS HA 144 6.09 90.26 -25.64
N GLY HA 145 6.09 88.95 -25.99
CA GLY HA 145 6.12 88.47 -27.37
C GLY HA 145 4.73 88.33 -27.94
N THR HA 146 3.70 88.52 -27.08
CA THR HA 146 2.26 88.45 -27.32
C THR HA 146 1.79 87.16 -27.96
N VAL HA 147 1.34 86.21 -27.10
CA VAL HA 147 0.81 84.93 -27.51
C VAL HA 147 -0.70 84.97 -27.39
N GLY HA 148 -1.37 83.87 -27.80
CA GLY HA 148 -2.80 83.72 -27.75
C GLY HA 148 -3.22 83.33 -26.36
N ASN HA 149 -3.76 84.30 -25.59
CA ASN HA 149 -4.23 84.06 -24.25
C ASN HA 149 -5.73 84.00 -24.26
N SER HA 150 -6.29 83.15 -23.37
CA SER HA 150 -7.71 83.06 -23.11
C SER HA 150 -8.06 83.98 -21.96
N HIS HA 151 -7.75 85.28 -22.14
CA HIS HA 151 -7.88 86.34 -21.17
C HIS HA 151 -6.83 86.19 -20.05
N PRO IA 1 -76.68 65.43 55.09
CA PRO IA 1 -77.29 64.11 55.42
C PRO IA 1 -76.36 63.46 56.42
N ASN IA 2 -76.59 62.16 56.73
CA ASN IA 2 -75.65 61.38 57.52
C ASN IA 2 -74.57 60.92 56.56
N GLU IA 3 -73.31 61.14 56.94
CA GLU IA 3 -72.15 60.81 56.15
C GLU IA 3 -71.25 60.01 57.05
N VAL IA 4 -70.62 58.94 56.51
CA VAL IA 4 -69.85 57.99 57.29
C VAL IA 4 -68.39 58.36 57.15
N LYS IA 5 -67.48 57.44 56.72
CA LYS IA 5 -66.08 57.76 56.55
C LYS IA 5 -65.92 58.39 55.18
N TYR IA 6 -65.06 59.42 55.13
CA TYR IA 6 -64.66 60.14 53.95
C TYR IA 6 -63.50 59.34 53.42
N LEU IA 7 -63.71 58.60 52.31
CA LEU IA 7 -62.78 57.57 51.88
C LEU IA 7 -61.68 58.17 51.04
N TYR IA 8 -60.55 58.49 51.72
CA TYR IA 8 -59.34 58.98 51.14
C TYR IA 8 -58.53 57.76 50.74
N LEU IA 9 -57.66 57.92 49.73
CA LEU IA 9 -56.79 56.88 49.24
C LEU IA 9 -55.98 57.56 48.18
N ARG IA 10 -54.65 57.28 48.11
CA ARG IA 10 -53.79 57.76 47.05
C ARG IA 10 -54.16 57.05 45.77
N ALA IA 11 -54.40 57.82 44.68
CA ALA IA 11 -54.92 57.25 43.47
C ALA IA 11 -54.59 58.13 42.31
N VAL IA 12 -54.83 57.59 41.09
CA VAL IA 12 -54.52 58.21 39.84
C VAL IA 12 -55.73 59.00 39.39
N GLY IA 13 -55.51 59.99 38.49
CA GLY IA 13 -56.55 60.70 37.79
C GLY IA 13 -56.91 59.96 36.54
N GLY IA 14 -57.23 58.66 36.68
CA GLY IA 14 -57.46 57.78 35.56
C GLY IA 14 -58.18 56.58 36.08
N GLU IA 15 -57.82 56.12 37.30
CA GLU IA 15 -58.47 55.01 37.96
C GLU IA 15 -59.85 55.43 38.38
N VAL IA 16 -59.97 56.40 39.30
CA VAL IA 16 -61.22 56.70 39.95
C VAL IA 16 -62.15 57.38 38.98
N GLY IA 17 -63.32 56.76 38.72
CA GLY IA 17 -64.20 57.16 37.66
C GLY IA 17 -64.51 55.96 36.82
N ALA IA 18 -63.51 55.05 36.68
CA ALA IA 18 -63.58 53.87 35.86
C ALA IA 18 -64.22 52.72 36.60
N SER IA 19 -63.44 51.92 37.38
CA SER IA 19 -63.93 50.63 37.82
C SER IA 19 -63.24 50.10 39.05
N ALA IA 20 -61.89 50.00 39.04
CA ALA IA 20 -61.09 49.16 39.90
C ALA IA 20 -61.27 49.38 41.38
N ALA IA 21 -60.68 50.46 41.95
CA ALA IA 21 -60.78 50.76 43.37
C ALA IA 21 -62.00 51.63 43.64
N LEU IA 22 -62.58 52.23 42.57
CA LEU IA 22 -63.80 53.01 42.59
C LEU IA 22 -64.95 52.29 43.26
N ALA IA 23 -65.34 51.13 42.69
CA ALA IA 23 -66.56 50.42 43.06
C ALA IA 23 -66.48 49.67 44.38
N PRO IA 24 -65.49 48.86 44.78
CA PRO IA 24 -65.64 47.96 45.91
C PRO IA 24 -65.64 48.66 47.26
N LYS IA 25 -65.04 49.87 47.37
CA LYS IA 25 -64.90 50.53 48.65
C LYS IA 25 -66.16 51.29 49.03
N ILE IA 26 -67.10 51.46 48.07
CA ILE IA 26 -68.40 52.05 48.30
C ILE IA 26 -69.48 51.02 48.07
N GLY IA 27 -69.10 49.77 47.71
CA GLY IA 27 -69.99 48.76 47.20
C GLY IA 27 -70.87 48.15 48.25
N PRO IA 28 -70.36 47.39 49.23
CA PRO IA 28 -71.18 46.80 50.29
C PRO IA 28 -71.68 47.83 51.28
N LEU IA 29 -71.19 49.09 51.18
CA LEU IA 29 -71.52 50.18 52.06
C LEU IA 29 -72.82 50.78 51.58
N GLY IA 30 -73.05 50.79 50.24
CA GLY IA 30 -74.37 50.92 49.67
C GLY IA 30 -74.56 52.24 49.00
N LEU IA 31 -73.72 52.54 47.99
CA LEU IA 31 -73.94 53.66 47.09
C LEU IA 31 -74.37 53.10 45.77
N SER IA 32 -74.60 53.99 44.78
CA SER IA 32 -74.88 53.63 43.40
C SER IA 32 -73.60 53.93 42.65
N PRO IA 33 -72.68 52.99 42.40
CA PRO IA 33 -71.28 53.30 42.18
C PRO IA 33 -71.00 53.87 40.81
N LYS IA 34 -71.96 53.80 39.87
CA LYS IA 34 -71.77 54.34 38.54
C LYS IA 34 -72.08 55.81 38.51
N LYS IA 35 -72.90 56.32 39.46
CA LYS IA 35 -73.21 57.73 39.57
C LYS IA 35 -72.21 58.41 40.48
N VAL IA 36 -71.42 57.62 41.25
CA VAL IA 36 -70.30 58.13 42.01
C VAL IA 36 -69.17 58.37 41.04
N GLY IA 37 -68.91 57.40 40.13
CA GLY IA 37 -67.90 57.51 39.11
C GLY IA 37 -68.29 58.41 37.96
N GLU IA 38 -69.54 58.92 37.95
CA GLU IA 38 -70.04 59.87 36.98
C GLU IA 38 -69.60 61.26 37.39
N ASP IA 39 -69.65 61.53 38.71
CA ASP IA 39 -69.30 62.81 39.30
C ASP IA 39 -67.80 62.96 39.32
N ILE IA 40 -67.07 61.85 39.61
CA ILE IA 40 -65.62 61.80 39.65
C ILE IA 40 -65.06 61.88 38.26
N ALA IA 41 -65.80 61.41 37.21
CA ALA IA 41 -65.39 61.52 35.83
C ALA IA 41 -65.61 62.91 35.25
N LYS IA 42 -65.93 63.92 36.10
CA LYS IA 42 -65.81 65.31 35.75
C LYS IA 42 -64.38 65.73 36.01
N ALA IA 43 -63.84 65.30 37.18
CA ALA IA 43 -62.53 65.65 37.68
C ALA IA 43 -61.45 64.97 36.90
N THR IA 44 -61.48 63.62 36.81
CA THR IA 44 -60.43 62.80 36.23
C THR IA 44 -60.44 62.79 34.71
N LYS IA 45 -61.36 63.58 34.10
CA LYS IA 45 -61.42 63.84 32.69
C LYS IA 45 -60.41 64.91 32.36
N GLU IA 46 -60.38 66.01 33.15
CA GLU IA 46 -59.50 67.13 32.96
C GLU IA 46 -58.19 66.88 33.66
N PHE IA 47 -58.22 66.26 34.85
CA PHE IA 47 -57.03 65.84 35.57
C PHE IA 47 -56.71 64.46 35.06
N LYS IA 48 -56.06 64.38 33.88
CA LYS IA 48 -55.85 63.14 33.17
C LYS IA 48 -54.47 62.60 33.47
N GLY IA 49 -54.41 61.61 34.39
CA GLY IA 49 -53.20 60.93 34.79
C GLY IA 49 -52.34 61.81 35.65
N ILE IA 50 -52.95 62.48 36.64
CA ILE IA 50 -52.28 63.38 37.56
C ILE IA 50 -52.48 62.77 38.93
N LYS IA 51 -51.69 63.23 39.92
CA LYS IA 51 -51.77 62.86 41.31
C LYS IA 51 -52.97 63.54 41.96
N VAL IA 52 -54.16 62.88 41.95
CA VAL IA 52 -55.37 63.50 42.50
C VAL IA 52 -56.20 62.47 43.22
N THR IA 53 -56.72 62.88 44.40
CA THR IA 53 -57.62 62.08 45.22
C THR IA 53 -59.04 62.45 44.92
N VAL IA 54 -59.97 61.68 45.51
CA VAL IA 54 -61.36 62.01 45.59
C VAL IA 54 -61.82 61.31 46.85
N GLN IA 55 -62.59 62.02 47.70
CA GLN IA 55 -63.12 61.46 48.93
C GLN IA 55 -64.49 60.91 48.64
N LEU IA 56 -64.61 59.56 48.59
CA LEU IA 56 -65.84 58.88 48.25
C LEU IA 56 -66.62 58.65 49.53
N LYS IA 57 -67.26 59.72 50.03
CA LYS IA 57 -67.98 59.69 51.28
C LYS IA 57 -69.34 59.07 51.09
N ILE IA 58 -69.79 58.31 52.11
CA ILE IA 58 -70.97 57.50 52.03
C ILE IA 58 -72.14 58.33 52.49
N GLN IA 59 -72.91 58.92 51.54
CA GLN IA 59 -74.06 59.74 51.85
C GLN IA 59 -75.30 58.87 51.85
N ASN IA 60 -76.43 59.39 51.31
CA ASN IA 60 -77.71 58.72 51.26
C ASN IA 60 -77.85 58.03 49.92
N ARG IA 61 -76.93 57.08 49.64
CA ARG IA 61 -76.81 56.35 48.40
C ARG IA 61 -76.34 57.26 47.27
N GLN IA 62 -75.56 58.31 47.65
CA GLN IA 62 -74.99 59.27 46.75
C GLN IA 62 -73.56 59.48 47.17
N ALA IA 63 -72.75 60.08 46.27
CA ALA IA 63 -71.50 60.67 46.62
C ALA IA 63 -71.18 61.61 45.50
N ALA IA 64 -70.35 62.63 45.79
CA ALA IA 64 -69.87 63.56 44.81
C ALA IA 64 -68.51 63.95 45.32
N ALA IA 65 -67.53 64.08 44.41
CA ALA IA 65 -66.18 64.36 44.82
C ALA IA 65 -65.40 64.91 43.66
N SER IA 66 -64.55 65.91 43.95
CA SER IA 66 -63.57 66.45 43.05
C SER IA 66 -62.60 67.09 44.01
N VAL IA 67 -61.37 66.56 44.11
CA VAL IA 67 -60.37 67.05 45.04
C VAL IA 67 -59.11 67.20 44.23
N VAL IA 68 -58.41 68.34 44.41
CA VAL IA 68 -57.03 68.50 44.02
C VAL IA 68 -56.36 68.54 45.37
N PRO IA 69 -55.45 67.64 45.74
CA PRO IA 69 -55.03 67.50 47.13
C PRO IA 69 -53.99 68.52 47.49
N SER IA 70 -53.30 69.11 46.50
CA SER IA 70 -52.08 69.83 46.75
C SER IA 70 -51.89 70.85 45.66
N ALA IA 71 -50.61 71.13 45.30
CA ALA IA 71 -50.21 72.03 44.24
C ALA IA 71 -50.45 71.43 42.88
N SER IA 72 -50.51 70.07 42.82
CA SER IA 72 -50.76 69.17 41.71
C SER IA 72 -51.43 69.77 40.48
N SER IA 73 -52.78 69.69 40.41
CA SER IA 73 -53.55 70.10 39.26
C SER IA 73 -53.93 71.55 39.37
N LEU IA 74 -52.94 72.42 39.63
CA LEU IA 74 -53.06 73.85 39.66
C LEU IA 74 -51.98 74.39 38.77
N VAL IA 75 -50.77 73.82 38.85
CA VAL IA 75 -49.61 74.23 38.08
C VAL IA 75 -49.76 73.77 36.64
N ILE IA 76 -50.10 72.48 36.42
CA ILE IA 76 -50.26 71.92 35.10
C ILE IA 76 -51.58 72.30 34.45
N THR IA 77 -52.57 72.79 35.24
CA THR IA 77 -53.80 73.33 34.69
C THR IA 77 -53.60 74.77 34.28
N ALA IA 78 -52.58 75.46 34.86
CA ALA IA 78 -52.17 76.79 34.48
C ALA IA 78 -51.33 76.77 33.23
N LEU IA 79 -50.84 75.58 32.82
CA LEU IA 79 -50.19 75.36 31.54
C LEU IA 79 -51.23 75.34 30.45
N LYS IA 80 -52.45 74.87 30.80
CA LYS IA 80 -53.70 74.97 30.06
C LYS IA 80 -54.00 73.73 29.27
N GLU IA 81 -52.98 72.88 29.02
CA GLU IA 81 -53.21 71.51 28.60
C GLU IA 81 -52.69 70.70 29.76
N PRO IA 82 -53.49 69.95 30.52
CA PRO IA 82 -52.98 69.31 31.74
C PRO IA 82 -52.81 67.80 31.63
N PRO IA 83 -51.81 67.18 30.99
CA PRO IA 83 -51.36 65.85 31.34
C PRO IA 83 -50.26 65.97 32.38
N ARG IA 84 -49.64 64.84 32.78
CA ARG IA 84 -48.31 64.86 33.34
C ARG IA 84 -47.36 64.90 32.16
N ASP IA 85 -46.28 65.71 32.26
CA ASP IA 85 -45.46 66.09 31.14
C ASP IA 85 -44.64 64.92 30.63
N ARG IA 86 -44.05 64.15 31.59
CA ARG IA 86 -43.21 62.99 31.38
C ARG IA 86 -41.75 63.38 31.49
N LYS IA 87 -41.40 63.85 32.71
CA LYS IA 87 -40.12 64.32 33.21
C LYS IA 87 -39.47 65.49 32.49
N LYS IA 88 -38.24 65.80 32.95
CA LYS IA 88 -37.63 67.10 32.95
C LYS IA 88 -37.19 67.62 31.61
N ASP IA 89 -36.94 68.96 31.59
CA ASP IA 89 -36.71 69.76 30.42
C ASP IA 89 -35.25 69.81 30.00
N LYS IA 90 -34.33 69.26 30.82
CA LYS IA 90 -32.90 69.31 30.56
C LYS IA 90 -32.49 68.43 29.39
N ASN IA 91 -33.35 67.46 29.02
CA ASN IA 91 -33.14 66.53 27.94
C ASN IA 91 -33.66 67.17 26.66
N VAL IA 92 -34.04 66.36 25.64
CA VAL IA 92 -34.68 66.82 24.42
C VAL IA 92 -36.17 66.77 24.66
N LYS IA 93 -36.64 67.59 25.63
CA LYS IA 93 -37.91 67.45 26.25
C LYS IA 93 -38.19 68.77 26.93
N HIS IA 94 -39.47 69.05 27.25
CA HIS IA 94 -39.91 70.17 28.06
C HIS IA 94 -41.41 70.18 27.94
N SER IA 95 -42.08 71.00 28.79
CA SER IA 95 -43.49 71.29 28.69
C SER IA 95 -43.63 72.56 27.89
N GLY IA 96 -43.76 73.73 28.55
CA GLY IA 96 -43.95 74.98 27.86
C GLY IA 96 -43.56 76.10 28.78
N ASN IA 97 -44.54 76.93 29.18
CA ASN IA 97 -44.32 78.00 30.12
C ASN IA 97 -45.64 78.35 30.74
N ILE IA 98 -45.59 78.85 32.00
CA ILE IA 98 -46.71 79.42 32.70
C ILE IA 98 -46.46 80.91 32.61
N GLN IA 99 -47.52 81.75 32.57
CA GLN IA 99 -47.37 83.19 32.57
C GLN IA 99 -47.22 83.65 34.01
N LEU IA 100 -46.67 84.86 34.24
CA LEU IA 100 -46.47 85.46 35.54
C LEU IA 100 -47.75 85.62 36.33
N ASP IA 101 -48.86 86.03 35.65
CA ASP IA 101 -50.13 86.26 36.29
C ASP IA 101 -50.82 84.94 36.62
N GLU IA 102 -50.59 83.90 35.78
CA GLU IA 102 -51.20 82.60 35.90
C GLU IA 102 -50.57 81.77 37.00
N ILE IA 103 -49.24 81.89 37.21
CA ILE IA 103 -48.54 81.12 38.23
C ILE IA 103 -48.78 81.75 39.60
N ILE IA 104 -48.88 83.10 39.66
CA ILE IA 104 -49.01 83.80 40.93
C ILE IA 104 -50.44 83.76 41.42
N GLU IA 105 -51.44 83.42 40.56
CA GLU IA 105 -52.82 83.31 41.02
C GLU IA 105 -53.07 82.01 41.75
N ILE IA 106 -52.13 81.05 41.64
CA ILE IA 106 -52.08 79.83 42.43
C ILE IA 106 -51.61 80.21 43.82
N ALA IA 107 -50.62 81.12 43.90
CA ALA IA 107 -50.07 81.64 45.14
C ALA IA 107 -51.02 82.57 45.85
N ARG IA 108 -52.00 83.15 45.11
CA ARG IA 108 -53.07 83.96 45.66
C ARG IA 108 -54.19 83.08 46.18
N GLN IA 109 -54.25 81.81 45.73
CA GLN IA 109 -55.21 80.83 46.21
C GLN IA 109 -54.69 80.24 47.50
N MET IA 110 -53.48 79.64 47.48
CA MET IA 110 -52.85 79.09 48.67
C MET IA 110 -52.16 80.21 49.41
N ARG IA 111 -52.97 81.03 50.10
CA ARG IA 111 -52.50 81.99 51.05
C ARG IA 111 -53.51 82.03 52.17
N ASP IA 112 -54.65 81.31 51.97
CA ASP IA 112 -55.53 80.88 53.03
C ASP IA 112 -55.20 79.44 53.37
N LYS IA 113 -54.60 78.68 52.41
CA LYS IA 113 -54.00 77.38 52.70
C LYS IA 113 -52.62 77.59 53.25
N SER IA 114 -51.69 78.24 52.53
CA SER IA 114 -50.37 78.53 53.08
C SER IA 114 -50.48 79.67 54.06
N PHE IA 115 -49.66 79.68 55.13
CA PHE IA 115 -49.61 80.78 56.06
C PHE IA 115 -48.56 81.74 55.53
N GLY IA 116 -48.90 82.63 54.57
CA GLY IA 116 -47.93 83.48 53.91
C GLY IA 116 -47.79 84.79 54.63
N ARG IA 117 -46.53 85.25 54.83
CA ARG IA 117 -46.19 86.43 55.58
C ARG IA 117 -46.49 87.67 54.80
N THR IA 118 -45.84 87.79 53.61
CA THR IA 118 -45.99 88.87 52.68
C THR IA 118 -46.61 88.25 51.45
N LEU IA 119 -46.73 89.01 50.33
CA LEU IA 119 -47.34 88.54 49.10
C LEU IA 119 -46.25 88.27 48.09
N ALA IA 120 -45.04 87.95 48.60
CA ALA IA 120 -43.89 87.54 47.83
C ALA IA 120 -43.43 86.20 48.35
N SER IA 121 -44.17 85.63 49.34
CA SER IA 121 -43.85 84.42 50.07
C SER IA 121 -44.06 83.22 49.20
N VAL IA 122 -45.34 82.78 49.12
CA VAL IA 122 -45.83 81.64 48.38
C VAL IA 122 -45.73 81.86 46.87
N THR IA 123 -45.27 83.07 46.45
CA THR IA 123 -44.89 83.39 45.10
C THR IA 123 -43.69 82.56 44.68
N LYS IA 124 -42.58 82.56 45.46
CA LYS IA 124 -41.37 81.84 45.07
C LYS IA 124 -41.49 80.35 45.28
N GLU IA 125 -42.29 79.94 46.30
CA GLU IA 125 -42.65 78.57 46.65
C GLU IA 125 -43.17 77.80 45.45
N ILE IA 126 -44.17 78.38 44.75
CA ILE IA 126 -44.85 77.77 43.62
C ILE IA 126 -44.10 78.08 42.33
N LEU IA 127 -43.14 79.04 42.33
CA LEU IA 127 -42.25 79.28 41.20
C LEU IA 127 -41.17 78.23 41.13
N GLY IA 128 -40.89 77.51 42.25
CA GLY IA 128 -40.00 76.37 42.27
C GLY IA 128 -40.66 75.24 41.51
N THR IA 129 -41.95 74.99 41.82
CA THR IA 129 -42.81 74.00 41.19
C THR IA 129 -43.05 74.32 39.72
N ALA IA 130 -42.99 75.62 39.34
CA ALA IA 130 -43.19 76.07 37.98
C ALA IA 130 -42.10 75.61 37.06
N GLN IA 131 -40.85 75.52 37.56
CA GLN IA 131 -39.72 75.04 36.79
C GLN IA 131 -39.58 73.55 36.94
N SER IA 132 -40.23 72.96 37.98
CA SER IA 132 -40.24 71.53 38.22
C SER IA 132 -40.98 70.77 37.14
N VAL IA 133 -42.17 71.27 36.74
CA VAL IA 133 -43.04 70.66 35.75
C VAL IA 133 -42.50 70.74 34.33
N GLY IA 134 -41.36 71.45 34.13
CA GLY IA 134 -40.71 71.58 32.85
C GLY IA 134 -41.18 72.81 32.14
N CYS IA 135 -41.78 73.76 32.90
CA CYS IA 135 -42.23 75.04 32.43
C CYS IA 135 -41.26 76.07 32.97
N ARG IA 136 -41.74 77.30 33.18
CA ARG IA 136 -40.97 78.41 33.69
C ARG IA 136 -41.98 79.50 33.89
N VAL IA 137 -41.52 80.71 34.27
CA VAL IA 137 -42.33 81.91 34.35
C VAL IA 137 -42.04 82.73 33.11
N ASP IA 138 -43.07 83.43 32.58
CA ASP IA 138 -42.98 84.22 31.36
C ASP IA 138 -43.62 85.59 31.68
N GLY JA 1 80.62 -36.33 -32.70
CA GLY JA 1 81.83 -36.67 -33.50
C GLY JA 1 81.58 -37.61 -34.64
N ALA JA 2 82.19 -38.82 -34.59
CA ALA JA 2 82.02 -39.86 -35.59
C ALA JA 2 80.67 -40.52 -35.45
N TYR JA 3 80.17 -40.49 -34.20
CA TYR JA 3 78.89 -40.98 -33.75
C TYR JA 3 77.80 -39.96 -34.00
N LYS JA 4 77.75 -39.37 -35.22
CA LYS JA 4 76.67 -38.50 -35.66
C LYS JA 4 75.53 -39.32 -36.21
N TYR JA 5 75.18 -40.37 -35.44
CA TYR JA 5 74.07 -41.27 -35.62
C TYR JA 5 73.40 -41.36 -34.28
N LEU JA 6 74.10 -40.90 -33.21
CA LEU JA 6 73.56 -40.72 -31.89
C LEU JA 6 73.58 -39.25 -31.59
N GLU JA 7 74.74 -38.56 -31.73
CA GLU JA 7 74.98 -37.19 -31.32
C GLU JA 7 74.19 -36.18 -32.10
N GLU JA 8 74.16 -36.33 -33.45
CA GLU JA 8 73.41 -35.51 -34.38
C GLU JA 8 71.93 -35.53 -34.06
N LEU JA 9 71.47 -36.67 -33.50
CA LEU JA 9 70.10 -36.94 -33.16
C LEU JA 9 69.80 -36.50 -31.75
N GLN JA 10 70.77 -36.61 -30.81
CA GLN JA 10 70.52 -36.41 -29.39
C GLN JA 10 70.42 -34.94 -29.08
N ARG JA 11 71.22 -34.10 -29.77
CA ARG JA 11 71.27 -32.69 -29.58
C ARG JA 11 70.13 -32.10 -30.38
N LYS JA 12 69.99 -32.48 -31.68
CA LYS JA 12 68.86 -32.06 -32.48
C LYS JA 12 67.85 -33.19 -32.52
N LYS JA 13 66.91 -33.23 -31.54
CA LYS JA 13 65.84 -34.21 -31.49
C LYS JA 13 64.77 -33.93 -32.52
N GLN JA 14 64.74 -32.69 -33.04
CA GLN JA 14 63.87 -32.20 -34.08
C GLN JA 14 64.05 -32.94 -35.41
N SER JA 15 65.18 -33.68 -35.55
CA SER JA 15 65.55 -34.41 -36.75
C SER JA 15 64.55 -35.49 -37.14
N ASP JA 16 64.69 -35.99 -38.40
CA ASP JA 16 63.75 -36.91 -39.03
C ASP JA 16 63.72 -38.26 -38.37
N VAL JA 17 64.79 -38.62 -37.61
CA VAL JA 17 64.91 -39.92 -37.00
C VAL JA 17 64.13 -39.96 -35.72
N LEU JA 18 64.44 -39.07 -34.74
CA LEU JA 18 63.94 -39.23 -33.39
C LEU JA 18 62.52 -38.78 -33.18
N ARG JA 19 61.93 -37.90 -34.02
CA ARG JA 19 60.52 -37.57 -33.84
C ARG JA 19 59.63 -38.71 -34.30
N PHE JA 20 60.17 -39.63 -35.12
CA PHE JA 20 59.52 -40.86 -35.53
C PHE JA 20 59.83 -41.95 -34.52
N LEU JA 21 61.10 -42.04 -34.06
CA LEU JA 21 61.58 -43.15 -33.27
C LEU JA 21 61.14 -43.05 -31.83
N GLN JA 22 61.08 -41.83 -31.26
CA GLN JA 22 60.66 -41.63 -29.89
C GLN JA 22 59.15 -41.59 -29.79
N ARG JA 23 58.42 -41.54 -30.92
CA ARG JA 23 56.97 -41.72 -30.96
C ARG JA 23 56.65 -43.18 -30.72
N VAL JA 24 57.41 -44.11 -31.35
CA VAL JA 24 57.20 -45.53 -31.20
C VAL JA 24 57.91 -46.08 -29.97
N ARG JA 25 58.83 -45.30 -29.35
CA ARG JA 25 59.50 -45.69 -28.12
C ARG JA 25 58.84 -45.08 -26.91
N VAL JA 26 57.93 -44.10 -27.08
CA VAL JA 26 57.10 -43.61 -25.99
C VAL JA 26 55.86 -44.47 -25.94
N TRP JA 27 55.43 -45.00 -27.13
CA TRP JA 27 54.41 -46.02 -27.31
C TRP JA 27 54.77 -47.28 -26.58
N GLU JA 28 56.07 -47.63 -26.58
CA GLU JA 28 56.66 -48.75 -25.89
C GLU JA 28 56.56 -48.60 -24.40
N TYR JA 29 56.58 -47.34 -23.91
CA TYR JA 29 56.54 -47.01 -22.50
C TYR JA 29 55.12 -46.81 -22.01
N ARG JA 30 54.12 -46.66 -22.92
CA ARG JA 30 52.71 -46.58 -22.56
C ARG JA 30 52.22 -47.94 -22.06
N GLN JA 31 52.91 -49.03 -22.47
CA GLN JA 31 52.70 -50.36 -21.98
C GLN JA 31 53.33 -50.55 -20.62
N LYS JA 32 54.52 -49.93 -20.39
CA LYS JA 32 55.32 -50.15 -19.21
C LYS JA 32 55.00 -49.16 -18.12
N ASN JA 33 55.70 -49.32 -16.96
CA ASN JA 33 55.17 -48.97 -15.67
C ASN JA 33 56.00 -47.90 -14.99
N VAL JA 34 56.26 -48.01 -13.66
CA VAL JA 34 57.06 -47.07 -12.88
C VAL JA 34 58.48 -47.14 -13.36
N ILE JA 35 59.08 -48.34 -13.26
CA ILE JA 35 60.42 -48.62 -13.71
C ILE JA 35 60.32 -49.66 -14.79
N HIS JA 36 61.31 -49.65 -15.70
CA HIS JA 36 61.44 -50.66 -16.72
C HIS JA 36 62.87 -50.53 -17.19
N ARG JA 37 63.47 -51.65 -17.60
CA ARG JA 37 64.86 -51.73 -17.97
C ARG JA 37 65.04 -51.19 -19.38
N ALA JA 38 66.29 -50.82 -19.73
CA ALA JA 38 66.67 -50.54 -21.09
C ALA JA 38 67.92 -51.37 -21.30
N ALA JA 39 68.20 -51.70 -22.58
CA ALA JA 39 69.15 -52.69 -23.00
C ALA JA 39 70.58 -52.22 -22.79
N ARG JA 40 71.24 -51.81 -23.88
CA ARG JA 40 72.34 -50.90 -23.84
C ARG JA 40 71.68 -49.57 -24.14
N PRO JA 41 72.21 -48.40 -23.78
CA PRO JA 41 71.39 -47.21 -23.62
C PRO JA 41 70.77 -46.68 -24.91
N THR JA 42 69.77 -45.77 -24.80
CA THR JA 42 69.13 -45.13 -25.94
C THR JA 42 70.07 -44.09 -26.49
N ARG JA 43 70.74 -43.34 -25.59
CA ARG JA 43 71.78 -42.41 -25.94
C ARG JA 43 73.06 -42.89 -25.28
N PRO JA 44 73.82 -43.83 -25.85
CA PRO JA 44 74.99 -44.40 -25.19
C PRO JA 44 76.17 -43.46 -25.25
N ASP JA 45 76.09 -42.37 -26.03
CA ASP JA 45 77.12 -41.37 -26.18
C ASP JA 45 77.22 -40.49 -24.96
N LYS JA 46 76.09 -39.86 -24.53
CA LYS JA 46 76.02 -39.12 -23.28
C LYS JA 46 76.15 -40.08 -22.11
N ALA JA 47 75.68 -41.34 -22.25
CA ALA JA 47 75.79 -42.33 -21.18
C ALA JA 47 77.22 -42.62 -20.79
N ARG JA 48 78.16 -42.71 -21.78
CA ARG JA 48 79.57 -42.94 -21.51
C ARG JA 48 80.23 -41.72 -20.91
N ARG JA 49 79.83 -40.48 -21.32
CA ARG JA 49 80.34 -39.24 -20.78
C ARG JA 49 79.94 -39.04 -19.32
N LEU JA 50 78.75 -39.53 -18.91
CA LEU JA 50 78.37 -39.59 -17.51
C LEU JA 50 79.20 -40.66 -16.84
N GLY JA 51 79.01 -41.92 -17.26
CA GLY JA 51 79.80 -43.02 -16.76
C GLY JA 51 79.12 -44.28 -17.15
N TYR JA 52 79.51 -44.86 -18.30
CA TYR JA 52 78.98 -46.13 -18.73
C TYR JA 52 80.09 -46.86 -19.46
N LYS JA 53 81.16 -47.22 -18.71
CA LYS JA 53 82.05 -48.28 -19.11
C LYS JA 53 81.45 -49.49 -18.46
N ALA JA 54 80.98 -50.45 -19.29
CA ALA JA 54 79.95 -51.37 -18.89
C ALA JA 54 80.46 -52.59 -18.14
N LYS JA 55 79.71 -53.70 -18.21
CA LYS JA 55 79.79 -54.79 -17.27
C LYS JA 55 78.36 -54.99 -16.83
N GLN JA 56 78.00 -56.16 -16.25
CA GLN JA 56 76.68 -56.35 -15.70
C GLN JA 56 76.72 -55.87 -14.26
N GLY JA 57 75.67 -55.11 -13.87
CA GLY JA 57 75.68 -54.33 -12.65
C GLY JA 57 75.54 -52.89 -13.06
N PHE JA 58 76.20 -52.53 -14.19
CA PHE JA 58 76.02 -51.24 -14.84
C PHE JA 58 74.83 -51.40 -15.75
N VAL JA 59 73.67 -50.93 -15.26
CA VAL JA 59 72.38 -51.08 -15.90
C VAL JA 59 71.85 -49.70 -16.14
N ILE JA 60 70.70 -49.63 -16.83
CA ILE JA 60 70.06 -48.38 -17.15
C ILE JA 60 68.58 -48.66 -17.15
N TYR JA 61 67.79 -47.79 -16.49
CA TYR JA 61 66.36 -47.95 -16.33
C TYR JA 61 65.72 -46.66 -16.73
N ARG JA 62 64.59 -46.76 -17.45
CA ARG JA 62 63.76 -45.64 -17.86
C ARG JA 62 62.62 -45.58 -16.88
N VAL JA 63 62.33 -44.36 -16.36
CA VAL JA 63 61.46 -44.15 -15.22
C VAL JA 63 60.55 -42.99 -15.54
N ARG JA 64 59.29 -43.00 -15.04
CA ARG JA 64 58.33 -41.93 -15.21
C ARG JA 64 58.45 -40.90 -14.10
N VAL JA 65 57.73 -39.77 -14.23
CA VAL JA 65 57.68 -38.70 -13.24
C VAL JA 65 56.23 -38.51 -12.87
N ARG JA 66 55.86 -37.33 -12.31
CA ARG JA 66 54.51 -37.01 -11.87
C ARG JA 66 53.92 -35.96 -12.79
N ARG JA 67 52.60 -35.69 -12.63
CA ARG JA 67 51.89 -34.61 -13.27
C ARG JA 67 51.45 -33.63 -12.23
N GLY JA 68 50.99 -32.44 -12.68
CA GLY JA 68 50.66 -31.31 -11.84
C GLY JA 68 51.92 -30.53 -11.60
N ASN JA 69 51.91 -29.65 -10.57
CA ASN JA 69 53.09 -28.92 -10.14
C ASN JA 69 53.48 -29.51 -8.80
N ARG JA 70 53.59 -28.69 -7.73
CA ARG JA 70 53.75 -29.14 -6.37
C ARG JA 70 52.35 -29.21 -5.83
N LYS JA 71 51.69 -30.38 -5.97
CA LYS JA 71 50.28 -30.50 -5.67
C LYS JA 71 50.05 -30.64 -4.19
N ARG JA 72 48.92 -30.06 -3.75
CA ARG JA 72 48.47 -29.97 -2.39
C ARG JA 72 46.97 -30.25 -2.52
N PRO JA 73 46.13 -30.38 -1.49
CA PRO JA 73 44.71 -30.59 -1.69
C PRO JA 73 43.99 -29.40 -2.29
N VAL JA 74 42.72 -29.62 -2.70
CA VAL JA 74 41.86 -28.59 -3.25
C VAL JA 74 41.22 -27.86 -2.09
N PRO JA 75 40.78 -26.61 -2.24
CA PRO JA 75 40.04 -25.90 -1.21
C PRO JA 75 38.62 -26.41 -1.12
N LYS JA 76 38.34 -27.29 -0.12
CA LYS JA 76 37.01 -27.73 0.22
C LYS JA 76 36.58 -26.89 1.41
N GLY JA 77 35.27 -26.59 1.51
CA GLY JA 77 34.74 -25.71 2.53
C GLY JA 77 34.96 -24.29 2.08
N ALA JA 78 35.99 -23.64 2.66
CA ALA JA 78 36.41 -22.30 2.33
C ALA JA 78 37.30 -22.29 1.13
N THR JA 79 37.46 -21.10 0.50
CA THR JA 79 38.36 -20.87 -0.61
C THR JA 79 39.34 -19.78 -0.27
N TYR JA 80 38.92 -18.80 0.56
CA TYR JA 80 39.72 -17.62 0.86
C TYR JA 80 40.62 -17.90 2.05
N GLY JA 81 40.32 -17.29 3.22
CA GLY JA 81 41.16 -17.32 4.41
C GLY JA 81 42.21 -16.27 4.25
N LYS JA 82 43.47 -16.60 4.66
CA LYS JA 82 44.64 -15.89 4.19
C LYS JA 82 45.09 -16.67 2.95
N PRO JA 83 45.03 -16.16 1.71
CA PRO JA 83 45.26 -16.97 0.53
C PRO JA 83 46.74 -17.13 0.21
N THR JA 84 47.49 -17.83 1.09
CA THR JA 84 48.90 -18.12 0.93
C THR JA 84 49.08 -19.25 -0.07
N ASN JA 85 48.12 -20.20 -0.10
CA ASN JA 85 48.10 -21.27 -1.08
C ASN JA 85 46.64 -21.42 -1.44
N GLN JA 86 46.28 -21.03 -2.67
CA GLN JA 86 44.92 -21.07 -3.18
C GLN JA 86 44.80 -22.16 -4.23
N GLY JA 87 45.83 -22.31 -5.10
CA GLY JA 87 45.77 -23.16 -6.26
C GLY JA 87 46.18 -24.57 -5.94
N VAL JA 88 45.68 -25.53 -6.74
CA VAL JA 88 45.96 -26.94 -6.55
C VAL JA 88 47.30 -27.29 -7.15
N ASN JA 89 47.68 -26.63 -8.28
CA ASN JA 89 48.96 -26.80 -8.93
C ASN JA 89 49.75 -25.53 -8.70
N GLU JA 90 50.17 -25.28 -7.44
CA GLU JA 90 50.68 -23.99 -7.03
C GLU JA 90 52.16 -23.82 -7.32
N LEU JA 91 53.03 -23.95 -6.29
CA LEU JA 91 54.46 -23.66 -6.39
C LEU JA 91 55.16 -24.72 -7.20
N LYS JA 92 56.44 -24.47 -7.61
CA LYS JA 92 57.36 -25.51 -8.00
C LYS JA 92 58.36 -25.61 -6.85
N TYR JA 93 59.58 -26.12 -7.10
CA TYR JA 93 60.60 -26.11 -6.07
C TYR JA 93 61.94 -26.16 -6.77
N GLN JA 94 63.01 -26.38 -5.98
CA GLN JA 94 64.40 -26.34 -6.39
C GLN JA 94 64.75 -27.44 -7.36
N ARG JA 95 64.41 -28.70 -7.02
CA ARG JA 95 64.86 -29.86 -7.76
C ARG JA 95 64.20 -30.01 -9.10
N SER JA 96 64.99 -30.50 -10.09
CA SER JA 96 64.52 -30.81 -11.42
C SER JA 96 63.84 -32.18 -11.38
N LEU JA 97 63.05 -32.50 -12.44
CA LEU JA 97 62.33 -33.76 -12.57
C LEU JA 97 63.23 -34.92 -12.91
N ARG JA 98 64.54 -34.66 -13.05
CA ARG JA 98 65.58 -35.66 -13.10
C ARG JA 98 65.61 -36.41 -11.80
N ALA JA 99 65.62 -35.69 -10.65
CA ALA JA 99 65.63 -36.23 -9.29
C ALA JA 99 64.41 -37.07 -8.99
N THR JA 100 63.23 -36.64 -9.52
CA THR JA 100 61.96 -37.33 -9.36
C THR JA 100 62.02 -38.72 -9.96
N ALA JA 101 62.59 -38.85 -11.17
CA ALA JA 101 62.76 -40.10 -11.85
C ALA JA 101 63.81 -40.97 -11.17
N GLU JA 102 64.87 -40.36 -10.62
CA GLU JA 102 66.02 -41.03 -10.06
C GLU JA 102 65.73 -41.72 -8.75
N GLU JA 103 64.88 -41.14 -7.87
CA GLU JA 103 64.60 -41.74 -6.58
C GLU JA 103 63.43 -42.71 -6.61
N ARG JA 104 62.63 -42.73 -7.70
CA ARG JA 104 61.57 -43.71 -7.87
C ARG JA 104 62.15 -45.08 -8.17
N VAL JA 105 63.27 -45.12 -8.93
CA VAL JA 105 64.03 -46.34 -9.17
C VAL JA 105 64.99 -46.57 -8.03
N GLY JA 106 65.42 -45.50 -7.33
CA GLY JA 106 66.46 -45.52 -6.33
C GLY JA 106 66.06 -46.19 -5.04
N ARG JA 107 64.81 -46.01 -4.57
CA ARG JA 107 64.34 -46.63 -3.35
C ARG JA 107 63.63 -47.94 -3.61
N ARG JA 108 63.26 -48.23 -4.89
CA ARG JA 108 62.71 -49.54 -5.25
C ARG JA 108 63.86 -50.52 -5.32
N ALA JA 109 64.87 -50.24 -6.18
CA ALA JA 109 66.09 -51.00 -6.23
C ALA JA 109 67.09 -50.27 -5.37
N ALA JA 110 67.16 -50.64 -4.08
CA ALA JA 110 67.94 -49.96 -3.06
C ALA JA 110 69.41 -50.26 -3.22
N ASN JA 111 69.75 -51.49 -3.68
CA ASN JA 111 71.09 -51.94 -3.94
C ASN JA 111 71.76 -51.16 -5.06
N LEU JA 112 71.02 -50.92 -6.17
CA LEU JA 112 71.51 -50.18 -7.31
C LEU JA 112 71.43 -48.69 -7.02
N ARG JA 113 72.59 -48.01 -7.10
CA ARG JA 113 72.71 -46.63 -6.66
C ARG JA 113 72.64 -45.71 -7.85
N VAL JA 114 72.26 -44.43 -7.61
CA VAL JA 114 72.03 -43.44 -8.63
C VAL JA 114 73.35 -42.83 -9.04
N LEU JA 115 73.61 -42.77 -10.38
CA LEU JA 115 74.71 -42.03 -10.96
C LEU JA 115 74.15 -40.70 -11.40
N ASN JA 116 73.63 -40.61 -12.65
CA ASN JA 116 73.10 -39.38 -13.18
C ASN JA 116 72.22 -39.78 -14.35
N SER JA 117 71.44 -38.82 -14.92
CA SER JA 117 70.41 -39.10 -15.89
C SER JA 117 70.50 -38.15 -17.05
N TYR JA 118 69.64 -38.40 -18.08
CA TYR JA 118 69.41 -37.52 -19.20
C TYR JA 118 67.99 -37.76 -19.64
N TRP JA 119 67.43 -36.84 -20.46
CA TRP JA 119 66.06 -36.89 -20.91
C TRP JA 119 65.97 -37.65 -22.21
N VAL JA 120 64.90 -38.45 -22.41
CA VAL JA 120 64.70 -39.23 -23.61
C VAL JA 120 63.36 -38.89 -24.21
N ASN JA 121 62.97 -37.60 -24.11
CA ASN JA 121 61.73 -37.05 -24.62
C ASN JA 121 60.58 -37.47 -23.72
N GLN JA 122 59.33 -37.36 -24.23
CA GLN JA 122 58.16 -37.48 -23.41
C GLN JA 122 56.98 -37.79 -24.29
N ASP JA 123 55.78 -37.78 -23.68
CA ASP JA 123 54.51 -37.66 -24.35
C ASP JA 123 53.69 -36.75 -23.45
N SER JA 124 52.35 -36.75 -23.61
CA SER JA 124 51.44 -35.93 -22.83
C SER JA 124 51.19 -36.55 -21.47
N THR JA 125 51.56 -37.85 -21.29
CA THR JA 125 51.35 -38.57 -20.06
C THR JA 125 52.37 -38.15 -19.04
N TYR JA 126 53.69 -38.39 -19.30
CA TYR JA 126 54.75 -37.97 -18.40
C TYR JA 126 55.98 -37.66 -19.19
N LYS JA 127 57.01 -37.09 -18.51
CA LYS JA 127 58.36 -37.01 -19.01
C LYS JA 127 59.09 -38.26 -18.64
N TYR JA 128 60.10 -38.67 -19.43
CA TYR JA 128 60.83 -39.89 -19.18
C TYR JA 128 62.29 -39.56 -19.20
N PHE JA 129 63.00 -40.02 -18.15
CA PHE JA 129 64.42 -39.84 -18.00
C PHE JA 129 64.99 -41.23 -17.89
N GLU JA 130 66.17 -41.45 -18.51
CA GLU JA 130 66.89 -42.69 -18.39
C GLU JA 130 67.97 -42.49 -17.35
N VAL JA 131 67.81 -43.22 -16.24
CA VAL JA 131 68.67 -43.20 -15.07
C VAL JA 131 69.70 -44.26 -15.27
N ILE JA 132 71.00 -43.90 -15.17
CA ILE JA 132 72.08 -44.87 -15.17
C ILE JA 132 72.28 -45.23 -13.72
N LEU JA 133 72.25 -46.53 -13.41
CA LEU JA 133 72.47 -47.01 -12.07
C LEU JA 133 73.70 -47.87 -12.08
N VAL JA 134 74.46 -47.82 -10.98
CA VAL JA 134 75.67 -48.57 -10.78
C VAL JA 134 75.36 -49.63 -9.76
N ASP JA 135 76.33 -50.53 -9.50
CA ASP JA 135 76.19 -51.60 -8.53
C ASP JA 135 77.39 -51.48 -7.61
N PRO JA 136 77.26 -51.60 -6.28
CA PRO JA 136 78.37 -51.38 -5.36
C PRO JA 136 79.23 -52.62 -5.16
N GLN JA 137 78.83 -53.80 -5.69
CA GLN JA 137 79.62 -55.01 -5.54
C GLN JA 137 80.55 -55.14 -6.71
N HIS JA 138 80.00 -54.94 -7.93
CA HIS JA 138 80.60 -55.01 -9.23
C HIS JA 138 82.02 -54.47 -9.30
N LYS JA 139 82.98 -55.34 -9.66
CA LYS JA 139 84.40 -55.04 -9.68
C LYS JA 139 84.79 -54.85 -11.12
N ALA JA 140 86.08 -54.45 -11.39
CA ALA JA 140 86.53 -53.78 -12.60
C ALA JA 140 86.16 -52.32 -12.54
N ILE JA 141 84.90 -52.05 -12.14
CA ILE JA 141 84.31 -50.79 -11.77
C ILE JA 141 84.96 -50.30 -10.49
N ARG JA 142 85.17 -51.20 -9.50
CA ARG JA 142 85.90 -50.89 -8.29
C ARG JA 142 87.40 -50.80 -8.53
N ARG JA 143 87.93 -51.41 -9.61
CA ARG JA 143 89.33 -51.33 -9.97
C ARG JA 143 89.60 -50.06 -10.75
N ASP JA 144 88.52 -49.43 -11.27
CA ASP JA 144 88.54 -48.16 -11.98
C ASP JA 144 88.42 -47.10 -10.91
N ALA JA 145 89.17 -45.99 -11.06
CA ALA JA 145 89.17 -44.87 -10.14
C ALA JA 145 87.92 -44.05 -10.33
N ARG JA 146 87.40 -44.05 -11.58
CA ARG JA 146 86.24 -43.32 -12.02
C ARG JA 146 84.97 -43.74 -11.32
N TYR JA 147 84.90 -44.99 -10.78
CA TYR JA 147 83.71 -45.49 -10.15
C TYR JA 147 84.05 -46.19 -8.85
N ASN JA 148 85.13 -45.78 -8.14
CA ASN JA 148 85.51 -46.42 -6.90
C ASN JA 148 84.59 -45.91 -5.80
N TRP JA 149 84.56 -44.58 -5.62
CA TRP JA 149 83.82 -43.82 -4.65
C TRP JA 149 82.34 -44.18 -4.58
N ILE JA 150 81.68 -44.38 -5.75
CA ILE JA 150 80.23 -44.59 -5.83
C ILE JA 150 79.80 -45.90 -5.20
N CYS JA 151 80.73 -46.87 -5.14
CA CYS JA 151 80.49 -48.19 -4.62
C CYS JA 151 80.64 -48.23 -3.12
N ASP JA 152 81.48 -47.35 -2.53
CA ASP JA 152 81.79 -47.32 -1.12
C ASP JA 152 80.71 -46.55 -0.36
N PRO JA 153 80.45 -46.81 0.95
CA PRO JA 153 79.10 -46.65 1.50
C PRO JA 153 78.60 -45.23 1.66
N VAL JA 154 79.48 -44.21 1.71
CA VAL JA 154 79.11 -42.82 1.95
C VAL JA 154 78.28 -42.31 0.80
N HIS JA 155 78.58 -42.80 -0.43
CA HIS JA 155 77.92 -42.42 -1.65
C HIS JA 155 76.73 -43.32 -1.93
N LYS JA 156 75.98 -43.71 -0.87
CA LYS JA 156 74.62 -44.19 -0.97
C LYS JA 156 73.75 -42.96 -0.98
N HIS JA 157 72.59 -43.02 -1.67
CA HIS JA 157 71.65 -41.93 -1.88
C HIS JA 157 72.29 -40.58 -2.13
N ARG JA 158 72.99 -40.47 -3.28
CA ARG JA 158 73.66 -39.27 -3.72
C ARG JA 158 72.68 -38.19 -4.10
N GLU JA 159 71.44 -38.61 -4.45
CA GLU JA 159 70.38 -37.73 -4.87
C GLU JA 159 69.73 -37.07 -3.68
N ALA JA 160 69.54 -37.83 -2.57
CA ALA JA 160 68.81 -37.40 -1.39
C ALA JA 160 69.43 -36.20 -0.71
N ARG JA 161 70.79 -36.16 -0.61
CA ARG JA 161 71.50 -34.99 -0.13
C ARG JA 161 71.82 -34.14 -1.34
N GLY JA 162 73.12 -33.95 -1.67
CA GLY JA 162 73.48 -33.14 -2.80
C GLY JA 162 74.85 -33.50 -3.27
N LEU JA 163 74.95 -34.61 -4.04
CA LEU JA 163 76.18 -35.04 -4.67
C LEU JA 163 75.92 -35.17 -6.15
N THR JA 164 74.77 -35.76 -6.55
CA THR JA 164 74.34 -35.90 -7.94
C THR JA 164 74.10 -34.53 -8.52
N ALA JA 165 74.31 -34.34 -9.84
CA ALA JA 165 74.14 -33.09 -10.56
C ALA JA 165 72.82 -32.39 -10.33
N THR JA 166 71.72 -33.16 -10.13
CA THR JA 166 70.41 -32.63 -9.87
C THR JA 166 70.30 -32.14 -8.44
N GLY JA 167 70.90 -32.89 -7.49
CA GLY JA 167 70.89 -32.58 -6.07
C GLY JA 167 71.88 -31.50 -5.70
N LYS JA 168 72.75 -31.07 -6.65
CA LYS JA 168 73.63 -29.93 -6.50
C LYS JA 168 72.81 -28.67 -6.47
N LYS JA 169 71.68 -28.67 -7.24
CA LYS JA 169 70.79 -27.56 -7.42
C LYS JA 169 69.77 -27.48 -6.29
N SER JA 170 69.98 -28.26 -5.20
CA SER JA 170 69.17 -28.21 -3.99
C SER JA 170 69.88 -27.41 -2.94
N ARG JA 171 71.19 -27.14 -3.16
CA ARG JA 171 72.04 -26.40 -2.26
C ARG JA 171 72.35 -25.09 -2.90
N GLY JA 172 73.35 -25.08 -3.81
CA GLY JA 172 73.80 -23.86 -4.42
C GLY JA 172 75.08 -24.18 -5.12
N ILE JA 173 75.01 -24.72 -6.35
CA ILE JA 173 76.19 -24.92 -7.16
C ILE JA 173 75.87 -24.53 -8.56
N ASN JA 174 76.40 -23.35 -8.95
CA ASN JA 174 76.79 -23.07 -10.30
C ASN JA 174 77.81 -21.99 -10.09
N LYS JA 175 78.90 -22.00 -10.89
CA LYS JA 175 80.01 -21.09 -10.71
C LYS JA 175 79.70 -19.84 -11.47
N GLY JA 176 79.68 -18.68 -10.77
CA GLY JA 176 79.25 -17.45 -11.36
C GLY JA 176 79.39 -16.39 -10.32
N HIS JA 177 78.62 -15.29 -10.46
CA HIS JA 177 78.74 -14.10 -9.66
C HIS JA 177 78.29 -14.30 -8.23
N LYS JA 178 76.97 -14.55 -8.01
CA LYS JA 178 76.44 -14.76 -6.67
C LYS JA 178 76.54 -16.25 -6.35
N PHE JA 179 77.79 -16.71 -6.18
CA PHE JA 179 78.17 -18.02 -5.71
C PHE JA 179 78.79 -17.82 -4.35
N ASN JA 180 79.04 -16.55 -3.95
CA ASN JA 180 79.75 -16.19 -2.73
C ASN JA 180 78.93 -16.54 -1.51
N ASN JA 181 77.62 -16.20 -1.51
CA ASN JA 181 76.72 -16.53 -0.43
C ASN JA 181 76.31 -17.98 -0.52
N THR JA 182 75.81 -18.41 -1.69
CA THR JA 182 75.40 -19.78 -1.94
C THR JA 182 76.58 -20.61 -2.42
N LYS JA 183 77.59 -20.78 -1.53
CA LYS JA 183 78.83 -21.46 -1.82
C LYS JA 183 78.68 -22.93 -1.48
N ALA JA 184 78.40 -23.21 -0.19
CA ALA JA 184 78.32 -24.54 0.36
C ALA JA 184 76.89 -25.03 0.30
N GLY JA 185 76.24 -25.21 1.47
CA GLY JA 185 74.85 -25.62 1.57
C GLY JA 185 73.99 -24.39 1.64
N ARG JA 186 72.67 -24.53 1.35
CA ARG JA 186 71.77 -23.40 1.34
C ARG JA 186 71.47 -22.94 2.75
N ARG JA 187 71.57 -23.87 3.73
CA ARG JA 187 71.24 -23.60 5.12
C ARG JA 187 72.46 -23.11 5.87
N LYS JA 188 73.64 -23.04 5.22
CA LYS JA 188 74.84 -22.51 5.81
C LYS JA 188 74.78 -21.00 5.79
N THR JA 189 74.43 -20.43 4.61
CA THR JA 189 74.16 -19.01 4.43
C THR JA 189 72.78 -18.68 4.98
N TRP JA 190 71.89 -19.69 4.97
CA TRP JA 190 70.56 -19.67 5.53
C TRP JA 190 69.60 -18.90 4.66
N LYS JA 191 69.43 -19.42 3.42
CA LYS JA 191 68.52 -18.98 2.37
C LYS JA 191 68.76 -17.55 1.92
N ARG JA 192 70.02 -17.23 1.56
CA ARG JA 192 70.38 -15.95 0.99
C ARG JA 192 71.36 -16.22 -0.17
N VAL KA 1 25.15 20.43 99.79
CA VAL KA 1 24.47 21.55 100.52
C VAL KA 1 22.96 21.46 100.40
N VAL KA 2 22.24 21.33 101.54
CA VAL KA 2 20.80 21.10 101.52
C VAL KA 2 20.05 22.42 101.37
N ILE KA 3 19.22 22.52 100.29
CA ILE KA 3 18.37 23.67 100.03
C ILE KA 3 16.92 23.24 100.18
N ASP KA 4 15.96 24.04 99.66
CA ASP KA 4 14.54 23.78 99.76
C ASP KA 4 13.94 24.39 98.53
N GLY KA 5 13.08 23.63 97.81
CA GLY KA 5 12.47 24.06 96.57
C GLY KA 5 11.07 24.53 96.85
N LYS KA 6 10.93 25.78 97.34
CA LYS KA 6 9.67 26.21 97.90
C LYS KA 6 9.41 27.67 97.60
N GLY KA 7 8.40 27.94 96.74
CA GLY KA 7 7.81 29.25 96.54
C GLY KA 7 8.61 30.11 95.61
N HIS KA 8 8.95 29.55 94.43
CA HIS KA 8 9.69 30.24 93.40
C HIS KA 8 9.57 29.37 92.18
N LEU KA 9 10.30 29.74 91.10
CA LEU KA 9 10.30 29.09 89.82
C LEU KA 9 11.14 27.83 89.86
N VAL KA 10 10.97 26.96 88.85
CA VAL KA 10 11.57 25.64 88.81
C VAL KA 10 12.92 25.70 88.13
N GLY KA 11 13.01 26.34 86.93
CA GLY KA 11 14.22 26.37 86.13
C GLY KA 11 15.30 27.20 86.75
N ARG KA 12 14.92 28.33 87.38
CA ARG KA 12 15.83 29.25 88.03
C ARG KA 12 16.21 28.77 89.43
N LEU KA 13 15.89 27.49 89.74
CA LEU KA 13 16.36 26.79 90.90
C LEU KA 13 17.24 25.66 90.42
N ALA KA 14 16.83 24.98 89.33
CA ALA KA 14 17.50 23.83 88.75
C ALA KA 14 18.90 24.19 88.29
N SER KA 15 19.03 25.34 87.59
CA SER KA 15 20.27 25.92 87.11
C SER KA 15 21.26 26.12 88.24
N VAL KA 16 20.80 26.77 89.33
CA VAL KA 16 21.61 27.10 90.49
C VAL KA 16 22.10 25.85 91.22
N VAL KA 17 21.30 24.76 91.19
CA VAL KA 17 21.61 23.48 91.80
C VAL KA 17 22.69 22.77 91.03
N ALA KA 18 22.72 22.92 89.68
CA ALA KA 18 23.65 22.22 88.82
C ALA KA 18 25.09 22.60 89.04
N LYS KA 19 25.42 23.93 89.11
CA LYS KA 19 26.75 24.42 89.40
C LYS KA 19 27.24 24.02 90.78
N GLN KA 20 26.32 23.71 91.72
CA GLN KA 20 26.67 23.25 93.05
C GLN KA 20 26.97 21.76 93.06
N LEU KA 21 26.29 20.97 92.20
CA LEU KA 21 26.48 19.54 92.09
C LEU KA 21 27.75 19.19 91.36
N LEU KA 22 28.21 20.12 90.49
CA LEU KA 22 29.31 20.07 89.55
C LEU KA 22 30.44 19.13 89.90
N ASN KA 23 31.17 19.41 91.01
CA ASN KA 23 32.26 18.58 91.51
C ASN KA 23 31.70 17.26 91.99
N GLY KA 24 31.08 17.25 93.18
CA GLY KA 24 30.40 16.08 93.66
C GLY KA 24 29.66 16.39 94.91
N GLN KA 25 29.32 17.69 95.15
CA GLN KA 25 28.73 18.11 96.41
C GLN KA 25 27.32 17.60 96.53
N LYS KA 26 26.94 17.16 97.75
CA LYS KA 26 25.73 16.39 97.97
C LYS KA 26 24.59 17.33 98.30
N ILE KA 27 23.98 17.91 97.23
CA ILE KA 27 22.87 18.83 97.29
C ILE KA 27 21.64 18.00 97.11
N VAL KA 28 20.70 18.03 98.08
CA VAL KA 28 19.40 17.44 97.92
C VAL KA 28 18.41 18.58 97.95
N VAL KA 29 17.45 18.53 96.99
CA VAL KA 29 16.40 19.52 96.86
C VAL KA 29 15.19 18.92 97.52
N VAL KA 30 14.48 19.72 98.35
CA VAL KA 30 13.40 19.24 99.16
C VAL KA 30 12.19 20.04 98.77
N ARG KA 31 11.21 19.35 98.12
CA ARG KA 31 10.01 19.86 97.50
C ARG KA 31 10.24 20.18 96.05
N ALA KA 32 9.28 19.75 95.20
CA ALA KA 32 9.26 19.93 93.77
C ALA KA 32 7.95 20.56 93.41
N GLU KA 33 6.84 20.12 94.04
CA GLU KA 33 5.48 20.53 93.74
C GLU KA 33 5.18 21.98 94.09
N GLU KA 34 5.88 22.58 95.09
CA GLU KA 34 5.77 23.99 95.40
C GLU KA 34 6.80 24.80 94.64
N LEU KA 35 7.09 24.40 93.38
CA LEU KA 35 7.79 25.21 92.42
C LEU KA 35 6.72 25.68 91.45
N ASN KA 36 7.15 26.30 90.33
CA ASN KA 36 6.23 27.00 89.46
C ASN KA 36 6.86 26.99 88.11
N ILE KA 37 6.24 26.29 87.13
CA ILE KA 37 6.60 26.39 85.72
C ILE KA 37 5.57 27.34 85.14
N SER KA 38 5.85 27.97 83.99
CA SER KA 38 4.98 28.97 83.39
C SER KA 38 4.13 28.30 82.33
N GLY KA 39 3.67 29.07 81.31
CA GLY KA 39 2.85 28.56 80.23
C GLY KA 39 1.38 28.71 80.55
N GLU KA 40 0.51 28.33 79.59
CA GLU KA 40 -0.92 28.43 79.71
C GLU KA 40 -1.50 27.15 80.27
N PHE KA 41 -2.79 26.88 79.96
CA PHE KA 41 -3.46 25.64 80.26
C PHE KA 41 -4.09 25.18 78.97
N PHE KA 42 -3.58 25.67 77.81
CA PHE KA 42 -4.16 25.45 76.50
C PHE KA 42 -3.08 24.92 75.59
N ARG KA 43 -2.02 25.73 75.34
CA ARG KA 43 -0.84 25.30 74.62
C ARG KA 43 -0.03 24.38 75.51
N ASN KA 44 0.17 24.80 76.78
CA ASN KA 44 0.79 24.01 77.81
C ASN KA 44 -0.32 23.17 78.45
N LYS KA 45 -0.72 22.09 77.75
CA LYS KA 45 -1.79 21.20 78.14
C LYS KA 45 -1.46 19.91 77.46
N LEU KA 46 -1.71 19.86 76.13
CA LEU KA 46 -1.70 18.69 75.27
C LEU KA 46 -0.31 18.10 75.20
N LYS KA 47 0.64 18.87 74.66
CA LYS KA 47 2.03 18.52 74.71
C LYS KA 47 2.60 19.11 75.98
N TYR KA 48 2.53 18.34 77.09
CA TYR KA 48 3.17 18.67 78.34
C TYR KA 48 3.73 17.36 78.88
N HIS KA 49 4.78 17.47 79.73
CA HIS KA 49 5.62 16.39 80.15
C HIS KA 49 5.03 15.46 81.21
N ASP KA 50 3.78 15.71 81.67
CA ASP KA 50 3.03 14.74 82.46
C ASP KA 50 2.21 13.94 81.46
N PHE KA 51 1.01 13.45 81.86
CA PHE KA 51 0.12 12.67 81.02
C PHE KA 51 -0.89 13.62 80.44
N LEU KA 52 -0.94 13.67 79.09
CA LEU KA 52 -2.01 14.33 78.37
C LEU KA 52 -1.94 13.78 76.98
N ARG KA 53 -0.77 13.98 76.29
CA ARG KA 53 -0.50 13.30 75.04
C ARG KA 53 0.92 12.78 75.11
N LYS KA 54 1.93 13.67 75.31
CA LYS KA 54 3.33 13.28 75.21
C LYS KA 54 3.84 12.41 76.34
N ALA KA 55 4.62 12.97 77.31
CA ALA KA 55 5.60 12.20 78.05
C ALA KA 55 5.07 11.43 79.24
N THR KA 56 4.36 10.32 78.93
CA THR KA 56 3.93 9.29 79.84
C THR KA 56 3.85 8.09 78.94
N ALA KA 57 2.98 8.16 77.91
CA ALA KA 57 2.93 7.22 76.81
C ALA KA 57 3.95 7.70 75.81
N PHE KA 58 5.20 7.26 76.04
CA PHE KA 58 6.37 7.86 75.45
C PHE KA 58 7.42 6.86 75.84
N ASN KA 59 7.52 5.78 75.02
CA ASN KA 59 8.31 4.65 75.37
C ASN KA 59 8.35 3.74 74.17
N LYS KA 60 9.31 2.81 74.18
CA LYS KA 60 9.32 1.68 73.27
C LYS KA 60 9.61 0.52 74.19
N THR KA 61 10.31 -0.54 73.75
CA THR KA 61 10.71 -1.61 74.64
C THR KA 61 12.05 -1.22 75.22
N ARG KA 62 13.06 -1.03 74.34
CA ARG KA 62 14.33 -0.43 74.68
C ARG KA 62 14.19 1.04 74.40
N GLY KA 63 13.59 1.79 75.34
CA GLY KA 63 13.24 3.16 75.06
C GLY KA 63 12.78 3.86 76.32
N PRO KA 64 12.24 5.07 76.20
CA PRO KA 64 12.13 6.00 77.31
C PRO KA 64 11.22 5.61 78.46
N PHE KA 65 11.31 6.37 79.58
CA PHE KA 65 10.42 6.23 80.70
C PHE KA 65 10.34 7.60 81.33
N HIS KA 66 9.11 8.14 81.49
CA HIS KA 66 8.90 9.49 81.99
C HIS KA 66 8.11 9.42 83.29
N PHE KA 67 7.01 10.20 83.42
CA PHE KA 67 6.40 10.41 84.71
C PHE KA 67 5.02 10.99 84.55
N ARG KA 68 4.20 10.89 85.62
CA ARG KA 68 2.89 11.48 85.67
C ARG KA 68 2.64 11.95 87.08
N ALA KA 69 3.64 12.64 87.69
CA ALA KA 69 3.57 13.11 89.05
C ALA KA 69 4.39 14.36 89.20
N PRO KA 70 4.06 15.30 90.10
CA PRO KA 70 4.76 16.56 90.28
C PRO KA 70 6.00 16.37 91.13
N SER KA 71 6.30 15.13 91.55
CA SER KA 71 7.43 14.78 92.37
C SER KA 71 8.58 14.37 91.49
N ARG KA 72 8.27 13.58 90.43
CA ARG KA 72 9.22 12.94 89.55
C ARG KA 72 9.75 13.89 88.50
N ILE KA 73 9.12 15.08 88.31
CA ILE KA 73 9.52 16.09 87.35
C ILE KA 73 10.95 16.53 87.58
N PHE KA 74 11.27 16.97 88.81
CA PHE KA 74 12.55 17.55 89.16
C PHE KA 74 13.66 16.51 89.18
N TYR KA 75 13.32 15.20 89.31
CA TYR KA 75 14.30 14.13 89.32
C TYR KA 75 14.77 13.88 87.91
N LYS KA 76 13.81 13.77 86.97
CA LYS KA 76 14.04 13.52 85.56
C LYS KA 76 14.71 14.73 84.91
N ALA KA 77 14.31 15.94 85.35
CA ALA KA 77 14.79 17.22 84.90
C ALA KA 77 16.27 17.44 85.09
N LEU KA 78 16.88 16.82 86.13
CA LEU KA 78 18.27 17.01 86.44
C LEU KA 78 19.05 15.73 86.21
N ARG KA 79 18.53 14.87 85.27
CA ARG KA 79 19.37 14.08 84.39
C ARG KA 79 19.48 14.92 83.14
N GLY KA 80 18.37 15.62 82.77
CA GLY KA 80 18.25 16.45 81.60
C GLY KA 80 19.09 17.70 81.62
N MET KA 81 19.65 18.05 82.80
CA MET KA 81 20.75 18.96 82.88
C MET KA 81 21.99 18.10 82.88
N VAL KA 82 22.49 17.71 84.07
CA VAL KA 82 23.71 16.95 84.21
C VAL KA 82 23.44 15.52 83.80
N SER KA 83 23.95 15.15 82.60
CA SER KA 83 23.65 13.90 81.92
C SER KA 83 24.44 12.77 82.54
N HIS KA 84 24.14 11.52 82.13
CA HIS KA 84 24.78 10.32 82.58
C HIS KA 84 26.03 10.02 81.77
N LYS KA 85 26.26 10.84 80.71
CA LYS KA 85 27.26 10.69 79.68
C LYS KA 85 28.66 10.67 80.22
N THR KA 86 29.11 11.75 80.88
CA THR KA 86 30.44 11.83 81.45
C THR KA 86 30.45 11.13 82.79
N ALA KA 87 31.66 10.78 83.29
CA ALA KA 87 31.87 9.98 84.48
C ALA KA 87 31.49 10.75 85.72
N ARG KA 88 31.88 12.04 85.76
CA ARG KA 88 31.49 13.01 86.76
C ARG KA 88 30.02 13.32 86.68
N GLY KA 89 29.41 13.20 85.48
CA GLY KA 89 28.02 13.47 85.24
C GLY KA 89 27.12 12.50 85.94
N LYS KA 90 27.35 11.19 85.75
CA LYS KA 90 26.60 10.12 86.38
C LYS KA 90 26.88 10.05 87.86
N ALA KA 91 28.11 10.43 88.30
CA ALA KA 91 28.48 10.51 89.69
C ALA KA 91 27.73 11.64 90.38
N ALA KA 92 27.64 12.82 89.73
CA ALA KA 92 27.00 14.04 90.21
C ALA KA 92 25.51 13.88 90.34
N LEU KA 93 24.91 13.01 89.49
CA LEU KA 93 23.49 12.70 89.47
C LEU KA 93 23.10 12.01 90.75
N GLU KA 94 23.93 11.04 91.22
CA GLU KA 94 23.69 10.29 92.44
C GLU KA 94 23.83 11.12 93.70
N ARG KA 95 24.51 12.27 93.64
CA ARG KA 95 24.65 13.19 94.76
C ARG KA 95 23.33 13.90 95.03
N LEU KA 96 22.46 14.01 93.99
CA LEU KA 96 21.14 14.60 94.05
C LEU KA 96 20.08 13.53 94.13
N LYS KA 97 19.20 13.62 95.15
CA LYS KA 97 17.90 12.99 95.10
C LYS KA 97 16.93 14.07 95.55
N VAL KA 98 15.76 14.14 94.88
CA VAL KA 98 14.72 15.09 95.21
C VAL KA 98 13.71 14.38 96.08
N PHE KA 99 13.01 15.13 96.95
CA PHE KA 99 12.02 14.60 97.85
C PHE KA 99 10.75 15.35 97.61
N GLU KA 100 9.59 14.65 97.76
CA GLU KA 100 8.30 15.30 97.90
C GLU KA 100 8.18 15.56 99.38
N GLY KA 101 7.57 16.70 99.75
CA GLY KA 101 7.29 17.02 101.11
C GLY KA 101 8.48 17.68 101.72
N ILE KA 102 8.47 17.85 103.05
CA ILE KA 102 9.64 18.32 103.75
C ILE KA 102 9.90 17.38 104.91
N PRO KA 103 10.63 16.27 104.70
CA PRO KA 103 10.98 15.37 105.79
C PRO KA 103 11.96 15.97 106.79
N PRO KA 104 12.92 16.88 106.55
CA PRO KA 104 13.69 17.51 107.63
C PRO KA 104 12.82 18.44 108.47
N PRO KA 105 12.62 18.31 109.78
CA PRO KA 105 11.77 19.23 110.52
C PRO KA 105 12.43 20.57 110.76
N TYR KA 106 13.76 20.64 110.51
CA TYR KA 106 14.59 21.78 110.85
C TYR KA 106 14.58 22.78 109.71
N ASP KA 107 15.05 24.01 109.99
CA ASP KA 107 15.17 25.06 109.01
C ASP KA 107 16.60 25.15 108.56
N LYS KA 108 16.84 24.74 107.29
CA LYS KA 108 18.08 24.84 106.57
C LYS KA 108 18.00 26.10 105.72
N LYS KA 109 18.67 26.13 104.54
CA LYS KA 109 18.52 27.20 103.57
C LYS KA 109 17.19 26.99 102.87
N LYS KA 110 16.21 27.91 103.12
CA LYS KA 110 14.83 27.67 102.78
C LYS KA 110 14.19 28.86 102.12
N ARG KA 111 13.95 29.95 102.88
CA ARG KA 111 13.16 31.06 102.37
C ARG KA 111 13.95 32.33 102.37
N VAL KA 112 14.46 32.76 103.55
CA VAL KA 112 15.15 34.03 103.69
C VAL KA 112 16.56 33.92 103.15
N VAL KA 113 17.29 32.85 103.51
CA VAL KA 113 18.60 32.56 103.00
C VAL KA 113 18.46 31.53 101.90
N VAL KA 114 18.67 31.99 100.65
CA VAL KA 114 18.68 31.20 99.45
C VAL KA 114 19.61 31.96 98.53
N PRO KA 115 19.99 31.43 97.36
CA PRO KA 115 20.71 32.19 96.34
C PRO KA 115 19.88 33.29 95.70
N GLN KA 116 20.43 33.91 94.63
CA GLN KA 116 19.80 34.98 93.88
C GLN KA 116 18.74 34.42 92.95
N ALA KA 117 18.16 35.29 92.10
CA ALA KA 117 17.06 34.98 91.20
C ALA KA 117 15.84 34.49 91.94
N LEU KA 118 15.26 33.36 91.48
CA LEU KA 118 14.25 32.57 92.15
C LEU KA 118 12.90 33.24 92.24
N ARG KA 119 12.75 34.21 93.17
CA ARG KA 119 11.49 34.71 93.64
C ARG KA 119 11.08 35.91 92.82
N VAL KA 120 10.60 35.66 91.59
CA VAL KA 120 10.17 36.65 90.62
C VAL KA 120 8.88 37.28 91.08
N LEU KA 121 8.72 38.60 90.79
CA LEU KA 121 7.59 39.40 91.17
C LEU KA 121 6.77 39.58 89.92
N ARG KA 122 5.47 39.24 89.98
CA ARG KA 122 4.56 39.37 88.86
C ARG KA 122 3.59 40.49 89.18
N LEU KA 123 3.68 41.60 88.39
CA LEU KA 123 2.86 42.80 88.48
C LEU KA 123 2.50 43.17 87.06
N LYS KA 124 3.34 44.02 86.39
CA LYS KA 124 3.37 44.22 84.94
C LYS KA 124 3.68 42.88 84.29
N PRO KA 125 4.64 42.10 84.77
CA PRO KA 125 4.76 40.70 84.40
C PRO KA 125 3.60 39.83 84.85
N GLY KA 126 3.13 38.93 83.94
CA GLY KA 126 2.48 37.69 84.27
C GLY KA 126 0.99 37.76 84.47
N ARG KA 127 0.22 37.29 83.45
CA ARG KA 127 -1.18 36.96 83.63
C ARG KA 127 -1.22 35.46 83.80
N LYS KA 128 -0.83 34.70 82.73
CA LYS KA 128 -0.91 33.26 82.67
C LYS KA 128 0.39 32.66 83.17
N TYR KA 129 0.26 31.60 83.99
CA TYR KA 129 1.35 30.79 84.48
C TYR KA 129 0.72 29.65 85.23
N THR KA 130 1.36 28.46 85.22
CA THR KA 130 0.83 27.27 85.87
C THR KA 130 1.42 27.14 87.26
N THR KA 131 1.18 25.98 87.90
CA THR KA 131 1.81 25.57 89.13
C THR KA 131 1.84 24.08 88.98
N LEU KA 132 2.96 23.42 89.36
CA LEU KA 132 3.16 21.98 89.22
C LEU KA 132 2.19 21.19 90.07
N GLY KA 133 1.86 21.71 91.28
CA GLY KA 133 0.83 21.16 92.13
C GLY KA 133 -0.52 21.77 91.81
N LYS KA 134 -0.90 21.72 90.51
CA LYS KA 134 -2.25 21.94 90.01
C LYS KA 134 -2.26 21.06 88.80
N LEU KA 135 -1.28 21.28 87.89
CA LEU KA 135 -1.13 20.68 86.58
C LEU KA 135 -1.25 19.18 86.65
N SER KA 136 -0.44 18.55 87.52
CA SER KA 136 -0.54 17.15 87.82
C SER KA 136 -1.70 16.92 88.78
N THR KA 137 -2.87 16.50 88.24
CA THR KA 137 -4.04 16.18 89.03
C THR KA 137 -4.76 15.09 88.26
N SER KA 138 -5.28 15.43 87.07
CA SER KA 138 -5.94 14.54 86.14
C SER KA 138 -4.88 14.07 85.17
N VAL KA 139 -3.84 13.41 85.75
CA VAL KA 139 -2.73 12.85 85.04
C VAL KA 139 -2.46 11.48 85.64
N GLY KA 140 -3.08 11.20 86.81
CA GLY KA 140 -2.86 9.99 87.56
C GLY KA 140 -2.32 10.30 88.92
N TRP KA 141 -2.33 11.59 89.32
CA TRP KA 141 -1.82 12.04 90.60
C TRP KA 141 -2.96 12.12 91.57
N LYS KA 142 -2.91 11.26 92.62
CA LYS KA 142 -4.03 10.98 93.49
C LYS KA 142 -3.75 11.54 94.89
N ALA KA 143 -4.48 10.27 95.43
CA ALA KA 143 -3.60 9.83 96.48
C ALA KA 143 -2.86 11.03 97.05
N ALA KA 144 -3.57 12.14 97.19
CA ALA KA 144 -3.01 13.38 97.71
C ALA KA 144 -2.39 13.25 99.11
N ALA KA 145 -3.13 12.61 100.01
CA ALA KA 145 -2.69 12.39 101.38
C ALA KA 145 -1.26 11.87 101.37
N ALA KA 146 -1.03 10.84 100.56
CA ALA KA 146 0.29 10.23 100.42
C ALA KA 146 1.39 11.25 100.15
N ALA KA 147 1.21 12.05 99.09
CA ALA KA 147 2.15 13.08 98.69
C ALA KA 147 1.80 14.42 99.38
N ALA KA 148 0.53 14.81 99.27
CA ALA KA 148 0.03 16.04 99.87
C ALA KA 148 0.18 15.98 101.39
N ALA KA 149 -0.06 14.82 101.98
CA ALA KA 149 0.10 14.68 103.42
C ALA KA 149 1.50 15.13 103.81
N ALA KA 150 2.49 14.75 103.00
CA ALA KA 150 3.89 15.11 103.27
C ALA KA 150 3.98 16.48 103.93
N ALA KA 151 3.04 17.35 103.57
CA ALA KA 151 3.00 18.68 104.16
C ALA KA 151 2.75 18.45 105.65
N ALA KA 152 1.89 17.48 105.93
CA ALA KA 152 1.50 17.12 107.29
C ALA KA 152 2.73 16.60 108.04
N ALA KA 153 3.67 16.02 107.29
CA ALA KA 153 4.92 15.47 107.85
C ALA KA 153 5.85 16.64 108.15
N ALA KA 154 5.94 17.55 107.19
CA ALA KA 154 6.78 18.72 107.33
C ALA KA 154 6.34 19.49 108.57
N ALA KA 155 5.04 19.43 108.87
CA ALA KA 155 4.48 20.12 110.03
C ALA KA 155 5.09 19.58 111.31
N ALA KA 156 5.14 18.25 111.44
CA ALA KA 156 5.70 17.62 112.65
C ALA KA 156 7.19 17.91 112.83
N ALA KA 157 7.86 18.28 111.74
CA ALA KA 157 9.28 18.64 111.77
C ALA KA 157 9.37 20.00 112.43
N ALA KA 158 8.58 20.94 111.92
CA ALA KA 158 8.48 22.29 112.47
C ALA KA 158 8.31 22.09 113.97
N ALA KA 159 7.29 21.33 114.32
CA ALA KA 159 6.99 21.02 115.71
C ALA KA 159 8.22 20.68 116.57
N ALA KA 160 9.10 19.86 116.02
CA ALA KA 160 10.28 19.49 116.77
C ALA KA 160 11.18 20.71 117.04
N ALA KA 161 11.19 21.64 116.10
CA ALA KA 161 11.99 22.87 116.22
C ALA KA 161 11.35 23.79 117.28
N ALA KA 162 10.04 23.98 117.09
CA ALA KA 162 9.23 24.83 117.95
C ALA KA 162 9.34 24.41 119.40
N ALA KA 163 9.72 23.16 119.65
CA ALA KA 163 9.88 22.72 121.01
C ALA KA 163 11.17 23.31 121.54
N ALA KA 164 11.52 21.93 122.19
CA ALA KA 164 12.78 22.45 122.71
C ALA KA 164 12.96 23.89 122.22
N ALA KA 165 12.66 24.10 120.96
CA ALA KA 165 12.77 25.43 120.38
C ALA KA 165 12.04 26.43 121.28
N ALA KA 166 10.76 26.18 121.49
CA ALA KA 166 9.94 27.04 122.32
C ALA KA 166 10.58 27.31 123.66
N ALA KA 167 11.26 26.31 124.18
CA ALA KA 167 11.92 26.45 125.47
C ALA KA 167 13.07 27.45 125.46
N ALA KA 168 13.99 27.28 124.51
CA ALA KA 168 15.13 28.18 124.42
C ALA KA 168 14.69 29.60 124.07
N ALA KA 169 13.50 29.69 123.47
CA ALA KA 169 12.91 30.97 123.09
C ALA KA 169 12.36 31.65 124.33
N ALA KA 170 11.56 30.92 125.09
CA ALA KA 170 10.97 31.46 126.29
C ALA KA 170 12.08 31.99 127.17
N ALA KA 171 13.19 31.26 127.17
CA ALA KA 171 14.37 31.63 127.95
C ALA KA 171 14.95 32.90 127.39
N ALA KA 172 15.31 32.86 126.11
CA ALA KA 172 15.88 34.00 125.40
C ALA KA 172 15.06 35.25 125.69
N ALA KA 173 13.75 35.08 125.79
CA ALA KA 173 12.84 36.18 126.08
C ALA KA 173 13.05 36.71 127.48
N ALA KA 174 13.09 35.80 128.44
CA ALA KA 174 13.29 36.20 129.81
C ALA KA 174 14.64 36.92 129.93
N ALA KA 175 15.58 36.53 129.08
CA ALA KA 175 16.90 37.11 129.08
C ALA KA 175 16.83 38.60 128.82
N ALA KA 176 16.02 38.98 127.83
CA ALA KA 176 15.90 40.38 127.50
C ALA KA 176 14.93 41.12 128.37
N ALA KA 177 14.01 40.38 129.00
CA ALA KA 177 13.07 41.03 129.89
C ALA KA 177 13.95 41.72 130.90
N ALA KA 178 15.03 41.03 131.24
CA ALA KA 178 16.00 41.53 132.20
C ALA KA 178 16.62 42.83 131.71
N TYR LA 1 49.87 -32.71 78.90
CA TYR LA 1 49.22 -32.84 80.23
C TYR LA 1 48.69 -31.50 80.63
N GLY LA 2 49.61 -30.58 81.02
CA GLY LA 2 49.29 -29.26 81.47
C GLY LA 2 50.08 -29.07 82.71
N ALA LA 3 49.67 -29.77 83.79
CA ALA LA 3 50.30 -29.64 85.08
C ALA LA 3 51.52 -30.50 85.20
N THR LA 4 52.39 -30.12 86.16
CA THR LA 4 53.63 -30.77 86.47
C THR LA 4 53.39 -32.02 87.29
N SER LA 5 54.37 -32.96 87.24
CA SER LA 5 54.50 -34.01 88.22
C SER LA 5 55.23 -33.39 89.38
N THR LA 6 54.43 -32.78 90.29
CA THR LA 6 54.83 -31.83 91.32
C THR LA 6 55.93 -32.36 92.24
N ASN LA 7 55.93 -33.67 92.54
CA ASN LA 7 57.12 -34.34 93.04
C ASN LA 7 56.76 -35.80 92.93
N PRO LA 8 57.60 -36.73 92.49
CA PRO LA 8 57.22 -38.13 92.32
C PRO LA 8 56.86 -38.88 93.60
N ALA LA 9 57.10 -38.26 94.79
CA ALA LA 9 56.71 -38.83 96.06
C ALA LA 9 55.27 -38.51 96.35
N LYS LA 10 54.79 -37.31 95.92
CA LYS LA 10 53.44 -36.85 96.13
C LYS LA 10 52.53 -37.35 95.05
N SER LA 11 53.05 -37.43 93.80
CA SER LA 11 52.28 -37.67 92.60
C SER LA 11 51.88 -39.12 92.47
N ALA LA 12 50.90 -39.34 91.56
CA ALA LA 12 50.51 -40.63 91.05
C ALA LA 12 49.51 -40.26 89.99
N SER LA 13 49.64 -40.81 88.78
CA SER LA 13 48.80 -40.38 87.69
C SER LA 13 48.59 -41.53 86.73
N ALA LA 14 48.01 -41.21 85.56
CA ALA LA 14 47.83 -42.11 84.44
C ALA LA 14 47.38 -41.25 83.30
N ARG LA 15 47.93 -41.49 82.09
CA ARG LA 15 47.57 -40.76 80.90
C ARG LA 15 46.48 -41.49 80.15
N GLY LA 16 46.02 -40.88 79.04
CA GLY LA 16 44.99 -41.45 78.20
C GLY LA 16 44.86 -40.51 77.04
N SER LA 17 45.86 -40.54 76.15
CA SER LA 17 46.00 -39.58 75.07
C SER LA 17 45.63 -40.23 73.76
N TYR LA 18 45.40 -39.38 72.73
CA TYR LA 18 45.12 -39.75 71.35
C TYR LA 18 43.90 -40.65 71.22
N LEU LA 19 42.78 -40.25 71.84
CA LEU LA 19 41.56 -41.02 71.84
C LEU LA 19 40.65 -40.42 70.79
N ARG LA 20 39.77 -41.27 70.19
CA ARG LA 20 38.63 -40.75 69.47
C ARG LA 20 37.54 -40.59 70.50
N VAL LA 21 37.13 -39.33 70.75
CA VAL LA 21 36.26 -39.01 71.85
C VAL LA 21 35.75 -37.61 71.63
N SER LA 22 34.56 -37.30 72.19
CA SER LA 22 33.97 -35.98 72.22
C SER LA 22 34.83 -35.07 73.07
N PHE LA 23 35.17 -33.88 72.52
CA PHE LA 23 36.15 -32.98 73.07
C PHE LA 23 35.62 -32.22 74.26
N LYS LA 24 34.38 -31.68 74.19
CA LYS LA 24 33.86 -30.87 75.27
C LYS LA 24 33.51 -31.71 76.46
N ASN LA 25 33.01 -32.95 76.24
CA ASN LA 25 32.52 -33.82 77.29
C ASN LA 25 33.64 -34.36 78.15
N THR LA 26 34.91 -34.40 77.67
CA THR LA 26 36.04 -34.87 78.45
C THR LA 26 36.46 -33.83 79.47
N ARG LA 27 36.61 -32.55 79.08
CA ARG LA 27 37.02 -31.48 79.97
C ARG LA 27 35.90 -30.98 80.85
N GLU LA 28 34.62 -31.20 80.45
CA GLU LA 28 33.47 -30.83 81.25
C GLU LA 28 33.26 -31.84 82.37
N THR LA 29 33.58 -33.13 82.10
CA THR LA 29 33.60 -34.20 83.09
C THR LA 29 34.75 -33.97 84.06
N ALA LA 30 35.88 -33.43 83.54
CA ALA LA 30 37.07 -33.16 84.29
C ALA LA 30 36.85 -32.08 85.34
N GLN LA 31 36.09 -31.02 85.01
CA GLN LA 31 35.73 -29.91 85.89
C GLN LA 31 35.12 -30.40 87.19
N ALA LA 32 34.11 -31.27 87.09
CA ALA LA 32 33.29 -31.73 88.19
C ALA LA 32 33.98 -32.73 89.10
N ILE LA 33 35.26 -33.10 88.82
CA ILE LA 33 36.03 -33.96 89.69
C ILE LA 33 37.33 -33.30 90.09
N ASN LA 34 37.70 -32.15 89.44
CA ASN LA 34 38.93 -31.46 89.71
C ASN LA 34 38.70 -30.52 90.88
N GLY LA 35 39.67 -30.46 91.82
CA GLY LA 35 39.52 -29.70 93.05
C GLY LA 35 38.94 -30.59 94.12
N TRP LA 36 37.93 -31.41 93.74
CA TRP LA 36 37.28 -32.36 94.60
C TRP LA 36 38.24 -33.48 94.90
N GLU LA 37 38.18 -34.07 96.13
CA GLU LA 37 39.06 -35.15 96.49
C GLU LA 37 38.56 -36.43 95.89
N LEU LA 38 39.43 -37.48 95.83
CA LEU LA 38 39.23 -38.65 95.00
C LEU LA 38 38.04 -39.49 95.41
N THR LA 39 37.66 -39.48 96.71
CA THR LA 39 36.53 -40.22 97.24
C THR LA 39 35.23 -39.60 96.82
N LYS LA 40 35.18 -38.25 96.63
CA LYS LA 40 34.02 -37.55 96.13
C LYS LA 40 33.96 -37.68 94.62
N ALA LA 41 35.13 -37.62 93.96
CA ALA LA 41 35.30 -37.67 92.52
C ALA LA 41 34.83 -38.98 91.92
N GLN LA 42 35.20 -40.12 92.54
CA GLN LA 42 34.87 -41.44 92.04
C GLN LA 42 33.40 -41.75 92.19
N LYS LA 43 32.75 -41.16 93.23
CA LYS LA 43 31.32 -41.29 93.46
C LYS LA 43 30.55 -40.58 92.38
N TYR LA 44 31.01 -39.37 91.99
CA TYR LA 44 30.32 -38.55 91.02
C TYR LA 44 30.34 -39.21 89.65
N LEU LA 45 31.49 -39.80 89.25
CA LEU LA 45 31.60 -40.46 87.97
C LEU LA 45 30.83 -41.75 87.90
N GLU LA 46 30.70 -42.53 89.01
CA GLU LA 46 29.96 -43.78 88.98
C GLU LA 46 28.47 -43.56 89.07
N GLN LA 47 28.02 -42.32 89.42
CA GLN LA 47 26.63 -41.92 89.44
C GLN LA 47 26.17 -41.52 88.07
N VAL LA 48 26.98 -40.72 87.33
CA VAL LA 48 26.60 -40.18 86.04
C VAL LA 48 26.83 -41.18 84.92
N LEU LA 49 27.66 -42.20 85.17
CA LEU LA 49 27.91 -43.31 84.26
C LEU LA 49 26.75 -44.27 84.32
N ASP LA 50 26.14 -44.40 85.52
CA ASP LA 50 24.92 -45.15 85.74
C ASP LA 50 23.78 -44.17 85.58
N HIS LA 51 22.55 -44.53 86.00
CA HIS LA 51 21.44 -43.61 86.02
C HIS LA 51 21.29 -43.14 87.43
N GLN LA 52 21.61 -41.85 87.69
CA GLN LA 52 21.36 -41.25 88.97
C GLN LA 52 21.26 -39.76 88.77
N ARG LA 53 22.38 -39.12 88.41
CA ARG LA 53 22.51 -37.68 88.37
C ARG LA 53 23.15 -37.33 87.05
N ALA LA 54 23.08 -36.04 86.65
CA ALA LA 54 23.72 -35.51 85.47
C ALA LA 54 25.04 -34.87 85.85
N ILE LA 55 25.75 -34.28 84.86
CA ILE LA 55 26.84 -33.35 85.11
C ILE LA 55 26.30 -32.02 84.62
N PRO LA 56 26.16 -30.99 85.43
CA PRO LA 56 25.85 -29.65 84.96
C PRO LA 56 26.97 -29.07 84.14
N PHE LA 57 26.68 -28.67 82.88
CA PHE LA 57 27.68 -28.14 81.98
C PHE LA 57 27.71 -26.66 82.22
N ARG LA 58 28.91 -26.06 82.13
CA ARG LA 58 29.11 -24.68 82.53
C ARG LA 58 29.92 -23.99 81.48
N ARG LA 59 31.11 -24.53 81.17
CA ARG LA 59 32.08 -23.93 80.28
C ARG LA 59 31.59 -23.91 78.86
N PHE LA 60 30.77 -24.93 78.49
CA PHE LA 60 30.24 -25.07 77.15
C PHE LA 60 28.74 -24.93 77.19
N ASN LA 61 28.19 -24.52 76.04
CA ASN LA 61 26.81 -24.21 75.80
C ASN LA 61 26.23 -25.27 74.88
N SER LA 62 25.66 -24.84 73.73
CA SER LA 62 25.01 -25.61 72.69
C SER LA 62 23.59 -25.94 73.11
N SER LA 63 22.90 -26.76 72.28
CA SER LA 63 21.54 -27.19 72.54
C SER LA 63 21.55 -28.32 73.55
N ILE LA 64 21.43 -27.95 74.85
CA ILE LA 64 21.49 -28.90 75.94
C ILE LA 64 20.39 -28.53 76.91
N GLY LA 65 19.87 -29.54 77.64
CA GLY LA 65 18.64 -29.39 78.38
C GLY LA 65 18.82 -28.83 79.76
N ARG LA 66 18.00 -27.80 80.07
CA ARG LA 66 17.87 -27.27 81.41
C ARG LA 66 16.80 -28.04 82.13
N THR LA 67 17.06 -28.35 83.41
CA THR LA 67 16.28 -29.33 84.14
C THR LA 67 16.54 -29.07 85.61
N ALA LA 68 15.94 -29.89 86.50
CA ALA LA 68 16.01 -29.77 87.93
C ALA LA 68 17.37 -30.16 88.48
N GLN LA 69 18.08 -31.07 87.76
CA GLN LA 69 19.36 -31.60 88.18
C GLN LA 69 20.52 -30.75 87.68
N GLY LA 70 20.28 -29.44 87.42
CA GLY LA 70 21.29 -28.53 86.92
C GLY LA 70 22.18 -27.98 88.00
N LYS LA 71 21.92 -28.32 89.29
CA LYS LA 71 22.67 -27.80 90.40
C LYS LA 71 24.00 -28.49 90.57
N GLU LA 72 25.09 -27.68 90.53
CA GLU LA 72 26.41 -28.05 90.96
C GLU LA 72 26.93 -26.78 91.58
N PHE LA 73 26.84 -25.68 90.81
CA PHE LA 73 26.87 -24.32 91.31
C PHE LA 73 25.45 -23.83 91.06
N GLY LA 74 25.23 -22.51 90.87
CA GLY LA 74 23.95 -21.94 90.52
C GLY LA 74 23.78 -21.97 89.02
N VAL LA 75 23.54 -23.19 88.47
CA VAL LA 75 23.53 -23.47 87.05
C VAL LA 75 22.19 -24.13 86.77
N THR LA 76 21.69 -24.00 85.53
CA THR LA 76 20.39 -24.52 85.13
C THR LA 76 20.57 -25.69 84.17
N LYS LA 77 21.59 -25.64 83.27
CA LYS LA 77 21.75 -26.58 82.18
C LYS LA 77 22.61 -27.78 82.57
N ALA LA 78 22.46 -28.91 81.82
CA ALA LA 78 23.17 -30.13 82.10
C ALA LA 78 23.10 -31.08 80.92
N ARG LA 79 23.91 -32.16 80.96
CA ARG LA 79 23.79 -33.34 80.14
C ARG LA 79 24.48 -34.46 80.91
N TRP LA 80 24.32 -35.73 80.50
CA TRP LA 80 24.65 -36.89 81.33
C TRP LA 80 25.69 -37.80 80.66
N PRO LA 81 26.98 -37.49 80.47
CA PRO LA 81 27.86 -38.24 79.58
C PRO LA 81 28.20 -39.64 80.09
N ALA LA 82 28.54 -40.59 79.18
CA ALA LA 82 28.64 -42.00 79.47
C ALA LA 82 29.96 -42.60 79.04
N LYS LA 83 30.22 -42.76 77.71
CA LYS LA 83 31.42 -43.45 77.22
C LYS LA 83 32.65 -42.58 77.41
N SER LA 84 32.45 -41.24 77.47
CA SER LA 84 33.47 -40.28 77.85
C SER LA 84 33.88 -40.51 79.30
N VAL LA 85 32.91 -40.75 80.20
CA VAL LA 85 33.09 -40.91 81.63
C VAL LA 85 33.80 -42.21 81.99
N LYS LA 86 33.61 -43.32 81.22
CA LYS LA 86 34.25 -44.59 81.53
C LYS LA 86 35.76 -44.52 81.36
N PHE LA 87 36.27 -43.61 80.50
CA PHE LA 87 37.68 -43.38 80.28
C PHE LA 87 38.29 -42.71 81.50
N VAL LA 88 37.63 -41.62 81.99
CA VAL LA 88 38.09 -40.79 83.08
C VAL LA 88 38.08 -41.54 84.40
N GLN LA 89 37.12 -42.47 84.58
CA GLN LA 89 37.00 -43.33 85.75
C GLN LA 89 38.17 -44.27 85.88
N GLY LA 90 38.78 -44.69 84.75
CA GLY LA 90 39.94 -45.55 84.72
C GLY LA 90 41.20 -44.86 85.18
N LEU LA 91 41.25 -43.52 85.03
CA LEU LA 91 42.38 -42.70 85.42
C LEU LA 91 42.37 -42.48 86.91
N LEU LA 92 41.18 -42.31 87.52
CA LEU LA 92 40.99 -42.23 88.96
C LEU LA 92 41.39 -43.53 89.63
N GLN LA 93 41.16 -44.67 88.95
CA GLN LA 93 41.43 -46.00 89.44
C GLN LA 93 42.91 -46.26 89.56
N ASN LA 94 43.69 -45.98 88.48
CA ASN LA 94 45.11 -46.28 88.43
C ASN LA 94 45.91 -45.29 89.27
N ALA LA 95 45.50 -44.00 89.29
CA ALA LA 95 46.14 -42.98 90.09
C ALA LA 95 46.01 -43.26 91.57
N ALA LA 96 44.87 -43.86 92.00
CA ALA LA 96 44.62 -44.27 93.36
C ALA LA 96 45.39 -45.53 93.72
N ALA LA 97 45.60 -46.44 92.74
CA ALA LA 97 46.30 -47.69 92.93
C ALA LA 97 47.78 -47.45 93.19
N ASN LA 98 48.40 -46.60 92.35
CA ASN LA 98 49.81 -46.26 92.44
C ASN LA 98 50.08 -45.22 93.49
N ALA LA 99 49.03 -44.63 94.12
CA ALA LA 99 49.17 -43.76 95.27
C ALA LA 99 49.37 -44.58 96.52
N GLU LA 100 48.80 -45.81 96.58
CA GLU LA 100 49.04 -46.77 97.65
C GLU LA 100 50.41 -47.41 97.49
N ALA LA 101 50.94 -47.46 96.23
CA ALA LA 101 52.27 -47.95 95.94
C ALA LA 101 53.32 -47.04 96.49
N LYS LA 102 53.06 -45.70 96.52
CA LYS LA 102 53.92 -44.73 97.16
C LYS LA 102 53.78 -44.88 98.66
N GLY LA 103 52.52 -44.91 99.14
CA GLY LA 103 52.17 -45.15 100.51
C GLY LA 103 51.61 -43.89 101.10
N LEU LA 104 50.62 -43.29 100.42
CA LEU LA 104 50.01 -42.04 100.79
C LEU LA 104 48.71 -42.35 101.51
N ASP LA 105 47.60 -41.70 101.10
CA ASP LA 105 46.29 -41.86 101.69
C ASP LA 105 45.36 -41.74 100.51
N ALA LA 106 45.44 -42.74 99.59
CA ALA LA 106 45.04 -42.70 98.20
C ALA LA 106 43.66 -42.16 97.88
N THR LA 107 42.62 -42.70 98.53
CA THR LA 107 41.23 -42.38 98.25
C THR LA 107 40.89 -40.99 98.77
N LYS LA 108 41.66 -40.46 99.73
CA LYS LA 108 41.40 -39.21 100.39
C LYS LA 108 42.30 -38.12 99.83
N LEU LA 109 43.05 -38.40 98.73
CA LEU LA 109 43.97 -37.43 98.15
C LEU LA 109 43.23 -36.39 97.35
N TYR LA 110 43.87 -35.21 97.17
CA TYR LA 110 43.36 -34.08 96.44
C TYR LA 110 43.65 -34.35 94.98
N VAL LA 111 42.66 -34.10 94.10
CA VAL LA 111 42.86 -34.14 92.66
C VAL LA 111 43.30 -32.75 92.31
N SER LA 112 44.55 -32.62 91.84
CA SER LA 112 45.15 -31.36 91.49
C SER LA 112 44.82 -31.05 90.06
N HIS LA 113 45.23 -31.95 89.13
CA HIS LA 113 45.09 -31.73 87.71
C HIS LA 113 44.16 -32.74 87.11
N ILE LA 114 43.25 -32.26 86.26
CA ILE LA 114 42.73 -32.99 85.14
C ILE LA 114 42.10 -31.97 84.25
N GLN LA 115 42.54 -31.93 82.97
CA GLN LA 115 41.83 -31.28 81.91
C GLN LA 115 42.26 -32.06 80.68
N VAL LA 116 42.10 -31.50 79.44
CA VAL LA 116 42.51 -32.20 78.24
C VAL LA 116 43.22 -31.25 77.31
N ASN LA 117 44.23 -31.74 76.57
CA ASN LA 117 44.95 -30.97 75.59
C ASN LA 117 44.53 -31.45 74.22
N GLN LA 118 44.85 -30.64 73.18
CA GLN LA 118 44.71 -31.01 71.81
C GLN LA 118 45.71 -30.13 71.09
N ALA LA 119 46.27 -30.63 69.97
CA ALA LA 119 47.05 -29.82 69.09
C ALA LA 119 47.04 -30.47 67.71
N PRO LA 120 47.70 -31.58 67.37
CA PRO LA 120 47.63 -32.14 66.03
C PRO LA 120 46.31 -32.82 65.80
N LYS LA 121 45.98 -33.10 64.52
CA LYS LA 121 44.73 -33.74 64.14
C LYS LA 121 45.05 -35.16 63.79
N GLN LA 122 44.10 -36.07 64.13
CA GLN LA 122 44.19 -37.47 63.79
C GLN LA 122 43.25 -37.62 62.62
N ARG LA 123 43.81 -37.63 61.39
CA ARG LA 123 43.03 -37.40 60.20
C ARG LA 123 42.34 -38.65 59.69
N ARG LA 124 41.00 -38.58 59.65
CA ARG LA 124 40.09 -39.63 59.24
C ARG LA 124 39.14 -38.95 58.27
N ARG LA 125 38.61 -39.70 57.27
CA ARG LA 125 37.72 -39.17 56.27
C ARG LA 125 36.57 -40.14 56.09
N THR LA 126 35.38 -39.57 55.78
CA THR LA 126 34.18 -40.29 55.41
C THR LA 126 33.62 -39.43 54.29
N TYR LA 127 32.75 -40.03 53.44
CA TYR LA 127 32.29 -39.44 52.20
C TYR LA 127 30.98 -38.73 52.42
N ARG LA 128 30.54 -37.99 51.38
CA ARG LA 128 29.23 -37.41 51.25
C ARG LA 128 28.95 -37.47 49.76
N ALA LA 129 27.74 -37.05 49.36
CA ALA LA 129 27.20 -37.13 48.02
C ALA LA 129 27.88 -36.18 47.07
N HIS LA 130 27.82 -36.55 45.76
CA HIS LA 130 28.30 -35.79 44.63
C HIS LA 130 29.81 -35.86 44.55
N GLY LA 131 30.35 -37.08 44.69
CA GLY LA 131 31.76 -37.40 44.56
C GLY LA 131 32.61 -36.68 45.57
N ARG LA 132 32.13 -36.60 46.83
CA ARG LA 132 32.60 -35.63 47.78
C ARG LA 132 33.23 -36.34 48.96
N ILE LA 133 34.23 -35.69 49.59
CA ILE LA 133 34.81 -36.14 50.83
C ILE LA 133 34.88 -34.91 51.70
N ASN LA 134 34.27 -35.00 52.90
CA ASN LA 134 34.29 -33.95 53.88
C ASN LA 134 35.14 -34.45 55.01
N LYS LA 135 35.44 -33.57 55.99
CA LYS LA 135 36.28 -33.87 57.14
C LYS LA 135 35.52 -34.80 58.05
N TYR LA 136 36.23 -35.75 58.71
CA TYR LA 136 35.57 -36.66 59.62
C TYR LA 136 36.59 -37.03 60.66
N GLU LA 137 37.28 -36.02 61.21
CA GLU LA 137 38.47 -36.20 62.02
C GLU LA 137 38.12 -36.22 63.48
N SER LA 138 38.96 -36.90 64.29
CA SER LA 138 38.75 -37.04 65.72
C SER LA 138 39.52 -35.99 66.47
N SER LA 139 39.06 -35.70 67.71
CA SER LA 139 39.67 -34.75 68.61
C SER LA 139 40.51 -35.51 69.60
N PRO LA 140 41.85 -35.48 69.58
CA PRO LA 140 42.68 -36.25 70.48
C PRO LA 140 42.75 -35.62 71.85
N SER LA 141 41.89 -36.05 72.79
CA SER LA 141 41.88 -35.55 74.16
C SER LA 141 42.98 -36.20 74.94
N HIS LA 142 43.88 -35.38 75.54
CA HIS LA 142 44.99 -35.84 76.34
C HIS LA 142 44.58 -35.78 77.78
N ILE LA 143 43.90 -36.84 78.27
CA ILE LA 143 43.28 -36.85 79.58
C ILE LA 143 44.25 -37.44 80.57
N GLU LA 144 44.63 -36.67 81.63
CA GLU LA 144 45.46 -37.17 82.71
C GLU LA 144 44.62 -37.21 83.96
N LEU LA 145 45.24 -37.43 85.15
CA LEU LA 145 44.59 -37.33 86.44
C LEU LA 145 45.70 -37.39 87.44
N VAL LA 146 46.14 -36.23 87.98
CA VAL LA 146 47.20 -36.18 88.99
C VAL LA 146 46.54 -36.07 90.34
N VAL LA 147 47.01 -36.87 91.32
CA VAL LA 147 46.68 -36.69 92.71
C VAL LA 147 47.95 -36.30 93.42
N THR LA 148 47.82 -35.43 94.45
CA THR LA 148 48.93 -34.90 95.22
C THR LA 148 48.70 -35.29 96.66
N GLU LA 149 49.73 -35.14 97.53
CA GLU LA 149 49.67 -35.55 98.92
C GLU LA 149 48.80 -34.59 99.72
N LYS LA 150 47.71 -35.11 100.30
CA LYS LA 150 46.78 -34.36 101.10
C LYS LA 150 46.29 -35.33 102.19
N SER MA 1 80.60 15.14 42.21
CA SER MA 1 81.90 15.68 41.68
C SER MA 1 82.97 15.77 42.73
N ASP MA 2 84.11 15.04 42.55
CA ASP MA 2 85.26 15.24 43.40
C ASP MA 2 86.50 14.77 42.67
N ASN MA 3 87.24 15.73 42.07
CA ASN MA 3 88.57 15.54 41.59
C ASN MA 3 89.46 15.83 42.77
N VAL MA 4 90.29 14.84 43.16
CA VAL MA 4 91.06 14.80 44.38
C VAL MA 4 92.07 15.92 44.44
N TYR MA 5 92.68 16.25 43.28
CA TYR MA 5 93.68 17.28 43.17
C TYR MA 5 93.02 18.64 43.08
N LEU MA 6 91.85 18.74 42.42
CA LEU MA 6 91.21 19.99 42.08
C LEU MA 6 90.40 20.56 43.22
N LYS MA 7 89.76 19.72 44.06
CA LYS MA 7 88.99 20.18 45.21
C LYS MA 7 89.91 20.60 46.33
N LEU MA 8 91.16 20.06 46.36
CA LEU MA 8 92.21 20.52 47.24
C LEU MA 8 92.82 21.81 46.72
N LEU MA 9 92.63 22.11 45.41
CA LEU MA 9 93.08 23.33 44.78
C LEU MA 9 92.09 24.46 45.06
N VAL MA 10 90.81 24.13 45.40
CA VAL MA 10 89.80 25.07 45.87
C VAL MA 10 90.25 25.64 47.19
N LYS MA 11 90.57 24.77 48.18
CA LYS MA 11 91.01 25.15 49.51
C LYS MA 11 92.38 25.81 49.50
N LEU MA 12 93.16 25.65 48.40
CA LEU MA 12 94.41 26.36 48.20
C LEU MA 12 94.11 27.78 47.77
N TYR MA 13 93.21 27.95 46.78
CA TYR MA 13 92.89 29.22 46.16
C TYR MA 13 92.17 30.15 47.09
N THR MA 14 91.21 29.66 47.91
CA THR MA 14 90.46 30.47 48.86
C THR MA 14 91.35 31.02 49.96
N PHE MA 15 92.38 30.24 50.38
CA PHE MA 15 93.35 30.61 51.39
C PHE MA 15 94.20 31.79 50.94
N LEU MA 16 94.48 31.90 49.63
CA LEU MA 16 95.23 33.00 49.05
C LEU MA 16 94.31 34.15 48.73
N ALA MA 17 93.09 33.86 48.21
CA ALA MA 17 92.12 34.83 47.73
C ALA MA 17 91.63 35.73 48.83
N ARG MA 18 91.27 35.15 49.99
CA ARG MA 18 90.79 35.86 51.16
C ARG MA 18 91.93 36.53 51.93
N ARG MA 19 93.06 36.88 51.26
CA ARG MA 19 94.13 37.65 51.84
C ARG MA 19 94.73 38.55 50.80
N THR MA 20 95.38 37.97 49.78
CA THR MA 20 95.99 38.69 48.67
C THR MA 20 95.30 38.19 47.44
N ASP MA 21 94.24 38.89 47.02
CA ASP MA 21 93.37 38.46 45.95
C ASP MA 21 93.96 38.84 44.60
N ALA MA 22 93.33 38.34 43.53
CA ALA MA 22 93.66 38.64 42.16
C ALA MA 22 92.37 38.51 41.41
N PRO MA 23 92.19 39.09 40.23
CA PRO MA 23 91.01 38.86 39.40
C PRO MA 23 91.07 37.48 38.77
N PHE MA 24 92.25 36.81 38.76
CA PHE MA 24 92.35 35.44 38.30
C PHE MA 24 92.05 34.47 39.41
N ASN MA 25 92.05 34.95 40.69
CA ASN MA 25 91.69 34.15 41.84
C ASN MA 25 90.18 34.10 41.97
N LYS MA 26 89.47 35.13 41.45
CA LYS MA 26 88.03 35.20 41.44
C LYS MA 26 87.45 34.24 40.42
N VAL MA 27 87.73 34.48 39.12
CA VAL MA 27 87.09 33.82 38.00
C VAL MA 27 87.38 32.33 37.97
N VAL MA 28 88.66 31.91 38.15
CA VAL MA 28 89.06 30.53 38.00
C VAL MA 28 88.55 29.65 39.12
N LEU MA 29 88.22 30.25 40.30
CA LEU MA 29 87.80 29.55 41.50
C LEU MA 29 86.43 28.94 41.32
N LYS MA 30 85.49 29.66 40.65
CA LYS MA 30 84.18 29.16 40.32
C LYS MA 30 84.31 27.98 39.37
N ALA MA 31 85.18 28.10 38.35
CA ALA MA 31 85.38 27.08 37.34
C ALA MA 31 86.32 25.95 37.78
N LEU MA 32 86.53 25.76 39.10
CA LEU MA 32 87.17 24.58 39.64
C LEU MA 32 86.08 23.58 39.98
N PHE MA 33 84.85 24.08 40.25
CA PHE MA 33 83.70 23.26 40.58
C PHE MA 33 83.04 22.81 39.31
N LEU MA 34 82.73 23.79 38.41
CA LEU MA 34 81.88 23.63 37.25
C LEU MA 34 82.45 22.66 36.24
N SER MA 35 81.55 22.21 35.32
CA SER MA 35 81.63 20.99 34.55
C SER MA 35 82.63 21.01 33.40
N LYS MA 36 82.47 20.05 32.45
CA LYS MA 36 83.38 19.67 31.39
C LYS MA 36 83.80 20.83 30.52
N ILE MA 37 82.80 21.51 29.90
CA ILE MA 37 82.97 22.59 28.95
C ILE MA 37 83.51 23.82 29.64
N ASN MA 38 83.13 24.01 30.93
CA ASN MA 38 83.55 25.12 31.77
C ASN MA 38 84.99 24.98 32.23
N ARG MA 39 85.68 23.88 31.85
CA ARG MA 39 87.10 23.71 32.02
C ARG MA 39 87.71 23.67 30.63
N PRO MA 40 87.88 24.76 29.87
CA PRO MA 40 88.13 24.69 28.44
C PRO MA 40 89.51 24.15 28.09
N PRO MA 41 89.66 23.17 27.20
CA PRO MA 41 90.95 22.73 26.68
C PRO MA 41 91.47 23.70 25.64
N VAL MA 42 92.24 24.72 26.05
CA VAL MA 42 92.65 25.76 25.14
C VAL MA 42 93.83 25.32 24.31
N SER MA 43 93.76 25.56 22.99
CA SER MA 43 94.80 25.21 22.05
C SER MA 43 95.82 26.32 22.00
N VAL MA 44 97.06 26.04 21.54
CA VAL MA 44 98.10 27.05 21.48
C VAL MA 44 98.05 27.81 20.18
N SER MA 45 97.04 27.54 19.32
CA SER MA 45 96.75 28.30 18.13
C SER MA 45 95.99 29.55 18.51
N ARG MA 46 94.98 29.43 19.41
CA ARG MA 46 94.24 30.55 19.92
C ARG MA 46 95.06 31.36 20.92
N ILE MA 47 96.10 30.75 21.54
CA ILE MA 47 97.08 31.45 22.36
C ILE MA 47 98.04 32.22 21.45
N ALA MA 48 98.38 31.67 20.26
CA ALA MA 48 99.29 32.29 19.32
C ALA MA 48 98.71 33.54 18.72
N ARG MA 49 97.37 33.55 18.52
CA ARG MA 49 96.59 34.70 18.11
C ARG MA 49 96.53 35.69 19.24
N ALA MA 50 95.63 35.43 20.21
CA ALA MA 50 95.20 36.31 21.27
C ALA MA 50 96.34 36.87 22.09
N LEU MA 51 97.22 36.02 22.64
CA LEU MA 51 98.18 36.46 23.63
C LEU MA 51 99.38 37.17 23.03
N LYS MA 52 99.72 37.00 21.72
CA LYS MA 52 100.67 37.93 21.13
C LYS MA 52 100.67 38.00 19.63
N GLN MA 53 99.65 38.70 19.08
CA GLN MA 53 99.87 39.70 18.05
C GLN MA 53 98.91 40.79 18.41
N GLU MA 54 97.63 40.42 18.61
CA GLU MA 54 96.56 41.27 19.06
C GLU MA 54 96.83 41.73 20.48
N GLY MA 55 96.50 40.90 21.48
CA GLY MA 55 96.63 41.21 22.89
C GLY MA 55 98.04 41.06 23.37
N ALA MA 56 98.31 41.54 24.60
CA ALA MA 56 99.65 41.70 25.11
C ALA MA 56 100.20 40.44 25.72
N ALA MA 57 101.54 40.24 25.53
CA ALA MA 57 102.29 39.16 26.15
C ALA MA 57 102.83 39.62 27.49
N ASN MA 58 102.39 40.81 27.94
CA ASN MA 58 102.60 41.32 29.27
C ASN MA 58 101.62 40.57 30.14
N LYS MA 59 100.33 40.58 29.74
CA LYS MA 59 99.25 39.85 30.37
C LYS MA 59 99.50 38.37 30.24
N THR MA 60 99.63 37.65 31.38
CA THR MA 60 100.01 36.26 31.42
C THR MA 60 98.75 35.45 31.41
N VAL MA 61 98.73 34.31 30.67
CA VAL MA 61 97.51 33.53 30.55
C VAL MA 61 97.40 32.56 31.71
N VAL MA 62 96.23 32.61 32.38
CA VAL MA 62 95.84 31.67 33.40
C VAL MA 62 94.75 30.88 32.73
N VAL MA 63 95.10 29.66 32.28
CA VAL MA 63 94.19 28.77 31.59
C VAL MA 63 93.39 28.08 32.65
N VAL MA 64 92.07 27.94 32.39
CA VAL MA 64 91.11 27.38 33.30
C VAL MA 64 91.24 25.88 33.32
N GLY MA 65 91.04 25.23 32.14
CA GLY MA 65 91.11 23.79 32.00
C GLY MA 65 92.48 23.34 31.62
N THR MA 66 92.56 22.49 30.58
CA THR MA 66 93.79 21.86 30.14
C THR MA 66 94.41 22.71 29.06
N VAL MA 67 95.58 22.28 28.54
CA VAL MA 67 96.24 22.92 27.43
C VAL MA 67 96.53 21.83 26.45
N THR MA 68 95.94 21.95 25.24
CA THR MA 68 96.23 21.15 24.07
C THR MA 68 97.23 21.97 23.29
N ASP MA 69 98.00 21.33 22.38
CA ASP MA 69 99.11 22.02 21.76
C ASP MA 69 99.02 21.90 20.27
N ASP MA 70 98.17 22.76 19.65
CA ASP MA 70 97.92 22.79 18.22
C ASP MA 70 99.08 23.38 17.46
N ALA MA 71 99.25 22.88 16.22
CA ALA MA 71 100.26 23.28 15.27
C ALA MA 71 101.64 23.10 15.84
N ARG MA 72 102.57 24.02 15.52
CA ARG MA 72 103.89 24.00 16.10
C ARG MA 72 104.22 25.44 16.36
N ILE MA 73 103.85 25.95 17.57
CA ILE MA 73 103.92 27.35 17.93
C ILE MA 73 105.33 27.88 17.82
N PHE MA 74 105.45 29.05 17.13
CA PHE MA 74 106.69 29.53 16.58
C PHE MA 74 107.43 30.39 17.56
N GLU MA 75 108.60 30.90 17.12
CA GLU MA 75 109.50 31.71 17.92
C GLU MA 75 109.04 33.15 17.99
N PHE MA 76 107.92 33.50 17.32
CA PHE MA 76 107.38 34.84 17.26
C PHE MA 76 106.35 35.05 18.36
N PRO MA 77 105.13 34.49 18.43
CA PRO MA 77 104.24 34.69 19.57
C PRO MA 77 104.70 33.86 20.75
N LYS MA 78 104.20 34.17 21.96
CA LYS MA 78 104.52 33.44 23.17
C LYS MA 78 103.81 34.09 24.32
N THR MA 79 103.65 33.32 25.41
CA THR MA 79 103.18 33.80 26.68
C THR MA 79 103.66 32.76 27.66
N THR MA 80 103.42 32.97 28.97
CA THR MA 80 103.71 32.01 30.02
C THR MA 80 102.38 31.41 30.39
N VAL MA 81 102.27 30.06 30.28
CA VAL MA 81 101.02 29.36 30.41
C VAL MA 81 101.02 28.66 31.75
N ALA MA 82 99.86 28.65 32.45
CA ALA MA 82 99.65 27.85 33.64
C ALA MA 82 98.27 27.27 33.49
N ALA MA 83 98.10 25.96 33.81
CA ALA MA 83 96.88 25.24 33.51
C ALA MA 83 96.78 24.09 34.46
N LEU MA 84 95.84 23.15 34.18
CA LEU MA 84 95.66 21.92 34.94
C LEU MA 84 96.58 20.87 34.36
N ARG MA 85 96.14 20.13 33.32
CA ARG MA 85 97.00 19.17 32.64
C ARG MA 85 97.91 19.92 31.70
N PHE MA 86 99.14 19.42 31.54
CA PHE MA 86 100.06 19.92 30.54
C PHE MA 86 100.56 18.72 29.81
N THR MA 87 100.45 18.79 28.47
CA THR MA 87 100.74 17.73 27.55
C THR MA 87 102.19 17.82 27.13
N ALA MA 88 102.69 16.75 26.45
CA ALA MA 88 104.04 16.55 25.97
C ALA MA 88 104.42 17.57 24.93
N GLY MA 89 103.46 17.96 24.07
CA GLY MA 89 103.64 18.99 23.07
C GLY MA 89 103.77 20.35 23.69
N ALA MA 90 103.03 20.61 24.79
CA ALA MA 90 103.09 21.87 25.51
C ALA MA 90 104.34 21.96 26.35
N ARG MA 91 104.91 20.79 26.74
CA ARG MA 91 106.16 20.69 27.45
C ARG MA 91 107.34 20.82 26.51
N ALA MA 92 107.08 20.88 25.18
CA ALA MA 92 108.09 20.98 24.14
C ALA MA 92 108.01 22.31 23.43
N LYS MA 93 106.86 22.60 22.78
CA LYS MA 93 106.69 23.65 21.79
C LYS MA 93 106.47 25.02 22.42
N ILE MA 94 105.92 25.11 23.66
CA ILE MA 94 105.81 26.36 24.40
C ILE MA 94 107.18 26.79 24.87
N VAL MA 95 108.06 25.81 25.22
CA VAL MA 95 109.41 26.04 25.67
C VAL MA 95 110.27 26.51 24.51
N LYS MA 96 109.98 25.98 23.29
CA LYS MA 96 110.58 26.36 22.02
C LYS MA 96 110.24 27.79 21.65
N ALA MA 97 108.96 28.19 21.87
CA ALA MA 97 108.46 29.52 21.60
C ALA MA 97 109.11 30.54 22.52
N GLY MA 98 108.92 30.37 23.84
CA GLY MA 98 109.66 31.13 24.83
C GLY MA 98 108.77 31.44 25.99
N GLY MA 99 108.36 30.39 26.73
CA GLY MA 99 107.53 30.56 27.90
C GLY MA 99 107.71 29.34 28.76
N GLU MA 100 107.18 29.40 29.99
CA GLU MA 100 107.15 28.27 30.89
C GLU MA 100 105.77 27.67 30.82
N CYS MA 101 105.69 26.34 31.02
CA CYS MA 101 104.45 25.64 31.29
C CYS MA 101 104.51 25.33 32.76
N ILE MA 102 103.58 25.93 33.55
CA ILE MA 102 103.64 25.93 34.99
C ILE MA 102 102.52 25.05 35.49
N THR MA 103 101.57 25.59 36.30
CA THR MA 103 100.40 24.91 36.85
C THR MA 103 99.78 25.94 37.78
N LEU MA 104 98.49 25.75 38.15
CA LEU MA 104 97.74 26.60 39.05
C LEU MA 104 98.25 26.51 40.48
N ASP MA 105 98.82 25.35 40.89
CA ASP MA 105 99.43 25.15 42.20
C ASP MA 105 100.50 26.16 42.47
N GLN MA 106 101.34 26.42 41.44
CA GLN MA 106 102.48 27.30 41.54
C GLN MA 106 102.10 28.74 41.33
N LEU MA 107 100.87 29.08 40.85
CA LEU MA 107 100.47 30.48 40.72
C LEU MA 107 100.31 31.12 42.09
N ALA MA 108 99.86 30.33 43.09
CA ALA MA 108 99.80 30.72 44.48
C ALA MA 108 101.17 30.94 45.10
N VAL MA 109 102.22 30.28 44.54
CA VAL MA 109 103.58 30.34 45.02
C VAL MA 109 104.30 31.52 44.37
N ARG MA 110 104.05 31.76 43.06
CA ARG MA 110 104.71 32.77 42.26
C ARG MA 110 104.23 34.15 42.65
N ALA MA 111 103.01 34.52 42.23
CA ALA MA 111 102.46 35.82 42.54
C ALA MA 111 100.96 35.78 42.36
N PRO MA 112 100.17 35.42 43.38
CA PRO MA 112 98.73 35.66 43.38
C PRO MA 112 98.47 37.12 43.66
N LYS MA 113 98.30 37.94 42.59
CA LYS MA 113 97.96 39.33 42.73
C LYS MA 113 97.31 39.79 41.46
N GLY MA 114 97.78 39.29 40.30
CA GLY MA 114 97.14 39.55 39.03
C GLY MA 114 97.60 40.84 38.43
N GLN MA 115 98.91 41.14 38.59
CA GLN MA 115 99.54 42.27 37.94
C GLN MA 115 100.01 41.74 36.62
N ASN MA 116 99.30 42.13 35.55
CA ASN MA 116 99.44 41.63 34.20
C ASN MA 116 98.94 40.21 34.12
N THR MA 117 97.61 40.03 33.97
CA THR MA 117 96.99 38.72 33.89
C THR MA 117 95.82 38.81 32.93
N LEU MA 118 95.50 37.68 32.27
CA LEU MA 118 94.29 37.46 31.52
C LEU MA 118 93.98 36.00 31.74
N ILE MA 119 92.79 35.56 31.28
CA ILE MA 119 92.44 34.17 31.17
C ILE MA 119 92.40 33.87 29.69
N LEU MA 120 91.92 32.67 29.29
CA LEU MA 120 91.61 32.40 27.92
C LEU MA 120 90.65 31.25 27.95
N ARG MA 121 89.64 31.28 27.04
CA ARG MA 121 88.68 30.22 26.87
C ARG MA 121 89.07 29.37 25.64
N ALA NA 1 32.97 -65.20 68.58
CA ALA NA 1 33.37 -66.60 68.90
C ALA NA 1 32.86 -67.51 67.81
N ASN NA 2 33.77 -67.94 66.91
CA ASN NA 2 33.42 -68.54 65.65
C ASN NA 2 32.95 -69.97 65.77
N LEU NA 3 31.66 -70.21 65.41
CA LEU NA 3 31.15 -71.50 65.03
C LEU NA 3 30.68 -71.33 63.60
N ARG NA 4 31.31 -70.41 62.83
CA ARG NA 4 30.87 -70.02 61.50
C ARG NA 4 31.15 -71.11 60.50
N THR NA 5 32.24 -71.88 60.73
CA THR NA 5 32.62 -73.07 60.00
C THR NA 5 31.58 -74.17 60.16
N GLN NA 6 31.10 -74.36 61.41
CA GLN NA 6 30.14 -75.39 61.75
C GLN NA 6 28.77 -75.05 61.20
N LYS NA 7 28.42 -73.75 61.18
CA LYS NA 7 27.18 -73.19 60.69
C LYS NA 7 27.03 -73.46 59.21
N ARG NA 8 28.10 -73.20 58.42
CA ARG NA 8 28.15 -73.36 56.98
C ARG NA 8 28.05 -74.81 56.56
N LEU NA 9 28.89 -75.70 57.14
CA LEU NA 9 28.99 -77.09 56.76
C LEU NA 9 27.82 -77.92 57.23
N ALA NA 10 27.07 -77.47 58.26
CA ALA NA 10 25.96 -78.20 58.85
C ALA NA 10 24.81 -78.37 57.89
N ALA NA 11 24.57 -77.37 57.02
CA ALA NA 11 23.56 -77.36 56.00
C ALA NA 11 23.82 -78.42 54.95
N SER NA 12 25.05 -78.45 54.41
CA SER NA 12 25.44 -79.25 53.27
C SER NA 12 25.46 -80.74 53.53
N VAL NA 13 25.82 -81.18 54.76
CA VAL NA 13 25.98 -82.60 55.06
C VAL NA 13 24.67 -83.33 55.21
N VAL NA 14 23.57 -82.61 55.53
CA VAL NA 14 22.25 -83.18 55.65
C VAL NA 14 21.52 -83.01 54.32
N GLY NA 15 21.77 -81.89 53.61
CA GLY NA 15 21.17 -81.60 52.32
C GLY NA 15 19.93 -80.79 52.51
N VAL NA 16 20.07 -79.67 53.26
CA VAL NA 16 19.00 -78.77 53.61
C VAL NA 16 19.63 -77.40 53.46
N GLY NA 17 18.82 -76.31 53.36
CA GLY NA 17 19.31 -74.96 53.16
C GLY NA 17 19.95 -74.34 54.38
N LYS NA 18 20.13 -73.01 54.32
CA LYS NA 18 21.00 -72.20 55.16
C LYS NA 18 20.54 -72.15 56.60
N ARG NA 19 19.28 -71.70 56.83
CA ARG NA 19 18.73 -71.37 58.12
C ARG NA 19 18.17 -72.56 58.89
N LYS NA 20 17.69 -73.59 58.17
CA LYS NA 20 16.83 -74.62 58.69
C LYS NA 20 17.49 -75.44 59.78
N VAL NA 21 18.80 -75.73 59.63
CA VAL NA 21 19.52 -76.65 60.49
C VAL NA 21 19.59 -76.19 61.94
N TRP NA 22 19.15 -77.10 62.83
CA TRP NA 22 19.03 -76.92 64.26
C TRP NA 22 20.19 -77.64 64.88
N LEU NA 23 20.53 -77.25 66.14
CA LEU NA 23 21.62 -77.79 66.89
C LEU NA 23 21.13 -77.98 68.30
N ASP NA 24 21.69 -78.98 69.03
CA ASP NA 24 21.35 -79.26 70.41
C ASP NA 24 22.15 -78.32 71.30
N PRO NA 25 21.56 -77.49 72.17
CA PRO NA 25 22.26 -76.43 72.87
C PRO NA 25 23.00 -76.93 74.08
N ASN NA 26 22.97 -78.24 74.40
CA ASN NA 26 23.62 -78.79 75.58
C ASN NA 26 25.07 -79.03 75.26
N GLU NA 27 25.35 -79.90 74.27
CA GLU NA 27 26.69 -80.37 74.01
C GLU NA 27 27.22 -79.69 72.76
N THR NA 28 27.38 -78.34 72.85
CA THR NA 28 27.88 -77.49 71.78
C THR NA 28 29.38 -77.61 71.64
N SER NA 29 30.04 -78.17 72.68
CA SER NA 29 31.47 -78.31 72.80
C SER NA 29 32.04 -79.28 71.77
N GLU NA 30 31.35 -80.41 71.50
CA GLU NA 30 31.82 -81.41 70.56
C GLU NA 30 31.50 -81.00 69.13
N ILE NA 31 30.55 -80.05 68.94
CA ILE NA 31 30.19 -79.52 67.64
C ILE NA 31 31.33 -78.68 67.12
N ALA NA 32 31.88 -77.79 67.98
CA ALA NA 32 33.02 -76.94 67.70
C ALA NA 32 34.28 -77.72 67.38
N GLN NA 33 34.45 -78.88 68.06
CA GLN NA 33 35.58 -79.77 67.91
C GLN NA 33 35.53 -80.52 66.60
N ALA NA 34 34.31 -80.68 66.02
CA ALA NA 34 34.09 -81.35 64.77
C ALA NA 34 34.06 -80.33 63.66
N ASN NA 35 35.19 -80.18 62.93
CA ASN NA 35 35.33 -79.23 61.85
C ASN NA 35 34.79 -79.82 60.58
N SER NA 36 35.41 -80.94 60.13
CA SER NA 36 35.24 -81.52 58.82
C SER NA 36 33.89 -82.16 58.60
N ARG NA 37 33.56 -82.46 57.31
CA ARG NA 37 32.34 -83.14 56.93
C ARG NA 37 32.34 -84.56 57.43
N ASN NA 38 33.53 -85.19 57.50
CA ASN NA 38 33.73 -86.51 58.07
C ASN NA 38 33.37 -86.54 59.54
N ALA NA 39 33.69 -85.44 60.27
CA ALA NA 39 33.49 -85.32 61.69
C ALA NA 39 32.05 -85.02 62.03
N ILE NA 40 31.39 -84.10 61.29
CA ILE NA 40 30.04 -83.67 61.60
C ILE NA 40 29.00 -84.65 61.08
N ARG NA 41 29.38 -85.62 60.23
CA ARG NA 41 28.50 -86.70 59.82
C ARG NA 41 28.40 -87.76 60.90
N LYS NA 42 29.26 -87.70 61.94
CA LYS NA 42 29.11 -88.49 63.16
C LYS NA 42 28.05 -87.85 64.04
N LEU NA 43 27.87 -86.53 63.93
CA LEU NA 43 26.89 -85.77 64.68
C LEU NA 43 25.50 -85.97 64.13
N VAL NA 44 25.39 -86.40 62.85
CA VAL NA 44 24.14 -86.82 62.24
C VAL NA 44 23.69 -88.13 62.84
N LYS NA 45 24.64 -89.03 63.18
CA LYS NA 45 24.36 -90.30 63.85
C LYS NA 45 23.90 -90.11 65.28
N ASN NA 46 24.23 -88.96 65.92
CA ASN NA 46 23.71 -88.60 67.23
C ASN NA 46 22.30 -88.07 67.08
N GLY NA 47 22.09 -87.15 66.13
CA GLY NA 47 20.81 -86.54 65.85
C GLY NA 47 20.76 -85.19 66.51
N THR NA 48 21.83 -84.40 66.36
CA THR NA 48 21.92 -83.03 66.82
C THR NA 48 21.70 -82.14 65.61
N ILE NA 49 22.24 -82.51 64.43
CA ILE NA 49 22.00 -81.80 63.19
C ILE NA 49 20.75 -82.39 62.58
N VAL NA 50 19.63 -81.64 62.66
CA VAL NA 50 18.33 -82.02 62.14
C VAL NA 50 17.79 -80.73 61.56
N LYS NA 51 16.82 -80.77 60.60
CA LYS NA 51 16.19 -79.56 60.11
C LYS NA 51 15.10 -79.11 61.08
N LYS NA 52 14.78 -77.81 61.09
CA LYS NA 52 13.70 -77.23 61.84
C LYS NA 52 12.60 -76.94 60.86
N ALA NA 53 11.74 -77.96 60.60
CA ALA NA 53 10.50 -77.80 59.92
C ALA NA 53 9.53 -78.52 60.80
N VAL NA 54 8.68 -77.75 61.52
CA VAL NA 54 7.77 -78.29 62.51
C VAL NA 54 6.41 -77.74 62.15
N THR NA 55 6.15 -77.65 60.82
CA THR NA 55 4.89 -77.20 60.26
C THR NA 55 4.47 -78.34 59.39
N VAL NA 56 3.16 -78.68 59.39
CA VAL NA 56 2.57 -79.58 58.43
C VAL NA 56 1.73 -78.69 57.55
N HIS NA 57 1.81 -78.91 56.23
CA HIS NA 57 1.14 -78.07 55.26
C HIS NA 57 -0.09 -78.85 54.90
N SER NA 58 -1.07 -78.82 55.85
CA SER NA 58 -2.17 -79.76 55.89
C SER NA 58 -3.20 -79.40 54.88
N LYS NA 59 -3.73 -80.44 54.19
CA LYS NA 59 -4.64 -80.24 53.09
C LYS NA 59 -6.06 -80.09 53.59
N SER NA 60 -6.31 -80.10 54.92
CA SER NA 60 -7.63 -80.09 55.52
C SER NA 60 -8.51 -78.94 55.07
N ARG NA 61 -8.01 -77.69 55.18
CA ARG NA 61 -8.75 -76.48 54.88
C ARG NA 61 -8.90 -76.27 53.39
N THR NA 62 -7.79 -76.41 52.63
CA THR NA 62 -7.74 -76.26 51.19
C THR NA 62 -8.61 -77.28 50.47
N ARG NA 63 -8.60 -78.57 50.87
CA ARG NA 63 -9.36 -79.62 50.22
C ARG NA 63 -10.84 -79.50 50.52
N ALA NA 64 -11.19 -78.90 51.68
CA ALA NA 64 -12.57 -78.71 52.12
C ALA NA 64 -13.22 -77.61 51.30
N HIS NA 65 -12.50 -76.48 51.09
CA HIS NA 65 -13.00 -75.36 50.33
C HIS NA 65 -13.10 -75.72 48.87
N ALA NA 66 -12.10 -76.47 48.34
CA ALA NA 66 -12.06 -76.92 46.97
C ALA NA 66 -13.22 -77.83 46.61
N GLN NA 67 -13.68 -78.68 47.56
CA GLN NA 67 -14.81 -79.57 47.33
C GLN NA 67 -16.12 -78.83 47.21
N SER NA 68 -16.36 -77.79 48.05
CA SER NA 68 -17.60 -77.04 48.04
C SER NA 68 -17.68 -76.09 46.86
N LYS NA 69 -16.57 -75.37 46.57
CA LYS NA 69 -16.49 -74.35 45.56
C LYS NA 69 -16.58 -74.93 44.17
N ARG NA 70 -15.88 -76.05 43.92
CA ARG NA 70 -15.83 -76.72 42.64
C ARG NA 70 -17.04 -77.63 42.45
N GLU NA 71 -17.91 -77.81 43.48
CA GLU NA 71 -19.20 -78.46 43.34
C GLU NA 71 -20.18 -77.46 42.78
N GLY NA 72 -20.41 -76.35 43.54
CA GLY NA 72 -21.28 -75.28 43.13
C GLY NA 72 -21.96 -74.72 44.33
N ARG NA 73 -21.16 -74.29 45.32
CA ARG NA 73 -21.61 -73.60 46.50
C ARG NA 73 -20.64 -72.48 46.69
N HIS NA 74 -21.13 -71.33 47.21
CA HIS NA 74 -20.40 -70.09 47.45
C HIS NA 74 -20.29 -69.28 46.17
N SER NA 75 -19.92 -69.95 45.05
CA SER NA 75 -19.64 -69.36 43.77
C SER NA 75 -20.89 -69.27 42.92
N GLY NA 76 -21.86 -68.44 43.37
CA GLY NA 76 -23.02 -68.06 42.58
C GLY NA 76 -22.60 -66.93 41.70
N TYR NA 77 -22.11 -65.84 42.34
CA TYR NA 77 -21.37 -64.82 41.64
C TYR NA 77 -20.30 -64.25 42.54
N GLY NA 78 -20.44 -64.36 43.89
CA GLY NA 78 -19.59 -63.68 44.87
C GLY NA 78 -18.11 -63.78 44.64
N LYS NA 79 -17.50 -64.95 44.92
CA LYS NA 79 -16.17 -65.26 44.46
C LYS NA 79 -16.42 -66.34 43.44
N ARG NA 80 -16.11 -66.04 42.15
CA ARG NA 80 -16.58 -66.80 41.01
C ARG NA 80 -15.48 -66.88 39.98
N LYS NA 81 -14.81 -68.05 39.86
CA LYS NA 81 -13.75 -68.26 38.89
C LYS NA 81 -14.35 -68.58 37.54
N GLY NA 82 -14.26 -67.62 36.59
CA GLY NA 82 -14.77 -67.77 35.24
C GLY NA 82 -16.21 -67.33 35.20
N THR NA 83 -16.51 -66.33 34.36
CA THR NA 83 -17.82 -65.69 34.30
C THR NA 83 -18.80 -66.55 33.54
N ARG NA 84 -19.67 -67.24 34.31
CA ARG NA 84 -20.84 -67.98 33.87
C ARG NA 84 -20.51 -69.17 32.98
N GLU NA 85 -20.72 -69.05 31.65
CA GLU NA 85 -20.49 -70.09 30.67
C GLU NA 85 -19.03 -70.10 30.26
N ALA NA 86 -18.33 -68.95 30.37
CA ALA NA 86 -16.98 -68.78 29.87
C ALA NA 86 -15.96 -68.93 30.98
N ARG NA 87 -14.68 -68.97 30.54
CA ARG NA 87 -13.50 -68.91 31.35
C ARG NA 87 -12.45 -68.88 30.29
N LEU NA 88 -12.25 -70.04 29.60
CA LEU NA 88 -11.43 -70.18 28.43
C LEU NA 88 -12.23 -69.64 27.26
N PRO NA 89 -11.66 -69.24 26.12
CA PRO NA 89 -12.25 -68.19 25.30
C PRO NA 89 -13.60 -68.54 24.74
N SER NA 90 -14.53 -67.57 24.68
CA SER NA 90 -15.95 -67.78 24.46
C SER NA 90 -16.23 -68.38 23.09
N GLN NA 91 -15.48 -67.92 22.07
CA GLN NA 91 -15.60 -68.36 20.70
C GLN NA 91 -15.14 -69.79 20.54
N VAL NA 92 -13.92 -70.12 21.04
CA VAL NA 92 -13.33 -71.44 20.86
C VAL NA 92 -14.05 -72.47 21.70
N VAL NA 93 -14.58 -72.08 22.88
CA VAL NA 93 -15.36 -72.96 23.74
C VAL NA 93 -16.68 -73.28 23.09
N TRP NA 94 -17.32 -72.31 22.41
CA TRP NA 94 -18.56 -72.52 21.68
C TRP NA 94 -18.37 -73.44 20.50
N ILE NA 95 -17.28 -73.27 19.72
CA ILE NA 95 -17.04 -74.04 18.52
C ILE NA 95 -16.56 -75.45 18.89
N ARG NA 96 -15.82 -75.63 20.02
CA ARG NA 96 -15.46 -76.93 20.57
C ARG NA 96 -16.68 -77.67 21.07
N ARG NA 97 -17.71 -76.94 21.59
CA ARG NA 97 -18.97 -77.51 22.03
C ARG NA 97 -19.80 -78.02 20.87
N LEU NA 98 -19.56 -77.49 19.64
CA LEU NA 98 -20.21 -77.92 18.42
C LEU NA 98 -19.38 -78.98 17.72
N ARG NA 99 -18.05 -79.02 17.94
CA ARG NA 99 -17.17 -79.99 17.32
C ARG NA 99 -17.14 -81.29 18.07
N VAL NA 100 -17.56 -81.32 19.36
CA VAL NA 100 -17.75 -82.58 20.07
C VAL NA 100 -19.05 -83.25 19.67
N LEU NA 101 -19.81 -82.64 18.73
CA LEU NA 101 -20.94 -83.25 18.06
C LEU NA 101 -20.44 -84.18 16.96
N ARG NA 102 -19.19 -83.98 16.44
CA ARG NA 102 -18.51 -84.89 15.52
C ARG NA 102 -18.39 -86.26 16.14
N ARG NA 103 -17.86 -86.29 17.39
CA ARG NA 103 -17.53 -87.47 18.15
C ARG NA 103 -18.75 -88.34 18.42
N LEU NA 104 -19.94 -87.70 18.50
CA LEU NA 104 -21.20 -88.34 18.76
C LEU NA 104 -21.87 -88.79 17.47
N LEU NA 105 -21.89 -87.92 16.42
CA LEU NA 105 -22.58 -88.15 15.17
C LEU NA 105 -21.93 -89.24 14.36
N ALA NA 106 -20.59 -89.12 14.13
CA ALA NA 106 -19.77 -89.91 13.23
C ALA NA 106 -20.13 -91.38 13.14
N LYS NA 107 -19.97 -92.13 14.25
CA LYS NA 107 -20.14 -93.57 14.25
C LYS NA 107 -21.60 -93.97 14.39
N TYR NA 108 -22.43 -93.47 13.44
CA TYR NA 108 -23.80 -93.83 13.15
C TYR NA 108 -23.82 -94.18 11.68
N ARG NA 109 -23.10 -93.38 10.86
CA ARG NA 109 -22.93 -93.54 9.43
C ARG NA 109 -22.09 -94.77 9.15
N ASP NA 110 -20.89 -94.84 9.79
CA ASP NA 110 -20.01 -95.99 9.88
C ASP NA 110 -20.75 -97.22 10.39
N ALA NA 111 -21.39 -97.08 11.57
CA ALA NA 111 -21.88 -98.20 12.35
C ALA NA 111 -23.13 -98.85 11.78
N GLY NA 112 -23.80 -98.19 10.80
CA GLY NA 112 -24.93 -98.75 10.10
C GLY NA 112 -26.16 -98.70 10.96
N LYS NA 113 -26.32 -97.59 11.72
CA LYS NA 113 -27.44 -97.37 12.59
C LYS NA 113 -28.55 -96.69 11.82
N ILE NA 114 -28.17 -95.93 10.77
CA ILE NA 114 -29.08 -95.07 10.05
C ILE NA 114 -28.61 -95.05 8.61
N ASP NA 115 -29.49 -94.64 7.66
CA ASP NA 115 -29.20 -94.55 6.24
C ASP NA 115 -28.55 -93.21 5.99
N LYS NA 116 -27.81 -93.05 4.87
CA LYS NA 116 -27.14 -91.82 4.46
C LYS NA 116 -28.10 -90.67 4.28
N HIS NA 117 -29.25 -90.93 3.62
CA HIS NA 117 -30.30 -89.97 3.36
C HIS NA 117 -30.89 -89.43 4.65
N LEU NA 118 -31.02 -90.30 5.67
CA LEU NA 118 -31.68 -90.00 6.91
C LEU NA 118 -30.66 -89.66 7.98
N TYR NA 119 -29.40 -89.39 7.58
CA TYR NA 119 -28.29 -89.11 8.45
C TYR NA 119 -27.89 -87.67 8.24
N HIS NA 120 -27.74 -87.23 6.96
CA HIS NA 120 -27.32 -85.87 6.62
C HIS NA 120 -28.45 -84.88 6.75
N VAL NA 121 -29.59 -85.32 7.35
CA VAL NA 121 -30.68 -84.47 7.78
C VAL NA 121 -30.33 -83.87 9.12
N LEU NA 122 -29.39 -84.50 9.87
CA LEU NA 122 -28.90 -84.04 11.17
C LEU NA 122 -27.89 -82.94 10.97
N TYR NA 123 -27.18 -82.96 9.82
CA TYR NA 123 -26.28 -81.92 9.37
C TYR NA 123 -27.09 -80.73 8.90
N LYS NA 124 -28.29 -80.97 8.34
CA LYS NA 124 -29.23 -79.93 7.94
C LYS NA 124 -30.15 -79.58 9.08
N GLU NA 125 -29.78 -79.99 10.32
CA GLU NA 125 -30.44 -79.64 11.56
C GLU NA 125 -29.39 -78.99 12.44
N SER NA 126 -28.12 -78.91 11.93
CA SER NA 126 -27.03 -78.15 12.51
C SER NA 126 -26.98 -76.86 11.76
N LYS NA 127 -26.92 -76.91 10.40
CA LYS NA 127 -27.02 -75.74 9.56
C LYS NA 127 -28.49 -75.48 9.37
N GLY NA 128 -28.99 -74.43 10.07
CA GLY NA 128 -30.39 -74.25 10.38
C GLY NA 128 -30.60 -74.95 11.69
N ASN NA 129 -30.01 -74.39 12.78
CA ASN NA 129 -29.79 -75.10 14.02
C ASN NA 129 -31.06 -75.22 14.83
N ALA NA 130 -31.38 -76.48 15.23
CA ALA NA 130 -32.50 -76.79 16.09
C ALA NA 130 -32.01 -77.44 17.35
N PHE NA 131 -30.66 -77.49 17.54
CA PHE NA 131 -30.02 -78.08 18.70
C PHE NA 131 -29.60 -76.94 19.61
N LYS NA 132 -28.46 -77.12 20.32
CA LYS NA 132 -27.81 -76.14 21.15
C LYS NA 132 -26.54 -76.83 21.54
N HIS NA 133 -26.67 -78.07 22.08
CA HIS NA 133 -25.53 -78.82 22.56
C HIS NA 133 -25.79 -80.29 22.32
N LYS NA 134 -25.10 -81.15 23.10
CA LYS NA 134 -24.94 -82.59 22.90
C LYS NA 134 -26.18 -83.39 23.21
N ARG NA 135 -27.21 -82.77 23.82
CA ARG NA 135 -28.46 -83.42 24.21
C ARG NA 135 -29.34 -83.71 23.02
N ALA NA 136 -29.87 -82.65 22.37
CA ALA NA 136 -30.93 -82.73 21.38
C ALA NA 136 -30.54 -83.44 20.10
N LEU NA 137 -29.21 -83.46 19.83
CA LEU NA 137 -28.53 -84.09 18.72
C LEU NA 137 -29.04 -85.47 18.35
N VAL NA 138 -28.90 -86.43 19.29
CA VAL NA 138 -29.19 -87.83 19.05
C VAL NA 138 -30.66 -88.15 19.23
N GLU NA 139 -31.44 -87.22 19.82
CA GLU NA 139 -32.84 -87.43 20.15
C GLU NA 139 -33.74 -87.20 18.95
N HIS NA 140 -33.20 -86.66 17.83
CA HIS NA 140 -33.93 -86.46 16.58
C HIS NA 140 -34.38 -87.77 15.97
N ILE NA 141 -33.47 -88.77 15.91
CA ILE NA 141 -33.54 -89.92 15.02
C ILE NA 141 -34.75 -90.80 15.32
N ALA NA 142 -35.83 -90.54 14.54
CA ALA NA 142 -37.14 -91.09 14.77
C ALA NA 142 -38.02 -90.49 13.69
N ALA NA 143 -37.88 -89.16 13.50
CA ALA NA 143 -38.66 -88.36 12.58
C ALA NA 143 -38.36 -88.71 11.14
N ALA NA 144 -37.05 -88.77 10.80
CA ALA NA 144 -36.55 -89.12 9.48
C ALA NA 144 -36.93 -90.53 9.09
N ALA NA 145 -36.87 -91.47 10.07
CA ALA NA 145 -37.18 -92.87 9.88
C ALA NA 145 -38.66 -93.11 9.66
N ALA NA 146 -39.54 -92.19 10.13
CA ALA NA 146 -40.97 -92.29 10.01
C ALA NA 146 -41.48 -91.99 8.62
N ALA NA 147 -40.65 -91.32 7.78
CA ALA NA 147 -40.97 -90.95 6.42
C ALA NA 147 -41.09 -92.16 5.51
N ALA NA 148 -40.35 -93.24 5.81
CA ALA NA 148 -40.33 -94.47 5.05
C ALA NA 148 -41.63 -95.24 5.10
N ALA NA 149 -42.47 -94.97 6.13
CA ALA NA 149 -43.75 -95.62 6.33
C ALA NA 149 -44.79 -95.17 5.31
N ALA NA 150 -44.61 -93.96 4.72
CA ALA NA 150 -45.50 -93.38 3.75
C ALA NA 150 -45.43 -94.10 2.42
N ALA NA 151 -44.24 -94.67 2.08
CA ALA NA 151 -44.00 -95.40 0.87
C ALA NA 151 -44.74 -96.72 0.84
N ALA NA 152 -44.92 -97.35 2.02
CA ALA NA 152 -45.63 -98.60 2.19
C ALA NA 152 -47.12 -98.43 1.97
N ALA NA 153 -47.66 -97.24 2.36
CA ALA NA 153 -49.06 -96.89 2.19
C ALA NA 153 -49.39 -96.63 0.74
N ALA NA 154 -48.43 -96.04 -0.02
CA ALA NA 154 -48.57 -95.72 -1.42
C ALA NA 154 -48.55 -96.97 -2.28
N ALA NA 155 -47.83 -98.02 -1.83
CA ALA NA 155 -47.66 -99.28 -2.53
C ALA NA 155 -48.92 -100.12 -2.54
N ALA NA 156 -49.91 -99.79 -1.68
CA ALA NA 156 -51.17 -100.50 -1.56
C ALA NA 156 -52.10 -100.25 -2.73
N ALA NA 157 -51.78 -99.24 -3.58
CA ALA NA 157 -52.56 -98.86 -4.75
C ALA NA 157 -52.44 -99.87 -5.87
N ALA NA 158 -51.45 -100.79 -5.79
CA ALA NA 158 -51.19 -101.83 -6.77
C ALA NA 158 -52.24 -102.91 -6.80
N ALA NA 159 -53.14 -102.94 -5.79
CA ALA NA 159 -54.23 -103.88 -5.67
C ALA NA 159 -55.30 -103.66 -6.72
N ALA NA 160 -55.40 -102.40 -7.24
CA ALA NA 160 -56.34 -102.02 -8.28
C ALA NA 160 -55.94 -102.60 -9.61
N ALA NA 161 -54.62 -102.73 -9.86
CA ALA NA 161 -54.06 -103.29 -11.07
C ALA NA 161 -54.22 -104.79 -11.12
N ALA NA 162 -54.20 -105.44 -9.92
CA ALA NA 162 -54.39 -106.87 -9.77
C ALA NA 162 -55.82 -107.26 -10.03
N ALA NA 163 -56.78 -106.37 -9.68
CA ALA NA 163 -58.20 -106.56 -9.90
C ALA NA 163 -58.56 -106.44 -11.36
N ALA NA 164 -57.81 -105.58 -12.11
CA ALA NA 164 -57.98 -105.37 -13.52
C ALA NA 164 -57.50 -106.55 -14.32
N ALA NA 165 -56.48 -107.27 -13.82
CA ALA NA 165 -55.92 -108.46 -14.44
C ALA NA 165 -56.87 -109.63 -14.30
N ALA NA 166 -57.62 -109.69 -13.18
CA ALA NA 166 -58.62 -110.71 -12.92
C ALA NA 166 -59.83 -110.53 -13.80
N ALA NA 167 -60.18 -109.26 -14.11
CA ALA NA 167 -61.28 -108.89 -14.97
C ALA NA 167 -61.00 -109.23 -16.42
N ALA NA 168 -59.71 -109.14 -16.83
CA ALA NA 168 -59.25 -109.46 -18.16
C ALA NA 168 -59.27 -110.95 -18.40
N ALA NA 169 -59.00 -111.74 -17.35
CA ALA NA 169 -59.02 -113.19 -17.38
C ALA NA 169 -60.43 -113.71 -17.48
N ALA NA 170 -61.40 -113.00 -16.85
CA ALA NA 170 -62.81 -113.32 -16.87
C ALA NA 170 -63.42 -113.02 -18.22
N ALA NA 171 -62.90 -112.00 -18.93
CA ALA NA 171 -63.35 -111.60 -20.24
C ALA NA 171 -62.90 -112.59 -21.29
N ALA NA 172 -61.70 -113.18 -21.11
CA ALA NA 172 -61.12 -114.18 -21.98
C ALA NA 172 -61.78 -115.53 -21.80
N ALA NA 173 -62.36 -115.78 -20.60
CA ALA NA 173 -63.07 -116.99 -20.29
C ALA NA 173 -64.48 -116.94 -20.85
N ALA NA 174 -65.04 -115.72 -20.99
CA ALA NA 174 -66.37 -115.49 -21.51
C ALA NA 174 -66.37 -115.59 -23.01
N ALA NA 175 -65.50 -114.79 -23.69
CA ALA NA 175 -65.38 -114.78 -25.12
C ALA NA 175 -64.24 -115.70 -25.50
N ALA NA 176 -64.59 -116.89 -26.02
CA ALA NA 176 -63.64 -117.89 -26.43
C ALA NA 176 -64.22 -118.66 -27.63
N GLY OA 1 30.24 29.81 17.15
CA GLY OA 1 29.32 30.98 17.19
C GLY OA 1 29.67 31.98 16.14
N LYS OA 2 30.65 32.85 16.43
CA LYS OA 2 31.18 33.81 15.48
C LYS OA 2 32.25 33.16 14.64
N SER OA 3 32.49 33.78 13.47
CA SER OA 3 33.61 33.52 12.62
C SER OA 3 34.56 34.68 12.84
N HIS OA 4 35.82 34.56 12.37
CA HIS OA 4 36.84 35.56 12.63
C HIS OA 4 37.01 36.40 11.37
N GLY OA 5 38.00 37.31 11.36
CA GLY OA 5 38.45 37.94 10.14
C GLY OA 5 38.27 39.42 10.18
N TYR OA 6 37.07 39.90 9.77
CA TYR OA 6 36.87 41.26 9.36
C TYR OA 6 36.28 42.12 10.45
N ARG OA 7 34.97 41.97 10.71
CA ARG OA 7 34.19 42.92 11.47
C ARG OA 7 33.78 42.36 12.81
N SER OA 8 34.07 41.07 13.08
CA SER OA 8 33.63 40.37 14.27
C SER OA 8 34.19 40.97 15.55
N ARG OA 9 33.30 41.04 16.57
CA ARG OA 9 33.45 41.74 17.83
C ARG OA 9 33.56 43.24 17.65
N THR OA 10 34.79 43.77 17.41
CA THR OA 10 35.07 45.18 17.35
C THR OA 10 34.77 45.72 15.97
N ARG OA 11 33.46 45.95 15.71
CA ARG OA 11 32.94 46.41 14.45
C ARG OA 11 33.34 47.85 14.21
N TYR OA 12 33.47 48.66 15.29
CA TYR OA 12 33.87 50.05 15.26
C TYR OA 12 35.27 50.22 14.73
N MET OA 13 36.19 49.27 15.00
CA MET OA 13 37.57 49.35 14.58
C MET OA 13 37.75 49.10 13.10
N PHE OA 14 36.79 48.36 12.50
CA PHE OA 14 36.66 48.20 11.06
C PHE OA 14 36.06 49.46 10.48
N GLN OA 15 35.02 50.01 11.16
CA GLN OA 15 34.18 51.11 10.75
C GLN OA 15 34.95 52.41 10.69
N ARG OA 16 34.39 53.36 9.90
CA ARG OA 16 34.88 54.68 9.63
C ARG OA 16 34.61 55.57 10.83
N ASP OA 17 33.42 56.20 10.86
CA ASP OA 17 32.89 57.10 11.87
C ASP OA 17 31.66 57.64 11.17
N PHE OA 18 30.59 57.96 11.93
CA PHE OA 18 29.37 58.52 11.38
C PHE OA 18 29.56 60.00 11.13
N ARG OA 19 30.25 60.70 12.07
CA ARG OA 19 30.51 62.12 11.98
C ARG OA 19 31.50 62.37 10.87
N LYS OA 20 32.68 61.73 10.95
CA LYS OA 20 33.67 61.76 9.92
C LYS OA 20 33.47 60.58 9.00
N HIS OA 21 32.39 60.60 8.19
CA HIS OA 21 32.20 59.65 7.12
C HIS OA 21 32.72 60.31 5.85
N GLY OA 22 32.69 59.56 4.73
CA GLY OA 22 33.07 60.05 3.43
C GLY OA 22 34.54 59.89 3.22
N ALA OA 23 35.06 60.33 2.06
CA ALA OA 23 36.44 60.15 1.68
C ALA OA 23 37.37 60.93 2.59
N VAL OA 24 38.56 60.35 2.86
CA VAL OA 24 39.48 60.88 3.84
C VAL OA 24 40.25 62.04 3.22
N HIS OA 25 40.34 63.17 3.95
CA HIS OA 25 41.02 64.38 3.51
C HIS OA 25 42.52 64.22 3.54
N LEU OA 26 43.25 65.24 3.05
CA LEU OA 26 44.68 65.19 2.85
C LEU OA 26 45.45 65.59 4.10
N SER OA 27 44.98 65.15 5.28
CA SER OA 27 45.60 65.41 6.57
C SER OA 27 46.71 64.40 6.74
N THR OA 28 46.39 63.20 7.27
CA THR OA 28 47.33 62.14 7.58
C THR OA 28 47.81 61.41 6.33
N TYR OA 29 47.26 61.78 5.15
CA TYR OA 29 47.64 61.27 3.84
C TYR OA 29 49.04 61.72 3.49
N LEU OA 30 49.30 63.04 3.59
CA LEU OA 30 50.54 63.65 3.15
C LEU OA 30 51.54 63.78 4.27
N LYS OA 31 51.13 63.47 5.53
CA LYS OA 31 52.00 63.58 6.69
C LYS OA 31 52.72 62.27 6.87
N VAL OA 32 53.96 62.18 6.31
CA VAL OA 32 54.82 61.01 6.36
C VAL OA 32 55.76 61.25 7.51
N TYR OA 33 56.26 60.15 8.13
CA TYR OA 33 56.97 60.16 9.39
C TYR OA 33 58.42 59.84 9.12
N LYS OA 34 59.22 59.66 10.19
CA LYS OA 34 60.59 59.21 10.12
C LYS OA 34 60.87 58.52 11.44
N VAL OA 35 62.13 58.58 11.94
CA VAL OA 35 62.55 57.98 13.19
C VAL OA 35 61.92 58.66 14.40
N GLY OA 36 61.36 57.84 15.31
CA GLY OA 36 60.98 58.24 16.65
C GLY OA 36 59.79 59.16 16.74
N ASP OA 37 58.87 59.14 15.74
CA ASP OA 37 57.65 59.90 15.82
C ASP OA 37 56.60 59.02 16.45
N ILE OA 38 55.99 59.50 17.56
CA ILE OA 38 54.96 58.78 18.27
C ILE OA 38 53.64 59.03 17.57
N VAL OA 39 52.86 57.95 17.39
CA VAL OA 39 51.71 57.94 16.51
C VAL OA 39 50.65 57.09 17.14
N ASP OA 40 49.43 57.10 16.55
CA ASP OA 40 48.31 56.30 17.01
C ASP OA 40 47.79 55.55 15.80
N ILE OA 41 46.65 54.86 15.93
CA ILE OA 41 46.14 54.03 14.86
C ILE OA 41 44.63 53.95 14.94
N LYS OA 42 43.94 53.99 13.77
CA LYS OA 42 42.53 53.73 13.64
C LYS OA 42 42.32 53.55 12.16
N ALA OA 43 41.61 52.46 11.77
CA ALA OA 43 41.44 52.08 10.38
C ALA OA 43 40.12 52.55 9.83
N ASN OA 44 39.77 52.03 8.64
CA ASN OA 44 38.54 52.29 7.93
C ASN OA 44 38.58 51.38 6.72
N GLY OA 45 37.43 51.27 6.00
CA GLY OA 45 37.34 50.55 4.74
C GLY OA 45 37.35 51.54 3.61
N SER OA 46 38.20 52.58 3.73
CA SER OA 46 38.35 53.64 2.75
C SER OA 46 39.64 53.40 2.00
N ILE OA 47 40.68 52.92 2.72
CA ILE OA 47 41.96 52.57 2.17
C ILE OA 47 41.99 51.07 2.13
N GLN OA 48 42.09 50.51 0.91
CA GLN OA 48 41.78 49.13 0.63
C GLN OA 48 43.01 48.29 0.82
N LYS OA 49 44.00 48.40 -0.09
CA LYS OA 49 45.29 47.74 0.00
C LYS OA 49 46.09 48.43 1.09
N GLY OA 50 46.54 47.67 2.11
CA GLY OA 50 47.34 48.17 3.20
C GLY OA 50 46.54 48.60 4.39
N MET OA 51 45.46 47.84 4.70
CA MET OA 51 44.62 48.08 5.85
C MET OA 51 45.23 47.36 7.04
N PRO OA 52 45.40 47.96 8.23
CA PRO OA 52 45.99 47.27 9.37
C PRO OA 52 44.99 46.34 10.02
N HIS OA 53 45.47 45.52 10.99
CA HIS OA 53 44.64 44.53 11.66
C HIS OA 53 43.94 45.14 12.85
N LYS OA 54 42.81 44.53 13.26
CA LYS OA 54 41.82 45.09 14.15
C LYS OA 54 42.20 44.86 15.59
N PHE OA 55 42.74 43.66 15.91
CA PHE OA 55 43.26 43.26 17.20
C PHE OA 55 44.42 44.15 17.62
N TYR OA 56 45.23 44.61 16.63
CA TYR OA 56 46.41 45.40 16.88
C TYR OA 56 46.13 46.87 16.67
N GLN OA 57 44.84 47.25 16.73
CA GLN OA 57 44.40 48.60 17.01
C GLN OA 57 44.00 48.59 18.46
N GLY OA 58 43.70 49.77 19.04
CA GLY OA 58 43.49 49.92 20.47
C GLY OA 58 44.77 50.36 21.09
N LYS OA 59 45.87 49.67 20.72
CA LYS OA 59 47.22 49.92 21.15
C LYS OA 59 47.73 51.18 20.47
N THR OA 60 48.67 51.90 21.14
CA THR OA 60 49.25 53.14 20.65
C THR OA 60 50.46 52.75 19.82
N GLY OA 61 51.65 53.37 20.05
CA GLY OA 61 52.87 52.92 19.42
C GLY OA 61 53.74 54.07 19.03
N VAL OA 62 54.93 53.73 18.50
CA VAL OA 62 55.91 54.67 18.02
C VAL OA 62 56.36 54.14 16.68
N VAL OA 63 56.76 55.04 15.75
CA VAL OA 63 57.27 54.67 14.45
C VAL OA 63 58.74 54.37 14.63
N TYR OA 64 59.18 53.20 14.11
CA TYR OA 64 60.55 52.74 14.12
C TYR OA 64 61.34 53.64 13.19
N ASN OA 65 61.09 53.51 11.88
CA ASN OA 65 61.48 54.46 10.87
C ASN OA 65 60.45 54.22 9.80
N VAL OA 66 60.38 55.12 8.79
CA VAL OA 66 59.72 54.82 7.54
C VAL OA 66 60.76 54.14 6.69
N THR OA 67 60.44 52.91 6.23
CA THR OA 67 61.38 52.05 5.56
C THR OA 67 61.28 52.35 4.08
N LYS OA 68 62.41 52.84 3.52
CA LYS OA 68 62.56 53.35 2.17
C LYS OA 68 61.78 54.62 1.94
N SER OA 69 60.47 54.50 1.61
CA SER OA 69 59.64 55.62 1.23
C SER OA 69 58.45 55.68 2.18
N SER OA 70 57.21 55.65 1.64
CA SER OA 70 56.00 56.02 2.35
C SER OA 70 55.18 54.82 2.77
N VAL OA 71 55.06 53.81 1.88
CA VAL OA 71 54.19 52.67 2.05
C VAL OA 71 55.04 51.53 2.56
N GLY OA 72 54.43 50.57 3.30
CA GLY OA 72 55.12 49.41 3.84
C GLY OA 72 55.77 49.72 5.16
N VAL OA 73 55.26 50.77 5.85
CA VAL OA 73 55.87 51.31 7.05
C VAL OA 73 55.27 50.65 8.26
N ILE OA 74 55.93 50.83 9.43
CA ILE OA 74 55.68 50.02 10.61
C ILE OA 74 55.47 50.89 11.82
N ILE OA 75 54.77 50.31 12.84
CA ILE OA 75 54.47 50.92 14.11
C ILE OA 75 54.71 49.83 15.15
N ASN OA 76 55.45 50.16 16.23
CA ASN OA 76 55.80 49.22 17.29
C ASN OA 76 54.70 49.21 18.32
N LYS OA 77 54.35 48.01 18.83
CA LYS OA 77 53.38 47.87 19.89
C LYS OA 77 53.53 46.48 20.45
N MET OA 78 53.28 46.30 21.76
CA MET OA 78 53.32 45.01 22.41
C MET OA 78 52.01 44.30 22.17
N VAL OA 79 52.05 42.94 22.11
CA VAL OA 79 50.89 42.07 22.08
C VAL OA 79 50.88 41.43 23.44
N GLY OA 80 49.68 41.19 24.01
CA GLY OA 80 49.51 40.68 25.36
C GLY OA 80 49.72 39.20 25.45
N ASN OA 81 51.00 38.79 25.29
CA ASN OA 81 51.50 37.47 25.60
C ASN OA 81 52.44 37.76 26.75
N ARG OA 82 53.63 38.29 26.41
CA ARG OA 82 54.52 38.93 27.35
C ARG OA 82 55.25 39.97 26.52
N TYR OA 83 56.30 40.62 27.09
CA TYR OA 83 57.04 41.65 26.39
C TYR OA 83 57.89 41.02 25.32
N LEU OA 84 57.65 41.45 24.06
CA LEU OA 84 58.25 40.86 22.89
C LEU OA 84 58.27 41.95 21.86
N GLU OA 85 59.19 41.88 20.87
CA GLU OA 85 59.23 42.79 19.75
C GLU OA 85 58.16 42.38 18.77
N LYS OA 86 57.12 43.23 18.67
CA LYS OA 86 56.00 43.01 17.80
C LYS OA 86 55.71 44.36 17.20
N ARG OA 87 55.24 44.38 15.94
CA ARG OA 87 54.97 45.60 15.23
C ARG OA 87 53.68 45.39 14.47
N LEU OA 88 53.45 46.19 13.40
CA LEU OA 88 52.28 46.06 12.57
C LEU OA 88 52.58 46.85 11.33
N ASN OA 89 52.21 46.33 10.15
CA ASN OA 89 52.41 47.01 8.88
C ASN OA 89 51.14 47.77 8.52
N LEU OA 90 51.30 48.83 7.70
CA LEU OA 90 50.22 49.66 7.22
C LEU OA 90 50.81 50.67 6.26
N ARG OA 91 49.93 51.46 5.59
CA ARG OA 91 50.35 52.64 4.85
C ARG OA 91 49.86 53.87 5.61
N VAL OA 92 50.14 55.07 5.04
CA VAL OA 92 50.28 56.33 5.75
C VAL OA 92 49.01 56.84 6.42
N GLU OA 93 47.84 56.69 5.76
CA GLU OA 93 46.58 57.31 6.14
C GLU OA 93 46.06 56.87 7.51
N HIS OA 94 46.36 55.61 7.91
CA HIS OA 94 45.89 55.03 9.15
C HIS OA 94 46.65 55.53 10.36
N ILE OA 95 47.86 56.10 10.14
CA ILE OA 95 48.78 56.54 11.18
C ILE OA 95 48.37 57.92 11.63
N LYS OA 96 48.38 58.21 12.96
CA LYS OA 96 47.98 59.49 13.52
C LYS OA 96 49.19 60.20 14.12
N HIS OA 97 49.02 61.01 15.20
CA HIS OA 97 50.08 61.81 15.77
C HIS OA 97 49.73 62.07 17.22
N SER OA 98 50.69 61.96 18.17
CA SER OA 98 50.39 62.11 19.58
C SER OA 98 51.48 62.81 20.38
N LYS OA 99 51.87 62.23 21.55
CA LYS OA 99 52.57 62.90 22.66
C LYS OA 99 54.03 63.15 22.40
N ALA OA 100 54.35 64.32 21.80
CA ALA OA 100 55.71 64.79 21.62
C ALA OA 100 55.98 65.85 22.67
N ALA OA 101 55.41 65.67 23.89
CA ALA OA 101 55.46 66.61 24.97
C ALA OA 101 56.52 66.20 25.96
N ALA OA 102 56.65 64.88 26.20
CA ALA OA 102 57.43 64.31 27.29
C ALA OA 102 58.92 64.50 27.13
N ALA OA 103 59.45 64.34 25.90
CA ALA OA 103 60.87 64.43 25.60
C ALA OA 103 61.42 65.83 25.75
N ALA OA 104 60.54 66.86 25.77
CA ALA OA 104 60.92 68.25 25.94
C ALA OA 104 61.14 68.61 27.40
N ALA OA 105 61.13 67.60 28.30
CA ALA OA 105 61.37 67.76 29.71
C ALA OA 105 62.83 68.02 30.00
N ALA OA 106 63.74 67.37 29.24
CA ALA OA 106 65.17 67.47 29.40
C ALA OA 106 65.69 68.84 29.03
N ALA OA 107 65.15 69.43 27.94
CA ALA OA 107 65.49 70.76 27.48
C ALA OA 107 64.99 71.84 28.42
N ALA OA 108 63.91 71.55 29.19
CA ALA OA 108 63.36 72.44 30.18
C ALA OA 108 64.18 72.40 31.46
N ALA OA 109 64.74 71.21 31.79
CA ALA OA 109 65.51 70.95 32.98
C ALA OA 109 66.87 71.59 32.93
N ALA OA 110 67.48 71.65 31.71
CA ALA OA 110 68.81 72.13 31.46
C ALA OA 110 69.01 73.62 31.69
N ALA OA 111 67.93 74.39 31.95
CA ALA OA 111 68.04 75.79 32.32
C ALA OA 111 68.19 75.90 33.82
N ALA OA 112 69.30 75.36 34.37
CA ALA OA 112 69.51 75.15 35.78
C ALA OA 112 70.65 75.99 36.30
N ALA OA 113 71.91 75.59 35.99
CA ALA OA 113 73.12 76.01 36.68
C ALA OA 113 73.47 77.46 36.51
N ALA OA 114 73.14 78.06 35.34
CA ALA OA 114 73.47 79.43 35.00
C ALA OA 114 72.68 80.48 35.74
N ALA OA 115 71.83 80.06 36.71
CA ALA OA 115 71.03 80.94 37.55
C ALA OA 115 71.73 81.26 38.85
N ALA OA 116 73.07 81.07 38.92
CA ALA OA 116 73.87 81.29 40.11
C ALA OA 116 74.18 82.78 40.36
N GLN PA 1 -34.89 -7.48 65.58
CA GLN PA 1 -35.75 -8.01 66.67
C GLN PA 1 -35.18 -9.29 67.19
N GLY PA 2 -35.28 -9.50 68.52
CA GLY PA 2 -34.82 -10.71 69.16
C GLY PA 2 -35.65 -11.91 68.79
N THR PA 3 -34.94 -13.02 68.49
CA THR PA 3 -35.50 -14.30 68.10
C THR PA 3 -35.90 -15.07 69.34
N LYS PA 4 -35.26 -14.74 70.49
CA LYS PA 4 -35.44 -15.27 71.82
C LYS PA 4 -34.90 -16.67 71.92
N PHE PA 5 -34.09 -17.08 70.92
CA PHE PA 5 -33.85 -18.46 70.57
C PHE PA 5 -32.35 -18.66 70.64
N ARG PA 6 -31.82 -19.52 69.75
CA ARG PA 6 -30.43 -19.64 69.42
C ARG PA 6 -30.53 -19.63 67.93
N ILE PA 7 -29.92 -18.64 67.25
CA ILE PA 7 -29.88 -18.61 65.81
C ILE PA 7 -28.49 -19.02 65.44
N SER PA 8 -28.39 -20.08 64.63
CA SER PA 8 -27.16 -20.78 64.37
C SER PA 8 -26.66 -20.40 63.01
N LEU PA 9 -25.36 -20.68 62.76
CA LEU PA 9 -24.70 -20.44 61.50
C LEU PA 9 -24.97 -21.59 60.57
N GLY PA 10 -24.37 -21.54 59.36
CA GLY PA 10 -24.48 -22.59 58.37
C GLY PA 10 -25.70 -22.44 57.52
N LEU PA 11 -25.91 -21.22 56.97
CA LEU PA 11 -26.80 -21.00 55.85
C LEU PA 11 -26.12 -19.90 55.05
N PRO PA 12 -25.01 -20.14 54.35
CA PRO PA 12 -24.25 -19.10 53.67
C PRO PA 12 -24.96 -18.64 52.42
N VAL PA 13 -24.27 -17.80 51.60
CA VAL PA 13 -24.66 -17.38 50.27
C VAL PA 13 -24.69 -18.61 49.37
N GLY PA 14 -25.48 -18.57 48.27
CA GLY PA 14 -25.72 -19.74 47.46
C GLY PA 14 -27.16 -20.11 47.65
N ALA PA 15 -27.41 -21.30 48.23
CA ALA PA 15 -28.70 -21.80 48.65
C ALA PA 15 -29.52 -22.44 47.53
N ILE PA 16 -29.42 -23.79 47.42
CA ILE PA 16 -30.14 -24.66 46.52
C ILE PA 16 -31.55 -24.90 47.03
N MET PA 17 -31.87 -24.31 48.20
CA MET PA 17 -33.05 -24.52 49.01
C MET PA 17 -34.36 -24.53 48.26
N ASN PA 18 -35.29 -25.37 48.75
CA ASN PA 18 -36.56 -25.70 48.14
C ASN PA 18 -37.51 -24.51 48.27
N CYS PA 19 -38.58 -24.50 47.46
CA CYS PA 19 -39.56 -23.43 47.53
C CYS PA 19 -40.59 -23.79 48.58
N ALA PA 20 -40.62 -23.01 49.68
CA ALA PA 20 -41.39 -23.29 50.86
C ALA PA 20 -42.85 -22.92 50.69
N ASP PA 21 -43.16 -21.83 49.95
CA ASP PA 21 -44.53 -21.47 49.65
C ASP PA 21 -44.95 -22.16 48.39
N ASN PA 22 -46.19 -21.86 47.92
CA ASN PA 22 -46.75 -22.51 46.74
C ASN PA 22 -46.65 -21.60 45.54
N SER PA 23 -45.50 -20.89 45.38
CA SER PA 23 -45.17 -20.21 44.16
C SER PA 23 -44.59 -21.24 43.21
N GLY PA 24 -43.48 -21.89 43.63
CA GLY PA 24 -43.04 -23.17 43.09
C GLY PA 24 -41.93 -23.06 42.08
N ALA PA 25 -40.70 -22.73 42.57
CA ALA PA 25 -39.49 -22.75 41.77
C ALA PA 25 -38.85 -24.12 41.95
N ARG PA 26 -37.50 -24.19 41.93
CA ARG PA 26 -36.74 -25.34 42.36
C ARG PA 26 -35.73 -24.75 43.30
N ASN PA 27 -34.51 -24.51 42.78
CA ASN PA 27 -33.37 -23.90 43.41
C ASN PA 27 -33.70 -22.43 43.56
N LEU PA 28 -33.63 -21.89 44.80
CA LEU PA 28 -33.84 -20.48 45.04
C LEU PA 28 -32.49 -19.82 44.99
N TYR PA 29 -32.22 -18.85 45.87
CA TYR PA 29 -30.89 -18.32 46.02
C TYR PA 29 -31.01 -17.47 47.26
N ILE PA 30 -29.87 -17.04 47.81
CA ILE PA 30 -29.81 -16.11 48.90
C ILE PA 30 -28.60 -15.29 48.54
N ILE PA 31 -28.75 -13.94 48.55
CA ILE PA 31 -27.72 -13.01 48.13
C ILE PA 31 -27.19 -12.41 49.42
N ALA PA 32 -27.12 -11.06 49.54
CA ALA PA 32 -26.77 -10.40 50.78
C ALA PA 32 -27.83 -10.65 51.84
N VAL PA 33 -27.41 -10.60 53.13
CA VAL PA 33 -28.29 -10.82 54.25
C VAL PA 33 -28.82 -9.48 54.70
N LYS PA 34 -29.71 -9.48 55.73
CA LYS PA 34 -30.17 -8.26 56.35
C LYS PA 34 -29.23 -7.97 57.49
N GLY PA 35 -28.40 -6.90 57.35
CA GLY PA 35 -27.40 -6.53 58.32
C GLY PA 35 -26.23 -7.45 58.14
N SER PA 36 -25.40 -7.16 57.13
CA SER PA 36 -24.28 -7.99 56.76
C SER PA 36 -23.06 -7.43 57.44
N GLY PA 37 -21.94 -8.20 57.45
CA GLY PA 37 -20.72 -7.79 58.08
C GLY PA 37 -19.94 -9.05 58.29
N SER PA 38 -18.86 -9.25 57.50
CA SER PA 38 -18.09 -10.47 57.57
C SER PA 38 -16.65 -10.15 57.21
N ARG PA 39 -16.08 -10.86 56.21
CA ARG PA 39 -14.69 -10.81 55.85
C ARG PA 39 -14.68 -11.54 54.53
N LEU PA 40 -13.57 -11.47 53.74
CA LEU PA 40 -13.39 -12.34 52.59
C LEU PA 40 -13.08 -13.73 53.09
N ASN PA 41 -13.47 -14.77 52.30
CA ASN PA 41 -13.62 -16.15 52.71
C ASN PA 41 -14.90 -16.37 53.50
N ARG PA 42 -15.15 -15.49 54.50
CA ARG PA 42 -16.18 -15.63 55.49
C ARG PA 42 -17.55 -15.34 54.92
N LEU PA 43 -18.42 -16.38 54.84
CA LEU PA 43 -19.65 -16.29 54.08
C LEU PA 43 -20.77 -15.77 54.97
N PRO PA 44 -21.64 -14.84 54.53
CA PRO PA 44 -22.74 -14.33 55.33
C PRO PA 44 -23.79 -15.36 55.67
N ALA PA 45 -23.87 -15.78 56.96
CA ALA PA 45 -24.79 -16.79 57.39
C ALA PA 45 -26.16 -16.20 57.68
N ALA PA 46 -27.19 -16.76 57.02
CA ALA PA 46 -28.58 -16.41 57.21
C ALA PA 46 -29.14 -17.28 58.32
N SER PA 47 -30.46 -17.15 58.61
CA SER PA 47 -31.06 -17.92 59.67
C SER PA 47 -32.51 -18.16 59.32
N LEU PA 48 -33.40 -18.41 60.31
CA LEU PA 48 -34.79 -18.70 60.09
C LEU PA 48 -35.63 -17.69 60.84
N GLY PA 49 -36.69 -17.17 60.18
CA GLY PA 49 -37.56 -16.17 60.75
C GLY PA 49 -37.02 -14.80 60.48
N ASP PA 50 -36.00 -14.74 59.62
CA ASP PA 50 -35.21 -13.60 59.24
C ASP PA 50 -35.92 -12.79 58.18
N MET PA 51 -35.14 -12.07 57.34
CA MET PA 51 -35.67 -11.41 56.20
C MET PA 51 -34.48 -11.11 55.31
N VAL PA 52 -33.79 -12.19 54.87
CA VAL PA 52 -32.63 -12.07 54.02
C VAL PA 52 -33.07 -11.97 52.59
N MET PA 53 -32.17 -11.48 51.71
CA MET PA 53 -32.52 -11.11 50.35
C MET PA 53 -32.31 -12.32 49.48
N ALA PA 54 -32.89 -12.32 48.26
CA ALA PA 54 -32.87 -13.51 47.44
C ALA PA 54 -33.26 -13.21 46.02
N THR PA 55 -32.58 -13.91 45.08
CA THR PA 55 -33.04 -14.09 43.72
C THR PA 55 -33.48 -15.55 43.64
N VAL PA 56 -33.55 -16.14 42.43
CA VAL PA 56 -33.91 -17.53 42.23
C VAL PA 56 -32.98 -18.02 41.15
N LYS PA 57 -32.12 -19.03 41.45
CA LYS PA 57 -31.11 -19.51 40.53
C LYS PA 57 -31.75 -20.30 39.40
N LYS PA 58 -32.29 -21.51 39.67
CA LYS PA 58 -32.86 -22.34 38.63
C LYS PA 58 -34.30 -22.74 38.95
N GLY PA 59 -35.09 -23.10 37.92
CA GLY PA 59 -36.50 -23.38 38.12
C GLY PA 59 -37.23 -23.36 36.82
N LYS PA 60 -38.17 -22.40 36.65
CA LYS PA 60 -38.94 -22.22 35.43
C LYS PA 60 -39.26 -20.73 35.32
N PRO PA 61 -39.41 -20.09 34.15
CA PRO PA 61 -39.34 -18.63 34.05
C PRO PA 61 -40.46 -17.81 34.66
N GLU PA 62 -41.53 -18.42 35.23
CA GLU PA 62 -42.57 -17.67 35.90
C GLU PA 62 -42.17 -17.38 37.33
N LEU PA 63 -41.28 -18.22 37.91
CA LEU PA 63 -40.85 -18.12 39.29
C LEU PA 63 -39.37 -17.81 39.35
N ARG PA 64 -38.61 -18.06 38.26
CA ARG PA 64 -37.20 -17.71 38.18
C ARG PA 64 -37.06 -16.22 38.03
N LYS PA 65 -35.93 -15.72 38.55
CA LYS PA 65 -35.25 -14.53 38.12
C LYS PA 65 -35.89 -13.22 38.52
N LYS PA 66 -35.01 -12.23 38.75
CA LYS PA 66 -35.28 -10.87 39.20
C LYS PA 66 -35.78 -10.86 40.63
N VAL PA 67 -35.15 -10.04 41.50
CA VAL PA 67 -35.28 -10.16 42.95
C VAL PA 67 -36.67 -9.87 43.47
N MET PA 68 -37.00 -10.59 44.56
CA MET PA 68 -37.91 -10.15 45.58
C MET PA 68 -37.38 -10.87 46.78
N PRO PA 69 -37.02 -10.24 47.90
CA PRO PA 69 -36.27 -10.87 48.99
C PRO PA 69 -37.13 -11.87 49.72
N ALA PA 70 -36.50 -12.75 50.52
CA ALA PA 70 -37.12 -13.96 51.03
C ALA PA 70 -37.22 -13.93 52.55
N ILE PA 71 -37.38 -15.14 53.14
CA ILE PA 71 -37.40 -15.41 54.54
C ILE PA 71 -37.30 -16.92 54.59
N VAL PA 72 -36.28 -17.47 55.30
CA VAL PA 72 -36.03 -18.89 55.35
C VAL PA 72 -36.88 -19.47 56.46
N VAL PA 73 -37.36 -20.73 56.26
CA VAL PA 73 -38.39 -21.33 57.08
C VAL PA 73 -37.80 -22.45 57.88
N ARG PA 74 -36.99 -23.32 57.23
CA ARG PA 74 -36.52 -24.56 57.79
C ARG PA 74 -35.05 -24.69 57.55
N GLN PA 75 -34.37 -25.37 58.50
CA GLN PA 75 -32.99 -25.75 58.46
C GLN PA 75 -32.99 -27.04 59.25
N ALA PA 76 -32.02 -27.94 59.00
CA ALA PA 76 -31.93 -29.19 59.72
C ALA PA 76 -31.05 -29.04 60.95
N LYS PA 77 -30.60 -27.81 61.29
CA LYS PA 77 -29.79 -27.61 62.48
C LYS PA 77 -30.66 -27.55 63.70
N SER PA 78 -30.17 -28.15 64.81
CA SER PA 78 -30.83 -28.14 66.08
C SER PA 78 -30.47 -26.88 66.81
N TRP PA 79 -31.49 -26.18 67.36
CA TRP PA 79 -31.31 -24.89 67.97
C TRP PA 79 -31.84 -24.96 69.38
N ARG PA 80 -31.13 -24.33 70.34
CA ARG PA 80 -31.49 -24.31 71.74
C ARG PA 80 -32.60 -23.33 72.00
N ARG PA 81 -33.78 -23.84 72.40
CA ARG PA 81 -34.80 -23.00 72.98
C ARG PA 81 -34.51 -22.84 74.44
N ARG PA 82 -34.92 -21.67 74.97
CA ARG PA 82 -34.77 -21.30 76.35
C ARG PA 82 -35.54 -22.21 77.28
N ASP PA 83 -36.67 -22.79 76.80
CA ASP PA 83 -37.51 -23.69 77.55
C ASP PA 83 -37.13 -25.14 77.34
N GLY PA 84 -35.92 -25.39 76.77
CA GLY PA 84 -35.26 -26.67 76.77
C GLY PA 84 -35.95 -27.69 75.91
N VAL PA 85 -36.23 -27.34 74.64
CA VAL PA 85 -36.80 -28.29 73.72
C VAL PA 85 -36.29 -27.91 72.35
N PHE PA 86 -35.43 -28.79 71.80
CA PHE PA 86 -34.71 -28.57 70.58
C PHE PA 86 -35.57 -29.08 69.46
N LEU PA 87 -35.30 -28.60 68.22
CA LEU PA 87 -36.16 -28.94 67.11
C LEU PA 87 -35.39 -28.69 65.85
N TYR PA 88 -35.15 -29.77 65.09
CA TYR PA 88 -34.59 -29.73 63.76
C TYR PA 88 -35.63 -30.27 62.81
N PHE PA 89 -35.63 -29.74 61.56
CA PHE PA 89 -36.73 -29.92 60.63
C PHE PA 89 -36.48 -31.06 59.67
N GLU PA 90 -36.11 -30.76 58.41
CA GLU PA 90 -36.00 -31.74 57.36
C GLU PA 90 -35.19 -31.12 56.26
N ASP PA 91 -35.84 -30.34 55.36
CA ASP PA 91 -35.29 -29.79 54.16
C ASP PA 91 -35.14 -28.31 54.36
N ASN PA 92 -34.17 -27.69 53.64
CA ASN PA 92 -34.02 -26.26 53.58
C ASN PA 92 -35.06 -25.74 52.64
N ALA PA 93 -35.68 -24.60 52.99
CA ALA PA 93 -36.68 -24.05 52.14
C ALA PA 93 -36.97 -22.63 52.53
N GLY PA 94 -37.05 -21.74 51.52
CA GLY PA 94 -37.31 -20.33 51.71
C GLY PA 94 -38.62 -19.98 51.09
N VAL PA 95 -39.34 -19.01 51.70
CA VAL PA 95 -40.53 -18.39 51.16
C VAL PA 95 -40.02 -17.16 50.47
N ILE PA 96 -40.32 -17.02 49.16
CA ILE PA 96 -40.01 -15.80 48.44
C ILE PA 96 -41.05 -14.80 48.86
N ALA PA 97 -40.61 -13.61 49.31
CA ALA PA 97 -41.44 -12.70 50.08
C ALA PA 97 -41.54 -11.37 49.38
N ASN PA 98 -41.35 -10.28 50.13
CA ASN PA 98 -41.39 -8.90 49.67
C ASN PA 98 -40.63 -8.12 50.74
N PRO PA 99 -40.15 -6.89 50.53
CA PRO PA 99 -39.03 -6.37 51.31
C PRO PA 99 -39.31 -5.96 52.74
N LYS PA 100 -40.55 -6.06 53.27
CA LYS PA 100 -40.73 -6.00 54.72
C LYS PA 100 -41.64 -7.12 55.16
N GLY PA 101 -41.31 -8.34 54.69
CA GLY PA 101 -41.65 -9.61 55.30
C GLY PA 101 -43.08 -10.06 55.20
N GLU PA 102 -43.50 -10.58 54.02
CA GLU PA 102 -44.78 -11.25 53.87
C GLU PA 102 -44.69 -12.10 52.64
N MET PA 103 -45.42 -13.24 52.57
CA MET PA 103 -45.29 -14.23 51.52
C MET PA 103 -45.82 -13.76 50.18
N LYS PA 104 -45.21 -14.27 49.08
CA LYS PA 104 -45.56 -13.95 47.71
C LYS PA 104 -46.63 -14.92 47.23
N GLY PA 105 -46.55 -16.19 47.68
CA GLY PA 105 -47.54 -17.21 47.41
C GLY PA 105 -48.71 -17.08 48.34
N SER PA 106 -49.65 -18.05 48.31
CA SER PA 106 -50.88 -17.97 49.07
C SER PA 106 -50.72 -18.55 50.46
N ALA PA 107 -49.83 -19.54 50.62
CA ALA PA 107 -49.58 -20.13 51.92
C ALA PA 107 -48.28 -20.89 51.87
N ILE PA 108 -47.73 -21.17 53.07
CA ILE PA 108 -46.51 -21.93 53.27
C ILE PA 108 -46.93 -23.37 53.41
N THR PA 109 -46.17 -24.31 52.81
CA THR PA 109 -46.39 -25.74 52.96
C THR PA 109 -45.16 -26.28 53.67
N GLY PA 110 -45.32 -27.44 54.34
CA GLY PA 110 -44.27 -28.06 55.12
C GLY PA 110 -44.32 -27.55 56.54
N PRO PA 111 -43.37 -27.92 57.39
CA PRO PA 111 -43.27 -27.40 58.74
C PRO PA 111 -42.87 -25.94 58.78
N VAL PA 112 -43.16 -25.24 59.90
CA VAL PA 112 -42.70 -23.90 60.18
C VAL PA 112 -42.35 -23.91 61.65
N GLY PA 113 -41.68 -22.82 62.13
CA GLY PA 113 -41.29 -22.68 63.52
C GLY PA 113 -42.33 -21.93 64.29
N LYS PA 114 -42.16 -21.87 65.63
CA LYS PA 114 -43.01 -21.15 66.54
C LYS PA 114 -42.56 -19.70 66.53
N GLU PA 115 -41.23 -19.53 66.64
CA GLU PA 115 -40.53 -18.29 66.84
C GLU PA 115 -40.46 -17.48 65.57
N CYS PA 116 -40.56 -18.14 64.40
CA CYS PA 116 -40.62 -17.49 63.10
C CYS PA 116 -41.93 -16.74 62.94
N ALA PA 117 -43.01 -17.28 63.56
CA ALA PA 117 -44.33 -16.70 63.56
C ALA PA 117 -44.51 -15.73 64.71
N ASP PA 118 -43.56 -15.71 65.67
CA ASP PA 118 -43.55 -14.82 66.82
C ASP PA 118 -42.98 -13.48 66.38
N LEU PA 119 -41.92 -13.55 65.53
CA LEU PA 119 -41.24 -12.41 64.93
C LEU PA 119 -42.16 -11.67 63.98
N TRP PA 120 -42.50 -12.31 62.83
CA TRP PA 120 -43.33 -11.70 61.81
C TRP PA 120 -44.76 -12.13 61.98
N PRO PA 121 -45.73 -11.26 62.31
CA PRO PA 121 -47.14 -11.62 62.38
C PRO PA 121 -47.75 -11.67 61.00
N ARG PA 122 -47.00 -11.25 59.96
CA ARG PA 122 -47.46 -11.19 58.59
C ARG PA 122 -47.24 -12.53 57.93
N VAL PA 123 -46.09 -13.18 58.26
CA VAL PA 123 -45.73 -14.50 57.78
C VAL PA 123 -46.50 -15.54 58.58
N ALA PA 124 -46.92 -15.17 59.82
CA ALA PA 124 -47.72 -15.99 60.71
C ALA PA 124 -49.14 -16.17 60.22
N SER PA 125 -49.60 -15.32 59.26
CA SER PA 125 -50.95 -15.31 58.74
C SER PA 125 -51.30 -16.59 58.01
N ASN PA 126 -50.50 -16.97 56.99
CA ASN PA 126 -50.76 -18.13 56.18
C ASN PA 126 -49.60 -19.09 56.32
N SER PA 127 -49.42 -19.61 57.55
CA SER PA 127 -48.36 -20.54 57.90
C SER PA 127 -48.65 -21.94 57.43
N GLY PA 128 -47.66 -22.85 57.61
CA GLY PA 128 -47.78 -24.25 57.32
C GLY PA 128 -48.14 -24.97 58.58
N VAL PA 129 -47.41 -26.07 58.89
CA VAL PA 129 -47.65 -26.88 60.05
C VAL PA 129 -46.77 -26.34 61.16
N VAL PA 130 -47.38 -25.70 62.18
CA VAL PA 130 -46.65 -25.09 63.26
C VAL PA 130 -46.20 -26.16 64.22
N VAL PA 131 -44.86 -26.30 64.38
CA VAL PA 131 -44.24 -27.29 65.21
C VAL PA 131 -43.81 -26.58 66.50
N PHE QA 1 -34.24 -42.84 70.16
CA PHE QA 1 -35.01 -44.05 69.72
C PHE QA 1 -35.93 -44.58 70.80
N SER QA 2 -35.38 -45.11 71.91
CA SER QA 2 -36.03 -45.93 72.92
C SER QA 2 -37.24 -45.32 73.58
N GLY QA 3 -38.06 -46.17 74.24
CA GLY QA 3 -39.32 -45.79 74.83
C GLY QA 3 -39.17 -45.35 76.26
N ALA QA 4 -38.17 -44.48 76.53
CA ALA QA 4 -37.90 -43.98 77.86
C ALA QA 4 -38.77 -42.77 78.16
N LYS QA 5 -38.36 -41.96 79.16
CA LYS QA 5 -39.23 -40.99 79.79
C LYS QA 5 -38.67 -39.62 79.54
N ILE QA 6 -39.41 -38.77 78.77
CA ILE QA 6 -38.98 -37.44 78.42
C ILE QA 6 -39.38 -36.47 79.52
N TYR QA 7 -38.50 -35.50 79.83
CA TYR QA 7 -38.68 -34.56 80.92
C TYR QA 7 -39.39 -33.32 80.38
N PRO QA 8 -40.08 -32.54 81.21
CA PRO QA 8 -40.67 -31.26 80.81
C PRO QA 8 -39.63 -30.16 80.85
N GLY QA 9 -38.79 -30.06 79.79
CA GLY QA 9 -37.77 -29.05 79.69
C GLY QA 9 -36.47 -29.70 79.30
N ARG QA 10 -36.57 -30.85 78.59
CA ARG QA 10 -35.42 -31.57 78.09
C ARG QA 10 -35.97 -32.45 77.00
N GLY QA 11 -35.18 -32.69 75.93
CA GLY QA 11 -35.46 -33.72 74.96
C GLY QA 11 -35.52 -33.15 73.59
N THR QA 12 -34.57 -33.59 72.73
CA THR QA 12 -34.43 -33.19 71.36
C THR QA 12 -35.44 -33.90 70.50
N LEU QA 13 -36.15 -33.14 69.63
CA LEU QA 13 -37.21 -33.66 68.80
C LEU QA 13 -36.80 -33.50 67.36
N PHE QA 14 -36.92 -34.57 66.55
CA PHE QA 14 -36.70 -34.51 65.12
C PHE QA 14 -38.08 -34.58 64.52
N VAL QA 15 -38.40 -33.69 63.53
CA VAL QA 15 -39.71 -33.68 62.90
C VAL QA 15 -39.54 -33.85 61.42
N ARG QA 16 -38.72 -34.85 60.99
CA ARG QA 16 -38.39 -35.09 59.60
C ARG QA 16 -39.58 -35.65 58.86
N GLY QA 17 -40.20 -34.82 57.98
CA GLY QA 17 -41.33 -35.21 57.19
C GLY QA 17 -42.41 -34.18 57.31
N ASP QA 18 -43.67 -34.67 57.37
CA ASP QA 18 -44.88 -33.90 57.52
C ASP QA 18 -45.14 -33.68 59.00
N SER QA 19 -44.07 -33.28 59.73
CA SER QA 19 -43.99 -33.14 61.17
C SER QA 19 -44.15 -34.48 61.85
N LYS QA 20 -43.26 -35.45 61.48
CA LYS QA 20 -43.24 -36.77 62.07
C LYS QA 20 -42.40 -36.69 63.32
N ILE QA 21 -43.05 -36.55 64.49
CA ILE QA 21 -42.36 -36.26 65.73
C ILE QA 21 -41.72 -37.51 66.30
N PHE QA 22 -40.37 -37.50 66.31
CA PHE QA 22 -39.51 -38.49 66.89
C PHE QA 22 -38.86 -37.80 68.06
N ARG QA 23 -37.99 -38.51 68.81
CA ARG QA 23 -37.18 -37.88 69.83
C ARG QA 23 -36.08 -38.81 70.23
N PHE QA 24 -34.99 -38.23 70.78
CA PHE QA 24 -33.94 -38.95 71.46
C PHE QA 24 -34.34 -39.03 72.92
N GLN QA 25 -33.66 -39.90 73.69
CA GLN QA 25 -34.05 -40.17 75.05
C GLN QA 25 -32.81 -40.50 75.81
N ASN QA 26 -32.14 -41.59 75.38
CA ASN QA 26 -30.88 -42.08 75.88
C ASN QA 26 -29.87 -41.71 74.84
N SER QA 27 -28.57 -41.75 75.20
CA SER QA 27 -27.43 -41.47 74.34
C SER QA 27 -27.25 -42.61 73.39
N LYS QA 28 -27.16 -43.84 73.96
CA LYS QA 28 -27.16 -45.15 73.33
C LYS QA 28 -28.30 -45.34 72.36
N SER QA 29 -29.46 -44.69 72.62
CA SER QA 29 -30.62 -44.82 71.76
C SER QA 29 -30.60 -43.83 70.61
N ALA QA 30 -29.88 -42.69 70.74
CA ALA QA 30 -29.79 -41.69 69.70
C ALA QA 30 -28.99 -42.23 68.53
N SER QA 31 -28.01 -43.08 68.88
CA SER QA 31 -27.10 -43.82 68.04
C SER QA 31 -27.80 -44.76 67.10
N LEU QA 32 -28.91 -45.38 67.56
CA LEU QA 32 -29.70 -46.33 66.78
C LEU QA 32 -30.65 -45.61 65.84
N PHE QA 33 -30.27 -44.40 65.40
CA PHE QA 33 -30.98 -43.59 64.43
C PHE QA 33 -30.06 -43.37 63.25
N LYS QA 34 -28.71 -43.51 63.44
CA LYS QA 34 -27.75 -43.65 62.35
C LYS QA 34 -27.97 -45.03 61.74
N GLN QA 35 -27.68 -46.08 62.53
CA GLN QA 35 -27.62 -47.46 62.13
C GLN QA 35 -28.97 -48.07 61.81
N ARG QA 36 -30.07 -47.42 62.25
CA ARG QA 36 -31.42 -47.82 61.91
C ARG QA 36 -31.85 -49.08 62.65
N LYS QA 37 -31.15 -49.48 63.76
CA LYS QA 37 -31.40 -50.73 64.47
C LYS QA 37 -32.83 -50.82 64.95
N ASN QA 38 -33.53 -51.89 64.54
CA ASN QA 38 -34.96 -52.01 64.66
C ASN QA 38 -35.33 -52.53 66.04
N PRO QA 39 -36.51 -52.18 66.60
CA PRO QA 39 -36.97 -52.71 67.87
C PRO QA 39 -37.62 -54.06 67.66
N ARG QA 40 -36.83 -55.07 67.25
CA ARG QA 40 -37.25 -56.43 67.09
C ARG QA 40 -36.37 -57.22 68.02
N ARG QA 41 -35.03 -57.09 67.82
CA ARG QA 41 -34.01 -57.73 68.62
C ARG QA 41 -33.93 -57.04 69.96
N ILE QA 42 -33.57 -55.74 69.96
CA ILE QA 42 -33.33 -54.96 71.15
C ILE QA 42 -34.64 -54.72 71.88
N ALA QA 43 -34.77 -55.32 73.08
CA ALA QA 43 -36.03 -55.55 73.74
C ALA QA 43 -36.44 -54.43 74.68
N TRP QA 44 -35.47 -53.78 75.35
CA TRP QA 44 -35.70 -52.85 76.44
C TRP QA 44 -36.15 -51.47 75.98
N THR QA 45 -36.24 -51.25 74.66
CA THR QA 45 -36.31 -49.94 74.04
C THR QA 45 -37.75 -49.35 74.00
N TYR RA 1 63.33 -74.08 27.93
CA TYR RA 1 62.79 -74.64 29.21
C TYR RA 1 62.92 -76.14 29.26
N LYS RA 2 62.45 -76.77 30.37
CA LYS RA 2 62.47 -78.19 30.55
C LYS RA 2 61.37 -78.48 31.55
N VAL RA 3 60.87 -79.72 31.55
CA VAL RA 3 59.62 -80.16 32.13
C VAL RA 3 59.61 -80.19 33.66
N ILE RA 4 60.14 -81.27 34.30
CA ILE RA 4 59.83 -81.56 35.69
C ILE RA 4 60.73 -80.83 36.65
N GLU RA 5 60.11 -80.14 37.65
CA GLU RA 5 60.75 -79.62 38.84
C GLU RA 5 60.67 -80.71 39.89
N GLN RA 6 59.57 -80.77 40.68
CA GLN RA 6 59.44 -81.70 41.78
C GLN RA 6 57.97 -82.00 41.97
N PRO RA 7 57.60 -82.97 42.82
CA PRO RA 7 56.26 -83.08 43.36
C PRO RA 7 56.01 -81.98 44.37
N ILE RA 8 54.72 -81.70 44.72
CA ILE RA 8 54.38 -80.83 45.83
C ILE RA 8 53.83 -81.77 46.88
N THR RA 9 54.43 -81.75 48.10
CA THR RA 9 54.23 -82.78 49.09
C THR RA 9 53.71 -82.18 50.38
N SER RA 10 52.62 -81.40 50.28
CA SER RA 10 51.89 -80.90 51.43
C SER RA 10 50.89 -81.95 51.84
N GLU RA 11 49.98 -81.60 52.79
CA GLU RA 11 49.01 -82.51 53.37
C GLU RA 11 47.91 -82.87 52.39
N THR RA 12 47.83 -82.10 51.30
CA THR RA 12 46.87 -82.17 50.22
C THR RA 12 47.18 -83.31 49.29
N ALA RA 13 48.49 -83.56 49.07
CA ALA RA 13 49.00 -84.67 48.30
C ALA RA 13 48.97 -85.95 49.11
N MET RA 14 48.66 -85.85 50.43
CA MET RA 14 48.51 -86.97 51.31
C MET RA 14 47.04 -87.33 51.46
N LYS RA 15 46.12 -86.48 50.96
CA LYS RA 15 44.73 -86.86 50.74
C LYS RA 15 44.73 -87.74 49.52
N LYS RA 16 44.94 -87.11 48.34
CA LYS RA 16 44.66 -87.64 47.02
C LYS RA 16 45.68 -88.67 46.53
N VAL RA 17 46.46 -89.32 47.42
CA VAL RA 17 47.34 -90.43 47.06
C VAL RA 17 46.85 -91.68 47.76
N GLU RA 18 46.22 -91.51 48.95
CA GLU RA 18 45.70 -92.59 49.76
C GLU RA 18 44.36 -92.99 49.21
N ASP RA 19 43.48 -91.99 48.98
CA ASP RA 19 42.17 -92.18 48.39
C ASP RA 19 42.27 -92.03 46.88
N GLY RA 20 42.38 -90.80 46.36
CA GLY RA 20 42.18 -90.52 44.94
C GLY RA 20 43.40 -90.62 44.07
N ASN RA 21 44.26 -91.66 44.30
CA ASN RA 21 45.26 -92.17 43.36
C ASN RA 21 46.50 -91.31 43.18
N ILE RA 22 46.33 -90.09 42.62
CA ILE RA 22 47.34 -89.25 42.02
C ILE RA 22 48.46 -88.81 42.94
N LEU RA 23 49.54 -88.31 42.30
CA LEU RA 23 50.59 -87.55 42.95
C LEU RA 23 50.39 -86.15 42.44
N VAL RA 24 50.25 -85.16 43.36
CA VAL RA 24 50.13 -83.77 42.97
C VAL RA 24 51.54 -83.26 42.77
N PHE RA 25 51.78 -82.63 41.60
CA PHE RA 25 53.07 -82.14 41.19
C PHE RA 25 52.99 -80.66 41.06
N GLN RA 26 54.17 -80.01 41.04
CA GLN RA 26 54.35 -78.62 40.72
C GLN RA 26 55.57 -78.61 39.85
N VAL RA 27 55.38 -78.56 38.52
CA VAL RA 27 56.43 -78.65 37.53
C VAL RA 27 56.76 -77.25 37.08
N SER RA 28 57.25 -77.08 35.83
CA SER RA 28 57.47 -75.78 35.23
C SER RA 28 56.16 -75.30 34.65
N MET RA 29 56.18 -74.20 33.89
CA MET RA 29 54.98 -73.58 33.40
C MET RA 29 54.65 -74.13 32.04
N LYS RA 30 55.46 -73.92 30.97
CA LYS RA 30 55.20 -74.55 29.68
C LYS RA 30 55.67 -76.00 29.67
N ALA RA 31 54.95 -76.85 30.44
CA ALA RA 31 55.17 -78.27 30.57
C ALA RA 31 53.80 -78.87 30.49
N ASN RA 32 53.44 -79.39 29.31
CA ASN RA 32 52.08 -79.79 28.98
C ASN RA 32 51.77 -81.21 29.44
N LYS RA 33 50.64 -81.76 28.95
CA LYS RA 33 50.01 -82.98 29.42
C LYS RA 33 50.79 -84.21 28.97
N TYR RA 34 51.23 -84.25 27.69
CA TYR RA 34 52.04 -85.32 27.13
C TYR RA 34 53.44 -85.33 27.70
N GLN RA 35 54.13 -84.15 27.68
CA GLN RA 35 55.50 -83.98 28.12
C GLN RA 35 55.71 -84.43 29.54
N ILE RA 36 54.80 -84.03 30.46
CA ILE RA 36 54.92 -84.34 31.87
C ILE RA 36 54.72 -85.82 32.12
N LYS RA 37 53.80 -86.50 31.38
CA LYS RA 37 53.50 -87.90 31.63
C LYS RA 37 54.66 -88.81 31.29
N LYS RA 38 55.32 -88.59 30.12
CA LYS RA 38 56.37 -89.47 29.67
C LYS RA 38 57.67 -89.16 30.37
N ALA RA 39 57.84 -87.91 30.85
CA ALA RA 39 58.97 -87.49 31.65
C ALA RA 39 58.92 -88.12 33.03
N VAL RA 40 57.71 -88.36 33.59
CA VAL RA 40 57.54 -89.09 34.83
C VAL RA 40 57.84 -90.56 34.61
N LYS RA 41 57.40 -91.08 33.44
CA LYS RA 41 57.46 -92.47 33.06
C LYS RA 41 58.88 -93.01 32.99
N GLU RA 42 59.84 -92.19 32.48
CA GLU RA 42 61.24 -92.57 32.42
C GLU RA 42 61.94 -92.34 33.74
N LEU RA 43 61.67 -91.21 34.42
CA LEU RA 43 62.46 -90.70 35.52
C LEU RA 43 62.20 -91.47 36.79
N TYR RA 44 60.93 -91.46 37.25
CA TYR RA 44 60.57 -91.90 38.58
C TYR RA 44 60.45 -93.40 38.70
N GLU RA 45 60.12 -94.11 37.58
CA GLU RA 45 59.85 -95.54 37.52
C GLU RA 45 58.42 -95.78 37.96
N VAL RA 46 57.46 -95.42 37.09
CA VAL RA 46 56.06 -95.67 37.30
C VAL RA 46 55.42 -95.49 35.96
N ASP RA 47 54.35 -96.25 35.64
CA ASP RA 47 53.65 -96.14 34.38
C ASP RA 47 52.49 -95.19 34.62
N VAL RA 48 52.14 -94.38 33.59
CA VAL RA 48 51.38 -93.16 33.77
C VAL RA 48 50.27 -93.13 32.73
N LEU RA 49 49.04 -92.71 33.15
CA LEU RA 49 47.88 -92.52 32.30
C LEU RA 49 47.74 -91.04 32.06
N LYS RA 50 46.49 -90.50 32.00
CA LYS RA 50 46.19 -89.09 31.80
C LYS RA 50 46.80 -88.25 32.90
N VAL RA 51 47.62 -87.25 32.52
CA VAL RA 51 48.19 -86.31 33.46
C VAL RA 51 47.68 -84.97 33.03
N ASN RA 52 47.12 -84.23 34.02
CA ASN RA 52 46.29 -83.09 33.76
C ASN RA 52 47.05 -81.85 34.16
N THR RA 53 46.45 -80.66 33.95
CA THR RA 53 47.14 -79.38 34.12
C THR RA 53 46.18 -78.39 34.75
N LEU RA 54 46.71 -77.39 35.48
CA LEU RA 54 45.94 -76.34 36.12
C LEU RA 54 46.92 -75.34 36.67
N VAL RA 55 46.78 -74.03 36.34
CA VAL RA 55 47.62 -72.96 36.85
C VAL RA 55 46.81 -72.24 37.91
N ARG RA 56 47.45 -71.89 39.06
CA ARG RA 56 46.84 -71.14 40.13
C ARG RA 56 47.16 -69.66 39.93
N PRO RA 57 46.60 -68.73 40.72
CA PRO RA 57 47.03 -67.32 40.74
C PRO RA 57 48.42 -67.10 41.31
N ASN RA 58 49.20 -68.17 41.54
CA ASN RA 58 50.58 -68.11 41.96
C ASN RA 58 51.47 -68.12 40.74
N GLY RA 59 50.92 -68.56 39.57
CA GLY RA 59 51.59 -68.52 38.30
C GLY RA 59 52.14 -69.87 37.93
N THR RA 60 52.28 -70.79 38.90
CA THR RA 60 52.92 -72.08 38.71
C THR RA 60 51.89 -73.12 38.29
N LYS RA 61 52.25 -73.94 37.27
CA LYS RA 61 51.37 -74.96 36.76
C LYS RA 61 51.59 -76.26 37.51
N LYS RA 62 50.47 -76.89 37.91
CA LYS RA 62 50.43 -78.12 38.66
C LYS RA 62 50.21 -79.24 37.68
N ALA RA 63 50.44 -80.49 38.11
CA ALA RA 63 50.20 -81.64 37.29
C ALA RA 63 49.66 -82.73 38.17
N TYR RA 64 48.75 -83.55 37.62
CA TYR RA 64 47.92 -84.46 38.39
C TYR RA 64 48.25 -85.84 37.88
N VAL RA 65 49.31 -86.45 38.47
CA VAL RA 65 49.97 -87.60 37.90
C VAL RA 65 49.29 -88.88 38.35
N ARG RA 66 48.45 -89.43 37.45
CA ARG RA 66 47.64 -90.61 37.67
C ARG RA 66 48.41 -91.82 37.23
N LEU RA 67 48.29 -92.91 38.03
CA LEU RA 67 49.13 -94.08 37.92
C LEU RA 67 48.34 -95.25 37.40
N THR RA 68 49.04 -96.38 37.11
CA THR RA 68 48.43 -97.61 36.64
C THR RA 68 48.26 -98.56 37.81
N ALA RA 69 47.58 -99.70 37.54
CA ALA RA 69 47.10 -100.64 38.55
C ALA RA 69 48.15 -101.59 39.07
N ASP RA 70 49.19 -101.93 38.26
CA ASP RA 70 50.19 -102.91 38.64
C ASP RA 70 51.21 -102.28 39.59
N TYR RA 71 51.42 -100.96 39.47
CA TYR RA 71 52.29 -100.18 40.34
C TYR RA 71 51.54 -99.84 41.61
N ASP RA 72 52.25 -99.21 42.58
CA ASP RA 72 51.72 -98.89 43.89
C ASP RA 72 51.22 -97.46 43.85
N ALA RA 73 51.12 -96.79 45.02
CA ALA RA 73 50.73 -95.40 45.12
C ALA RA 73 51.59 -94.77 46.17
N LEU RA 74 51.69 -95.41 47.36
CA LEU RA 74 52.39 -94.92 48.52
C LEU RA 74 53.88 -95.07 48.32
N ASP RA 75 54.33 -96.24 47.80
CA ASP RA 75 55.73 -96.51 47.50
C ASP RA 75 56.09 -95.99 46.12
N ILE RA 76 55.23 -95.14 45.50
CA ILE RA 76 55.52 -94.38 44.30
C ILE RA 76 55.82 -92.98 44.73
N ALA RA 77 54.97 -92.41 45.63
CA ALA RA 77 55.09 -91.07 46.16
C ALA RA 77 56.33 -90.92 47.02
N ASN RA 78 56.41 -91.68 48.14
CA ASN RA 78 57.51 -91.59 49.06
C ASN RA 78 58.61 -92.53 48.61
N ARG RA 79 59.58 -91.98 47.84
CA ARG RA 79 60.77 -92.67 47.40
C ARG RA 79 61.92 -91.73 47.59
N ILE RA 80 61.71 -90.42 47.35
CA ILE RA 80 62.68 -89.39 47.60
C ILE RA 80 62.74 -89.06 49.11
N SER SA 1 86.35 -33.12 43.83
CA SER SA 1 87.04 -31.80 43.97
C SER SA 1 86.95 -31.31 45.38
N SER SA 2 86.98 -29.97 45.56
CA SER SA 2 86.77 -29.33 46.84
C SER SA 2 85.28 -29.32 47.08
N ASP SA 3 84.83 -30.27 47.91
CA ASP SA 3 83.44 -30.62 48.03
C ASP SA 3 83.42 -31.58 49.19
N ARG SA 4 82.39 -31.51 50.06
CA ARG SA 4 82.28 -32.40 51.20
C ARG SA 4 81.67 -33.71 50.76
N ARG SA 5 80.43 -33.66 50.22
CA ARG SA 5 79.66 -34.83 49.86
C ARG SA 5 80.23 -35.56 48.66
N LYS SA 6 80.79 -34.83 47.68
CA LYS SA 6 81.25 -35.39 46.43
C LYS SA 6 82.65 -35.96 46.58
N ALA SA 7 83.34 -35.65 47.71
CA ALA SA 7 84.59 -36.28 48.10
C ALA SA 7 84.30 -37.58 48.81
N ARG SA 8 83.24 -37.58 49.65
CA ARG SA 8 82.73 -38.75 50.36
C ARG SA 8 82.12 -39.76 49.43
N LYS SA 9 81.71 -39.35 48.21
CA LYS SA 9 81.15 -40.16 47.15
C LYS SA 9 82.08 -41.30 46.78
N ALA SA 10 83.39 -40.96 46.61
CA ALA SA 10 84.44 -41.90 46.27
C ALA SA 10 84.74 -42.87 47.39
N TYR SA 11 84.61 -42.42 48.66
CA TYR SA 11 84.87 -43.22 49.84
C TYR SA 11 83.76 -44.23 50.06
N PHE SA 12 82.50 -43.83 49.76
CA PHE SA 12 81.29 -44.58 50.03
C PHE SA 12 81.19 -45.78 49.11
N THR SA 13 81.12 -45.54 47.78
CA THR SA 13 81.01 -46.58 46.78
C THR SA 13 82.40 -46.84 46.23
N ALA SA 14 83.37 -47.10 47.14
CA ALA SA 14 84.73 -47.43 46.80
C ALA SA 14 84.78 -48.88 46.34
N PRO SA 15 85.61 -49.27 45.37
CA PRO SA 15 85.71 -50.65 44.92
C PRO SA 15 86.43 -51.47 45.97
N SER SA 16 86.46 -52.82 45.82
CA SER SA 16 87.01 -53.72 46.81
C SER SA 16 88.52 -53.60 46.88
N SER SA 17 89.17 -53.15 45.79
CA SER SA 17 90.59 -52.84 45.72
C SER SA 17 90.96 -51.69 46.64
N GLN SA 18 90.14 -50.61 46.67
CA GLN SA 18 90.39 -49.44 47.46
C GLN SA 18 89.98 -49.68 48.90
N ARG SA 19 88.95 -50.53 49.14
CA ARG SA 19 88.47 -50.87 50.47
C ARG SA 19 89.47 -51.70 51.27
N ARG SA 20 90.53 -52.24 50.62
CA ARG SA 20 91.65 -52.86 51.31
C ARG SA 20 92.41 -51.82 52.09
N VAL SA 21 92.67 -50.65 51.45
CA VAL SA 21 93.47 -49.57 51.97
C VAL SA 21 92.69 -48.78 53.00
N LEU SA 22 91.40 -48.50 52.71
CA LEU SA 22 90.51 -47.68 53.53
C LEU SA 22 90.07 -48.37 54.80
N LEU SA 23 90.50 -49.64 55.03
CA LEU SA 23 90.54 -50.23 56.34
C LEU SA 23 91.88 -49.85 56.94
N SER SA 24 92.05 -48.56 57.30
CA SER SA 24 93.30 -47.97 57.69
C SER SA 24 93.32 -47.70 59.17
N ALA SA 25 94.55 -47.56 59.71
CA ALA SA 25 94.82 -47.02 61.01
C ALA SA 25 96.31 -46.78 61.00
N PRO SA 26 96.88 -45.91 61.80
CA PRO SA 26 98.32 -45.65 61.78
C PRO SA 26 99.10 -46.82 62.34
N LEU SA 27 100.44 -46.77 62.20
CA LEU SA 27 101.33 -47.70 62.84
C LEU SA 27 101.91 -47.04 64.05
N SER SA 28 102.37 -47.87 65.01
CA SER SA 28 103.00 -47.40 66.22
C SER SA 28 104.42 -46.98 65.94
N LYS SA 29 105.04 -46.26 66.89
CA LYS SA 29 106.30 -45.57 66.71
C LYS SA 29 107.47 -46.49 66.48
N GLU SA 30 107.49 -47.68 67.12
CA GLU SA 30 108.58 -48.62 66.97
C GLU SA 30 108.36 -49.56 65.80
N LEU SA 31 107.24 -49.39 65.05
CA LEU SA 31 107.01 -50.05 63.78
C LEU SA 31 107.55 -49.15 62.69
N ARG SA 32 107.35 -47.82 62.83
CA ARG SA 32 107.92 -46.81 61.95
C ARG SA 32 109.42 -46.79 62.03
N ALA SA 33 109.97 -46.85 63.27
CA ALA SA 33 111.41 -46.82 63.52
C ALA SA 33 112.08 -48.15 63.22
N GLN SA 34 111.28 -49.20 62.90
CA GLN SA 34 111.78 -50.48 62.46
C GLN SA 34 111.82 -50.50 60.96
N TYR SA 35 110.69 -50.14 60.31
CA TYR SA 35 110.54 -50.14 58.88
C TYR SA 35 110.71 -48.72 58.39
N GLY SA 36 109.59 -48.00 58.18
CA GLY SA 36 109.60 -46.65 57.68
C GLY SA 36 108.17 -46.21 57.50
N ILE SA 37 107.30 -47.18 57.14
CA ILE SA 37 105.93 -47.01 56.68
C ILE SA 37 105.06 -46.19 57.62
N LYS SA 38 104.17 -45.35 57.03
CA LYS SA 38 103.14 -44.60 57.68
C LYS SA 38 102.10 -45.51 58.30
N ALA SA 39 101.18 -46.04 57.47
CA ALA SA 39 100.08 -46.88 57.86
C ALA SA 39 100.11 -48.12 57.01
N LEU SA 40 99.45 -49.20 57.48
CA LEU SA 40 99.27 -50.42 56.73
C LEU SA 40 97.89 -50.92 57.12
N PRO SA 41 97.20 -51.71 56.31
CA PRO SA 41 95.78 -52.01 56.54
C PRO SA 41 95.58 -52.97 57.68
N ILE SA 42 94.34 -52.98 58.22
CA ILE SA 42 94.03 -53.51 59.53
C ILE SA 42 93.24 -54.78 59.35
N ARG SA 43 93.65 -55.84 60.09
CA ARG SA 43 93.16 -57.19 59.91
C ARG SA 43 92.84 -57.76 61.28
N ARG SA 44 92.29 -59.01 61.33
CA ARG SA 44 91.65 -59.57 62.51
C ARG SA 44 92.58 -59.82 63.67
N ASP SA 45 93.60 -60.71 63.53
CA ASP SA 45 94.42 -61.13 64.66
C ASP SA 45 95.59 -60.18 64.90
N ASP SA 46 95.39 -58.85 64.72
CA ASP SA 46 96.36 -57.85 65.10
C ASP SA 46 96.07 -57.41 66.52
N GLU SA 47 97.14 -57.13 67.30
CA GLU SA 47 97.04 -56.50 68.60
C GLU SA 47 96.86 -55.02 68.33
N VAL SA 48 95.90 -54.39 69.04
CA VAL SA 48 95.47 -53.04 68.77
C VAL SA 48 95.54 -52.26 70.06
N LEU SA 49 95.40 -50.93 69.97
CA LEU SA 49 95.46 -50.00 71.07
C LEU SA 49 94.64 -48.82 70.63
N VAL SA 50 94.07 -48.05 71.57
CA VAL SA 50 93.25 -46.88 71.28
C VAL SA 50 94.15 -45.68 71.43
N VAL SA 51 94.14 -44.77 70.42
CA VAL SA 51 94.91 -43.54 70.42
C VAL SA 51 94.13 -42.46 71.15
N ARG SA 52 93.38 -41.62 70.40
CA ARG SA 52 92.58 -40.55 70.91
C ARG SA 52 91.32 -41.17 71.46
N GLY SA 53 91.02 -40.90 72.76
CA GLY SA 53 89.82 -41.45 73.36
C GLY SA 53 89.98 -41.65 74.83
N SER SA 54 88.83 -41.90 75.49
CA SER SA 54 88.68 -42.13 76.91
C SER SA 54 89.16 -43.53 77.29
N LYS SA 55 89.25 -44.45 76.28
CA LYS SA 55 89.73 -45.79 76.43
C LYS SA 55 91.25 -45.81 76.33
N LYS SA 56 91.89 -44.85 77.04
CA LYS SA 56 93.15 -44.25 76.68
C LYS SA 56 94.35 -45.15 76.89
N GLY SA 57 94.95 -45.60 75.75
CA GLY SA 57 96.18 -46.35 75.73
C GLY SA 57 96.07 -47.73 76.30
N GLN SA 58 94.89 -48.37 76.16
CA GLN SA 58 94.64 -49.69 76.70
C GLN SA 58 95.01 -50.73 75.68
N GLU SA 59 95.28 -51.97 76.15
CA GLU SA 59 95.62 -53.09 75.30
C GLU SA 59 94.35 -53.70 74.76
N GLY SA 60 94.43 -54.28 73.55
CA GLY SA 60 93.28 -54.85 72.89
C GLY SA 60 93.76 -55.76 71.81
N LYS SA 61 92.81 -56.42 71.14
CA LYS SA 61 93.03 -57.04 69.86
C LYS SA 61 91.83 -56.65 69.05
N ILE SA 62 91.72 -57.15 67.80
CA ILE SA 62 90.56 -57.00 66.97
C ILE SA 62 89.96 -58.38 66.92
N SER SA 63 88.61 -58.46 66.83
CA SER SA 63 87.88 -59.70 66.74
C SER SA 63 87.56 -59.91 65.28
N SER SA 64 86.72 -59.01 64.71
CA SER SA 64 86.28 -59.09 63.34
C SER SA 64 86.76 -57.89 62.58
N VAL SA 65 86.94 -58.07 61.25
CA VAL SA 65 87.13 -56.99 60.31
C VAL SA 65 85.98 -57.16 59.36
N TYR SA 66 85.40 -56.04 58.88
CA TYR SA 66 84.23 -56.06 58.04
C TYR SA 66 84.56 -55.22 56.83
N ARG SA 67 83.92 -55.54 55.68
CA ARG SA 67 84.32 -55.04 54.38
C ARG SA 67 83.64 -53.72 54.07
N LEU SA 68 82.29 -53.70 54.04
CA LEU SA 68 81.53 -52.54 53.65
C LEU SA 68 81.34 -51.58 54.80
N LYS SA 69 81.16 -52.12 56.03
CA LYS SA 69 80.95 -51.37 57.25
C LYS SA 69 82.14 -50.53 57.63
N PHE SA 70 83.38 -51.06 57.39
CA PHE SA 70 84.66 -50.47 57.75
C PHE SA 70 85.00 -50.66 59.21
N ALA SA 71 84.00 -50.54 60.11
CA ALA SA 71 84.17 -50.67 61.53
C ALA SA 71 84.55 -52.08 61.92
N VAL SA 72 85.36 -52.20 62.99
CA VAL SA 72 85.93 -53.44 63.46
C VAL SA 72 85.46 -53.63 64.87
N GLN SA 73 85.30 -54.91 65.30
CA GLN SA 73 85.07 -55.20 66.70
C GLN SA 73 86.40 -55.27 67.38
N VAL SA 74 86.48 -54.72 68.61
CA VAL SA 74 87.70 -54.63 69.37
C VAL SA 74 87.51 -55.50 70.58
N ASP SA 75 88.45 -56.46 70.77
CA ASP SA 75 88.55 -57.33 71.92
C ASP SA 75 89.19 -56.52 73.04
N LYS SA 76 88.72 -56.78 74.28
CA LYS SA 76 89.15 -56.19 75.53
C LYS SA 76 88.40 -54.90 75.81
N VAL SA 77 87.84 -54.26 74.77
CA VAL SA 77 86.79 -53.26 74.90
C VAL SA 77 85.53 -54.09 74.85
N THR SA 78 85.08 -54.54 76.04
CA THR SA 78 84.10 -55.58 76.19
C THR SA 78 83.11 -55.07 77.20
N LYS SA 79 81.83 -54.96 76.79
CA LYS SA 79 80.73 -54.76 77.69
C LYS SA 79 79.89 -56.02 77.60
N GLU SA 80 78.72 -56.06 78.29
CA GLU SA 80 77.89 -57.23 78.37
C GLU SA 80 76.75 -57.07 77.37
N LYS SA 81 75.52 -57.46 77.79
CA LYS SA 81 74.28 -57.30 77.06
C LYS SA 81 73.26 -57.26 78.16
N VAL SA 82 71.96 -57.01 77.81
CA VAL SA 82 70.84 -57.12 78.71
C VAL SA 82 70.64 -58.57 79.12
N ASN SA 83 70.84 -59.51 78.17
CA ASN SA 83 70.79 -60.94 78.41
C ASN SA 83 72.03 -61.45 79.11
N GLY SA 84 73.13 -60.67 79.07
CA GLY SA 84 74.37 -60.99 79.73
C GLY SA 84 75.22 -61.87 78.88
N ALA SA 85 75.91 -61.28 77.88
CA ALA SA 85 76.86 -61.99 77.06
C ALA SA 85 78.00 -61.04 76.84
N SER SA 86 79.24 -61.50 77.12
CA SER SA 86 80.44 -60.67 77.03
C SER SA 86 80.92 -60.65 75.61
N VAL SA 87 80.53 -59.59 74.85
CA VAL SA 87 80.79 -59.50 73.44
C VAL SA 87 81.94 -58.54 73.19
N PRO SA 88 82.79 -58.71 72.16
CA PRO SA 88 83.63 -57.65 71.65
C PRO SA 88 82.74 -56.61 70.99
N ILE SA 89 83.15 -55.34 70.96
CA ILE SA 89 82.24 -54.26 70.68
C ILE SA 89 82.89 -53.34 69.68
N ASN SA 90 82.08 -52.60 68.88
CA ASN SA 90 82.54 -51.94 67.68
C ASN SA 90 83.30 -50.67 67.97
N LEU SA 91 84.17 -50.29 67.02
CA LEU SA 91 84.90 -49.04 66.99
C LEU SA 91 85.25 -48.84 65.54
N HIS SA 92 85.38 -47.57 65.09
CA HIS SA 92 85.84 -47.26 63.76
C HIS SA 92 87.36 -47.29 63.81
N PRO SA 93 88.12 -47.77 62.81
CA PRO SA 93 89.54 -48.08 63.00
C PRO SA 93 90.43 -46.86 62.99
N SER SA 94 89.91 -45.64 62.74
CA SER SA 94 90.67 -44.40 62.82
C SER SA 94 91.02 -44.09 64.26
N LYS SA 95 90.14 -44.52 65.20
CA LYS SA 95 90.28 -44.35 66.63
C LYS SA 95 91.29 -45.33 67.21
N LEU SA 96 91.93 -46.17 66.36
CA LEU SA 96 92.81 -47.24 66.77
C LEU SA 96 94.21 -47.04 66.21
N VAL SA 97 95.15 -47.91 66.62
CA VAL SA 97 96.51 -47.99 66.12
C VAL SA 97 96.92 -49.43 66.31
N ILE SA 98 97.58 -50.08 65.32
CA ILE SA 98 98.02 -51.45 65.45
C ILE SA 98 99.45 -51.50 65.92
N THR SA 99 99.75 -52.54 66.74
CA THR SA 99 101.05 -52.77 67.34
C THR SA 99 101.69 -53.98 66.70
N LYS SA 100 100.87 -54.88 66.11
CA LYS SA 100 101.35 -56.06 65.42
C LYS SA 100 101.42 -55.77 63.94
N LEU SA 101 102.50 -56.26 63.29
CA LEU SA 101 102.56 -56.49 61.87
C LEU SA 101 103.18 -57.85 61.77
N HIS SA 102 102.66 -58.73 60.88
CA HIS SA 102 103.18 -60.07 60.75
C HIS SA 102 104.21 -60.11 59.64
N LEU SA 103 104.91 -61.26 59.51
CA LEU SA 103 106.01 -61.44 58.59
C LEU SA 103 105.54 -62.34 57.48
N ASP SA 104 105.10 -63.56 57.85
CA ASP SA 104 104.38 -64.48 56.99
C ASP SA 104 105.21 -65.04 55.86
N LYS SA 105 104.56 -65.34 54.71
CA LYS SA 105 105.19 -65.77 53.48
C LYS SA 105 105.89 -64.59 52.88
N ASP SA 106 105.17 -63.72 52.15
CA ASP SA 106 105.79 -62.67 51.39
C ASP SA 106 105.00 -61.39 51.52
N ARG SA 107 104.52 -61.11 52.76
CA ARG SA 107 104.28 -59.75 53.24
C ARG SA 107 105.63 -59.17 53.62
N LYS SA 108 106.55 -60.10 53.94
CA LYS SA 108 107.98 -59.99 54.04
C LYS SA 108 108.61 -59.36 52.81
N ALA SA 109 108.09 -59.72 51.61
CA ALA SA 109 108.56 -59.21 50.34
C ALA SA 109 107.70 -58.08 49.83
N LEU SA 110 106.53 -57.81 50.46
CA LEU SA 110 105.66 -56.71 50.10
C LEU SA 110 106.28 -55.43 50.61
N ILE SA 111 106.59 -55.40 51.93
CA ILE SA 111 107.13 -54.26 52.63
C ILE SA 111 108.56 -53.97 52.24
N GLN SA 112 109.24 -54.95 51.59
CA GLN SA 112 110.57 -54.79 51.05
C GLN SA 112 110.51 -55.40 49.68
N ARG SA 113 109.93 -54.66 48.71
CA ARG SA 113 109.74 -55.11 47.35
C ARG SA 113 110.81 -54.48 46.47
N LYS SA 114 110.51 -53.31 45.84
CA LYS SA 114 111.42 -52.65 44.92
C LYS SA 114 111.79 -51.27 45.41
N GLY SA 115 110.84 -50.53 46.06
CA GLY SA 115 111.11 -49.21 46.59
C GLY SA 115 111.85 -49.33 47.89
N GLY SA 116 111.32 -50.14 48.82
CA GLY SA 116 111.95 -50.43 50.09
C GLY SA 116 112.99 -51.56 49.92
N THR TA 1 69.02 1.15 38.26
CA THR TA 1 69.73 0.43 39.37
C THR TA 1 69.73 1.17 40.69
N LYS TA 2 68.86 2.21 40.84
CA LYS TA 2 68.67 2.92 42.08
C LYS TA 2 67.65 2.15 42.87
N THR TA 3 68.05 1.03 43.52
CA THR TA 3 67.17 0.07 44.17
C THR TA 3 66.34 0.70 45.27
N ARG TA 4 66.96 1.67 46.00
CA ARG TA 4 66.34 2.42 47.06
C ARG TA 4 65.17 3.26 46.59
N LYS TA 5 65.34 4.03 45.49
CA LYS TA 5 64.34 4.93 44.97
C LYS TA 5 63.30 4.17 44.18
N HIS TA 6 63.72 3.10 43.48
CA HIS TA 6 62.89 2.40 42.52
C HIS TA 6 61.92 1.46 43.19
N ARG TA 7 62.41 0.56 44.08
CA ARG TA 7 61.55 -0.43 44.72
C ARG TA 7 60.66 0.18 45.77
N GLY TA 8 61.09 1.28 46.42
CA GLY TA 8 60.29 1.93 47.46
C GLY TA 8 59.56 3.13 46.90
N HIS TA 9 58.88 2.96 45.75
CA HIS TA 9 58.07 3.98 45.12
C HIS TA 9 57.26 3.27 44.05
N VAL TA 10 57.92 2.37 43.29
CA VAL TA 10 57.45 1.63 42.14
C VAL TA 10 56.95 2.47 40.99
N SER TA 11 57.37 3.76 40.96
CA SER TA 11 57.05 4.70 39.91
C SER TA 11 58.11 4.67 38.83
N ALA TA 12 59.30 4.10 39.13
CA ALA TA 12 60.40 4.05 38.18
C ALA TA 12 60.18 2.92 37.21
N GLY TA 13 59.90 3.27 35.94
CA GLY TA 13 59.62 2.33 34.88
C GLY TA 13 58.16 2.33 34.54
N LYS TA 14 57.35 3.14 35.24
CA LYS TA 14 55.91 3.14 35.12
C LYS TA 14 55.43 4.56 34.94
N GLY TA 15 55.53 5.38 36.01
CA GLY TA 15 55.01 6.73 36.07
C GLY TA 15 53.91 6.68 37.09
N ARG TA 16 52.70 7.13 36.70
CA ARG TA 16 51.51 7.04 37.53
C ARG TA 16 50.90 5.67 37.29
N ILE TA 17 49.96 5.24 38.17
CA ILE TA 17 49.52 3.86 38.38
C ILE TA 17 49.13 3.13 37.10
N GLY TA 18 48.10 3.60 36.37
CA GLY TA 18 47.52 2.87 35.26
C GLY TA 18 48.21 3.06 33.94
N LYS TA 19 49.46 3.57 33.91
CA LYS TA 19 50.19 3.75 32.67
C LYS TA 19 50.73 2.43 32.17
N HIS TA 20 50.08 1.88 31.11
CA HIS TA 20 50.48 0.66 30.43
C HIS TA 20 50.95 1.05 29.05
N ARG TA 21 50.47 0.40 27.96
CA ARG TA 21 51.01 0.63 26.63
C ARG TA 21 50.46 1.87 25.96
N LYS TA 22 49.58 2.65 26.64
CA LYS TA 22 49.19 3.96 26.18
C LYS TA 22 50.35 4.94 26.24
N HIS TA 23 51.19 4.86 27.30
CA HIS TA 23 52.26 5.79 27.55
C HIS TA 23 53.40 5.72 26.55
N PRO TA 24 54.09 4.61 26.22
CA PRO TA 24 55.09 4.61 25.16
C PRO TA 24 54.43 4.58 23.80
N GLY TA 25 53.10 4.33 23.74
CA GLY TA 25 52.34 4.29 22.52
C GLY TA 25 52.63 3.05 21.71
N GLY TA 26 52.46 1.88 22.35
CA GLY TA 26 52.71 0.58 21.74
C GLY TA 26 54.16 0.23 21.87
N GLY TA 27 54.96 0.64 20.87
CA GLY TA 27 56.38 0.38 20.83
C GLY TA 27 56.92 1.19 19.72
N MET TA 28 56.48 0.87 18.48
CA MET TA 28 56.84 1.61 17.28
C MET TA 28 55.63 2.36 16.81
N ALA TA 29 55.72 2.96 15.61
CA ALA TA 29 54.63 3.65 14.97
C ALA TA 29 54.93 3.63 13.50
N GLY TA 30 53.90 3.87 12.67
CA GLY TA 30 53.98 3.74 11.22
C GLY TA 30 54.24 5.06 10.58
N GLY TA 31 53.67 5.23 9.37
CA GLY TA 31 53.88 6.39 8.53
C GLY TA 31 52.72 7.34 8.65
N GLU TA 32 51.48 6.83 8.45
CA GLU TA 32 50.27 7.64 8.41
C GLU TA 32 49.50 7.49 9.70
N HIS TA 33 48.15 7.52 9.65
CA HIS TA 33 47.33 7.76 10.81
C HIS TA 33 47.01 6.50 11.59
N HIS TA 34 46.91 6.63 12.93
CA HIS TA 34 46.48 5.55 13.79
C HIS TA 34 46.13 6.17 15.13
N HIS TA 35 45.37 5.43 15.97
CA HIS TA 35 44.84 5.88 17.24
C HIS TA 35 45.86 5.74 18.34
N ARG TA 36 45.60 6.41 19.49
CA ARG TA 36 46.34 6.53 20.74
C ARG TA 36 47.75 5.95 20.88
N ILE TA 37 48.67 6.35 19.96
CA ILE TA 37 50.07 5.98 20.01
C ILE TA 37 50.89 7.24 19.96
N ASN TA 38 52.23 7.09 20.03
CA ASN TA 38 53.19 8.17 19.96
C ASN TA 38 53.50 8.41 18.50
N MET TA 39 52.56 9.06 17.80
CA MET TA 39 52.66 9.41 16.40
C MET TA 39 52.24 10.85 16.36
N ASP TA 40 50.92 11.11 16.35
CA ASP TA 40 50.31 12.41 16.51
C ASP TA 40 50.81 13.44 15.51
N LYS TA 41 51.08 14.69 15.94
CA LYS TA 41 51.58 15.75 15.09
C LYS TA 41 53.08 15.85 15.31
N TYR TA 42 53.80 14.75 14.97
CA TYR TA 42 55.23 14.65 15.03
C TYR TA 42 55.89 15.30 13.83
N HIS TA 43 57.16 15.72 13.99
CA HIS TA 43 57.98 16.25 12.93
C HIS TA 43 58.91 15.20 12.33
N PRO TA 44 59.47 14.17 13.01
CA PRO TA 44 60.19 13.10 12.35
C PRO TA 44 59.28 12.18 11.57
N GLY TA 45 59.86 11.13 10.95
CA GLY TA 45 59.11 10.11 10.23
C GLY TA 45 59.35 10.28 8.77
N TYR TA 46 58.95 11.47 8.24
CA TYR TA 46 58.83 11.75 6.81
C TYR TA 46 60.14 11.66 6.07
N PHE TA 47 60.05 11.28 4.77
CA PHE TA 47 61.13 11.03 3.83
C PHE TA 47 61.51 9.57 3.90
N GLY TA 48 62.07 9.12 5.04
CA GLY TA 48 62.31 7.72 5.32
C GLY TA 48 63.68 7.27 4.93
N LYS TA 49 64.09 7.52 3.66
CA LYS TA 49 65.23 6.91 3.03
C LYS TA 49 66.55 7.32 3.65
N VAL TA 50 67.33 6.30 4.08
CA VAL TA 50 68.59 6.46 4.77
C VAL TA 50 69.68 6.17 3.77
N GLY TA 51 70.77 6.97 3.79
CA GLY TA 51 71.93 6.75 2.96
C GLY TA 51 71.90 7.65 1.76
N MET TA 52 73.09 8.03 1.25
CA MET TA 52 73.23 8.83 0.05
C MET TA 52 73.59 7.87 -1.06
N ARG TA 53 72.55 7.19 -1.59
CA ARG TA 53 72.67 6.04 -2.44
C ARG TA 53 72.63 6.46 -3.87
N TYR TA 54 73.65 6.05 -4.67
CA TYR TA 54 73.73 6.34 -6.08
C TYR TA 54 74.72 5.33 -6.61
N PHE TA 55 74.70 5.07 -7.94
CA PHE TA 55 75.50 4.05 -8.57
C PHE TA 55 76.94 4.46 -8.74
N HIS TA 56 77.25 5.76 -8.57
CA HIS TA 56 78.59 6.28 -8.57
C HIS TA 56 79.25 6.06 -7.22
N LYS TA 57 78.47 6.14 -6.12
CA LYS TA 57 78.99 6.09 -4.76
C LYS TA 57 78.76 4.71 -4.19
N GLN TA 58 79.60 3.73 -4.62
CA GLN TA 58 79.53 2.37 -4.13
C GLN TA 58 80.90 1.75 -4.34
N GLN TA 59 80.97 0.56 -4.98
CA GLN TA 59 82.19 -0.20 -5.21
C GLN TA 59 83.09 0.51 -6.19
N ALA TA 60 84.43 0.37 -5.99
CA ALA TA 60 85.49 0.91 -6.81
C ALA TA 60 85.64 2.41 -6.71
N HIS TA 61 84.94 3.06 -5.74
CA HIS TA 61 85.02 4.48 -5.52
C HIS TA 61 86.23 4.73 -4.65
N PHE TA 62 87.29 5.32 -5.25
CA PHE TA 62 88.58 5.47 -4.59
C PHE TA 62 88.55 6.64 -3.63
N TRP TA 63 89.17 6.47 -2.45
CA TRP TA 63 89.14 7.42 -1.38
C TRP TA 63 90.28 8.41 -1.51
N LYS TA 64 90.10 9.59 -0.89
CA LYS TA 64 91.01 10.71 -0.93
C LYS TA 64 91.83 10.73 0.35
N PRO TA 65 93.06 11.25 0.37
CA PRO TA 65 93.82 11.39 1.60
C PRO TA 65 93.41 12.63 2.35
N VAL TA 66 93.70 12.67 3.67
CA VAL TA 66 93.50 13.84 4.51
C VAL TA 66 94.77 14.65 4.45
N LEU TA 67 94.75 15.74 3.64
CA LEU TA 67 95.99 16.32 3.19
C LEU TA 67 95.79 17.77 2.80
N ASN TA 68 95.91 18.71 3.78
CA ASN TA 68 95.88 20.14 3.52
C ASN TA 68 97.29 20.56 3.15
N LEU TA 69 97.43 21.77 2.55
CA LEU TA 69 98.71 22.29 2.14
C LEU TA 69 99.50 22.83 3.31
N ASP TA 70 98.83 23.44 4.32
CA ASP TA 70 99.51 24.02 5.46
C ASP TA 70 99.64 23.01 6.59
N LYS TA 71 98.71 22.03 6.68
CA LYS TA 71 98.70 20.97 7.66
C LYS TA 71 99.84 20.01 7.38
N LEU TA 72 100.19 19.83 6.09
CA LEU TA 72 101.39 19.17 5.62
C LEU TA 72 102.61 20.01 5.94
N TRP TA 73 102.53 21.33 5.68
CA TRP TA 73 103.63 22.27 5.76
C TRP TA 73 104.20 22.44 7.14
N THR TA 74 103.38 22.32 8.22
CA THR TA 74 103.78 22.69 9.58
C THR TA 74 104.95 21.89 10.12
N LEU TA 75 105.11 20.63 9.64
CA LEU TA 75 106.19 19.73 10.05
C LEU TA 75 107.48 20.02 9.29
N ILE TA 76 107.39 20.57 8.05
CA ILE TA 76 108.51 20.86 7.17
C ILE TA 76 109.54 21.86 7.71
N PRO TA 77 109.29 23.03 8.31
CA PRO TA 77 110.35 23.92 8.75
C PRO TA 77 111.04 23.40 10.00
N GLU TA 78 110.64 22.23 10.53
CA GLU TA 78 111.34 21.53 11.58
C GLU TA 78 112.17 20.44 10.93
N ASP TA 79 111.51 19.40 10.38
CA ASP TA 79 112.14 18.20 9.85
C ASP TA 79 112.75 18.42 8.49
N LYS TA 80 113.97 17.87 8.29
CA LYS TA 80 114.70 17.91 7.04
C LYS TA 80 114.76 16.48 6.56
N ARG TA 81 113.57 15.88 6.36
CA ARG TA 81 113.38 14.61 5.71
C ARG TA 81 113.32 14.88 4.23
N ASP TA 82 112.52 15.91 3.86
CA ASP TA 82 112.22 16.29 2.51
C ASP TA 82 113.36 17.08 1.89
N GLN TA 83 113.19 17.41 0.59
CA GLN TA 83 114.17 18.06 -0.25
C GLN TA 83 113.89 19.56 -0.19
N TYR TA 84 114.85 20.39 -0.65
CA TYR TA 84 114.66 21.81 -0.74
C TYR TA 84 115.14 22.23 -2.10
N LEU TA 85 114.19 22.67 -2.97
CA LEU TA 85 114.47 23.37 -4.21
C LEU TA 85 114.25 24.81 -3.87
N LYS TA 86 112.96 25.17 -3.65
CA LYS TA 86 112.56 26.34 -2.89
C LYS TA 86 112.49 25.76 -1.49
N SER TA 87 111.31 25.18 -1.16
CA SER TA 87 111.22 23.96 -0.39
C SER TA 87 110.68 22.98 -1.40
N ALA TA 88 110.72 21.66 -1.12
CA ALA TA 88 110.24 20.68 -2.06
C ALA TA 88 109.85 19.44 -1.30
N SER TA 89 108.57 19.37 -0.89
CA SER TA 89 108.04 18.26 -0.14
C SER TA 89 107.52 17.21 -1.08
N LYS TA 90 107.22 16.02 -0.55
CA LYS TA 90 106.49 14.98 -1.24
C LYS TA 90 105.14 14.97 -0.58
N GLU TA 91 104.15 14.40 -1.27
CA GLU TA 91 102.83 14.02 -0.82
C GLU TA 91 102.94 13.06 0.35
N THR TA 92 103.37 11.80 0.11
CA THR TA 92 103.37 10.71 1.06
C THR TA 92 104.65 10.65 1.88
N ALA TA 93 105.32 11.79 2.13
CA ALA TA 93 106.50 11.82 2.98
C ALA TA 93 106.15 12.37 4.35
N PRO TA 94 105.50 13.52 4.57
CA PRO TA 94 105.09 13.94 5.90
C PRO TA 94 103.78 13.31 6.29
N VAL TA 95 103.10 12.65 5.34
CA VAL TA 95 101.71 12.29 5.43
C VAL TA 95 101.64 10.79 5.23
N ILE TA 96 100.60 10.14 5.82
CA ILE TA 96 100.34 8.72 5.73
C ILE TA 96 99.37 8.60 4.56
N ASP TA 97 98.20 7.92 4.74
CA ASP TA 97 96.99 8.01 3.94
C ASP TA 97 97.12 7.43 2.55
N THR TA 98 97.74 8.21 1.64
CA THR TA 98 97.97 7.98 0.23
C THR TA 98 99.19 7.07 0.07
N LEU TA 99 99.12 5.88 0.73
CA LEU TA 99 100.00 4.75 0.54
C LEU TA 99 99.21 3.79 -0.31
N ALA TA 100 98.11 3.25 0.27
CA ALA TA 100 97.28 2.22 -0.30
C ALA TA 100 96.30 2.81 -1.28
N ALA TA 101 95.59 3.89 -0.87
CA ALA TA 101 94.50 4.50 -1.60
C ALA TA 101 94.84 4.88 -3.02
N GLY TA 102 93.82 4.85 -3.92
CA GLY TA 102 93.95 4.87 -5.36
C GLY TA 102 94.66 6.09 -5.88
N TYR TA 103 94.02 7.27 -5.72
CA TYR TA 103 94.60 8.53 -6.14
C TYR TA 103 95.15 9.26 -4.94
N GLY TA 104 95.73 10.44 -5.17
CA GLY TA 104 96.25 11.25 -4.09
C GLY TA 104 96.36 12.64 -4.60
N LYS TA 105 95.46 13.53 -4.13
CA LYS TA 105 95.45 14.93 -4.47
C LYS TA 105 96.19 15.69 -3.38
N ILE TA 106 95.99 17.02 -3.33
CA ILE TA 106 96.40 17.87 -2.26
C ILE TA 106 95.31 18.89 -2.25
N LEU TA 107 94.69 19.11 -1.08
CA LEU TA 107 93.33 19.58 -1.01
C LEU TA 107 93.24 20.97 -0.42
N GLY TA 108 92.63 21.09 0.78
CA GLY TA 108 91.67 22.12 1.10
C GLY TA 108 92.06 23.53 1.36
N LYS TA 109 91.19 24.17 2.19
CA LYS TA 109 90.98 25.60 2.33
C LYS TA 109 92.09 26.30 3.09
N GLY TA 110 91.75 27.43 3.76
CA GLY TA 110 92.68 28.26 4.48
C GLY TA 110 93.26 29.29 3.55
N ARG TA 111 93.22 30.58 3.96
CA ARG TA 111 93.81 31.67 3.19
C ARG TA 111 95.31 31.56 3.33
N ILE TA 112 96.00 31.21 2.22
CA ILE TA 112 97.28 30.56 2.30
C ILE TA 112 98.40 31.53 2.69
N PRO TA 113 99.32 31.20 3.60
CA PRO TA 113 100.52 31.99 3.83
C PRO TA 113 101.46 31.91 2.66
N ASN TA 114 102.50 32.77 2.61
CA ASN TA 114 103.43 32.80 1.50
C ASN TA 114 104.45 31.70 1.66
N VAL TA 115 104.13 30.49 1.13
CA VAL TA 115 104.95 29.30 1.21
C VAL TA 115 105.26 28.87 -0.21
N PRO TA 116 106.43 29.15 -0.78
CA PRO TA 116 106.77 28.70 -2.13
C PRO TA 116 107.18 27.25 -2.24
N VAL TA 117 106.48 26.26 -1.62
CA VAL TA 117 106.84 24.86 -1.69
C VAL TA 117 106.45 24.30 -3.05
N ILE TA 118 107.00 23.12 -3.44
CA ILE TA 118 106.55 22.39 -4.59
C ILE TA 118 106.25 21.00 -4.07
N VAL TA 119 105.01 20.52 -4.27
CA VAL TA 119 104.55 19.25 -3.77
C VAL TA 119 104.74 18.25 -4.88
N LYS TA 120 104.98 16.96 -4.54
CA LYS TA 120 105.15 15.90 -5.49
C LYS TA 120 104.10 14.87 -5.21
N ALA TA 121 102.92 15.02 -5.85
CA ALA TA 121 101.75 14.18 -5.63
C ALA TA 121 101.41 13.46 -6.91
N ARG TA 122 100.31 12.67 -6.89
CA ARG TA 122 99.76 12.03 -8.06
C ARG TA 122 99.00 13.09 -8.84
N PHE TA 123 97.82 13.48 -8.33
CA PHE TA 123 96.97 14.49 -8.94
C PHE TA 123 97.09 15.74 -8.10
N VAL TA 124 96.09 16.64 -8.22
CA VAL TA 124 96.03 17.88 -7.47
C VAL TA 124 94.56 18.20 -7.45
N SER TA 125 94.08 18.94 -6.43
CA SER TA 125 92.73 19.46 -6.42
C SER TA 125 92.78 20.85 -7.00
N LYS TA 126 91.61 21.49 -7.20
CA LYS TA 126 91.51 22.82 -7.75
C LYS TA 126 91.92 23.81 -6.67
N LEU TA 127 91.44 23.53 -5.43
CA LEU TA 127 91.74 24.15 -4.14
C LEU TA 127 93.21 24.54 -4.01
N ALA TA 128 94.09 23.52 -3.93
CA ALA TA 128 95.49 23.67 -3.62
C ALA TA 128 96.28 24.29 -4.74
N GLU TA 129 95.91 24.01 -6.02
CA GLU TA 129 96.70 24.41 -7.16
C GLU TA 129 96.70 25.91 -7.32
N GLU TA 130 95.54 26.59 -7.17
CA GLU TA 130 95.45 28.04 -7.24
C GLU TA 130 96.21 28.71 -6.12
N LYS TA 131 95.96 28.28 -4.86
CA LYS TA 131 96.58 28.82 -3.66
C LYS TA 131 98.10 28.76 -3.70
N ILE TA 132 98.65 27.57 -4.02
CA ILE TA 132 100.07 27.30 -3.95
C ILE TA 132 100.79 27.92 -5.14
N ARG TA 133 100.09 28.12 -6.27
CA ARG TA 133 100.62 28.74 -7.47
C ARG TA 133 100.79 30.22 -7.26
N ALA TA 134 99.85 30.87 -6.55
CA ALA TA 134 99.92 32.25 -6.14
C ALA TA 134 101.07 32.49 -5.18
N ALA TA 135 101.28 31.55 -4.23
CA ALA TA 135 102.36 31.59 -3.26
C ALA TA 135 103.72 31.45 -3.92
N GLY TA 136 103.88 30.48 -4.85
CA GLY TA 136 105.04 30.39 -5.70
C GLY TA 136 105.43 28.96 -5.87
N GLY TA 137 104.52 28.14 -6.44
CA GLY TA 137 104.74 26.72 -6.59
C GLY TA 137 103.89 26.23 -7.72
N VAL TA 138 103.63 24.90 -7.72
CA VAL TA 138 102.88 24.20 -8.73
C VAL TA 138 102.87 22.78 -8.20
N VAL TA 139 102.08 21.87 -8.81
CA VAL TA 139 102.17 20.44 -8.57
C VAL TA 139 103.25 19.87 -9.46
N GLU TA 140 104.03 18.90 -8.91
CA GLU TA 140 105.02 18.13 -9.62
C GLU TA 140 104.53 16.71 -9.47
N LEU TA 141 104.96 15.79 -10.35
CA LEU TA 141 104.60 14.38 -10.28
C LEU TA 141 105.44 13.73 -9.20
N ILE TA 142 105.14 12.46 -8.81
CA ILE TA 142 105.79 11.77 -7.72
C ILE TA 142 107.30 11.49 -7.98
N THR UA 1 6.15 -64.41 97.52
CA THR UA 1 5.35 -64.24 96.27
C THR UA 1 4.14 -63.40 96.56
N ARG UA 2 3.78 -62.51 95.61
CA ARG UA 2 2.41 -62.05 95.51
C ARG UA 2 1.95 -62.61 94.21
N GLU UA 3 0.62 -62.69 94.05
CA GLU UA 3 -0.02 -62.97 92.80
C GLU UA 3 -0.55 -61.61 92.43
N TYR UA 4 -0.08 -61.09 91.28
CA TYR UA 4 -0.23 -59.71 90.89
C TYR UA 4 -1.19 -59.63 89.73
N THR UA 5 -1.65 -58.39 89.46
CA THR UA 5 -2.33 -58.00 88.26
C THR UA 5 -1.29 -57.22 87.50
N ILE UA 6 -1.31 -57.30 86.15
CA ILE UA 6 -0.62 -56.36 85.30
C ILE UA 6 -1.72 -55.90 84.38
N ASN UA 7 -2.22 -54.66 84.58
CA ASN UA 7 -3.18 -54.07 83.67
C ASN UA 7 -2.38 -53.31 82.65
N LEU UA 8 -2.56 -53.68 81.36
CA LEU UA 8 -1.84 -53.08 80.26
C LEU UA 8 -2.80 -52.18 79.53
N HIS UA 9 -3.17 -51.05 80.17
CA HIS UA 9 -4.04 -50.06 79.60
C HIS UA 9 -3.16 -48.95 79.10
N LYS UA 10 -2.59 -48.16 80.05
CA LYS UA 10 -1.80 -46.99 79.76
C LYS UA 10 -0.41 -47.41 79.34
N ARG UA 11 0.18 -46.59 78.42
CA ARG UA 11 1.39 -46.85 77.65
C ARG UA 11 1.11 -47.72 76.43
N LEU UA 12 -0.12 -48.28 76.33
CA LEU UA 12 -0.56 -49.05 75.19
C LEU UA 12 -1.60 -48.26 74.44
N HIS UA 13 -2.22 -47.23 75.07
CA HIS UA 13 -3.20 -46.37 74.43
C HIS UA 13 -2.54 -45.60 73.31
N GLY UA 14 -1.59 -44.71 73.67
CA GLY UA 14 -0.80 -43.95 72.72
C GLY UA 14 0.51 -44.65 72.49
N VAL UA 15 0.48 -45.65 71.60
CA VAL UA 15 1.65 -46.21 70.96
C VAL UA 15 1.06 -46.89 69.75
N SER UA 16 1.87 -47.02 68.66
CA SER UA 16 1.46 -47.61 67.38
C SER UA 16 0.93 -49.01 67.56
N PHE UA 17 -0.02 -49.39 66.68
CA PHE UA 17 -0.89 -50.53 66.81
C PHE UA 17 -0.15 -51.78 66.46
N LYS UA 18 0.51 -51.78 65.27
CA LYS UA 18 1.24 -52.92 64.76
C LYS UA 18 2.54 -53.14 65.50
N LYS UA 19 3.05 -52.15 66.26
CA LYS UA 19 4.23 -52.31 67.10
C LYS UA 19 3.92 -51.87 68.52
N ARG UA 20 2.76 -52.35 69.05
CA ARG UA 20 2.23 -52.02 70.36
C ARG UA 20 2.85 -52.87 71.44
N ALA UA 21 2.74 -54.21 71.30
CA ALA UA 21 3.18 -55.18 72.28
C ALA UA 21 4.68 -55.15 72.60
N PRO UA 22 5.64 -54.82 71.74
CA PRO UA 22 7.03 -54.67 72.17
C PRO UA 22 7.28 -53.53 73.13
N ARG UA 23 6.36 -52.55 73.27
CA ARG UA 23 6.42 -51.48 74.23
C ARG UA 23 5.79 -51.96 75.53
N ALA UA 24 4.80 -52.87 75.42
CA ALA UA 24 4.05 -53.43 76.53
C ALA UA 24 4.86 -54.35 77.41
N VAL UA 25 5.85 -55.09 76.83
CA VAL UA 25 6.73 -55.98 77.59
C VAL UA 25 7.73 -55.15 78.39
N LYS UA 26 8.05 -53.92 77.91
CA LYS UA 26 8.91 -52.99 78.61
C LYS UA 26 8.23 -52.44 79.86
N GLU UA 27 6.87 -52.46 79.93
CA GLU UA 27 6.12 -52.12 81.12
C GLU UA 27 6.17 -53.25 82.14
N ILE UA 28 6.26 -54.53 81.69
CA ILE UA 28 6.43 -55.67 82.57
C ILE UA 28 7.78 -55.57 83.28
N LYS UA 29 8.79 -54.93 82.65
CA LYS UA 29 10.05 -54.61 83.27
C LYS UA 29 9.92 -53.51 84.33
N LYS UA 30 9.17 -52.41 84.04
CA LYS UA 30 8.99 -51.26 84.93
C LYS UA 30 8.35 -51.65 86.25
N PHE UA 31 7.25 -52.43 86.18
CA PHE UA 31 6.44 -52.88 87.29
C PHE UA 31 7.23 -53.61 88.37
N ALA UA 32 8.28 -54.36 87.98
CA ALA UA 32 9.09 -55.18 88.87
C ALA UA 32 9.97 -54.35 89.79
N LYS UA 33 10.32 -53.11 89.38
CA LYS UA 33 11.20 -52.19 90.07
C LYS UA 33 10.64 -51.75 91.40
N LEU UA 34 9.47 -51.05 91.38
CA LEU UA 34 8.91 -50.39 92.53
C LEU UA 34 8.31 -51.35 93.52
N HIS UA 35 7.34 -52.18 93.06
CA HIS UA 35 6.44 -52.92 93.91
C HIS UA 35 7.05 -54.11 94.62
N MET UA 36 8.35 -54.37 94.42
CA MET UA 36 9.10 -55.36 95.18
C MET UA 36 10.25 -54.68 95.85
N GLY UA 37 10.96 -53.78 95.12
CA GLY UA 37 12.13 -53.10 95.61
C GLY UA 37 13.31 -53.97 95.36
N THR UA 38 13.67 -54.14 94.07
CA THR UA 38 14.77 -55.00 93.66
C THR UA 38 15.66 -54.24 92.73
N ASP UA 39 16.93 -54.71 92.67
CA ASP UA 39 17.97 -54.17 91.84
C ASP UA 39 17.77 -54.70 90.44
N ASP UA 40 17.85 -56.04 90.30
CA ASP UA 40 17.70 -56.74 89.05
C ASP UA 40 16.24 -56.97 88.75
N VAL UA 41 15.91 -57.01 87.44
CA VAL UA 41 14.60 -57.37 86.92
C VAL UA 41 14.86 -58.58 86.06
N ARG UA 42 13.93 -59.56 86.06
CA ARG UA 42 14.06 -60.75 85.26
C ARG UA 42 12.67 -61.21 84.91
N LEU UA 43 12.47 -61.62 83.63
CA LEU UA 43 11.23 -62.21 83.16
C LEU UA 43 11.53 -63.66 82.81
N ALA UA 44 11.00 -64.17 81.67
CA ALA UA 44 11.20 -65.53 81.23
C ALA UA 44 10.63 -65.62 79.84
N PRO UA 45 10.87 -66.67 79.04
CA PRO UA 45 10.18 -66.87 77.76
C PRO UA 45 8.76 -67.31 77.99
N GLU UA 46 8.40 -67.59 79.26
CA GLU UA 46 7.07 -67.93 79.71
C GLU UA 46 6.20 -66.70 79.71
N LEU UA 47 6.83 -65.50 79.83
CA LEU UA 47 6.15 -64.23 79.90
C LEU UA 47 6.22 -63.51 78.58
N ASN UA 48 7.04 -64.02 77.64
CA ASN UA 48 7.08 -63.59 76.26
C ASN UA 48 5.83 -64.09 75.59
N GLN UA 49 5.58 -65.42 75.73
CA GLN UA 49 4.41 -66.10 75.20
C GLN UA 49 3.17 -65.87 76.05
N ALA UA 50 3.25 -65.02 77.10
CA ALA UA 50 2.12 -64.66 77.92
C ALA UA 50 1.33 -63.56 77.27
N ILE UA 51 2.02 -62.62 76.57
CA ILE UA 51 1.35 -61.67 75.70
C ILE UA 51 1.20 -62.36 74.37
N TRP UA 52 2.33 -62.57 73.65
CA TRP UA 52 2.35 -62.98 72.25
C TRP UA 52 1.83 -64.38 72.09
N LYS UA 53 0.57 -64.43 71.65
CA LYS UA 53 -0.25 -65.59 71.46
C LYS UA 53 -1.45 -64.97 70.82
N ARG UA 54 -2.05 -63.97 71.52
CA ARG UA 54 -2.79 -62.90 70.90
C ARG UA 54 -1.74 -61.82 70.78
N GLY UA 55 -1.40 -61.43 69.54
CA GLY UA 55 -0.09 -60.91 69.19
C GLY UA 55 0.18 -59.50 69.63
N VAL UA 56 0.03 -58.55 68.69
CA VAL UA 56 0.56 -57.21 68.84
C VAL UA 56 -0.55 -56.19 68.89
N LYS UA 57 -1.46 -56.18 67.88
CA LYS UA 57 -2.58 -55.24 67.81
C LYS UA 57 -3.56 -55.58 68.90
N GLY UA 58 -3.89 -56.88 69.05
CA GLY UA 58 -4.64 -57.39 70.18
C GLY UA 58 -3.68 -57.72 71.29
N VAL UA 59 -4.12 -57.55 72.56
CA VAL UA 59 -3.26 -57.73 73.72
C VAL UA 59 -4.13 -58.28 74.84
N GLU UA 60 -3.52 -58.92 75.87
CA GLU UA 60 -4.22 -59.27 77.10
C GLU UA 60 -4.19 -58.08 78.02
N TYR UA 61 -5.38 -57.65 78.48
CA TYR UA 61 -5.52 -56.57 79.44
C TYR UA 61 -5.42 -57.14 80.83
N ARG UA 62 -6.09 -58.30 81.07
CA ARG UA 62 -6.21 -58.93 82.37
C ARG UA 62 -5.09 -59.93 82.57
N LEU UA 63 -3.84 -59.48 82.36
CA LEU UA 63 -2.63 -60.27 82.32
C LEU UA 63 -2.08 -60.42 83.73
N ARG UA 64 -2.59 -61.40 84.52
CA ARG UA 64 -2.28 -61.50 85.93
C ARG UA 64 -1.10 -62.44 86.16
N LEU UA 65 0.05 -61.87 86.61
CA LEU UA 65 1.33 -62.55 86.70
C LEU UA 65 1.62 -63.04 88.10
N ARG UA 66 2.80 -63.69 88.25
CA ARG UA 66 3.30 -64.19 89.51
C ARG UA 66 4.72 -63.68 89.63
N ILE UA 67 5.30 -63.67 90.85
CA ILE UA 67 6.64 -63.16 91.07
C ILE UA 67 7.25 -63.93 92.22
N SER UA 68 8.58 -64.18 92.20
CA SER UA 68 9.26 -64.92 93.23
C SER UA 68 10.69 -64.44 93.38
N ARG UA 69 11.18 -64.37 94.65
CA ARG UA 69 12.39 -63.64 94.99
C ARG UA 69 13.52 -64.58 95.32
N LYS UA 70 14.50 -64.78 94.40
CA LYS UA 70 15.81 -65.31 94.74
C LYS UA 70 16.82 -65.14 93.64
N ARG UA 71 16.83 -66.07 92.64
CA ARG UA 71 17.91 -66.28 91.68
C ARG UA 71 19.21 -66.63 92.36
N ASN UA 72 20.09 -65.63 92.58
CA ASN UA 72 21.37 -65.77 93.23
C ASN UA 72 21.18 -65.68 94.72
N GLU UA 73 21.22 -64.47 95.32
CA GLU UA 73 20.91 -64.27 96.73
C GLU UA 73 19.53 -63.69 96.81
N GLU UA 74 19.31 -62.49 96.21
CA GLU UA 74 17.99 -61.92 96.12
C GLU UA 74 17.94 -61.00 94.93
N GLU UA 75 16.73 -60.93 94.34
CA GLU UA 75 16.42 -60.45 93.01
C GLU UA 75 15.00 -60.94 92.90
N ASP UA 76 14.12 -60.27 92.11
CA ASP UA 76 12.80 -60.80 91.82
C ASP UA 76 12.74 -61.14 90.36
N ALA UA 77 12.47 -62.42 90.09
CA ALA UA 77 12.16 -62.95 88.78
C ALA UA 77 10.67 -63.11 88.78
N LYS UA 78 10.01 -62.70 87.68
CA LYS UA 78 8.58 -62.89 87.53
C LYS UA 78 8.33 -64.31 87.08
N ASN UA 79 7.93 -65.16 88.05
CA ASN UA 79 7.80 -66.59 87.87
C ASN UA 79 6.99 -67.11 89.07
N ALA VA 1 83.56 -75.15 42.73
CA ALA VA 1 83.39 -76.19 43.77
C ALA VA 1 83.52 -77.60 43.26
N GLY VA 2 82.57 -78.06 42.40
CA GLY VA 2 82.42 -79.45 42.01
C GLY VA 2 83.52 -79.95 41.13
N VAL VA 3 83.54 -79.49 39.86
CA VAL VA 3 84.62 -79.75 38.92
C VAL VA 3 85.34 -78.43 38.76
N LYS VA 4 86.14 -78.22 37.70
CA LYS VA 4 86.70 -76.92 37.47
C LYS VA 4 87.02 -76.66 36.03
N ALA VA 5 86.96 -75.34 35.70
CA ALA VA 5 86.97 -74.75 34.39
C ALA VA 5 88.18 -75.11 33.58
N TYR VA 6 89.38 -74.76 34.08
CA TYR VA 6 90.64 -74.88 33.36
C TYR VA 6 91.01 -76.34 33.19
N GLU VA 7 90.48 -77.23 34.07
CA GLU VA 7 90.70 -78.65 33.97
C GLU VA 7 89.88 -79.25 32.85
N LEU VA 8 88.63 -78.77 32.62
CA LEU VA 8 87.74 -79.28 31.59
C LEU VA 8 88.23 -78.96 30.20
N ARG VA 9 88.88 -77.79 30.01
CA ARG VA 9 89.42 -77.36 28.72
C ARG VA 9 90.57 -78.24 28.27
N THR VA 10 91.41 -78.73 29.21
CA THR VA 10 92.56 -79.55 28.89
C THR VA 10 92.21 -81.04 28.92
N LYS VA 11 90.92 -81.39 28.74
CA LYS VA 11 90.47 -82.76 28.58
C LYS VA 11 90.39 -83.10 27.11
N SER VA 12 90.11 -84.39 26.81
CA SER VA 12 89.93 -84.91 25.47
C SER VA 12 88.47 -85.27 25.36
N LYS VA 13 87.95 -85.40 24.12
CA LYS VA 13 86.56 -85.66 23.81
C LYS VA 13 86.08 -87.01 24.33
N GLU VA 14 87.01 -87.98 24.47
CA GLU VA 14 86.75 -89.30 25.03
C GLU VA 14 86.44 -89.24 26.51
N GLN VA 15 86.95 -88.22 27.23
CA GLN VA 15 86.74 -88.02 28.65
C GLN VA 15 85.52 -87.14 28.84
N LEU VA 16 85.30 -86.16 27.94
CA LEU VA 16 84.22 -85.19 28.02
C LEU VA 16 82.86 -85.80 27.79
N ALA VA 17 82.80 -86.97 27.11
CA ALA VA 17 81.58 -87.75 26.96
C ALA VA 17 81.09 -88.28 28.29
N SER VA 18 82.04 -88.63 29.20
CA SER VA 18 81.75 -89.10 30.53
C SER VA 18 81.38 -87.94 31.43
N GLN VA 19 81.95 -86.74 31.20
CA GLN VA 19 81.69 -85.55 32.00
C GLN VA 19 80.26 -85.10 31.87
N LEU VA 20 79.69 -85.16 30.65
CA LEU VA 20 78.35 -84.71 30.32
C LEU VA 20 77.33 -85.45 31.17
N VAL VA 21 77.36 -86.80 31.10
CA VAL VA 21 76.38 -87.64 31.74
C VAL VA 21 76.58 -87.73 33.24
N ASP VA 22 77.83 -87.88 33.73
CA ASP VA 22 78.09 -88.26 35.11
C ASP VA 22 78.08 -87.10 36.08
N LEU VA 23 78.18 -85.84 35.60
CA LEU VA 23 78.13 -84.67 36.45
C LEU VA 23 76.71 -84.39 36.86
N LYS VA 24 75.75 -84.42 35.90
CA LYS VA 24 74.35 -84.16 36.15
C LYS VA 24 73.62 -85.39 36.68
N LYS VA 25 74.33 -86.33 37.37
CA LYS VA 25 73.72 -87.41 38.11
C LYS VA 25 73.37 -86.93 39.49
N GLU VA 26 74.23 -86.07 40.07
CA GLU VA 26 74.06 -85.56 41.42
C GLU VA 26 72.98 -84.51 41.45
N LEU VA 27 72.70 -83.86 40.28
CA LEU VA 27 71.67 -82.86 40.05
C LEU VA 27 70.29 -83.31 40.50
N ALA VA 28 70.00 -84.64 40.44
CA ALA VA 28 68.78 -85.24 40.91
C ALA VA 28 68.54 -85.05 42.40
N GLU VA 29 69.62 -84.96 43.21
CA GLU VA 29 69.55 -84.73 44.64
C GLU VA 29 69.28 -83.27 44.94
N LEU VA 30 69.74 -82.35 44.06
CA LEU VA 30 69.70 -80.92 44.26
C LEU VA 30 68.30 -80.39 44.12
N LYS VA 31 67.48 -80.97 43.22
CA LYS VA 31 66.09 -80.58 43.05
C LYS VA 31 65.26 -81.05 44.22
N VAL VA 32 65.62 -82.20 44.85
CA VAL VA 32 64.95 -82.73 46.02
C VAL VA 32 65.21 -81.86 47.24
N GLN VA 33 66.38 -81.16 47.29
CA GLN VA 33 66.72 -80.24 48.36
C GLN VA 33 65.83 -79.01 48.38
N LYS VA 34 65.40 -78.52 47.19
CA LYS VA 34 64.52 -77.37 47.05
C LYS VA 34 63.17 -77.65 47.69
N LEU VA 35 62.65 -78.88 47.52
CA LEU VA 35 61.39 -79.32 48.07
C LEU VA 35 61.44 -79.48 49.58
N SER VA 36 62.57 -79.98 50.13
CA SER VA 36 62.69 -80.32 51.55
C SER VA 36 63.32 -79.21 52.38
N ARG VA 37 63.17 -77.94 51.92
CA ARG VA 37 63.80 -76.74 52.45
C ARG VA 37 65.24 -76.69 51.99
N PRO VA 38 65.71 -75.67 51.27
CA PRO VA 38 67.10 -75.62 50.81
C PRO VA 38 68.04 -75.32 51.94
N SER VA 39 69.35 -75.58 51.73
CA SER VA 39 70.40 -75.26 52.66
C SER VA 39 71.64 -75.29 51.83
N LEU VA 40 72.45 -74.20 51.83
CA LEU VA 40 73.66 -74.06 51.03
C LEU VA 40 74.70 -75.16 51.20
N PRO VA 41 74.95 -75.82 52.34
CA PRO VA 41 75.89 -76.94 52.42
C PRO VA 41 75.50 -78.18 51.64
N LYS VA 42 74.35 -78.19 50.92
CA LYS VA 42 74.01 -79.25 50.00
C LYS VA 42 73.60 -78.60 48.70
N ILE VA 43 72.69 -77.59 48.74
CA ILE VA 43 72.00 -77.10 47.56
C ILE VA 43 72.85 -76.23 46.66
N LYS VA 44 74.00 -75.69 47.13
CA LYS VA 44 74.72 -74.69 46.38
C LYS VA 44 75.31 -75.13 45.05
N THR VA 45 75.44 -76.45 44.79
CA THR VA 45 76.13 -76.95 43.62
C THR VA 45 75.16 -77.12 42.46
N VAL VA 46 74.68 -75.98 41.88
CA VAL VA 46 73.74 -75.93 40.79
C VAL VA 46 74.11 -74.76 39.87
N ARG VA 47 75.06 -74.91 38.90
CA ARG VA 47 75.29 -73.92 37.83
C ARG VA 47 76.11 -74.43 36.67
N LYS VA 48 77.46 -74.35 36.76
CA LYS VA 48 78.34 -74.19 35.60
C LYS VA 48 78.54 -75.45 34.76
N SER VA 49 77.89 -76.60 35.03
CA SER VA 49 78.07 -77.78 34.20
C SER VA 49 77.06 -77.84 33.08
N ILE VA 50 76.41 -76.71 32.71
CA ILE VA 50 75.63 -76.59 31.49
C ILE VA 50 76.63 -76.40 30.38
N ALA VA 51 77.22 -75.18 30.24
CA ALA VA 51 78.02 -74.85 29.08
C ALA VA 51 79.43 -75.32 29.22
N CYS VA 52 80.00 -75.44 30.44
CA CYS VA 52 81.43 -75.73 30.62
C CYS VA 52 81.81 -77.12 30.14
N VAL VA 53 80.83 -78.03 29.94
CA VAL VA 53 81.06 -79.32 29.34
C VAL VA 53 80.83 -79.26 27.84
N LEU VA 54 79.92 -78.37 27.37
CA LEU VA 54 79.53 -78.24 25.97
C LEU VA 54 80.51 -77.42 25.15
N THR VA 55 81.08 -76.33 25.71
CA THR VA 55 82.00 -75.43 25.04
C THR VA 55 83.33 -76.09 24.80
N VAL VA 56 83.77 -76.96 25.74
CA VAL VA 56 85.01 -77.70 25.64
C VAL VA 56 84.84 -78.89 24.74
N ILE VA 57 83.58 -79.28 24.44
CA ILE VA 57 83.20 -80.26 23.46
C ILE VA 57 83.25 -79.59 22.09
N ASN VA 58 82.89 -78.28 22.03
CA ASN VA 58 82.86 -77.47 20.84
C ASN VA 58 84.21 -76.84 20.56
N GLU VA 59 85.27 -77.19 21.33
CA GLU VA 59 86.64 -76.92 20.96
C GLU VA 59 87.00 -77.77 19.76
N GLN VA 60 86.43 -78.99 19.69
CA GLN VA 60 86.65 -79.91 18.60
C GLN VA 60 85.79 -79.57 17.41
N GLN VA 61 84.77 -78.69 17.59
CA GLN VA 61 83.94 -78.18 16.52
C GLN VA 61 84.64 -77.03 15.87
N ALA VA 62 84.93 -75.95 16.64
CA ALA VA 62 85.50 -74.71 16.15
C ALA VA 62 86.89 -74.86 15.56
N ALA VA 63 87.75 -75.71 16.15
CA ALA VA 63 89.10 -75.93 15.69
C ALA VA 63 89.16 -76.85 14.49
N ALA VA 64 88.00 -77.42 14.08
CA ALA VA 64 87.86 -78.25 12.91
C ALA VA 64 87.13 -77.49 11.82
N ALA VA 65 86.38 -76.43 12.20
CA ALA VA 65 85.45 -75.71 11.37
C ALA VA 65 86.11 -74.88 10.29
N ALA VA 66 87.40 -74.51 10.49
CA ALA VA 66 88.19 -73.79 9.51
C ALA VA 66 88.75 -74.76 8.48
N ALA VA 67 87.83 -75.43 7.76
CA ALA VA 67 88.08 -76.39 6.71
C ALA VA 67 86.71 -76.85 6.27
N ALA VA 68 85.79 -75.89 6.03
CA ALA VA 68 84.43 -76.13 5.60
C ALA VA 68 84.37 -75.93 4.10
N ALA VA 69 83.19 -75.55 3.56
CA ALA VA 69 83.01 -75.34 2.15
C ALA VA 69 81.54 -75.58 1.84
N ALA VA 70 80.93 -74.70 1.02
CA ALA VA 70 79.55 -74.80 0.59
C ALA VA 70 79.06 -73.40 0.33
N ALA VA 71 77.74 -73.15 0.57
CA ALA VA 71 77.14 -71.84 0.54
C ALA VA 71 76.12 -71.77 1.67
N ALA VA 72 75.25 -70.74 1.75
CA ALA VA 72 74.14 -70.64 2.70
C ALA VA 72 74.45 -70.36 4.16
N ALA VA 73 74.78 -71.42 4.95
CA ALA VA 73 74.55 -71.44 6.39
C ALA VA 73 75.36 -70.46 7.21
N ALA VA 74 74.71 -69.98 8.30
CA ALA VA 74 75.15 -68.88 9.11
C ALA VA 74 75.83 -69.32 10.38
N ALA VA 75 75.04 -69.66 11.43
CA ALA VA 75 75.46 -69.75 12.81
C ALA VA 75 76.55 -70.76 13.06
N ALA VA 76 77.80 -70.27 13.14
CA ALA VA 76 78.98 -71.07 13.22
C ALA VA 76 80.14 -70.11 13.33
N ALA VA 77 80.22 -69.17 12.36
CA ALA VA 77 81.28 -68.20 12.31
C ALA VA 77 80.82 -66.95 11.60
N ALA VA 78 79.50 -66.82 11.35
CA ALA VA 78 78.97 -65.79 10.46
C ALA VA 78 78.73 -64.47 11.15
N ALA VA 79 78.21 -64.47 12.40
CA ALA VA 79 77.98 -63.25 13.16
C ALA VA 79 79.23 -62.86 13.91
N ALA VA 80 80.41 -62.99 13.26
CA ALA VA 80 81.70 -62.68 13.80
C ALA VA 80 82.17 -61.36 13.24
N ALA VA 81 81.59 -60.92 12.11
CA ALA VA 81 82.03 -59.77 11.35
C ALA VA 81 81.20 -58.56 11.66
N ALA VA 82 80.47 -58.55 12.80
CA ALA VA 82 79.55 -57.50 13.19
C ALA VA 82 80.23 -56.16 13.35
N ALA VA 83 81.35 -56.13 14.09
CA ALA VA 83 82.17 -54.95 14.27
C ALA VA 83 83.23 -54.85 13.20
N ALA VA 84 82.89 -55.31 11.97
CA ALA VA 84 83.75 -55.22 10.81
C ALA VA 84 82.86 -55.01 9.61
N ALA VA 85 81.65 -54.45 9.83
CA ALA VA 85 80.68 -54.15 8.79
C ALA VA 85 81.10 -52.93 8.01
N ALA VA 86 81.67 -51.93 8.72
CA ALA VA 86 82.25 -50.75 8.12
C ALA VA 86 83.68 -51.07 7.64
N GLY WA 1 20.96 -36.71 34.64
CA GLY WA 1 22.41 -36.64 34.31
C GLY WA 1 22.84 -37.76 33.42
N LYS WA 2 23.59 -37.44 32.34
CA LYS WA 2 23.86 -38.36 31.25
C LYS WA 2 25.09 -39.22 31.44
N GLY WA 3 25.95 -38.92 32.45
CA GLY WA 3 27.32 -39.37 32.43
C GLY WA 3 27.63 -40.70 33.06
N THR WA 4 28.12 -40.68 34.33
CA THR WA 4 28.92 -41.76 34.91
C THR WA 4 28.27 -43.14 34.92
N PRO WA 5 27.02 -43.42 35.28
CA PRO WA 5 26.51 -44.79 35.32
C PRO WA 5 26.38 -45.43 33.96
N SER WA 6 26.30 -44.62 32.87
CA SER WA 6 26.23 -45.10 31.50
C SER WA 6 27.59 -45.57 31.04
N PHE WA 7 28.66 -44.94 31.57
CA PHE WA 7 30.04 -45.29 31.30
C PHE WA 7 30.41 -46.57 32.03
N GLY WA 8 29.55 -47.01 32.98
CA GLY WA 8 29.70 -48.22 33.76
C GLY WA 8 29.21 -49.44 33.04
N LYS WA 9 28.72 -49.30 31.78
CA LYS WA 9 28.37 -50.40 30.92
C LYS WA 9 29.65 -51.08 30.46
N ARG WA 10 30.35 -50.47 29.47
CA ARG WA 10 31.59 -50.91 28.86
C ARG WA 10 31.64 -52.37 28.48
N HIS WA 11 30.70 -52.76 27.58
CA HIS WA 11 30.61 -54.08 27.01
C HIS WA 11 31.68 -54.23 25.96
N ASN WA 12 31.82 -53.22 25.06
CA ASN WA 12 32.90 -53.17 24.10
C ASN WA 12 34.16 -52.75 24.82
N LYS WA 13 35.14 -53.68 24.92
CA LYS WA 13 36.40 -53.42 25.58
C LYS WA 13 37.39 -52.98 24.54
N SER WA 14 37.78 -51.68 24.59
CA SER WA 14 38.66 -51.08 23.62
C SER WA 14 40.10 -51.49 23.84
N HIS WA 15 40.75 -50.95 24.89
CA HIS WA 15 42.18 -50.98 25.03
C HIS WA 15 42.64 -52.02 26.00
N THR WA 16 43.77 -52.69 25.66
CA THR WA 16 44.49 -53.57 26.55
C THR WA 16 45.88 -52.97 26.64
N LEU WA 17 46.86 -53.70 27.23
CA LEU WA 17 48.17 -53.17 27.57
C LEU WA 17 49.13 -53.44 26.44
N CYS WA 18 50.24 -52.67 26.39
CA CYS WA 18 51.32 -52.85 25.46
C CYS WA 18 52.36 -53.74 26.11
N ASN WA 19 53.15 -54.45 25.28
CA ASN WA 19 54.21 -55.34 25.72
C ASN WA 19 55.42 -54.52 26.11
N ARG WA 20 55.98 -53.73 25.15
CA ARG WA 20 57.24 -53.06 25.31
C ARG WA 20 57.16 -51.88 26.25
N CYS WA 21 56.24 -50.92 25.98
CA CYS WA 21 55.94 -49.84 26.91
C CYS WA 21 54.70 -50.23 27.69
N GLY WA 22 54.09 -49.27 28.44
CA GLY WA 22 52.95 -49.54 29.28
C GLY WA 22 51.79 -48.68 28.90
N ARG WA 23 51.76 -48.16 27.65
CA ARG WA 23 50.69 -47.31 27.15
C ARG WA 23 49.52 -48.19 26.79
N ARG WA 24 48.40 -48.00 27.53
CA ARG WA 24 47.23 -48.82 27.48
C ARG WA 24 46.19 -48.13 26.64
N SER WA 25 46.57 -47.69 25.42
CA SER WA 25 45.65 -47.30 24.38
C SER WA 25 45.87 -48.24 23.23
N PHE WA 26 46.29 -49.49 23.53
CA PHE WA 26 46.49 -50.53 22.55
C PHE WA 26 45.14 -51.14 22.27
N HIS WA 27 44.44 -50.59 21.26
CA HIS WA 27 43.09 -50.93 20.92
C HIS WA 27 43.09 -52.24 20.17
N VAL WA 28 42.05 -53.09 20.40
CA VAL WA 28 41.90 -54.36 19.72
C VAL WA 28 41.43 -54.13 18.30
N GLN WA 29 40.65 -53.05 18.09
CA GLN WA 29 40.15 -52.61 16.81
C GLN WA 29 41.27 -51.94 16.03
N LYS WA 30 41.68 -50.73 16.46
CA LYS WA 30 42.53 -49.85 15.70
C LYS WA 30 43.99 -50.25 15.73
N LYS WA 31 44.46 -50.93 16.81
CA LYS WA 31 45.83 -51.36 17.01
C LYS WA 31 46.81 -50.20 17.06
N THR WA 32 46.33 -49.06 17.62
CA THR WA 32 47.08 -47.82 17.73
C THR WA 32 47.83 -47.82 19.04
N CYS WA 33 48.72 -46.81 19.22
CA CYS WA 33 49.48 -46.66 20.44
C CYS WA 33 50.11 -45.29 20.31
N SER WA 34 49.86 -44.40 21.30
CA SER WA 34 50.34 -43.03 21.27
C SER WA 34 51.81 -42.93 21.57
N SER WA 35 52.37 -43.93 22.30
CA SER WA 35 53.75 -43.95 22.72
C SER WA 35 54.62 -44.54 21.63
N CYS WA 36 55.47 -45.55 21.92
CA CYS WA 36 56.51 -46.02 21.02
C CYS WA 36 55.99 -46.78 19.81
N GLY WA 37 54.71 -47.22 19.84
CA GLY WA 37 54.09 -47.92 18.75
C GLY WA 37 53.97 -49.36 19.12
N TYR WA 38 52.81 -49.97 18.78
CA TYR WA 38 52.61 -51.39 18.96
C TYR WA 38 51.52 -51.75 17.98
N PRO WA 39 51.80 -52.30 16.79
CA PRO WA 39 53.12 -52.49 16.20
C PRO WA 39 53.73 -51.16 15.78
N ALA WA 40 55.05 -51.13 15.54
CA ALA WA 40 55.79 -49.91 15.28
C ALA WA 40 56.47 -50.04 13.94
N ALA WA 41 57.32 -49.05 13.62
CA ALA WA 41 58.16 -49.04 12.43
C ALA WA 41 59.55 -48.79 12.94
N LYS WA 42 59.81 -47.53 13.36
CA LYS WA 42 60.94 -47.17 14.19
C LYS WA 42 60.34 -46.94 15.55
N THR WA 43 61.18 -46.59 16.56
CA THR WA 43 60.72 -46.16 17.86
C THR WA 43 60.11 -44.79 17.69
N ARG WA 44 58.82 -44.65 18.08
CA ARG WA 44 58.04 -43.46 17.86
C ARG WA 44 58.20 -42.55 19.04
N SER WA 45 59.36 -41.83 19.07
CA SER WA 45 59.65 -40.79 20.03
C SER WA 45 59.27 -39.50 19.38
N TYR WA 46 58.21 -38.85 19.90
CA TYR WA 46 57.67 -37.63 19.34
C TYR WA 46 58.06 -36.48 20.22
N ASN WA 47 58.32 -35.32 19.57
CA ASN WA 47 58.98 -34.18 20.15
C ASN WA 47 58.00 -33.34 20.95
N TRP WA 48 56.72 -33.29 20.52
CA TRP WA 48 55.67 -32.57 21.21
C TRP WA 48 55.25 -33.24 22.50
N GLY WA 49 55.78 -34.44 22.83
CA GLY WA 49 55.44 -35.15 24.04
C GLY WA 49 56.27 -34.71 25.22
N ALA WA 50 56.77 -33.46 25.22
CA ALA WA 50 57.48 -32.89 26.34
C ALA WA 50 57.35 -31.39 26.22
N LYS WA 51 57.44 -30.69 27.38
CA LYS WA 51 57.40 -29.24 27.47
C LYS WA 51 58.79 -28.80 27.85
N ALA WA 52 59.28 -29.29 29.00
CA ALA WA 52 60.66 -29.15 29.41
C ALA WA 52 61.39 -30.46 29.06
N VAL XA 1 34.19 32.62 -15.72
CA VAL XA 1 35.14 33.55 -16.39
C VAL XA 1 35.76 32.95 -17.63
N ASN XA 2 36.21 33.76 -18.61
CA ASN XA 2 36.95 33.24 -19.74
C ASN XA 2 38.08 34.18 -20.05
N VAL XA 3 39.32 33.63 -20.03
CA VAL XA 3 40.49 34.23 -20.60
C VAL XA 3 40.41 33.92 -22.10
N PRO XA 4 40.76 34.78 -23.05
CA PRO XA 4 40.66 34.46 -24.47
C PRO XA 4 41.69 33.42 -24.83
N LYS XA 5 41.42 32.62 -25.87
CA LYS XA 5 42.27 31.51 -26.26
C LYS XA 5 43.31 31.96 -27.26
N THR XA 6 43.60 33.27 -27.29
CA THR XA 6 44.79 33.86 -27.89
C THR XA 6 44.76 35.30 -27.44
N ARG XA 7 45.90 35.80 -26.90
CA ARG XA 7 46.07 37.21 -26.62
C ARG XA 7 47.48 37.53 -27.02
N LYS XA 8 47.78 38.83 -27.17
CA LYS XA 8 49.14 39.32 -27.24
C LYS XA 8 49.38 39.92 -25.88
N THR XA 9 50.64 39.88 -25.40
CA THR XA 9 50.96 40.26 -24.06
C THR XA 9 52.48 40.35 -24.04
N TYR XA 10 53.09 40.57 -22.86
CA TYR XA 10 54.51 40.61 -22.64
C TYR XA 10 55.13 39.29 -23.02
N CYS XA 11 56.44 39.25 -23.31
CA CYS XA 11 57.08 37.98 -23.57
C CYS XA 11 57.40 37.37 -22.23
N LYS XA 12 56.56 36.38 -21.82
CA LYS XA 12 56.52 35.89 -20.46
C LYS XA 12 57.78 35.14 -20.15
N GLY XA 13 57.99 33.95 -20.77
CA GLY XA 13 59.29 33.31 -20.74
C GLY XA 13 60.19 34.10 -21.65
N LYS XA 14 61.16 34.85 -21.06
CA LYS XA 14 61.85 35.97 -21.66
C LYS XA 14 62.91 35.56 -22.66
N THR XA 15 62.47 35.01 -23.80
CA THR XA 15 63.31 34.62 -24.90
C THR XA 15 63.40 35.77 -25.89
N CYS XA 16 62.43 36.71 -25.83
CA CYS XA 16 62.42 37.93 -26.60
C CYS XA 16 62.69 39.08 -25.68
N ARG XA 17 62.05 39.04 -24.48
CA ARG XA 17 61.90 40.12 -23.52
C ARG XA 17 60.79 41.04 -23.97
N LYS XA 18 60.97 41.74 -25.12
CA LYS XA 18 59.99 42.67 -25.65
C LYS XA 18 58.79 41.96 -26.21
N HIS XA 19 57.62 42.62 -26.05
CA HIS XA 19 56.26 42.13 -26.21
C HIS XA 19 55.98 41.46 -27.53
N THR XA 20 55.24 40.32 -27.49
CA THR XA 20 54.99 39.49 -28.65
C THR XA 20 53.57 38.96 -28.63
N GLN XA 21 53.15 38.34 -29.75
CA GLN XA 21 51.90 37.61 -29.86
C GLN XA 21 52.11 36.26 -29.23
N HIS XA 22 51.20 35.84 -28.33
CA HIS XA 22 51.23 34.54 -27.72
C HIS XA 22 50.04 33.76 -28.21
N LYS XA 23 49.98 32.46 -27.86
CA LYS XA 23 48.87 31.60 -28.22
C LYS XA 23 48.53 30.92 -26.93
N VAL XA 24 47.25 31.01 -26.50
CA VAL XA 24 46.81 30.47 -25.24
C VAL XA 24 46.17 29.13 -25.53
N THR XA 25 46.83 28.02 -25.09
CA THR XA 25 46.46 26.67 -25.45
C THR XA 25 46.44 25.81 -24.20
N GLN XA 26 46.45 24.46 -24.39
CA GLN XA 26 46.36 23.47 -23.35
C GLN XA 26 47.34 22.37 -23.73
N TYR XA 27 47.61 21.41 -22.81
CA TYR XA 27 48.52 20.29 -23.02
C TYR XA 27 47.85 19.17 -23.81
N LYS XA 28 48.53 18.00 -23.89
CA LYS XA 28 48.11 16.83 -24.65
C LYS XA 28 47.82 15.70 -23.69
N ALA XA 29 47.51 14.52 -24.26
CA ALA XA 29 47.51 13.23 -23.59
C ALA XA 29 48.08 12.29 -24.63
N GLY XA 30 48.25 10.99 -24.30
CA GLY XA 30 48.84 10.05 -25.24
C GLY XA 30 48.50 8.64 -24.87
N LYS XA 31 49.47 7.93 -24.26
CA LYS XA 31 49.33 6.53 -23.89
C LYS XA 31 48.78 6.46 -22.48
N ALA XA 32 49.01 5.31 -21.81
CA ALA XA 32 49.20 5.25 -20.38
C ALA XA 32 50.68 4.93 -20.27
N SER XA 33 51.36 5.38 -19.19
CA SER XA 33 52.81 5.30 -19.11
C SER XA 33 53.27 3.87 -18.96
N LEU XA 34 52.79 3.20 -17.90
CA LEU XA 34 53.11 1.84 -17.48
C LEU XA 34 54.27 1.89 -16.52
N PHE XA 35 55.44 2.41 -16.96
CA PHE XA 35 56.56 2.66 -16.08
C PHE XA 35 56.32 3.98 -15.39
N ALA XA 36 55.85 3.90 -14.13
CA ALA XA 36 55.58 5.04 -13.29
C ALA XA 36 55.43 4.44 -11.93
N GLN XA 37 55.73 5.21 -10.85
CA GLN XA 37 55.99 4.70 -9.52
C GLN XA 37 54.87 3.84 -8.95
N GLY XA 38 53.63 4.35 -8.94
CA GLY XA 38 52.50 3.66 -8.33
C GLY XA 38 51.99 2.53 -9.15
N LYS XA 39 52.28 2.52 -10.46
CA LYS XA 39 51.86 1.47 -11.36
C LYS XA 39 52.78 0.27 -11.22
N ARG XA 40 54.07 0.52 -10.87
CA ARG XA 40 55.08 -0.48 -10.59
C ARG XA 40 54.79 -1.22 -9.30
N ARG XA 41 54.19 -0.53 -8.29
CA ARG XA 41 53.87 -1.13 -7.01
C ARG XA 41 52.54 -1.84 -7.01
N TYR XA 42 51.57 -1.40 -7.87
CA TYR XA 42 50.19 -1.85 -7.83
C TYR XA 42 50.04 -3.27 -8.33
N ASP XA 43 50.26 -3.52 -9.64
CA ASP XA 43 49.95 -4.80 -10.27
C ASP XA 43 50.97 -5.86 -9.91
N ARG XA 44 52.06 -5.45 -9.23
CA ARG XA 44 53.10 -6.31 -8.73
C ARG XA 44 52.61 -7.23 -7.64
N LYS XA 45 52.01 -6.61 -6.59
CA LYS XA 45 51.72 -7.12 -5.26
C LYS XA 45 52.69 -6.39 -4.38
N GLN XA 46 52.30 -5.21 -3.85
CA GLN XA 46 53.13 -4.60 -2.84
C GLN XA 46 52.27 -3.69 -1.99
N SER XA 47 52.92 -2.71 -1.32
CA SER XA 47 52.52 -2.09 -0.07
C SER XA 47 52.81 -3.04 1.06
N GLY XA 48 53.62 -4.08 0.78
CA GLY XA 48 53.99 -5.15 1.67
C GLY XA 48 52.80 -6.00 1.99
N PHE XA 49 52.68 -6.34 3.28
CA PHE XA 49 51.55 -7.00 3.88
C PHE XA 49 50.59 -5.88 4.29
N GLY XA 50 49.37 -6.22 4.74
CA GLY XA 50 48.42 -5.24 5.23
C GLY XA 50 47.45 -4.84 4.16
N GLY XA 51 46.51 -5.75 3.84
CA GLY XA 51 45.28 -5.41 3.15
C GLY XA 51 45.36 -5.77 1.70
N GLN XA 52 44.78 -4.91 0.85
CA GLN XA 52 45.04 -4.90 -0.57
C GLN XA 52 45.27 -3.45 -0.89
N THR XA 53 46.20 -2.82 -0.13
CA THR XA 53 46.49 -1.41 -0.17
C THR XA 53 47.48 -1.09 -1.29
N LYS XA 54 47.76 -2.09 -2.16
CA LYS XA 54 48.56 -2.01 -3.36
C LYS XA 54 48.01 -0.92 -4.26
N PRO XA 55 48.72 0.16 -4.68
CA PRO XA 55 48.16 1.51 -4.84
C PRO XA 55 46.89 1.60 -5.67
N VAL XA 56 45.74 1.76 -4.97
CA VAL XA 56 44.47 1.15 -5.33
C VAL XA 56 43.73 1.89 -6.44
N PHE XA 57 42.62 2.58 -6.10
CA PHE XA 57 41.54 2.84 -7.01
C PHE XA 57 41.66 4.23 -7.60
N HIS XA 58 40.79 5.17 -7.18
CA HIS XA 58 40.77 6.52 -7.68
C HIS XA 58 41.36 7.39 -6.62
N LYS XA 59 42.52 7.99 -6.94
CA LYS XA 59 43.14 9.04 -6.16
C LYS XA 59 42.80 10.29 -6.90
N LYS XA 60 42.09 11.21 -6.18
CA LYS XA 60 41.13 12.10 -6.79
C LYS XA 60 41.56 13.53 -6.62
N ALA XA 61 40.68 14.48 -6.99
CA ALA XA 61 40.82 15.89 -6.70
C ALA XA 61 39.50 16.49 -7.10
N LYS XA 62 39.32 17.81 -6.88
CA LYS XA 62 38.05 18.48 -7.07
C LYS XA 62 37.89 19.01 -8.48
N THR XA 63 36.94 19.96 -8.65
CA THR XA 63 36.34 20.33 -9.93
C THR XA 63 37.30 21.04 -10.85
N THR XA 64 37.65 22.31 -10.54
CA THR XA 64 38.55 23.08 -11.37
C THR XA 64 39.44 23.75 -10.38
N LYS XA 65 40.75 23.41 -10.45
CA LYS XA 65 41.75 23.81 -9.50
C LYS XA 65 42.25 25.19 -9.89
N LYS XA 66 43.02 25.26 -11.00
CA LYS XA 66 43.35 26.49 -11.67
C LYS XA 66 42.85 26.30 -13.08
N VAL XA 67 43.24 27.16 -14.04
CA VAL XA 67 42.75 27.09 -15.40
C VAL XA 67 43.96 26.98 -16.29
N VAL XA 68 43.86 26.22 -17.40
CA VAL XA 68 44.98 25.92 -18.27
C VAL XA 68 45.13 26.99 -19.33
N LEU XA 69 45.87 28.08 -19.01
CA LEU XA 69 46.17 29.13 -19.97
C LEU XA 69 47.64 29.10 -20.20
N ARG XA 70 48.11 28.27 -21.18
CA ARG XA 70 49.54 28.17 -21.46
C ARG XA 70 49.90 29.06 -22.60
N LEU XA 71 50.79 30.05 -22.32
CA LEU XA 71 51.14 31.11 -23.22
C LEU XA 71 52.38 30.67 -23.95
N GLU XA 72 52.17 30.12 -25.17
CA GLU XA 72 53.24 29.64 -26.02
C GLU XA 72 53.82 30.81 -26.77
N CYS XA 73 55.18 30.94 -26.78
CA CYS XA 73 55.85 32.04 -27.44
C CYS XA 73 56.00 31.74 -28.92
N VAL XA 74 56.10 32.80 -29.76
CA VAL XA 74 56.20 32.70 -31.20
C VAL XA 74 57.64 32.66 -31.66
N LYS XA 75 58.62 33.00 -30.78
CA LYS XA 75 60.03 32.93 -31.11
C LYS XA 75 60.51 31.53 -30.87
N CYS XA 76 60.61 31.11 -29.59
CA CYS XA 76 61.19 29.86 -29.20
C CYS XA 76 60.08 28.87 -28.95
N LYS XA 77 60.43 27.74 -28.32
CA LYS XA 77 59.54 26.67 -27.95
C LYS XA 77 58.90 26.99 -26.60
N THR XA 78 59.54 27.89 -25.81
CA THR XA 78 59.27 28.21 -24.41
C THR XA 78 57.81 28.38 -24.02
N ARG XA 79 57.50 27.90 -22.79
CA ARG XA 79 56.19 27.78 -22.19
C ARG XA 79 56.17 28.71 -21.03
N ALA XA 80 55.00 29.35 -20.78
CA ALA XA 80 54.79 30.08 -19.55
C ALA XA 80 53.41 29.77 -19.08
N GLN XA 81 53.29 29.31 -17.83
CA GLN XA 81 52.06 29.28 -17.09
C GLN XA 81 52.42 29.88 -15.78
N LEU XA 82 51.46 30.66 -15.22
CA LEU XA 82 51.67 31.51 -14.09
C LEU XA 82 50.89 30.86 -12.98
N THR XA 83 50.39 31.65 -12.01
CA THR XA 83 49.36 31.22 -11.09
C THR XA 83 48.07 31.75 -11.69
N LEU XA 84 47.28 30.86 -12.34
CA LEU XA 84 46.12 31.27 -13.10
C LEU XA 84 44.92 31.30 -12.20
N LYS XA 85 44.05 32.31 -12.40
CA LYS XA 85 42.86 32.53 -11.61
C LYS XA 85 41.76 31.56 -12.03
N ARG XA 86 40.75 31.40 -11.15
CA ARG XA 86 39.83 30.27 -11.12
C ARG XA 86 38.66 30.44 -12.08
N CYS XA 87 38.01 29.31 -12.44
CA CYS XA 87 36.81 29.28 -13.24
C CYS XA 87 36.03 28.06 -12.82
N LYS XA 88 34.69 28.04 -13.00
CA LYS XA 88 33.85 26.89 -12.73
C LYS XA 88 33.52 26.12 -13.99
N HIS XA 89 33.49 26.78 -15.17
CA HIS XA 89 33.22 26.11 -16.41
C HIS XA 89 33.93 26.82 -17.53
N PHE XA 90 35.07 26.24 -18.00
CA PHE XA 90 35.91 26.80 -19.04
C PHE XA 90 35.81 25.89 -20.25
N GLU XA 91 36.12 26.42 -21.47
CA GLU XA 91 36.30 25.59 -22.64
C GLU XA 91 37.39 26.17 -23.50
N LEU XA 92 38.00 25.32 -24.35
CA LEU XA 92 39.07 25.67 -25.25
C LEU XA 92 38.52 25.59 -26.69
#